data_5LUQ
#
_entry.id   5LUQ
#
_cell.length_a   169.120
_cell.length_b   132.640
_cell.length_c   296.590
_cell.angle_alpha   90.00
_cell.angle_beta   105.53
_cell.angle_gamma   90.00
#
_symmetry.space_group_name_H-M   'P 1 21 1'
#
loop_
_entity.id
_entity.type
_entity.pdbx_description
1 polymer 'DNA-dependent protein kinase catalytic subunit,DNA-dependent Protein Kinase Catalytic Subunit,DNA-dependent protein kinase catalytic subunit'
2 polymer 'C-terminal fragment of KU80 (KU80ct194)'
#
loop_
_entity_poly.entity_id
_entity_poly.type
_entity_poly.pdbx_seq_one_letter_code
_entity_poly.pdbx_strand_id
1 'polypeptide(L)'
;(MSE)AGSGAGVRCSLLRLQETLSAADRCGAALAGHQLIRGLGQECVLSSSPAVLALQTSLVFSRDFGLLVFVRKSLNSI
EFRECREEILKFLCIFLEK(MSE)GQKIAPYSVEIKNTCTSVYTKDRAAKCKIPALDLLIKLLQTFRSSRL(MSE)DEFK
IGELFSKFYGELALKKKIPDTVLEKVYELLGLLGEVHPSE(MSE)INNAENLFRAFLGELKTQ(MSE)TSAVREPKLPVL
AGCLKGLSSLLCNFTKS(MSE)EEDPQTSREIFNFVLKAIRPQIDLKRYAVPSAGLRLFALHASQFSTCLLDNYVSLFEV
LLKWCAHTNVELKKAALSALESFLKQVSN(MSE)VAKNAE(MSE)HKNKLQYF(MSE)EQFYGIIRNVDSNNKELSIAIR
GYGLFAGPCKVINAKDVDF(MSE)YVELIQRCKQ(MSE)FLTQTDTGDDRVYQ(MSE)PSFLQSVASVLLYLDTVPEVYT
PVLEHLVV(MSE)QIDSFPQYSPK(MSE)QLVCCRAIVKVFLALAAKGPVLRNCISTVVHQGLIRICSKPVVLPKGPESE
SEDHRASGEVRTGKWKVPTYKDYVDLFRHLLSSDQ(MSE)(MSE)DSILADEAFFSVNSSSESLNHLLYDEFVKSVLKIV
EKLDLTLEIQTVGEQENGDEAPGVW(MSE)IPTSDPAANLHPAKPKDFSAFINLVEFCREILPEKQAEFFEPWVYSFSYE
LILQSTRLPLISGFYKLLSITVRNAKKIKYFEGVSPKSLKHSPEDPEKYSCFALFVKFGKEVAVK(MSE)KQYKDELLAS
CLTFLLSLPHNIIELDVRAYVPALQ(MSE)AFKLGLSYTPLAEVGLNALEEWSIYIDRHV(MSE)QPYYKDILPCLDGYL
KTSALSDETKNNWEVSALSRAAQKGFNKVVLKHLKKTKNLSSNEAISLEEIRIRVVQ(MSE)LGSLGGQINKNLLTVTSS
DE(MSE)(MSE)KSYVAWDREKRLSFAVPFRE(MSE)KPVIFLDVFLPRVTELALTASDRQTKVAACELLHS(MSE)V
(MSE)F(MSE)LGKATQ(MSE)PEGGQGAPP(MSE)YQLYKRTFPVLLRLACDVDQVTRQLYEPLV(MSE)QLIHWFTNN
KKFESQDTVALLEAILDGIVDPVDSTLRDFCGRCIREFLKWSIKQITPQQQEKSPVNTKSLFKRLYSLALHPNAFKRLGA
SLAFNNIYREFREEESLVEQFVFEALVIY(MSE)ESLALAHADEKSLGTIQQCCDAIDHLCRIIEKKHVSLNKAKKRRLP
RGFPPSASLCLLDLVKWLLAHCGRPQTECRHKSIELFYKFVPLLPGNRSPNLWLKDVLKEEGVSFLINTFEGGGCGQPSG
ILAQPTLLYLRGPFSLQATLCWLDLLLAALECYNTFIGERTVGALQVLGTEAQSSLLKAVAFFLESIA(MSE)HDIIAAE
KCFGTGAAGNRTSPQEGERYNYSKCTVVVRI(MSE)EFTTTLLNTSPEGWKLLKKDLCNTHL(MSE)RVLVQTLCEPASI
GFNIGDVQV(MSE)AHLPDVCVNL(MSE)KALK(MSE)SPYKDILETHLREKITAQSIEELCAVNLYGPDAQVDRSRLAA
VVSACKQLHRAGLLHNILPSQSTDLHHSVGTELLSLVYKGIAPGDERQCLPSLDLSCKQLASGLLELAFAFGGLCERLVS
LLLNPAVLSTASLGSSQGSVIHFSHGEYFYSLFSETINTELLKNLDLAVLEL(MSE)QSSVDNTK(MSE)VSAVLNG
(MSE)LDQSFRERANQKHQGLKLATTILQHWKKCDSWWAKDSPLETK(MSE)AVLALLAKILQIDSSVSFNTSHGSFPEV
FTTYISLLADTKLDLHLKGQAVTLLPFFTSLTGGSLEELRRVLEQLIVAHFP(MSE)QSREFPPGTPRFNNYVDC(MSE)
KKFLDALELSQSP(MSE)LLEL(MSE)TEVLCREQQHV(MSE)EELFQSSFRRIARRGSCVTQVGLLESVYE(MSE)FRK
DDPRLSFTRQSFVDRSLLTLLWHCSLDALREFFSTIVVDAIDVLKSRFTKLNESTFDTQITKK(MSE)GYYKILDV
(MSE)YSRLPKDDVHAKESKINQVFHGSCITEGNELTKTLIKLCYDAFTEN(MSE)AGENQLLERRRLYHCAAYNCAISV
ICCVFNELKFYQGFLFSEKPEKNLLIFENLIDLKRRYNFPVEVEVP(MSE)ERKKKYIEIRKEAREAANGDSDGPSY
(MSE)SSLSYLADSTLSEE(MSE)SQFDFSTGVQSYSYSSQDPRPATGRFRRREQRDPTVHDDVLELE(MSE)DELNRHE
C(MSE)APLTALVKH(MSE)HRSLGPPQGEEDSVPRDLPSW(MSE)KFLHGKLGNPIVPLNIRLFLAKLVINTEEVFRPY
AKHWLSPLLQLAASENNGGEGIHY(MSE)VVEIVATILSWTGLATPTGVPKDEVLANRLLNFL(MSE)KHVFHPKRAVFR
HNLEIIKTLVECWKDCLSIPYRLIFEKFSGKDPNSKDNSVGIQLLGIV(MSE)ANDLPPYDPQCGIQSSEYFQALVNN
(MSE)SFVRYKEVYAAAAEVLGLILRYV(MSE)ERKNILEESLCELVAKQLKQHQNT(MSE)EDKFIVCLNKVTKSFPPL
ADRF(MSE)NAVFFLLPKFHGVLKTLCLEVVLCRVEG(MSE)TELYFQLKSKDFVQV(MSE)RHRDDERQKVCLDIIYK
(MSE)(MSE)PKLKPVELRELLNPVVEFVSHPSTTCREQ(MSE)YNIL(MSE)WIHDNYRDPESETDNDSQEIFKLAKDV
LIQGLIDENPGLQLIIRNFWSHETRLPSNTLDRLLALNSLYSPKIEVHFLSLATNFLLE(MSE)TS(MSE)SPDYPNP
(MSE)(UNK)(UNK)(UNK)(UNK)(UNK)(UNK)(UNK)(UNK)(UNK)(UNK)(UNK)(UNK)(UNK)(UNK)(UNK)
(UNK)(UNK)(UNK)(UNK)(UNK)(UNK)(UNK)(UNK)(UNK)(UNK)(UNK)(UNK)(UNK)(MSE)(UNK)(UNK)
(UNK)(UNK)(UNK)(UNK)(UNK)(UNK)(UNK)(UNK)(UNK)(UNK)(UNK)(UNK)(UNK)(UNK)(UNK)(UNK)
(UNK)(UNK)(UNK)(UNK)(UNK)(UNK)(UNK)(UNK)(UNK)(UNK)(UNK)(UNK)(UNK)(UNK)(UNK)(UNK)
(UNK)(UNK)(UNK)(UNK)(UNK)(UNK)(UNK)(UNK)(UNK)(UNK)(UNK)(UNK)(UNK)(UNK)(UNK)(UNK)
(UNK)(UNK)(UNK)(UNK)(UNK)(UNK)(UNK)(UNK)(UNK)(UNK)(UNK)(UNK)(UNK)(UNK)(UNK)(UNK)
(UNK)(UNK)(UNK)(UNK)(UNK)(UNK)(UNK)(UNK)(UNK)(UNK)(UNK)(UNK)(UNK)(UNK)(UNK)(UNK)
(UNK)(UNK)(UNK)(UNK)(UNK)(UNK)(UNK)(UNK)(UNK)(UNK)(UNK)(UNK)(UNK)(UNK)(UNK)(UNK)
(UNK)(UNK)(UNK)(UNK)(UNK)(UNK)(UNK)(UNK)(UNK)(UNK)(UNK)(UNK)(UNK)(UNK)(UNK)(UNK)
(UNK)(UNK)(UNK)(UNK)(UNK)(UNK)(UNK)(UNK)(UNK)(UNK)(UNK)(UNK)(UNK)(MSE)(UNK)(UNK)
(UNK)(UNK)(UNK)(UNK)(UNK)(UNK)(MSE)(UNK)(UNK)(UNK)(UNK)(UNK)(UNK)(UNK)(UNK)(UNK)
(UNK)(UNK)(UNK)(UNK)(UNK)(UNK)(UNK)(UNK)(UNK)(UNK)(UNK)(MSE)(UNK)(UNK)(UNK)(UNK)
(UNK)(UNK)(UNK)(UNK)(UNK)(UNK)SYRHGDLPDIQIKHSSLITPLQAVAQRDPIIAKQLFSSLFSGILKE
(MSE)DKFKTLSEKNNITQKLLQDFNRFLNTTFSFFPPFVSCIQDISCQHAALLSLDPAAVSAGCLASLQQPVGIRLLEE
ALLRLLPAELPAKRVRGKARLPPDVLRWVELAKLYRSIGEYDVLRGIFTSEIGTKQITQSALLAEARSDYSEAAKQYDEA
LNKQDWVDGEPTEAEKDFWELASLDCYNHLAEWKSLEYCSTASIDSENPPDLNKIWSEPFYQETYLPY(MSE)IRSKLKL
LLQGEADQSLLTFIDKA(MSE)HGELQKAILELHYSQELSLLYLLQDDVDRAKYYIQNGIQSF(MSE)QNYSSIDVLLHQ
SRLTKLQSVQALTEIQEFISFISKQGNLSSQVPLKRLLNTWTNRYPDAK(MSE)DP(MSE)NIWDDIITNRCFFLSKIEE
KLTPLPEDNS(MSE)NVDQDGDPSDR(MSE)EVQEQEEDISSLIRSCKFS(MSE)K(MSE)K(MSE)IDSARKQNNFSLA
(MSE)KLLKELHKESKTRDDWLVSWVQSYCRLSHCRSRSQGCSEQVLTVLKTVSLLDENNVSSYLSKNILAFRDQNILLG
TTYRIIANALSSEPACLAEIEEDKARRILELSGSSSEDSEKVIAGLYQRAFQHLSEAVQAAEEEAQPPSWSCGPAAGVID
AY(MSE)TLADFCDQQLRKEEENASVIDSAELQAYPALVVEK(MSE)LKALKLNSNEARLKFPRLLQIIERYPEETLSL
(MSE)TKEISSVPCWQFISWISH(MSE)VALLDKDQAVAVQHSVEEITDNYPQAIVYPFIISSESYSFKDTSTGHKNKEF
VARIKSKLDQGGVIQDFINALDQLSNPELLFKDWSNDVRAELAKTPVNKKNIEK(MSE)YER(MSE)YAALGDPKAPGLG
AFRRKFIQTFGKEFDKHFGKGGSKLLR(MSE)KLSDFNDITN(MSE)LLLK(MSE)NKDSKPPGNLKECSPW(MSE)SDF
KVEFLRNELEIPGQYDGRGKPLPEYHVRIAGFDERVTV(MSE)ASLRRPKRIIIRGHDEREHPFLVKGGEDLRQDQRVEQ
LFQV(MSE)NGILAQDSACSQRALQLRTYSVVP(MSE)TSRLGLIEWLENTVTLKDLLLNT(MSE)SQEEKAAYLSDPRA
PPCEYKDWLTK(MSE)SGKHDVGAY(MSE)L(MSE)YKGANRTETVTSFRKRESKVPADLLKRAFVR(MSE)STSPEAFL
ALRSHFASSHALICISHWILGIGDRHLNNF(MSE)VA(MSE)ETGGVIGIDFGHAFGSATQFLPVPEL(MSE)PFRLTRQ
FINL(MSE)LP(MSE)KETGL(MSE)YSI(MSE)VHALRAFRSDPGLLTNT(MSE)DVFVKEPSFDWKNFEQK(MSE)LK
KGGSWIQEINVAEKNWYPRQKICYAKRKLAGANPAVITCDELLLGHEKAPAFRDYVAVARGSKDHNIRAQEPESGLSEET
QVKCL(MSE)DQATDPNILGRTWEGWEPW(MSE)
;
A,B
2 'polypeptide(L)'
;(UNK)(UNK)(UNK)(UNK)(UNK)(UNK)(UNK)(UNK)(UNK)(UNK)(UNK)(UNK)(UNK)(UNK)(UNK)(UNK)
(UNK)(UNK)(UNK)(UNK)(UNK)(UNK)(UNK)(UNK)(UNK)(UNK)(UNK)(UNK)(UNK)(UNK)(UNK)(UNK)
(UNK)(UNK)(UNK)(UNK)(UNK)(UNK)(UNK)(UNK)(UNK)(UNK)(UNK)(UNK)(UNK)(UNK)(UNK)(UNK)
(UNK)(UNK)(UNK)(UNK)(UNK)(UNK)(UNK)(UNK)(UNK)(UNK)(UNK)(UNK)(UNK)(UNK)(UNK)(UNK)
(UNK)(UNK)(UNK)(UNK)(UNK)(UNK)(UNK)(UNK)(UNK)(UNK)(UNK)(UNK)(UNK)(UNK)(UNK)(UNK)
(UNK)(UNK)(UNK)(UNK)(UNK)(UNK)(UNK)(UNK)(UNK)(UNK)(UNK)(UNK)(UNK)(UNK)(UNK)(UNK)
(UNK)(UNK)(UNK)(UNK)(UNK)(UNK)(UNK)(UNK)(UNK)(UNK)(UNK)(UNK)(UNK)(UNK)(UNK)(UNK)
(UNK)(UNK)(UNK)(UNK)(UNK)(UNK)(UNK)(UNK)(UNK)(UNK)(UNK)(UNK)(UNK)(UNK)(UNK)(UNK)
(UNK)(UNK)(UNK)(UNK)(UNK)(UNK)(UNK)(UNK)(UNK)(UNK)(UNK)(UNK)(UNK)(UNK)(UNK)(UNK)
(UNK)(UNK)(UNK)(UNK)(UNK)(UNK)(UNK)(UNK)(UNK)(UNK)(UNK)(UNK)(UNK)(UNK)(UNK)(UNK)
(UNK)(UNK)(UNK)(UNK)(UNK)(UNK)(UNK)(UNK)(UNK)(UNK)(UNK)(UNK)(UNK)(UNK)(UNK)(UNK)
(UNK)(UNK)(UNK)(UNK)(UNK)(UNK)(UNK)(UNK)(UNK)(UNK)(UNK)(UNK)(UNK)(UNK)(UNK)(UNK)
(MSE)(UNK)
;
K,S
#
# COMPACT_ATOMS: atom_id res chain seq x y z
N CYS A 10 11.20 50.52 28.54
CA CYS A 10 11.59 51.36 27.41
C CYS A 10 13.04 51.78 27.57
N SER A 11 13.28 52.63 28.57
CA SER A 11 14.64 52.95 28.98
C SER A 11 15.43 51.71 29.41
N LEU A 12 14.74 50.60 29.69
CA LEU A 12 15.43 49.38 30.10
C LEU A 12 16.22 48.77 28.96
N LEU A 13 15.63 48.70 27.76
CA LEU A 13 16.37 48.24 26.59
C LEU A 13 17.57 49.14 26.32
N ARG A 14 17.37 50.45 26.34
CA ARG A 14 18.47 51.40 26.09
C ARG A 14 19.61 51.19 27.08
N LEU A 15 19.32 51.30 28.37
CA LEU A 15 20.36 51.18 29.39
C LEU A 15 21.08 49.83 29.32
N GLN A 16 20.32 48.74 29.22
CA GLN A 16 20.99 47.44 29.17
C GLN A 16 21.85 47.29 27.93
N GLU A 17 21.45 47.93 26.84
CA GLU A 17 22.28 47.94 25.65
C GLU A 17 23.45 48.92 25.74
N THR A 18 23.47 49.80 26.75
CA THR A 18 24.66 50.61 27.03
C THR A 18 25.68 49.89 27.92
N LEU A 19 25.26 49.44 29.11
CA LEU A 19 26.24 48.90 30.04
C LEU A 19 26.40 47.39 29.99
N SER A 20 25.69 46.70 29.09
CA SER A 20 26.03 45.30 28.85
C SER A 20 27.17 45.20 27.84
N ALA A 21 26.99 45.83 26.67
CA ALA A 21 28.09 45.92 25.69
C ALA A 21 29.22 46.80 26.20
N ALA A 22 28.92 47.81 27.01
CA ALA A 22 30.00 48.56 27.67
C ALA A 22 30.63 47.71 28.76
N ASP A 23 29.82 46.87 29.41
CA ASP A 23 30.35 45.84 30.30
C ASP A 23 31.24 44.86 29.54
N ARG A 24 31.03 44.73 28.23
CA ARG A 24 31.89 43.89 27.42
C ARG A 24 33.32 44.41 27.38
N CYS A 25 33.53 45.70 27.67
CA CYS A 25 34.87 46.26 27.73
C CYS A 25 35.26 46.84 29.09
N GLY A 26 34.38 46.86 30.08
CA GLY A 26 34.70 47.42 31.37
C GLY A 26 33.68 47.03 32.42
N ALA A 27 33.79 47.65 33.60
CA ALA A 27 32.83 47.35 34.68
C ALA A 27 32.86 48.33 35.85
N ALA A 28 32.77 47.77 37.07
CA ALA A 28 32.70 48.48 38.35
C ALA A 28 31.31 49.06 38.62
N LEU A 29 31.27 50.31 39.05
CA LEU A 29 30.00 51.00 39.32
C LEU A 29 29.02 50.78 38.16
N ALA A 30 29.51 50.96 36.93
CA ALA A 30 28.72 50.85 35.70
C ALA A 30 27.98 49.52 35.57
N GLY A 31 28.11 48.64 36.56
CA GLY A 31 27.28 47.46 36.60
C GLY A 31 26.11 47.65 37.53
N HIS A 32 26.42 47.92 38.81
CA HIS A 32 25.40 47.94 39.85
C HIS A 32 24.30 48.94 39.55
N GLN A 33 24.66 50.21 39.29
CA GLN A 33 23.68 51.18 38.82
C GLN A 33 22.80 50.56 37.75
N LEU A 34 23.43 50.05 36.69
CA LEU A 34 22.74 49.38 35.61
C LEU A 34 21.71 48.40 36.16
N ILE A 35 22.18 47.47 36.98
CA ILE A 35 21.34 46.40 37.48
C ILE A 35 20.26 46.94 38.41
N ARG A 36 20.56 48.01 39.15
CA ARG A 36 19.50 48.63 39.92
C ARG A 36 18.46 49.25 38.98
N GLY A 37 18.95 49.91 37.92
CA GLY A 37 18.09 50.54 36.93
C GLY A 37 17.19 49.52 36.27
N LEU A 38 17.77 48.68 35.40
CA LEU A 38 17.04 47.62 34.73
C LEU A 38 16.27 46.77 35.73
N GLY A 39 16.54 46.95 37.02
CA GLY A 39 15.70 46.33 38.00
C GLY A 39 14.48 47.16 38.27
N GLN A 40 14.68 48.28 38.97
CA GLN A 40 13.60 48.98 39.66
C GLN A 40 12.41 49.29 38.75
N GLU A 41 12.63 49.99 37.64
CA GLU A 41 11.52 50.27 36.71
C GLU A 41 10.82 48.99 36.30
N CYS A 42 11.58 48.03 35.78
CA CYS A 42 11.03 46.74 35.40
C CYS A 42 10.27 46.10 36.56
N VAL A 43 10.75 46.28 37.79
CA VAL A 43 10.15 45.66 38.96
C VAL A 43 8.67 46.04 39.05
N LEU A 44 8.40 47.33 39.19
CA LEU A 44 7.09 47.86 39.53
C LEU A 44 5.98 47.40 38.57
N SER A 45 6.36 46.70 37.49
CA SER A 45 5.43 46.12 36.52
C SER A 45 4.31 45.35 37.21
N SER A 46 3.07 45.84 37.08
CA SER A 46 1.94 45.28 37.81
C SER A 46 1.01 44.44 36.94
N SER A 47 0.13 45.11 36.19
CA SER A 47 -0.86 44.43 35.38
C SER A 47 -0.15 43.72 34.24
N PRO A 48 -0.83 42.81 33.52
CA PRO A 48 -0.16 42.16 32.40
C PRO A 48 -0.17 43.07 31.17
N ALA A 49 -0.42 42.49 30.00
CA ALA A 49 -0.52 43.20 28.72
C ALA A 49 0.45 44.37 28.54
N VAL A 50 0.14 45.52 29.14
CA VAL A 50 0.97 46.70 29.00
C VAL A 50 2.33 46.41 29.64
N LEU A 51 2.33 46.39 30.97
CA LEU A 51 3.54 46.14 31.74
C LEU A 51 4.21 44.83 31.31
N ALA A 52 3.40 43.82 30.98
CA ALA A 52 3.95 42.54 30.54
C ALA A 52 4.72 42.66 29.24
N LEU A 53 4.07 43.22 28.21
CA LEU A 53 4.70 43.33 26.89
C LEU A 53 5.95 44.18 26.95
N GLN A 54 5.92 45.28 27.70
CA GLN A 54 7.18 45.99 27.93
C GLN A 54 8.23 45.05 28.50
N THR A 55 7.90 44.37 29.61
CA THR A 55 8.88 43.62 30.37
C THR A 55 9.40 42.34 29.69
N SER A 56 8.66 41.78 28.73
CA SER A 56 9.09 40.52 28.11
C SER A 56 10.43 40.70 27.41
N LEU A 57 10.46 41.59 26.42
CA LEU A 57 11.67 41.90 25.67
C LEU A 57 12.83 42.21 26.61
N VAL A 58 12.57 43.08 27.61
CA VAL A 58 13.59 43.49 28.56
C VAL A 58 14.20 42.28 29.26
N PHE A 59 13.37 41.53 30.00
CA PHE A 59 13.87 40.36 30.71
C PHE A 59 14.64 39.41 29.79
N SER A 60 14.14 39.19 28.57
CA SER A 60 14.80 38.24 27.67
C SER A 60 16.21 38.70 27.31
N ARG A 61 16.33 39.89 26.69
CA ARG A 61 17.66 40.42 26.38
C ARG A 61 18.52 40.49 27.65
N ASP A 62 17.88 40.62 28.81
CA ASP A 62 18.58 40.69 30.09
C ASP A 62 19.22 39.36 30.48
N PHE A 63 18.42 38.27 30.49
CA PHE A 63 18.91 36.92 30.78
C PHE A 63 20.08 36.61 29.86
N GLY A 64 19.79 36.50 28.56
CA GLY A 64 20.84 36.18 27.62
C GLY A 64 22.05 37.07 27.76
N LEU A 65 21.81 38.37 27.85
CA LEU A 65 22.89 39.36 27.91
C LEU A 65 23.84 39.05 29.06
N LEU A 66 23.32 38.91 30.28
CA LEU A 66 24.22 38.58 31.39
C LEU A 66 24.91 37.25 31.15
N VAL A 67 24.19 36.28 30.58
CA VAL A 67 24.73 34.95 30.34
C VAL A 67 26.02 35.05 29.52
N PHE A 68 25.92 35.40 28.24
CA PHE A 68 27.16 35.47 27.47
C PHE A 68 28.07 36.60 27.93
N VAL A 69 27.54 37.59 28.66
CA VAL A 69 28.35 38.71 29.15
C VAL A 69 29.40 38.13 30.09
N ARG A 70 29.03 37.73 31.31
CA ARG A 70 30.12 37.29 32.17
C ARG A 70 30.69 35.97 31.71
N LYS A 71 29.88 35.17 31.00
CA LYS A 71 30.39 33.95 30.38
C LYS A 71 31.62 34.21 29.52
N SER A 72 31.65 35.35 28.82
CA SER A 72 32.78 35.70 27.96
C SER A 72 33.63 36.85 28.50
N LEU A 73 33.60 37.11 29.81
CA LEU A 73 34.41 38.19 30.36
C LEU A 73 35.43 37.66 31.37
N ASN A 74 35.24 37.95 32.66
CA ASN A 74 36.26 37.64 33.65
C ASN A 74 35.78 37.73 35.09
N SER A 75 36.67 38.22 35.96
CA SER A 75 36.39 38.32 37.38
C SER A 75 36.38 39.79 37.76
N ILE A 76 37.50 40.36 38.21
CA ILE A 76 37.67 41.74 38.68
C ILE A 76 36.43 42.27 39.38
N GLU A 77 35.40 42.60 38.60
CA GLU A 77 34.12 43.06 39.12
C GLU A 77 32.95 42.52 38.34
N PHE A 78 33.17 41.83 37.21
CA PHE A 78 32.05 41.26 36.46
C PHE A 78 31.22 40.36 37.35
N ARG A 79 31.88 39.41 38.01
CA ARG A 79 31.27 38.53 38.98
C ARG A 79 30.28 39.26 39.88
N GLU A 80 30.63 40.47 40.35
CA GLU A 80 29.67 41.21 41.16
C GLU A 80 28.43 41.62 40.36
N CYS A 81 28.62 42.06 39.12
CA CYS A 81 27.48 42.47 38.31
C CYS A 81 26.56 41.30 37.98
N ARG A 82 27.13 40.23 37.41
CA ARG A 82 26.39 38.99 37.16
C ARG A 82 25.68 38.53 38.42
N GLU A 83 26.36 38.62 39.56
CA GLU A 83 25.76 38.29 40.84
C GLU A 83 24.47 39.06 41.04
N GLU A 84 24.57 40.40 41.00
CA GLU A 84 23.40 41.24 41.22
C GLU A 84 22.30 40.89 40.24
N ILE A 85 22.61 40.82 38.94
CA ILE A 85 21.58 40.53 37.96
C ILE A 85 20.87 39.22 38.30
N LEU A 86 21.63 38.19 38.69
CA LEU A 86 21.00 36.92 39.04
C LEU A 86 20.07 37.06 40.25
N LYS A 87 20.45 37.90 41.22
CA LYS A 87 19.55 38.19 42.34
C LYS A 87 18.25 38.82 41.85
N PHE A 88 18.38 39.97 41.17
CA PHE A 88 17.20 40.67 40.65
C PHE A 88 16.36 39.79 39.75
N LEU A 89 16.98 38.86 39.02
CA LEU A 89 16.23 37.95 38.14
C LEU A 89 15.42 36.95 38.96
N CYS A 90 16.04 36.30 39.95
CA CYS A 90 15.27 35.36 40.74
C CYS A 90 14.09 36.04 41.40
N ILE A 91 14.22 37.32 41.76
CA ILE A 91 13.00 38.01 42.20
C ILE A 91 12.13 38.50 41.05
N PHE A 92 12.61 38.43 39.79
CA PHE A 92 11.74 38.75 38.65
C PHE A 92 10.88 37.56 38.22
N LEU A 93 11.34 36.34 38.47
CA LEU A 93 10.66 35.15 37.95
C LEU A 93 9.34 34.88 38.67
N GLU A 94 9.39 34.75 40.00
CA GLU A 94 8.16 34.47 40.75
C GLU A 94 7.08 35.49 40.43
N LYS A 95 7.46 36.76 40.29
CA LYS A 95 6.48 37.77 39.95
C LYS A 95 5.94 37.56 38.54
N GLY A 97 4.76 35.57 36.57
CA GLY A 97 4.18 34.24 36.54
C GLY A 97 5.06 33.17 35.93
N GLN A 98 4.62 32.60 34.81
CA GLN A 98 5.41 31.60 34.08
C GLN A 98 6.01 32.23 32.83
N LYS A 99 5.55 31.76 31.67
CA LYS A 99 5.86 32.34 30.35
C LYS A 99 7.35 32.61 30.15
N ILE A 100 8.23 31.83 30.76
CA ILE A 100 9.66 32.06 30.66
C ILE A 100 10.36 30.70 30.61
N ALA A 101 9.74 29.72 29.95
CA ALA A 101 10.17 28.32 30.04
C ALA A 101 11.54 28.06 29.38
N PRO A 102 11.69 28.18 28.04
CA PRO A 102 13.05 27.98 27.49
C PRO A 102 14.04 28.93 28.12
N TYR A 103 13.60 30.17 28.33
CA TYR A 103 14.39 31.13 29.10
C TYR A 103 14.76 30.56 30.45
N SER A 104 13.82 29.89 31.13
CA SER A 104 14.10 29.37 32.47
C SER A 104 15.23 28.35 32.45
N VAL A 105 15.08 27.31 31.62
CA VAL A 105 16.09 26.25 31.58
C VAL A 105 17.46 26.84 31.25
N GLU A 106 17.49 27.82 30.34
CA GLU A 106 18.72 28.55 30.08
C GLU A 106 19.28 29.17 31.36
N ILE A 107 18.45 29.93 32.10
CA ILE A 107 18.90 30.60 33.33
C ILE A 107 19.50 29.59 34.31
N LYS A 108 18.90 28.40 34.38
CA LYS A 108 19.30 27.43 35.41
C LYS A 108 20.66 26.83 35.09
N ASN A 109 20.85 26.34 33.86
CA ASN A 109 22.19 25.89 33.50
C ASN A 109 23.22 27.01 33.62
N THR A 110 22.80 28.26 33.38
CA THR A 110 23.71 29.38 33.63
C THR A 110 24.09 29.46 35.09
N CYS A 111 23.14 29.21 36.01
CA CYS A 111 23.44 29.36 37.42
C CYS A 111 24.49 28.35 37.87
N THR A 112 24.35 27.09 37.43
CA THR A 112 25.42 26.16 37.77
C THR A 112 26.74 26.52 37.13
N SER A 113 26.71 27.11 35.93
CA SER A 113 27.96 27.57 35.34
C SER A 113 28.60 28.66 36.20
N VAL A 114 27.79 29.48 36.86
CA VAL A 114 28.34 30.60 37.62
C VAL A 114 28.97 30.12 38.92
N TYR A 115 28.33 29.17 39.62
CA TYR A 115 29.04 28.54 40.74
C TYR A 115 30.33 27.88 40.26
N THR A 116 30.29 27.31 39.05
CA THR A 116 31.48 26.68 38.49
C THR A 116 32.61 27.68 38.38
N LYS A 117 32.37 28.82 37.73
CA LYS A 117 33.42 29.84 37.65
C LYS A 117 33.88 30.24 39.05
N ASP A 118 32.98 30.18 40.05
CA ASP A 118 33.36 30.47 41.44
C ASP A 118 34.22 29.38 42.06
N ARG A 119 34.41 28.24 41.38
CA ARG A 119 35.19 27.14 41.97
C ARG A 119 36.69 27.45 42.05
N ALA A 120 37.24 28.17 41.08
CA ALA A 120 38.69 28.42 41.06
C ALA A 120 39.14 29.20 42.29
N ALA A 121 38.45 30.30 42.60
CA ALA A 121 38.78 31.16 43.72
C ALA A 121 38.11 30.67 44.99
N LYS A 122 38.87 30.69 46.10
CA LYS A 122 38.42 30.20 47.39
C LYS A 122 38.16 31.37 48.35
N CYS A 123 37.57 31.03 49.50
CA CYS A 123 37.26 31.96 50.62
C CYS A 123 36.30 33.05 50.11
N LYS A 124 36.49 34.30 50.53
CA LYS A 124 35.68 35.46 50.14
C LYS A 124 34.20 35.35 50.53
N ILE A 125 33.38 36.27 50.01
CA ILE A 125 31.96 36.40 50.36
C ILE A 125 31.04 36.45 49.13
N PRO A 126 31.45 37.09 48.01
CA PRO A 126 30.61 37.01 46.80
C PRO A 126 30.28 35.60 46.36
N ALA A 127 31.16 34.63 46.64
CA ALA A 127 30.82 33.23 46.46
C ALA A 127 29.53 32.86 47.19
N LEU A 128 29.27 33.50 48.34
CA LEU A 128 28.07 33.18 49.11
C LEU A 128 26.86 33.92 48.56
N ASP A 129 26.98 35.24 48.36
CA ASP A 129 25.89 35.99 47.72
C ASP A 129 25.45 35.29 46.44
N LEU A 130 26.37 35.24 45.47
CA LEU A 130 26.23 34.47 44.24
C LEU A 130 25.58 33.11 44.46
N LEU A 131 26.27 32.26 45.20
CA LEU A 131 25.89 30.85 45.32
C LEU A 131 24.43 30.74 45.76
N ILE A 132 24.09 31.36 46.89
CA ILE A 132 22.72 31.30 47.41
C ILE A 132 21.73 31.78 46.35
N LYS A 133 22.00 32.93 45.74
CA LYS A 133 21.05 33.49 44.79
C LYS A 133 20.79 32.55 43.63
N LEU A 134 21.85 32.08 42.97
CA LEU A 134 21.75 31.07 41.93
C LEU A 134 20.84 29.95 42.37
N LEU A 135 21.07 29.47 43.60
CA LEU A 135 20.29 28.36 44.13
C LEU A 135 18.81 28.69 44.13
N GLN A 136 18.45 29.90 44.55
CA GLN A 136 17.05 30.25 44.64
C GLN A 136 16.41 30.37 43.25
N THR A 137 17.17 30.86 42.26
CA THR A 137 16.72 30.76 40.87
C THR A 137 16.37 29.32 40.54
N PHE A 138 17.29 28.39 40.86
CA PHE A 138 17.02 26.98 40.56
C PHE A 138 15.82 26.44 41.31
N ARG A 139 15.61 26.91 42.55
CA ARG A 139 14.58 26.31 43.38
C ARG A 139 13.20 26.68 42.86
N SER A 140 12.96 27.97 42.67
CA SER A 140 11.64 28.35 42.20
C SER A 140 11.43 27.93 40.76
N SER A 141 11.51 26.62 40.52
CA SER A 141 11.21 26.05 39.22
C SER A 141 10.46 24.77 39.51
N ARG A 142 9.14 24.85 39.50
CA ARG A 142 8.31 23.68 39.74
C ARG A 142 7.19 23.60 38.72
N LEU A 143 7.28 24.37 37.64
CA LEU A 143 6.36 24.21 36.53
C LEU A 143 6.56 22.84 35.91
N ASP A 145 6.93 19.65 33.66
CA ASP A 145 6.12 19.16 32.54
C ASP A 145 6.82 19.36 31.19
N GLU A 146 8.05 18.88 31.11
CA GLU A 146 8.87 19.10 29.92
C GLU A 146 9.26 17.74 29.41
N PHE A 147 10.48 17.29 29.73
CA PHE A 147 11.01 15.98 29.36
C PHE A 147 12.45 15.83 29.82
N LYS A 148 13.39 16.28 28.99
CA LYS A 148 14.80 16.33 29.31
C LYS A 148 15.17 17.52 30.15
N ILE A 149 14.24 18.47 30.30
CA ILE A 149 14.51 19.63 31.12
C ILE A 149 14.66 19.26 32.58
N GLY A 150 13.99 18.19 33.03
CA GLY A 150 14.16 17.72 34.39
C GLY A 150 15.41 16.89 34.65
N GLU A 151 15.74 15.98 33.73
CA GLU A 151 16.93 15.18 33.92
C GLU A 151 18.19 15.99 33.70
N LEU A 152 18.14 17.00 32.82
CA LEU A 152 19.35 17.79 32.53
C LEU A 152 19.91 18.44 33.78
N PHE A 153 19.06 18.89 34.70
CA PHE A 153 19.56 19.43 35.95
C PHE A 153 19.60 18.38 37.06
N SER A 154 18.62 17.47 37.10
CA SER A 154 18.59 16.47 38.17
C SER A 154 19.88 15.65 38.20
N LYS A 155 20.33 15.21 37.02
CA LYS A 155 21.49 14.34 36.95
C LYS A 155 22.73 15.06 37.47
N PHE A 156 22.97 16.27 37.00
CA PHE A 156 24.22 16.92 37.34
C PHE A 156 24.24 17.52 38.74
N TYR A 157 23.08 17.90 39.32
CA TYR A 157 23.13 18.26 40.73
C TYR A 157 23.39 17.04 41.60
N GLY A 158 22.77 15.90 41.27
CA GLY A 158 23.20 14.67 41.90
C GLY A 158 24.68 14.45 41.71
N GLU A 159 25.21 14.86 40.55
CA GLU A 159 26.62 14.66 40.22
C GLU A 159 27.51 15.51 41.11
N LEU A 160 27.22 16.81 41.20
CA LEU A 160 28.04 17.70 42.02
C LEU A 160 27.81 17.49 43.51
N ALA A 161 26.75 16.79 43.89
CA ALA A 161 26.47 16.59 45.31
C ALA A 161 27.11 15.32 45.83
N LEU A 162 27.04 14.21 45.06
CA LEU A 162 27.64 12.97 45.52
C LEU A 162 29.14 13.09 45.79
N LYS A 163 29.74 14.22 45.45
CA LYS A 163 31.14 14.48 45.75
C LYS A 163 31.31 16.00 45.82
N LYS A 164 31.59 16.50 47.03
CA LYS A 164 32.05 17.85 47.38
C LYS A 164 32.19 17.90 48.90
N LYS A 165 33.36 18.28 49.40
CA LYS A 165 33.52 18.46 50.84
C LYS A 165 33.34 19.92 51.25
N ILE A 166 32.33 20.62 50.74
CA ILE A 166 32.14 22.03 51.06
C ILE A 166 31.75 22.17 52.53
N PRO A 167 32.12 23.29 53.20
CA PRO A 167 31.81 23.46 54.64
C PRO A 167 30.34 23.40 55.03
N ASP A 168 29.69 24.56 55.20
CA ASP A 168 28.32 24.62 55.70
C ASP A 168 27.51 25.72 55.00
N THR A 169 28.16 26.84 54.69
CA THR A 169 27.48 28.03 54.18
C THR A 169 26.79 27.78 52.84
N VAL A 170 26.23 26.60 52.65
CA VAL A 170 25.88 26.16 51.31
C VAL A 170 25.01 24.90 51.37
N LEU A 171 25.40 23.96 52.26
CA LEU A 171 24.84 22.60 52.28
C LEU A 171 23.31 22.57 52.29
N GLU A 172 22.64 23.65 52.70
CA GLU A 172 21.20 23.67 52.58
C GLU A 172 20.81 23.36 51.14
N LYS A 173 21.50 23.99 50.19
CA LYS A 173 21.16 23.81 48.79
C LYS A 173 21.10 22.34 48.39
N VAL A 174 22.11 21.57 48.76
CA VAL A 174 22.22 20.18 48.36
C VAL A 174 20.87 19.51 48.54
N TYR A 175 20.43 19.40 49.79
CA TYR A 175 19.21 18.66 50.08
C TYR A 175 17.98 19.40 49.55
N GLU A 176 18.04 20.73 49.54
CA GLU A 176 17.00 21.51 48.88
C GLU A 176 16.73 20.95 47.49
N LEU A 177 17.72 21.08 46.58
CA LEU A 177 17.61 20.52 45.24
C LEU A 177 17.21 19.05 45.25
N LEU A 178 18.03 18.21 45.91
CA LEU A 178 17.85 16.75 45.84
C LEU A 178 16.40 16.35 46.08
N GLY A 179 15.75 17.02 47.02
CA GLY A 179 14.33 16.82 47.16
C GLY A 179 13.56 17.41 46.00
N LEU A 180 14.00 18.57 45.50
CA LEU A 180 13.22 19.30 44.49
C LEU A 180 13.06 18.48 43.21
N LEU A 181 14.19 18.02 42.67
CA LEU A 181 14.14 17.08 41.55
C LEU A 181 13.50 15.75 41.94
N GLY A 182 13.77 15.25 43.14
CA GLY A 182 13.17 13.95 43.48
C GLY A 182 11.65 13.98 43.48
N GLU A 183 11.05 15.16 43.70
CA GLU A 183 9.60 15.32 43.63
C GLU A 183 9.07 15.32 42.21
N VAL A 184 9.92 15.56 41.20
CA VAL A 184 9.42 15.39 39.83
C VAL A 184 9.22 13.90 39.62
N HIS A 185 9.97 13.30 38.71
CA HIS A 185 9.71 11.89 38.45
C HIS A 185 10.88 11.06 37.92
N PRO A 186 11.79 11.61 37.05
CA PRO A 186 12.80 10.78 36.37
C PRO A 186 13.20 9.49 37.09
N SER A 187 12.50 8.40 36.72
CA SER A 187 12.55 7.08 37.38
C SER A 187 13.87 6.68 38.03
N GLU A 188 14.81 6.14 37.24
CA GLU A 188 16.05 5.62 37.80
C GLU A 188 16.84 6.68 38.54
N ILE A 190 15.13 8.91 40.48
CA ILE A 190 14.45 8.89 41.78
C ILE A 190 14.99 7.74 42.62
N ASN A 191 15.30 6.59 41.97
CA ASN A 191 15.90 5.46 42.67
C ASN A 191 17.28 5.80 43.20
N ASN A 192 18.22 6.08 42.28
CA ASN A 192 19.61 6.28 42.68
C ASN A 192 19.74 7.36 43.74
N ALA A 193 19.07 8.49 43.52
CA ALA A 193 18.98 9.51 44.55
C ALA A 193 18.50 8.93 45.88
N GLU A 194 17.27 8.40 45.91
CA GLU A 194 16.68 7.94 47.17
C GLU A 194 17.62 7.01 47.95
N ASN A 195 18.29 6.09 47.26
CA ASN A 195 19.26 5.24 47.94
C ASN A 195 20.47 6.04 48.43
N LEU A 196 21.00 6.93 47.59
CA LEU A 196 22.19 7.69 47.98
C LEU A 196 21.95 8.62 49.17
N PHE A 197 20.69 9.00 49.45
CA PHE A 197 20.42 9.93 50.55
C PHE A 197 20.90 9.40 51.91
N ARG A 198 20.76 8.08 52.13
CA ARG A 198 21.21 7.43 53.36
C ARG A 198 22.49 8.05 53.91
N ALA A 199 23.49 8.21 53.03
CA ALA A 199 24.76 8.82 53.40
C ALA A 199 24.54 10.16 54.12
N PHE A 200 23.91 11.12 53.43
CA PHE A 200 23.71 12.45 54.02
C PHE A 200 22.94 12.37 55.33
N LEU A 201 21.82 11.65 55.34
CA LEU A 201 21.07 11.45 56.57
C LEU A 201 21.99 11.05 57.72
N GLY A 202 22.79 10.01 57.53
CA GLY A 202 23.74 9.59 58.55
C GLY A 202 24.73 10.68 58.94
N GLU A 203 25.30 11.38 57.96
CA GLU A 203 26.26 12.44 58.26
C GLU A 203 25.67 13.45 59.23
N LEU A 204 24.50 13.97 58.90
CA LEU A 204 23.95 15.09 59.64
C LEU A 204 23.30 14.65 60.96
N LYS A 205 22.71 13.46 60.99
CA LYS A 205 22.05 12.98 62.21
C LYS A 205 23.06 12.46 63.24
N THR A 206 23.89 11.51 62.82
CA THR A 206 24.99 11.10 63.68
C THR A 206 25.92 12.28 63.97
N GLN A 207 25.89 13.29 63.09
CA GLN A 207 26.53 14.56 63.39
C GLN A 207 25.85 15.26 64.56
N THR A 209 24.30 14.12 66.95
CA THR A 209 24.42 13.45 68.26
C THR A 209 25.70 13.82 69.02
N SER A 210 26.89 13.71 68.39
CA SER A 210 28.12 13.92 69.16
C SER A 210 29.07 14.99 68.64
N ALA A 211 29.21 15.20 67.33
CA ALA A 211 30.25 16.11 66.83
C ALA A 211 30.04 17.52 67.35
N VAL A 212 28.80 18.00 67.29
CA VAL A 212 28.43 19.31 67.82
C VAL A 212 27.49 19.07 68.97
N ARG A 213 27.72 19.78 70.07
CA ARG A 213 26.86 19.64 71.23
C ARG A 213 25.43 20.03 70.89
N GLU A 214 25.27 21.11 70.13
CA GLU A 214 23.99 21.74 69.87
C GLU A 214 23.66 21.70 68.38
N PRO A 215 22.38 21.81 68.02
CA PRO A 215 22.00 21.75 66.60
C PRO A 215 22.53 22.94 65.79
N LYS A 216 22.84 22.66 64.52
CA LYS A 216 23.26 23.65 63.54
C LYS A 216 22.15 23.91 62.53
N LEU A 217 21.76 25.18 62.38
CA LEU A 217 20.67 25.56 61.47
C LEU A 217 20.95 25.41 59.98
N PRO A 218 22.12 25.82 59.46
CA PRO A 218 22.32 25.76 57.99
C PRO A 218 22.16 24.39 57.37
N VAL A 219 22.68 23.32 57.98
CA VAL A 219 22.64 22.02 57.33
C VAL A 219 21.42 21.23 57.74
N LEU A 220 20.87 21.48 58.94
CA LEU A 220 19.53 20.99 59.20
C LEU A 220 18.58 21.51 58.14
N ALA A 221 18.68 22.79 57.80
CA ALA A 221 17.82 23.40 56.79
C ALA A 221 17.70 22.49 55.56
N GLY A 222 18.81 22.31 54.85
CA GLY A 222 18.83 21.38 53.76
C GLY A 222 18.40 19.99 54.18
N CYS A 223 19.19 19.31 55.03
CA CYS A 223 18.97 17.90 55.35
C CYS A 223 17.50 17.56 55.52
N LEU A 224 16.81 18.32 56.36
CA LEU A 224 15.40 18.05 56.61
C LEU A 224 14.55 18.42 55.39
N LYS A 225 14.94 19.46 54.65
CA LYS A 225 14.27 19.70 53.38
C LYS A 225 14.36 18.49 52.46
N GLY A 226 15.55 17.94 52.29
CA GLY A 226 15.77 16.75 51.50
C GLY A 226 14.90 15.60 51.95
N LEU A 227 15.10 15.11 53.18
CA LEU A 227 14.39 13.92 53.60
C LEU A 227 12.88 14.14 53.62
N SER A 228 12.43 15.39 53.76
CA SER A 228 11.02 15.68 53.58
C SER A 228 10.58 15.48 52.14
N SER A 229 11.40 15.96 51.21
CA SER A 229 10.95 16.10 49.84
C SER A 229 11.08 14.81 49.02
N LEU A 230 12.04 13.95 49.34
CA LEU A 230 12.24 12.72 48.57
C LEU A 230 11.44 11.53 49.07
N LEU A 231 10.99 11.56 50.33
CA LEU A 231 10.42 10.36 50.92
C LEU A 231 8.98 10.12 50.49
N CYS A 232 8.24 11.17 50.12
CA CYS A 232 6.92 10.95 49.52
C CYS A 232 7.01 10.03 48.30
N ASN A 233 8.08 10.16 47.52
CA ASN A 233 8.34 9.23 46.43
C ASN A 233 8.97 7.93 46.91
N PHE A 234 9.77 7.96 47.98
CA PHE A 234 10.44 6.74 48.46
C PHE A 234 9.47 5.77 49.14
N THR A 235 8.69 6.24 50.12
CA THR A 235 7.76 5.47 50.96
C THR A 235 8.47 4.53 51.94
N LYS A 236 7.69 3.66 52.61
CA LYS A 236 8.18 2.57 53.47
C LYS A 236 9.17 3.07 54.54
N SER A 237 8.89 4.23 55.11
CA SER A 237 9.70 4.78 56.18
C SER A 237 9.26 4.24 57.53
N GLU A 239 11.92 4.15 60.49
CA GLU A 239 13.02 4.17 61.45
C GLU A 239 13.76 5.49 61.54
N GLU A 240 14.04 6.12 60.40
CA GLU A 240 14.87 7.32 60.39
C GLU A 240 14.06 8.55 60.78
N ASP A 241 12.85 8.67 60.27
CA ASP A 241 11.92 9.74 60.56
C ASP A 241 11.71 10.01 62.05
N PRO A 242 11.33 9.03 62.87
CA PRO A 242 11.00 9.37 64.28
C PRO A 242 12.11 10.09 65.01
N GLN A 243 13.32 9.54 64.92
CA GLN A 243 14.55 10.10 65.44
C GLN A 243 14.76 11.51 64.91
N THR A 244 15.04 11.62 63.60
CA THR A 244 15.30 12.91 62.96
C THR A 244 14.25 13.95 63.34
N SER A 245 12.99 13.69 62.98
CA SER A 245 11.88 14.60 63.19
C SER A 245 11.74 14.96 64.66
N ARG A 246 11.31 13.98 65.47
CA ARG A 246 11.20 14.07 66.92
C ARG A 246 12.29 14.97 67.51
N GLU A 247 13.55 14.66 67.17
CA GLU A 247 14.66 15.50 67.59
C GLU A 247 14.47 16.95 67.17
N ILE A 248 14.18 17.20 65.89
CA ILE A 248 14.00 18.59 65.48
C ILE A 248 12.93 19.25 66.33
N PHE A 249 11.92 18.48 66.74
CA PHE A 249 10.89 19.09 67.57
C PHE A 249 11.46 19.50 68.92
N ASN A 250 12.24 18.61 69.55
CA ASN A 250 12.93 19.01 70.79
C ASN A 250 13.81 20.22 70.57
N PHE A 251 14.37 20.36 69.37
CA PHE A 251 15.40 21.36 69.11
C PHE A 251 14.77 22.73 68.95
N VAL A 252 13.58 22.81 68.36
CA VAL A 252 12.85 24.08 68.36
C VAL A 252 12.08 24.28 69.66
N LEU A 253 11.94 23.25 70.50
CA LEU A 253 11.36 23.45 71.82
C LEU A 253 12.34 24.18 72.75
N LYS A 254 13.16 25.06 72.17
CA LYS A 254 14.00 25.97 72.92
C LYS A 254 13.83 27.35 72.33
N ALA A 255 14.49 27.56 71.18
CA ALA A 255 14.53 28.82 70.44
C ALA A 255 15.20 29.90 71.27
N ILE A 256 15.75 30.93 70.62
CA ILE A 256 16.26 32.06 71.37
C ILE A 256 15.82 33.36 70.73
N ARG A 257 16.64 33.82 69.77
CA ARG A 257 16.51 35.01 68.94
C ARG A 257 16.68 34.78 67.44
N PRO A 258 17.51 33.82 66.97
CA PRO A 258 17.83 33.79 65.54
C PRO A 258 16.61 33.52 64.67
N GLN A 259 16.57 34.21 63.54
CA GLN A 259 15.54 34.03 62.53
C GLN A 259 15.65 32.63 61.92
N ILE A 260 14.61 32.24 61.18
CA ILE A 260 14.55 30.98 60.43
C ILE A 260 14.47 29.80 61.40
N ASP A 261 14.50 30.11 62.70
CA ASP A 261 14.37 29.11 63.75
C ASP A 261 13.07 28.33 63.60
N LEU A 262 11.98 29.05 63.37
CA LEU A 262 10.67 28.41 63.25
C LEU A 262 10.60 27.54 62.00
N LYS A 263 11.22 27.99 60.90
CA LYS A 263 11.22 27.19 59.68
C LYS A 263 12.00 25.89 59.87
N ARG A 264 13.04 25.89 60.70
CA ARG A 264 13.65 24.62 61.10
C ARG A 264 12.59 23.67 61.65
N TYR A 265 11.71 24.17 62.49
CA TYR A 265 10.61 23.36 63.01
C TYR A 265 9.62 22.99 61.91
N ALA A 266 9.46 23.86 60.92
CA ALA A 266 8.42 23.69 59.91
C ALA A 266 8.73 22.55 58.96
N VAL A 267 9.98 22.46 58.49
CA VAL A 267 10.32 21.45 57.49
C VAL A 267 10.05 20.03 57.98
N PRO A 268 10.35 19.63 59.24
CA PRO A 268 10.08 18.25 59.61
C PRO A 268 8.60 17.92 59.75
N SER A 269 7.86 18.66 60.57
CA SER A 269 6.43 18.38 60.76
C SER A 269 5.73 18.24 59.41
N ALA A 270 6.01 19.18 58.50
CA ALA A 270 5.59 19.03 57.10
C ALA A 270 6.01 17.68 56.55
N GLY A 271 7.27 17.29 56.76
CA GLY A 271 7.73 15.96 56.39
C GLY A 271 6.78 14.88 56.86
N LEU A 272 6.52 14.90 58.17
CA LEU A 272 5.69 13.86 58.79
C LEU A 272 4.30 13.81 58.17
N ARG A 273 3.67 14.98 57.95
CA ARG A 273 2.33 14.99 57.38
C ARG A 273 2.33 14.38 55.98
N LEU A 274 3.25 14.82 55.11
CA LEU A 274 3.26 14.16 53.80
C LEU A 274 3.82 12.73 53.86
N PHE A 275 4.17 12.21 55.03
CA PHE A 275 4.59 10.82 55.16
C PHE A 275 3.60 9.95 55.92
N ALA A 276 2.43 10.48 56.26
CA ALA A 276 1.41 9.76 57.02
C ALA A 276 1.12 8.36 56.46
N LEU A 277 1.94 7.38 56.83
CA LEU A 277 1.70 6.01 56.37
C LEU A 277 2.37 5.03 57.34
N HIS A 278 3.63 4.67 57.09
CA HIS A 278 4.43 3.88 58.02
C HIS A 278 5.11 4.75 59.10
N ALA A 279 5.58 5.94 58.70
CA ALA A 279 6.18 6.86 59.65
C ALA A 279 5.23 7.15 60.82
N SER A 280 4.04 7.62 60.49
CA SER A 280 3.06 7.88 61.54
C SER A 280 2.81 6.64 62.41
N GLN A 281 3.07 5.44 61.89
CA GLN A 281 3.06 4.24 62.72
C GLN A 281 4.12 4.30 63.80
N PHE A 282 5.38 4.63 63.42
CA PHE A 282 6.37 4.71 64.49
C PHE A 282 5.93 5.73 65.54
N SER A 283 5.15 6.75 65.13
CA SER A 283 4.60 7.64 66.16
C SER A 283 3.48 6.99 66.95
N THR A 284 2.70 6.10 66.33
CA THR A 284 1.68 5.37 67.08
C THR A 284 2.29 4.68 68.27
N CYS A 285 3.48 4.13 68.09
CA CYS A 285 4.14 3.48 69.22
C CYS A 285 4.44 4.47 70.34
N LEU A 286 4.58 5.75 70.02
CA LEU A 286 4.84 6.76 71.03
C LEU A 286 3.57 7.53 71.40
N LEU A 287 2.57 6.76 71.81
CA LEU A 287 1.35 7.32 72.41
C LEU A 287 1.31 7.02 73.90
N ASP A 288 2.46 7.00 74.55
CA ASP A 288 2.55 6.73 75.98
C ASP A 288 3.71 7.47 76.66
N ASN A 289 4.94 7.18 76.20
CA ASN A 289 6.10 7.95 76.66
C ASN A 289 6.09 9.32 76.02
N TYR A 290 5.70 9.38 74.75
CA TYR A 290 5.65 10.58 73.96
C TYR A 290 4.20 10.95 73.61
N VAL A 291 3.22 10.36 74.28
CA VAL A 291 1.86 10.87 74.17
C VAL A 291 1.81 12.33 74.65
N SER A 292 2.53 12.65 75.73
CA SER A 292 2.65 14.05 76.15
C SER A 292 3.63 14.77 75.23
N LEU A 293 4.73 14.11 74.89
CA LEU A 293 5.82 14.76 74.15
C LEU A 293 5.38 15.19 72.77
N PHE A 294 4.86 14.24 71.99
CA PHE A 294 4.46 14.54 70.63
C PHE A 294 3.45 15.68 70.59
N GLU A 295 2.32 15.56 71.30
CA GLU A 295 1.39 16.66 71.14
C GLU A 295 1.80 17.91 71.94
N VAL A 296 2.84 17.84 72.77
CA VAL A 296 3.30 19.04 73.47
C VAL A 296 4.25 19.85 72.61
N LEU A 297 5.15 19.21 71.87
CA LEU A 297 5.86 19.93 70.82
C LEU A 297 4.88 20.44 69.77
N LEU A 298 3.89 19.62 69.41
CA LEU A 298 2.81 20.04 68.52
C LEU A 298 2.12 21.29 69.05
N LYS A 299 1.33 21.15 70.10
CA LYS A 299 0.51 22.27 70.57
C LYS A 299 1.35 23.46 70.98
N TRP A 300 2.47 23.21 71.67
CA TRP A 300 3.35 24.31 72.06
C TRP A 300 3.76 25.10 70.83
N CYS A 301 4.03 24.42 69.73
CA CYS A 301 4.15 25.12 68.45
C CYS A 301 2.87 25.87 68.12
N ALA A 302 1.72 25.20 68.20
CA ALA A 302 0.44 25.80 67.83
C ALA A 302 0.24 27.16 68.47
N HIS A 303 0.79 27.36 69.66
CA HIS A 303 0.64 28.64 70.33
C HIS A 303 1.68 29.67 69.87
N THR A 304 2.87 29.22 69.47
CA THR A 304 3.91 30.17 69.10
C THR A 304 3.45 31.01 67.91
N ASN A 305 3.83 32.29 67.93
CA ASN A 305 3.37 33.25 66.94
C ASN A 305 4.29 33.15 65.72
N VAL A 306 4.08 32.08 64.97
CA VAL A 306 4.97 31.70 63.88
C VAL A 306 4.20 31.73 62.57
N GLU A 307 4.97 31.81 61.49
CA GLU A 307 4.47 31.74 60.12
C GLU A 307 4.00 30.34 59.77
N LEU A 308 4.29 29.37 60.62
CA LEU A 308 3.95 27.97 60.44
C LEU A 308 3.10 27.51 61.61
N LYS A 309 2.15 28.35 61.99
CA LYS A 309 1.08 27.90 62.85
C LYS A 309 0.48 26.63 62.26
N LYS A 310 0.12 26.69 60.97
CA LYS A 310 -0.49 25.55 60.29
C LYS A 310 0.44 24.35 60.18
N ALA A 311 1.73 24.51 60.48
CA ALA A 311 2.55 23.33 60.75
C ALA A 311 1.97 22.54 61.91
N ALA A 312 1.46 23.25 62.93
CA ALA A 312 0.87 22.59 64.08
C ALA A 312 -0.24 21.64 63.67
N LEU A 313 -1.26 22.15 62.96
CA LEU A 313 -2.28 21.23 62.46
C LEU A 313 -1.69 20.19 61.54
N SER A 314 -1.02 20.64 60.47
CA SER A 314 -0.60 19.71 59.42
C SER A 314 0.10 18.49 59.99
N ALA A 315 0.86 18.67 61.08
CA ALA A 315 1.37 17.51 61.80
C ALA A 315 0.28 16.88 62.68
N LEU A 316 -0.46 17.72 63.40
CA LEU A 316 -1.48 17.27 64.34
C LEU A 316 -2.53 16.41 63.66
N GLU A 317 -3.34 17.03 62.81
CA GLU A 317 -4.39 16.41 62.01
C GLU A 317 -3.88 15.11 61.39
N SER A 318 -2.65 15.15 60.88
CA SER A 318 -2.09 13.96 60.27
C SER A 318 -1.94 12.84 61.30
N PHE A 319 -1.14 13.07 62.36
CA PHE A 319 -0.93 12.01 63.36
C PHE A 319 -2.22 11.61 64.06
N LEU A 320 -3.26 12.45 63.98
CA LEU A 320 -4.58 12.04 64.40
C LEU A 320 -5.20 11.09 63.39
N LYS A 321 -4.90 11.28 62.10
CA LYS A 321 -5.24 10.25 61.14
C LYS A 321 -4.59 8.93 61.51
N GLN A 322 -3.36 8.98 62.01
CA GLN A 322 -2.74 7.74 62.51
C GLN A 322 -3.44 7.21 63.76
N VAL A 323 -3.85 8.09 64.68
CA VAL A 323 -4.61 7.65 65.85
C VAL A 323 -5.78 6.84 65.35
N SER A 324 -6.76 7.49 64.68
CA SER A 324 -7.95 6.77 64.26
C SER A 324 -7.57 5.54 63.42
N ASN A 325 -6.55 5.66 62.58
CA ASN A 325 -5.96 4.57 61.80
C ASN A 325 -5.78 3.29 62.61
N VAL A 327 -5.61 2.73 65.72
CA VAL A 327 -6.66 2.62 66.72
C VAL A 327 -7.75 1.67 66.24
N ALA A 328 -8.13 1.79 64.96
CA ALA A 328 -9.20 0.94 64.43
C ALA A 328 -8.69 -0.36 63.82
N LYS A 329 -7.51 -0.35 63.21
CA LYS A 329 -6.94 -1.55 62.65
C LYS A 329 -6.16 -2.38 63.65
N ASN A 330 -6.42 -2.21 64.95
CA ASN A 330 -5.83 -3.10 65.94
C ASN A 330 -6.94 -3.83 66.68
N ALA A 331 -6.68 -4.28 67.90
CA ALA A 331 -7.69 -5.05 68.60
C ALA A 331 -8.19 -4.23 69.79
N GLU A 332 -8.70 -4.92 70.80
CA GLU A 332 -9.24 -4.25 71.97
C GLU A 332 -8.17 -3.98 73.01
N HIS A 334 -5.49 -2.69 72.53
CA HIS A 334 -4.94 -1.41 72.08
C HIS A 334 -6.03 -0.34 72.08
N LYS A 335 -6.54 0.01 73.27
CA LYS A 335 -7.63 0.96 73.35
C LYS A 335 -7.49 2.06 74.41
N ASN A 336 -7.19 1.64 75.65
CA ASN A 336 -7.21 2.57 76.78
C ASN A 336 -6.11 3.63 76.67
N LYS A 337 -4.87 3.22 76.38
CA LYS A 337 -3.79 4.18 76.15
C LYS A 337 -4.15 5.20 75.07
N LEU A 338 -5.07 4.84 74.16
CA LEU A 338 -5.63 5.80 73.21
C LEU A 338 -6.54 6.79 73.92
N GLN A 339 -7.60 6.27 74.56
CA GLN A 339 -8.55 7.11 75.29
C GLN A 339 -7.90 8.16 76.20
N TYR A 340 -6.68 7.88 76.66
CA TYR A 340 -5.95 8.84 77.49
C TYR A 340 -5.79 10.17 76.75
N PHE A 341 -5.10 10.12 75.61
CA PHE A 341 -4.81 11.27 74.75
C PHE A 341 -6.08 12.08 74.41
N GLU A 343 -8.93 12.05 75.80
CA GLU A 343 -9.60 12.66 76.94
C GLU A 343 -8.85 13.90 77.41
N GLN A 344 -7.54 13.98 77.19
CA GLN A 344 -6.86 15.26 77.33
C GLN A 344 -7.48 16.28 76.36
N PHE A 345 -7.85 15.83 75.14
CA PHE A 345 -8.58 16.71 74.22
C PHE A 345 -9.93 17.13 74.79
N TYR A 346 -10.69 16.17 75.32
CA TYR A 346 -11.95 16.45 75.98
C TYR A 346 -11.80 17.57 76.99
N GLY A 347 -10.65 17.60 77.67
CA GLY A 347 -10.36 18.70 78.57
C GLY A 347 -10.10 19.99 77.81
N ILE A 348 -9.55 19.89 76.60
CA ILE A 348 -9.49 21.07 75.73
C ILE A 348 -10.88 21.52 75.28
N ILE A 349 -11.90 20.69 75.44
CA ILE A 349 -13.27 21.09 75.13
C ILE A 349 -13.89 21.80 76.32
N ARG A 350 -13.65 21.31 77.52
CA ARG A 350 -14.23 22.02 78.67
C ARG A 350 -13.45 23.28 79.02
N ASN A 351 -12.14 23.16 79.28
CA ASN A 351 -11.37 24.28 79.80
C ASN A 351 -11.19 25.41 78.79
N VAL A 352 -11.70 25.26 77.56
CA VAL A 352 -11.74 26.42 76.68
C VAL A 352 -12.78 27.42 77.14
N ASP A 353 -13.73 27.00 77.99
CA ASP A 353 -14.58 27.95 78.70
C ASP A 353 -13.74 28.93 79.51
N SER A 354 -12.70 28.42 80.17
CA SER A 354 -11.75 29.28 80.88
C SER A 354 -10.83 29.99 79.90
N ASN A 355 -10.06 29.23 79.12
CA ASN A 355 -9.07 29.80 78.20
C ASN A 355 -9.43 29.39 76.77
N ASN A 356 -9.73 30.39 75.96
CA ASN A 356 -10.16 30.20 74.58
C ASN A 356 -9.00 29.61 73.80
N LYS A 357 -9.08 28.30 73.52
CA LYS A 357 -8.08 27.66 72.70
C LYS A 357 -7.87 28.38 71.36
N GLU A 358 -8.90 29.09 70.87
CA GLU A 358 -8.94 29.84 69.61
C GLU A 358 -8.80 28.89 68.42
N LEU A 359 -7.65 28.90 67.75
CA LEU A 359 -7.39 27.94 66.69
C LEU A 359 -7.54 26.50 67.21
N SER A 360 -7.08 26.26 68.44
CA SER A 360 -7.17 24.93 69.03
C SER A 360 -8.61 24.49 69.26
N ILE A 361 -9.57 25.42 69.25
CA ILE A 361 -10.97 25.02 69.41
C ILE A 361 -11.39 24.14 68.24
N ALA A 362 -10.87 24.40 67.05
CA ALA A 362 -11.05 23.45 65.96
C ALA A 362 -10.43 22.12 66.31
N ILE A 363 -9.18 22.15 66.80
CA ILE A 363 -8.44 20.93 67.11
C ILE A 363 -9.30 19.96 67.86
N ARG A 364 -9.83 20.40 68.99
CA ARG A 364 -10.62 19.53 69.84
C ARG A 364 -11.90 19.07 69.15
N GLY A 365 -12.56 19.96 68.40
CA GLY A 365 -13.65 19.53 67.53
C GLY A 365 -13.15 18.46 66.60
N TYR A 366 -12.10 18.80 65.85
CA TYR A 366 -11.41 17.80 65.03
C TYR A 366 -10.85 16.70 65.90
N GLY A 367 -10.45 17.03 67.12
CA GLY A 367 -10.05 16.03 68.07
C GLY A 367 -11.21 15.11 68.38
N LEU A 368 -12.31 15.69 68.83
CA LEU A 368 -13.48 14.87 69.12
C LEU A 368 -14.02 14.38 67.78
N PHE A 369 -13.16 14.40 66.77
CA PHE A 369 -13.39 13.84 65.45
C PHE A 369 -12.62 12.54 65.23
N ALA A 370 -11.32 12.56 65.52
CA ALA A 370 -10.42 11.51 65.05
C ALA A 370 -10.67 10.18 65.75
N GLY A 371 -10.30 10.09 67.02
CA GLY A 371 -10.65 8.96 67.85
C GLY A 371 -12.14 8.68 67.95
N PRO A 372 -12.96 9.75 68.00
CA PRO A 372 -14.43 9.52 68.04
C PRO A 372 -14.98 8.88 66.79
N CYS A 373 -14.25 8.91 65.69
CA CYS A 373 -14.68 8.09 64.57
C CYS A 373 -14.57 6.61 64.95
N LYS A 374 -13.58 6.25 65.78
CA LYS A 374 -13.35 4.85 66.11
C LYS A 374 -13.48 4.47 67.59
N VAL A 375 -12.79 5.16 68.50
CA VAL A 375 -12.84 4.70 69.91
C VAL A 375 -14.26 4.73 70.45
N ILE A 376 -15.14 5.56 69.86
CA ILE A 376 -16.56 5.56 70.15
C ILE A 376 -17.07 4.13 70.25
N ASN A 377 -16.61 3.29 69.31
CA ASN A 377 -17.17 1.95 69.16
C ASN A 377 -16.99 1.12 70.42
N ALA A 378 -15.97 1.44 71.22
CA ALA A 378 -15.66 0.60 72.38
C ALA A 378 -16.65 0.82 73.53
N LYS A 379 -17.21 2.01 73.64
CA LYS A 379 -17.86 2.42 74.87
C LYS A 379 -18.80 3.57 74.56
N ASP A 380 -19.89 3.65 75.33
CA ASP A 380 -20.88 4.69 75.10
C ASP A 380 -20.26 6.07 75.29
N VAL A 381 -20.68 6.99 74.43
CA VAL A 381 -20.00 8.28 74.24
C VAL A 381 -20.96 9.37 73.79
N ASP A 382 -22.20 9.36 74.29
CA ASP A 382 -23.00 10.56 74.16
C ASP A 382 -22.30 11.76 74.81
N PHE A 383 -21.33 11.53 75.73
CA PHE A 383 -20.62 12.61 76.44
C PHE A 383 -20.00 13.51 75.39
N TYR A 385 -19.57 14.38 71.49
CA TYR A 385 -20.62 14.52 70.50
C TYR A 385 -21.87 15.22 71.03
N VAL A 386 -22.37 14.83 72.21
CA VAL A 386 -23.44 15.64 72.80
C VAL A 386 -22.89 16.98 73.25
N GLU A 387 -21.70 16.97 73.87
CA GLU A 387 -21.01 18.23 74.16
C GLU A 387 -20.63 18.98 72.88
N LEU A 388 -19.95 18.29 71.95
CA LEU A 388 -19.61 18.92 70.68
C LEU A 388 -20.84 19.58 70.07
N ILE A 389 -21.89 18.81 69.91
CA ILE A 389 -23.20 19.25 69.41
C ILE A 389 -23.61 20.56 70.10
N GLN A 390 -23.73 20.52 71.42
CA GLN A 390 -24.11 21.74 72.12
C GLN A 390 -23.19 22.89 71.75
N ARG A 391 -21.91 22.58 71.56
CA ARG A 391 -20.94 23.62 71.22
C ARG A 391 -21.23 24.21 69.84
N CYS A 392 -21.40 23.35 68.83
CA CYS A 392 -21.69 23.85 67.49
C CYS A 392 -22.99 24.64 67.45
N LYS A 393 -23.93 24.33 68.36
CA LYS A 393 -25.11 25.18 68.43
C LYS A 393 -24.79 26.52 69.07
N GLN A 394 -23.81 26.55 69.98
CA GLN A 394 -23.33 27.84 70.43
C GLN A 394 -22.70 28.62 69.28
N PHE A 396 -22.85 28.45 66.12
CA PHE A 396 -23.66 28.94 65.01
C PHE A 396 -24.78 29.88 65.45
N LEU A 397 -25.55 29.55 66.51
CA LEU A 397 -26.64 30.44 66.90
C LEU A 397 -26.11 31.78 67.37
N THR A 398 -24.94 31.78 67.99
CA THR A 398 -24.26 33.01 68.34
C THR A 398 -23.78 33.78 67.12
N GLN A 399 -23.81 33.19 65.92
CA GLN A 399 -23.55 33.97 64.70
C GLN A 399 -24.56 35.10 64.55
N THR A 400 -25.49 35.19 65.51
CA THR A 400 -26.16 36.42 65.90
C THR A 400 -25.21 37.40 66.60
N ASP A 401 -23.90 37.11 66.53
CA ASP A 401 -22.84 38.08 66.73
C ASP A 401 -22.17 38.37 65.39
N THR A 402 -21.57 39.55 65.28
CA THR A 402 -20.90 39.97 64.04
C THR A 402 -19.55 39.30 63.86
N GLY A 403 -19.28 38.25 64.62
CA GLY A 403 -18.03 37.55 64.41
C GLY A 403 -18.03 37.00 63.00
N ASP A 404 -17.19 37.54 62.13
CA ASP A 404 -17.05 37.00 60.78
C ASP A 404 -16.43 35.61 60.86
N ASP A 405 -16.84 34.83 61.88
CA ASP A 405 -16.50 33.44 62.09
C ASP A 405 -16.53 32.70 60.77
N ARG A 406 -15.53 32.97 59.92
CA ARG A 406 -15.59 32.69 58.49
C ARG A 406 -16.32 31.40 58.21
N VAL A 407 -17.35 31.48 57.37
CA VAL A 407 -18.22 30.35 57.16
C VAL A 407 -17.46 29.21 56.49
N TYR A 408 -16.13 29.38 56.32
CA TYR A 408 -15.24 28.23 56.12
C TYR A 408 -14.83 27.59 57.45
N GLN A 409 -15.01 28.31 58.56
CA GLN A 409 -14.76 27.73 59.88
C GLN A 409 -15.83 26.71 60.28
N PRO A 411 -17.55 24.66 58.67
CA PRO A 411 -17.48 23.31 58.08
C PRO A 411 -16.14 22.62 58.22
N SER A 412 -15.14 23.30 58.79
CA SER A 412 -14.16 22.58 59.61
C SER A 412 -14.86 21.96 60.80
N PHE A 413 -15.56 22.81 61.56
CA PHE A 413 -16.40 22.34 62.66
C PHE A 413 -17.43 21.36 62.17
N LEU A 414 -17.98 21.54 60.97
CA LEU A 414 -19.04 20.66 60.51
C LEU A 414 -18.48 19.37 59.95
N GLN A 415 -17.43 19.44 59.14
CA GLN A 415 -16.67 18.24 58.77
C GLN A 415 -16.52 17.33 59.98
N SER A 416 -15.86 17.90 60.98
CA SER A 416 -15.71 17.22 62.26
C SER A 416 -17.06 16.83 62.86
N VAL A 417 -18.07 17.68 62.69
CA VAL A 417 -19.40 17.35 63.17
C VAL A 417 -19.94 16.14 62.43
N ALA A 418 -19.50 15.98 61.19
CA ALA A 418 -20.01 14.92 60.34
C ALA A 418 -19.54 13.56 60.83
N SER A 419 -18.24 13.38 61.02
CA SER A 419 -17.85 12.06 61.55
C SER A 419 -18.18 11.93 63.03
N VAL A 420 -18.22 13.05 63.74
CA VAL A 420 -18.83 13.09 65.07
C VAL A 420 -20.24 12.49 65.03
N LEU A 421 -21.04 12.92 64.04
CA LEU A 421 -22.38 12.44 63.73
C LEU A 421 -22.38 11.11 63.01
N LEU A 422 -21.19 10.51 62.75
CA LEU A 422 -21.16 9.28 61.94
C LEU A 422 -21.64 8.13 62.66
N TYR A 423 -22.20 8.45 63.82
CA TYR A 423 -22.66 7.46 64.77
C TYR A 423 -23.78 8.10 65.54
N LEU A 424 -24.85 7.33 65.74
CA LEU A 424 -26.04 7.72 66.49
C LEU A 424 -26.79 6.43 66.83
N ASP A 425 -27.53 6.45 67.96
CA ASP A 425 -28.42 5.36 68.30
C ASP A 425 -29.28 5.63 69.54
N THR A 426 -30.06 6.71 69.53
CA THR A 426 -30.92 7.03 70.66
C THR A 426 -32.25 7.63 70.21
N VAL A 427 -32.21 8.86 69.70
CA VAL A 427 -33.35 9.69 69.29
C VAL A 427 -34.05 10.20 70.55
N PRO A 428 -33.54 11.28 71.18
CA PRO A 428 -34.16 11.79 72.41
C PRO A 428 -34.78 13.17 72.27
N GLU A 429 -35.65 13.36 71.26
CA GLU A 429 -36.08 14.69 70.87
C GLU A 429 -34.84 15.57 70.80
N VAL A 430 -34.79 16.62 71.62
CA VAL A 430 -33.67 17.54 71.81
C VAL A 430 -32.49 17.45 70.84
N TYR A 431 -32.17 16.25 70.39
CA TYR A 431 -31.15 16.13 69.33
C TYR A 431 -31.76 16.45 67.98
N THR A 432 -33.04 16.09 67.75
CA THR A 432 -33.77 16.40 66.52
C THR A 432 -33.64 17.89 66.20
N PRO A 433 -34.21 18.81 67.02
CA PRO A 433 -34.10 20.22 66.66
C PRO A 433 -32.68 20.72 66.42
N VAL A 434 -31.74 20.35 67.29
CA VAL A 434 -30.40 20.90 67.20
C VAL A 434 -29.70 20.44 65.92
N LEU A 435 -29.60 19.12 65.72
CA LEU A 435 -28.94 18.63 64.51
C LEU A 435 -29.59 19.25 63.29
N GLU A 436 -30.92 19.38 63.34
CA GLU A 436 -31.69 19.91 62.21
C GLU A 436 -31.20 21.30 61.81
N HIS A 437 -31.19 22.22 62.76
CA HIS A 437 -30.71 23.56 62.43
C HIS A 437 -29.26 23.54 61.97
N LEU A 438 -28.41 22.68 62.55
CA LEU A 438 -27.01 22.69 62.11
C LEU A 438 -26.92 22.30 60.65
N VAL A 439 -27.75 21.33 60.24
CA VAL A 439 -27.87 20.99 58.83
C VAL A 439 -28.13 22.27 58.05
N VAL A 440 -29.24 22.94 58.39
CA VAL A 440 -29.69 24.06 57.58
C VAL A 440 -28.64 25.17 57.51
N GLN A 442 -25.30 24.80 57.59
CA GLN A 442 -24.34 24.45 56.55
C GLN A 442 -24.95 24.58 55.16
N ILE A 443 -26.16 24.08 54.97
CA ILE A 443 -26.83 24.20 53.69
C ILE A 443 -27.03 25.65 53.30
N ASP A 444 -26.83 26.59 54.24
CA ASP A 444 -26.92 28.02 53.97
C ASP A 444 -25.56 28.69 53.90
N SER A 445 -24.50 28.00 54.30
CA SER A 445 -23.14 28.51 54.30
C SER A 445 -22.42 28.23 53.01
N PHE A 446 -23.10 27.63 52.06
CA PHE A 446 -22.59 27.04 50.84
C PHE A 446 -22.36 28.02 49.69
N PRO A 447 -22.94 29.24 49.67
CA PRO A 447 -22.55 30.15 48.59
C PRO A 447 -21.21 30.77 48.88
N GLN A 448 -21.11 31.31 50.09
CA GLN A 448 -19.94 32.01 50.59
C GLN A 448 -18.86 31.00 50.92
N TYR A 449 -17.87 30.89 50.03
CA TYR A 449 -16.69 30.05 50.18
C TYR A 449 -15.65 30.54 49.19
N SER A 450 -14.52 29.93 49.22
CA SER A 450 -13.75 29.86 48.01
C SER A 450 -14.22 28.65 47.21
N PRO A 451 -13.90 28.57 45.91
CA PRO A 451 -14.32 27.38 45.15
C PRO A 451 -13.79 26.08 45.73
N LYS A 452 -12.55 26.09 46.21
CA LYS A 452 -11.92 24.95 46.85
C LYS A 452 -12.73 24.51 48.07
N GLN A 454 -15.47 25.43 48.82
CA GLN A 454 -16.81 25.15 48.32
C GLN A 454 -16.99 23.66 48.07
N LEU A 455 -16.05 23.04 47.36
CA LEU A 455 -16.08 21.58 47.28
C LEU A 455 -15.92 20.91 48.65
N VAL A 456 -15.14 21.50 49.56
CA VAL A 456 -15.01 20.89 50.89
C VAL A 456 -16.38 20.71 51.53
N CYS A 457 -17.20 21.75 51.49
CA CYS A 457 -18.49 21.77 52.19
C CYS A 457 -19.57 21.04 51.43
N CYS A 458 -19.48 21.07 50.12
CA CYS A 458 -20.18 20.12 49.27
C CYS A 458 -20.01 18.72 49.89
N ARG A 459 -18.74 18.31 50.05
CA ARG A 459 -18.40 17.04 50.68
C ARG A 459 -18.97 16.91 52.08
N ALA A 460 -18.96 18.00 52.83
CA ALA A 460 -19.56 17.99 54.16
C ALA A 460 -21.01 17.55 54.08
N ILE A 461 -21.81 18.29 53.32
CA ILE A 461 -23.25 18.06 53.29
C ILE A 461 -23.58 16.66 52.79
N VAL A 462 -22.82 16.15 51.81
CA VAL A 462 -23.11 14.77 51.42
C VAL A 462 -22.82 13.83 52.59
N LYS A 463 -21.80 14.14 53.38
CA LYS A 463 -21.54 13.28 54.53
C LYS A 463 -22.67 13.36 55.57
N VAL A 464 -22.86 14.54 56.16
CA VAL A 464 -23.78 14.66 57.28
C VAL A 464 -25.18 14.19 56.88
N PHE A 465 -25.57 14.46 55.64
CA PHE A 465 -26.81 13.86 55.16
C PHE A 465 -26.72 12.34 55.17
N LEU A 466 -25.59 11.77 54.69
CA LEU A 466 -25.48 10.31 54.68
C LEU A 466 -25.87 9.74 56.03
N ALA A 467 -25.29 10.30 57.11
CA ALA A 467 -25.60 9.81 58.45
C ALA A 467 -27.09 9.95 58.76
N LEU A 468 -27.65 11.14 58.54
CA LEU A 468 -29.07 11.33 58.86
C LEU A 468 -29.98 10.38 58.10
N ALA A 469 -29.63 10.05 56.85
CA ALA A 469 -30.43 9.08 56.11
C ALA A 469 -30.33 7.71 56.75
N ALA A 470 -29.11 7.32 57.12
CA ALA A 470 -28.98 6.03 57.78
C ALA A 470 -29.88 5.91 59.00
N LYS A 471 -30.18 7.03 59.65
CA LYS A 471 -30.79 7.01 60.98
C LYS A 471 -32.30 7.17 60.93
N GLY A 472 -32.78 8.38 61.22
CA GLY A 472 -34.17 8.63 61.57
C GLY A 472 -35.02 8.91 60.36
N PRO A 473 -36.16 8.22 60.27
CA PRO A 473 -36.85 8.07 58.98
C PRO A 473 -37.93 9.10 58.66
N VAL A 474 -38.04 10.21 59.38
CA VAL A 474 -39.07 11.19 59.06
C VAL A 474 -38.44 12.56 58.95
N LEU A 475 -37.48 12.81 59.86
CA LEU A 475 -36.83 14.10 60.01
C LEU A 475 -36.27 14.66 58.70
N ARG A 476 -35.35 13.90 58.09
CA ARG A 476 -34.64 14.27 56.87
C ARG A 476 -35.56 14.96 55.86
N ASN A 477 -36.81 14.52 55.78
CA ASN A 477 -37.80 15.13 54.88
C ASN A 477 -38.03 16.60 55.23
N CYS A 478 -38.36 16.88 56.51
CA CYS A 478 -38.53 18.25 56.96
C CYS A 478 -37.25 19.05 56.78
N ILE A 479 -36.12 18.35 56.84
CA ILE A 479 -34.86 18.99 56.51
C ILE A 479 -34.99 19.54 55.11
N SER A 480 -35.11 18.65 54.13
CA SER A 480 -35.15 19.06 52.72
C SER A 480 -36.14 20.20 52.45
N THR A 481 -37.39 20.09 52.96
CA THR A 481 -38.33 21.20 52.76
C THR A 481 -37.78 22.52 53.28
N VAL A 482 -37.59 22.69 54.60
CA VAL A 482 -37.25 24.03 55.08
C VAL A 482 -35.96 24.51 54.41
N VAL A 483 -34.98 23.62 54.26
CA VAL A 483 -33.70 24.01 53.66
C VAL A 483 -33.92 24.46 52.22
N HIS A 484 -34.94 23.95 51.57
CA HIS A 484 -35.20 24.42 50.22
C HIS A 484 -35.87 25.79 50.27
N GLN A 485 -36.80 25.95 51.21
CA GLN A 485 -37.45 27.24 51.45
C GLN A 485 -36.43 28.36 51.62
N GLY A 486 -35.50 28.19 52.56
CA GLY A 486 -34.49 29.21 52.78
C GLY A 486 -33.77 29.61 51.51
N LEU A 487 -33.33 28.62 50.74
CA LEU A 487 -32.67 28.89 49.47
C LEU A 487 -33.55 29.74 48.56
N ILE A 488 -34.77 29.26 48.31
CA ILE A 488 -35.57 29.85 47.25
C ILE A 488 -36.11 31.20 47.67
N ARG A 489 -36.30 31.42 48.97
CA ARG A 489 -36.72 32.74 49.40
C ARG A 489 -35.54 33.70 49.40
N ILE A 490 -34.38 33.26 49.89
CA ILE A 490 -33.20 34.12 49.83
C ILE A 490 -32.85 34.48 48.40
N CYS A 491 -33.45 33.77 47.41
CA CYS A 491 -33.23 34.01 46.00
C CYS A 491 -33.08 35.49 45.69
N SER A 492 -34.03 36.28 46.13
CA SER A 492 -34.04 37.72 45.99
C SER A 492 -32.65 38.35 46.09
N LYS A 493 -32.24 39.20 45.14
CA LYS A 493 -32.97 39.63 43.94
C LYS A 493 -32.94 38.60 42.76
N PRO A 494 -33.55 38.90 41.60
CA PRO A 494 -33.43 37.97 40.47
C PRO A 494 -32.13 38.13 39.69
N VAL A 495 -31.51 36.99 39.39
CA VAL A 495 -30.23 36.95 38.68
C VAL A 495 -30.48 36.78 37.18
N VAL A 496 -31.57 37.39 36.68
CA VAL A 496 -31.89 37.30 35.25
C VAL A 496 -32.24 38.68 34.70
N LEU A 497 -31.42 39.67 34.97
CA LEU A 497 -31.71 41.02 34.47
C LEU A 497 -30.82 41.37 33.27
N SER A 503 -32.44 36.87 25.26
CA SER A 503 -32.49 37.69 26.46
C SER A 503 -33.82 38.46 26.57
N GLU A 504 -34.20 39.17 25.49
CA GLU A 504 -35.45 39.91 25.49
C GLU A 504 -36.63 39.02 25.92
N SER A 505 -36.88 37.93 25.18
CA SER A 505 -38.06 37.09 25.43
C SER A 505 -38.04 36.48 26.84
N GLU A 506 -36.87 36.05 27.33
CA GLU A 506 -36.78 35.41 28.64
C GLU A 506 -37.01 36.42 29.76
N ASP A 507 -36.32 37.57 29.70
CA ASP A 507 -36.61 38.68 30.61
C ASP A 507 -38.08 39.05 30.53
N HIS A 508 -38.69 38.86 29.37
CA HIS A 508 -40.10 39.18 29.20
C HIS A 508 -40.99 38.22 29.98
N ARG A 509 -40.77 36.91 29.83
CA ARG A 509 -41.57 35.99 30.64
C ARG A 509 -41.36 36.24 32.12
N ALA A 510 -40.11 36.32 32.56
CA ALA A 510 -39.87 36.52 33.98
C ALA A 510 -40.54 37.80 34.47
N SER A 511 -40.65 38.81 33.60
CA SER A 511 -41.43 40.00 33.95
C SER A 511 -42.92 39.70 33.97
N GLY A 512 -43.40 39.01 32.94
CA GLY A 512 -44.80 38.61 32.89
C GLY A 512 -45.25 37.90 34.14
N GLU A 513 -44.36 37.12 34.73
CA GLU A 513 -44.57 36.71 36.11
C GLU A 513 -44.72 37.92 37.01
N VAL A 514 -43.62 38.61 37.29
CA VAL A 514 -43.61 39.41 38.50
C VAL A 514 -42.95 40.79 38.36
N ARG A 515 -42.00 40.95 37.46
CA ARG A 515 -41.15 42.15 37.43
C ARG A 515 -40.46 42.43 38.78
N THR A 516 -39.66 43.50 38.86
CA THR A 516 -38.98 43.77 40.10
C THR A 516 -39.90 44.38 41.15
N LYS A 525 -25.32 36.69 47.48
CA LYS A 525 -25.63 35.28 47.26
C LYS A 525 -26.52 35.13 46.05
N ASP A 526 -25.98 34.62 44.94
CA ASP A 526 -26.80 34.52 43.74
C ASP A 526 -27.74 33.36 43.86
N TYR A 527 -28.88 33.51 43.22
CA TYR A 527 -29.79 32.40 43.05
C TYR A 527 -29.08 31.22 42.42
N VAL A 528 -28.31 31.49 41.36
CA VAL A 528 -27.63 30.44 40.60
C VAL A 528 -26.74 29.57 41.49
N ASP A 529 -25.95 30.21 42.37
CA ASP A 529 -24.79 29.54 42.96
C ASP A 529 -25.18 28.24 43.64
N LEU A 530 -26.21 28.33 44.48
CA LEU A 530 -26.58 27.28 45.38
C LEU A 530 -26.83 25.96 44.67
N PHE A 531 -27.15 26.01 43.39
CA PHE A 531 -27.55 24.78 42.73
C PHE A 531 -26.37 23.86 42.49
N ARG A 532 -25.19 24.43 42.23
CA ARG A 532 -23.98 23.60 42.19
C ARG A 532 -23.95 22.65 43.38
N HIS A 533 -24.19 23.18 44.58
CA HIS A 533 -24.18 22.34 45.78
C HIS A 533 -25.26 21.27 45.72
N LEU A 534 -26.51 21.67 45.45
CA LEU A 534 -27.61 20.71 45.40
C LEU A 534 -27.41 19.69 44.30
N LEU A 535 -27.26 20.16 43.07
CA LEU A 535 -26.97 19.26 41.97
C LEU A 535 -25.82 18.34 42.33
N SER A 536 -24.63 18.92 42.55
CA SER A 536 -23.45 18.12 42.88
C SER A 536 -23.65 17.23 44.09
N SER A 537 -24.60 17.54 44.99
CA SER A 537 -24.80 16.65 46.13
C SER A 537 -25.50 15.39 45.69
N ASP A 538 -26.53 15.55 44.88
CA ASP A 538 -27.32 14.40 44.49
C ASP A 538 -26.56 13.52 43.51
N GLN A 539 -25.69 14.09 42.70
CA GLN A 539 -24.85 13.29 41.81
C GLN A 539 -23.37 13.41 42.16
N ASP A 542 -21.58 8.26 44.12
CA ASP A 542 -22.84 7.66 43.70
C ASP A 542 -23.47 6.87 44.84
N SER A 543 -24.59 6.20 44.52
CA SER A 543 -25.36 5.36 45.44
C SER A 543 -25.88 6.12 46.66
N ILE A 544 -26.90 5.57 47.33
CA ILE A 544 -27.49 6.17 48.54
C ILE A 544 -28.08 7.53 48.17
N LEU A 545 -27.52 8.12 47.11
CA LEU A 545 -28.08 9.25 46.39
C LEU A 545 -29.49 8.96 45.95
N ALA A 546 -29.87 7.69 45.92
CA ALA A 546 -31.19 7.21 45.53
C ALA A 546 -32.31 7.86 46.33
N ASP A 547 -32.80 7.14 47.33
CA ASP A 547 -33.90 7.56 48.19
C ASP A 547 -33.69 9.01 48.59
N GLU A 548 -32.43 9.37 48.80
CA GLU A 548 -31.97 10.73 49.05
C GLU A 548 -32.54 11.71 48.05
N ALA A 549 -32.10 11.55 46.80
CA ALA A 549 -32.50 12.44 45.72
C ALA A 549 -34.00 12.41 45.47
N PHE A 550 -34.65 11.27 45.72
CA PHE A 550 -36.10 11.20 45.53
C PHE A 550 -36.83 12.07 46.53
N PHE A 551 -36.59 11.82 47.83
CA PHE A 551 -37.13 12.68 48.88
C PHE A 551 -36.87 14.12 48.54
N SER A 552 -35.62 14.40 48.19
CA SER A 552 -35.18 15.75 47.87
C SER A 552 -36.11 16.39 46.85
N VAL A 553 -36.28 15.70 45.73
CA VAL A 553 -37.19 16.14 44.69
C VAL A 553 -38.57 16.43 45.26
N ASN A 554 -39.31 15.38 45.61
CA ASN A 554 -40.74 15.56 45.91
C ASN A 554 -40.95 16.55 47.05
N SER A 555 -40.12 16.47 48.09
CA SER A 555 -40.18 17.43 49.18
C SER A 555 -40.10 18.87 48.64
N SER A 556 -39.02 19.15 47.88
CA SER A 556 -38.88 20.45 47.21
C SER A 556 -40.18 20.84 46.52
N SER A 557 -40.76 19.89 45.81
CA SER A 557 -42.02 20.14 45.11
C SER A 557 -43.13 20.54 46.08
N GLU A 558 -43.69 19.59 46.83
CA GLU A 558 -44.90 19.84 47.62
C GLU A 558 -44.79 21.17 48.35
N SER A 559 -43.59 21.44 48.86
CA SER A 559 -43.37 22.75 49.46
C SER A 559 -43.63 23.88 48.46
N LEU A 560 -42.96 23.85 47.29
CA LEU A 560 -43.23 24.94 46.34
C LEU A 560 -44.71 25.00 45.97
N ASN A 561 -45.32 23.81 45.81
CA ASN A 561 -46.74 23.68 45.46
C ASN A 561 -47.56 24.57 46.38
N HIS A 562 -47.32 24.48 47.68
CA HIS A 562 -48.00 25.41 48.56
C HIS A 562 -47.35 26.78 48.58
N LEU A 563 -46.13 26.94 48.05
CA LEU A 563 -45.46 28.23 48.10
C LEU A 563 -46.17 29.29 47.28
N LEU A 564 -46.14 29.13 45.96
CA LEU A 564 -46.86 30.11 45.15
C LEU A 564 -48.34 30.12 45.55
N TYR A 565 -48.87 28.94 45.90
CA TYR A 565 -50.20 28.79 46.50
C TYR A 565 -50.42 29.69 47.69
N ASP A 566 -49.35 30.24 48.28
CA ASP A 566 -49.56 31.25 49.30
C ASP A 566 -50.19 32.47 48.68
N GLU A 567 -49.36 33.45 48.35
CA GLU A 567 -49.88 34.74 47.97
C GLU A 567 -49.86 34.98 46.47
N PHE A 568 -48.86 34.43 45.76
CA PHE A 568 -48.73 34.65 44.32
C PHE A 568 -50.05 34.45 43.58
N VAL A 569 -50.62 33.26 43.75
CA VAL A 569 -51.90 32.84 43.23
C VAL A 569 -52.90 33.98 43.35
N LYS A 570 -53.10 34.47 44.57
CA LYS A 570 -53.90 35.66 44.76
C LYS A 570 -53.28 36.85 44.05
N SER A 571 -51.95 36.97 44.11
CA SER A 571 -51.29 38.23 43.76
C SER A 571 -51.64 38.70 42.35
N VAL A 572 -51.79 37.77 41.41
CA VAL A 572 -52.04 38.19 40.03
C VAL A 572 -53.41 38.89 39.98
N LEU A 573 -54.48 38.11 40.15
CA LEU A 573 -55.85 38.62 40.11
C LEU A 573 -56.12 39.68 41.16
N LYS A 574 -55.21 39.85 42.12
CA LYS A 574 -55.30 40.91 43.13
C LYS A 574 -54.76 42.22 42.57
N ILE A 575 -53.44 42.34 42.40
CA ILE A 575 -52.92 43.66 42.06
C ILE A 575 -53.42 44.09 40.69
N VAL A 576 -53.71 43.13 39.81
CA VAL A 576 -54.28 43.45 38.52
C VAL A 576 -55.58 44.22 38.68
N GLU A 577 -56.24 44.08 39.83
CA GLU A 577 -57.34 44.93 40.24
C GLU A 577 -57.00 45.84 41.42
N LYS A 578 -55.74 45.87 41.91
CA LYS A 578 -55.30 46.78 42.98
C LYS A 578 -54.49 47.97 42.48
N LEU A 579 -53.22 47.74 42.06
CA LEU A 579 -52.42 48.84 41.52
C LEU A 579 -53.13 49.52 40.37
N ASP A 580 -53.90 48.76 39.60
CA ASP A 580 -54.78 49.36 38.59
C ASP A 580 -55.77 50.31 39.23
N LEU A 581 -56.26 50.00 40.44
CA LEU A 581 -57.14 50.92 41.15
C LEU A 581 -56.41 52.19 41.57
N THR A 582 -55.18 52.07 42.07
CA THR A 582 -54.41 53.27 42.38
C THR A 582 -54.13 54.08 41.11
N LEU A 583 -53.95 53.40 39.97
CA LEU A 583 -53.97 54.08 38.67
C LEU A 583 -55.37 54.57 38.35
N GLU A 584 -56.40 53.83 38.80
CA GLU A 584 -57.77 54.12 38.42
C GLU A 584 -58.27 55.45 38.97
N ILE A 585 -58.78 56.27 38.07
CA ILE A 585 -59.45 57.53 38.36
C ILE A 585 -60.71 57.57 37.49
N GLN A 586 -61.43 58.69 37.53
CA GLN A 586 -62.69 58.77 36.80
C GLN A 586 -62.49 58.61 35.29
N THR A 587 -61.43 59.18 34.75
CA THR A 587 -61.19 59.14 33.31
C THR A 587 -60.47 57.88 32.86
N VAL A 588 -59.54 57.36 33.69
CA VAL A 588 -58.71 56.24 33.28
C VAL A 588 -59.41 54.89 33.46
N GLY A 589 -60.39 54.80 34.38
CA GLY A 589 -61.08 53.54 34.60
C GLY A 589 -61.66 52.92 33.35
N GLU A 590 -62.09 53.75 32.40
CA GLU A 590 -62.64 53.24 31.15
C GLU A 590 -61.56 52.55 30.34
N GLN A 591 -60.49 53.28 30.03
CA GLN A 591 -59.36 52.69 29.31
C GLN A 591 -58.92 51.39 29.97
N GLU A 592 -58.87 51.38 31.30
CA GLU A 592 -58.49 50.17 32.04
C GLU A 592 -59.46 49.03 31.78
N ASN A 593 -60.75 49.34 31.67
CA ASN A 593 -61.73 48.32 31.28
C ASN A 593 -61.42 47.80 29.89
N GLY A 594 -61.11 48.71 28.96
CA GLY A 594 -60.68 48.29 27.64
C GLY A 594 -59.52 47.32 27.68
N ASP A 595 -58.53 47.63 28.53
CA ASP A 595 -57.33 46.80 28.63
C ASP A 595 -57.61 45.49 29.34
N GLU A 596 -58.63 45.42 30.20
CA GLU A 596 -58.88 44.13 30.85
C GLU A 596 -59.27 43.08 29.80
N ALA A 597 -59.52 43.50 28.55
CA ALA A 597 -59.92 42.61 27.48
C ALA A 597 -58.72 41.99 26.75
N PRO A 598 -57.66 42.76 26.37
CA PRO A 598 -56.45 42.11 25.81
C PRO A 598 -55.84 41.02 26.68
N GLY A 599 -55.23 41.49 27.76
CA GLY A 599 -54.63 40.68 28.81
C GLY A 599 -54.45 41.65 29.96
N VAL A 600 -54.20 41.10 31.13
CA VAL A 600 -54.22 41.91 32.35
C VAL A 600 -53.13 43.00 32.38
N TRP A 601 -53.06 43.76 33.48
CA TRP A 601 -52.14 44.86 33.72
C TRP A 601 -50.68 44.43 33.76
N ILE A 603 -49.02 43.49 36.62
CA ILE A 603 -48.28 43.70 37.86
C ILE A 603 -48.68 42.55 38.78
N PRO A 604 -47.86 42.24 39.83
CA PRO A 604 -48.30 41.27 40.83
C PRO A 604 -48.38 41.88 42.23
N THR A 605 -49.22 41.31 43.11
CA THR A 605 -49.43 41.91 44.43
C THR A 605 -48.34 41.49 45.41
N SER A 606 -48.09 40.19 45.45
CA SER A 606 -47.44 39.52 46.57
C SER A 606 -46.01 39.11 46.20
N ASP A 607 -45.16 40.10 46.04
CA ASP A 607 -43.78 39.95 45.66
C ASP A 607 -42.98 38.97 46.53
N PRO A 608 -43.46 38.53 47.71
CA PRO A 608 -42.79 37.37 48.33
C PRO A 608 -42.96 36.06 47.54
N ALA A 609 -44.13 35.40 47.59
CA ALA A 609 -44.32 34.19 46.79
C ALA A 609 -43.96 34.49 45.36
N ALA A 610 -44.28 35.69 44.93
CA ALA A 610 -43.95 36.15 43.61
C ALA A 610 -42.46 36.38 43.41
N ASN A 611 -41.66 36.40 44.46
CA ASN A 611 -40.21 36.51 44.28
C ASN A 611 -39.49 35.18 44.33
N LEU A 612 -39.87 34.36 45.30
CA LEU A 612 -39.15 33.11 45.44
C LEU A 612 -39.65 32.09 44.42
N HIS A 613 -40.94 32.07 44.15
CA HIS A 613 -41.39 30.99 43.28
C HIS A 613 -40.86 31.16 41.86
N PRO A 614 -40.65 32.39 41.31
CA PRO A 614 -39.98 32.47 40.01
C PRO A 614 -38.73 31.63 40.03
N ALA A 615 -37.89 31.96 41.02
CA ALA A 615 -36.75 31.14 41.34
C ALA A 615 -37.12 29.66 41.30
N LYS A 616 -38.18 29.27 41.98
CA LYS A 616 -38.43 27.85 42.21
C LYS A 616 -38.51 27.09 40.88
N PRO A 617 -39.50 27.32 40.02
CA PRO A 617 -39.33 26.92 38.64
C PRO A 617 -37.94 27.21 38.05
N LYS A 618 -37.57 28.49 38.02
CA LYS A 618 -36.45 28.93 37.19
C LYS A 618 -35.19 28.08 37.32
N ASP A 619 -34.68 27.87 38.54
CA ASP A 619 -33.69 26.80 38.68
C ASP A 619 -34.31 25.47 38.38
N PHE A 620 -35.51 25.22 38.92
CA PHE A 620 -36.04 23.87 39.05
C PHE A 620 -35.84 23.14 37.73
N SER A 621 -35.76 23.87 36.61
CA SER A 621 -35.21 23.25 35.41
C SER A 621 -33.77 22.76 35.65
N ALA A 622 -32.86 23.71 35.95
CA ALA A 622 -31.44 23.41 36.18
C ALA A 622 -31.18 22.45 37.34
N PHE A 623 -32.19 22.17 38.16
CA PHE A 623 -32.13 21.13 39.19
C PHE A 623 -32.57 19.79 38.59
N ILE A 624 -33.81 19.73 38.08
CA ILE A 624 -34.39 18.47 37.62
C ILE A 624 -33.82 17.92 36.32
N ASN A 625 -33.08 18.72 35.56
CA ASN A 625 -32.61 18.27 34.25
C ASN A 625 -31.46 17.28 34.38
N LEU A 626 -30.54 17.53 35.33
CA LEU A 626 -29.33 16.74 35.48
C LEU A 626 -29.40 15.70 36.60
N VAL A 627 -30.46 15.69 37.42
CA VAL A 627 -30.54 14.70 38.49
C VAL A 627 -31.34 13.50 37.99
N GLU A 628 -32.06 12.79 38.88
CA GLU A 628 -32.51 11.42 38.67
C GLU A 628 -33.35 11.25 37.41
N PHE A 629 -32.70 10.80 36.35
CA PHE A 629 -33.28 10.74 35.01
C PHE A 629 -33.02 9.39 34.38
N CYS A 630 -33.38 8.29 35.04
CA CYS A 630 -33.16 6.99 34.45
C CYS A 630 -34.50 6.37 34.09
N ARG A 631 -34.47 5.40 33.17
CA ARG A 631 -35.68 4.86 32.55
C ARG A 631 -36.61 4.19 33.54
N GLU A 632 -36.24 4.19 34.83
CA GLU A 632 -37.02 3.72 35.96
C GLU A 632 -37.71 4.87 36.68
N ILE A 633 -37.03 6.00 36.80
CA ILE A 633 -37.63 7.19 37.40
C ILE A 633 -38.56 7.88 36.41
N LEU A 634 -38.39 7.64 35.11
CA LEU A 634 -39.13 8.41 34.13
C LEU A 634 -40.30 7.64 33.54
N PRO A 635 -41.05 6.86 34.34
CA PRO A 635 -42.50 6.74 34.13
C PRO A 635 -43.25 7.32 35.32
N GLU A 636 -42.73 7.05 36.52
CA GLU A 636 -43.29 7.61 37.75
C GLU A 636 -43.22 9.13 37.74
N LYS A 637 -42.12 9.68 37.23
CA LYS A 637 -41.99 11.13 37.02
C LYS A 637 -43.20 11.70 36.28
N GLN A 638 -43.54 11.15 35.12
CA GLN A 638 -44.65 11.68 34.32
C GLN A 638 -45.99 11.47 35.04
N ALA A 639 -46.37 10.19 35.19
CA ALA A 639 -47.64 9.83 35.82
C ALA A 639 -47.96 10.68 37.04
N GLU A 640 -46.97 10.83 37.93
CA GLU A 640 -47.15 11.60 39.15
C GLU A 640 -47.10 13.09 38.86
N PHE A 641 -45.88 13.57 38.60
CA PHE A 641 -45.51 14.97 38.59
C PHE A 641 -46.39 15.80 37.65
N PHE A 642 -46.95 15.16 36.63
CA PHE A 642 -47.81 15.86 35.68
C PHE A 642 -48.99 16.55 36.37
N GLU A 643 -49.85 15.76 37.02
CA GLU A 643 -51.18 16.15 37.48
C GLU A 643 -51.19 17.45 38.29
N PRO A 644 -50.47 17.51 39.40
CA PRO A 644 -50.65 18.65 40.29
C PRO A 644 -50.06 19.93 39.73
N TRP A 645 -49.00 19.82 38.93
CA TRP A 645 -48.45 21.00 38.27
C TRP A 645 -49.44 21.73 37.36
N VAL A 646 -49.87 21.07 36.28
CA VAL A 646 -50.80 21.69 35.34
C VAL A 646 -52.01 22.17 36.10
N TYR A 647 -52.47 21.33 37.02
CA TYR A 647 -53.53 21.71 37.93
C TYR A 647 -53.21 23.11 38.45
N SER A 648 -52.10 23.23 39.19
CA SER A 648 -51.73 24.50 39.82
C SER A 648 -51.49 25.61 38.80
N PHE A 649 -51.34 25.30 37.51
CA PHE A 649 -51.33 26.34 36.50
C PHE A 649 -52.73 26.87 36.21
N SER A 650 -53.78 26.05 36.42
CA SER A 650 -55.16 26.50 36.13
C SER A 650 -55.53 27.86 36.72
N TYR A 651 -54.57 28.57 37.32
CA TYR A 651 -54.70 29.97 37.66
C TYR A 651 -53.93 30.90 36.71
N GLU A 652 -53.26 30.34 35.69
CA GLU A 652 -52.65 31.11 34.60
C GLU A 652 -51.39 31.88 34.92
N LEU A 653 -50.27 31.33 34.46
CA LEU A 653 -48.93 31.88 34.68
C LEU A 653 -47.90 31.14 33.85
N ILE A 654 -47.18 31.93 33.05
CA ILE A 654 -46.28 31.48 32.01
C ILE A 654 -45.27 30.50 32.60
N LEU A 655 -44.28 31.04 33.31
CA LEU A 655 -43.17 30.23 33.81
C LEU A 655 -43.66 29.02 34.59
N GLN A 656 -44.79 29.17 35.30
CA GLN A 656 -45.45 28.00 35.89
C GLN A 656 -45.63 26.95 34.83
N SER A 657 -46.13 27.35 33.66
CA SER A 657 -46.19 26.34 32.62
C SER A 657 -44.79 25.98 32.14
N THR A 658 -43.83 26.91 32.19
CA THR A 658 -42.51 26.66 31.59
C THR A 658 -41.82 25.48 32.23
N ARG A 659 -42.09 25.21 33.51
CA ARG A 659 -41.51 23.99 34.06
C ARG A 659 -42.21 22.72 33.63
N LEU A 660 -43.30 22.79 32.94
CA LEU A 660 -43.99 21.52 32.72
C LEU A 660 -43.43 20.81 31.49
N PRO A 661 -43.17 21.51 30.39
CA PRO A 661 -42.76 20.79 29.18
C PRO A 661 -41.28 20.45 29.23
N LEU A 662 -40.49 21.33 29.83
CA LEU A 662 -39.09 21.01 30.10
C LEU A 662 -38.99 19.63 30.74
N ILE A 663 -39.72 19.41 31.83
CA ILE A 663 -39.71 18.11 32.46
C ILE A 663 -40.32 17.05 31.54
N SER A 664 -41.44 17.38 30.90
CA SER A 664 -42.23 16.34 30.25
C SER A 664 -41.51 15.78 29.03
N GLY A 665 -40.91 16.64 28.23
CA GLY A 665 -40.13 16.19 27.09
C GLY A 665 -38.73 15.77 27.44
N PHE A 666 -38.22 16.19 28.59
CA PHE A 666 -36.91 15.71 28.99
C PHE A 666 -36.98 14.26 29.48
N TYR A 667 -38.07 13.88 30.15
CA TYR A 667 -38.32 12.46 30.38
C TYR A 667 -38.19 11.62 29.12
N LYS A 668 -37.11 10.85 29.02
CA LYS A 668 -36.85 10.02 27.84
C LYS A 668 -37.92 8.93 27.82
N LEU A 669 -39.14 9.34 27.47
CA LEU A 669 -40.21 8.39 27.18
C LEU A 669 -41.09 9.00 26.09
N LEU A 670 -40.56 9.02 24.87
CA LEU A 670 -41.32 9.29 23.66
C LEU A 670 -41.98 8.04 23.08
N SER A 671 -41.74 6.87 23.67
CA SER A 671 -42.23 5.63 23.09
C SER A 671 -43.28 4.95 23.95
N ILE A 672 -43.04 4.86 25.26
CA ILE A 672 -44.04 4.33 26.17
C ILE A 672 -45.24 5.27 26.28
N THR A 673 -44.99 6.58 26.40
CA THR A 673 -46.09 7.55 26.42
C THR A 673 -46.86 7.57 25.10
N VAL A 674 -46.14 7.58 23.97
CA VAL A 674 -46.79 7.57 22.66
C VAL A 674 -47.59 6.28 22.46
N ARG A 675 -46.92 5.13 22.63
CA ARG A 675 -47.57 3.84 22.50
C ARG A 675 -48.80 3.73 23.39
N ASN A 676 -48.68 4.15 24.64
CA ASN A 676 -49.81 4.15 25.55
C ASN A 676 -50.95 5.00 25.00
N ALA A 677 -50.68 6.25 24.66
CA ALA A 677 -51.72 7.15 24.15
C ALA A 677 -52.45 6.54 22.95
N LYS A 678 -51.69 6.00 21.97
CA LYS A 678 -52.31 5.28 20.87
C LYS A 678 -53.25 4.18 21.39
N LYS A 679 -52.79 3.40 22.37
CA LYS A 679 -53.67 2.36 22.94
C LYS A 679 -54.93 2.98 23.54
N ILE A 680 -54.87 4.20 24.05
CA ILE A 680 -56.10 4.75 24.59
C ILE A 680 -57.04 5.18 23.47
N LYS A 681 -56.52 5.70 22.34
CA LYS A 681 -57.45 6.15 21.29
C LYS A 681 -58.09 4.96 20.55
N TYR A 682 -57.34 3.88 20.30
CA TYR A 682 -57.87 2.80 19.45
C TYR A 682 -58.83 1.86 20.19
N LYS A 700 -53.34 4.22 35.34
CA LYS A 700 -52.22 4.89 34.68
C LYS A 700 -52.69 5.67 33.45
N TYR A 701 -53.88 5.30 32.92
CA TYR A 701 -54.41 6.02 31.78
C TYR A 701 -54.94 7.39 32.19
N SER A 702 -55.37 7.53 33.45
CA SER A 702 -56.00 8.77 33.89
C SER A 702 -55.07 9.96 33.71
N CYS A 703 -53.77 9.75 33.95
CA CYS A 703 -52.79 10.80 33.67
C CYS A 703 -52.92 11.26 32.23
N PHE A 704 -53.01 10.32 31.29
CA PHE A 704 -53.13 10.64 29.87
C PHE A 704 -54.46 11.26 29.52
N ALA A 705 -55.51 10.89 30.24
CA ALA A 705 -56.76 11.63 30.13
C ALA A 705 -56.52 13.11 30.43
N LEU A 706 -55.62 13.40 31.39
CA LEU A 706 -55.20 14.78 31.60
C LEU A 706 -54.38 15.31 30.41
N PHE A 707 -53.44 14.50 29.90
CA PHE A 707 -52.67 14.82 28.70
C PHE A 707 -53.56 15.42 27.62
N VAL A 708 -54.60 14.68 27.24
CA VAL A 708 -55.62 15.22 26.33
C VAL A 708 -56.21 16.50 26.91
N LYS A 709 -56.65 16.44 28.18
CA LYS A 709 -57.49 17.51 28.72
C LYS A 709 -56.89 18.89 28.57
N PHE A 710 -55.57 19.01 28.68
CA PHE A 710 -54.99 20.35 28.76
C PHE A 710 -55.08 21.08 27.43
N GLY A 711 -55.02 20.36 26.31
CA GLY A 711 -55.00 20.93 24.98
C GLY A 711 -55.97 22.08 24.77
N LYS A 712 -57.25 21.86 25.13
CA LYS A 712 -58.29 22.88 24.99
C LYS A 712 -57.85 24.15 25.70
N GLU A 713 -57.94 24.11 27.04
CA GLU A 713 -57.70 25.30 27.85
C GLU A 713 -56.41 25.96 27.42
N VAL A 714 -55.48 25.16 26.91
CA VAL A 714 -54.12 25.52 26.54
C VAL A 714 -54.11 26.42 25.30
N ALA A 715 -54.47 25.86 24.14
CA ALA A 715 -54.53 26.66 22.93
C ALA A 715 -55.35 27.92 23.12
N VAL A 716 -56.50 27.78 23.79
CA VAL A 716 -57.32 28.96 24.07
C VAL A 716 -56.50 30.00 24.80
N LYS A 717 -55.72 29.58 25.82
CA LYS A 717 -54.92 30.54 26.56
C LYS A 717 -53.93 31.25 25.66
N LYS A 719 -54.20 31.95 22.34
CA LYS A 719 -54.84 32.91 21.45
C LYS A 719 -55.41 34.09 22.22
N GLN A 720 -56.29 33.81 23.19
CA GLN A 720 -57.04 34.84 23.90
C GLN A 720 -56.17 35.82 24.68
N TYR A 721 -55.63 35.37 25.81
CA TYR A 721 -55.09 36.26 26.84
C TYR A 721 -53.63 36.65 26.62
N LYS A 722 -52.89 35.88 25.82
CA LYS A 722 -51.43 35.86 25.92
C LYS A 722 -50.84 37.03 25.16
N ASP A 723 -50.25 37.98 25.90
CA ASP A 723 -49.60 39.13 25.29
C ASP A 723 -48.32 38.65 24.62
N GLU A 724 -47.97 39.31 23.51
CA GLU A 724 -46.98 38.80 22.55
C GLU A 724 -45.75 38.20 23.21
N LEU A 725 -45.22 38.87 24.24
CA LEU A 725 -44.03 38.36 24.92
C LEU A 725 -44.40 37.16 25.79
N LEU A 726 -45.48 37.27 26.53
CA LEU A 726 -45.96 36.22 27.40
C LEU A 726 -46.61 35.12 26.59
N ALA A 727 -47.24 35.51 25.49
CA ALA A 727 -47.63 34.55 24.46
C ALA A 727 -46.43 33.70 24.06
N SER A 728 -45.28 34.35 23.77
CA SER A 728 -44.06 33.59 23.48
C SER A 728 -43.79 32.57 24.58
N CYS A 729 -43.78 33.04 25.82
CA CYS A 729 -43.57 32.16 26.94
C CYS A 729 -44.47 30.94 26.89
N LEU A 730 -45.79 31.14 27.09
CA LEU A 730 -46.71 30.01 27.10
C LEU A 730 -46.49 29.12 25.90
N THR A 731 -46.04 29.69 24.79
CA THR A 731 -45.98 28.92 23.55
C THR A 731 -44.79 27.99 23.50
N PHE A 732 -43.65 28.33 24.11
CA PHE A 732 -42.61 27.30 24.27
C PHE A 732 -43.25 26.04 24.85
N LEU A 733 -44.13 26.28 25.80
CA LEU A 733 -44.60 25.31 26.76
C LEU A 733 -45.80 24.55 26.26
N LEU A 734 -46.43 25.07 25.23
CA LEU A 734 -47.55 24.41 24.58
C LEU A 734 -47.11 23.78 23.28
N SER A 735 -46.00 24.27 22.73
CA SER A 735 -45.27 23.53 21.71
C SER A 735 -44.79 22.20 22.24
N LEU A 736 -44.01 22.24 23.33
CA LEU A 736 -43.33 21.02 23.77
C LEU A 736 -44.23 19.84 24.16
N PRO A 737 -45.31 20.00 24.94
CA PRO A 737 -46.05 18.79 25.36
C PRO A 737 -46.54 18.00 24.16
N HIS A 738 -47.16 18.68 23.21
CA HIS A 738 -47.50 18.08 21.93
C HIS A 738 -46.28 17.37 21.34
N ASN A 739 -45.16 18.10 21.22
CA ASN A 739 -43.90 17.56 20.72
C ASN A 739 -43.60 16.19 21.30
N ILE A 740 -44.04 15.98 22.53
CA ILE A 740 -43.82 14.72 23.22
C ILE A 740 -44.92 13.72 22.88
N ILE A 741 -46.17 14.13 22.80
CA ILE A 741 -47.24 13.15 22.64
C ILE A 741 -47.56 12.98 21.16
N GLU A 742 -46.61 13.37 20.30
CA GLU A 742 -46.59 13.14 18.85
C GLU A 742 -47.88 12.55 18.29
N LEU A 743 -48.23 11.32 18.71
CA LEU A 743 -49.54 10.76 18.38
C LEU A 743 -50.71 11.54 18.94
N ASP A 744 -50.52 12.42 19.92
CA ASP A 744 -51.66 13.21 20.36
C ASP A 744 -51.79 14.50 19.56
N VAL A 745 -50.75 14.84 18.81
CA VAL A 745 -50.74 15.98 17.91
C VAL A 745 -51.31 15.52 16.57
N ARG A 746 -52.20 14.50 16.60
CA ARG A 746 -52.86 13.93 15.42
C ARG A 746 -53.20 14.98 14.37
N ALA A 747 -54.33 15.65 14.57
CA ALA A 747 -54.77 16.70 13.67
C ALA A 747 -54.35 18.00 14.30
N TYR A 748 -55.22 19.00 14.21
CA TYR A 748 -55.08 20.21 15.01
C TYR A 748 -53.82 20.97 14.64
N VAL A 749 -54.04 21.92 13.75
CA VAL A 749 -53.02 22.83 13.23
C VAL A 749 -53.05 24.18 13.94
N PRO A 750 -54.02 24.54 14.80
CA PRO A 750 -54.01 25.93 15.29
C PRO A 750 -52.86 26.17 16.22
N ALA A 751 -52.21 25.10 16.63
CA ALA A 751 -51.16 25.13 17.63
C ALA A 751 -49.90 25.61 16.94
N LEU A 752 -49.27 24.68 16.21
CA LEU A 752 -48.01 24.95 15.56
C LEU A 752 -48.06 26.19 14.69
N GLN A 753 -49.23 26.55 14.16
CA GLN A 753 -49.28 27.68 13.24
C GLN A 753 -48.95 28.97 13.98
N ALA A 755 -47.48 28.81 16.81
CA ALA A 755 -46.16 28.47 17.31
C ALA A 755 -45.09 28.99 16.36
N PHE A 756 -44.71 28.17 15.37
CA PHE A 756 -43.75 28.53 14.35
C PHE A 756 -43.93 29.99 13.96
N LYS A 757 -45.20 30.37 13.74
CA LYS A 757 -45.47 31.66 13.12
C LYS A 757 -44.92 32.78 13.97
N LEU A 758 -44.96 32.62 15.29
CA LEU A 758 -44.12 33.50 16.10
C LEU A 758 -42.67 33.09 15.97
N GLY A 759 -42.42 31.79 16.00
CA GLY A 759 -41.09 31.28 15.87
C GLY A 759 -40.62 31.36 14.44
N LEU A 760 -40.53 32.58 13.93
CA LEU A 760 -39.96 32.79 12.61
C LEU A 760 -39.08 34.04 12.60
N SER A 761 -39.66 35.24 12.40
CA SER A 761 -38.90 36.48 12.40
C SER A 761 -39.02 37.25 13.70
N TYR A 762 -39.81 36.78 14.66
CA TYR A 762 -39.98 37.42 15.96
C TYR A 762 -39.01 36.85 16.99
N THR A 763 -38.88 35.54 17.02
CA THR A 763 -37.97 34.92 17.98
C THR A 763 -36.56 34.59 17.49
N PRO A 764 -36.09 35.00 16.31
CA PRO A 764 -34.67 34.77 16.02
C PRO A 764 -33.79 35.62 16.91
N LEU A 765 -34.34 36.75 17.38
CA LEU A 765 -33.65 37.67 18.27
C LEU A 765 -33.03 36.93 19.44
N ALA A 766 -33.48 35.71 19.71
CA ALA A 766 -32.84 34.78 20.62
C ALA A 766 -33.39 33.42 20.23
N GLU A 767 -32.53 32.54 19.73
CA GLU A 767 -32.91 31.22 19.23
C GLU A 767 -33.84 30.41 20.13
N VAL A 768 -34.74 31.06 20.86
CA VAL A 768 -35.52 30.42 21.92
C VAL A 768 -36.80 29.89 21.29
N GLY A 769 -37.68 30.80 20.85
CA GLY A 769 -38.92 30.36 20.24
C GLY A 769 -38.65 29.61 18.96
N LEU A 770 -37.68 30.09 18.18
CA LEU A 770 -37.31 29.45 16.91
C LEU A 770 -36.98 27.98 17.07
N ASN A 771 -35.96 27.70 17.87
CA ASN A 771 -35.45 26.35 18.09
C ASN A 771 -36.58 25.34 18.22
N ALA A 772 -37.37 25.45 19.29
CA ALA A 772 -38.40 24.50 19.68
C ALA A 772 -39.25 23.99 18.51
N LEU A 773 -39.05 24.56 17.32
CA LEU A 773 -39.93 24.36 16.17
C LEU A 773 -39.37 23.40 15.14
N GLU A 774 -38.10 23.54 14.79
CA GLU A 774 -37.45 22.56 13.95
C GLU A 774 -37.75 21.15 14.43
N GLU A 775 -37.38 20.84 15.69
CA GLU A 775 -37.72 19.54 16.27
C GLU A 775 -39.21 19.26 16.16
N TRP A 776 -40.06 20.27 16.26
CA TRP A 776 -41.48 19.99 16.15
C TRP A 776 -41.77 19.36 14.81
N SER A 777 -41.43 20.08 13.75
CA SER A 777 -41.70 19.55 12.43
C SER A 777 -40.98 18.24 12.24
N ILE A 778 -39.65 18.19 12.46
CA ILE A 778 -38.86 16.98 12.17
C ILE A 778 -39.47 15.77 12.85
N TYR A 779 -39.68 15.85 14.17
CA TYR A 779 -40.22 14.71 14.90
C TYR A 779 -41.55 14.27 14.32
N ILE A 780 -42.40 15.24 13.96
CA ILE A 780 -43.73 14.88 13.50
C ILE A 780 -43.80 14.72 11.99
N ASP A 781 -42.76 15.17 11.29
CA ASP A 781 -42.64 15.10 9.84
C ASP A 781 -42.77 13.68 9.36
N ARG A 782 -42.51 12.72 10.25
CA ARG A 782 -42.81 11.32 10.09
C ARG A 782 -43.27 10.79 11.44
N HIS A 783 -44.40 11.31 11.92
CA HIS A 783 -45.08 10.71 13.05
C HIS A 783 -46.58 10.67 12.74
N VAL A 784 -46.93 9.80 11.79
CA VAL A 784 -48.30 9.47 11.41
C VAL A 784 -49.00 10.70 10.81
N GLN A 786 -48.49 11.50 7.95
CA GLN A 786 -48.42 11.19 6.53
C GLN A 786 -49.79 11.22 5.87
N PRO A 787 -50.86 10.67 6.49
CA PRO A 787 -52.19 10.74 5.86
C PRO A 787 -52.71 12.14 5.52
N TYR A 788 -52.20 13.18 6.17
CA TYR A 788 -52.72 14.52 5.97
C TYR A 788 -51.60 15.49 5.65
N TYR A 789 -51.63 16.02 4.43
CA TYR A 789 -50.52 16.79 3.93
C TYR A 789 -50.92 17.95 3.02
N LYS A 790 -51.66 17.69 1.94
CA LYS A 790 -52.04 18.77 1.02
C LYS A 790 -52.80 19.90 1.72
N ASP A 791 -53.64 19.57 2.71
CA ASP A 791 -54.38 20.55 3.50
C ASP A 791 -53.61 21.07 4.70
N ILE A 792 -52.62 20.31 5.19
CA ILE A 792 -51.96 20.60 6.45
C ILE A 792 -50.68 21.39 6.24
N LEU A 793 -49.81 20.90 5.37
CA LEU A 793 -48.58 21.55 4.93
C LEU A 793 -48.66 22.86 4.12
N PRO A 794 -49.82 23.30 3.55
CA PRO A 794 -49.86 24.69 3.08
C PRO A 794 -49.78 25.63 4.26
N CYS A 795 -50.55 25.37 5.30
CA CYS A 795 -50.32 26.08 6.55
C CYS A 795 -48.86 25.98 6.96
N LEU A 796 -48.22 24.83 6.69
CA LEU A 796 -46.85 24.61 7.15
C LEU A 796 -45.81 25.45 6.40
N ASP A 797 -45.59 25.21 5.10
CA ASP A 797 -44.77 26.15 4.34
C ASP A 797 -45.23 27.58 4.63
N GLY A 798 -46.54 27.77 4.71
CA GLY A 798 -47.17 29.02 5.02
C GLY A 798 -46.50 29.78 6.14
N TYR A 799 -46.28 29.15 7.29
CA TYR A 799 -45.37 29.81 8.22
C TYR A 799 -43.93 29.79 7.69
N LEU A 800 -43.43 28.61 7.28
CA LEU A 800 -42.00 28.37 7.00
C LEU A 800 -41.37 29.56 6.30
N LYS A 801 -42.18 30.22 5.48
CA LYS A 801 -41.71 31.30 4.64
C LYS A 801 -41.15 32.45 5.47
N THR A 802 -41.72 32.70 6.63
CA THR A 802 -41.17 33.85 7.34
C THR A 802 -39.98 33.48 8.25
N SER A 803 -39.52 32.23 8.26
CA SER A 803 -38.20 31.89 8.82
C SER A 803 -37.15 31.74 7.74
N ALA A 804 -37.52 31.29 6.54
CA ALA A 804 -36.60 31.41 5.43
C ALA A 804 -36.72 32.81 4.80
N LEU A 805 -37.83 33.03 4.10
CA LEU A 805 -38.15 34.21 3.28
C LEU A 805 -38.27 35.53 4.03
N SER A 806 -38.07 35.56 5.35
CA SER A 806 -37.72 36.80 6.03
C SER A 806 -36.22 36.84 6.30
N ASP A 807 -35.73 35.83 7.03
CA ASP A 807 -34.35 35.76 7.48
C ASP A 807 -33.38 35.95 6.32
N GLU A 808 -33.91 35.91 5.10
CA GLU A 808 -33.18 36.33 3.90
C GLU A 808 -33.20 37.84 3.68
N THR A 809 -34.23 38.54 4.18
CA THR A 809 -34.34 39.97 3.92
C THR A 809 -33.34 40.75 4.76
N ILE A 846 -26.12 28.66 18.81
CA ILE A 846 -27.16 28.29 17.86
C ILE A 846 -27.39 29.45 16.89
N SER A 847 -26.36 29.85 16.16
CA SER A 847 -26.36 31.13 15.46
C SER A 847 -27.53 31.25 14.48
N LEU A 848 -27.99 32.49 14.28
CA LEU A 848 -29.18 32.81 13.48
C LEU A 848 -29.16 32.11 12.11
N GLU A 849 -28.06 32.31 11.37
CA GLU A 849 -27.87 31.69 10.05
C GLU A 849 -27.94 30.17 10.15
N GLU A 850 -27.38 29.61 11.23
CA GLU A 850 -27.49 28.17 11.46
C GLU A 850 -28.95 27.73 11.61
N ILE A 851 -29.77 28.49 12.37
CA ILE A 851 -31.20 28.18 12.43
C ILE A 851 -31.75 28.06 11.03
N ARG A 852 -31.43 29.06 10.21
CA ARG A 852 -31.86 29.04 8.82
C ARG A 852 -31.37 27.79 8.08
N ILE A 853 -30.14 27.39 8.33
CA ILE A 853 -29.61 26.21 7.64
C ILE A 853 -30.41 24.98 8.00
N ARG A 854 -30.65 24.76 9.31
CA ARG A 854 -31.52 23.69 9.76
C ARG A 854 -32.88 23.75 9.08
N VAL A 855 -33.38 24.97 8.82
CA VAL A 855 -34.57 25.11 7.98
C VAL A 855 -34.34 24.40 6.66
N VAL A 856 -33.31 24.84 5.95
CA VAL A 856 -33.03 24.32 4.62
C VAL A 856 -32.97 22.79 4.60
N GLN A 857 -32.21 22.21 5.53
CA GLN A 857 -32.13 20.75 5.64
C GLN A 857 -33.52 20.16 5.75
N LEU A 859 -36.32 21.16 4.98
CA LEU A 859 -37.14 21.20 3.77
C LEU A 859 -36.64 20.25 2.69
N GLY A 860 -35.33 20.19 2.51
CA GLY A 860 -34.76 19.29 1.51
C GLY A 860 -35.20 17.85 1.69
N SER A 861 -35.19 17.39 2.94
CA SER A 861 -35.57 15.99 3.21
C SER A 861 -36.93 15.59 2.66
N LEU A 862 -37.73 16.58 2.29
CA LEU A 862 -39.09 16.39 1.81
C LEU A 862 -39.17 16.27 0.29
N GLY A 863 -39.15 17.40 -0.41
CA GLY A 863 -39.21 17.39 -1.86
C GLY A 863 -40.60 17.33 -2.46
N GLY A 864 -41.46 16.48 -1.89
CA GLY A 864 -42.76 16.21 -2.47
C GLY A 864 -43.67 17.42 -2.66
N GLN A 865 -44.08 18.04 -1.56
CA GLN A 865 -45.04 19.14 -1.60
C GLN A 865 -44.53 20.37 -0.84
N ILE A 866 -43.29 20.79 -1.06
CA ILE A 866 -42.88 22.09 -0.53
C ILE A 866 -43.38 23.27 -1.35
N ASN A 867 -43.99 23.03 -2.52
CA ASN A 867 -44.27 24.08 -3.49
C ASN A 867 -45.73 24.57 -3.49
N LYS A 868 -46.66 23.74 -3.98
CA LYS A 868 -48.07 24.12 -4.12
C LYS A 868 -48.64 24.64 -2.80
N ASN A 869 -47.86 24.47 -1.73
CA ASN A 869 -48.21 25.05 -0.42
C ASN A 869 -47.88 26.54 -0.40
N LEU A 870 -46.58 26.87 -0.39
CA LEU A 870 -46.16 28.27 -0.35
C LEU A 870 -46.66 29.06 -1.56
N LEU A 871 -47.16 28.39 -2.61
CA LEU A 871 -47.98 29.02 -3.64
C LEU A 871 -49.20 29.73 -3.07
N THR A 872 -50.28 28.96 -2.83
CA THR A 872 -51.51 29.51 -2.27
C THR A 872 -51.22 30.33 -1.02
N VAL A 873 -50.12 30.03 -0.33
CA VAL A 873 -49.64 30.84 0.76
C VAL A 873 -49.35 32.28 0.32
N THR A 874 -48.30 32.46 -0.49
CA THR A 874 -47.92 33.80 -0.92
C THR A 874 -49.05 34.52 -1.65
N SER A 875 -49.86 33.80 -2.42
CA SER A 875 -50.93 34.46 -3.17
C SER A 875 -52.05 34.90 -2.24
N SER A 876 -52.51 33.99 -1.38
CA SER A 876 -53.56 34.33 -0.43
C SER A 876 -53.11 35.47 0.47
N ASP A 877 -51.86 35.45 0.93
CA ASP A 877 -51.35 36.57 1.71
C ASP A 877 -51.17 37.83 0.86
N GLU A 878 -51.30 37.72 -0.46
CA GLU A 878 -51.22 38.87 -1.36
C GLU A 878 -49.87 39.55 -1.24
N LYS A 881 -50.44 44.21 -1.67
CA LYS A 881 -51.45 45.22 -1.40
C LYS A 881 -50.85 46.59 -1.69
N SER A 882 -51.25 47.16 -2.81
CA SER A 882 -50.73 48.45 -3.27
C SER A 882 -51.84 49.46 -3.13
N TYR A 883 -51.70 50.35 -2.17
CA TYR A 883 -52.75 51.31 -1.93
C TYR A 883 -52.60 52.51 -2.84
N VAL A 884 -51.63 53.35 -2.50
CA VAL A 884 -51.17 54.48 -3.30
C VAL A 884 -52.34 55.39 -3.66
N ALA A 885 -53.39 55.34 -2.82
CA ALA A 885 -54.52 56.27 -2.77
C ALA A 885 -55.08 56.62 -4.16
N TRP A 886 -56.26 56.07 -4.47
CA TRP A 886 -56.97 56.24 -5.74
C TRP A 886 -56.03 56.12 -6.93
N ASP A 887 -55.13 55.15 -6.85
CA ASP A 887 -54.25 54.83 -7.97
C ASP A 887 -53.43 56.05 -8.41
N ARG A 888 -52.97 56.85 -7.44
CA ARG A 888 -52.17 58.04 -7.73
C ARG A 888 -52.78 58.96 -8.77
N GLU A 889 -53.80 59.72 -8.42
CA GLU A 889 -54.32 60.69 -9.37
C GLU A 889 -53.27 61.78 -9.60
N LYS A 890 -52.94 62.54 -8.56
CA LYS A 890 -51.87 63.55 -8.61
C LYS A 890 -50.90 63.47 -7.44
N ARG A 891 -51.10 64.31 -6.43
CA ARG A 891 -50.24 64.38 -5.26
C ARG A 891 -51.13 64.37 -4.03
N LEU A 892 -50.98 63.33 -3.21
CA LEU A 892 -51.74 63.28 -1.98
C LEU A 892 -51.42 64.46 -1.07
N SER A 893 -50.19 64.98 -1.16
CA SER A 893 -49.77 66.07 -0.29
C SER A 893 -48.63 66.81 -0.98
N PHE A 894 -48.97 67.79 -1.80
CA PHE A 894 -47.93 68.56 -2.45
C PHE A 894 -47.16 69.36 -1.40
N ALA A 895 -46.17 70.12 -1.84
CA ALA A 895 -45.57 71.13 -0.98
C ALA A 895 -45.17 72.31 -1.85
N VAL A 896 -44.75 73.39 -1.19
CA VAL A 896 -44.26 74.58 -1.90
C VAL A 896 -43.03 75.20 -1.24
N PRO A 897 -41.84 74.52 -1.27
CA PRO A 897 -40.66 75.02 -0.53
C PRO A 897 -39.58 75.66 -1.41
N PHE A 898 -38.85 74.85 -2.18
CA PHE A 898 -37.81 75.37 -3.08
C PHE A 898 -38.36 76.38 -4.07
N ARG A 899 -39.63 76.19 -4.47
CA ARG A 899 -40.33 77.05 -5.42
C ARG A 899 -39.76 76.77 -6.80
N GLU A 900 -39.42 75.52 -7.02
CA GLU A 900 -38.90 75.04 -8.28
C GLU A 900 -39.29 73.59 -8.44
N LYS A 902 -40.26 70.82 -7.36
CA LYS A 902 -40.94 70.04 -6.35
C LYS A 902 -41.22 68.64 -6.85
N PRO A 903 -41.17 67.68 -5.98
CA PRO A 903 -41.30 66.30 -6.37
C PRO A 903 -42.15 65.56 -5.36
N VAL A 904 -42.94 66.36 -4.66
CA VAL A 904 -43.33 66.03 -3.29
C VAL A 904 -44.34 64.88 -3.25
N ILE A 905 -45.41 64.99 -4.04
CA ILE A 905 -46.43 63.96 -4.28
C ILE A 905 -46.76 63.02 -3.12
N PHE A 906 -45.78 62.25 -2.64
CA PHE A 906 -45.94 61.32 -1.51
C PHE A 906 -46.67 60.01 -1.79
N LEU A 907 -47.48 59.92 -2.85
CA LEU A 907 -48.19 58.65 -3.08
C LEU A 907 -47.25 57.46 -3.04
N ASP A 908 -46.01 57.64 -3.49
CA ASP A 908 -44.97 56.62 -3.33
C ASP A 908 -44.42 56.60 -1.92
N VAL A 909 -44.81 57.55 -1.11
CA VAL A 909 -44.22 57.77 0.19
C VAL A 909 -45.28 57.47 1.25
N PHE A 910 -45.73 56.22 1.33
CA PHE A 910 -46.70 55.80 2.34
C PHE A 910 -46.53 54.36 2.82
N LEU A 911 -46.82 53.38 1.96
CA LEU A 911 -46.56 51.99 2.34
C LEU A 911 -45.12 51.81 2.83
N PRO A 912 -44.17 52.61 2.34
CA PRO A 912 -42.86 52.65 3.00
C PRO A 912 -42.90 53.07 4.46
N ARG A 913 -43.49 54.22 4.77
CA ARG A 913 -43.58 54.62 6.17
C ARG A 913 -44.32 53.58 7.02
N VAL A 914 -45.35 52.95 6.45
CA VAL A 914 -45.98 51.79 7.08
C VAL A 914 -44.94 50.79 7.52
N THR A 915 -44.10 50.35 6.58
CA THR A 915 -43.03 49.45 6.97
C THR A 915 -42.07 50.08 7.98
N GLU A 916 -42.05 51.42 8.11
CA GLU A 916 -41.20 52.03 9.13
C GLU A 916 -41.74 51.81 10.54
N LEU A 917 -43.05 52.02 10.75
CA LEU A 917 -43.58 51.62 12.06
C LEU A 917 -43.35 50.14 12.32
N ALA A 918 -43.31 49.32 11.28
CA ALA A 918 -43.04 47.90 11.55
C ALA A 918 -41.56 47.60 11.70
N LEU A 919 -40.67 48.49 11.25
CA LEU A 919 -39.24 48.22 11.24
C LEU A 919 -38.68 47.66 12.55
N THR A 920 -38.72 48.48 13.61
CA THR A 920 -38.09 48.16 14.89
C THR A 920 -36.61 47.84 14.73
N ALA A 921 -36.03 48.13 13.57
CA ALA A 921 -34.67 47.71 13.32
C ALA A 921 -33.72 48.74 13.90
N SER A 922 -33.32 49.73 13.11
CA SER A 922 -32.44 50.81 13.56
C SER A 922 -33.23 51.87 14.37
N ASP A 923 -33.79 51.43 15.50
CA ASP A 923 -34.58 52.32 16.36
C ASP A 923 -33.84 53.56 16.84
N ARG A 924 -32.64 53.86 16.33
CA ARG A 924 -31.95 55.09 16.68
C ARG A 924 -32.16 56.11 15.59
N GLN A 925 -31.98 55.69 14.35
CA GLN A 925 -32.25 56.44 13.14
C GLN A 925 -33.68 56.24 12.64
N THR A 926 -34.16 54.99 12.61
CA THR A 926 -35.43 54.70 11.94
C THR A 926 -36.61 55.29 12.70
N LYS A 927 -36.81 54.83 13.93
CA LYS A 927 -37.98 55.25 14.69
C LYS A 927 -38.12 56.75 14.70
N VAL A 928 -37.02 57.46 14.97
CA VAL A 928 -37.10 58.87 15.31
C VAL A 928 -37.53 59.71 14.10
N ALA A 929 -36.77 59.66 13.01
CA ALA A 929 -37.02 60.55 11.90
C ALA A 929 -37.98 59.94 10.89
N ALA A 930 -37.98 58.62 10.79
CA ALA A 930 -39.02 57.93 10.05
C ALA A 930 -40.39 58.27 10.62
N CYS A 931 -40.53 58.14 11.95
CA CYS A 931 -41.82 58.37 12.57
C CYS A 931 -42.16 59.84 12.60
N GLU A 932 -41.24 60.67 13.09
CA GLU A 932 -41.43 62.11 13.09
C GLU A 932 -41.80 62.61 11.71
N LEU A 933 -41.14 62.06 10.71
CA LEU A 933 -41.48 62.30 9.33
C LEU A 933 -42.93 61.93 9.05
N LEU A 934 -43.26 60.65 9.17
CA LEU A 934 -44.63 60.21 8.89
C LEU A 934 -45.63 61.12 9.57
N HIS A 935 -45.41 61.40 10.84
CA HIS A 935 -46.16 62.44 11.54
C HIS A 935 -46.32 63.70 10.71
N SER A 936 -45.20 64.26 10.25
CA SER A 936 -45.27 65.56 9.62
C SER A 936 -46.10 65.47 8.33
N VAL A 938 -48.21 63.46 7.68
CA VAL A 938 -49.59 63.45 8.19
C VAL A 938 -50.11 64.87 8.28
N PHE A 940 -49.35 67.55 6.73
CA PHE A 940 -49.64 68.06 5.40
C PHE A 940 -50.96 67.55 4.89
N LEU A 942 -53.25 66.34 6.35
CA LEU A 942 -54.28 66.95 7.17
C LEU A 942 -54.67 68.33 6.65
N GLY A 943 -53.72 69.07 6.09
CA GLY A 943 -54.02 70.45 5.75
C GLY A 943 -54.51 70.66 4.32
N LYS A 944 -53.76 70.19 3.33
CA LYS A 944 -54.24 70.32 1.96
C LYS A 944 -55.38 69.35 1.72
N ALA A 945 -56.52 69.67 2.31
CA ALA A 945 -57.74 68.87 2.30
C ALA A 945 -58.90 69.79 2.62
N THR A 946 -58.75 71.08 2.27
CA THR A 946 -59.70 72.12 2.65
C THR A 946 -60.36 72.83 1.46
N GLN A 947 -59.68 72.92 0.32
CA GLN A 947 -60.17 73.68 -0.83
C GLN A 947 -61.16 72.86 -1.64
N PRO A 949 -59.94 70.88 -4.41
CA PRO A 949 -59.15 70.08 -5.34
C PRO A 949 -59.40 68.60 -5.09
N GLU A 950 -58.48 67.78 -5.58
CA GLU A 950 -58.60 66.33 -5.41
C GLU A 950 -58.63 65.94 -3.93
N GLY A 951 -57.82 66.62 -3.11
CA GLY A 951 -57.75 66.29 -1.70
C GLY A 951 -59.08 66.20 -0.99
N GLY A 952 -60.01 67.12 -1.30
CA GLY A 952 -61.25 67.21 -0.56
C GLY A 952 -62.13 65.98 -0.57
N GLN A 953 -62.72 65.64 -1.72
CA GLN A 953 -63.41 64.34 -1.92
C GLN A 953 -62.39 63.19 -2.06
N GLY A 954 -61.14 63.53 -1.71
CA GLY A 954 -60.01 62.62 -1.73
C GLY A 954 -59.75 61.98 -0.39
N ALA A 955 -60.09 62.65 0.69
CA ALA A 955 -60.07 62.04 2.02
C ALA A 955 -60.52 60.56 2.12
N PRO A 956 -61.53 60.08 1.39
CA PRO A 956 -62.00 58.68 1.58
C PRO A 956 -60.93 57.61 1.36
N PRO A 957 -60.10 57.63 0.27
CA PRO A 957 -59.00 56.65 0.21
C PRO A 957 -57.78 57.05 1.05
N TYR A 959 -57.18 59.18 3.46
CA TYR A 959 -57.29 59.37 4.90
C TYR A 959 -57.57 58.06 5.63
N GLN A 960 -58.55 57.29 5.18
CA GLN A 960 -58.83 56.01 5.81
C GLN A 960 -57.60 55.12 5.79
N LEU A 961 -57.08 54.88 4.58
CA LEU A 961 -56.04 53.89 4.38
C LEU A 961 -54.80 54.19 5.21
N TYR A 962 -54.41 55.46 5.35
CA TYR A 962 -53.35 55.68 6.33
C TYR A 962 -53.87 55.62 7.77
N LYS A 963 -55.02 56.26 7.97
CA LYS A 963 -55.59 56.46 9.30
C LYS A 963 -55.56 55.18 10.12
N ARG A 964 -56.01 54.06 9.56
CA ARG A 964 -55.91 52.78 10.25
C ARG A 964 -54.56 52.61 10.92
N THR A 965 -53.48 52.72 10.13
CA THR A 965 -52.15 52.60 10.70
C THR A 965 -51.78 53.77 11.59
N PHE A 966 -52.66 54.76 11.81
CA PHE A 966 -52.22 55.79 12.76
C PHE A 966 -52.33 55.38 14.25
N PRO A 967 -53.49 54.95 14.78
CA PRO A 967 -53.48 54.51 16.18
C PRO A 967 -52.54 53.33 16.44
N VAL A 968 -52.62 52.27 15.64
CA VAL A 968 -51.66 51.16 15.72
C VAL A 968 -50.23 51.68 15.71
N LEU A 969 -50.01 52.85 15.10
CA LEU A 969 -48.74 53.54 15.27
C LEU A 969 -48.55 53.93 16.73
N LEU A 970 -49.59 54.52 17.35
CA LEU A 970 -49.40 54.95 18.75
C LEU A 970 -49.16 53.77 19.70
N ARG A 971 -49.81 52.62 19.46
CA ARG A 971 -49.60 51.45 20.29
C ARG A 971 -48.19 50.87 20.17
N LEU A 972 -47.77 50.36 18.99
CA LEU A 972 -46.46 49.73 18.96
C LEU A 972 -45.36 50.77 19.11
N ALA A 973 -45.73 52.04 18.90
CA ALA A 973 -44.89 53.15 19.33
C ALA A 973 -44.74 53.16 20.84
N CYS A 974 -45.78 52.70 21.59
CA CYS A 974 -45.66 52.67 23.04
C CYS A 974 -44.38 51.99 23.47
N ASP A 975 -44.05 50.90 22.81
CA ASP A 975 -42.90 50.08 23.17
C ASP A 975 -41.58 50.80 22.93
N VAL A 976 -41.52 51.75 21.98
CA VAL A 976 -40.23 52.30 21.60
C VAL A 976 -40.27 53.83 21.53
N ASP A 977 -41.45 54.41 21.26
CA ASP A 977 -41.51 55.87 21.11
C ASP A 977 -41.49 56.64 22.43
N GLN A 978 -42.18 56.16 23.48
CA GLN A 978 -42.25 56.85 24.79
C GLN A 978 -42.74 58.30 24.72
N VAL A 979 -41.88 59.30 24.97
CA VAL A 979 -42.33 60.69 24.81
C VAL A 979 -42.87 60.90 23.41
N THR A 980 -42.22 60.25 22.46
CA THR A 980 -42.59 60.35 21.06
C THR A 980 -44.02 59.87 20.85
N ARG A 981 -44.28 58.59 21.12
CA ARG A 981 -45.64 58.04 21.08
C ARG A 981 -46.61 58.89 21.86
N GLN A 982 -46.14 59.52 22.95
CA GLN A 982 -46.99 60.31 23.81
C GLN A 982 -47.58 61.33 22.86
N LEU A 983 -46.76 62.22 22.32
CA LEU A 983 -47.33 63.27 21.47
C LEU A 983 -48.05 62.71 20.23
N TYR A 984 -47.59 61.58 19.68
CA TYR A 984 -48.36 60.96 18.60
C TYR A 984 -49.78 60.59 19.01
N GLU A 985 -49.98 60.18 20.25
CA GLU A 985 -51.32 59.80 20.67
C GLU A 985 -52.22 61.02 20.53
N PRO A 986 -52.08 62.08 21.37
CA PRO A 986 -53.03 63.18 21.25
C PRO A 986 -53.12 63.72 19.85
N LEU A 987 -52.03 63.69 19.09
CA LEU A 987 -52.12 64.02 17.67
C LEU A 987 -53.27 63.28 16.99
N VAL A 988 -53.28 61.93 17.04
CA VAL A 988 -54.41 61.21 16.46
C VAL A 988 -55.71 61.61 17.16
N GLN A 990 -56.70 64.57 18.50
CA GLN A 990 -57.15 65.80 17.86
C GLN A 990 -57.67 65.52 16.47
N LEU A 991 -57.06 64.54 15.80
CA LEU A 991 -57.51 64.18 14.46
C LEU A 991 -58.82 63.41 14.46
N ILE A 992 -59.20 62.84 15.60
CA ILE A 992 -60.51 62.18 15.69
C ILE A 992 -61.57 63.14 16.22
N HIS A 993 -61.17 64.21 16.92
CA HIS A 993 -62.15 65.22 17.29
C HIS A 993 -62.53 66.10 16.09
N TRP A 994 -61.57 66.30 15.18
CA TRP A 994 -61.69 67.36 14.18
C TRP A 994 -62.90 67.17 13.29
N PHE A 995 -62.94 66.05 12.57
CA PHE A 995 -64.01 65.88 11.60
C PHE A 995 -65.35 65.55 12.27
N THR A 996 -65.43 65.70 13.59
CA THR A 996 -66.71 65.82 14.25
C THR A 996 -67.04 67.30 14.41
N ASN A 997 -66.05 68.07 14.86
CA ASN A 997 -66.26 69.52 14.98
C ASN A 997 -66.21 70.23 13.61
N ASN A 998 -66.38 69.48 12.52
CA ASN A 998 -66.39 70.08 11.18
C ASN A 998 -67.46 69.51 10.26
N LYS A 999 -67.33 68.25 9.82
CA LYS A 999 -68.22 67.75 8.79
C LYS A 999 -68.05 66.24 8.68
N LYS A 1000 -68.90 65.62 7.86
CA LYS A 1000 -68.83 64.18 7.65
C LYS A 1000 -67.70 63.80 6.71
N PHE A 1001 -67.97 62.96 5.69
CA PHE A 1001 -67.01 62.47 4.69
C PHE A 1001 -65.70 62.01 5.33
N GLU A 1002 -65.11 62.88 6.15
CA GLU A 1002 -63.97 62.55 6.98
C GLU A 1002 -64.39 61.87 8.28
N SER A 1003 -65.69 61.84 8.56
CA SER A 1003 -66.18 61.04 9.67
C SER A 1003 -66.02 59.56 9.40
N GLN A 1004 -66.25 59.16 8.14
CA GLN A 1004 -66.12 57.80 7.64
C GLN A 1004 -64.92 57.09 8.23
N ASP A 1005 -63.81 57.81 8.24
CA ASP A 1005 -62.48 57.29 8.48
C ASP A 1005 -62.31 56.66 9.85
N THR A 1006 -61.77 57.43 10.80
CA THR A 1006 -61.53 56.96 12.16
C THR A 1006 -62.62 56.01 12.61
N VAL A 1007 -63.86 56.49 12.67
CA VAL A 1007 -64.96 55.68 13.16
C VAL A 1007 -65.03 54.33 12.44
N ALA A 1008 -64.73 54.33 11.13
CA ALA A 1008 -64.80 53.08 10.36
C ALA A 1008 -63.62 52.15 10.69
N LEU A 1009 -62.40 52.67 10.68
CA LEU A 1009 -61.25 51.81 10.94
C LEU A 1009 -61.26 51.33 12.38
N LEU A 1010 -61.20 52.27 13.32
CA LEU A 1010 -61.27 51.91 14.71
C LEU A 1010 -62.47 51.00 14.99
N GLU A 1011 -63.60 51.32 14.37
CA GLU A 1011 -64.71 50.39 14.22
C GLU A 1011 -64.25 49.01 13.73
N ALA A 1012 -63.09 48.93 13.05
CA ALA A 1012 -62.41 47.66 12.84
C ALA A 1012 -61.24 47.41 13.81
N ILE A 1013 -60.95 48.30 14.75
CA ILE A 1013 -59.93 47.99 15.75
C ILE A 1013 -60.51 47.10 16.82
N LEU A 1014 -61.74 47.36 17.23
CA LEU A 1014 -62.26 46.27 18.06
C LEU A 1014 -62.60 45.03 17.31
N ASP A 1015 -62.24 45.03 16.03
CA ASP A 1015 -62.03 43.79 15.29
C ASP A 1015 -60.57 43.36 15.41
N GLY A 1016 -59.66 44.31 15.61
CA GLY A 1016 -58.31 43.94 15.97
C GLY A 1016 -58.25 43.12 17.24
N ILE A 1017 -59.05 43.48 18.26
CA ILE A 1017 -58.99 42.75 19.53
C ILE A 1017 -59.40 41.29 19.32
N VAL A 1018 -60.42 41.06 18.50
CA VAL A 1018 -60.89 39.71 18.24
C VAL A 1018 -60.00 38.99 17.24
N ASP A 1019 -59.07 39.72 16.63
CA ASP A 1019 -57.83 39.18 16.07
C ASP A 1019 -56.93 38.81 17.24
N PRO A 1020 -55.65 38.43 17.03
CA PRO A 1020 -54.73 38.42 18.16
C PRO A 1020 -54.44 39.81 18.74
N VAL A 1021 -54.73 40.90 18.00
CA VAL A 1021 -54.30 42.25 18.37
C VAL A 1021 -54.77 42.57 19.79
N ASP A 1022 -54.01 43.39 20.52
CA ASP A 1022 -54.23 43.47 21.95
C ASP A 1022 -54.43 44.90 22.44
N SER A 1023 -53.35 45.68 22.46
CA SER A 1023 -53.35 46.99 23.08
C SER A 1023 -53.86 48.06 22.14
N THR A 1024 -53.79 47.78 20.83
CA THR A 1024 -54.43 48.68 19.89
C THR A 1024 -55.87 48.87 20.27
N LEU A 1025 -56.47 47.84 20.85
CA LEU A 1025 -57.86 47.94 21.23
C LEU A 1025 -58.07 48.97 22.34
N ARG A 1026 -57.30 48.87 23.40
CA ARG A 1026 -57.36 49.90 24.43
C ARG A 1026 -57.17 51.29 23.84
N ASP A 1027 -56.09 51.48 23.04
CA ASP A 1027 -55.86 52.76 22.36
C ASP A 1027 -57.14 53.23 21.67
N PHE A 1028 -57.78 52.30 20.97
CA PHE A 1028 -58.98 52.56 20.22
C PHE A 1028 -60.10 53.07 21.11
N CYS A 1029 -60.45 52.31 22.14
CA CYS A 1029 -61.49 52.74 23.06
C CYS A 1029 -61.22 54.13 23.57
N GLY A 1030 -59.95 54.42 23.84
CA GLY A 1030 -59.57 55.77 24.20
C GLY A 1030 -59.81 56.78 23.11
N ARG A 1031 -59.86 56.34 21.86
CA ARG A 1031 -60.24 57.25 20.78
C ARG A 1031 -61.74 57.52 20.78
N CYS A 1032 -62.53 56.45 20.72
CA CYS A 1032 -63.98 56.56 20.70
C CYS A 1032 -64.47 57.46 21.82
N ILE A 1033 -64.12 57.09 23.07
CA ILE A 1033 -64.59 57.79 24.25
C ILE A 1033 -64.43 59.29 24.10
N ARG A 1034 -63.42 59.71 23.37
CA ARG A 1034 -63.21 61.12 23.07
C ARG A 1034 -63.96 61.58 21.83
N GLU A 1035 -64.37 60.66 20.96
CA GLU A 1035 -65.10 61.12 19.78
C GLU A 1035 -66.60 61.30 20.03
N PHE A 1036 -67.17 60.54 20.95
CA PHE A 1036 -68.50 60.89 21.43
C PHE A 1036 -68.45 62.16 22.26
N LEU A 1037 -67.32 62.39 22.93
CA LEU A 1037 -67.11 63.67 23.58
C LEU A 1037 -67.00 64.79 22.57
N LYS A 1038 -66.51 64.51 21.37
CA LYS A 1038 -66.41 65.61 20.42
C LYS A 1038 -67.69 65.81 19.63
N TRP A 1039 -68.54 64.80 19.51
CA TRP A 1039 -69.90 65.07 19.12
C TRP A 1039 -70.64 65.89 20.19
N SER A 1040 -70.71 65.36 21.41
CA SER A 1040 -71.41 66.05 22.48
C SER A 1040 -70.85 67.46 22.72
N ILE A 1041 -69.61 67.72 22.33
CA ILE A 1041 -69.09 69.08 22.34
C ILE A 1041 -69.55 69.83 21.09
N LYS A 1042 -69.53 69.17 19.92
CA LYS A 1042 -69.98 69.74 18.66
C LYS A 1042 -71.51 69.80 18.69
N GLN A 1043 -72.02 70.79 19.42
CA GLN A 1043 -73.44 71.11 19.38
C GLN A 1043 -73.80 71.71 18.03
N ILE A 1044 -73.20 72.86 17.71
CA ILE A 1044 -73.46 73.65 16.50
C ILE A 1044 -74.93 73.57 16.13
N THR A 1045 -75.80 73.77 17.15
CA THR A 1045 -77.25 73.58 17.14
C THR A 1045 -77.60 72.12 16.90
N PRO A 1046 -78.41 71.52 17.79
CA PRO A 1046 -78.89 70.15 17.56
C PRO A 1046 -79.57 69.93 16.20
N GLN A 1047 -79.86 71.02 15.50
CA GLN A 1047 -80.19 70.91 14.08
C GLN A 1047 -79.10 70.13 13.36
N GLN A 1048 -77.84 70.40 13.69
CA GLN A 1048 -76.77 69.55 13.21
C GLN A 1048 -76.90 68.15 13.80
N GLN A 1049 -77.43 68.02 15.02
CA GLN A 1049 -77.61 66.70 15.61
C GLN A 1049 -78.40 65.79 14.68
N GLU A 1050 -79.63 66.16 14.34
CA GLU A 1050 -80.38 65.34 13.38
C GLU A 1050 -79.74 65.36 11.99
N LYS A 1051 -79.45 66.55 11.44
CA LYS A 1051 -79.01 66.67 10.05
C LYS A 1051 -77.75 65.84 9.78
N SER A 1052 -76.73 65.99 10.62
CA SER A 1052 -75.50 65.24 10.44
C SER A 1052 -75.66 63.87 11.07
N PRO A 1053 -75.31 62.79 10.35
CA PRO A 1053 -75.57 61.44 10.87
C PRO A 1053 -74.29 60.65 11.06
N VAL A 1054 -73.55 61.01 12.11
CA VAL A 1054 -72.28 60.38 12.40
C VAL A 1054 -72.36 59.82 13.81
N ASN A 1055 -73.18 60.45 14.66
CA ASN A 1055 -73.20 60.09 16.08
C ASN A 1055 -74.58 59.72 16.61
N THR A 1056 -74.70 59.74 17.94
CA THR A 1056 -75.94 59.44 18.63
C THR A 1056 -76.64 58.24 18.03
N LYS A 1057 -77.91 58.43 17.63
CA LYS A 1057 -78.68 57.40 16.92
C LYS A 1057 -77.84 56.61 15.91
N SER A 1058 -77.17 57.32 14.99
CA SER A 1058 -76.32 56.65 14.01
C SER A 1058 -75.26 55.78 14.71
N LEU A 1059 -74.61 56.33 15.75
CA LEU A 1059 -73.71 55.51 16.58
C LEU A 1059 -74.36 54.22 16.98
N PHE A 1060 -75.33 54.30 17.89
CA PHE A 1060 -75.88 53.09 18.50
C PHE A 1060 -76.30 52.10 17.43
N LYS A 1061 -76.82 52.57 16.30
CA LYS A 1061 -77.04 51.65 15.19
C LYS A 1061 -75.75 50.91 14.83
N ARG A 1062 -74.67 51.66 14.61
CA ARG A 1062 -73.39 51.03 14.27
C ARG A 1062 -72.90 50.10 15.38
N LEU A 1063 -73.28 50.40 16.62
CA LEU A 1063 -72.79 49.68 17.79
C LEU A 1063 -73.54 48.37 17.99
N TYR A 1064 -74.86 48.43 18.12
CA TYR A 1064 -75.65 47.21 18.27
C TYR A 1064 -75.44 46.29 17.09
N SER A 1065 -75.60 46.84 15.88
CA SER A 1065 -75.28 46.05 14.71
C SER A 1065 -73.87 45.50 14.82
N LEU A 1066 -72.98 46.24 15.47
CA LEU A 1066 -71.62 45.75 15.68
C LEU A 1066 -71.58 44.61 16.70
N ALA A 1067 -72.46 44.67 17.71
CA ALA A 1067 -72.55 43.62 18.72
C ALA A 1067 -72.91 42.30 18.10
N LEU A 1068 -73.86 42.32 17.17
CA LEU A 1068 -74.28 41.11 16.51
C LEU A 1068 -74.14 41.35 15.02
N HIS A 1069 -72.94 41.14 14.52
CA HIS A 1069 -72.76 40.90 13.10
C HIS A 1069 -72.43 39.43 12.93
N PRO A 1070 -71.48 39.01 13.43
CA PRO A 1070 -70.98 37.70 13.01
C PRO A 1070 -71.55 36.58 13.86
N ASN A 1071 -72.88 36.46 13.86
CA ASN A 1071 -73.49 35.75 14.97
C ASN A 1071 -72.90 36.49 16.15
N ALA A 1072 -71.86 35.87 16.70
CA ALA A 1072 -71.11 36.43 17.80
C ALA A 1072 -69.82 35.64 17.89
N PHE A 1073 -68.73 36.25 17.49
CA PHE A 1073 -67.43 35.65 17.69
C PHE A 1073 -66.43 36.79 17.69
N LYS A 1074 -65.56 36.81 16.70
CA LYS A 1074 -64.53 37.82 16.65
C LYS A 1074 -65.18 39.12 16.20
N ARG A 1075 -65.96 39.67 17.13
CA ARG A 1075 -66.66 40.95 17.05
C ARG A 1075 -67.34 41.20 18.38
N LEU A 1076 -67.53 40.14 19.15
CA LEU A 1076 -68.20 40.30 20.44
C LEU A 1076 -67.41 41.22 21.35
N GLY A 1077 -66.15 40.85 21.61
CA GLY A 1077 -65.27 41.59 22.49
C GLY A 1077 -65.05 43.04 22.08
N ALA A 1078 -65.82 43.46 21.08
CA ALA A 1078 -65.80 44.80 20.53
C ALA A 1078 -66.91 45.64 21.12
N SER A 1079 -68.11 45.11 21.03
CA SER A 1079 -69.28 45.83 21.50
C SER A 1079 -69.17 46.16 22.97
N LEU A 1080 -68.82 45.14 23.76
CA LEU A 1080 -68.74 45.30 25.20
C LEU A 1080 -67.78 46.41 25.60
N ALA A 1081 -66.56 46.35 25.05
CA ALA A 1081 -65.60 47.41 25.22
C ALA A 1081 -66.25 48.74 24.94
N PHE A 1082 -66.91 48.88 23.79
CA PHE A 1082 -67.54 50.16 23.48
C PHE A 1082 -68.43 50.64 24.62
N ASN A 1083 -69.44 49.85 24.98
CA ASN A 1083 -70.39 50.33 25.97
C ASN A 1083 -69.67 50.77 27.24
N ASN A 1084 -68.73 49.94 27.70
CA ASN A 1084 -67.97 50.25 28.90
C ASN A 1084 -67.18 51.53 28.74
N ILE A 1085 -66.60 51.74 27.56
CA ILE A 1085 -65.76 52.89 27.28
C ILE A 1085 -66.58 54.17 27.23
N TYR A 1086 -67.85 54.07 26.89
CA TYR A 1086 -68.71 55.24 26.82
C TYR A 1086 -69.56 55.44 28.07
N ARG A 1087 -69.53 54.48 29.00
CA ARG A 1087 -70.52 54.46 30.07
C ARG A 1087 -70.59 55.80 30.81
N GLU A 1088 -69.45 56.33 31.27
CA GLU A 1088 -69.48 57.57 32.06
C GLU A 1088 -70.25 58.66 31.35
N PHE A 1089 -70.27 58.63 30.01
CA PHE A 1089 -71.05 59.61 29.29
C PHE A 1089 -72.51 59.21 29.16
N ARG A 1090 -72.79 57.92 28.94
CA ARG A 1090 -74.20 57.49 28.92
C ARG A 1090 -74.93 57.90 30.19
N GLU A 1091 -74.17 58.13 31.27
CA GLU A 1091 -74.76 58.43 32.56
C GLU A 1091 -75.53 59.75 32.57
N GLU A 1092 -75.14 60.71 31.74
CA GLU A 1092 -75.67 62.09 31.83
C GLU A 1092 -75.74 62.73 30.46
N GLU A 1093 -76.95 62.99 29.93
CA GLU A 1093 -77.13 63.79 28.72
C GLU A 1093 -78.58 64.06 28.30
N SER A 1094 -79.54 63.88 29.24
CA SER A 1094 -80.96 64.24 29.13
C SER A 1094 -81.82 63.05 28.67
N LEU A 1095 -82.88 63.31 27.90
CA LEU A 1095 -83.74 62.20 27.49
C LEU A 1095 -82.99 61.19 26.63
N VAL A 1096 -81.86 61.58 26.03
CA VAL A 1096 -81.06 60.64 25.25
C VAL A 1096 -80.61 59.47 26.11
N GLU A 1097 -80.58 59.66 27.43
CA GLU A 1097 -80.27 58.57 28.32
C GLU A 1097 -81.40 57.54 28.37
N GLN A 1098 -82.50 57.77 27.68
CA GLN A 1098 -83.70 56.98 27.89
C GLN A 1098 -83.82 55.84 26.87
N PHE A 1099 -83.99 56.19 25.59
CA PHE A 1099 -84.28 55.17 24.58
C PHE A 1099 -83.25 54.05 24.65
N VAL A 1100 -81.99 54.43 24.81
CA VAL A 1100 -80.88 53.50 24.66
C VAL A 1100 -80.81 52.56 25.84
N PHE A 1101 -81.22 53.03 27.00
CA PHE A 1101 -81.26 52.14 28.15
C PHE A 1101 -82.16 50.95 27.83
N GLU A 1102 -83.27 51.20 27.15
CA GLU A 1102 -84.08 50.10 26.63
C GLU A 1102 -83.27 49.26 25.67
N ALA A 1103 -82.58 49.89 24.74
CA ALA A 1103 -81.72 49.11 23.87
C ALA A 1103 -80.55 48.54 24.64
N LEU A 1104 -80.24 49.08 25.82
CA LEU A 1104 -79.29 48.40 26.69
C LEU A 1104 -79.77 47.00 26.97
N VAL A 1105 -81.08 46.83 27.11
CA VAL A 1105 -81.64 45.50 27.35
C VAL A 1105 -81.43 44.58 26.16
N ILE A 1106 -81.37 45.09 24.95
CA ILE A 1106 -81.09 44.13 23.90
C ILE A 1106 -79.65 43.71 24.00
N TYR A 1107 -78.81 44.61 24.54
CA TYR A 1107 -77.37 44.45 24.55
C TYR A 1107 -76.92 43.13 25.16
N GLU A 1109 -79.10 40.71 25.91
CA GLU A 1109 -79.83 39.90 24.93
C GLU A 1109 -78.97 39.71 23.69
N SER A 1110 -78.36 40.80 23.24
CA SER A 1110 -77.29 40.74 22.27
C SER A 1110 -76.19 39.87 22.81
N LEU A 1111 -75.26 40.51 23.50
CA LEU A 1111 -74.01 39.91 23.91
C LEU A 1111 -74.18 38.62 24.72
N ALA A 1112 -75.04 38.61 25.75
CA ALA A 1112 -75.27 37.40 26.53
C ALA A 1112 -75.45 36.21 25.60
N LEU A 1113 -76.64 36.04 25.02
CA LEU A 1113 -76.83 34.95 24.07
C LEU A 1113 -75.69 34.90 23.07
N ALA A 1114 -75.24 36.07 22.62
CA ALA A 1114 -74.18 36.15 21.63
C ALA A 1114 -73.03 35.21 21.99
N HIS A 1115 -72.41 35.43 23.16
CA HIS A 1115 -71.36 34.50 23.54
C HIS A 1115 -71.94 33.20 24.10
N ALA A 1116 -73.11 33.28 24.73
CA ALA A 1116 -73.73 32.20 25.49
C ALA A 1116 -73.69 30.88 24.77
N ASP A 1117 -74.38 30.81 23.63
CA ASP A 1117 -74.33 29.62 22.80
C ASP A 1117 -72.90 29.28 22.40
N GLU A 1118 -72.17 30.26 21.88
CA GLU A 1118 -70.77 30.10 21.50
C GLU A 1118 -69.81 30.59 22.57
N LYS A 1119 -70.15 30.27 23.81
CA LYS A 1119 -69.17 30.28 24.89
C LYS A 1119 -67.95 29.44 24.54
N SER A 1120 -66.97 30.08 23.91
CA SER A 1120 -65.67 29.48 23.68
C SER A 1120 -64.66 30.11 24.65
N LEU A 1121 -64.80 29.72 25.91
CA LEU A 1121 -64.04 30.28 27.04
C LEU A 1121 -64.39 31.75 27.28
N GLY A 1122 -64.01 32.28 28.44
CA GLY A 1122 -64.16 33.70 28.75
C GLY A 1122 -63.44 34.65 27.80
N THR A 1123 -62.86 35.72 28.35
CA THR A 1123 -62.53 36.95 27.63
C THR A 1123 -63.82 37.65 27.22
N ILE A 1124 -64.71 36.97 26.50
CA ILE A 1124 -65.96 37.58 26.04
C ILE A 1124 -67.00 37.57 27.16
N GLN A 1125 -67.20 36.37 27.71
CA GLN A 1125 -68.21 36.10 28.72
C GLN A 1125 -68.16 37.09 29.85
N GLN A 1126 -67.00 37.71 30.07
CA GLN A 1126 -66.79 38.59 31.22
C GLN A 1126 -67.11 40.03 30.90
N CYS A 1127 -66.44 40.59 29.91
CA CYS A 1127 -66.68 41.98 29.57
C CYS A 1127 -68.15 42.20 29.27
N CYS A 1128 -68.81 41.19 28.70
CA CYS A 1128 -70.25 41.30 28.45
C CYS A 1128 -71.02 41.50 29.76
N ASP A 1129 -70.82 40.60 30.72
CA ASP A 1129 -71.42 40.79 32.03
C ASP A 1129 -71.08 42.17 32.58
N ALA A 1130 -69.86 42.66 32.30
CA ALA A 1130 -69.51 44.01 32.73
C ALA A 1130 -70.39 45.05 32.05
N ILE A 1131 -70.82 44.78 30.82
CA ILE A 1131 -71.74 45.72 30.17
C ILE A 1131 -73.08 45.70 30.86
N ASP A 1132 -73.48 44.54 31.36
CA ASP A 1132 -74.70 44.51 32.13
C ASP A 1132 -74.53 45.30 33.43
N HIS A 1133 -73.36 45.16 34.09
CA HIS A 1133 -72.95 46.08 35.15
C HIS A 1133 -72.78 47.50 34.63
N LEU A 1134 -73.09 47.74 33.37
CA LEU A 1134 -73.44 49.09 33.00
C LEU A 1134 -74.94 49.28 32.85
N CYS A 1135 -75.68 48.20 32.60
CA CYS A 1135 -77.15 48.22 32.65
C CYS A 1135 -77.68 48.50 34.06
N ARG A 1136 -76.85 48.43 35.09
CA ARG A 1136 -77.30 48.80 36.42
C ARG A 1136 -77.65 50.30 36.54
N ILE A 1137 -77.13 51.14 35.64
CA ILE A 1137 -77.30 52.58 35.77
C ILE A 1137 -78.74 53.02 35.62
N ILE A 1138 -79.50 52.31 34.79
CA ILE A 1138 -80.90 52.65 34.54
C ILE A 1138 -81.64 52.73 35.84
N GLU A 1139 -81.24 51.93 36.81
CA GLU A 1139 -82.05 51.64 37.99
C GLU A 1139 -82.04 52.82 38.95
N LYS A 1140 -82.61 53.93 38.47
CA LYS A 1140 -82.73 55.16 39.24
C LYS A 1140 -84.10 55.81 38.96
N LYS A 1141 -85.13 54.97 38.73
CA LYS A 1141 -86.54 55.33 38.52
C LYS A 1141 -86.77 56.58 37.69
N HIS A 1142 -87.19 56.42 36.44
CA HIS A 1142 -87.15 57.53 35.50
C HIS A 1142 -88.18 57.25 34.41
N VAL A 1143 -88.63 58.34 33.78
CA VAL A 1143 -89.62 58.40 32.68
C VAL A 1143 -90.87 57.54 32.95
N SER A 1144 -90.77 56.59 33.89
CA SER A 1144 -91.88 55.77 34.36
C SER A 1144 -92.42 54.76 33.34
N LEU A 1145 -92.19 54.96 32.04
CA LEU A 1145 -92.49 53.87 31.12
C LEU A 1145 -91.49 52.72 31.29
N ASN A 1146 -90.35 52.98 31.93
CA ASN A 1146 -89.44 51.91 32.33
C ASN A 1146 -90.14 50.91 33.24
N LYS A 1147 -90.81 51.42 34.27
CA LYS A 1147 -91.57 50.59 35.20
C LYS A 1147 -92.52 49.65 34.47
N ALA A 1148 -92.97 50.04 33.28
CA ALA A 1148 -93.94 49.25 32.52
C ALA A 1148 -93.23 48.37 31.50
N LYS A 1149 -92.79 48.97 30.40
CA LYS A 1149 -92.13 48.21 29.34
C LYS A 1149 -90.84 47.58 29.83
N LYS A 1150 -89.94 48.41 30.36
CA LYS A 1150 -88.63 47.94 30.80
C LYS A 1150 -88.73 46.86 31.85
N ARG A 1151 -89.80 46.85 32.63
CA ARG A 1151 -90.02 45.77 33.58
C ARG A 1151 -90.64 44.55 32.90
N ARG A 1152 -91.45 44.77 31.85
CA ARG A 1152 -91.98 43.64 31.09
C ARG A 1152 -90.87 42.77 30.56
N LEU A 1153 -89.78 43.38 30.08
CA LEU A 1153 -88.73 42.58 29.45
C LEU A 1153 -88.15 41.52 30.38
N PRO A 1154 -87.62 41.86 31.57
CA PRO A 1154 -87.12 40.81 32.47
C PRO A 1154 -88.14 39.75 32.77
N ARG A 1155 -89.42 40.10 32.80
CA ARG A 1155 -90.45 39.08 32.87
C ARG A 1155 -90.41 38.19 31.63
N GLY A 1156 -90.33 38.80 30.45
CA GLY A 1156 -90.25 37.97 29.26
C GLY A 1156 -88.98 37.17 29.13
N PHE A 1157 -88.03 37.32 30.05
CA PHE A 1157 -86.74 36.67 29.90
C PHE A 1157 -86.59 35.25 30.45
N PRO A 1158 -87.37 34.80 31.43
CA PRO A 1158 -87.38 33.36 31.76
C PRO A 1158 -87.88 32.49 30.63
N PRO A 1159 -89.05 32.77 30.01
CA PRO A 1159 -89.50 31.85 28.94
C PRO A 1159 -88.56 31.84 27.75
N SER A 1160 -87.86 32.95 27.49
CA SER A 1160 -86.72 33.00 26.60
C SER A 1160 -85.42 33.13 27.40
N ALA A 1161 -85.10 32.11 28.20
CA ALA A 1161 -83.84 32.09 28.94
C ALA A 1161 -82.82 31.42 28.02
N SER A 1162 -81.84 32.19 27.56
CA SER A 1162 -81.01 31.81 26.40
C SER A 1162 -79.69 31.16 26.74
N LEU A 1163 -79.66 30.17 27.65
CA LEU A 1163 -78.49 29.35 28.02
C LEU A 1163 -77.55 30.03 29.02
N CYS A 1164 -77.03 31.23 28.72
CA CYS A 1164 -76.18 31.92 29.68
C CYS A 1164 -76.80 33.18 30.25
N LEU A 1165 -77.86 33.70 29.61
CA LEU A 1165 -78.58 34.79 30.24
C LEU A 1165 -79.06 34.40 31.63
N LEU A 1166 -79.13 33.11 31.96
CA LEU A 1166 -79.64 32.68 33.26
C LEU A 1166 -79.25 33.60 34.42
N ASP A 1167 -77.96 33.60 34.77
CA ASP A 1167 -77.42 34.48 35.81
C ASP A 1167 -77.81 35.94 35.60
N LEU A 1168 -78.13 36.30 34.37
CA LEU A 1168 -78.45 37.69 34.02
C LEU A 1168 -79.95 37.94 34.14
N VAL A 1169 -80.75 37.14 33.44
CA VAL A 1169 -82.20 37.03 33.52
C VAL A 1169 -82.67 37.21 34.96
N LYS A 1170 -82.41 36.19 35.78
CA LYS A 1170 -82.92 36.21 37.15
C LYS A 1170 -82.54 37.50 37.84
N TRP A 1171 -81.27 37.90 37.68
CA TRP A 1171 -80.75 39.13 38.24
C TRP A 1171 -81.68 40.29 37.91
N LEU A 1172 -81.92 40.51 36.62
CA LEU A 1172 -82.83 41.54 36.17
C LEU A 1172 -84.18 41.40 36.85
N LEU A 1173 -84.72 40.17 36.92
CA LEU A 1173 -86.04 39.98 37.54
C LEU A 1173 -86.11 40.58 38.93
N ALA A 1174 -85.35 40.02 39.86
CA ALA A 1174 -85.38 40.56 41.22
C ALA A 1174 -85.04 42.04 41.24
N HIS A 1175 -84.11 42.46 40.38
CA HIS A 1175 -83.56 43.81 40.43
C HIS A 1175 -84.56 44.87 39.97
N CYS A 1176 -85.40 44.54 39.00
CA CYS A 1176 -86.35 45.49 38.42
C CYS A 1176 -87.71 45.40 39.11
N GLY A 1177 -88.16 44.20 39.47
CA GLY A 1177 -89.25 44.14 40.42
C GLY A 1177 -88.93 44.85 41.72
N ARG A 1178 -87.62 44.99 42.02
CA ARG A 1178 -87.10 45.65 43.22
C ARG A 1178 -87.64 47.08 43.39
N PRO A 1179 -87.25 48.05 42.58
CA PRO A 1179 -87.69 49.43 42.84
C PRO A 1179 -89.06 49.77 42.27
N GLN A 1180 -89.82 48.78 41.83
CA GLN A 1180 -91.15 49.03 41.29
C GLN A 1180 -92.10 47.88 41.57
N LYS A 1213 -93.30 45.51 45.09
CA LYS A 1213 -92.29 45.58 46.13
C LYS A 1213 -91.79 44.17 46.50
N GLU A 1214 -92.55 43.40 47.30
CA GLU A 1214 -92.07 42.08 47.71
C GLU A 1214 -91.74 41.22 46.50
N GLU A 1215 -90.52 41.35 45.98
CA GLU A 1215 -90.08 40.59 44.82
C GLU A 1215 -90.46 39.13 44.96
N GLY A 1216 -91.45 38.71 44.18
CA GLY A 1216 -91.92 37.34 44.22
C GLY A 1216 -93.32 37.30 44.74
N VAL A 1217 -93.45 37.52 46.05
CA VAL A 1217 -94.75 37.51 46.71
C VAL A 1217 -95.73 38.41 45.98
N SER A 1218 -95.30 39.62 45.64
CA SER A 1218 -96.17 40.57 44.97
C SER A 1218 -96.58 40.12 43.56
N PHE A 1219 -95.63 40.18 42.62
CA PHE A 1219 -95.89 39.99 41.20
C PHE A 1219 -96.50 38.63 40.89
N LEU A 1220 -96.08 37.60 41.63
CA LEU A 1220 -96.68 36.27 41.45
C LEU A 1220 -98.20 36.32 41.63
N ILE A 1221 -98.69 37.13 42.58
CA ILE A 1221 -100.12 37.20 42.84
C ILE A 1221 -100.87 37.69 41.61
N ASN A 1222 -100.46 38.83 41.07
CA ASN A 1222 -101.16 39.40 39.92
C ASN A 1222 -101.07 38.47 38.73
N THR A 1223 -99.98 37.70 38.63
CA THR A 1223 -99.92 36.73 37.54
C THR A 1223 -100.97 35.63 37.70
N PHE A 1224 -101.06 35.00 38.89
CA PHE A 1224 -102.10 33.98 39.06
C PHE A 1224 -103.51 34.53 38.97
N GLU A 1225 -103.70 35.81 39.26
CA GLU A 1225 -104.99 36.42 38.95
C GLU A 1225 -105.20 36.54 37.44
N GLY A 1226 -104.12 36.74 36.70
CA GLY A 1226 -104.24 36.71 35.25
C GLY A 1226 -104.23 35.30 34.68
N GLY A 1227 -103.18 34.54 34.97
CA GLY A 1227 -103.12 33.16 34.52
C GLY A 1227 -102.39 32.29 35.52
N GLY A 1228 -102.76 31.02 35.54
CA GLY A 1228 -102.11 30.07 36.42
C GLY A 1228 -100.96 29.40 35.70
N CYS A 1229 -101.19 29.00 34.46
CA CYS A 1229 -100.16 28.33 33.64
C CYS A 1229 -99.62 29.39 32.70
N GLY A 1230 -98.70 30.20 33.22
CA GLY A 1230 -98.14 31.29 32.43
C GLY A 1230 -96.64 31.42 32.55
N GLN A 1231 -95.93 30.29 32.57
CA GLN A 1231 -94.50 30.24 32.87
C GLN A 1231 -93.74 29.09 32.23
N PRO A 1232 -94.25 27.85 32.22
CA PRO A 1232 -93.40 26.73 31.79
C PRO A 1232 -93.17 26.78 30.29
N SER A 1233 -92.06 26.18 29.86
CA SER A 1233 -91.74 26.16 28.45
C SER A 1233 -91.19 24.78 28.06
N GLY A 1234 -91.22 24.52 26.75
CA GLY A 1234 -90.89 23.24 26.15
C GLY A 1234 -91.76 22.08 26.60
N ILE A 1235 -91.55 20.92 25.99
CA ILE A 1235 -92.25 19.69 26.36
C ILE A 1235 -91.30 18.53 26.11
N LEU A 1236 -90.49 18.20 27.11
CA LEU A 1236 -89.61 17.03 27.06
C LEU A 1236 -88.60 17.05 25.92
N ALA A 1237 -87.95 15.90 25.74
CA ALA A 1237 -86.94 15.67 24.72
C ALA A 1237 -86.37 14.26 24.83
N GLN A 1238 -87.20 13.25 24.61
CA GLN A 1238 -86.74 11.87 24.65
C GLN A 1238 -87.27 11.07 23.46
N PRO A 1239 -88.59 10.93 23.27
CA PRO A 1239 -89.02 10.23 22.06
C PRO A 1239 -88.79 11.06 20.82
N THR A 1240 -89.12 12.35 20.87
CA THR A 1240 -88.86 13.25 19.76
C THR A 1240 -87.41 13.19 19.33
N LEU A 1241 -86.51 12.95 20.28
CA LEU A 1241 -85.10 12.74 19.95
C LEU A 1241 -84.87 11.43 19.22
N LEU A 1242 -85.58 10.36 19.58
CA LEU A 1242 -85.45 9.13 18.80
C LEU A 1242 -86.11 9.25 17.42
N TYR A 1243 -87.05 10.19 17.25
CA TYR A 1243 -87.59 10.51 15.94
C TYR A 1243 -86.63 11.37 15.10
N LEU A 1244 -85.85 12.26 15.73
CA LEU A 1244 -84.92 13.13 15.01
C LEU A 1244 -83.50 12.58 14.89
N ARG A 1245 -82.80 12.44 16.02
CA ARG A 1245 -81.46 11.86 16.16
C ARG A 1245 -80.35 12.73 15.56
N GLY A 1246 -79.66 13.49 16.41
CA GLY A 1246 -78.64 14.41 15.95
C GLY A 1246 -77.62 14.73 17.02
N PRO A 1247 -76.61 15.53 16.67
CA PRO A 1247 -75.60 15.94 17.65
C PRO A 1247 -75.92 17.24 18.39
N PHE A 1248 -76.59 18.17 17.73
CA PHE A 1248 -76.92 19.46 18.33
C PHE A 1248 -77.93 19.33 19.48
N SER A 1249 -78.79 18.30 19.42
CA SER A 1249 -79.65 17.96 20.55
C SER A 1249 -78.85 17.73 21.81
N LEU A 1250 -77.74 17.02 21.67
CA LEU A 1250 -76.81 16.73 22.74
C LEU A 1250 -76.15 18.01 23.25
N GLN A 1251 -76.29 19.10 22.51
CA GLN A 1251 -75.61 20.35 22.79
C GLN A 1251 -76.49 21.39 23.48
N ALA A 1252 -77.72 21.58 22.98
CA ALA A 1252 -78.65 22.50 23.62
C ALA A 1252 -79.64 21.78 24.52
N THR A 1253 -80.23 20.71 24.01
CA THR A 1253 -81.24 19.95 24.73
C THR A 1253 -80.70 19.56 26.10
N LEU A 1254 -79.69 18.72 26.06
CA LEU A 1254 -79.16 18.01 27.20
C LEU A 1254 -78.05 18.81 27.89
N CYS A 1255 -77.99 20.11 27.62
CA CYS A 1255 -77.12 21.04 28.34
C CYS A 1255 -77.85 22.27 28.85
N TRP A 1256 -79.06 22.56 28.37
CA TRP A 1256 -79.73 23.77 28.80
C TRP A 1256 -81.25 23.61 28.78
N LEU A 1257 -81.81 23.16 27.65
CA LEU A 1257 -83.26 23.02 27.57
C LEU A 1257 -83.81 22.29 28.78
N ASP A 1258 -83.08 21.28 29.26
CA ASP A 1258 -83.46 20.62 30.50
C ASP A 1258 -83.07 21.48 31.69
N LEU A 1259 -81.89 22.10 31.60
CA LEU A 1259 -81.41 22.85 32.75
C LEU A 1259 -81.96 24.26 32.80
N LEU A 1260 -82.17 24.93 31.67
CA LEU A 1260 -82.89 26.20 31.71
C LEU A 1260 -84.19 26.05 32.48
N LEU A 1261 -84.95 24.99 32.18
CA LEU A 1261 -86.19 24.73 32.90
C LEU A 1261 -85.89 24.51 34.38
N ALA A 1262 -84.96 23.60 34.66
CA ALA A 1262 -84.54 23.37 36.03
C ALA A 1262 -84.21 24.69 36.74
N ALA A 1263 -83.42 25.55 36.10
CA ALA A 1263 -82.88 26.75 36.73
C ALA A 1263 -83.98 27.76 37.04
N LEU A 1264 -84.84 28.03 36.06
CA LEU A 1264 -85.95 28.94 36.31
C LEU A 1264 -86.79 28.44 37.47
N GLU A 1265 -86.99 27.12 37.54
CA GLU A 1265 -87.64 26.54 38.70
C GLU A 1265 -86.88 26.86 39.99
N CYS A 1266 -85.56 26.65 39.98
CA CYS A 1266 -84.71 26.82 41.15
C CYS A 1266 -84.87 28.21 41.75
N TYR A 1267 -84.54 29.22 40.95
CA TYR A 1267 -84.52 30.58 41.47
C TYR A 1267 -85.92 31.09 41.72
N ASN A 1268 -86.93 30.56 41.01
CA ASN A 1268 -88.31 30.94 41.32
C ASN A 1268 -88.78 30.38 42.66
N THR A 1269 -88.18 29.28 43.13
CA THR A 1269 -88.57 28.73 44.43
C THR A 1269 -88.16 29.65 45.59
N PHE A 1270 -86.85 29.91 45.71
CA PHE A 1270 -86.32 30.70 46.83
C PHE A 1270 -86.98 32.07 46.95
N ILE A 1271 -87.61 32.55 45.88
CA ILE A 1271 -88.34 33.82 45.93
C ILE A 1271 -89.52 33.65 46.86
N GLY A 1272 -90.69 33.47 46.26
CA GLY A 1272 -91.93 33.35 46.99
C GLY A 1272 -92.37 31.91 47.06
N GLU A 1273 -93.25 31.63 48.02
CA GLU A 1273 -93.71 30.29 48.32
C GLU A 1273 -94.63 29.72 47.23
N ARG A 1274 -94.62 30.29 46.04
CA ARG A 1274 -95.57 29.90 45.00
C ARG A 1274 -95.37 28.47 44.53
N THR A 1275 -94.19 27.91 44.71
CA THR A 1275 -93.96 26.52 44.34
C THR A 1275 -94.58 25.52 45.34
N VAL A 1276 -95.40 26.02 46.26
CA VAL A 1276 -95.95 25.25 47.37
C VAL A 1276 -97.44 25.53 47.47
N GLY A 1277 -97.79 26.82 47.52
CA GLY A 1277 -99.16 27.26 47.71
C GLY A 1277 -99.92 27.51 46.43
N ALA A 1278 -99.21 27.77 45.32
CA ALA A 1278 -99.87 27.99 44.04
C ALA A 1278 -99.51 26.95 42.98
N LEU A 1279 -98.25 26.54 42.89
CA LEU A 1279 -97.87 25.55 41.89
C LEU A 1279 -98.66 24.27 42.07
N GLN A 1280 -98.82 23.84 43.33
CA GLN A 1280 -99.59 22.67 43.74
C GLN A 1280 -100.91 22.61 43.01
N VAL A 1281 -101.52 23.77 42.76
CA VAL A 1281 -102.76 23.77 42.03
C VAL A 1281 -102.46 24.40 40.68
N LEU A 1282 -101.95 23.60 39.76
CA LEU A 1282 -101.70 24.05 38.40
C LEU A 1282 -102.21 23.03 37.41
N GLY A 1283 -101.79 21.79 37.57
CA GLY A 1283 -102.36 20.70 36.79
C GLY A 1283 -102.12 19.38 37.45
N THR A 1284 -102.98 18.42 37.09
CA THR A 1284 -102.89 17.04 37.55
C THR A 1284 -103.46 16.11 36.49
N GLU A 1285 -103.26 16.45 35.22
CA GLU A 1285 -103.85 15.67 34.14
C GLU A 1285 -103.06 15.68 32.83
N ALA A 1286 -103.39 16.63 31.94
CA ALA A 1286 -103.00 16.55 30.54
C ALA A 1286 -101.61 17.08 30.22
N GLN A 1287 -101.49 18.39 30.01
CA GLN A 1287 -100.20 18.99 29.71
C GLN A 1287 -99.22 18.84 30.88
N SER A 1288 -99.72 18.96 32.12
CA SER A 1288 -98.87 18.93 33.33
C SER A 1288 -98.09 17.62 33.46
N SER A 1289 -98.80 16.46 33.45
CA SER A 1289 -98.14 15.18 33.68
C SER A 1289 -97.13 14.84 32.58
N LEU A 1290 -96.07 15.64 32.49
CA LEU A 1290 -95.07 15.56 31.42
C LEU A 1290 -94.00 16.57 31.77
N LEU A 1291 -94.20 17.28 32.88
CA LEU A 1291 -93.34 18.35 33.35
C LEU A 1291 -92.32 17.86 34.37
N LYS A 1292 -92.54 18.21 35.64
CA LYS A 1292 -91.69 17.78 36.74
C LYS A 1292 -91.42 16.28 36.72
N ALA A 1293 -92.49 15.47 36.80
CA ALA A 1293 -92.36 14.01 36.91
C ALA A 1293 -91.44 13.41 35.86
N VAL A 1294 -91.82 13.55 34.58
CA VAL A 1294 -90.98 12.99 33.53
C VAL A 1294 -89.60 13.64 33.52
N ALA A 1295 -89.48 14.90 33.95
CA ALA A 1295 -88.14 15.46 34.15
C ALA A 1295 -87.31 14.55 35.06
N PHE A 1296 -87.91 14.07 36.15
CA PHE A 1296 -87.26 13.00 36.91
C PHE A 1296 -86.92 11.82 36.02
N PHE A 1297 -87.89 11.33 35.23
CA PHE A 1297 -87.56 10.18 34.40
C PHE A 1297 -86.38 10.45 33.48
N LEU A 1298 -86.10 11.72 33.17
CA LEU A 1298 -84.87 12.16 32.51
C LEU A 1298 -83.70 12.31 33.48
N GLU A 1299 -83.94 12.21 34.78
CA GLU A 1299 -82.81 12.02 35.69
C GLU A 1299 -82.43 10.55 35.86
N SER A 1300 -83.40 9.63 35.84
CA SER A 1300 -83.08 8.21 35.68
C SER A 1300 -82.44 7.96 34.32
N ILE A 1301 -83.02 8.55 33.27
CA ILE A 1301 -82.36 8.60 31.98
C ILE A 1301 -81.07 9.39 32.07
N ALA A 1302 -80.87 10.17 33.14
CA ALA A 1302 -79.61 10.90 33.26
C ALA A 1302 -78.50 10.00 33.81
N HIS A 1304 -78.61 6.73 33.43
CA HIS A 1304 -78.51 5.84 32.27
C HIS A 1304 -77.57 6.41 31.22
N ASP A 1305 -77.94 7.55 30.64
CA ASP A 1305 -77.13 8.13 29.57
C ASP A 1305 -75.76 8.59 30.06
N ILE A 1306 -75.64 8.96 31.35
CA ILE A 1306 -74.33 9.27 31.92
C ILE A 1306 -73.39 8.07 31.76
N ILE A 1307 -73.93 6.85 31.93
CA ILE A 1307 -73.15 5.66 31.61
C ILE A 1307 -72.99 5.52 30.10
N ALA A 1308 -74.10 5.55 29.38
CA ALA A 1308 -74.10 5.31 27.93
C ALA A 1308 -74.87 6.37 27.17
N SER A 1323 -67.35 9.13 19.91
CA SER A 1323 -65.89 9.10 19.94
C SER A 1323 -65.39 10.49 20.45
N PRO A 1324 -64.05 10.80 20.36
CA PRO A 1324 -63.40 11.58 21.43
C PRO A 1324 -64.13 12.80 21.98
N GLN A 1325 -63.74 13.99 21.50
CA GLN A 1325 -64.20 15.25 22.07
C GLN A 1325 -65.73 15.32 22.12
N GLU A 1326 -66.40 14.73 21.14
CA GLU A 1326 -67.85 14.73 21.10
C GLU A 1326 -68.43 13.91 22.26
N GLY A 1327 -67.95 12.66 22.39
CA GLY A 1327 -68.30 11.87 23.55
C GLY A 1327 -68.02 12.59 24.86
N GLU A 1328 -66.92 13.35 24.91
CA GLU A 1328 -66.60 14.07 26.14
C GLU A 1328 -67.60 15.18 26.41
N ARG A 1329 -68.02 15.92 25.38
CA ARG A 1329 -69.07 16.91 25.61
C ARG A 1329 -70.35 16.22 26.06
N TYR A 1330 -70.60 15.01 25.54
CA TYR A 1330 -71.66 14.16 26.06
C TYR A 1330 -71.52 13.97 27.58
N ASN A 1331 -70.36 13.50 28.03
CA ASN A 1331 -70.14 13.22 29.46
C ASN A 1331 -70.24 14.50 30.30
N TYR A 1332 -69.34 15.45 30.04
CA TYR A 1332 -69.31 16.68 30.83
C TYR A 1332 -70.65 17.38 30.81
N SER A 1333 -71.41 17.23 29.73
CA SER A 1333 -72.77 17.72 29.73
C SER A 1333 -73.63 16.92 30.69
N LYS A 1334 -73.47 15.59 30.67
CA LYS A 1334 -74.31 14.74 31.51
C LYS A 1334 -74.12 15.07 32.98
N CYS A 1335 -72.87 15.30 33.38
CA CYS A 1335 -72.61 15.81 34.72
C CYS A 1335 -73.18 17.21 34.89
N THR A 1336 -72.80 18.13 33.99
CA THR A 1336 -73.17 19.54 34.12
C THR A 1336 -74.67 19.72 34.31
N VAL A 1337 -75.47 18.78 33.83
CA VAL A 1337 -76.89 18.74 34.13
C VAL A 1337 -77.16 18.04 35.46
N VAL A 1338 -76.64 16.82 35.62
CA VAL A 1338 -77.10 15.95 36.71
C VAL A 1338 -76.70 16.50 38.08
N VAL A 1339 -75.56 17.19 38.17
CA VAL A 1339 -75.16 17.81 39.44
C VAL A 1339 -76.06 18.99 39.75
N ARG A 1340 -76.59 19.65 38.71
CA ARG A 1340 -77.57 20.71 38.92
C ARG A 1340 -78.93 20.14 39.32
N ILE A 1341 -79.27 18.96 38.78
CA ILE A 1341 -80.48 18.29 39.22
C ILE A 1341 -80.38 17.85 40.67
N GLU A 1343 -78.38 19.30 42.79
CA GLU A 1343 -78.43 20.66 43.32
C GLU A 1343 -79.87 21.13 43.52
N PHE A 1344 -80.80 20.58 42.75
CA PHE A 1344 -82.19 21.01 42.79
C PHE A 1344 -83.12 20.09 43.57
N THR A 1345 -82.91 18.77 43.56
CA THR A 1345 -83.55 17.92 44.54
C THR A 1345 -83.27 18.43 45.95
N THR A 1346 -82.00 18.72 46.22
CA THR A 1346 -81.59 19.40 47.43
C THR A 1346 -82.29 20.75 47.53
N THR A 1347 -81.88 21.64 46.62
CA THR A 1347 -82.25 23.05 46.61
C THR A 1347 -83.75 23.24 46.80
N LEU A 1348 -84.53 22.29 46.29
CA LEU A 1348 -85.94 22.14 46.60
C LEU A 1348 -86.11 21.68 48.03
N LEU A 1349 -85.81 20.41 48.29
CA LEU A 1349 -86.17 19.74 49.55
C LEU A 1349 -85.84 20.58 50.78
N ASN A 1350 -84.56 20.91 50.96
CA ASN A 1350 -84.14 21.63 52.18
C ASN A 1350 -84.61 23.07 52.24
N THR A 1351 -85.28 23.59 51.23
CA THR A 1351 -85.72 24.98 51.26
C THR A 1351 -87.17 25.07 50.81
N SER A 1352 -87.50 24.45 49.68
CA SER A 1352 -88.84 24.62 49.12
C SER A 1352 -89.90 23.95 49.99
N PRO A 1353 -89.81 22.64 50.31
CA PRO A 1353 -90.83 22.06 51.22
C PRO A 1353 -90.81 22.59 52.64
N GLU A 1354 -91.39 23.77 52.87
CA GLU A 1354 -91.69 24.16 54.24
C GLU A 1354 -92.93 23.41 54.71
N GLY A 1355 -93.14 23.40 56.03
CA GLY A 1355 -94.20 22.62 56.64
C GLY A 1355 -94.13 21.13 56.36
N TRP A 1356 -93.11 20.73 55.60
CA TRP A 1356 -92.80 19.36 55.24
C TRP A 1356 -94.05 18.58 54.79
N LYS A 1357 -94.49 18.97 53.58
CA LYS A 1357 -95.65 18.37 52.94
C LYS A 1357 -95.53 18.47 51.42
N LEU A 1358 -94.33 18.64 50.86
CA LEU A 1358 -94.22 18.71 49.40
C LEU A 1358 -93.37 17.60 48.78
N LEU A 1359 -92.43 17.01 49.53
CA LEU A 1359 -91.63 15.91 49.01
C LEU A 1359 -92.51 14.79 48.47
N LYS A 1360 -93.70 14.63 49.02
CA LYS A 1360 -94.61 13.58 48.58
C LYS A 1360 -95.16 13.81 47.18
N LYS A 1361 -94.81 14.93 46.53
CA LYS A 1361 -95.30 15.23 45.18
C LYS A 1361 -94.62 14.33 44.14
N ASP A 1362 -93.30 14.23 44.20
CA ASP A 1362 -92.52 13.45 43.23
C ASP A 1362 -92.45 11.99 43.67
N LEU A 1363 -93.50 11.23 43.36
CA LEU A 1363 -93.48 9.79 43.67
C LEU A 1363 -92.33 9.07 42.96
N CYS A 1364 -91.75 9.67 41.92
CA CYS A 1364 -90.47 9.24 41.38
C CYS A 1364 -89.35 9.58 42.36
N ASN A 1365 -89.73 9.76 43.62
CA ASN A 1365 -88.85 9.92 44.78
C ASN A 1365 -87.81 8.82 44.77
N THR A 1366 -88.06 7.78 43.98
CA THR A 1366 -87.19 6.63 43.89
C THR A 1366 -86.01 6.87 42.96
N HIS A 1367 -86.26 7.38 41.74
CA HIS A 1367 -85.16 7.55 40.80
C HIS A 1367 -84.03 8.33 41.43
N LEU A 1368 -84.35 9.52 41.96
CA LEU A 1368 -83.33 10.38 42.51
C LEU A 1368 -82.48 9.66 43.54
N ARG A 1370 -81.92 6.35 43.92
CA ARG A 1370 -81.10 5.36 43.24
C ARG A 1370 -79.99 5.97 42.39
N VAL A 1371 -79.97 7.28 42.17
CA VAL A 1371 -78.95 7.89 41.35
C VAL A 1371 -77.98 8.72 42.18
N LEU A 1372 -78.49 9.53 43.12
CA LEU A 1372 -77.59 10.37 43.91
C LEU A 1372 -76.72 9.55 44.82
N VAL A 1373 -77.30 8.51 45.42
CA VAL A 1373 -76.61 7.71 46.43
C VAL A 1373 -75.38 7.04 45.84
N GLN A 1374 -75.46 6.65 44.56
CA GLN A 1374 -74.34 6.00 43.89
C GLN A 1374 -73.28 7.05 43.67
N THR A 1375 -72.99 7.84 44.70
CA THR A 1375 -71.99 8.89 44.67
C THR A 1375 -70.58 8.35 44.63
N LEU A 1376 -70.47 7.02 44.59
CA LEU A 1376 -69.29 6.26 44.24
C LEU A 1376 -69.42 5.59 42.88
N CYS A 1377 -70.60 5.04 42.57
CA CYS A 1377 -70.91 4.55 41.24
C CYS A 1377 -71.20 5.71 40.29
N GLU A 1378 -71.37 6.92 40.85
CA GLU A 1378 -71.39 8.11 40.00
C GLU A 1378 -70.00 8.49 39.50
N PRO A 1379 -68.98 8.64 40.35
CA PRO A 1379 -67.62 8.78 39.81
C PRO A 1379 -67.28 7.80 38.69
N ALA A 1380 -67.80 6.57 38.74
CA ALA A 1380 -67.68 5.67 37.60
C ALA A 1380 -68.58 6.09 36.44
N SER A 1381 -69.75 6.69 36.72
CA SER A 1381 -70.68 6.96 35.63
C SER A 1381 -70.28 8.24 34.88
N ILE A 1382 -70.15 9.35 35.60
CA ILE A 1382 -69.55 10.56 35.06
C ILE A 1382 -68.06 10.32 34.86
N GLY A 1383 -67.32 11.37 34.56
CA GLY A 1383 -65.94 11.21 34.16
C GLY A 1383 -65.02 10.78 35.30
N PHE A 1384 -63.92 10.14 34.93
CA PHE A 1384 -62.81 10.02 35.85
C PHE A 1384 -61.92 11.24 35.76
N ASN A 1385 -61.74 11.76 34.55
CA ASN A 1385 -61.17 13.10 34.41
C ASN A 1385 -61.85 14.05 35.38
N ILE A 1386 -63.19 14.08 35.37
CA ILE A 1386 -63.89 14.98 36.27
C ILE A 1386 -63.68 14.54 37.70
N GLY A 1387 -63.44 13.25 37.92
CA GLY A 1387 -62.92 12.83 39.19
C GLY A 1387 -61.68 13.61 39.59
N ASP A 1388 -60.95 14.12 38.60
CA ASP A 1388 -59.80 14.99 38.87
C ASP A 1388 -60.06 16.49 38.64
N VAL A 1389 -60.98 16.87 37.74
CA VAL A 1389 -61.13 18.20 37.13
C VAL A 1389 -61.76 19.17 38.11
N GLN A 1390 -61.73 18.83 39.40
CA GLN A 1390 -62.37 19.60 40.46
C GLN A 1390 -63.88 19.48 40.36
N VAL A 1391 -64.35 18.44 39.70
CA VAL A 1391 -65.76 18.15 39.77
C VAL A 1391 -66.08 17.36 41.02
N ALA A 1393 -64.16 17.89 43.50
CA ALA A 1393 -63.98 18.92 44.52
C ALA A 1393 -65.30 19.59 44.85
N HIS A 1394 -66.30 19.42 43.96
CA HIS A 1394 -67.65 19.88 44.19
C HIS A 1394 -68.67 18.77 44.44
N LEU A 1395 -68.39 17.54 44.01
CA LEU A 1395 -69.29 16.41 44.25
C LEU A 1395 -69.50 16.17 45.73
N PRO A 1396 -68.46 16.05 46.56
CA PRO A 1396 -68.72 15.86 47.98
C PRO A 1396 -69.61 16.94 48.52
N ASP A 1397 -69.43 18.18 48.06
CA ASP A 1397 -70.30 19.27 48.47
C ASP A 1397 -71.72 19.07 47.96
N VAL A 1398 -71.89 18.40 46.82
CA VAL A 1398 -73.23 18.24 46.26
C VAL A 1398 -73.97 17.12 46.97
N CYS A 1399 -73.31 16.01 47.23
CA CYS A 1399 -73.88 15.01 48.11
C CYS A 1399 -74.13 15.59 49.49
N VAL A 1400 -73.19 16.34 50.02
CA VAL A 1400 -73.35 17.12 51.24
C VAL A 1400 -74.69 17.80 51.20
N ASN A 1401 -75.01 18.40 50.05
CA ASN A 1401 -76.27 19.11 49.92
C ASN A 1401 -77.45 18.13 49.93
N LEU A 1402 -77.44 17.13 49.05
CA LEU A 1402 -78.62 16.27 48.89
C LEU A 1402 -78.88 15.44 50.14
N LYS A 1404 -77.88 16.29 52.83
CA LYS A 1404 -78.21 17.27 53.85
C LYS A 1404 -79.71 17.56 53.87
N ALA A 1405 -80.35 17.58 52.71
CA ALA A 1405 -81.80 17.60 52.68
C ALA A 1405 -82.36 16.26 53.14
N LEU A 1406 -81.55 15.22 53.04
CA LEU A 1406 -81.89 13.90 53.54
C LEU A 1406 -81.74 13.81 55.06
N LYS A 1407 -80.90 14.65 55.66
CA LYS A 1407 -80.77 14.68 57.12
C LYS A 1407 -82.03 15.21 57.76
N SER A 1409 -84.58 16.31 58.03
CA SER A 1409 -85.71 16.93 57.36
C SER A 1409 -86.78 15.94 56.92
N PRO A 1410 -86.47 14.89 56.16
CA PRO A 1410 -87.51 13.96 55.73
C PRO A 1410 -87.64 12.81 56.71
N TYR A 1411 -88.66 12.00 56.51
CA TYR A 1411 -88.84 10.83 57.34
C TYR A 1411 -87.56 10.00 57.31
N LYS A 1412 -87.15 9.52 58.48
CA LYS A 1412 -85.89 8.79 58.61
C LYS A 1412 -85.89 7.48 57.84
N ASP A 1413 -87.03 7.14 57.21
CA ASP A 1413 -87.15 5.91 56.43
C ASP A 1413 -86.59 6.09 55.03
N ILE A 1414 -86.80 7.27 54.45
CA ILE A 1414 -86.14 7.66 53.22
C ILE A 1414 -84.65 7.34 53.30
N LEU A 1415 -84.05 7.68 54.44
CA LEU A 1415 -82.62 7.49 54.62
C LEU A 1415 -82.23 6.02 54.52
N GLU A 1416 -82.92 5.14 55.23
CA GLU A 1416 -82.52 3.74 55.21
C GLU A 1416 -82.81 3.09 53.86
N THR A 1417 -83.90 3.50 53.20
CA THR A 1417 -84.11 3.08 51.82
C THR A 1417 -83.03 3.59 50.90
N HIS A 1418 -82.29 4.62 51.33
CA HIS A 1418 -81.27 5.31 50.56
C HIS A 1418 -79.89 4.72 50.77
N LEU A 1419 -79.48 4.68 52.03
CA LEU A 1419 -78.19 4.29 52.58
C LEU A 1419 -78.14 2.81 52.87
N ARG A 1420 -79.14 2.31 53.61
CA ARG A 1420 -79.21 0.89 53.89
C ARG A 1420 -79.40 0.18 52.56
N GLU A 1421 -78.29 0.18 51.81
CA GLU A 1421 -78.08 -0.42 50.50
C GLU A 1421 -76.66 -0.95 50.35
N LYS A 1422 -75.71 -0.37 51.10
CA LYS A 1422 -74.37 -0.92 51.34
C LYS A 1422 -73.74 -0.16 52.50
N ILE A 1423 -74.37 -0.24 53.68
CA ILE A 1423 -73.92 0.46 54.88
C ILE A 1423 -72.62 -0.19 55.38
N THR A 1424 -72.73 -1.41 55.92
CA THR A 1424 -71.61 -2.14 56.49
C THR A 1424 -70.97 -3.06 55.44
N ALA A 1425 -71.13 -4.38 55.63
CA ALA A 1425 -70.65 -5.42 54.72
C ALA A 1425 -69.42 -5.01 53.91
N GLN A 1426 -69.65 -4.21 52.86
CA GLN A 1426 -68.53 -3.69 52.10
C GLN A 1426 -67.67 -2.76 52.96
N SER A 1427 -68.30 -1.92 53.79
CA SER A 1427 -67.57 -1.03 54.68
C SER A 1427 -66.42 -1.75 55.38
N ILE A 1428 -66.72 -2.89 56.00
CA ILE A 1428 -65.64 -3.63 56.65
C ILE A 1428 -64.78 -4.33 55.60
N GLU A 1429 -65.39 -4.75 54.49
CA GLU A 1429 -64.68 -5.64 53.57
C GLU A 1429 -63.59 -4.91 52.78
N GLU A 1430 -63.90 -3.74 52.23
CA GLU A 1430 -62.87 -2.99 51.51
C GLU A 1430 -61.81 -2.43 52.45
N LEU A 1431 -62.20 -2.03 53.68
CA LEU A 1431 -61.24 -1.43 54.58
C LEU A 1431 -60.21 -2.43 55.09
N CYS A 1432 -60.67 -3.56 55.65
CA CYS A 1432 -59.74 -4.65 55.87
C CYS A 1432 -59.03 -4.99 54.58
N ALA A 1433 -59.77 -4.87 53.50
CA ALA A 1433 -59.29 -5.45 52.27
C ALA A 1433 -58.09 -4.69 51.74
N VAL A 1434 -57.88 -3.41 52.08
CA VAL A 1434 -56.63 -2.78 51.61
C VAL A 1434 -55.43 -3.53 52.17
N ASN A 1435 -55.57 -4.05 53.38
CA ASN A 1435 -54.50 -4.81 54.02
C ASN A 1435 -54.43 -6.24 53.51
N LEU A 1436 -55.58 -6.89 53.30
CA LEU A 1436 -55.54 -8.19 52.63
C LEU A 1436 -55.06 -8.09 51.18
N TYR A 1437 -55.24 -6.91 50.55
CA TYR A 1437 -54.96 -6.68 49.14
C TYR A 1437 -53.46 -6.62 49.00
N GLY A 1438 -52.85 -5.51 49.41
CA GLY A 1438 -51.41 -5.40 49.38
C GLY A 1438 -50.84 -4.97 48.05
N PRO A 1439 -50.52 -5.95 47.20
CA PRO A 1439 -50.07 -5.63 45.83
C PRO A 1439 -51.19 -5.14 44.92
N ASP A 1440 -50.79 -4.45 43.84
CA ASP A 1440 -51.69 -3.67 43.00
C ASP A 1440 -52.57 -2.78 43.88
N ALA A 1441 -51.92 -2.16 44.86
CA ALA A 1441 -52.66 -1.49 45.93
C ALA A 1441 -53.36 -0.24 45.43
N GLN A 1442 -52.66 0.59 44.65
CA GLN A 1442 -53.13 1.95 44.40
C GLN A 1442 -54.44 1.97 43.61
N VAL A 1443 -54.59 1.06 42.65
CA VAL A 1443 -55.86 0.93 41.95
C VAL A 1443 -56.98 0.83 42.97
N ASP A 1444 -56.80 -0.06 43.93
CA ASP A 1444 -57.80 -0.33 44.96
C ASP A 1444 -57.94 0.85 45.92
N ARG A 1445 -56.82 1.49 46.26
CA ARG A 1445 -56.83 2.69 47.06
C ARG A 1445 -57.74 3.74 46.47
N SER A 1446 -57.86 3.76 45.15
CA SER A 1446 -58.83 4.66 44.53
C SER A 1446 -60.23 4.41 45.09
N ARG A 1447 -60.67 3.15 45.05
CA ARG A 1447 -61.98 2.82 45.62
C ARG A 1447 -62.01 3.15 47.10
N LEU A 1448 -60.89 2.94 47.79
CA LEU A 1448 -60.86 3.22 49.22
C LEU A 1448 -61.18 4.68 49.48
N ALA A 1449 -60.36 5.59 48.96
CA ALA A 1449 -60.59 7.01 49.16
C ALA A 1449 -61.94 7.44 48.59
N ALA A 1450 -62.55 6.64 47.72
CA ALA A 1450 -63.94 6.89 47.35
C ALA A 1450 -64.89 6.62 48.51
N VAL A 1451 -64.76 5.45 49.15
CA VAL A 1451 -65.58 5.15 50.32
C VAL A 1451 -65.22 6.09 51.47
N VAL A 1452 -63.95 6.43 51.60
CA VAL A 1452 -63.38 7.29 52.63
C VAL A 1452 -64.00 8.67 52.49
N SER A 1453 -63.67 9.36 51.41
CA SER A 1453 -64.19 10.70 51.17
C SER A 1453 -65.71 10.70 51.19
N ALA A 1454 -66.33 9.71 50.55
CA ALA A 1454 -67.80 9.68 50.48
C ALA A 1454 -68.42 9.58 51.86
N CYS A 1455 -67.78 8.84 52.77
CA CYS A 1455 -68.26 8.84 54.13
C CYS A 1455 -67.97 10.18 54.80
N LYS A 1456 -66.81 10.77 54.51
CA LYS A 1456 -66.59 12.15 54.96
C LYS A 1456 -67.74 13.04 54.55
N GLN A 1457 -68.33 12.77 53.38
CA GLN A 1457 -69.59 13.40 52.99
C GLN A 1457 -70.70 13.00 53.95
N LEU A 1458 -70.68 11.73 54.42
CA LEU A 1458 -71.68 11.29 55.39
C LEU A 1458 -71.59 12.04 56.71
N HIS A 1459 -70.42 12.55 57.09
CA HIS A 1459 -70.33 13.35 58.31
C HIS A 1459 -71.28 14.54 58.23
N ARG A 1460 -71.31 15.20 57.07
CA ARG A 1460 -72.30 16.22 56.78
C ARG A 1460 -73.71 15.66 56.75
N ALA A 1461 -73.85 14.33 56.73
CA ALA A 1461 -75.13 13.65 56.69
C ALA A 1461 -75.50 13.00 58.03
N GLY A 1462 -76.73 12.48 58.07
CA GLY A 1462 -77.25 11.82 59.25
C GLY A 1462 -77.30 10.31 59.12
N LEU A 1463 -78.01 9.69 60.07
CA LEU A 1463 -78.26 8.25 60.14
C LEU A 1463 -76.95 7.48 60.17
N LEU A 1464 -75.82 8.19 60.05
CA LEU A 1464 -74.56 7.57 60.37
C LEU A 1464 -74.63 7.00 61.77
N HIS A 1465 -75.40 7.65 62.66
CA HIS A 1465 -75.35 7.33 64.09
C HIS A 1465 -75.90 5.94 64.41
N ASN A 1466 -76.83 5.41 63.60
CA ASN A 1466 -77.28 4.04 63.83
C ASN A 1466 -76.29 3.02 63.31
N ILE A 1467 -75.57 3.37 62.25
CA ILE A 1467 -74.76 2.41 61.52
C ILE A 1467 -73.27 2.62 61.73
N LEU A 1468 -72.83 3.84 62.07
CA LEU A 1468 -71.41 4.18 62.02
C LEU A 1468 -70.73 4.53 63.35
N PRO A 1469 -71.46 4.88 64.43
CA PRO A 1469 -70.86 4.85 65.76
C PRO A 1469 -70.72 3.49 66.42
N SER A 1470 -71.46 2.46 66.03
CA SER A 1470 -71.05 1.12 66.42
C SER A 1470 -69.82 0.69 65.62
N GLN A 1471 -69.80 1.03 64.33
CA GLN A 1471 -68.60 0.94 63.51
C GLN A 1471 -67.55 2.00 63.87
N SER A 1472 -67.87 2.93 64.77
CA SER A 1472 -66.87 3.87 65.27
C SER A 1472 -66.10 3.28 66.44
N THR A 1473 -66.82 2.94 67.51
CA THR A 1473 -66.21 2.26 68.64
C THR A 1473 -65.48 1.00 68.18
N ASP A 1474 -66.11 0.23 67.30
CA ASP A 1474 -65.46 -1.00 66.83
C ASP A 1474 -64.58 -0.77 65.61
N LEU A 1475 -65.13 -0.15 64.55
CA LEU A 1475 -64.43 -0.07 63.28
C LEU A 1475 -63.45 1.09 63.18
N HIS A 1476 -63.64 2.18 63.90
CA HIS A 1476 -62.60 3.19 63.82
C HIS A 1476 -61.42 2.81 64.69
N HIS A 1477 -61.68 2.29 65.89
CA HIS A 1477 -60.67 1.54 66.62
C HIS A 1477 -59.99 0.54 65.70
N SER A 1478 -60.75 -0.06 64.80
CA SER A 1478 -60.18 -0.95 63.80
C SER A 1478 -59.26 -0.21 62.83
N VAL A 1479 -59.59 1.04 62.50
CA VAL A 1479 -58.69 1.83 61.67
C VAL A 1479 -57.43 2.20 62.44
N GLY A 1480 -57.54 2.36 63.76
CA GLY A 1480 -56.35 2.54 64.58
C GLY A 1480 -55.47 1.31 64.56
N THR A 1481 -56.08 0.12 64.61
CA THR A 1481 -55.31 -1.10 64.40
C THR A 1481 -54.75 -1.14 62.98
N GLU A 1482 -55.43 -0.48 62.02
CA GLU A 1482 -54.89 -0.38 60.66
C GLU A 1482 -53.58 0.40 60.66
N LEU A 1483 -53.56 1.57 61.32
CA LEU A 1483 -52.29 2.25 61.57
C LEU A 1483 -51.29 1.30 62.23
N LEU A 1484 -51.73 0.60 63.27
CA LEU A 1484 -50.82 -0.21 64.10
C LEU A 1484 -50.14 -1.30 63.29
N SER A 1485 -50.91 -2.02 62.46
CA SER A 1485 -50.35 -3.11 61.68
C SER A 1485 -49.61 -2.60 60.46
N LEU A 1486 -50.22 -1.67 59.72
CA LEU A 1486 -49.63 -1.18 58.50
C LEU A 1486 -48.30 -0.47 58.74
N VAL A 1487 -48.12 0.13 59.92
CA VAL A 1487 -46.89 0.90 60.13
C VAL A 1487 -45.66 0.00 60.21
N TYR A 1488 -45.81 -1.28 60.53
CA TYR A 1488 -44.65 -2.17 60.66
C TYR A 1488 -43.99 -2.40 59.31
N LYS A 1489 -44.79 -2.75 58.31
CA LYS A 1489 -44.25 -3.12 57.00
C LYS A 1489 -43.74 -1.92 56.20
N GLY A 1490 -44.22 -0.72 56.48
CA GLY A 1490 -43.93 0.40 55.58
C GLY A 1490 -44.51 0.19 54.20
N ILE A 1491 -45.73 -0.34 54.12
CA ILE A 1491 -46.28 -0.88 52.87
C ILE A 1491 -46.62 0.25 51.90
N ALA A 1492 -46.66 -0.11 50.59
CA ALA A 1492 -47.35 0.69 49.58
C ALA A 1492 -46.72 2.08 49.47
N PRO A 1493 -47.27 3.03 48.67
CA PRO A 1493 -46.54 4.29 48.48
C PRO A 1493 -47.02 5.43 49.37
N GLY A 1494 -46.37 6.58 49.24
CA GLY A 1494 -46.75 7.78 49.96
C GLY A 1494 -48.19 8.21 49.77
N ASP A 1495 -48.85 7.76 48.70
CA ASP A 1495 -50.28 8.03 48.55
C ASP A 1495 -51.13 7.16 49.47
N GLU A 1496 -50.75 5.90 49.66
CA GLU A 1496 -51.44 5.08 50.65
C GLU A 1496 -51.06 5.56 52.06
N ARG A 1497 -49.80 5.97 52.22
CA ARG A 1497 -49.38 6.80 53.35
C ARG A 1497 -50.13 8.12 53.42
N GLN A 1498 -50.95 8.44 52.41
CA GLN A 1498 -51.91 9.52 52.48
C GLN A 1498 -53.31 9.00 52.75
N CYS A 1499 -53.58 7.73 52.47
CA CYS A 1499 -54.85 7.11 52.83
C CYS A 1499 -54.96 6.96 54.34
N LEU A 1500 -53.87 6.58 55.00
CA LEU A 1500 -53.90 6.50 56.46
C LEU A 1500 -54.31 7.83 57.08
N PRO A 1501 -53.76 8.99 56.65
CA PRO A 1501 -54.38 10.26 57.03
C PRO A 1501 -55.87 10.33 56.74
N SER A 1502 -56.29 9.93 55.55
CA SER A 1502 -57.71 9.84 55.20
C SER A 1502 -58.43 8.88 56.14
N LEU A 1503 -58.06 7.59 56.08
CA LEU A 1503 -58.79 6.58 56.85
C LEU A 1503 -58.98 7.06 58.28
N ASP A 1504 -57.88 7.47 58.91
CA ASP A 1504 -57.96 8.01 60.26
C ASP A 1504 -58.72 9.32 60.32
N LEU A 1505 -58.87 10.01 59.19
CA LEU A 1505 -59.61 11.28 59.22
C LEU A 1505 -61.10 11.00 59.28
N SER A 1506 -61.63 10.35 58.24
CA SER A 1506 -63.03 9.93 58.26
C SER A 1506 -63.35 9.07 59.47
N CYS A 1507 -62.35 8.44 60.08
CA CYS A 1507 -62.60 7.62 61.26
C CYS A 1507 -62.69 8.49 62.51
N LYS A 1508 -61.58 9.12 62.89
CA LYS A 1508 -61.55 9.97 64.07
C LYS A 1508 -62.62 11.05 64.04
N GLN A 1509 -63.06 11.47 62.85
CA GLN A 1509 -64.13 12.45 62.78
C GLN A 1509 -65.46 11.80 63.17
N LEU A 1510 -65.42 10.78 64.01
CA LEU A 1510 -66.63 10.06 64.42
C LEU A 1510 -66.38 9.24 65.67
N ALA A 1511 -65.17 8.69 65.81
CA ALA A 1511 -64.92 7.84 66.96
C ALA A 1511 -64.38 8.65 68.12
N SER A 1512 -64.13 7.98 69.23
CA SER A 1512 -63.62 8.69 70.37
C SER A 1512 -62.14 8.99 70.21
N GLY A 1513 -61.69 9.99 70.94
CA GLY A 1513 -60.28 10.28 71.00
C GLY A 1513 -59.65 9.70 72.25
N LEU A 1514 -60.48 9.35 73.24
CA LEU A 1514 -60.02 8.61 74.41
C LEU A 1514 -59.16 7.43 73.97
N LEU A 1515 -59.79 6.45 73.31
CA LEU A 1515 -59.03 5.29 72.86
C LEU A 1515 -57.84 5.65 71.98
N GLU A 1516 -57.83 6.83 71.35
CA GLU A 1516 -56.64 7.24 70.60
C GLU A 1516 -55.52 7.63 71.55
N LEU A 1517 -55.74 8.68 72.33
CA LEU A 1517 -54.75 9.14 73.29
C LEU A 1517 -54.20 7.97 74.08
N ALA A 1518 -55.09 7.06 74.48
CA ALA A 1518 -54.66 5.78 75.04
C ALA A 1518 -53.75 5.07 74.06
N PHE A 1519 -54.13 5.02 72.78
CA PHE A 1519 -53.29 4.32 71.82
C PHE A 1519 -51.90 4.97 71.67
N ALA A 1520 -51.76 6.22 72.06
CA ALA A 1520 -50.44 6.84 72.00
C ALA A 1520 -49.49 6.08 72.91
N PHE A 1521 -49.59 6.33 74.22
CA PHE A 1521 -48.67 5.70 75.15
C PHE A 1521 -48.79 4.18 75.09
N GLY A 1522 -50.02 3.67 75.17
CA GLY A 1522 -50.22 2.22 75.12
C GLY A 1522 -49.51 1.57 73.93
N GLY A 1523 -49.70 2.14 72.74
CA GLY A 1523 -48.96 1.65 71.59
C GLY A 1523 -47.47 1.72 71.78
N LEU A 1524 -47.01 2.77 72.48
CA LEU A 1524 -45.59 2.96 72.74
C LEU A 1524 -45.03 1.82 73.59
N CYS A 1525 -45.79 1.41 74.60
CA CYS A 1525 -45.32 0.35 75.46
C CYS A 1525 -45.40 -0.99 74.75
N GLU A 1526 -46.32 -1.14 73.80
CA GLU A 1526 -46.37 -2.36 73.05
C GLU A 1526 -45.35 -2.25 71.92
N GLY A 1548 -29.79 -7.26 63.41
CA GLY A 1548 -29.54 -6.42 64.57
C GLY A 1548 -30.24 -5.07 64.50
N SER A 1549 -29.97 -4.32 63.44
CA SER A 1549 -30.54 -2.98 63.26
C SER A 1549 -32.07 -2.96 63.27
N VAL A 1550 -32.73 -4.03 62.78
CA VAL A 1550 -34.16 -4.02 62.49
C VAL A 1550 -35.04 -3.74 63.70
N ILE A 1551 -35.14 -4.70 64.64
CA ILE A 1551 -35.90 -4.43 65.85
C ILE A 1551 -35.31 -3.25 66.60
N HIS A 1552 -34.00 -3.03 66.47
CA HIS A 1552 -33.28 -1.94 67.12
C HIS A 1552 -33.98 -0.61 66.85
N PHE A 1553 -33.93 -0.10 65.62
CA PHE A 1553 -34.72 1.10 65.37
C PHE A 1553 -36.22 0.89 65.52
N SER A 1554 -36.70 -0.36 65.37
CA SER A 1554 -38.13 -0.63 65.52
C SER A 1554 -38.64 -0.16 66.87
N HIS A 1555 -37.89 -0.43 67.94
CA HIS A 1555 -38.30 -0.01 69.28
C HIS A 1555 -38.59 1.48 69.33
N GLY A 1556 -37.78 2.28 68.62
CA GLY A 1556 -38.04 3.70 68.57
C GLY A 1556 -39.07 4.08 67.54
N GLU A 1557 -39.35 3.20 66.59
CA GLU A 1557 -40.19 3.56 65.46
C GLU A 1557 -41.67 3.32 65.76
N TYR A 1558 -42.04 2.10 66.15
CA TYR A 1558 -43.44 2.00 66.58
C TYR A 1558 -43.69 2.83 67.83
N PHE A 1559 -42.62 3.33 68.45
CA PHE A 1559 -42.72 4.37 69.47
C PHE A 1559 -43.03 5.72 68.87
N TYR A 1560 -42.39 6.08 67.76
CA TYR A 1560 -42.39 7.46 67.24
C TYR A 1560 -43.12 7.63 65.90
N SER A 1561 -42.69 6.94 64.82
CA SER A 1561 -43.15 7.26 63.47
C SER A 1561 -44.67 7.19 63.35
N LEU A 1562 -45.31 6.30 64.11
CA LEU A 1562 -46.77 6.37 64.22
C LEU A 1562 -47.23 7.72 64.72
N PHE A 1563 -46.30 8.54 65.22
CA PHE A 1563 -46.54 9.92 65.58
C PHE A 1563 -45.66 10.90 64.82
N SER A 1564 -44.89 10.44 63.84
CA SER A 1564 -44.35 11.41 62.91
C SER A 1564 -45.26 11.58 61.70
N GLU A 1565 -45.66 10.48 61.08
CA GLU A 1565 -46.56 10.46 59.94
C GLU A 1565 -47.87 11.17 60.24
N THR A 1566 -48.72 10.49 60.98
CA THR A 1566 -50.10 10.86 61.21
C THR A 1566 -50.23 12.00 62.15
N ILE A 1567 -49.08 12.60 62.46
CA ILE A 1567 -49.03 13.66 63.46
C ILE A 1567 -49.96 14.80 63.05
N ASN A 1568 -49.86 15.26 61.80
CA ASN A 1568 -50.57 16.46 61.40
C ASN A 1568 -52.07 16.31 61.62
N THR A 1569 -52.60 15.14 61.28
CA THR A 1569 -54.02 14.88 61.38
C THR A 1569 -54.44 14.52 62.80
N GLU A 1570 -53.51 13.99 63.62
CA GLU A 1570 -53.83 13.67 65.01
C GLU A 1570 -53.85 14.92 65.88
N LEU A 1571 -52.82 15.76 65.74
CA LEU A 1571 -52.84 17.11 66.26
C LEU A 1571 -54.13 17.80 65.83
N LEU A 1572 -54.34 17.91 64.52
CA LEU A 1572 -55.54 18.50 63.92
C LEU A 1572 -56.80 17.63 64.17
N LYS A 1573 -56.68 16.60 65.02
CA LYS A 1573 -57.79 15.70 65.30
C LYS A 1573 -58.31 15.86 66.71
N ASN A 1574 -57.43 15.87 67.71
CA ASN A 1574 -57.95 16.03 69.06
C ASN A 1574 -57.78 17.46 69.57
N LEU A 1575 -56.84 18.23 69.02
CA LEU A 1575 -57.05 19.66 69.09
C LEU A 1575 -58.39 20.03 68.50
N ASP A 1576 -58.89 19.21 67.57
CA ASP A 1576 -60.06 19.58 66.78
C ASP A 1576 -61.30 19.72 67.65
N LEU A 1577 -61.53 18.76 68.55
CA LEU A 1577 -62.81 18.70 69.25
C LEU A 1577 -62.73 18.98 70.75
N ALA A 1578 -61.67 18.55 71.44
CA ALA A 1578 -61.62 18.67 72.90
C ALA A 1578 -60.35 19.38 73.37
N VAL A 1579 -60.52 20.51 74.06
CA VAL A 1579 -59.42 21.08 74.84
C VAL A 1579 -59.32 20.32 76.17
N LEU A 1580 -58.10 20.23 76.70
CA LEU A 1580 -57.79 19.76 78.07
C LEU A 1580 -57.99 18.27 78.29
N GLU A 1581 -58.63 17.55 77.36
CA GLU A 1581 -58.48 16.11 77.35
C GLU A 1581 -57.04 15.72 77.04
N LEU A 1582 -56.48 16.40 76.04
CA LEU A 1582 -55.14 16.14 75.56
C LEU A 1582 -54.14 16.18 76.71
N GLN A 1584 -54.22 15.67 80.01
CA GLN A 1584 -54.20 14.38 80.69
C GLN A 1584 -53.51 13.33 79.85
N SER A 1585 -53.91 13.20 78.58
CA SER A 1585 -53.20 12.26 77.71
C SER A 1585 -51.68 12.43 77.83
N SER A 1586 -51.17 13.62 77.50
CA SER A 1586 -49.75 13.82 77.34
C SER A 1586 -48.99 13.56 78.64
N VAL A 1587 -49.52 14.05 79.77
CA VAL A 1587 -48.81 13.80 81.04
C VAL A 1587 -48.81 12.32 81.35
N ASP A 1588 -49.95 11.66 81.10
CA ASP A 1588 -50.03 10.22 81.25
C ASP A 1588 -48.95 9.51 80.45
N ASN A 1589 -48.50 10.10 79.34
CA ASN A 1589 -47.48 9.45 78.51
C ASN A 1589 -46.13 9.38 79.23
N THR A 1590 -45.58 10.56 79.57
CA THR A 1590 -44.20 10.90 79.97
C THR A 1590 -43.38 11.18 78.71
N LYS A 1591 -42.04 11.16 78.80
CA LYS A 1591 -41.04 11.50 77.76
C LYS A 1591 -41.47 11.67 76.30
N VAL A 1593 -44.55 13.39 75.30
CA VAL A 1593 -44.96 14.76 75.63
C VAL A 1593 -44.42 15.83 74.68
N SER A 1594 -43.15 15.74 74.31
CA SER A 1594 -42.48 16.82 73.58
C SER A 1594 -42.93 16.89 72.13
N ALA A 1595 -42.79 15.79 71.38
CA ALA A 1595 -43.24 15.80 69.99
C ALA A 1595 -44.74 16.07 69.90
N VAL A 1596 -45.54 15.31 70.65
CA VAL A 1596 -46.99 15.49 70.63
C VAL A 1596 -47.36 16.92 70.99
N LEU A 1597 -46.86 17.39 72.13
CA LEU A 1597 -47.24 18.70 72.66
C LEU A 1597 -46.66 19.85 71.81
N ASN A 1598 -45.43 19.69 71.31
CA ASN A 1598 -44.77 20.72 70.51
C ASN A 1598 -45.43 20.84 69.14
N GLY A 1599 -45.61 19.70 68.46
CA GLY A 1599 -46.41 19.73 67.25
C GLY A 1599 -47.85 20.10 67.53
N LEU A 1601 -49.12 22.56 70.09
CA LEU A 1601 -49.03 24.02 70.06
C LEU A 1601 -48.72 24.53 68.66
N ASP A 1602 -47.68 23.97 68.05
CA ASP A 1602 -47.26 24.25 66.69
C ASP A 1602 -48.43 24.26 65.70
N GLN A 1603 -48.98 23.07 65.42
CA GLN A 1603 -49.97 22.93 64.36
C GLN A 1603 -51.25 23.71 64.69
N SER A 1604 -51.66 23.74 65.97
CA SER A 1604 -52.82 24.55 66.36
C SER A 1604 -52.59 26.01 66.01
N PHE A 1605 -51.50 26.56 66.53
CA PHE A 1605 -51.00 27.89 66.19
C PHE A 1605 -51.15 28.17 64.70
N ARG A 1606 -50.71 27.23 63.87
CA ARG A 1606 -50.79 27.42 62.43
C ARG A 1606 -52.24 27.49 61.97
N GLU A 1607 -53.07 26.50 62.31
CA GLU A 1607 -54.43 26.40 61.79
C GLU A 1607 -55.26 27.63 62.13
N ARG A 1608 -55.37 27.99 63.42
CA ARG A 1608 -56.44 28.94 63.77
C ARG A 1608 -56.17 30.35 63.23
N ALA A 1609 -54.99 30.90 63.48
CA ALA A 1609 -54.76 32.29 63.08
C ALA A 1609 -54.61 32.46 61.57
N ASP A 1630 -57.46 32.43 68.15
CA ASP A 1630 -58.07 32.77 69.42
C ASP A 1630 -58.70 31.55 70.08
N SER A 1631 -59.13 30.58 69.27
CA SER A 1631 -59.63 29.33 69.80
C SER A 1631 -58.46 28.49 70.27
N TRP A 1632 -57.80 27.79 69.34
CA TRP A 1632 -56.72 26.87 69.69
C TRP A 1632 -55.63 27.56 70.51
N TRP A 1633 -55.58 28.89 70.51
CA TRP A 1633 -54.69 29.62 71.40
C TRP A 1633 -55.09 29.44 72.86
N ALA A 1634 -56.32 29.85 73.20
CA ALA A 1634 -56.86 29.61 74.53
C ALA A 1634 -56.92 28.12 74.86
N LYS A 1635 -57.11 27.25 73.85
CA LYS A 1635 -56.98 25.83 74.12
C LYS A 1635 -55.62 25.62 74.76
N ASP A 1636 -54.56 25.80 73.98
CA ASP A 1636 -53.22 25.48 74.42
C ASP A 1636 -52.82 26.16 75.73
N SER A 1637 -53.44 27.29 76.11
CA SER A 1637 -52.85 27.83 77.35
C SER A 1637 -53.61 27.40 78.62
N PRO A 1638 -54.89 27.86 78.91
CA PRO A 1638 -55.58 27.40 80.14
C PRO A 1638 -55.36 25.96 80.57
N LEU A 1639 -55.14 25.03 79.63
CA LEU A 1639 -54.64 23.73 80.04
C LEU A 1639 -53.18 23.83 80.47
N GLU A 1640 -52.38 24.57 79.71
CA GLU A 1640 -50.96 24.66 79.98
C GLU A 1640 -50.66 25.29 81.34
N THR A 1641 -51.59 26.05 81.90
CA THR A 1641 -51.37 26.47 83.28
C THR A 1641 -51.61 25.31 84.24
N LYS A 1642 -52.65 24.50 83.97
CA LYS A 1642 -53.07 23.46 84.91
C LYS A 1642 -52.10 22.30 84.91
N ALA A 1644 -48.78 22.90 83.61
CA ALA A 1644 -47.62 23.69 83.98
C ALA A 1644 -47.44 23.61 85.48
N VAL A 1645 -48.55 23.41 86.19
CA VAL A 1645 -48.51 23.04 87.61
C VAL A 1645 -47.90 21.65 87.77
N LEU A 1646 -48.30 20.68 86.94
CA LEU A 1646 -48.02 19.30 87.28
C LEU A 1646 -46.71 18.79 86.69
N ALA A 1647 -46.77 17.96 85.66
CA ALA A 1647 -45.59 17.21 85.25
C ALA A 1647 -44.47 18.07 84.63
N LEU A 1648 -44.39 19.36 84.97
CA LEU A 1648 -43.21 20.16 84.64
C LEU A 1648 -42.19 20.17 85.80
N LEU A 1649 -42.63 20.60 86.99
CA LEU A 1649 -41.68 20.84 88.06
C LEU A 1649 -40.93 19.57 88.45
N ALA A 1650 -41.58 18.41 88.32
CA ALA A 1650 -40.92 17.13 88.48
C ALA A 1650 -39.58 17.12 87.75
N LYS A 1651 -39.62 17.30 86.43
CA LYS A 1651 -38.37 17.32 85.70
C LYS A 1651 -37.47 18.41 86.25
N ILE A 1652 -38.00 19.62 86.49
CA ILE A 1652 -37.10 20.69 86.92
C ILE A 1652 -36.26 20.33 88.14
N LEU A 1653 -36.92 20.13 89.29
CA LEU A 1653 -36.21 19.80 90.52
C LEU A 1653 -35.36 18.53 90.37
N GLN A 1654 -35.79 17.59 89.53
CA GLN A 1654 -34.92 16.48 89.15
C GLN A 1654 -33.57 17.03 88.70
N ILE A 1655 -33.60 17.86 87.66
CA ILE A 1655 -32.39 18.43 87.08
C ILE A 1655 -31.57 19.17 88.13
N ASP A 1656 -32.22 20.08 88.85
CA ASP A 1656 -31.49 20.95 89.76
C ASP A 1656 -30.80 20.13 90.83
N SER A 1657 -31.44 19.04 91.27
CA SER A 1657 -30.79 18.12 92.18
C SER A 1657 -29.88 17.13 91.46
N SER A 1658 -30.29 16.67 90.27
CA SER A 1658 -29.46 15.74 89.51
C SER A 1658 -28.53 16.51 88.60
N VAL A 1671 -23.29 9.16 86.26
CA VAL A 1671 -23.23 9.66 84.88
C VAL A 1671 -24.63 9.71 84.26
N PHE A 1672 -25.50 8.79 84.68
CA PHE A 1672 -26.90 8.81 84.23
C PHE A 1672 -27.60 10.10 84.68
N THR A 1673 -27.21 10.63 85.85
CA THR A 1673 -27.83 11.82 86.43
C THR A 1673 -27.79 13.03 85.48
N THR A 1674 -26.64 13.26 84.82
CA THR A 1674 -26.51 14.42 83.95
C THR A 1674 -27.40 14.30 82.71
N TYR A 1675 -27.41 13.13 82.06
CA TYR A 1675 -28.30 12.92 80.91
C TYR A 1675 -29.77 13.12 81.30
N ILE A 1676 -30.21 12.59 82.44
CA ILE A 1676 -31.60 12.84 82.87
C ILE A 1676 -31.84 14.33 83.07
N SER A 1677 -30.99 14.98 83.85
CA SER A 1677 -31.08 16.43 84.02
C SER A 1677 -31.17 17.14 82.66
N LEU A 1678 -30.24 16.86 81.75
CA LEU A 1678 -30.13 17.56 80.47
C LEU A 1678 -31.39 17.39 79.62
N LEU A 1679 -31.77 16.15 79.31
CA LEU A 1679 -33.00 15.97 78.53
C LEU A 1679 -34.17 16.66 79.22
N ALA A 1680 -34.48 16.26 80.46
CA ALA A 1680 -35.67 16.78 81.12
C ALA A 1680 -35.71 18.30 81.07
N ASP A 1681 -34.64 18.96 81.53
CA ASP A 1681 -34.67 20.42 81.60
C ASP A 1681 -34.81 21.02 80.21
N THR A 1682 -33.87 20.73 79.31
CA THR A 1682 -33.89 21.44 78.03
C THR A 1682 -35.24 21.27 77.36
N LYS A 1683 -35.85 20.08 77.53
CA LYS A 1683 -37.22 19.88 77.06
C LYS A 1683 -38.15 20.90 77.69
N LEU A 1684 -38.25 20.90 79.03
CA LEU A 1684 -39.20 21.80 79.69
C LEU A 1684 -38.93 23.25 79.34
N ASP A 1685 -37.66 23.65 79.26
CA ASP A 1685 -37.33 24.94 78.72
C ASP A 1685 -38.12 25.19 77.44
N LEU A 1686 -37.87 24.35 76.43
CA LEU A 1686 -38.52 24.47 75.13
C LEU A 1686 -40.02 24.68 75.30
N HIS A 1687 -40.65 23.79 76.06
CA HIS A 1687 -42.08 23.87 76.27
C HIS A 1687 -42.48 25.25 76.79
N LEU A 1688 -41.84 25.72 77.85
CA LEU A 1688 -42.10 27.07 78.36
C LEU A 1688 -41.97 28.13 77.28
N LYS A 1689 -40.99 27.97 76.40
CA LYS A 1689 -40.79 28.89 75.30
C LYS A 1689 -42.09 28.99 74.50
N GLY A 1690 -42.43 27.91 73.79
CA GLY A 1690 -43.66 27.91 73.02
C GLY A 1690 -44.87 28.39 73.82
N GLN A 1691 -44.94 27.96 75.10
CA GLN A 1691 -46.09 28.24 75.96
C GLN A 1691 -46.26 29.72 76.27
N ALA A 1692 -45.18 30.44 76.52
CA ALA A 1692 -45.32 31.88 76.70
C ALA A 1692 -45.55 32.57 75.37
N VAL A 1693 -45.08 31.97 74.27
CA VAL A 1693 -45.31 32.57 72.96
C VAL A 1693 -46.79 32.58 72.59
N THR A 1694 -47.47 31.43 72.70
CA THR A 1694 -48.92 31.48 72.52
C THR A 1694 -49.65 32.07 73.71
N LEU A 1695 -48.97 32.32 74.84
CA LEU A 1695 -49.57 33.16 75.88
C LEU A 1695 -49.76 34.60 75.40
N LEU A 1696 -48.73 35.17 74.77
CA LEU A 1696 -48.77 36.61 74.46
C LEU A 1696 -49.78 37.14 73.45
N PRO A 1697 -50.45 36.35 72.58
CA PRO A 1697 -51.46 36.97 71.70
C PRO A 1697 -52.86 37.08 72.29
N PHE A 1698 -53.00 37.08 73.62
CA PHE A 1698 -54.34 37.20 74.20
C PHE A 1698 -54.35 38.06 75.47
N PHE A 1699 -55.26 37.75 76.40
CA PHE A 1699 -55.31 38.38 77.71
C PHE A 1699 -54.19 37.95 78.65
N THR A 1700 -52.95 37.82 78.14
CA THR A 1700 -51.80 37.39 78.94
C THR A 1700 -51.36 38.48 79.91
N SER A 1701 -50.05 38.61 80.14
CA SER A 1701 -49.48 39.64 81.00
C SER A 1701 -50.05 39.50 82.40
N LEU A 1702 -51.35 39.71 82.55
CA LEU A 1702 -52.04 39.35 83.79
C LEU A 1702 -52.23 37.84 83.87
N THR A 1703 -52.57 37.20 82.75
CA THR A 1703 -52.54 35.74 82.67
C THR A 1703 -51.12 35.21 82.80
N GLY A 1704 -50.13 35.97 82.33
CA GLY A 1704 -48.75 35.66 82.64
C GLY A 1704 -48.43 35.65 84.13
N GLY A 1705 -48.35 36.84 84.73
CA GLY A 1705 -47.96 37.13 86.10
C GLY A 1705 -49.01 37.07 87.20
N SER A 1706 -50.19 36.53 86.97
CA SER A 1706 -51.18 36.48 88.05
C SER A 1706 -51.66 35.08 88.40
N LEU A 1707 -51.38 34.06 87.57
CA LEU A 1707 -51.83 32.72 87.93
C LEU A 1707 -50.83 32.01 88.82
N GLU A 1708 -50.17 30.96 88.34
CA GLU A 1708 -49.45 30.13 89.30
C GLU A 1708 -48.36 29.33 88.64
N GLU A 1709 -47.44 28.86 89.48
CA GLU A 1709 -46.36 27.93 89.14
C GLU A 1709 -45.69 28.25 87.82
N LEU A 1710 -44.87 29.30 87.80
CA LEU A 1710 -44.18 29.70 86.59
C LEU A 1710 -42.87 30.42 86.89
N ARG A 1711 -42.94 31.60 87.50
CA ARG A 1711 -41.74 32.33 87.89
C ARG A 1711 -40.64 31.41 88.40
N ARG A 1712 -40.98 30.57 89.36
CA ARG A 1712 -40.06 29.57 89.89
C ARG A 1712 -39.35 28.87 88.74
N VAL A 1713 -40.12 28.31 87.82
CA VAL A 1713 -39.54 27.62 86.67
C VAL A 1713 -38.64 28.55 85.87
N LEU A 1714 -39.05 29.83 85.69
CA LEU A 1714 -38.20 30.79 85.00
C LEU A 1714 -36.83 30.92 85.67
N GLU A 1715 -36.80 30.83 86.99
CA GLU A 1715 -35.63 31.15 87.80
C GLU A 1715 -34.74 29.94 88.16
N GLN A 1716 -35.32 28.75 88.28
CA GLN A 1716 -34.55 27.58 88.66
C GLN A 1716 -33.46 27.27 87.64
N LEU A 1717 -33.88 27.02 86.39
CA LEU A 1717 -32.95 26.80 85.30
C LEU A 1717 -32.11 28.03 85.03
N ILE A 1718 -32.53 29.16 85.57
CA ILE A 1718 -31.64 30.29 85.70
C ILE A 1718 -30.54 30.01 86.73
N VAL A 1719 -30.76 29.10 87.69
CA VAL A 1719 -29.65 28.82 88.63
C VAL A 1719 -29.12 27.38 88.57
N ALA A 1720 -28.74 26.92 87.37
CA ALA A 1720 -28.02 25.64 87.25
C ALA A 1720 -26.87 25.80 86.27
N HIS A 1721 -27.21 26.11 85.00
CA HIS A 1721 -26.23 26.27 83.94
C HIS A 1721 -26.14 27.68 83.37
N PHE A 1722 -25.74 27.78 82.07
CA PHE A 1722 -25.40 29.02 81.37
C PHE A 1722 -25.70 28.95 79.88
N PRO A 1723 -25.21 27.93 79.14
CA PRO A 1723 -25.35 27.96 77.69
C PRO A 1723 -26.75 27.60 77.20
N GLN A 1725 -29.08 27.93 78.44
CA GLN A 1725 -29.85 28.88 79.21
C GLN A 1725 -30.02 30.22 78.50
N SER A 1726 -29.15 30.54 77.55
CA SER A 1726 -29.28 31.78 76.78
C SER A 1726 -30.59 31.87 75.98
N ARG A 1727 -31.16 30.73 75.55
CA ARG A 1727 -32.39 30.78 74.77
C ARG A 1727 -33.63 30.87 75.63
N GLU A 1728 -33.58 30.38 76.87
CA GLU A 1728 -34.70 30.46 77.79
C GLU A 1728 -34.69 31.76 78.54
N PHE A 1729 -34.03 32.71 77.96
CA PHE A 1729 -33.71 33.96 78.59
C PHE A 1729 -34.39 35.14 77.92
N PRO A 1730 -34.55 35.13 76.59
CA PRO A 1730 -35.43 36.11 75.93
C PRO A 1730 -36.77 36.28 76.62
N PRO A 1731 -37.46 35.19 77.01
CA PRO A 1731 -38.82 35.36 77.54
C PRO A 1731 -38.83 35.87 78.97
N GLY A 1732 -39.96 36.48 79.33
CA GLY A 1732 -40.20 36.86 80.70
C GLY A 1732 -40.65 38.29 80.84
N THR A 1733 -40.19 38.90 81.93
CA THR A 1733 -40.23 40.30 82.32
C THR A 1733 -41.52 40.73 83.03
N PRO A 1734 -42.29 39.83 83.71
CA PRO A 1734 -43.51 40.32 84.39
C PRO A 1734 -43.31 41.47 85.38
N ARG A 1735 -44.42 41.93 85.92
CA ARG A 1735 -44.40 43.10 86.76
C ARG A 1735 -45.09 42.74 88.08
N PHE A 1736 -45.39 43.77 88.87
CA PHE A 1736 -46.05 43.64 90.17
C PHE A 1736 -45.07 42.98 91.14
N ASN A 1737 -45.37 42.97 92.43
CA ASN A 1737 -44.49 42.34 93.41
C ASN A 1737 -44.47 40.81 93.23
N ASN A 1738 -43.92 40.12 94.23
CA ASN A 1738 -43.79 38.68 94.22
C ASN A 1738 -42.84 38.26 93.10
N TYR A 1739 -42.69 39.14 92.10
CA TYR A 1739 -41.87 38.94 90.92
C TYR A 1739 -40.68 39.90 90.86
N VAL A 1740 -40.91 41.22 90.96
CA VAL A 1740 -39.84 42.22 90.82
C VAL A 1740 -38.60 41.83 91.61
N ASP A 1741 -38.79 41.58 92.89
CA ASP A 1741 -37.73 41.10 93.75
C ASP A 1741 -37.04 39.91 93.10
N CYS A 1742 -37.86 38.92 92.77
CA CYS A 1742 -37.35 37.67 92.23
C CYS A 1742 -36.45 37.90 91.03
N LYS A 1744 -34.75 40.66 89.91
CA LYS A 1744 -33.46 41.28 90.21
C LYS A 1744 -32.52 40.29 90.88
N LYS A 1745 -33.04 39.57 91.90
CA LYS A 1745 -32.27 38.51 92.54
C LYS A 1745 -31.78 37.48 91.54
N PHE A 1746 -32.62 36.51 91.22
CA PHE A 1746 -32.23 35.39 90.36
C PHE A 1746 -31.66 35.87 89.03
N LEU A 1747 -31.28 37.14 88.93
CA LEU A 1747 -30.79 37.74 87.69
C LEU A 1747 -29.38 38.30 87.82
N ASP A 1748 -29.17 39.30 88.68
CA ASP A 1748 -27.86 39.94 88.75
C ASP A 1748 -26.82 38.86 88.76
N ALA A 1749 -27.08 37.87 89.63
CA ALA A 1749 -26.25 36.68 89.79
C ALA A 1749 -26.04 35.94 88.50
N LEU A 1750 -26.99 36.04 87.58
CA LEU A 1750 -26.74 35.44 86.28
C LEU A 1750 -25.70 36.23 85.54
N GLU A 1751 -25.88 37.55 85.45
CA GLU A 1751 -24.86 38.32 84.74
C GLU A 1751 -23.49 38.02 85.30
N LEU A 1752 -23.40 37.83 86.62
CA LEU A 1752 -22.13 37.42 87.23
C LEU A 1752 -21.48 36.25 86.49
N SER A 1753 -22.18 35.09 86.46
CA SER A 1753 -21.69 33.91 85.79
C SER A 1753 -21.73 34.01 84.25
N GLN A 1754 -22.07 35.23 83.84
CA GLN A 1754 -22.26 35.53 82.43
C GLN A 1754 -21.56 36.78 81.93
N SER A 1755 -21.40 37.79 82.77
CA SER A 1755 -20.97 39.13 82.38
C SER A 1755 -19.76 39.59 83.17
N PRO A 1756 -18.56 39.41 82.64
CA PRO A 1756 -17.36 39.99 83.22
C PRO A 1756 -17.10 41.42 82.77
N LEU A 1758 -14.70 42.30 81.21
CA LEU A 1758 -13.66 42.01 80.23
C LEU A 1758 -13.34 43.18 79.32
N LEU A 1759 -12.20 43.12 78.63
CA LEU A 1759 -11.79 44.20 77.76
C LEU A 1759 -12.78 44.31 76.60
N GLU A 1760 -12.69 45.43 75.86
CA GLU A 1760 -13.56 45.64 74.70
C GLU A 1760 -13.34 44.58 73.62
N LEU A 1761 -14.44 43.96 73.20
CA LEU A 1761 -14.42 43.08 72.03
C LEU A 1761 -15.69 43.18 71.19
N THR A 1763 -19.21 42.13 69.10
CA THR A 1763 -19.33 42.12 67.65
C THR A 1763 -20.68 42.66 67.21
N ARG A 1787 -49.36 45.45 72.01
CA ARG A 1787 -50.50 45.67 71.13
C ARG A 1787 -50.08 46.33 69.82
N ARG A 1788 -49.35 47.46 69.93
CA ARG A 1788 -48.92 48.20 68.74
C ARG A 1788 -47.92 47.40 67.91
N GLY A 1789 -46.74 47.14 68.46
CA GLY A 1789 -45.72 46.42 67.72
C GLY A 1789 -46.18 45.03 67.29
N SER A 1790 -46.88 44.34 68.19
CA SER A 1790 -47.37 42.99 67.87
C SER A 1790 -48.37 43.02 66.73
N CYS A 1791 -49.28 44.00 66.72
CA CYS A 1791 -50.20 44.12 65.60
C CYS A 1791 -49.47 44.50 64.32
N VAL A 1792 -48.39 45.28 64.44
CA VAL A 1792 -47.52 45.52 63.29
C VAL A 1792 -46.95 44.21 62.78
N THR A 1793 -46.59 43.31 63.70
CA THR A 1793 -45.88 42.07 63.33
C THR A 1793 -46.80 41.01 62.74
N GLN A 1794 -48.07 41.01 63.15
CA GLN A 1794 -49.03 40.04 62.65
C GLN A 1794 -49.72 40.56 61.39
N VAL A 1795 -50.22 41.80 61.45
CA VAL A 1795 -50.97 42.39 60.35
C VAL A 1795 -50.06 42.93 59.25
N GLY A 1796 -48.77 43.06 59.50
CA GLY A 1796 -47.88 43.57 58.48
C GLY A 1796 -47.27 42.49 57.60
N LEU A 1797 -46.73 41.44 58.21
CA LEU A 1797 -46.17 40.34 57.44
C LEU A 1797 -47.26 39.59 56.68
N LEU A 1798 -46.84 38.98 55.58
CA LEU A 1798 -47.73 38.32 54.64
C LEU A 1798 -47.90 36.85 54.98
N GLU A 1799 -48.20 36.01 53.99
CA GLU A 1799 -48.25 34.56 54.20
C GLU A 1799 -47.08 33.80 53.61
N SER A 1800 -46.66 34.14 52.39
CA SER A 1800 -45.54 33.48 51.72
C SER A 1800 -44.28 33.38 52.59
N VAL A 1801 -43.94 34.45 53.30
CA VAL A 1801 -42.81 34.39 54.23
C VAL A 1801 -43.22 33.88 55.60
N TYR A 1802 -44.47 34.17 56.02
CA TYR A 1802 -44.99 33.66 57.30
C TYR A 1802 -44.74 32.18 57.43
N GLU A 1803 -45.16 31.40 56.43
CA GLU A 1803 -44.99 29.95 56.55
C GLU A 1803 -43.53 29.56 56.77
N PHE A 1805 -41.97 31.36 58.71
CA PHE A 1805 -41.98 31.60 60.15
C PHE A 1805 -42.61 30.46 60.94
N ARG A 1806 -43.88 30.13 60.69
CA ARG A 1806 -44.53 29.09 61.49
C ARG A 1806 -43.82 27.76 61.39
N LYS A 1807 -43.29 27.41 60.22
CA LYS A 1807 -42.49 26.20 60.25
C LYS A 1807 -41.11 26.43 60.87
N ASP A 1808 -40.73 27.69 61.11
CA ASP A 1808 -39.43 27.90 61.73
C ASP A 1808 -39.49 27.93 63.26
N ASP A 1809 -40.54 28.49 63.86
CA ASP A 1809 -40.52 28.68 65.32
C ASP A 1809 -40.87 27.48 66.20
N PRO A 1810 -41.69 26.51 65.80
CA PRO A 1810 -42.05 25.46 66.75
C PRO A 1810 -40.84 24.57 66.95
N ARG A 1811 -40.34 24.51 68.19
CA ARG A 1811 -39.07 23.88 68.58
C ARG A 1811 -37.95 24.35 67.65
N LEU A 1812 -36.81 23.66 67.68
CA LEU A 1812 -35.64 23.86 66.81
C LEU A 1812 -35.09 25.28 66.90
N SER A 1813 -34.04 25.57 66.13
CA SER A 1813 -33.37 26.86 66.26
C SER A 1813 -33.86 27.86 65.25
N PHE A 1814 -34.64 27.44 64.25
CA PHE A 1814 -35.32 28.43 63.44
C PHE A 1814 -36.28 29.25 64.29
N THR A 1815 -36.50 28.83 65.54
CA THR A 1815 -37.10 29.70 66.54
C THR A 1815 -36.48 31.08 66.52
N ARG A 1816 -35.20 31.13 66.87
CA ARG A 1816 -34.48 32.37 67.08
C ARG A 1816 -33.45 32.70 66.01
N GLN A 1817 -33.09 31.74 65.14
CA GLN A 1817 -32.25 32.07 63.97
C GLN A 1817 -32.98 32.99 62.98
N SER A 1818 -34.27 32.75 62.75
CA SER A 1818 -35.00 33.53 61.75
C SER A 1818 -34.98 35.02 62.08
N PHE A 1819 -35.12 35.38 63.36
CA PHE A 1819 -35.12 36.78 63.75
C PHE A 1819 -33.71 37.29 64.12
N VAL A 1820 -32.65 36.62 63.65
CA VAL A 1820 -31.29 37.13 63.77
C VAL A 1820 -30.59 37.19 62.41
N ASP A 1821 -30.64 36.10 61.63
CA ASP A 1821 -29.94 36.06 60.35
C ASP A 1821 -30.40 37.18 59.42
N ARG A 1822 -31.71 37.41 59.32
CA ARG A 1822 -32.22 38.46 58.46
C ARG A 1822 -32.41 39.75 59.23
N THR A 1856 -8.61 35.72 72.99
CA THR A 1856 -9.72 36.59 73.38
C THR A 1856 -10.96 36.28 72.54
N LYS A 1857 -10.75 36.15 71.23
CA LYS A 1857 -11.80 36.15 70.20
C LYS A 1857 -12.99 35.25 70.46
N LEU A 1858 -12.79 33.94 70.43
CA LEU A 1858 -13.92 33.00 70.34
C LEU A 1858 -14.88 33.12 71.52
N ASN A 1859 -14.38 32.95 72.75
CA ASN A 1859 -15.27 33.02 73.92
C ASN A 1859 -15.75 34.42 74.19
N GLU A 1860 -14.92 35.44 74.00
CA GLU A 1860 -15.42 36.79 74.15
C GLU A 1860 -16.59 37.03 73.19
N SER A 1861 -16.55 36.36 72.04
CA SER A 1861 -17.71 36.29 71.15
C SER A 1861 -18.89 35.53 71.77
N THR A 1862 -18.65 34.39 72.44
CA THR A 1862 -19.77 33.68 73.07
C THR A 1862 -20.41 34.50 74.18
N PHE A 1863 -19.60 35.02 75.11
CA PHE A 1863 -20.06 36.06 76.03
C PHE A 1863 -20.82 37.13 75.27
N ASP A 1864 -20.26 37.54 74.14
CA ASP A 1864 -20.81 38.62 73.35
C ASP A 1864 -22.26 38.34 73.00
N THR A 1865 -22.55 37.17 72.43
CA THR A 1865 -23.94 36.82 72.15
C THR A 1865 -24.75 36.64 73.44
N GLN A 1866 -24.08 36.28 74.54
CA GLN A 1866 -24.83 36.27 75.80
C GLN A 1866 -25.37 37.66 76.09
N ILE A 1867 -24.56 38.68 75.87
CA ILE A 1867 -25.09 40.05 75.85
C ILE A 1867 -26.10 40.25 74.72
N THR A 1868 -25.93 39.56 73.58
CA THR A 1868 -26.85 39.74 72.46
C THR A 1868 -28.27 39.46 72.90
N LYS A 1869 -28.54 38.20 73.26
CA LYS A 1869 -29.82 37.90 73.87
C LYS A 1869 -30.07 38.87 75.04
N LYS A 1870 -29.08 39.00 75.94
CA LYS A 1870 -29.29 39.63 77.26
C LYS A 1870 -29.62 41.10 77.28
N GLY A 1872 -30.49 42.58 73.94
CA GLY A 1872 -31.40 42.46 72.81
C GLY A 1872 -32.84 42.40 73.27
N TYR A 1873 -33.20 41.42 74.10
CA TYR A 1873 -34.56 41.40 74.59
C TYR A 1873 -34.80 42.52 75.59
N TYR A 1874 -33.72 43.07 76.16
CA TYR A 1874 -33.88 44.24 77.01
C TYR A 1874 -34.36 45.46 76.24
N LYS A 1875 -34.36 45.40 74.92
CA LYS A 1875 -34.85 46.54 74.14
C LYS A 1875 -36.34 46.83 74.34
N ILE A 1876 -37.13 45.89 74.86
CA ILE A 1876 -38.58 45.97 74.67
C ILE A 1876 -39.40 45.62 75.92
N LEU A 1877 -39.03 46.12 77.10
CA LEU A 1877 -39.60 45.49 78.28
C LEU A 1877 -39.57 46.35 79.56
N ASP A 1878 -39.24 45.75 80.72
CA ASP A 1878 -39.37 46.37 82.05
C ASP A 1878 -38.25 47.39 82.29
N VAL A 1879 -38.24 47.93 83.50
CA VAL A 1879 -37.51 49.15 83.83
C VAL A 1879 -36.16 48.86 84.46
N TYR A 1881 -34.79 46.19 83.93
CA TYR A 1881 -34.21 45.75 82.67
C TYR A 1881 -33.54 46.91 81.95
N SER A 1882 -34.00 48.14 82.17
CA SER A 1882 -33.21 49.26 81.69
C SER A 1882 -32.06 49.55 82.62
N ARG A 1883 -32.20 49.21 83.89
CA ARG A 1883 -31.28 49.75 84.89
C ARG A 1883 -29.91 49.09 84.80
N LEU A 1884 -29.88 47.75 84.85
CA LEU A 1884 -28.61 47.04 84.69
C LEU A 1884 -27.84 47.51 83.47
N PRO A 1885 -28.44 47.59 82.27
CA PRO A 1885 -27.70 48.13 81.13
C PRO A 1885 -26.97 49.41 81.45
N LYS A 1886 -27.66 50.37 82.06
CA LYS A 1886 -26.99 51.60 82.48
C LYS A 1886 -25.66 51.26 83.18
N ASP A 1887 -25.74 50.47 84.27
CA ASP A 1887 -24.55 50.05 85.03
C ASP A 1887 -23.45 49.60 84.09
N ASP A 1888 -23.84 48.75 83.15
CA ASP A 1888 -22.87 48.07 82.30
C ASP A 1888 -22.22 49.02 81.30
N VAL A 1889 -23.02 49.86 80.63
CA VAL A 1889 -22.45 50.88 79.77
C VAL A 1889 -21.45 51.73 80.51
N HIS A 1890 -21.65 51.89 81.81
CA HIS A 1890 -20.84 52.81 82.59
C HIS A 1890 -19.55 52.22 83.20
N ALA A 1891 -19.15 51.02 82.81
CA ALA A 1891 -17.80 50.54 83.15
C ALA A 1891 -16.75 51.30 82.34
N LYS A 1892 -16.50 50.89 81.09
CA LYS A 1892 -15.52 51.60 80.27
C LYS A 1892 -16.06 51.87 78.88
N GLU A 1893 -15.37 51.39 77.85
CA GLU A 1893 -15.85 51.42 76.49
C GLU A 1893 -15.49 50.11 75.81
N SER A 1894 -16.29 49.77 74.81
CA SER A 1894 -16.37 48.40 74.36
C SER A 1894 -17.26 48.30 73.14
N LYS A 1895 -16.92 47.46 72.17
CA LYS A 1895 -17.81 47.38 71.01
C LYS A 1895 -19.19 46.89 71.45
N ILE A 1896 -19.40 46.80 72.76
CA ILE A 1896 -20.75 46.91 73.31
C ILE A 1896 -21.37 48.26 72.94
N ASN A 1897 -20.55 49.29 72.67
CA ASN A 1897 -21.01 50.65 72.38
C ASN A 1897 -22.24 50.66 71.47
N GLN A 1898 -21.99 50.30 70.22
CA GLN A 1898 -23.00 50.28 69.17
C GLN A 1898 -24.30 49.64 69.63
N VAL A 1899 -24.21 48.45 70.21
CA VAL A 1899 -25.40 47.72 70.64
C VAL A 1899 -26.13 48.49 71.72
N PHE A 1900 -25.39 49.13 72.62
CA PHE A 1900 -26.03 49.96 73.64
C PHE A 1900 -26.73 51.17 73.02
N HIS A 1901 -26.06 51.87 72.10
CA HIS A 1901 -26.67 53.03 71.48
C HIS A 1901 -27.97 52.64 70.81
N GLY A 1902 -27.89 51.70 69.86
CA GLY A 1902 -29.09 51.21 69.20
C GLY A 1902 -30.16 50.79 70.18
N SER A 1903 -29.77 50.03 71.21
CA SER A 1903 -30.74 49.56 72.19
C SER A 1903 -31.48 50.74 72.83
N CYS A 1904 -30.73 51.63 73.48
CA CYS A 1904 -31.29 52.78 74.19
C CYS A 1904 -32.14 53.68 73.28
N ILE A 1905 -31.55 54.15 72.16
CA ILE A 1905 -32.30 54.92 71.16
C ILE A 1905 -33.64 54.24 70.92
N THR A 1906 -33.59 52.98 70.52
CA THR A 1906 -34.81 52.25 70.21
C THR A 1906 -35.77 52.18 71.39
N GLU A 1907 -35.25 52.15 72.62
CA GLU A 1907 -36.14 52.14 73.77
C GLU A 1907 -36.98 53.41 73.76
N GLY A 1908 -36.30 54.55 73.69
CA GLY A 1908 -37.00 55.82 73.66
C GLY A 1908 -38.01 55.96 72.53
N ASN A 1909 -37.62 55.55 71.31
CA ASN A 1909 -38.54 55.67 70.17
C ASN A 1909 -39.76 54.77 70.34
N GLU A 1910 -39.51 53.48 70.62
CA GLU A 1910 -40.57 52.47 70.53
C GLU A 1910 -41.56 52.58 71.68
N LEU A 1911 -41.07 52.62 72.92
CA LEU A 1911 -41.97 52.59 74.08
C LEU A 1911 -43.11 53.60 73.98
N THR A 1912 -42.78 54.89 73.97
CA THR A 1912 -43.70 56.00 73.74
C THR A 1912 -44.80 56.16 74.79
N LYS A 1913 -45.31 55.05 75.33
CA LYS A 1913 -46.31 55.09 76.39
C LYS A 1913 -46.00 56.15 77.42
N THR A 1914 -46.86 57.17 77.50
CA THR A 1914 -46.66 58.33 78.36
C THR A 1914 -46.42 57.93 79.81
N LEU A 1915 -46.56 56.63 80.11
CA LEU A 1915 -46.30 56.08 81.43
C LEU A 1915 -44.89 55.49 81.50
N ILE A 1916 -44.68 54.35 80.83
CA ILE A 1916 -43.37 53.70 80.74
C ILE A 1916 -42.27 54.70 80.41
N LYS A 1917 -42.55 55.60 79.48
CA LYS A 1917 -41.70 56.73 79.09
C LYS A 1917 -41.17 57.48 80.31
N LEU A 1918 -42.06 58.17 81.03
CA LEU A 1918 -41.60 58.84 82.25
C LEU A 1918 -40.95 57.88 83.23
N CYS A 1919 -41.31 56.59 83.22
CA CYS A 1919 -40.66 55.67 84.15
C CYS A 1919 -39.18 55.50 83.83
N TYR A 1920 -38.83 55.21 82.59
CA TYR A 1920 -37.41 55.08 82.26
C TYR A 1920 -36.65 56.37 82.49
N ASP A 1921 -37.31 57.50 82.28
CA ASP A 1921 -36.65 58.78 82.56
C ASP A 1921 -36.40 59.07 84.04
N ALA A 1922 -37.47 59.34 84.82
CA ALA A 1922 -37.32 59.54 86.26
C ALA A 1922 -36.47 58.46 86.91
N PHE A 1923 -36.44 57.28 86.30
CA PHE A 1923 -35.72 56.09 86.72
C PHE A 1923 -34.22 56.27 86.61
N THR A 1924 -33.69 56.29 85.38
CA THR A 1924 -32.24 56.51 85.26
C THR A 1924 -31.83 57.85 85.85
N GLU A 1925 -32.76 58.81 85.95
CA GLU A 1925 -32.45 60.01 86.74
C GLU A 1925 -32.05 59.59 88.13
N ASN A 1926 -33.00 59.06 88.89
CA ASN A 1926 -32.69 58.68 90.25
C ASN A 1926 -31.59 57.62 90.34
N ALA A 1928 -29.01 58.47 88.73
CA ALA A 1928 -28.03 59.53 88.94
C ALA A 1928 -28.25 60.30 90.24
N GLY A 1929 -29.23 59.86 91.05
CA GLY A 1929 -29.43 60.43 92.37
C GLY A 1929 -28.25 60.16 93.29
N GLU A 1930 -28.28 60.85 94.43
CA GLU A 1930 -27.15 60.85 95.35
C GLU A 1930 -26.85 59.44 95.83
N ASN A 1931 -25.62 58.97 95.58
CA ASN A 1931 -25.27 57.58 95.85
C ASN A 1931 -23.80 57.35 95.48
N GLN A 1932 -23.09 56.53 96.29
CA GLN A 1932 -21.63 56.37 96.18
C GLN A 1932 -21.28 55.53 94.95
N LEU A 1933 -20.80 56.19 93.91
CA LEU A 1933 -20.34 55.55 92.68
C LEU A 1933 -19.12 56.33 92.19
N LEU A 1934 -18.33 55.70 91.32
CA LEU A 1934 -17.08 56.29 90.86
C LEU A 1934 -17.30 57.50 89.97
N GLU A 1935 -16.44 57.70 88.97
CA GLU A 1935 -16.49 58.88 88.12
C GLU A 1935 -16.97 58.55 86.71
N ARG A 1936 -16.32 57.59 86.04
CA ARG A 1936 -16.78 57.08 84.75
C ARG A 1936 -18.26 56.72 84.81
N ARG A 1937 -18.64 55.84 85.76
CA ARG A 1937 -20.03 55.43 85.93
C ARG A 1937 -21.01 56.61 85.87
N ARG A 1938 -20.58 57.79 86.29
CA ARG A 1938 -21.49 58.94 86.23
C ARG A 1938 -21.39 59.72 84.92
N LEU A 1939 -20.18 59.94 84.38
CA LEU A 1939 -20.10 60.53 83.04
C LEU A 1939 -20.77 59.63 82.01
N TYR A 1940 -20.29 58.39 81.85
CA TYR A 1940 -21.00 57.40 81.06
C TYR A 1940 -22.48 57.34 81.44
N HIS A 1941 -22.81 57.64 82.70
CA HIS A 1941 -24.23 57.74 83.04
C HIS A 1941 -24.88 58.92 82.33
N CYS A 1942 -24.14 60.00 82.14
CA CYS A 1942 -24.65 61.14 81.40
C CYS A 1942 -24.75 60.86 79.90
N ALA A 1943 -23.68 60.32 79.29
CA ALA A 1943 -23.73 60.00 77.87
C ALA A 1943 -24.85 59.01 77.56
N ALA A 1944 -24.86 57.84 78.19
CA ALA A 1944 -25.95 56.94 77.81
C ALA A 1944 -27.30 57.32 78.44
N TYR A 1945 -27.37 58.37 79.26
CA TYR A 1945 -28.70 58.94 79.56
C TYR A 1945 -29.20 59.94 78.51
N ASN A 1946 -28.42 60.97 78.20
CA ASN A 1946 -28.74 61.80 77.04
C ASN A 1946 -29.12 60.93 75.86
N CYS A 1947 -28.23 60.09 75.37
CA CYS A 1947 -28.68 59.18 74.32
C CYS A 1947 -29.86 58.30 74.78
N ALA A 1948 -30.19 58.24 76.06
CA ALA A 1948 -31.53 57.72 76.37
C ALA A 1948 -32.65 58.71 76.04
N ILE A 1949 -32.37 60.03 75.99
CA ILE A 1949 -33.41 61.08 75.93
C ILE A 1949 -33.47 61.79 74.57
N SER A 1950 -32.33 62.21 74.02
CA SER A 1950 -32.28 63.05 72.82
C SER A 1950 -32.90 62.38 71.59
N VAL A 1951 -33.23 61.11 71.68
CA VAL A 1951 -33.93 60.41 70.60
C VAL A 1951 -35.19 59.74 71.16
N ILE A 1952 -35.95 60.44 72.01
CA ILE A 1952 -37.04 59.83 72.78
C ILE A 1952 -38.41 60.40 72.40
N CYS A 1953 -39.45 59.75 72.93
CA CYS A 1953 -40.82 60.27 72.92
C CYS A 1953 -40.92 61.69 73.51
N CYS A 1954 -41.83 62.48 72.93
CA CYS A 1954 -41.85 63.94 73.10
C CYS A 1954 -42.50 64.46 74.38
N VAL A 1955 -43.35 63.69 75.07
CA VAL A 1955 -44.03 64.18 76.27
C VAL A 1955 -43.09 64.21 77.49
N PHE A 1956 -42.23 65.23 77.57
CA PHE A 1956 -41.21 65.29 78.60
C PHE A 1956 -41.74 65.26 80.04
N ASN A 1957 -42.96 65.74 80.27
CA ASN A 1957 -43.67 65.73 81.56
C ASN A 1957 -42.79 65.76 82.81
N GLU A 1958 -42.49 64.58 83.37
CA GLU A 1958 -41.98 64.45 84.75
C GLU A 1958 -40.49 64.80 84.89
N LEU A 1959 -39.63 64.29 84.01
CA LEU A 1959 -38.23 64.73 84.01
C LEU A 1959 -38.18 66.26 83.96
N LYS A 1960 -38.79 66.84 82.92
CA LYS A 1960 -38.87 68.28 82.79
C LYS A 1960 -39.59 68.90 83.99
N PHE A 1961 -40.39 68.12 84.71
CA PHE A 1961 -41.10 68.65 85.86
C PHE A 1961 -40.11 68.81 86.99
N TYR A 1962 -39.71 67.68 87.58
CA TYR A 1962 -38.68 67.52 88.60
C TYR A 1962 -37.48 68.44 88.36
N GLN A 1963 -37.24 68.77 87.09
CA GLN A 1963 -36.37 69.87 86.67
C GLN A 1963 -36.44 71.08 87.61
N GLY A 1964 -37.56 71.24 88.33
CA GLY A 1964 -37.56 72.17 89.45
C GLY A 1964 -36.55 71.78 90.51
N PHE A 1965 -36.58 70.51 90.93
CA PHE A 1965 -35.63 70.00 91.91
C PHE A 1965 -34.19 70.03 91.38
N LEU A 1966 -33.97 69.55 90.16
CA LEU A 1966 -32.58 69.55 89.66
C LEU A 1966 -32.08 70.98 89.45
N PHE A 1967 -32.94 71.93 89.11
CA PHE A 1967 -32.45 73.28 89.21
C PHE A 1967 -32.09 73.61 90.64
N SER A 1968 -32.84 73.08 91.61
CA SER A 1968 -32.56 73.44 92.99
C SER A 1968 -31.25 72.83 93.48
N GLU A 1969 -30.79 71.75 92.87
CA GLU A 1969 -29.48 71.18 93.15
C GLU A 1969 -28.37 71.79 92.30
N LYS A 1970 -28.72 72.60 91.32
CA LYS A 1970 -27.70 73.35 90.59
C LYS A 1970 -26.67 74.00 91.53
N PRO A 1971 -27.09 74.67 92.63
CA PRO A 1971 -26.09 75.38 93.43
C PRO A 1971 -25.63 74.66 94.69
N GLU A 1972 -24.33 74.81 94.99
CA GLU A 1972 -23.60 74.09 96.03
C GLU A 1972 -22.17 74.61 96.12
N LYS A 1973 -21.35 73.90 96.89
CA LYS A 1973 -19.91 74.10 97.06
C LYS A 1973 -19.45 73.02 98.03
N ASN A 1974 -18.25 72.46 97.84
CA ASN A 1974 -17.62 71.68 98.88
C ASN A 1974 -16.14 71.47 98.56
N LEU A 1975 -15.28 72.29 99.17
CA LEU A 1975 -13.84 72.25 98.94
C LEU A 1975 -13.12 71.75 100.18
N LEU A 1976 -12.65 70.50 100.17
CA LEU A 1976 -12.61 69.67 98.98
C LEU A 1976 -12.69 68.22 99.33
N ILE A 1977 -11.60 67.76 99.94
CA ILE A 1977 -11.38 66.35 100.20
C ILE A 1977 -11.57 65.55 98.91
N PHE A 1978 -11.13 66.11 97.77
CA PHE A 1978 -11.26 65.50 96.43
C PHE A 1978 -12.64 64.94 96.12
N GLU A 1979 -13.28 64.34 97.11
CA GLU A 1979 -14.55 63.66 96.93
C GLU A 1979 -15.65 64.49 96.30
N ASN A 1980 -16.16 65.46 97.04
CA ASN A 1980 -17.20 66.30 96.48
C ASN A 1980 -16.65 67.19 95.39
N LEU A 1981 -15.34 67.22 95.22
CA LEU A 1981 -14.78 67.75 93.98
C LEU A 1981 -15.26 66.94 92.80
N ILE A 1982 -14.94 65.64 92.78
CA ILE A 1982 -15.44 64.76 91.74
C ILE A 1982 -16.95 64.88 91.63
N ASP A 1983 -17.65 64.69 92.74
CA ASP A 1983 -19.11 64.72 92.69
C ASP A 1983 -19.68 66.09 92.31
N LEU A 1984 -18.95 67.19 92.54
CA LEU A 1984 -19.42 68.49 92.06
C LEU A 1984 -19.23 68.60 90.57
N LYS A 1985 -17.98 68.53 90.12
CA LYS A 1985 -17.74 68.68 88.69
C LYS A 1985 -18.31 67.53 87.88
N ARG A 1986 -18.96 66.57 88.54
CA ARG A 1986 -19.69 65.48 87.88
C ARG A 1986 -21.20 65.56 88.03
N ARG A 1987 -21.70 65.64 89.25
CA ARG A 1987 -23.11 65.85 89.42
C ARG A 1987 -23.45 67.18 88.75
N TYR A 1988 -22.93 68.27 89.33
CA TYR A 1988 -23.23 69.64 88.91
C TYR A 1988 -23.15 69.84 87.39
N ASN A 1989 -22.21 69.18 86.72
CA ASN A 1989 -22.05 69.33 85.28
C ASN A 1989 -22.91 68.36 84.48
N PHE A 1990 -23.39 67.29 85.10
CA PHE A 1990 -24.39 66.42 84.47
C PHE A 1990 -25.74 67.11 84.21
N PRO A 1991 -26.47 67.59 85.24
CA PRO A 1991 -27.87 67.93 85.00
C PRO A 1991 -27.95 69.00 83.94
N VAL A 1992 -27.15 70.05 84.07
CA VAL A 1992 -27.02 71.06 83.03
C VAL A 1992 -26.91 70.39 81.67
N GLU A 1993 -26.09 69.33 81.59
CA GLU A 1993 -25.88 68.61 80.33
C GLU A 1993 -27.20 68.05 79.77
N VAL A 1994 -27.91 67.21 80.52
CA VAL A 1994 -29.16 66.69 79.93
C VAL A 1994 -30.13 67.83 79.68
N GLU A 1995 -30.20 68.77 80.62
CA GLU A 1995 -31.15 69.86 80.62
C GLU A 1995 -31.10 70.61 79.30
N VAL A 1996 -29.90 70.88 78.81
CA VAL A 1996 -29.75 71.86 77.73
C VAL A 1996 -30.21 71.33 76.37
N PRO A 1997 -29.88 70.11 75.91
CA PRO A 1997 -30.70 69.56 74.84
C PRO A 1997 -31.88 68.78 75.37
N GLU A 1999 -33.96 71.22 76.16
CA GLU A 1999 -34.26 72.36 75.29
C GLU A 1999 -33.57 72.25 73.92
N ARG A 2000 -33.19 71.03 73.51
CA ARG A 2000 -32.69 70.73 72.17
C ARG A 2000 -33.52 71.51 71.18
N LYS A 2001 -34.77 71.08 71.03
CA LYS A 2001 -35.65 71.58 69.99
C LYS A 2001 -37.08 71.48 70.46
N LYS A 2002 -37.96 72.18 69.74
CA LYS A 2002 -39.40 71.89 69.68
C LYS A 2002 -40.20 72.48 70.84
N LYS A 2003 -40.87 71.64 71.63
CA LYS A 2003 -41.81 72.10 72.65
C LYS A 2003 -41.26 73.25 73.49
N TYR A 2004 -40.12 73.81 73.11
CA TYR A 2004 -39.59 75.02 73.76
C TYR A 2004 -40.56 76.18 73.58
N ILE A 2005 -40.82 76.54 72.34
CA ILE A 2005 -41.78 77.58 72.03
C ILE A 2005 -43.16 77.20 72.56
N GLU A 2006 -43.36 75.92 72.88
CA GLU A 2006 -44.54 75.45 73.59
C GLU A 2006 -44.40 75.58 75.09
N ILE A 2007 -43.19 75.84 75.59
CA ILE A 2007 -43.01 76.22 76.99
C ILE A 2007 -43.05 77.73 77.12
N ARG A 2008 -42.65 78.45 76.07
CA ARG A 2008 -42.66 79.92 76.01
C ARG A 2008 -41.84 80.55 77.13
N LYS A 2009 -41.00 79.77 77.78
CA LYS A 2009 -40.41 80.17 79.04
C LYS A 2009 -38.99 80.70 78.81
N GLU A 2010 -38.20 80.79 79.88
CA GLU A 2010 -36.81 81.23 79.97
C GLU A 2010 -36.34 80.81 81.36
N ALA A 2011 -37.22 80.06 82.04
CA ALA A 2011 -37.16 79.77 83.48
C ALA A 2011 -36.77 81.01 84.25
N ARG A 2012 -37.01 82.17 83.66
CA ARG A 2012 -36.51 83.46 84.14
C ARG A 2012 -35.03 83.39 84.54
N GLU A 2013 -34.72 82.59 85.56
CA GLU A 2013 -33.39 82.59 86.17
C GLU A 2013 -32.47 81.51 85.67
N ALA A 2014 -32.96 80.58 84.85
CA ALA A 2014 -32.08 79.52 84.39
C ALA A 2014 -30.87 80.09 83.66
N ALA A 2015 -31.02 81.26 83.06
CA ALA A 2015 -29.87 81.93 82.46
C ALA A 2015 -28.76 82.12 83.47
N ASN A 2016 -29.12 82.60 84.68
CA ASN A 2016 -28.18 83.05 85.69
C ASN A 2016 -26.92 82.21 85.83
N GLY A 2017 -26.98 81.09 86.57
CA GLY A 2017 -25.80 80.26 86.68
C GLY A 2017 -25.25 79.78 85.36
N ASP A 2018 -26.14 79.35 84.44
CA ASP A 2018 -25.71 78.74 83.19
C ASP A 2018 -24.78 79.65 82.41
N SER A 2019 -24.88 80.94 82.60
CA SER A 2019 -24.11 81.96 81.90
C SER A 2019 -22.98 82.48 82.78
N ASP A 2020 -23.25 82.58 84.07
CA ASP A 2020 -22.26 82.92 85.07
C ASP A 2020 -21.04 82.02 84.96
N GLY A 2021 -21.21 80.75 85.30
CA GLY A 2021 -20.10 79.85 85.54
C GLY A 2021 -19.08 79.60 84.44
N PRO A 2022 -19.51 79.56 83.15
CA PRO A 2022 -18.53 79.37 82.06
C PRO A 2022 -17.65 80.59 81.91
N SER A 2023 -18.27 81.75 81.89
CA SER A 2023 -17.55 83.02 81.89
C SER A 2023 -16.50 83.05 82.98
N TYR A 2024 -16.67 82.23 84.02
CA TYR A 2024 -15.97 82.40 85.28
C TYR A 2024 -14.94 81.33 85.54
N SER A 2026 -12.39 82.21 87.65
CA SER A 2026 -11.11 82.91 87.64
C SER A 2026 -10.02 82.04 88.23
N SER A 2027 -10.41 81.15 89.15
CA SER A 2027 -9.47 80.47 90.03
C SER A 2027 -8.33 79.82 89.25
N LEU A 2028 -7.14 79.90 89.83
CA LEU A 2028 -6.00 79.16 89.32
C LEU A 2028 -6.32 77.66 89.36
N SER A 2029 -5.42 76.86 88.81
CA SER A 2029 -5.68 75.44 88.58
C SER A 2029 -5.94 74.68 89.87
N TYR A 2030 -4.92 73.94 90.32
CA TYR A 2030 -4.86 73.20 91.59
C TYR A 2030 -6.07 72.33 91.87
N LEU A 2031 -5.94 71.51 92.91
CA LEU A 2031 -7.01 70.65 93.38
C LEU A 2031 -7.47 69.65 92.31
N ALA A 2032 -6.66 69.41 91.29
CA ALA A 2032 -7.03 68.55 90.16
C ALA A 2032 -8.34 68.98 89.51
N ASP A 2033 -8.79 70.20 89.81
CA ASP A 2033 -9.99 70.79 89.23
C ASP A 2033 -9.78 71.31 87.80
N SER A 2034 -8.63 71.05 87.17
CA SER A 2034 -8.58 71.41 85.78
C SER A 2034 -9.23 70.28 84.98
N THR A 2035 -8.48 69.56 84.15
CA THR A 2035 -9.09 68.91 82.98
C THR A 2035 -10.23 67.95 83.29
N LEU A 2036 -10.58 67.78 84.57
CA LEU A 2036 -11.70 66.93 84.92
C LEU A 2036 -12.93 67.74 85.30
N SER A 2037 -12.79 69.07 85.37
CA SER A 2037 -13.94 69.94 85.54
C SER A 2037 -14.12 70.93 84.40
N GLU A 2038 -13.04 71.43 83.81
CA GLU A 2038 -13.21 72.29 82.63
C GLU A 2038 -13.84 71.54 81.48
N GLU A 2039 -13.51 70.25 81.32
CA GLU A 2039 -14.11 69.44 80.27
C GLU A 2039 -15.63 69.51 80.30
N SER A 2041 -17.22 71.70 82.22
CA SER A 2041 -17.57 73.08 82.47
C SER A 2041 -17.90 73.77 81.16
N GLN A 2042 -17.46 73.18 80.06
CA GLN A 2042 -17.83 73.70 78.75
C GLN A 2042 -19.30 73.43 78.46
N PHE A 2043 -19.80 72.26 78.85
CA PHE A 2043 -21.14 71.87 78.47
C PHE A 2043 -22.17 72.91 78.91
N ASP A 2044 -21.98 73.46 80.12
CA ASP A 2044 -22.85 74.53 80.61
C ASP A 2044 -23.09 75.59 79.53
N PHE A 2045 -22.00 76.11 78.96
CA PHE A 2045 -22.11 77.16 77.94
C PHE A 2045 -22.55 76.58 76.60
N SER A 2046 -21.68 75.79 75.99
CA SER A 2046 -21.91 75.32 74.62
C SER A 2046 -23.31 74.75 74.47
N THR A 2047 -23.70 73.89 75.41
CA THR A 2047 -25.03 73.30 75.36
C THR A 2047 -26.13 74.27 75.83
N GLY A 2048 -25.85 75.12 76.84
CA GLY A 2048 -26.84 76.13 77.26
C GLY A 2048 -27.27 77.04 76.12
N VAL A 2049 -26.34 77.35 75.21
CA VAL A 2049 -26.70 78.04 73.98
C VAL A 2049 -27.91 77.40 73.33
N GLN A 2050 -27.99 76.07 73.32
CA GLN A 2050 -29.17 75.39 72.78
C GLN A 2050 -30.39 75.74 73.63
N SER A 2051 -30.20 76.59 74.63
CA SER A 2051 -31.31 77.26 75.28
C SER A 2051 -31.27 78.75 74.99
N TYR A 2052 -30.26 79.21 74.27
CA TYR A 2052 -30.32 80.55 73.68
C TYR A 2052 -30.98 80.61 72.29
N SER A 2053 -30.59 79.73 71.38
CA SER A 2053 -31.14 79.76 70.02
C SER A 2053 -32.66 79.80 70.05
N TYR A 2054 -33.28 79.02 70.91
CA TYR A 2054 -34.73 79.12 70.99
C TYR A 2054 -35.20 80.27 71.85
N SER A 2055 -34.31 81.21 72.20
CA SER A 2055 -34.70 82.46 72.84
C SER A 2055 -33.96 83.61 72.16
N SER A 2056 -33.58 83.41 70.90
CA SER A 2056 -32.68 84.30 70.18
C SER A 2056 -33.43 85.14 69.15
N GLN A 2057 -33.23 86.46 69.23
CA GLN A 2057 -33.84 87.48 68.37
C GLN A 2057 -32.99 88.74 68.38
N ASP A 2058 -31.66 88.56 68.26
CA ASP A 2058 -30.63 89.51 67.78
C ASP A 2058 -29.66 89.94 68.89
N PRO A 2059 -29.96 91.00 69.69
CA PRO A 2059 -28.87 91.59 70.49
C PRO A 2059 -28.50 90.74 71.70
N ARG A 2060 -29.48 90.43 72.54
CA ARG A 2060 -29.27 89.51 73.64
C ARG A 2060 -28.58 88.20 73.23
N PRO A 2061 -28.92 87.57 72.09
CA PRO A 2061 -28.07 86.45 71.59
C PRO A 2061 -26.62 86.83 71.44
N ALA A 2062 -26.35 87.93 70.74
CA ALA A 2062 -24.99 88.42 70.60
C ALA A 2062 -24.31 88.45 71.96
N THR A 2063 -25.01 89.01 72.96
CA THR A 2063 -24.45 89.15 74.31
C THR A 2063 -24.35 87.81 75.03
N GLY A 2064 -25.10 86.79 74.61
CA GLY A 2064 -24.77 85.44 75.03
C GLY A 2064 -23.46 84.97 74.44
N ARG A 2065 -23.11 85.49 73.26
CA ARG A 2065 -21.83 85.18 72.63
C ARG A 2065 -20.71 86.18 72.93
N PHE A 2066 -20.96 87.22 73.73
CA PHE A 2066 -19.93 88.10 74.29
C PHE A 2066 -19.70 87.82 75.80
N ARG A 2067 -18.53 88.20 76.37
CA ARG A 2067 -17.50 89.00 75.72
C ARG A 2067 -16.14 88.30 75.56
N ARG A 2068 -15.77 87.45 76.51
CA ARG A 2068 -14.56 86.62 76.41
C ARG A 2068 -14.43 85.68 77.60
N ARG A 2069 -13.64 86.13 78.59
CA ARG A 2069 -13.35 85.48 79.87
C ARG A 2069 -13.04 83.98 79.82
N GLU A 2070 -13.05 83.37 78.63
CA GLU A 2070 -12.78 81.95 78.47
C GLU A 2070 -12.92 81.55 76.97
N GLN A 2071 -12.19 80.54 76.47
CA GLN A 2071 -11.14 79.74 77.13
C GLN A 2071 -11.62 78.83 78.27
N ARG A 2072 -12.87 78.38 78.19
CA ARG A 2072 -13.30 77.29 79.06
C ARG A 2072 -12.45 76.10 78.68
N ASP A 2073 -12.94 75.37 77.67
CA ASP A 2073 -12.39 74.12 77.18
C ASP A 2073 -11.13 74.21 76.33
N PRO A 2074 -10.71 75.37 75.80
CA PRO A 2074 -9.40 75.37 75.12
C PRO A 2074 -8.22 74.94 75.98
N THR A 2075 -7.38 75.91 76.38
CA THR A 2075 -6.22 75.75 77.25
C THR A 2075 -6.08 74.37 77.88
N VAL A 2076 -7.20 73.86 78.44
CA VAL A 2076 -7.39 72.48 78.85
C VAL A 2076 -6.79 71.56 77.81
N HIS A 2077 -7.45 71.54 76.66
CA HIS A 2077 -7.19 70.65 75.54
C HIS A 2077 -6.31 71.27 74.46
N ASP A 2078 -6.00 72.57 74.58
CA ASP A 2078 -5.08 73.21 73.65
C ASP A 2078 -3.73 72.52 73.70
N ASP A 2079 -3.41 71.93 74.85
CA ASP A 2079 -2.23 71.10 75.01
C ASP A 2079 -2.49 69.67 74.55
N VAL A 2080 -3.61 69.42 73.86
CA VAL A 2080 -3.98 68.09 73.38
C VAL A 2080 -4.64 68.26 72.00
N LEU A 2081 -5.71 67.49 71.76
CA LEU A 2081 -6.55 67.52 70.56
C LEU A 2081 -5.79 67.18 69.29
N GLU A 2082 -6.52 66.95 68.19
CA GLU A 2082 -5.92 66.52 66.94
C GLU A 2082 -6.47 67.29 65.75
N LEU A 2083 -7.40 66.68 65.00
CA LEU A 2083 -7.93 67.32 63.81
C LEU A 2083 -9.25 68.02 64.12
N GLU A 2084 -9.95 68.42 63.06
CA GLU A 2084 -11.17 69.22 63.15
C GLU A 2084 -12.22 68.56 64.04
N ASP A 2086 -11.65 65.89 65.78
CA ASP A 2086 -10.93 65.67 67.03
C ASP A 2086 -10.85 66.96 67.84
N GLU A 2087 -10.65 68.09 67.18
CA GLU A 2087 -10.83 69.37 67.87
C GLU A 2087 -12.25 69.57 68.35
N LEU A 2088 -13.21 68.81 67.81
CA LEU A 2088 -14.62 69.04 68.01
C LEU A 2088 -15.14 68.34 69.27
N ASN A 2089 -14.99 67.02 69.35
CA ASN A 2089 -15.65 66.24 70.41
C ASN A 2089 -15.25 66.61 71.83
N ARG A 2090 -14.04 66.21 72.26
CA ARG A 2090 -13.59 66.53 73.63
C ARG A 2090 -13.81 68.00 73.94
N HIS A 2091 -13.56 68.86 72.95
CA HIS A 2091 -13.84 70.28 73.10
C HIS A 2091 -15.34 70.55 73.13
N GLU A 2092 -16.11 69.83 72.32
CA GLU A 2092 -17.55 70.00 72.21
C GLU A 2092 -17.87 71.49 72.10
N CYS A 2093 -17.16 72.13 71.19
CA CYS A 2093 -17.39 73.55 70.95
C CYS A 2093 -17.63 73.86 69.49
N ALA A 2095 -18.91 71.33 67.62
CA ALA A 2095 -20.14 70.55 67.65
C ALA A 2095 -21.35 71.39 68.08
N PRO A 2096 -21.17 72.43 68.89
CA PRO A 2096 -22.25 73.41 69.06
C PRO A 2096 -22.18 74.63 68.14
N LEU A 2097 -21.00 75.25 68.02
CA LEU A 2097 -20.84 76.45 67.20
C LEU A 2097 -21.18 76.29 65.73
N THR A 2098 -21.39 75.06 65.25
CA THR A 2098 -22.00 74.84 63.93
C THR A 2098 -23.44 75.33 63.94
N ALA A 2099 -24.33 74.57 64.59
CA ALA A 2099 -25.73 74.98 64.71
C ALA A 2099 -25.84 76.42 65.19
N LEU A 2100 -24.90 76.85 66.04
CA LEU A 2100 -24.84 78.26 66.46
C LEU A 2100 -24.71 79.19 65.27
N VAL A 2101 -23.63 79.05 64.49
CA VAL A 2101 -23.48 79.89 63.30
C VAL A 2101 -24.67 79.74 62.38
N LYS A 2102 -25.35 78.60 62.42
CA LYS A 2102 -26.53 78.38 61.59
C LYS A 2102 -27.61 79.36 62.04
N HIS A 2103 -28.23 79.15 63.20
CA HIS A 2103 -29.29 80.06 63.63
C HIS A 2103 -28.83 81.51 63.76
N HIS A 2105 -26.67 83.03 61.51
CA HIS A 2105 -26.81 83.60 60.17
C HIS A 2105 -28.26 83.59 59.73
N ARG A 2106 -29.02 82.56 60.13
CA ARG A 2106 -30.47 82.60 60.00
C ARG A 2106 -31.08 83.80 60.71
N SER A 2107 -30.31 84.47 61.61
CA SER A 2107 -30.74 85.72 62.19
C SER A 2107 -29.80 86.88 61.85
N LEU A 2108 -28.82 86.65 60.97
CA LEU A 2108 -27.98 87.75 60.47
C LEU A 2108 -28.47 88.28 59.12
N GLY A 2109 -29.15 87.44 58.34
CA GLY A 2109 -29.59 87.80 57.01
C GLY A 2109 -30.97 88.45 56.89
N PRO A 2110 -31.96 87.97 57.64
CA PRO A 2110 -33.31 88.58 57.57
C PRO A 2110 -33.34 90.05 57.96
N PRO A 2111 -32.66 90.49 59.03
CA PRO A 2111 -32.56 91.96 59.24
C PRO A 2111 -31.93 92.67 58.07
N GLN A 2112 -30.74 92.24 57.63
CA GLN A 2112 -30.11 92.85 56.45
C GLN A 2112 -28.90 92.06 55.98
N GLY A 2113 -28.05 92.75 55.22
CA GLY A 2113 -26.76 92.22 54.83
C GLY A 2113 -25.83 93.38 54.52
N GLU A 2114 -24.54 93.15 54.72
CA GLU A 2114 -23.51 94.17 54.57
C GLU A 2114 -22.54 93.77 53.47
N GLU A 2115 -21.63 94.69 53.18
CA GLU A 2115 -20.43 94.39 52.41
C GLU A 2115 -19.23 95.09 53.05
N ASP A 2116 -19.38 95.62 54.26
CA ASP A 2116 -18.30 96.25 55.00
C ASP A 2116 -17.97 95.42 56.24
N SER A 2117 -16.69 95.50 56.65
CA SER A 2117 -16.10 94.53 57.58
C SER A 2117 -16.37 94.88 59.04
N VAL A 2118 -15.94 96.04 59.48
CA VAL A 2118 -16.09 96.50 60.87
C VAL A 2118 -17.57 96.76 61.21
N PRO A 2119 -18.40 97.35 60.33
CA PRO A 2119 -19.81 97.57 60.69
C PRO A 2119 -20.63 96.31 60.89
N ARG A 2120 -20.12 95.11 60.58
CA ARG A 2120 -20.75 93.87 61.04
C ARG A 2120 -20.07 93.29 62.28
N ASP A 2121 -18.77 93.55 62.44
CA ASP A 2121 -17.99 93.10 63.59
C ASP A 2121 -18.58 93.59 64.90
N LEU A 2122 -18.45 94.89 65.14
CA LEU A 2122 -18.92 95.53 66.38
C LEU A 2122 -20.36 95.19 66.76
N PRO A 2123 -21.37 95.25 65.88
CA PRO A 2123 -22.74 94.91 66.32
C PRO A 2123 -22.88 93.48 66.80
N SER A 2124 -22.42 92.54 66.00
CA SER A 2124 -22.71 91.12 66.19
C SER A 2124 -21.48 90.46 66.81
N TRP A 2125 -21.60 89.15 67.06
CA TRP A 2125 -20.48 88.40 67.61
C TRP A 2125 -19.18 88.68 66.86
N LYS A 2127 -17.13 90.50 66.26
CA LYS A 2127 -16.10 91.24 66.97
C LYS A 2127 -15.01 90.33 67.55
N PHE A 2128 -15.24 89.03 67.65
CA PHE A 2128 -14.24 88.12 68.16
C PHE A 2128 -13.24 87.72 67.11
N LEU A 2129 -13.52 88.06 65.86
CA LEU A 2129 -12.70 87.70 64.72
C LEU A 2129 -11.53 88.64 64.57
N HIS A 2130 -10.83 88.90 65.66
CA HIS A 2130 -9.59 89.66 65.62
C HIS A 2130 -8.38 88.78 65.90
N GLY A 2131 -8.57 87.47 66.03
CA GLY A 2131 -7.46 86.65 66.41
C GLY A 2131 -6.99 87.13 67.77
N LYS A 2132 -5.82 86.65 68.14
CA LYS A 2132 -5.17 87.05 69.40
C LYS A 2132 -3.82 86.39 69.51
N LEU A 2133 -3.15 86.64 70.62
CA LEU A 2133 -1.98 85.86 71.02
C LEU A 2133 -2.49 84.87 72.06
N GLY A 2134 -2.79 83.66 71.62
CA GLY A 2134 -3.16 82.65 72.56
C GLY A 2134 -2.91 81.27 71.99
N ASN A 2135 -3.34 80.30 72.75
CA ASN A 2135 -3.45 78.91 72.35
C ASN A 2135 -4.87 78.61 71.84
N PRO A 2136 -5.94 79.38 72.27
CA PRO A 2136 -7.26 79.03 71.75
C PRO A 2136 -7.56 79.74 70.45
N ILE A 2137 -6.52 79.94 69.65
CA ILE A 2137 -6.73 80.49 68.32
C ILE A 2137 -7.27 79.41 67.40
N VAL A 2138 -6.58 78.28 67.38
CA VAL A 2138 -6.95 77.10 66.61
C VAL A 2138 -8.44 76.75 66.65
N PRO A 2139 -9.08 76.64 67.83
CA PRO A 2139 -10.53 76.35 67.83
C PRO A 2139 -11.32 77.43 67.13
N LEU A 2140 -11.18 78.67 67.62
CA LEU A 2140 -11.80 79.82 66.98
C LEU A 2140 -11.57 79.81 65.48
N ASN A 2141 -10.40 79.31 65.08
CA ASN A 2141 -10.10 79.17 63.66
C ASN A 2141 -10.98 78.11 63.01
N ILE A 2142 -11.25 77.01 63.72
CA ILE A 2142 -12.14 76.00 63.15
C ILE A 2142 -13.57 76.52 63.07
N ARG A 2143 -14.03 77.25 64.09
CA ARG A 2143 -15.32 77.92 63.97
C ARG A 2143 -15.37 78.80 62.73
N LEU A 2144 -14.26 79.47 62.40
CA LEU A 2144 -14.25 80.17 61.12
C LEU A 2144 -14.28 79.20 59.95
N PHE A 2145 -13.61 78.03 60.08
CA PHE A 2145 -13.71 76.99 59.06
C PHE A 2145 -15.17 76.65 58.79
N LEU A 2146 -16.04 76.84 59.78
CA LEU A 2146 -17.45 76.59 59.56
C LEU A 2146 -18.28 77.86 59.26
N ALA A 2147 -17.76 79.05 59.54
CA ALA A 2147 -18.37 80.30 59.07
C ALA A 2147 -18.21 80.45 57.56
N LYS A 2148 -16.96 80.45 57.10
CA LYS A 2148 -16.62 80.73 55.71
C LYS A 2148 -17.42 79.91 54.71
N LEU A 2149 -17.83 78.71 55.10
CA LEU A 2149 -18.75 77.94 54.27
C LEU A 2149 -19.86 78.82 53.73
N VAL A 2150 -20.49 79.59 54.63
CA VAL A 2150 -21.66 80.39 54.28
C VAL A 2150 -21.56 81.78 54.90
N ILE A 2151 -20.38 82.19 55.35
CA ILE A 2151 -20.32 83.55 55.89
C ILE A 2151 -19.59 84.49 54.93
N ASN A 2152 -18.26 84.64 55.03
CA ASN A 2152 -17.53 85.54 54.12
C ASN A 2152 -18.05 86.99 54.31
N THR A 2153 -17.59 88.01 53.56
CA THR A 2153 -16.64 87.95 52.45
C THR A 2153 -15.52 88.89 52.83
N GLU A 2154 -15.66 90.15 52.43
CA GLU A 2154 -14.73 91.17 52.90
C GLU A 2154 -14.82 91.34 54.40
N GLU A 2155 -15.89 90.83 55.01
CA GLU A 2155 -16.11 90.81 56.45
C GLU A 2155 -14.86 90.50 57.27
N VAL A 2156 -14.54 89.22 57.46
CA VAL A 2156 -13.54 88.78 58.43
C VAL A 2156 -12.14 89.01 57.89
N PHE A 2157 -11.81 90.23 57.47
CA PHE A 2157 -10.76 90.31 56.46
C PHE A 2157 -9.37 90.11 57.05
N ARG A 2158 -8.84 91.11 57.75
CA ARG A 2158 -7.49 91.00 58.32
C ARG A 2158 -7.21 89.67 59.00
N PRO A 2159 -8.15 89.07 59.75
CA PRO A 2159 -7.88 87.74 60.31
C PRO A 2159 -7.35 86.71 59.34
N TYR A 2160 -7.83 86.64 58.10
CA TYR A 2160 -7.29 85.67 57.16
C TYR A 2160 -5.78 85.78 57.10
N ALA A 2161 -5.28 87.01 56.96
CA ALA A 2161 -3.84 87.24 56.90
C ALA A 2161 -3.17 87.01 58.24
N LYS A 2162 -3.84 87.34 59.34
CA LYS A 2162 -3.31 86.98 60.64
C LYS A 2162 -3.14 85.47 60.75
N HIS A 2163 -4.12 84.71 60.23
CA HIS A 2163 -4.07 83.27 60.14
C HIS A 2163 -3.05 82.79 59.13
N TRP A 2164 -2.50 83.72 58.34
CA TRP A 2164 -1.26 83.44 57.64
C TRP A 2164 -0.05 83.69 58.54
N LEU A 2165 -0.19 84.57 59.54
CA LEU A 2165 0.93 84.86 60.43
C LEU A 2165 1.09 83.86 61.58
N SER A 2166 0.00 83.37 62.15
CA SER A 2166 0.03 82.44 63.27
C SER A 2166 0.52 81.04 62.88
N PRO A 2167 0.25 80.51 61.68
CA PRO A 2167 0.65 79.13 61.41
C PRO A 2167 2.14 78.89 61.45
N LEU A 2168 2.95 79.93 61.49
CA LEU A 2168 4.38 79.73 61.65
C LEU A 2168 4.65 79.01 62.98
N LEU A 2169 4.75 79.76 64.08
CA LEU A 2169 4.86 79.17 65.40
C LEU A 2169 3.75 78.14 65.65
N GLN A 2170 2.49 78.54 65.43
CA GLN A 2170 1.35 77.72 65.83
C GLN A 2170 1.22 76.46 64.96
N LEU A 2171 1.18 76.61 63.64
CA LEU A 2171 1.17 75.44 62.75
C LEU A 2171 2.33 74.49 63.08
N ALA A 2172 3.54 75.04 63.25
CA ALA A 2172 4.63 74.19 63.67
C ALA A 2172 4.38 73.58 65.05
N ALA A 2173 3.54 74.23 65.86
CA ALA A 2173 3.27 73.77 67.22
C ALA A 2173 2.36 72.56 67.26
N SER A 2174 1.52 72.36 66.25
CA SER A 2174 0.76 71.11 66.18
C SER A 2174 1.67 70.03 65.60
N GLU A 2175 2.91 69.99 66.11
CA GLU A 2175 4.01 69.12 65.70
C GLU A 2175 4.61 69.63 64.40
N ASN A 2176 3.77 69.75 63.38
CA ASN A 2176 4.12 70.21 62.04
C ASN A 2176 2.81 70.55 61.34
N ASN A 2177 1.86 69.62 61.47
CA ASN A 2177 0.45 69.65 61.11
C ASN A 2177 -0.08 68.24 60.91
N GLY A 2178 0.70 67.43 60.21
CA GLY A 2178 0.16 66.28 59.52
C GLY A 2178 -0.39 66.69 58.15
N GLY A 2179 -0.45 65.70 57.26
CA GLY A 2179 -1.00 65.91 55.94
C GLY A 2179 -2.34 66.62 55.94
N GLU A 2180 -3.37 65.98 56.50
CA GLU A 2180 -4.67 66.65 56.62
C GLU A 2180 -4.62 67.90 57.49
N GLY A 2181 -3.64 68.01 58.39
CA GLY A 2181 -3.45 69.22 59.16
C GLY A 2181 -3.10 70.43 58.32
N ILE A 2182 -1.99 70.35 57.57
CA ILE A 2182 -1.65 71.42 56.63
C ILE A 2182 -2.89 71.75 55.80
N HIS A 2183 -3.47 70.74 55.14
CA HIS A 2183 -4.61 70.98 54.24
C HIS A 2183 -5.71 71.78 54.91
N TYR A 2184 -6.25 71.31 56.03
CA TYR A 2184 -7.39 72.02 56.59
C TYR A 2184 -7.02 73.45 56.94
N VAL A 2186 -4.05 75.64 56.35
CA VAL A 2186 -3.59 76.51 55.29
C VAL A 2186 -4.50 76.42 54.07
N VAL A 2187 -4.85 75.20 53.65
CA VAL A 2187 -5.74 75.02 52.49
C VAL A 2187 -7.04 75.80 52.65
N GLU A 2188 -7.60 75.86 53.86
CA GLU A 2188 -8.83 76.65 53.93
C GLU A 2188 -8.54 78.14 53.83
N ILE A 2189 -7.54 78.65 54.55
CA ILE A 2189 -7.29 80.08 54.41
C ILE A 2189 -7.04 80.44 52.94
N VAL A 2190 -6.30 79.59 52.21
CA VAL A 2190 -6.17 79.80 50.76
C VAL A 2190 -7.53 79.71 50.10
N ALA A 2191 -8.39 78.81 50.60
CA ALA A 2191 -9.67 78.55 49.96
C ALA A 2191 -10.53 79.80 49.98
N THR A 2192 -10.79 80.30 51.18
CA THR A 2192 -11.53 81.55 51.30
C THR A 2192 -10.84 82.66 50.54
N ILE A 2193 -9.50 82.65 50.45
CA ILE A 2193 -8.93 83.82 49.81
C ILE A 2193 -9.13 83.82 48.31
N LEU A 2194 -9.03 82.67 47.64
CA LEU A 2194 -9.44 82.73 46.25
C LEU A 2194 -10.93 82.98 46.14
N SER A 2195 -11.70 82.67 47.20
CA SER A 2195 -13.16 82.73 47.16
C SER A 2195 -13.68 84.11 46.79
N TRP A 2196 -12.81 85.10 46.72
CA TRP A 2196 -13.19 86.46 46.39
C TRP A 2196 -12.20 87.06 45.41
N THR A 2197 -12.66 88.09 44.71
CA THR A 2197 -11.80 88.96 43.92
C THR A 2197 -11.67 90.32 44.61
N GLY A 2198 -12.77 91.08 44.69
CA GLY A 2198 -12.77 92.49 44.98
C GLY A 2198 -12.00 92.93 46.22
N LEU A 2199 -11.78 92.00 47.14
CA LEU A 2199 -11.32 92.38 48.46
C LEU A 2199 -9.91 91.89 48.77
N ALA A 2200 -9.42 90.85 48.11
CA ALA A 2200 -8.03 90.47 48.27
C ALA A 2200 -7.08 91.49 47.64
N THR A 2201 -7.64 92.57 47.09
CA THR A 2201 -6.91 93.71 46.53
C THR A 2201 -6.70 94.78 47.60
N PRO A 2202 -7.67 95.04 48.49
CA PRO A 2202 -7.35 95.71 49.77
C PRO A 2202 -6.50 94.86 50.71
N THR A 2203 -6.18 93.62 50.39
CA THR A 2203 -5.01 92.97 50.95
C THR A 2203 -3.93 92.74 49.92
N GLY A 2204 -4.15 93.12 48.67
CA GLY A 2204 -3.14 93.01 47.64
C GLY A 2204 -2.38 94.29 47.38
N VAL A 2205 -2.99 95.43 47.69
CA VAL A 2205 -2.31 96.72 47.58
C VAL A 2205 -1.83 97.16 48.96
N PRO A 2206 -2.67 97.10 50.03
CA PRO A 2206 -2.16 97.46 51.36
C PRO A 2206 -1.44 96.35 52.09
N LYS A 2207 -2.11 95.21 52.31
CA LYS A 2207 -1.61 94.25 53.29
C LYS A 2207 -0.68 93.19 52.74
N ASP A 2208 -0.81 92.81 51.46
CA ASP A 2208 -0.01 91.71 50.90
C ASP A 2208 1.47 91.88 51.20
N GLU A 2209 1.98 93.10 51.03
CA GLU A 2209 3.40 93.43 51.01
C GLU A 2209 4.24 92.55 51.92
N VAL A 2210 3.78 92.38 53.15
CA VAL A 2210 4.49 91.53 54.11
C VAL A 2210 3.82 90.16 54.22
N LEU A 2211 2.63 90.14 54.83
CA LEU A 2211 1.91 88.91 55.18
C LEU A 2211 1.98 87.88 54.07
N ALA A 2212 1.54 88.27 52.88
CA ALA A 2212 1.64 87.37 51.74
C ALA A 2212 3.08 86.90 51.57
N ASN A 2213 3.99 87.84 51.29
CA ASN A 2213 5.38 87.52 51.00
C ASN A 2213 5.94 86.43 51.91
N ARG A 2214 5.97 86.71 53.22
CA ARG A 2214 6.46 85.71 54.16
C ARG A 2214 5.68 84.42 54.04
N LEU A 2215 4.34 84.51 53.93
CA LEU A 2215 3.53 83.31 53.81
C LEU A 2215 3.98 82.47 52.63
N LEU A 2216 4.07 83.06 51.46
CA LEU A 2216 4.40 82.30 50.26
C LEU A 2216 5.78 81.67 50.41
N ASN A 2217 6.76 82.50 50.77
CA ASN A 2217 8.08 82.04 51.21
C ASN A 2217 7.98 80.70 51.96
N PHE A 2218 7.28 80.75 53.09
CA PHE A 2218 7.01 79.60 53.93
C PHE A 2218 6.39 78.46 53.11
N LEU A 2219 5.27 78.76 52.45
CA LEU A 2219 4.46 77.76 51.78
C LEU A 2219 5.27 76.96 50.78
N LYS A 2221 8.69 76.76 50.71
CA LYS A 2221 9.77 76.06 51.40
C LYS A 2221 9.27 74.73 51.95
N HIS A 2222 8.13 74.75 52.64
CA HIS A 2222 7.55 73.50 53.10
C HIS A 2222 7.13 72.65 51.90
N VAL A 2223 6.17 73.13 51.11
CA VAL A 2223 5.47 72.28 50.14
C VAL A 2223 6.41 71.37 49.38
N PHE A 2224 7.65 71.80 49.16
CA PHE A 2224 8.62 70.87 48.58
C PHE A 2224 8.85 69.68 49.50
N HIS A 2225 8.82 69.94 50.81
CA HIS A 2225 9.18 68.89 51.77
C HIS A 2225 8.14 67.78 51.73
N PRO A 2226 6.86 68.01 52.02
CA PRO A 2226 5.92 66.88 52.03
C PRO A 2226 5.87 66.17 50.69
N LYS A 2227 6.08 66.88 49.58
CA LYS A 2227 6.09 66.21 48.29
C LYS A 2227 7.31 65.31 48.13
N ARG A 2228 8.48 65.79 48.52
CA ARG A 2228 9.62 64.88 48.55
C ARG A 2228 9.56 63.96 49.77
N ALA A 2229 8.35 63.58 50.15
CA ALA A 2229 8.11 62.68 51.26
C ALA A 2229 6.86 61.86 50.97
N VAL A 2230 5.80 62.53 50.52
CA VAL A 2230 4.50 61.88 50.37
C VAL A 2230 4.18 61.65 48.89
N PHE A 2231 3.37 62.51 48.31
CA PHE A 2231 2.89 62.41 46.92
C PHE A 2231 3.14 63.71 46.19
N ARG A 2232 2.90 63.68 44.87
CA ARG A 2232 3.22 64.81 44.02
C ARG A 2232 2.33 66.02 44.33
N HIS A 2233 1.01 65.80 44.30
CA HIS A 2233 0.03 66.89 44.33
C HIS A 2233 0.32 67.91 45.41
N ASN A 2234 1.14 67.56 46.40
CA ASN A 2234 1.53 68.50 47.46
C ASN A 2234 1.91 69.85 46.87
N LEU A 2235 2.89 69.88 45.95
CA LEU A 2235 3.31 71.18 45.38
C LEU A 2235 2.11 71.93 44.87
N GLU A 2236 1.29 71.23 44.11
CA GLU A 2236 0.16 71.83 43.42
C GLU A 2236 -0.83 72.37 44.42
N ILE A 2237 -1.06 71.62 45.48
CA ILE A 2237 -1.98 71.98 46.55
C ILE A 2237 -1.60 73.33 47.12
N ILE A 2238 -0.35 73.77 46.92
CA ILE A 2238 0.01 75.14 47.22
C ILE A 2238 0.30 75.95 45.96
N LYS A 2239 0.84 75.34 44.91
CA LYS A 2239 1.22 76.07 43.71
C LYS A 2239 0.09 76.94 43.21
N THR A 2240 -1.05 76.31 42.95
CA THR A 2240 -2.18 76.98 42.33
C THR A 2240 -2.50 78.27 43.06
N LEU A 2241 -2.51 78.21 44.39
CA LEU A 2241 -2.85 79.39 45.18
C LEU A 2241 -1.76 80.44 45.08
N VAL A 2242 -0.50 79.99 45.07
CA VAL A 2242 0.63 80.80 44.65
C VAL A 2242 0.20 81.59 43.41
N GLU A 2243 -0.33 80.88 42.41
CA GLU A 2243 -0.78 81.55 41.19
C GLU A 2243 -1.93 82.50 41.45
N CYS A 2244 -2.91 82.09 42.28
CA CYS A 2244 -4.00 83.00 42.62
C CYS A 2244 -3.45 84.25 43.27
N TRP A 2245 -2.32 84.12 43.95
CA TRP A 2245 -1.69 85.22 44.66
C TRP A 2245 -0.72 86.02 43.81
N LYS A 2246 -0.17 85.42 42.74
CA LYS A 2246 0.92 86.01 41.98
C LYS A 2246 0.65 87.46 41.57
N ASP A 2247 -0.62 87.87 41.51
CA ASP A 2247 -0.98 89.17 40.96
C ASP A 2247 -0.59 90.33 41.89
N CYS A 2248 0.63 90.28 42.43
CA CYS A 2248 1.22 91.25 43.35
C CYS A 2248 2.43 90.57 43.98
N LEU A 2249 2.25 90.03 45.19
CA LEU A 2249 3.32 89.35 45.92
C LEU A 2249 4.51 90.26 46.23
N SER A 2250 5.64 89.66 46.61
CA SER A 2250 6.86 90.41 46.87
C SER A 2250 8.06 89.71 46.26
N ILE A 2251 7.92 89.21 45.03
CA ILE A 2251 9.03 88.69 44.23
C ILE A 2251 9.91 87.75 45.03
N PRO A 2252 9.44 86.57 45.44
CA PRO A 2252 10.28 85.72 46.30
C PRO A 2252 11.05 84.67 45.51
N TYR A 2253 11.32 84.98 44.23
CA TYR A 2253 11.94 84.07 43.29
C TYR A 2253 13.44 83.94 43.53
N ARG A 2254 14.02 84.90 44.24
CA ARG A 2254 15.40 84.81 44.66
C ARG A 2254 15.68 83.47 45.32
N LEU A 2255 14.87 83.13 46.32
CA LEU A 2255 14.94 81.83 46.99
C LEU A 2255 14.33 80.71 46.16
N ILE A 2256 13.48 81.03 45.20
CA ILE A 2256 12.97 79.99 44.32
C ILE A 2256 14.11 79.40 43.49
N PHE A 2257 15.01 80.24 43.03
CA PHE A 2257 16.19 79.71 42.39
C PHE A 2257 17.23 79.26 43.40
N GLU A 2258 17.26 79.85 44.60
CA GLU A 2258 18.08 79.24 45.66
C GLU A 2258 17.74 77.77 45.82
N LYS A 2259 16.45 77.45 45.96
CA LYS A 2259 15.98 76.09 46.13
C LYS A 2259 16.24 75.25 44.89
N PHE A 2260 16.14 75.86 43.70
CA PHE A 2260 16.54 75.13 42.52
C PHE A 2260 18.00 74.68 42.65
N SER A 2261 18.89 75.64 42.87
CA SER A 2261 20.32 75.42 42.89
C SER A 2261 20.67 74.33 43.89
N GLY A 2262 20.23 73.11 43.59
CA GLY A 2262 20.32 72.02 44.52
C GLY A 2262 21.74 71.52 44.60
N LYS A 2263 21.87 70.32 45.15
CA LYS A 2263 23.18 69.69 45.22
C LYS A 2263 23.59 69.15 43.85
N ASP A 2264 24.27 68.01 43.84
CA ASP A 2264 24.78 67.37 42.64
C ASP A 2264 24.19 65.96 42.59
N PRO A 2265 24.55 65.08 41.62
CA PRO A 2265 23.83 63.80 41.52
C PRO A 2265 23.88 62.96 42.79
N ASN A 2266 23.20 61.80 42.76
CA ASN A 2266 22.94 60.97 43.94
C ASN A 2266 21.94 61.64 44.89
N SER A 2267 21.08 62.50 44.37
CA SER A 2267 19.98 63.10 45.11
C SER A 2267 19.05 63.85 44.16
N LYS A 2268 17.80 63.39 44.07
CA LYS A 2268 16.84 63.89 43.08
C LYS A 2268 16.26 65.24 43.44
N ASP A 2269 17.04 66.06 44.15
CA ASP A 2269 16.54 67.33 44.66
C ASP A 2269 16.45 68.41 43.59
N ASN A 2270 17.17 68.24 42.48
CA ASN A 2270 16.99 69.15 41.36
C ASN A 2270 15.51 69.34 41.09
N SER A 2271 14.79 68.24 40.86
CA SER A 2271 13.35 68.23 40.68
C SER A 2271 12.61 69.11 41.68
N VAL A 2272 12.78 68.75 42.97
CA VAL A 2272 12.26 69.46 44.12
C VAL A 2272 12.44 70.96 43.93
N GLY A 2273 13.59 71.35 43.41
CA GLY A 2273 13.82 72.75 43.15
C GLY A 2273 13.10 73.26 41.92
N ILE A 2274 13.04 72.47 40.84
CA ILE A 2274 12.65 73.02 39.55
C ILE A 2274 11.14 73.09 39.39
N GLN A 2275 10.41 72.04 39.82
CA GLN A 2275 8.98 72.03 39.54
C GLN A 2275 8.34 73.31 40.02
N LEU A 2276 8.76 73.78 41.18
CA LEU A 2276 8.56 75.16 41.57
C LEU A 2276 8.86 76.11 40.41
N LEU A 2277 10.02 75.93 39.77
CA LEU A 2277 10.43 76.89 38.74
C LEU A 2277 9.48 76.88 37.55
N GLY A 2278 8.99 75.71 37.15
CA GLY A 2278 7.96 75.68 36.11
C GLY A 2278 6.67 76.33 36.58
N ILE A 2279 6.31 76.05 37.82
CA ILE A 2279 5.17 76.69 38.49
C ILE A 2279 5.25 78.20 38.34
N VAL A 2280 6.34 78.75 38.83
CA VAL A 2280 6.80 80.11 38.58
C VAL A 2280 6.48 80.48 37.14
N ALA A 2282 4.85 79.58 34.72
CA ALA A 2282 3.44 79.68 34.37
C ALA A 2282 2.93 81.10 34.10
N ASN A 2283 3.49 82.13 34.74
CA ASN A 2283 2.83 83.42 34.77
C ASN A 2283 3.86 84.55 34.66
N ASP A 2284 3.37 85.79 34.71
CA ASP A 2284 4.05 86.98 35.24
C ASP A 2284 5.45 87.23 34.67
N LEU A 2285 5.56 87.35 33.35
CA LEU A 2285 6.86 87.49 32.68
C LEU A 2285 7.82 86.46 33.25
N PRO A 2286 7.63 85.18 32.92
CA PRO A 2286 8.05 84.08 33.81
C PRO A 2286 8.59 84.57 35.14
N PRO A 2287 7.70 84.92 36.09
CA PRO A 2287 8.09 85.72 37.26
C PRO A 2287 9.42 86.47 37.27
N TYR A 2288 9.48 87.58 36.54
CA TYR A 2288 10.71 88.37 36.44
C TYR A 2288 11.89 87.52 35.99
N ASP A 2289 11.59 86.39 35.33
CA ASP A 2289 12.58 85.38 34.99
C ASP A 2289 13.32 84.94 36.24
N PRO A 2290 12.85 83.83 36.88
CA PRO A 2290 13.13 83.53 38.30
C PRO A 2290 14.30 84.26 38.96
N GLN A 2291 14.17 85.58 39.03
CA GLN A 2291 15.16 86.49 39.60
C GLN A 2291 16.57 86.23 39.09
N CYS A 2292 16.69 85.56 37.93
CA CYS A 2292 17.96 84.98 37.49
C CYS A 2292 19.11 85.98 37.51
N GLY A 2293 18.81 87.27 37.56
CA GLY A 2293 19.82 88.30 37.74
C GLY A 2293 19.38 89.34 38.75
N ILE A 2294 19.00 88.90 39.95
CA ILE A 2294 18.68 89.82 41.03
C ILE A 2294 19.55 89.48 42.23
N GLN A 2295 19.52 88.23 42.69
CA GLN A 2295 20.41 87.84 43.77
C GLN A 2295 21.83 87.74 43.20
N SER A 2296 22.11 86.69 42.45
CA SER A 2296 23.38 86.62 41.74
C SER A 2296 23.20 87.08 40.29
N SER A 2297 24.13 86.70 39.44
CA SER A 2297 24.13 87.12 38.04
C SER A 2297 23.98 85.95 37.08
N GLU A 2298 24.37 84.76 37.48
CA GLU A 2298 24.32 83.58 36.62
C GLU A 2298 23.70 82.42 37.34
N TYR A 2299 22.61 82.70 38.05
CA TYR A 2299 21.80 81.61 38.55
C TYR A 2299 21.14 80.90 37.38
N PHE A 2300 20.49 81.66 36.52
CA PHE A 2300 20.03 81.20 35.23
C PHE A 2300 20.99 80.19 34.58
N GLN A 2301 22.24 80.64 34.41
CA GLN A 2301 23.30 79.76 33.98
C GLN A 2301 23.38 78.50 34.86
N ALA A 2302 23.06 78.62 36.15
CA ALA A 2302 23.03 77.42 37.00
C ALA A 2302 21.86 76.51 36.66
N LEU A 2303 20.77 77.06 36.12
CA LEU A 2303 19.68 76.21 35.64
C LEU A 2303 20.14 75.34 34.48
N VAL A 2304 20.66 76.00 33.44
CA VAL A 2304 21.33 75.26 32.36
C VAL A 2304 22.28 74.23 32.95
N ASN A 2305 23.04 74.65 33.96
CA ASN A 2305 24.03 73.83 34.64
C ASN A 2305 23.39 72.65 35.38
N ASN A 2306 22.09 72.64 35.60
CA ASN A 2306 21.46 71.45 36.16
C ASN A 2306 20.98 70.50 35.08
N SER A 2308 21.93 70.09 31.88
CA SER A 2308 22.95 69.35 31.13
C SER A 2308 23.45 68.16 31.93
N PHE A 2309 23.61 68.34 33.24
CA PHE A 2309 24.10 67.24 34.09
C PHE A 2309 23.12 66.09 34.13
N VAL A 2310 21.82 66.37 34.18
CA VAL A 2310 20.89 65.27 34.29
C VAL A 2310 19.87 65.32 33.16
N ARG A 2311 19.55 64.14 32.63
CA ARG A 2311 18.45 64.04 31.68
C ARG A 2311 17.11 64.14 32.39
N TYR A 2312 17.12 64.54 33.65
CA TYR A 2312 16.00 64.19 34.48
C TYR A 2312 14.70 64.84 34.01
N LYS A 2313 13.62 64.08 34.22
CA LYS A 2313 12.29 64.41 33.75
C LYS A 2313 11.81 65.77 34.22
N GLU A 2314 12.55 66.43 35.11
CA GLU A 2314 12.19 67.76 35.58
C GLU A 2314 13.02 68.84 34.92
N VAL A 2315 14.34 68.63 34.84
CA VAL A 2315 15.21 69.61 34.23
C VAL A 2315 14.85 69.81 32.76
N TYR A 2316 14.43 68.76 32.05
CA TYR A 2316 14.11 69.00 30.65
C TYR A 2316 12.91 69.94 30.52
N ALA A 2317 11.78 69.61 31.17
CA ALA A 2317 10.57 70.39 30.94
C ALA A 2317 10.72 71.80 31.48
N ALA A 2318 11.35 71.95 32.65
CA ALA A 2318 11.70 73.27 33.14
C ALA A 2318 12.45 74.04 32.07
N ALA A 2319 13.56 73.49 31.58
CA ALA A 2319 14.29 74.14 30.51
C ALA A 2319 13.38 74.47 29.34
N ALA A 2320 12.46 73.56 29.03
CA ALA A 2320 11.62 73.64 27.84
C ALA A 2320 10.75 74.88 27.87
N GLU A 2321 9.77 74.89 28.74
CA GLU A 2321 8.91 76.06 28.86
C GLU A 2321 9.74 77.31 29.13
N VAL A 2322 10.77 77.17 29.97
CA VAL A 2322 11.68 78.28 30.32
C VAL A 2322 12.14 78.99 29.06
N LEU A 2323 12.80 78.24 28.19
CA LEU A 2323 13.22 78.75 26.89
C LEU A 2323 12.01 79.17 26.06
N GLY A 2324 10.85 78.58 26.33
CA GLY A 2324 9.63 78.99 25.70
C GLY A 2324 9.36 80.45 25.93
N LEU A 2325 8.82 80.79 27.10
CA LEU A 2325 8.43 82.17 27.36
C LEU A 2325 9.62 83.12 27.32
N ILE A 2326 10.84 82.62 27.53
CA ILE A 2326 12.00 83.45 27.29
C ILE A 2326 12.12 83.76 25.80
N LEU A 2327 11.75 82.81 24.95
CA LEU A 2327 11.84 83.02 23.52
C LEU A 2327 10.66 83.84 22.98
N ARG A 2328 9.42 83.56 23.44
CA ARG A 2328 8.28 84.37 23.00
C ARG A 2328 8.41 85.79 23.51
N TYR A 2329 8.84 85.95 24.76
CA TYR A 2329 9.09 87.29 25.25
C TYR A 2329 10.29 87.90 24.54
N VAL A 2330 11.29 87.10 24.20
CA VAL A 2330 12.44 87.69 23.53
C VAL A 2330 12.22 87.96 22.06
N GLU A 2332 9.26 89.21 21.38
CA GLU A 2332 8.46 90.40 21.62
C GLU A 2332 9.05 91.38 22.63
N ARG A 2333 10.23 91.08 23.17
CA ARG A 2333 11.00 91.98 24.04
C ARG A 2333 12.44 91.91 23.57
N LYS A 2334 13.32 92.64 24.27
CA LYS A 2334 14.68 92.84 23.80
C LYS A 2334 15.41 91.50 23.69
N ASN A 2335 16.06 91.27 22.54
CA ASN A 2335 16.63 89.96 22.21
C ASN A 2335 17.88 89.64 23.04
N ILE A 2336 18.65 90.67 23.39
CA ILE A 2336 19.90 90.50 24.13
C ILE A 2336 19.70 89.69 25.40
N LEU A 2337 18.51 89.82 26.01
CA LEU A 2337 18.19 89.09 27.22
C LEU A 2337 18.23 87.57 27.01
N GLU A 2338 17.63 87.07 25.92
CA GLU A 2338 17.61 85.61 25.72
C GLU A 2338 18.92 85.08 25.16
N GLU A 2339 19.57 85.87 24.28
CA GLU A 2339 20.61 85.32 23.42
C GLU A 2339 21.59 84.43 24.19
N SER A 2340 22.04 84.90 25.36
CA SER A 2340 22.96 84.12 26.15
C SER A 2340 22.39 82.73 26.44
N LEU A 2341 21.10 82.66 26.75
CA LEU A 2341 20.48 81.36 26.98
C LEU A 2341 20.55 80.50 25.74
N CYS A 2342 20.24 81.07 24.57
CA CYS A 2342 20.33 80.29 23.34
C CYS A 2342 21.72 79.65 23.22
N GLU A 2343 22.73 80.43 23.59
CA GLU A 2343 24.09 79.92 23.59
C GLU A 2343 24.29 78.78 24.59
N LEU A 2344 23.71 78.93 25.79
CA LEU A 2344 23.88 77.93 26.85
C LEU A 2344 23.25 76.59 26.46
N VAL A 2345 21.97 76.62 26.05
CA VAL A 2345 21.31 75.41 25.59
C VAL A 2345 22.06 74.80 24.42
N ALA A 2346 22.56 75.64 23.51
CA ALA A 2346 23.38 75.11 22.42
C ALA A 2346 24.52 74.28 22.97
N LYS A 2347 25.21 74.83 23.97
CA LYS A 2347 26.26 74.09 24.66
C LYS A 2347 25.74 72.75 25.16
N GLN A 2348 24.54 72.76 25.77
CA GLN A 2348 23.95 71.54 26.28
C GLN A 2348 23.77 70.52 25.18
N LEU A 2349 23.02 70.90 24.14
CA LEU A 2349 22.74 69.99 23.04
C LEU A 2349 24.01 69.30 22.60
N LYS A 2350 25.07 70.07 22.41
CA LYS A 2350 26.36 69.47 22.07
C LYS A 2350 26.77 68.40 23.09
N GLN A 2351 26.80 68.79 24.38
CA GLN A 2351 27.23 67.86 25.42
C GLN A 2351 26.38 66.60 25.43
N HIS A 2352 25.09 66.72 25.16
CA HIS A 2352 24.21 65.55 25.18
C HIS A 2352 24.47 64.65 23.97
N GLN A 2353 24.70 65.22 22.78
CA GLN A 2353 25.01 64.36 21.65
C GLN A 2353 26.26 63.54 21.94
N ASN A 2354 27.33 64.19 22.42
CA ASN A 2354 28.55 63.42 22.72
C ASN A 2354 28.36 62.46 23.87
N THR A 2355 28.03 63.00 25.05
CA THR A 2355 28.15 62.26 26.31
C THR A 2355 27.37 60.95 26.27
N GLU A 2357 24.70 58.84 23.29
CA GLU A 2357 23.96 58.85 22.04
C GLU A 2357 22.51 59.23 22.26
N ASP A 2358 21.72 58.19 22.48
CA ASP A 2358 20.28 58.17 22.31
C ASP A 2358 19.51 58.92 23.37
N LYS A 2359 19.56 58.40 24.59
CA LYS A 2359 18.74 58.94 25.66
C LYS A 2359 18.98 60.44 25.82
N PHE A 2360 20.21 60.88 25.57
CA PHE A 2360 20.49 62.31 25.73
C PHE A 2360 19.76 63.13 24.66
N ILE A 2361 19.76 62.65 23.42
CA ILE A 2361 19.09 63.39 22.35
C ILE A 2361 17.58 63.45 22.60
N VAL A 2362 17.01 62.40 23.19
CA VAL A 2362 15.58 62.45 23.48
C VAL A 2362 15.29 63.57 24.47
N CYS A 2363 16.16 63.77 25.44
CA CYS A 2363 16.01 64.92 26.32
C CYS A 2363 16.08 66.18 25.51
N LEU A 2364 17.02 66.24 24.56
CA LEU A 2364 17.19 67.44 23.76
C LEU A 2364 15.91 67.83 23.03
N ASN A 2365 15.21 66.86 22.44
CA ASN A 2365 13.98 67.28 21.76
C ASN A 2365 12.81 67.38 22.72
N LYS A 2366 12.68 66.47 23.68
CA LYS A 2366 11.60 66.56 24.66
C LYS A 2366 11.58 67.93 25.31
N VAL A 2367 12.75 68.51 25.58
CA VAL A 2367 12.75 69.92 25.94
C VAL A 2367 12.41 70.76 24.72
N THR A 2368 13.00 70.43 23.57
CA THR A 2368 12.98 71.35 22.43
C THR A 2368 11.58 71.63 21.88
N LYS A 2369 10.67 70.65 21.93
CA LYS A 2369 9.37 70.79 21.26
C LYS A 2369 8.69 72.13 21.53
N SER A 2370 8.89 72.70 22.71
CA SER A 2370 8.05 73.80 23.17
C SER A 2370 8.37 75.15 22.52
N PHE A 2371 9.55 75.35 21.94
CA PHE A 2371 9.93 76.75 21.80
C PHE A 2371 10.68 77.12 20.51
N PRO A 2372 11.80 76.46 20.14
CA PRO A 2372 12.62 77.13 19.15
C PRO A 2372 12.52 76.69 17.68
N PRO A 2373 11.96 75.48 17.43
CA PRO A 2373 12.71 74.57 16.55
C PRO A 2373 13.85 75.18 15.71
N LEU A 2374 15.01 75.25 16.38
CA LEU A 2374 16.26 75.79 15.85
C LEU A 2374 16.87 74.80 14.87
N ALA A 2375 16.79 75.11 13.58
CA ALA A 2375 17.11 74.14 12.54
C ALA A 2375 18.51 73.53 12.72
N ASP A 2376 19.53 74.38 12.80
CA ASP A 2376 20.91 73.88 12.77
C ASP A 2376 21.19 72.92 13.92
N ARG A 2377 20.97 73.39 15.15
CA ARG A 2377 21.63 72.82 16.32
C ARG A 2377 21.19 71.39 16.61
N PHE A 2378 19.89 71.17 16.74
CA PHE A 2378 19.44 69.80 16.90
C PHE A 2378 19.18 69.14 15.55
N ASN A 2380 20.61 69.04 12.73
CA ASN A 2380 21.76 68.24 12.29
C ASN A 2380 21.82 66.94 13.08
N ALA A 2381 21.83 67.04 14.41
CA ALA A 2381 21.96 65.86 15.26
C ALA A 2381 20.91 64.80 14.93
N VAL A 2382 19.63 65.13 15.09
CA VAL A 2382 18.56 64.16 14.87
C VAL A 2382 18.53 63.65 13.43
N PHE A 2383 18.98 64.49 12.47
CA PHE A 2383 19.07 64.11 11.06
C PHE A 2383 19.63 62.71 10.88
N PHE A 2384 20.76 62.43 11.51
CA PHE A 2384 21.45 61.13 11.43
C PHE A 2384 21.25 60.28 12.68
N LEU A 2385 21.16 60.91 13.84
CA LEU A 2385 21.00 60.17 15.09
C LEU A 2385 19.65 59.49 15.15
N LEU A 2386 18.58 60.22 14.87
CA LEU A 2386 17.24 59.66 14.97
C LEU A 2386 16.90 58.56 13.97
N PRO A 2387 17.58 58.47 12.82
CA PRO A 2387 17.42 57.24 12.00
C PRO A 2387 17.92 55.98 12.69
N LYS A 2388 19.09 56.04 13.35
CA LYS A 2388 19.65 54.85 13.97
C LYS A 2388 18.70 54.26 15.00
N PHE A 2389 18.30 55.07 15.98
CA PHE A 2389 17.30 54.64 16.95
C PHE A 2389 15.95 54.40 16.29
N HIS A 2390 15.70 55.07 15.17
CA HIS A 2390 14.51 54.73 14.42
C HIS A 2390 14.55 53.26 14.00
N GLY A 2391 15.75 52.70 13.88
CA GLY A 2391 15.90 51.26 13.75
C GLY A 2391 15.19 50.45 14.84
N VAL A 2392 14.67 51.13 15.86
CA VAL A 2392 14.04 50.47 17.00
C VAL A 2392 12.52 50.53 16.94
N LEU A 2393 11.97 51.71 16.63
CA LEU A 2393 10.55 52.09 16.58
C LEU A 2393 9.95 52.47 17.94
N LYS A 2394 10.66 52.27 19.04
CA LYS A 2394 10.18 52.73 20.33
C LYS A 2394 10.99 53.94 20.77
N THR A 2395 10.44 54.69 21.72
CA THR A 2395 11.21 55.69 22.45
C THR A 2395 11.72 56.78 21.51
N LEU A 2396 12.98 56.68 21.10
CA LEU A 2396 13.60 57.75 20.30
C LEU A 2396 12.98 57.86 18.91
N CYS A 2397 12.75 56.74 18.26
CA CYS A 2397 12.01 56.79 17.01
C CYS A 2397 10.65 57.41 17.30
N LEU A 2398 9.83 56.60 17.95
CA LEU A 2398 8.46 56.87 18.34
C LEU A 2398 8.21 58.33 18.70
N GLU A 2399 9.01 58.82 19.63
CA GLU A 2399 8.89 60.14 20.24
C GLU A 2399 9.80 61.17 19.59
N VAL A 2400 11.11 60.94 19.61
CA VAL A 2400 12.04 61.99 19.23
C VAL A 2400 11.98 62.24 17.73
N VAL A 2401 11.77 61.18 16.94
CA VAL A 2401 11.51 61.36 15.51
C VAL A 2401 10.35 62.32 15.30
N LEU A 2402 9.24 62.10 16.01
CA LEU A 2402 8.08 62.98 15.86
C LEU A 2402 8.46 64.41 16.22
N CYS A 2403 9.03 64.60 17.41
CA CYS A 2403 9.30 65.96 17.88
C CYS A 2403 10.16 66.71 16.89
N ARG A 2404 11.12 66.00 16.32
CA ARG A 2404 11.92 66.53 15.24
C ARG A 2404 11.01 66.97 14.10
N VAL A 2405 10.40 66.02 13.39
CA VAL A 2405 9.77 66.35 12.11
C VAL A 2405 8.76 67.48 12.28
N GLU A 2406 7.99 67.46 13.36
CA GLU A 2406 7.05 68.54 13.58
C GLU A 2406 7.77 69.87 13.81
N GLY A 2407 8.74 69.89 14.74
CA GLY A 2407 9.48 71.13 14.95
C GLY A 2407 10.06 71.66 13.66
N THR A 2409 9.35 71.92 10.07
CA THR A 2409 8.71 72.74 9.04
C THR A 2409 9.46 72.66 7.71
N GLU A 2410 9.92 73.80 7.18
CA GLU A 2410 10.39 73.81 5.78
C GLU A 2410 11.80 73.24 5.59
N LEU A 2411 12.67 73.26 6.59
CA LEU A 2411 13.92 72.57 6.43
C LEU A 2411 13.68 71.05 6.53
N TYR A 2412 14.61 70.28 5.98
CA TYR A 2412 14.65 68.82 5.98
C TYR A 2412 13.71 68.29 4.90
N PHE A 2413 13.13 69.15 4.07
CA PHE A 2413 12.23 68.66 3.02
C PHE A 2413 12.96 67.69 2.11
N GLN A 2414 14.26 67.89 1.93
CA GLN A 2414 15.04 67.03 1.05
C GLN A 2414 15.09 65.61 1.59
N LEU A 2415 15.72 65.42 2.77
CA LEU A 2415 15.79 64.07 3.33
C LEU A 2415 14.40 63.52 3.59
N LYS A 2416 13.43 64.42 3.68
CA LYS A 2416 12.03 64.02 3.74
C LYS A 2416 11.60 63.28 2.48
N SER A 2417 11.93 63.83 1.30
CA SER A 2417 11.33 63.34 0.07
C SER A 2417 11.66 61.88 -0.22
N LYS A 2418 12.70 61.33 0.40
CA LYS A 2418 13.08 59.93 0.22
C LYS A 2418 13.08 59.15 1.52
N ASP A 2419 13.67 59.73 2.57
CA ASP A 2419 13.71 59.05 3.86
C ASP A 2419 12.32 58.87 4.44
N PHE A 2420 11.45 59.85 4.22
CA PHE A 2420 10.10 59.75 4.78
C PHE A 2420 9.33 58.59 4.16
N VAL A 2421 9.51 58.35 2.86
CA VAL A 2421 8.85 57.20 2.24
C VAL A 2421 9.55 55.91 2.67
N GLN A 2422 10.85 55.96 2.98
CA GLN A 2422 11.48 54.79 3.61
C GLN A 2422 10.78 54.41 4.90
N VAL A 2423 10.55 55.38 5.78
CA VAL A 2423 9.81 55.09 7.01
C VAL A 2423 8.31 54.96 6.70
N ARG A 2425 5.41 53.95 5.80
CA ARG A 2425 4.84 52.60 5.84
C ARG A 2425 5.33 51.86 7.07
N HIS A 2426 6.60 52.08 7.42
CA HIS A 2426 7.16 51.54 8.65
C HIS A 2426 6.25 51.75 9.85
N ARG A 2427 5.49 52.84 9.84
CA ARG A 2427 4.54 53.13 10.92
C ARG A 2427 3.25 52.37 10.64
N ASP A 2428 3.23 51.10 11.04
CA ASP A 2428 1.93 50.44 11.17
C ASP A 2428 1.09 51.13 12.24
N ASP A 2429 1.74 51.72 13.26
CA ASP A 2429 1.08 52.66 14.15
C ASP A 2429 0.82 53.96 13.41
N GLU A 2430 -0.45 54.18 13.04
CA GLU A 2430 -0.85 55.45 12.45
C GLU A 2430 -0.79 56.58 13.46
N ARG A 2431 -1.28 56.35 14.68
CA ARG A 2431 -1.13 57.33 15.76
C ARG A 2431 0.32 57.74 15.94
N GLN A 2432 1.23 56.76 15.91
CA GLN A 2432 2.65 57.08 15.90
C GLN A 2432 3.02 57.87 14.65
N LYS A 2433 2.20 57.79 13.61
CA LYS A 2433 2.46 58.35 12.29
C LYS A 2433 1.80 59.71 12.08
N VAL A 2434 1.07 60.20 13.09
CA VAL A 2434 0.37 61.48 12.95
C VAL A 2434 1.34 62.57 12.55
N CYS A 2435 2.54 62.53 13.14
CA CYS A 2435 3.66 63.34 12.71
C CYS A 2435 3.94 63.21 11.22
N LEU A 2436 3.55 62.10 10.60
CA LEU A 2436 3.77 61.95 9.16
C LEU A 2436 2.61 62.49 8.34
N ASP A 2437 1.39 62.45 8.87
CA ASP A 2437 0.32 63.19 8.24
C ASP A 2437 0.58 64.69 8.31
N ILE A 2438 0.90 65.19 9.51
CA ILE A 2438 1.27 66.59 9.67
C ILE A 2438 2.53 66.89 8.88
N ILE A 2439 3.44 65.92 8.81
CA ILE A 2439 4.67 66.11 8.04
C ILE A 2439 4.35 66.38 6.58
N TYR A 2440 3.27 65.81 6.07
CA TYR A 2440 3.12 65.98 4.63
C TYR A 2440 2.60 67.38 4.31
N LYS A 2441 2.99 68.36 5.12
CA LYS A 2441 2.83 69.79 4.82
C LYS A 2441 3.84 70.27 3.75
N PRO A 2444 3.68 72.42 -0.71
CA PRO A 2444 4.42 73.29 -1.63
C PRO A 2444 5.64 72.64 -2.28
N LYS A 2445 6.56 72.08 -1.49
CA LYS A 2445 7.78 71.49 -2.04
C LYS A 2445 7.54 70.11 -2.64
N LEU A 2446 8.61 69.54 -3.22
CA LEU A 2446 8.61 68.23 -3.89
C LEU A 2446 7.67 68.19 -5.10
N LYS A 2447 7.45 69.34 -5.74
CA LYS A 2447 6.51 69.45 -6.86
C LYS A 2447 6.61 68.37 -7.94
N PRO A 2448 7.81 67.89 -8.35
CA PRO A 2448 7.84 66.82 -9.36
C PRO A 2448 7.27 65.50 -8.89
N VAL A 2449 7.63 64.41 -9.58
CA VAL A 2449 7.03 63.10 -9.36
C VAL A 2449 7.01 62.72 -7.89
N GLU A 2450 7.97 63.22 -7.11
CA GLU A 2450 8.03 62.87 -5.68
C GLU A 2450 6.73 63.20 -4.95
N LEU A 2451 6.23 64.44 -5.05
CA LEU A 2451 4.93 64.76 -4.42
C LEU A 2451 3.86 63.73 -4.79
N ARG A 2452 3.77 63.39 -6.07
CA ARG A 2452 2.78 62.42 -6.55
C ARG A 2452 2.95 61.09 -5.83
N GLU A 2453 4.13 60.49 -5.98
CA GLU A 2453 4.42 59.19 -5.38
C GLU A 2453 4.21 59.21 -3.87
N LEU A 2454 4.64 60.29 -3.20
CA LEU A 2454 4.48 60.43 -1.76
C LEU A 2454 3.01 60.54 -1.37
N LEU A 2455 2.20 61.21 -2.22
CA LEU A 2455 0.76 61.20 -2.04
C LEU A 2455 0.21 59.79 -2.07
N ASN A 2456 0.83 58.91 -2.86
CA ASN A 2456 0.23 57.58 -3.05
C ASN A 2456 0.14 56.77 -1.76
N PRO A 2457 1.21 56.56 -0.98
CA PRO A 2457 1.07 55.79 0.27
C PRO A 2457 0.21 56.47 1.32
N VAL A 2458 -0.06 57.78 1.24
CA VAL A 2458 -1.01 58.41 2.16
C VAL A 2458 -2.38 57.77 2.00
N VAL A 2459 -2.92 57.88 0.78
CA VAL A 2459 -4.14 57.19 0.40
C VAL A 2459 -4.00 55.71 0.68
N GLU A 2460 -2.79 55.17 0.53
CA GLU A 2460 -2.59 53.73 0.66
C GLU A 2460 -2.69 53.27 2.11
N PHE A 2461 -2.26 54.10 3.07
CA PHE A 2461 -2.32 53.64 4.44
C PHE A 2461 -3.70 53.84 5.02
N VAL A 2462 -4.47 54.82 4.53
CA VAL A 2462 -5.84 54.93 5.08
C VAL A 2462 -6.80 53.85 4.60
N SER A 2463 -6.48 53.08 3.56
CA SER A 2463 -7.39 51.98 3.26
C SER A 2463 -7.17 50.82 4.25
N HIS A 2464 -6.83 51.14 5.53
CA HIS A 2464 -6.50 50.12 6.52
C HIS A 2464 -6.79 50.49 7.98
N PRO A 2465 -6.54 51.74 8.44
CA PRO A 2465 -6.37 51.97 9.87
C PRO A 2465 -7.65 52.32 10.60
N SER A 2466 -7.47 53.04 11.70
CA SER A 2466 -8.60 53.66 12.39
C SER A 2466 -8.93 54.90 11.60
N THR A 2467 -9.56 55.86 12.25
CA THR A 2467 -10.00 57.06 11.58
C THR A 2467 -9.26 58.32 12.03
N THR A 2468 -8.39 58.23 13.03
CA THR A 2468 -7.73 59.43 13.53
C THR A 2468 -6.84 60.08 12.48
N CYS A 2469 -6.14 59.26 11.69
CA CYS A 2469 -5.29 59.78 10.62
C CYS A 2469 -6.09 60.33 9.43
N ARG A 2470 -7.35 59.88 9.27
CA ARG A 2470 -8.19 60.33 8.17
C ARG A 2470 -8.40 61.85 8.19
N GLU A 2471 -8.56 62.45 9.38
CA GLU A 2471 -8.72 63.91 9.46
C GLU A 2471 -7.66 64.64 8.65
N GLN A 2472 -6.40 64.33 8.93
CA GLN A 2472 -5.32 65.04 8.26
C GLN A 2472 -5.21 64.63 6.82
N TYR A 2474 -7.52 63.66 4.73
CA TYR A 2474 -8.53 64.46 4.04
C TYR A 2474 -8.11 65.92 3.92
N ASN A 2475 -7.96 66.62 5.06
CA ASN A 2475 -7.84 68.08 5.00
C ASN A 2475 -6.69 68.53 4.13
N ILE A 2476 -5.55 67.85 4.24
CA ILE A 2476 -4.42 68.25 3.41
C ILE A 2476 -4.75 68.02 1.94
N LEU A 2477 -5.40 66.89 1.62
CA LEU A 2477 -5.83 66.67 0.23
C LEU A 2477 -6.83 67.74 -0.22
N TRP A 2479 -7.01 70.98 0.93
CA TRP A 2479 -6.41 72.30 0.73
C TRP A 2479 -5.55 72.32 -0.52
N ILE A 2480 -4.71 71.32 -0.72
CA ILE A 2480 -3.82 71.43 -1.87
C ILE A 2480 -4.47 70.90 -3.14
N HIS A 2481 -5.37 69.94 -3.03
CA HIS A 2481 -6.10 69.52 -4.23
C HIS A 2481 -7.11 70.59 -4.59
N ASP A 2482 -7.89 71.05 -3.61
CA ASP A 2482 -8.81 72.17 -3.81
C ASP A 2482 -8.08 73.42 -4.28
N ASN A 2483 -6.81 73.57 -3.92
CA ASN A 2483 -6.04 74.73 -4.38
C ASN A 2483 -5.45 74.51 -5.79
N TYR A 2484 -5.10 73.27 -6.13
CA TYR A 2484 -4.70 72.92 -7.50
C TYR A 2484 -5.90 72.76 -8.41
N ARG A 2485 -7.09 72.65 -7.82
CA ARG A 2485 -8.35 72.38 -8.52
C ARG A 2485 -8.79 73.56 -9.38
N ASP A 2486 -8.68 73.40 -10.69
CA ASP A 2486 -9.29 74.35 -11.59
C ASP A 2486 -10.40 73.66 -12.37
N PRO A 2487 -11.42 74.39 -12.84
CA PRO A 2487 -12.52 73.73 -13.58
C PRO A 2487 -12.11 73.30 -14.98
N GLU A 2488 -11.59 72.07 -15.08
CA GLU A 2488 -11.20 71.42 -16.33
C GLU A 2488 -10.05 72.11 -17.03
N SER A 2489 -9.45 73.15 -16.41
CA SER A 2489 -8.39 73.92 -17.06
C SER A 2489 -7.13 73.09 -17.26
N GLU A 2490 -6.85 72.15 -16.35
CA GLU A 2490 -5.70 71.25 -16.43
C GLU A 2490 -4.38 71.99 -16.23
N THR A 2491 -3.27 71.28 -16.41
CA THR A 2491 -1.92 71.82 -16.27
C THR A 2491 -0.98 71.06 -17.18
N ASP A 2492 -0.98 69.74 -17.03
CA ASP A 2492 0.01 68.85 -17.61
C ASP A 2492 -0.59 67.45 -17.71
N ASN A 2493 0.15 66.55 -18.35
CA ASN A 2493 -0.27 65.17 -18.50
C ASN A 2493 0.18 64.27 -17.35
N ASP A 2494 1.16 64.71 -16.55
CA ASP A 2494 1.69 63.90 -15.44
C ASP A 2494 1.05 64.27 -14.10
N SER A 2495 0.76 65.55 -13.89
CA SER A 2495 0.09 65.99 -12.67
C SER A 2495 -1.42 65.76 -12.73
N GLN A 2496 -1.99 65.65 -13.93
CA GLN A 2496 -3.40 65.34 -14.04
C GLN A 2496 -3.70 63.94 -13.51
N GLU A 2497 -2.80 62.97 -13.75
CA GLU A 2497 -2.99 61.62 -13.21
C GLU A 2497 -3.03 61.66 -11.69
N ILE A 2498 -2.22 62.54 -11.09
CA ILE A 2498 -2.35 62.90 -9.69
C ILE A 2498 -3.80 63.26 -9.44
N PHE A 2499 -4.20 64.38 -10.04
CA PHE A 2499 -5.50 64.98 -9.75
C PHE A 2499 -6.63 63.95 -9.80
N LYS A 2500 -6.59 63.06 -10.79
CA LYS A 2500 -7.57 61.98 -10.87
C LYS A 2500 -7.47 61.07 -9.65
N LEU A 2501 -6.26 60.64 -9.31
CA LEU A 2501 -6.08 59.85 -8.09
C LEU A 2501 -6.72 60.54 -6.90
N ALA A 2502 -6.44 61.84 -6.73
CA ALA A 2502 -7.03 62.60 -5.62
C ALA A 2502 -8.54 62.53 -5.64
N LYS A 2503 -9.13 62.52 -6.84
CA LYS A 2503 -10.57 62.31 -6.94
C LYS A 2503 -10.95 60.95 -6.36
N ASP A 2504 -10.17 59.91 -6.68
CA ASP A 2504 -10.40 58.59 -6.09
C ASP A 2504 -10.36 58.69 -4.57
N VAL A 2505 -9.48 59.53 -4.06
CA VAL A 2505 -9.31 59.70 -2.64
C VAL A 2505 -10.55 60.29 -2.00
N LEU A 2506 -10.72 61.59 -2.21
CA LEU A 2506 -11.84 62.33 -1.63
C LEU A 2506 -13.14 61.57 -1.83
N ILE A 2507 -13.31 60.96 -3.00
CA ILE A 2507 -14.50 60.18 -3.29
C ILE A 2507 -14.56 58.91 -2.44
N GLN A 2508 -13.42 58.29 -2.17
CA GLN A 2508 -13.42 57.15 -1.26
C GLN A 2508 -13.70 57.61 0.17
N GLY A 2509 -13.47 58.89 0.48
CA GLY A 2509 -13.74 59.47 1.79
C GLY A 2509 -15.13 60.01 2.03
N LEU A 2510 -15.87 60.33 0.97
CA LEU A 2510 -17.19 60.96 1.10
C LEU A 2510 -18.16 60.14 1.93
N ILE A 2511 -17.95 58.82 2.02
CA ILE A 2511 -18.65 57.98 2.98
C ILE A 2511 -17.60 57.46 3.94
N ASP A 2512 -17.75 57.77 5.23
CA ASP A 2512 -16.79 57.30 6.21
C ASP A 2512 -17.04 55.83 6.56
N GLU A 2513 -16.05 55.22 7.20
CA GLU A 2513 -16.24 53.86 7.69
C GLU A 2513 -17.24 53.86 8.85
N ASN A 2514 -17.21 54.92 9.67
CA ASN A 2514 -18.08 55.10 10.82
C ASN A 2514 -18.19 56.57 11.24
N PRO A 2515 -17.06 57.30 11.45
CA PRO A 2515 -17.12 58.56 12.22
C PRO A 2515 -17.89 59.66 11.52
N GLY A 2516 -19.11 59.94 12.00
CA GLY A 2516 -19.93 60.93 11.32
C GLY A 2516 -19.24 62.25 11.06
N LEU A 2517 -18.23 62.60 11.86
CA LEU A 2517 -17.62 63.93 11.75
C LEU A 2517 -16.69 64.07 10.54
N GLN A 2518 -15.88 63.05 10.23
CA GLN A 2518 -15.10 63.12 9.01
C GLN A 2518 -16.01 63.26 7.82
N LEU A 2519 -17.03 62.40 7.75
CA LEU A 2519 -17.97 62.42 6.65
C LEU A 2519 -18.61 63.78 6.52
N ILE A 2520 -19.14 64.34 7.62
CA ILE A 2520 -19.81 65.64 7.50
C ILE A 2520 -18.85 66.70 6.97
N ILE A 2521 -17.71 66.87 7.65
CA ILE A 2521 -16.84 67.97 7.25
C ILE A 2521 -16.41 67.79 5.79
N ARG A 2522 -16.20 66.54 5.37
CA ARG A 2522 -15.87 66.28 3.98
C ARG A 2522 -17.02 66.66 3.05
N ASN A 2523 -18.22 66.15 3.34
CA ASN A 2523 -19.38 66.40 2.51
C ASN A 2523 -19.57 67.90 2.31
N PHE A 2524 -19.57 68.65 3.41
CA PHE A 2524 -19.78 70.09 3.31
C PHE A 2524 -18.59 70.81 2.69
N TRP A 2525 -17.39 70.19 2.64
CA TRP A 2525 -16.37 70.78 1.77
C TRP A 2525 -16.69 70.51 0.30
N SER A 2526 -17.35 69.39 0.00
CA SER A 2526 -17.86 69.16 -1.35
C SER A 2526 -18.98 70.13 -1.71
N HIS A 2527 -19.76 70.57 -0.72
CA HIS A 2527 -21.06 71.18 -0.97
C HIS A 2527 -21.04 72.72 -1.10
N GLU A 2528 -20.32 73.45 -0.23
CA GLU A 2528 -20.54 74.89 -0.12
C GLU A 2528 -20.05 75.67 -1.34
N THR A 2529 -18.86 75.35 -1.84
CA THR A 2529 -18.33 76.14 -2.96
C THR A 2529 -18.14 75.32 -4.22
N ARG A 2530 -17.66 74.07 -4.09
CA ARG A 2530 -17.48 73.23 -5.27
C ARG A 2530 -18.79 72.98 -5.98
N LEU A 2531 -19.83 72.61 -5.24
CA LEU A 2531 -21.15 72.51 -5.84
C LEU A 2531 -21.60 73.89 -6.28
N PRO A 2532 -22.15 74.01 -7.48
CA PRO A 2532 -22.45 75.35 -8.01
C PRO A 2532 -23.60 75.99 -7.24
N SER A 2533 -23.58 77.33 -7.23
CA SER A 2533 -24.65 78.11 -6.61
C SER A 2533 -25.98 77.92 -7.34
N ASN A 2534 -25.93 77.60 -8.63
CA ASN A 2534 -27.17 77.35 -9.38
C ASN A 2534 -27.85 76.07 -8.89
N THR A 2535 -29.18 76.07 -8.91
CA THR A 2535 -29.93 74.85 -8.61
C THR A 2535 -29.70 73.81 -9.70
N LEU A 2536 -29.97 74.17 -10.96
CA LEU A 2536 -29.94 73.18 -12.03
C LEU A 2536 -28.52 72.71 -12.32
N ASP A 2537 -27.55 73.62 -12.26
CA ASP A 2537 -26.16 73.22 -12.48
C ASP A 2537 -25.69 72.22 -11.43
N ARG A 2538 -26.12 72.36 -10.17
CA ARG A 2538 -25.84 71.30 -9.20
C ARG A 2538 -26.53 70.00 -9.62
N LEU A 2539 -27.77 70.10 -10.12
CA LEU A 2539 -28.43 68.91 -10.67
C LEU A 2539 -27.59 68.24 -11.75
N LEU A 2540 -26.73 68.99 -12.44
CA LEU A 2540 -25.85 68.34 -13.40
C LEU A 2540 -24.56 67.81 -12.75
N ALA A 2541 -23.94 68.61 -11.87
CA ALA A 2541 -22.73 68.18 -11.16
C ALA A 2541 -22.94 66.85 -10.45
N LEU A 2542 -24.19 66.56 -10.09
CA LEU A 2542 -24.49 65.34 -9.36
C LEU A 2542 -23.89 64.10 -10.02
N ASN A 2543 -24.46 63.62 -11.13
CA ASN A 2543 -24.01 62.35 -11.69
C ASN A 2543 -22.56 62.39 -12.17
N SER A 2544 -21.95 63.57 -12.31
CA SER A 2544 -20.50 63.62 -12.44
C SER A 2544 -19.84 63.07 -11.19
N LEU A 2545 -20.41 63.38 -10.02
CA LEU A 2545 -19.78 62.92 -8.80
C LEU A 2545 -20.25 61.55 -8.28
N TYR A 2546 -21.42 61.00 -8.73
CA TYR A 2546 -21.93 59.77 -8.10
C TYR A 2546 -21.17 58.53 -8.49
N SER A 2547 -21.02 58.29 -9.79
CA SER A 2547 -20.43 57.03 -10.25
C SER A 2547 -19.10 56.70 -9.58
N PRO A 2548 -18.20 57.65 -9.27
CA PRO A 2548 -16.91 57.29 -8.65
C PRO A 2548 -16.95 56.40 -7.42
N LYS A 2549 -17.94 56.49 -6.53
CA LYS A 2549 -17.84 55.68 -5.31
C LYS A 2549 -17.74 54.19 -5.62
N ILE A 2550 -18.42 53.73 -6.67
CA ILE A 2550 -18.46 52.31 -6.98
C ILE A 2550 -18.92 51.59 -5.71
N GLU A 2551 -19.73 52.29 -4.91
CA GLU A 2551 -20.08 51.84 -3.57
C GLU A 2551 -21.42 52.43 -3.18
N VAL A 2552 -22.36 51.54 -2.82
CA VAL A 2552 -23.79 51.70 -2.51
C VAL A 2552 -24.14 52.84 -1.54
N HIS A 2553 -25.43 53.25 -1.53
CA HIS A 2553 -26.04 54.31 -0.71
C HIS A 2553 -25.59 55.71 -1.13
N PHE A 2554 -24.84 55.79 -2.22
CA PHE A 2554 -24.49 57.07 -2.83
C PHE A 2554 -25.69 58.00 -2.89
N LEU A 2555 -26.74 57.61 -3.63
CA LEU A 2555 -27.95 58.44 -3.79
C LEU A 2555 -28.50 58.96 -2.47
N SER A 2556 -28.38 58.20 -1.38
CA SER A 2556 -28.65 58.79 -0.08
C SER A 2556 -27.77 60.02 0.12
N LEU A 2557 -26.48 59.88 -0.22
CA LEU A 2557 -25.62 61.06 -0.18
C LEU A 2557 -26.10 62.14 -1.14
N ALA A 2558 -26.52 61.75 -2.34
CA ALA A 2558 -27.17 62.64 -3.29
C ALA A 2558 -28.14 63.55 -2.59
N THR A 2559 -29.15 62.91 -2.04
CA THR A 2559 -30.22 63.62 -1.40
C THR A 2559 -29.68 64.60 -0.38
N ASN A 2560 -28.88 64.12 0.57
CA ASN A 2560 -28.40 65.07 1.58
C ASN A 2560 -27.65 66.26 0.97
N PHE A 2561 -27.01 66.09 -0.19
CA PHE A 2561 -26.31 67.26 -0.74
C PHE A 2561 -27.31 68.23 -1.35
N LEU A 2562 -28.32 67.67 -2.01
CA LEU A 2562 -29.21 68.47 -2.84
C LEU A 2562 -30.35 69.06 -2.05
N LEU A 2563 -31.09 68.22 -1.34
CA LEU A 2563 -32.14 68.72 -0.46
C LEU A 2563 -31.61 69.85 0.40
N GLU A 2564 -30.42 69.66 0.95
CA GLU A 2564 -29.76 70.68 1.75
C GLU A 2564 -29.53 71.94 0.91
N THR A 2566 -30.62 73.13 -2.03
CA THR A 2566 -31.85 73.80 -2.48
C THR A 2566 -32.76 74.21 -1.33
N SER A 2567 -32.50 73.74 -0.11
CA SER A 2567 -33.40 74.00 1.00
C SER A 2567 -32.80 74.90 2.07
N SER A 2569 -31.79 78.12 2.56
CA SER A 2569 -32.43 79.34 3.01
C SER A 2569 -33.42 79.97 2.02
N PRO A 2570 -33.97 79.24 1.03
CA PRO A 2570 -35.25 79.68 0.50
C PRO A 2570 -36.35 79.05 1.31
N ASP A 2571 -36.00 77.93 1.96
CA ASP A 2571 -36.96 77.04 2.62
C ASP A 2571 -37.22 77.38 4.08
N TYR A 2572 -36.20 77.83 4.82
CA TYR A 2572 -36.34 78.23 6.21
C TYR A 2572 -37.52 79.19 6.41
N PRO A 2573 -37.53 80.35 5.75
CA PRO A 2573 -38.58 81.35 6.03
C PRO A 2573 -39.77 81.28 5.09
N ASN A 2574 -39.70 80.45 4.05
CA ASN A 2574 -40.80 80.21 3.13
C ASN A 2574 -41.20 78.74 3.24
N PRO A 2575 -41.38 78.19 4.49
CA PRO A 2575 -41.55 76.74 4.62
C PRO A 2575 -42.70 76.22 3.77
N UNK A 2669 -30.80 71.71 10.61
CA UNK A 2669 -31.18 71.04 11.85
C UNK A 2669 -30.45 69.70 11.97
N UNK A 2670 -30.55 68.86 10.95
CA UNK A 2670 -29.69 67.68 10.89
C UNK A 2670 -28.32 68.02 10.32
N UNK A 2671 -28.20 69.14 9.60
CA UNK A 2671 -26.91 69.68 9.20
C UNK A 2671 -26.26 70.56 10.26
N UNK A 2672 -27.07 71.20 11.10
CA UNK A 2672 -26.53 71.99 12.21
C UNK A 2672 -26.24 71.12 13.43
N UNK A 2673 -27.16 70.22 13.78
CA UNK A 2673 -26.81 69.14 14.67
C UNK A 2673 -25.77 68.21 14.05
N UNK A 2674 -25.60 68.27 12.72
CA UNK A 2674 -24.47 67.58 12.11
C UNK A 2674 -23.16 68.25 12.49
N UNK A 2675 -23.06 69.57 12.34
CA UNK A 2675 -21.81 70.24 12.74
C UNK A 2675 -21.55 70.16 14.25
N UNK A 2676 -22.60 70.22 15.08
CA UNK A 2676 -22.40 69.95 16.51
C UNK A 2676 -22.03 68.49 16.79
N UNK A 2677 -22.42 67.57 15.92
CA UNK A 2677 -21.99 66.18 15.98
C UNK A 2677 -20.65 65.96 15.29
N UNK A 2678 -20.04 67.01 14.78
CA UNK A 2678 -18.63 66.97 14.41
C UNK A 2678 -17.75 67.62 15.47
N UNK A 2679 -18.30 68.53 16.26
CA UNK A 2679 -17.60 68.99 17.47
C UNK A 2679 -17.83 68.08 18.66
N UNK A 2680 -18.71 67.08 18.55
CA UNK A 2680 -18.82 66.09 19.62
C UNK A 2680 -17.61 65.17 19.66
N UNK A 2681 -17.27 64.56 18.51
CA UNK A 2681 -16.13 63.64 18.50
C UNK A 2681 -14.78 64.36 18.56
N UNK A 2682 -14.76 65.68 18.32
CA UNK A 2682 -13.53 66.46 18.47
C UNK A 2682 -13.23 66.81 19.93
N UNK A 2683 -14.09 66.41 20.87
CA UNK A 2683 -13.94 66.71 22.29
C UNK A 2683 -14.23 65.48 23.14
N UNK A 2684 -14.97 65.71 24.22
CA UNK A 2684 -15.36 64.68 25.18
C UNK A 2684 -16.05 63.47 24.56
N UNK A 2685 -16.05 62.37 25.31
CA UNK A 2685 -16.69 61.10 24.97
C UNK A 2685 -15.92 60.35 23.90
N UNK A 2686 -15.60 59.09 24.19
CA UNK A 2686 -14.90 58.23 23.25
C UNK A 2686 -15.74 57.02 22.89
N UNK A 2687 -15.57 55.92 23.61
CA UNK A 2687 -16.22 54.66 23.28
C UNK A 2687 -17.06 54.17 24.45
N UNK A 2688 -17.49 52.90 24.36
CA UNK A 2688 -18.34 52.21 25.33
C UNK A 2688 -19.76 52.77 25.32
N UNK A 2689 -20.63 52.24 26.18
CA UNK A 2689 -22.02 52.64 26.22
C UNK A 2689 -22.21 54.13 26.53
N UNK A 2690 -21.14 54.85 26.88
CA UNK A 2690 -21.23 56.30 26.92
C UNK A 2690 -21.53 56.85 25.54
N UNK A 2691 -20.80 56.37 24.53
CA UNK A 2691 -21.15 56.65 23.15
C UNK A 2691 -22.51 56.07 22.78
N UNK A 2692 -23.03 55.12 23.56
CA UNK A 2692 -24.41 54.68 23.34
C UNK A 2692 -25.43 55.61 23.97
N UNK A 2693 -25.03 56.41 24.95
CA UNK A 2693 -25.86 57.54 25.37
C UNK A 2693 -25.70 58.73 24.44
N UNK A 2694 -24.61 58.78 23.66
CA UNK A 2694 -24.51 59.79 22.62
C UNK A 2694 -25.23 59.40 21.33
N UNK A 2695 -25.38 58.11 21.07
CA UNK A 2695 -26.25 57.67 19.98
C UNK A 2695 -27.70 57.62 20.41
N UNK A 2696 -27.97 57.43 21.69
CA UNK A 2696 -29.33 57.55 22.20
C UNK A 2696 -29.76 59.01 22.27
N UNK A 2697 -28.85 59.91 22.64
CA UNK A 2697 -29.14 61.33 22.57
C UNK A 2697 -29.19 61.82 21.13
N UNK A 2698 -28.47 61.14 20.23
CA UNK A 2698 -28.63 61.43 18.79
C UNK A 2698 -30.01 61.00 18.30
N UNK A 2699 -30.50 59.86 18.77
CA UNK A 2699 -31.91 59.53 18.56
C UNK A 2699 -32.81 60.63 19.11
N UNK A 2700 -32.61 61.05 20.36
CA UNK A 2700 -33.47 62.07 20.96
C UNK A 2700 -33.50 63.35 20.13
N UNK A 2701 -32.34 63.81 19.64
CA UNK A 2701 -32.35 65.08 18.92
C UNK A 2701 -32.86 64.92 17.50
N UNK A 2702 -32.46 63.82 16.82
CA UNK A 2702 -32.99 63.54 15.49
C UNK A 2702 -34.50 63.48 15.50
N UNK A 2703 -35.10 63.00 16.59
CA UNK A 2703 -36.53 63.19 16.78
C UNK A 2703 -36.87 64.65 17.11
N UNK A 2704 -35.97 65.34 17.82
CA UNK A 2704 -36.28 66.71 18.23
C UNK A 2704 -36.34 67.69 17.06
N UNK A 2705 -35.86 67.32 15.87
CA UNK A 2705 -35.95 68.23 14.73
C UNK A 2705 -37.40 68.58 14.41
N UNK A 2706 -38.14 67.66 13.80
CA UNK A 2706 -39.53 67.99 13.45
C UNK A 2706 -40.50 67.69 14.58
N UNK A 2707 -40.03 67.07 15.67
CA UNK A 2707 -40.92 66.93 16.81
C UNK A 2707 -40.93 68.19 17.66
N UNK A 2708 -39.78 68.83 17.81
CA UNK A 2708 -39.61 69.98 18.70
C UNK A 2708 -40.76 70.94 18.51
N UNK A 2709 -41.14 71.15 17.25
CA UNK A 2709 -42.33 71.94 16.95
C UNK A 2709 -43.54 71.36 17.66
N UNK A 2710 -43.88 70.11 17.36
CA UNK A 2710 -45.14 69.54 17.86
C UNK A 2710 -45.17 69.44 19.38
N UNK A 2711 -44.03 69.13 20.00
CA UNK A 2711 -43.99 69.04 21.46
C UNK A 2711 -44.10 70.41 22.11
N UNK A 2712 -43.51 71.45 21.51
CA UNK A 2712 -43.78 72.81 21.98
C UNK A 2712 -45.25 73.14 21.83
N UNK A 2713 -45.86 72.65 20.73
CA UNK A 2713 -47.31 72.79 20.55
C UNK A 2713 -48.05 72.22 21.74
N UNK A 2714 -47.68 71.00 22.16
CA UNK A 2714 -48.31 70.39 23.33
C UNK A 2714 -48.27 71.31 24.54
N UNK A 2715 -47.14 71.97 24.77
CA UNK A 2715 -47.02 72.87 25.90
C UNK A 2715 -46.17 74.09 25.56
N UNK A 2716 -44.85 73.91 25.51
CA UNK A 2716 -43.92 75.02 25.37
C UNK A 2716 -42.56 74.49 24.93
N UNK A 2717 -41.60 75.41 24.82
CA UNK A 2717 -40.34 75.12 24.13
C UNK A 2717 -39.56 73.96 24.76
N UNK A 2718 -39.50 73.90 26.10
CA UNK A 2718 -38.64 72.90 26.75
C UNK A 2718 -39.24 71.51 26.89
N UNK A 2719 -40.52 71.30 26.57
CA UNK A 2719 -41.16 70.01 26.80
C UNK A 2719 -40.76 68.99 25.73
N UNK A 2720 -40.64 67.73 26.16
CA UNK A 2720 -40.19 66.54 25.41
C UNK A 2720 -38.70 66.53 25.14
N UNK A 2721 -37.96 67.58 25.51
CA UNK A 2721 -36.54 67.68 25.14
C UNK A 2721 -35.72 66.48 25.64
N UNK A 2722 -35.90 66.10 26.91
CA UNK A 2722 -35.12 64.99 27.45
C UNK A 2722 -35.53 63.66 26.84
N UNK A 2723 -36.83 63.40 26.73
CA UNK A 2723 -37.35 62.27 25.96
C UNK A 2723 -36.95 60.92 26.54
N UNK A 2724 -35.91 60.28 25.97
CA UNK A 2724 -35.37 59.06 26.55
C UNK A 2724 -34.47 59.33 27.75
N UNK A 2725 -33.78 60.46 27.75
CA UNK A 2725 -32.94 60.83 28.89
C UNK A 2725 -33.77 61.37 30.04
N UNK A 2726 -35.04 61.70 29.80
CA UNK A 2726 -35.95 62.09 30.87
C UNK A 2726 -36.22 60.93 31.82
N UNK A 2727 -36.26 59.70 31.29
CA UNK A 2727 -36.33 58.55 32.17
C UNK A 2727 -35.06 58.43 33.00
N UNK A 2728 -33.91 58.71 32.38
CA UNK A 2728 -32.64 58.71 33.10
C UNK A 2728 -32.62 59.79 34.18
N UNK A 2729 -33.30 60.90 33.95
CA UNK A 2729 -33.36 61.97 34.94
C UNK A 2729 -34.43 61.71 35.99
N UNK A 2730 -35.46 60.94 35.65
CA UNK A 2730 -36.57 60.67 36.55
C UNK A 2730 -36.21 59.58 37.55
N UNK A 2731 -35.43 58.59 37.12
CA UNK A 2731 -35.10 57.48 38.01
C UNK A 2731 -34.35 57.95 39.26
N UNK A 2732 -33.30 58.76 39.07
CA UNK A 2732 -32.54 59.27 40.21
C UNK A 2732 -33.20 60.50 40.83
N SER A 2774 -51.86 77.36 26.78
CA SER A 2774 -51.12 77.48 25.51
C SER A 2774 -50.96 76.10 24.89
N TYR A 2775 -51.84 75.20 25.30
CA TYR A 2775 -51.80 73.82 24.82
C TYR A 2775 -52.52 73.67 23.48
N ARG A 2776 -53.85 73.85 23.45
CA ARG A 2776 -54.58 73.78 22.19
C ARG A 2776 -54.15 74.88 21.23
N HIS A 2777 -54.18 76.14 21.71
CA HIS A 2777 -53.65 77.26 20.93
C HIS A 2777 -52.21 77.04 20.50
N GLY A 2778 -51.47 76.19 21.22
CA GLY A 2778 -50.12 75.81 20.85
C GLY A 2778 -50.04 74.79 19.73
N ASP A 2779 -50.95 73.82 19.74
CA ASP A 2779 -50.99 72.83 18.67
C ASP A 2779 -51.45 73.46 17.36
N LEU A 2780 -52.35 74.44 17.43
CA LEU A 2780 -52.95 74.99 16.22
C LEU A 2780 -51.98 75.66 15.23
N PRO A 2781 -50.97 76.44 15.64
CA PRO A 2781 -50.13 77.12 14.62
C PRO A 2781 -48.99 76.27 14.07
N ASP A 2782 -48.51 75.27 14.80
CA ASP A 2782 -47.53 74.35 14.24
C ASP A 2782 -48.08 73.66 12.98
N ILE A 2783 -49.36 73.33 13.01
CA ILE A 2783 -50.08 72.69 11.92
C ILE A 2783 -50.34 73.67 10.79
N GLN A 2784 -49.80 74.89 10.89
CA GLN A 2784 -50.00 75.93 9.89
C GLN A 2784 -48.74 76.22 9.07
N ILE A 2785 -47.66 76.65 9.72
CA ILE A 2785 -46.39 76.97 9.08
C ILE A 2785 -45.40 77.34 10.18
N LYS A 2786 -45.70 76.95 11.42
CA LYS A 2786 -44.89 77.41 12.56
C LYS A 2786 -43.41 77.14 12.32
N HIS A 2787 -43.07 75.92 11.93
CA HIS A 2787 -41.73 75.58 11.46
C HIS A 2787 -41.84 74.31 10.63
N SER A 2788 -42.48 74.43 9.47
CA SER A 2788 -42.57 73.35 8.49
C SER A 2788 -41.29 73.17 7.68
N SER A 2789 -40.38 74.14 7.72
CA SER A 2789 -39.06 73.89 7.17
C SER A 2789 -38.34 72.82 7.97
N LEU A 2790 -38.60 72.76 9.29
CA LEU A 2790 -38.12 71.66 10.11
C LEU A 2790 -38.71 70.33 9.68
N ILE A 2791 -39.74 70.35 8.84
CA ILE A 2791 -40.27 69.12 8.28
C ILE A 2791 -39.46 68.67 7.08
N THR A 2792 -38.87 69.61 6.36
CA THR A 2792 -38.03 69.29 5.21
C THR A 2792 -36.94 68.29 5.58
N PRO A 2793 -36.04 68.60 6.55
CA PRO A 2793 -34.90 67.69 6.75
C PRO A 2793 -35.30 66.33 7.27
N LEU A 2794 -36.17 66.26 8.28
CA LEU A 2794 -36.59 64.96 8.78
C LEU A 2794 -37.15 64.08 7.68
N GLN A 2795 -37.79 64.69 6.69
CA GLN A 2795 -38.06 63.96 5.47
C GLN A 2795 -36.74 63.40 4.94
N ALA A 2796 -35.96 64.28 4.33
CA ALA A 2796 -34.73 63.89 3.67
C ALA A 2796 -33.93 62.90 4.49
N VAL A 2797 -33.68 63.23 5.75
CA VAL A 2797 -32.81 62.42 6.58
C VAL A 2797 -33.42 61.04 6.78
N ALA A 2798 -34.69 60.97 7.20
CA ALA A 2798 -35.35 59.69 7.39
C ALA A 2798 -35.24 58.83 6.16
N GLN A 2799 -35.05 59.45 5.00
CA GLN A 2799 -34.89 58.73 3.75
C GLN A 2799 -33.43 58.34 3.53
N ARG A 2800 -32.54 59.27 3.84
CA ARG A 2800 -31.11 59.00 3.78
C ARG A 2800 -30.72 57.74 4.59
N ASP A 2801 -31.17 57.63 5.87
CA ASP A 2801 -30.71 56.54 6.73
C ASP A 2801 -30.99 55.13 6.19
N PRO A 2802 -32.25 54.72 5.90
CA PRO A 2802 -32.41 53.49 5.14
C PRO A 2802 -32.70 53.80 3.69
N ILE A 2803 -31.86 53.24 2.81
CA ILE A 2803 -31.88 53.64 1.41
C ILE A 2803 -33.21 53.30 0.77
N ILE A 2804 -33.99 52.42 1.40
CA ILE A 2804 -35.25 51.92 0.85
C ILE A 2804 -36.10 53.04 0.27
N ALA A 2805 -35.95 54.25 0.78
CA ALA A 2805 -36.62 55.39 0.18
C ALA A 2805 -36.06 55.61 -1.22
N LYS A 2806 -36.40 54.70 -2.13
CA LYS A 2806 -36.21 54.92 -3.56
C LYS A 2806 -37.01 56.13 -4.04
N GLN A 2807 -38.11 56.45 -3.36
CA GLN A 2807 -38.97 57.56 -3.77
C GLN A 2807 -38.24 58.90 -3.80
N LEU A 2808 -37.16 59.08 -3.03
CA LEU A 2808 -36.36 60.28 -3.16
C LEU A 2808 -35.83 60.44 -4.57
N PHE A 2809 -35.42 59.32 -5.13
CA PHE A 2809 -34.68 59.23 -6.37
C PHE A 2809 -35.59 59.46 -7.57
N SER A 2810 -36.72 58.75 -7.63
CA SER A 2810 -37.69 59.03 -8.67
C SER A 2810 -38.29 60.42 -8.52
N SER A 2811 -38.64 60.80 -7.28
CA SER A 2811 -38.93 62.21 -7.04
C SER A 2811 -37.80 63.08 -7.57
N LEU A 2812 -36.55 62.67 -7.31
CA LEU A 2812 -35.42 63.53 -7.63
C LEU A 2812 -35.38 63.79 -9.13
N PHE A 2813 -35.44 62.73 -9.93
CA PHE A 2813 -35.43 62.91 -11.37
C PHE A 2813 -36.71 63.59 -11.85
N SER A 2814 -37.83 63.40 -11.15
CA SER A 2814 -39.00 64.21 -11.50
C SER A 2814 -38.72 65.67 -11.19
N GLY A 2815 -38.05 65.92 -10.07
CA GLY A 2815 -37.53 67.23 -9.78
C GLY A 2815 -36.17 67.46 -10.41
N ILE A 2816 -35.91 66.84 -11.56
CA ILE A 2816 -34.76 67.22 -12.35
C ILE A 2816 -35.21 67.35 -13.80
N LEU A 2817 -36.09 66.46 -14.25
CA LEU A 2817 -36.55 66.51 -15.63
C LEU A 2817 -37.68 67.52 -15.81
N LYS A 2818 -38.65 67.53 -14.89
CA LYS A 2818 -39.83 68.39 -15.06
C LYS A 2818 -39.47 69.87 -15.14
N GLU A 2819 -38.62 70.35 -14.23
CA GLU A 2819 -38.23 71.75 -14.27
C GLU A 2819 -37.17 72.01 -15.34
N ASP A 2821 -38.10 71.33 -18.16
CA ASP A 2821 -39.09 71.49 -19.22
C ASP A 2821 -39.76 72.85 -19.03
N LYS A 2822 -39.80 73.32 -17.77
CA LYS A 2822 -40.43 74.59 -17.43
C LYS A 2822 -39.46 75.74 -17.18
N PHE A 2823 -38.18 75.46 -16.89
CA PHE A 2823 -37.26 76.56 -16.62
C PHE A 2823 -36.93 77.25 -17.94
N LYS A 2824 -35.67 77.68 -18.09
CA LYS A 2824 -35.24 78.47 -19.24
C LYS A 2824 -35.16 77.63 -20.51
N THR A 2825 -34.16 77.94 -21.34
CA THR A 2825 -33.87 77.26 -22.60
C THR A 2825 -33.76 75.74 -22.43
N LEU A 2826 -34.00 74.98 -23.52
CA LEU A 2826 -34.19 73.54 -23.34
C LEU A 2826 -33.53 72.64 -24.38
N SER A 2827 -33.34 73.06 -25.62
CA SER A 2827 -32.77 72.15 -26.62
C SER A 2827 -31.39 71.60 -26.25
N GLU A 2828 -30.38 72.48 -26.24
CA GLU A 2828 -29.02 72.03 -25.91
C GLU A 2828 -28.97 71.26 -24.62
N LYS A 2829 -29.57 71.82 -23.56
CA LYS A 2829 -29.54 71.17 -22.25
C LYS A 2829 -30.18 69.78 -22.31
N ASN A 2830 -31.35 69.67 -22.92
CA ASN A 2830 -32.02 68.36 -23.03
C ASN A 2830 -31.12 67.36 -23.73
N ASN A 2831 -30.32 67.82 -24.70
CA ASN A 2831 -29.32 66.96 -25.29
C ASN A 2831 -28.18 66.67 -24.29
N ILE A 2832 -27.86 67.62 -23.40
CA ILE A 2832 -26.71 67.49 -22.50
C ILE A 2832 -26.96 66.43 -21.44
N THR A 2833 -28.04 66.57 -20.68
CA THR A 2833 -28.36 65.60 -19.64
C THR A 2833 -28.35 64.17 -20.15
N GLN A 2834 -28.64 63.98 -21.44
CA GLN A 2834 -28.57 62.67 -22.07
C GLN A 2834 -27.16 62.07 -22.08
N LYS A 2835 -26.12 62.89 -21.92
CA LYS A 2835 -24.79 62.30 -21.82
C LYS A 2835 -24.64 61.47 -20.57
N LEU A 2836 -25.39 61.78 -19.52
CA LEU A 2836 -25.17 61.14 -18.23
C LEU A 2836 -25.41 59.65 -18.29
N LEU A 2837 -26.12 59.17 -19.31
CA LEU A 2837 -26.38 57.75 -19.43
C LEU A 2837 -25.07 57.00 -19.64
N GLN A 2838 -24.08 57.68 -20.19
CA GLN A 2838 -22.72 57.17 -20.20
C GLN A 2838 -22.20 56.94 -18.78
N ASP A 2839 -22.42 57.90 -17.87
CA ASP A 2839 -21.96 57.69 -16.48
C ASP A 2839 -22.75 56.58 -15.79
N PHE A 2840 -24.09 56.58 -15.92
CA PHE A 2840 -24.88 55.46 -15.43
C PHE A 2840 -24.25 54.14 -15.83
N ASN A 2841 -23.93 54.00 -17.12
CA ASN A 2841 -23.51 52.71 -17.65
C ASN A 2841 -22.03 52.40 -17.39
N ARG A 2842 -21.16 53.41 -17.36
CA ARG A 2842 -19.81 53.20 -16.87
C ARG A 2842 -19.84 52.64 -15.45
N PHE A 2843 -20.66 53.25 -14.60
CA PHE A 2843 -20.97 52.68 -13.29
C PHE A 2843 -21.44 51.24 -13.43
N LEU A 2844 -22.41 51.00 -14.33
CA LEU A 2844 -22.95 49.65 -14.53
C LEU A 2844 -21.89 48.65 -14.93
N ASN A 2845 -20.79 49.11 -15.49
CA ASN A 2845 -19.64 48.24 -15.72
C ASN A 2845 -18.72 48.17 -14.51
N THR A 2846 -18.83 49.11 -13.57
CA THR A 2846 -17.95 49.10 -12.39
C THR A 2846 -18.45 48.20 -11.26
N THR A 2847 -19.48 48.64 -10.53
CA THR A 2847 -19.95 47.87 -9.36
C THR A 2847 -20.43 46.48 -9.75
N PHE A 2848 -19.99 45.48 -8.99
CA PHE A 2848 -20.37 44.10 -9.22
C PHE A 2848 -21.22 43.59 -8.05
N SER A 2849 -22.48 43.27 -8.34
CA SER A 2849 -23.46 42.70 -7.41
C SER A 2849 -23.97 43.70 -6.38
N PHE A 2850 -24.94 44.54 -6.74
CA PHE A 2850 -25.32 45.66 -5.87
C PHE A 2850 -26.76 46.07 -6.09
N PHE A 2851 -27.58 45.94 -5.04
CA PHE A 2851 -29.02 46.21 -5.17
C PHE A 2851 -29.39 47.67 -5.47
N PRO A 2852 -28.77 48.68 -4.90
CA PRO A 2852 -29.21 50.06 -5.16
C PRO A 2852 -28.89 50.56 -6.57
N PRO A 2853 -27.77 50.16 -7.19
CA PRO A 2853 -27.66 50.34 -8.65
C PRO A 2853 -28.94 49.97 -9.40
N PHE A 2854 -29.56 48.84 -9.04
CA PHE A 2854 -30.82 48.42 -9.68
C PHE A 2854 -31.89 49.48 -9.50
N VAL A 2855 -32.02 49.99 -8.27
CA VAL A 2855 -32.96 51.06 -7.98
C VAL A 2855 -32.67 52.26 -8.86
N SER A 2856 -31.41 52.46 -9.21
CA SER A 2856 -31.07 53.46 -10.20
C SER A 2856 -31.56 53.05 -11.59
N CYS A 2857 -31.57 51.76 -11.90
CA CYS A 2857 -32.02 51.31 -13.22
C CYS A 2857 -33.51 51.55 -13.43
N ILE A 2858 -34.35 51.13 -12.48
CA ILE A 2858 -35.76 51.52 -12.55
C ILE A 2858 -35.89 53.02 -12.54
N GLN A 2859 -35.07 53.67 -11.71
CA GLN A 2859 -34.95 55.12 -11.72
C GLN A 2859 -34.63 55.65 -13.11
N ASP A 2860 -34.07 54.80 -13.98
CA ASP A 2860 -33.63 55.18 -15.32
C ASP A 2860 -34.70 55.00 -16.39
N ILE A 2861 -35.31 53.81 -16.48
CA ILE A 2861 -36.42 53.66 -17.42
C ILE A 2861 -37.60 54.51 -16.99
N SER A 2862 -37.69 54.81 -15.70
CA SER A 2862 -38.70 55.75 -15.24
C SER A 2862 -38.46 57.11 -15.85
N CYS A 2863 -37.21 57.54 -15.90
CA CYS A 2863 -36.88 58.83 -16.49
C CYS A 2863 -37.21 58.85 -17.98
N GLN A 2864 -37.78 59.95 -18.44
CA GLN A 2864 -38.30 60.01 -19.80
C GLN A 2864 -37.14 60.05 -20.79
N HIS A 2865 -36.48 58.91 -20.97
CA HIS A 2865 -35.21 58.85 -21.66
C HIS A 2865 -35.19 57.73 -22.68
N ALA A 2866 -34.52 57.98 -23.79
CA ALA A 2866 -34.24 56.94 -24.78
C ALA A 2866 -32.90 56.26 -24.49
N ALA A 2867 -31.80 57.01 -24.66
CA ALA A 2867 -30.47 56.41 -24.63
C ALA A 2867 -30.15 55.73 -23.30
N LEU A 2868 -30.91 56.01 -22.23
CA LEU A 2868 -30.93 55.09 -21.11
C LEU A 2868 -31.43 53.72 -21.57
N LEU A 2869 -32.55 53.71 -22.28
CA LEU A 2869 -33.11 52.46 -22.80
C LEU A 2869 -32.18 51.80 -23.79
N SER A 2870 -31.42 52.58 -24.56
CA SER A 2870 -30.45 52.04 -25.53
C SER A 2870 -29.21 51.56 -24.80
N LEU A 2871 -28.37 52.50 -24.37
CA LEU A 2871 -27.01 52.29 -23.92
C LEU A 2871 -26.99 51.36 -22.71
N ASP A 2872 -28.15 50.80 -22.37
CA ASP A 2872 -28.27 49.92 -21.22
C ASP A 2872 -28.02 48.49 -21.64
N PRO A 2873 -27.00 47.84 -21.12
CA PRO A 2873 -27.03 46.39 -21.02
C PRO A 2873 -27.28 46.00 -19.57
N ALA A 2874 -28.25 46.66 -18.92
CA ALA A 2874 -28.55 46.35 -17.52
C ALA A 2874 -28.84 44.87 -17.35
N ALA A 2875 -29.65 44.31 -18.23
CA ALA A 2875 -29.99 42.89 -18.14
C ALA A 2875 -28.74 42.02 -18.10
N VAL A 2876 -27.67 42.43 -18.78
CA VAL A 2876 -26.36 41.81 -18.57
C VAL A 2876 -26.00 41.86 -17.09
N SER A 2877 -26.05 43.06 -16.52
CA SER A 2877 -25.56 43.31 -15.17
C SER A 2877 -26.73 43.44 -14.22
N ALA A 2878 -27.33 44.63 -14.16
CA ALA A 2878 -28.52 44.88 -13.37
C ALA A 2878 -29.64 43.93 -13.75
N GLY A 2879 -29.34 42.64 -13.70
CA GLY A 2879 -30.21 41.57 -14.10
C GLY A 2879 -29.76 40.29 -13.45
N CYS A 2880 -28.49 40.31 -13.03
CA CYS A 2880 -27.90 39.21 -12.26
C CYS A 2880 -28.44 39.15 -10.84
N LEU A 2881 -28.81 40.27 -10.26
CA LEU A 2881 -29.34 40.19 -8.91
C LEU A 2881 -30.69 40.86 -8.74
N ALA A 2882 -30.88 42.03 -9.35
CA ALA A 2882 -32.16 42.72 -9.27
C ALA A 2882 -33.33 41.79 -9.49
N SER A 2883 -33.25 41.00 -10.57
CA SER A 2883 -34.35 40.16 -11.05
C SER A 2883 -35.45 41.14 -11.46
N LEU A 2884 -36.69 40.98 -10.99
CA LEU A 2884 -37.83 41.76 -11.49
C LEU A 2884 -37.58 43.22 -11.87
N GLN A 2885 -36.55 43.88 -11.33
CA GLN A 2885 -36.31 45.28 -11.67
C GLN A 2885 -35.61 45.49 -13.02
N GLN A 2886 -34.99 44.45 -13.59
CA GLN A 2886 -34.47 44.47 -14.95
C GLN A 2886 -35.57 44.29 -16.00
N PRO A 2887 -36.51 43.34 -15.85
CA PRO A 2887 -37.58 43.23 -16.85
C PRO A 2887 -38.52 44.42 -16.91
N VAL A 2888 -38.45 45.36 -15.97
CA VAL A 2888 -39.30 46.52 -16.14
C VAL A 2888 -38.71 47.41 -17.22
N GLY A 2889 -37.40 47.32 -17.44
CA GLY A 2889 -36.78 48.14 -18.45
C GLY A 2889 -37.36 47.92 -19.82
N ILE A 2890 -37.46 46.64 -20.22
CA ILE A 2890 -37.85 46.30 -21.59
C ILE A 2890 -39.16 46.99 -21.97
N ARG A 2891 -40.18 46.88 -21.12
CA ARG A 2891 -41.47 47.48 -21.43
C ARG A 2891 -41.28 48.97 -21.77
N LEU A 2892 -40.61 49.70 -20.88
CA LEU A 2892 -40.31 51.10 -21.14
C LEU A 2892 -39.54 51.23 -22.43
N LEU A 2893 -38.56 50.35 -22.62
CA LEU A 2893 -37.71 50.40 -23.80
C LEU A 2893 -38.52 50.29 -25.09
N GLU A 2894 -39.52 49.41 -25.10
CA GLU A 2894 -40.12 49.03 -26.38
C GLU A 2894 -40.82 50.19 -27.09
N GLU A 2895 -41.49 51.07 -26.34
CA GLU A 2895 -42.32 52.08 -26.98
C GLU A 2895 -41.51 53.11 -27.76
N ALA A 2896 -40.32 53.45 -27.30
CA ALA A 2896 -39.54 54.50 -27.93
C ALA A 2896 -38.20 54.02 -28.45
N LEU A 2897 -37.52 53.12 -27.74
CA LEU A 2897 -36.27 52.60 -28.27
C LEU A 2897 -36.49 51.63 -29.41
N LEU A 2898 -37.44 50.69 -29.27
CA LEU A 2898 -37.93 49.94 -30.41
C LEU A 2898 -38.85 50.87 -31.20
N ARG A 2899 -38.24 51.80 -31.94
CA ARG A 2899 -38.96 52.77 -32.76
C ARG A 2899 -39.31 52.22 -34.13
N LEU A 2900 -38.66 51.15 -34.55
CA LEU A 2900 -38.89 50.57 -35.85
C LEU A 2900 -39.87 49.40 -35.82
N LEU A 2901 -40.35 49.01 -34.62
CA LEU A 2901 -41.36 47.98 -34.38
C LEU A 2901 -42.83 48.41 -34.55
N PRO A 2902 -43.24 49.60 -34.09
CA PRO A 2902 -44.60 50.07 -34.40
C PRO A 2902 -44.71 50.86 -35.70
N ALA A 2903 -43.61 51.04 -36.43
CA ALA A 2903 -43.64 51.64 -37.75
C ALA A 2903 -43.55 50.59 -38.86
N GLU A 2904 -43.34 49.34 -38.50
CA GLU A 2904 -43.37 48.18 -39.40
C GLU A 2904 -42.47 48.41 -40.62
N LEU A 2905 -41.16 48.34 -40.35
CA LEU A 2905 -40.16 48.55 -41.40
C LEU A 2905 -39.14 47.43 -41.39
N PRO A 2906 -38.15 47.39 -42.34
CA PRO A 2906 -37.24 46.24 -42.44
C PRO A 2906 -36.53 45.84 -41.14
N ALA A 2907 -35.90 44.67 -41.17
CA ALA A 2907 -35.14 44.14 -40.05
C ALA A 2907 -33.76 44.75 -39.90
N LYS A 2908 -33.34 45.63 -40.83
CA LYS A 2908 -32.03 46.25 -40.73
C LYS A 2908 -31.99 47.40 -39.73
N ARG A 2909 -33.07 48.17 -39.62
CA ARG A 2909 -33.07 49.35 -38.77
C ARG A 2909 -33.57 49.12 -37.34
N VAL A 2910 -34.50 48.19 -37.15
CA VAL A 2910 -35.11 47.91 -35.84
C VAL A 2910 -34.02 47.73 -34.80
N ARG A 2911 -34.34 47.99 -33.53
CA ARG A 2911 -33.32 47.99 -32.48
C ARG A 2911 -32.70 46.61 -32.38
N GLY A 2912 -31.43 46.51 -32.77
CA GLY A 2912 -30.75 45.24 -32.87
C GLY A 2912 -30.59 44.52 -31.55
N LYS A 2913 -29.82 45.10 -30.64
CA LYS A 2913 -29.59 44.43 -29.36
C LYS A 2913 -30.85 44.45 -28.50
N ALA A 2914 -31.34 45.64 -28.17
CA ALA A 2914 -32.30 45.83 -27.07
C ALA A 2914 -33.53 44.96 -27.19
N ARG A 2915 -33.64 44.14 -28.23
CA ARG A 2915 -34.58 43.04 -28.14
C ARG A 2915 -33.97 41.82 -27.47
N LEU A 2916 -32.64 41.66 -27.57
CA LEU A 2916 -32.00 40.42 -27.11
C LEU A 2916 -31.74 40.41 -25.60
N PRO A 2917 -31.25 41.49 -24.97
CA PRO A 2917 -31.15 41.48 -23.51
C PRO A 2917 -32.49 41.17 -22.85
N PRO A 2918 -33.62 41.71 -23.33
CA PRO A 2918 -34.91 41.24 -22.79
C PRO A 2918 -35.14 39.74 -22.88
N ASP A 2919 -34.57 39.06 -23.88
CA ASP A 2919 -34.76 37.62 -23.97
C ASP A 2919 -33.94 36.89 -22.91
N VAL A 2920 -32.61 37.11 -22.90
CA VAL A 2920 -31.78 36.42 -21.90
C VAL A 2920 -32.23 36.81 -20.49
N LEU A 2921 -32.79 38.01 -20.33
CA LEU A 2921 -33.24 38.45 -19.02
C LEU A 2921 -34.50 37.71 -18.61
N ARG A 2922 -35.49 37.63 -19.50
CA ARG A 2922 -36.65 36.80 -19.18
C ARG A 2922 -36.27 35.34 -19.09
N TRP A 2923 -35.08 35.01 -19.56
CA TRP A 2923 -34.55 33.65 -19.58
C TRP A 2923 -34.01 33.22 -18.23
N VAL A 2924 -33.11 34.02 -17.65
CA VAL A 2924 -32.57 33.69 -16.32
C VAL A 2924 -33.71 33.45 -15.37
N GLU A 2925 -34.83 34.14 -15.59
CA GLU A 2925 -36.06 33.86 -14.88
C GLU A 2925 -36.82 32.74 -15.56
N LEU A 2926 -36.16 31.60 -15.78
CA LEU A 2926 -36.74 30.41 -16.41
C LEU A 2926 -38.03 29.99 -15.75
N ALA A 2927 -39.02 30.87 -15.65
CA ALA A 2927 -40.29 30.56 -14.99
C ALA A 2927 -40.96 29.28 -15.48
N LYS A 2928 -42.17 29.43 -16.01
CA LYS A 2928 -42.89 28.32 -16.59
C LYS A 2928 -43.72 28.89 -17.73
N LEU A 2929 -43.72 30.21 -17.80
CA LEU A 2929 -44.44 30.94 -18.82
C LEU A 2929 -43.54 32.02 -19.40
N TYR A 2930 -42.58 32.51 -18.61
CA TYR A 2930 -41.75 33.63 -19.04
C TYR A 2930 -40.77 33.23 -20.14
N ARG A 2931 -39.81 32.35 -19.85
CA ARG A 2931 -38.87 31.91 -20.88
C ARG A 2931 -39.58 31.39 -22.14
N SER A 2932 -40.42 30.35 -21.98
CA SER A 2932 -41.13 29.66 -23.06
C SER A 2932 -41.71 30.63 -24.06
N ILE A 2933 -42.05 31.82 -23.58
CA ILE A 2933 -42.60 32.92 -24.35
C ILE A 2933 -41.51 33.78 -24.97
N GLY A 2934 -40.63 34.34 -24.12
CA GLY A 2934 -39.64 35.28 -24.62
C GLY A 2934 -38.86 34.74 -25.80
N GLU A 2935 -38.55 33.44 -25.77
CA GLU A 2935 -37.73 32.88 -26.84
C GLU A 2935 -38.33 33.16 -28.21
N TYR A 2936 -39.46 32.52 -28.56
CA TYR A 2936 -40.03 32.76 -29.88
C TYR A 2936 -40.56 34.18 -30.03
N ASP A 2937 -40.58 34.96 -28.96
CA ASP A 2937 -40.85 36.39 -29.14
C ASP A 2937 -39.72 37.06 -29.93
N VAL A 2938 -38.56 37.23 -29.30
CA VAL A 2938 -37.49 37.96 -29.97
C VAL A 2938 -36.96 37.15 -31.16
N LEU A 2939 -36.91 35.82 -31.01
CA LEU A 2939 -36.61 34.96 -32.15
C LEU A 2939 -37.58 35.21 -33.30
N ARG A 2940 -38.88 35.37 -32.99
CA ARG A 2940 -39.85 35.70 -34.02
C ARG A 2940 -39.56 37.06 -34.66
N GLY A 2941 -38.93 37.98 -33.93
CA GLY A 2941 -38.67 39.32 -34.42
C GLY A 2941 -37.74 39.49 -35.62
N ILE A 2942 -37.45 38.41 -36.35
CA ILE A 2942 -36.66 38.52 -37.58
C ILE A 2942 -37.33 37.70 -38.67
N PHE A 2943 -36.95 36.42 -38.81
CA PHE A 2943 -37.59 35.60 -39.84
C PHE A 2943 -37.56 34.08 -39.66
N THR A 2944 -36.45 33.41 -39.99
CA THR A 2944 -36.42 31.95 -40.01
C THR A 2944 -36.51 31.34 -38.61
N SER A 2945 -37.55 31.71 -37.89
CA SER A 2945 -37.87 31.11 -36.61
C SER A 2945 -39.18 30.33 -36.66
N GLU A 2946 -40.14 30.76 -37.49
CA GLU A 2946 -41.37 30.03 -37.74
C GLU A 2946 -41.09 28.55 -37.96
N ILE A 2947 -40.01 28.25 -38.66
CA ILE A 2947 -39.69 26.86 -39.01
C ILE A 2947 -38.95 26.15 -37.88
N GLY A 2948 -37.89 26.77 -37.35
CA GLY A 2948 -37.23 26.21 -36.19
C GLY A 2948 -38.17 25.96 -35.03
N THR A 2949 -39.10 26.87 -34.80
CA THR A 2949 -40.08 26.71 -33.73
C THR A 2949 -41.17 25.71 -34.10
N LYS A 2950 -41.80 25.84 -35.27
CA LYS A 2950 -42.73 24.77 -35.64
C LYS A 2950 -42.09 23.40 -35.47
N GLN A 2951 -40.77 23.33 -35.48
CA GLN A 2951 -40.11 22.09 -35.07
C GLN A 2951 -40.00 21.97 -33.54
N ILE A 2952 -39.78 23.08 -32.81
CA ILE A 2952 -39.28 23.03 -31.44
C ILE A 2952 -40.28 23.57 -30.42
N THR A 2953 -40.91 24.71 -30.68
CA THR A 2953 -42.08 25.09 -29.89
C THR A 2953 -43.15 24.03 -29.97
N GLN A 2954 -43.25 23.31 -31.09
CA GLN A 2954 -44.04 22.08 -31.13
C GLN A 2954 -43.29 20.89 -30.56
N SER A 2955 -42.16 21.11 -29.89
CA SER A 2955 -41.56 20.07 -29.09
C SER A 2955 -41.81 20.24 -27.61
N ALA A 2956 -41.90 21.49 -27.13
CA ALA A 2956 -42.23 21.72 -25.73
C ALA A 2956 -43.43 20.87 -25.31
N LEU A 2957 -44.39 20.72 -26.22
CA LEU A 2957 -45.51 19.82 -26.04
C LEU A 2957 -45.07 18.37 -25.87
N LEU A 2958 -44.34 17.84 -26.85
CA LEU A 2958 -43.98 16.42 -26.89
C LEU A 2958 -43.35 15.95 -25.59
N ALA A 2959 -42.74 16.85 -24.82
CA ALA A 2959 -42.26 16.52 -23.47
C ALA A 2959 -41.24 15.38 -23.48
N GLU A 2960 -40.41 15.27 -24.52
CA GLU A 2960 -39.42 14.22 -24.65
C GLU A 2960 -38.06 14.88 -24.75
N ALA A 2961 -36.99 14.22 -24.36
CA ALA A 2961 -35.73 14.94 -24.55
C ALA A 2961 -34.58 14.05 -24.99
N ARG A 2962 -34.78 13.28 -26.07
CA ARG A 2962 -33.71 12.53 -26.73
C ARG A 2962 -34.04 12.31 -28.20
N SER A 2963 -35.33 12.35 -28.56
CA SER A 2963 -35.71 12.18 -29.96
C SER A 2963 -36.28 13.45 -30.59
N ASP A 2964 -37.53 13.80 -30.29
CA ASP A 2964 -38.22 14.87 -31.04
C ASP A 2964 -37.43 16.19 -31.02
N TYR A 2965 -37.00 16.65 -29.84
CA TYR A 2965 -36.23 17.89 -29.80
C TYR A 2965 -34.87 17.70 -30.47
N SER A 2966 -34.28 16.54 -30.28
CA SER A 2966 -32.94 16.28 -30.80
C SER A 2966 -32.94 16.20 -32.33
N GLU A 2967 -33.97 15.57 -32.92
CA GLU A 2967 -34.07 15.61 -34.37
C GLU A 2967 -34.43 17.01 -34.84
N ALA A 2968 -35.24 17.73 -34.06
CA ALA A 2968 -35.56 19.12 -34.38
C ALA A 2968 -34.33 20.04 -34.31
N ALA A 2969 -33.24 19.60 -33.65
CA ALA A 2969 -32.06 20.44 -33.44
C ALA A 2969 -30.81 20.00 -34.20
N LYS A 2970 -30.53 18.69 -34.25
CA LYS A 2970 -29.21 18.19 -34.62
C LYS A 2970 -28.87 18.48 -36.08
N GLN A 2971 -29.83 18.32 -36.98
CA GLN A 2971 -29.55 18.50 -38.41
C GLN A 2971 -29.11 19.92 -38.73
N TYR A 2972 -29.43 20.90 -37.86
CA TYR A 2972 -29.05 22.29 -38.11
C TYR A 2972 -27.54 22.46 -38.13
N ASP A 2973 -26.80 21.70 -37.32
CA ASP A 2973 -25.36 21.72 -37.38
C ASP A 2973 -24.76 20.59 -38.21
N GLU A 2974 -25.43 19.43 -38.27
CA GLU A 2974 -24.84 18.32 -39.02
C GLU A 2974 -24.85 18.58 -40.52
N ALA A 2975 -25.93 19.14 -41.06
CA ALA A 2975 -25.99 19.32 -42.51
C ALA A 2975 -25.18 20.50 -43.02
N LEU A 2976 -24.74 21.40 -42.14
CA LEU A 2976 -24.05 22.67 -42.40
C LEU A 2976 -25.01 23.77 -42.85
N ASN A 2977 -26.26 23.43 -43.23
CA ASN A 2977 -27.31 24.40 -43.59
C ASN A 2977 -26.78 25.45 -44.56
N LYS A 2978 -26.10 24.99 -45.61
CA LYS A 2978 -25.49 25.93 -46.55
C LYS A 2978 -26.51 26.74 -47.35
N GLN A 2979 -27.70 26.21 -47.62
CA GLN A 2979 -28.68 26.97 -48.40
C GLN A 2979 -29.64 27.79 -47.55
N ASP A 2980 -29.86 27.43 -46.29
CA ASP A 2980 -30.75 28.19 -45.42
C ASP A 2980 -30.01 29.18 -44.52
N TRP A 2981 -28.68 29.15 -44.54
CA TRP A 2981 -27.80 30.13 -43.92
C TRP A 2981 -27.70 31.42 -44.73
N VAL A 2982 -28.15 31.42 -45.99
CA VAL A 2982 -28.11 32.64 -46.80
C VAL A 2982 -29.19 33.62 -46.36
N ASP A 2983 -30.40 33.11 -46.11
CA ASP A 2983 -31.49 33.96 -45.64
C ASP A 2983 -31.44 34.18 -44.13
N GLY A 2984 -30.98 33.17 -43.38
CA GLY A 2984 -30.87 33.26 -41.94
C GLY A 2984 -29.49 33.70 -41.50
N GLU A 2985 -28.80 34.45 -42.37
CA GLU A 2985 -27.49 35.03 -42.11
C GLU A 2985 -27.50 36.20 -41.13
N PRO A 2986 -28.53 37.06 -41.13
CA PRO A 2986 -28.57 38.14 -40.14
C PRO A 2986 -28.77 37.68 -38.69
N THR A 2987 -29.50 36.59 -38.45
CA THR A 2987 -29.72 36.13 -37.08
C THR A 2987 -28.41 35.97 -36.30
N GLU A 2988 -27.42 35.34 -36.93
CA GLU A 2988 -26.11 35.08 -36.30
C GLU A 2988 -26.33 34.39 -34.95
N ALA A 2989 -25.65 34.82 -33.88
CA ALA A 2989 -25.73 34.22 -32.55
C ALA A 2989 -27.14 33.83 -32.15
N GLU A 2990 -28.13 34.63 -32.56
CA GLU A 2990 -29.53 34.37 -32.27
C GLU A 2990 -29.92 32.98 -32.75
N LYS A 2991 -29.88 32.74 -34.05
CA LYS A 2991 -30.16 31.39 -34.54
C LYS A 2991 -29.23 30.37 -33.90
N ASP A 2992 -27.98 30.77 -33.64
CA ASP A 2992 -26.97 29.86 -33.14
C ASP A 2992 -27.17 29.52 -31.67
N PHE A 2993 -26.81 30.46 -30.80
CA PHE A 2993 -26.80 30.19 -29.36
C PHE A 2993 -28.13 29.59 -28.92
N TRP A 2994 -29.22 30.08 -29.49
CA TRP A 2994 -30.55 29.57 -29.16
C TRP A 2994 -30.64 28.07 -29.44
N GLU A 2995 -30.39 27.66 -30.69
CA GLU A 2995 -30.26 26.25 -30.97
C GLU A 2995 -29.27 25.62 -29.99
N LEU A 2996 -28.11 26.25 -29.84
CA LEU A 2996 -27.18 25.83 -28.81
C LEU A 2996 -27.93 25.64 -27.50
N ALA A 2997 -28.55 26.72 -27.02
CA ALA A 2997 -29.28 26.67 -25.77
C ALA A 2997 -30.29 25.53 -25.74
N SER A 2998 -31.02 25.33 -26.84
CA SER A 2998 -32.04 24.28 -26.83
C SER A 2998 -31.40 22.92 -26.60
N LEU A 2999 -30.34 22.62 -27.36
CA LEU A 2999 -29.69 21.33 -27.23
C LEU A 2999 -29.25 21.07 -25.80
N ASP A 3000 -29.10 22.12 -25.00
CA ASP A 3000 -28.89 21.97 -23.56
C ASP A 3000 -30.19 21.62 -22.83
N CYS A 3001 -31.16 22.54 -22.82
CA CYS A 3001 -32.25 22.46 -21.85
C CYS A 3001 -33.14 21.24 -22.03
N TYR A 3002 -32.98 20.48 -23.10
CA TYR A 3002 -33.66 19.20 -23.17
C TYR A 3002 -32.89 18.14 -22.38
N ASN A 3003 -31.61 18.00 -22.64
CA ASN A 3003 -30.78 17.01 -21.98
C ASN A 3003 -30.06 17.51 -20.74
N HIS A 3004 -30.23 18.78 -20.35
CA HIS A 3004 -29.53 19.27 -19.16
C HIS A 3004 -29.82 18.41 -17.94
N LEU A 3005 -31.02 17.84 -17.86
CA LEU A 3005 -31.36 16.93 -16.77
C LEU A 3005 -30.83 15.52 -17.00
N ALA A 3006 -30.89 15.01 -18.24
CA ALA A 3006 -30.60 13.61 -18.54
C ALA A 3006 -29.13 13.25 -18.37
N GLU A 3007 -28.24 14.15 -18.75
CA GLU A 3007 -26.80 13.89 -18.91
C GLU A 3007 -26.60 12.71 -19.87
N TRP A 3008 -25.69 11.78 -19.53
CA TRP A 3008 -25.35 10.59 -20.30
C TRP A 3008 -24.77 11.00 -21.65
N LYS A 3009 -24.38 10.01 -22.46
CA LYS A 3009 -23.71 10.16 -23.75
C LYS A 3009 -24.28 11.32 -24.55
N SER A 3010 -25.60 11.50 -24.47
CA SER A 3010 -26.24 12.70 -24.98
C SER A 3010 -25.52 13.95 -24.50
N LEU A 3011 -25.09 13.97 -23.24
CA LEU A 3011 -24.45 15.17 -22.72
C LEU A 3011 -23.01 15.32 -23.21
N GLU A 3012 -22.16 14.29 -23.06
CA GLU A 3012 -20.79 14.48 -23.53
C GLU A 3012 -20.78 14.90 -24.99
N TYR A 3013 -21.65 14.29 -25.80
CA TYR A 3013 -21.81 14.74 -27.17
C TYR A 3013 -22.38 16.16 -27.28
N CYS A 3014 -23.23 16.57 -26.35
CA CYS A 3014 -23.79 17.93 -26.42
C CYS A 3014 -22.76 18.98 -26.06
N SER A 3015 -21.98 18.74 -25.02
CA SER A 3015 -20.78 19.53 -24.81
C SER A 3015 -20.01 19.60 -26.11
N THR A 3016 -19.65 18.44 -26.65
CA THR A 3016 -18.91 18.33 -27.91
C THR A 3016 -19.47 19.29 -28.94
N ALA A 3017 -20.80 19.47 -28.93
CA ALA A 3017 -21.43 20.46 -29.80
C ALA A 3017 -21.09 21.87 -29.34
N SER A 3018 -21.34 22.18 -28.06
CA SER A 3018 -21.18 23.54 -27.53
C SER A 3018 -19.83 23.78 -26.85
N ILE A 3019 -19.02 22.75 -26.66
CA ILE A 3019 -17.74 22.92 -25.97
C ILE A 3019 -16.80 23.69 -26.90
N ASP A 3020 -15.55 23.84 -26.49
CA ASP A 3020 -14.48 24.44 -27.27
C ASP A 3020 -13.42 23.38 -27.62
N SER A 3021 -13.86 22.12 -27.79
CA SER A 3021 -13.01 20.95 -28.03
C SER A 3021 -11.89 21.15 -29.03
N GLU A 3022 -12.22 21.39 -30.30
CA GLU A 3022 -11.21 21.76 -31.30
C GLU A 3022 -10.87 23.23 -31.09
N ASN A 3023 -9.66 23.48 -30.61
CA ASN A 3023 -9.17 24.80 -30.22
C ASN A 3023 -9.96 25.30 -29.02
N PRO A 3024 -9.52 24.99 -27.80
CA PRO A 3024 -10.19 25.53 -26.60
C PRO A 3024 -9.60 26.82 -26.04
N PRO A 3025 -8.67 27.54 -26.74
CA PRO A 3025 -8.24 28.83 -26.15
C PRO A 3025 -8.83 30.09 -26.76
N ASP A 3026 -9.37 30.06 -27.99
CA ASP A 3026 -9.91 31.29 -28.59
C ASP A 3026 -11.14 31.79 -27.85
N LEU A 3027 -12.04 30.89 -27.44
CA LEU A 3027 -13.24 31.31 -26.71
C LEU A 3027 -12.87 32.09 -25.44
N ASN A 3028 -12.06 31.50 -24.56
CA ASN A 3028 -11.64 32.22 -23.36
C ASN A 3028 -10.78 33.44 -23.68
N LYS A 3029 -9.98 33.38 -24.75
CA LYS A 3029 -9.16 34.54 -25.13
C LYS A 3029 -9.96 35.69 -25.74
N ILE A 3030 -11.20 35.46 -26.15
CA ILE A 3030 -12.06 36.52 -26.67
C ILE A 3030 -13.00 37.04 -25.59
N TRP A 3031 -13.66 36.15 -24.86
CA TRP A 3031 -14.54 36.52 -23.76
C TRP A 3031 -14.00 35.93 -22.46
N SER A 3032 -14.28 36.61 -21.35
CA SER A 3032 -13.96 36.05 -20.05
C SER A 3032 -15.12 35.28 -19.45
N GLU A 3033 -16.35 35.79 -19.61
CA GLU A 3033 -17.60 35.19 -19.11
C GLU A 3033 -18.79 35.81 -19.84
N PRO A 3034 -19.39 35.11 -20.79
CA PRO A 3034 -20.59 35.63 -21.44
C PRO A 3034 -21.85 35.08 -20.79
N PHE A 3035 -22.92 35.88 -20.82
CA PHE A 3035 -24.14 35.42 -20.17
C PHE A 3035 -24.85 34.35 -20.99
N TYR A 3036 -24.07 33.52 -21.69
CA TYR A 3036 -24.57 32.41 -22.50
C TYR A 3036 -23.63 31.22 -22.42
N GLN A 3037 -22.40 31.37 -22.94
CA GLN A 3037 -21.42 30.29 -22.88
C GLN A 3037 -21.01 29.97 -21.45
N GLU A 3038 -21.02 30.97 -20.56
CA GLU A 3038 -20.80 30.73 -19.15
C GLU A 3038 -21.85 29.79 -18.56
N THR A 3039 -22.97 29.58 -19.28
CA THR A 3039 -23.99 28.64 -18.86
C THR A 3039 -23.67 27.19 -19.22
N TYR A 3040 -22.79 26.93 -20.20
CA TYR A 3040 -22.55 25.53 -20.52
C TYR A 3040 -21.56 24.86 -19.56
N LEU A 3041 -20.92 25.62 -18.68
CA LEU A 3041 -19.96 25.02 -17.75
C LEU A 3041 -20.58 23.86 -16.97
N PRO A 3042 -21.75 23.99 -16.35
CA PRO A 3042 -22.30 22.82 -15.66
C PRO A 3042 -22.75 21.75 -16.62
N TYR A 3043 -23.20 22.12 -17.82
CA TYR A 3043 -23.69 21.15 -18.78
C TYR A 3043 -22.67 20.03 -18.94
N ILE A 3045 -20.19 19.23 -17.34
CA ILE A 3045 -19.71 18.60 -16.12
C ILE A 3045 -20.82 17.82 -15.44
N ARG A 3046 -22.09 18.09 -15.75
CA ARG A 3046 -23.12 17.18 -15.28
C ARG A 3046 -22.95 15.81 -15.93
N SER A 3047 -22.43 15.77 -17.16
CA SER A 3047 -22.06 14.49 -17.76
C SER A 3047 -21.00 13.76 -16.94
N LYS A 3048 -20.20 14.50 -16.17
CA LYS A 3048 -19.28 13.84 -15.26
C LYS A 3048 -20.01 12.78 -14.46
N LEU A 3049 -21.16 13.16 -13.89
CA LEU A 3049 -21.93 12.21 -13.08
C LEU A 3049 -22.06 10.85 -13.74
N LYS A 3050 -22.33 10.82 -15.06
CA LYS A 3050 -22.51 9.52 -15.71
C LYS A 3050 -21.16 8.84 -15.99
N LEU A 3051 -20.14 9.59 -16.44
CA LEU A 3051 -18.86 8.96 -16.77
C LEU A 3051 -18.01 8.80 -15.52
N LEU A 3052 -18.14 9.71 -14.56
CA LEU A 3052 -17.53 9.53 -13.25
C LEU A 3052 -18.09 8.30 -12.54
N LEU A 3053 -19.37 8.00 -12.79
CA LEU A 3053 -19.94 6.73 -12.36
C LEU A 3053 -19.23 5.56 -13.03
N GLN A 3054 -18.94 5.71 -14.33
CA GLN A 3054 -18.29 4.66 -15.10
C GLN A 3054 -16.93 4.32 -14.52
N GLY A 3055 -16.07 5.32 -14.38
CA GLY A 3055 -14.73 5.11 -13.88
C GLY A 3055 -14.38 6.14 -12.84
N GLU A 3056 -13.45 5.75 -11.97
CA GLU A 3056 -13.14 6.58 -10.80
C GLU A 3056 -12.35 7.81 -11.17
N ALA A 3057 -11.45 7.70 -12.14
CA ALA A 3057 -10.78 8.86 -12.72
C ALA A 3057 -11.03 8.81 -14.22
N ASP A 3058 -11.76 9.78 -14.75
CA ASP A 3058 -12.19 9.73 -16.13
C ASP A 3058 -11.89 11.04 -16.85
N GLN A 3059 -11.87 10.96 -18.18
CA GLN A 3059 -11.40 12.05 -19.03
C GLN A 3059 -12.15 13.35 -18.76
N SER A 3060 -13.49 13.27 -18.82
CA SER A 3060 -14.32 14.46 -18.64
C SER A 3060 -14.03 15.16 -17.32
N LEU A 3061 -14.25 14.45 -16.20
CA LEU A 3061 -14.02 15.01 -14.88
C LEU A 3061 -12.60 15.55 -14.72
N LEU A 3062 -11.59 14.70 -14.95
CA LEU A 3062 -10.21 15.09 -14.71
C LEU A 3062 -9.84 16.35 -15.51
N THR A 3063 -9.88 16.25 -16.84
CA THR A 3063 -9.63 17.41 -17.69
C THR A 3063 -10.39 18.63 -17.22
N PHE A 3064 -11.69 18.47 -16.93
CA PHE A 3064 -12.51 19.57 -16.47
C PHE A 3064 -11.91 20.18 -15.20
N ILE A 3065 -12.09 19.52 -14.06
CA ILE A 3065 -11.74 20.06 -12.75
C ILE A 3065 -10.36 20.70 -12.80
N ASP A 3066 -9.44 20.07 -13.54
CA ASP A 3066 -8.11 20.65 -13.70
C ASP A 3066 -8.20 22.02 -14.39
N LYS A 3067 -8.75 22.05 -15.61
CA LYS A 3067 -8.81 23.32 -16.35
C LYS A 3067 -9.63 24.36 -15.60
N ALA A 3068 -10.67 23.92 -14.89
CA ALA A 3068 -11.38 24.78 -13.95
C ALA A 3068 -10.45 25.36 -12.88
N HIS A 3070 -7.14 25.80 -13.55
CA HIS A 3070 -6.35 26.69 -14.40
C HIS A 3070 -7.00 28.06 -14.48
N GLY A 3071 -8.31 28.09 -14.71
CA GLY A 3071 -9.08 29.32 -14.67
C GLY A 3071 -9.44 29.80 -13.28
N GLU A 3072 -9.24 28.97 -12.27
CA GLU A 3072 -9.45 29.39 -10.88
C GLU A 3072 -8.44 30.47 -10.48
N LEU A 3073 -7.18 30.29 -10.87
CA LEU A 3073 -6.13 31.24 -10.50
C LEU A 3073 -6.53 32.70 -10.72
N GLN A 3074 -7.38 32.97 -11.72
CA GLN A 3074 -7.80 34.35 -12.05
C GLN A 3074 -9.32 34.43 -12.09
N LYS A 3075 -9.90 34.95 -10.99
CA LYS A 3075 -11.34 35.10 -10.77
C LYS A 3075 -11.96 33.74 -10.47
N ALA A 3076 -11.37 33.04 -9.51
CA ALA A 3076 -11.91 31.78 -9.02
C ALA A 3076 -13.24 31.97 -8.33
N ILE A 3077 -13.21 32.67 -7.19
CA ILE A 3077 -14.25 32.53 -6.17
C ILE A 3077 -15.61 32.88 -6.73
N LEU A 3078 -15.69 33.79 -7.70
CA LEU A 3078 -16.99 34.12 -8.25
C LEU A 3078 -17.61 32.92 -8.96
N GLU A 3079 -16.79 32.16 -9.70
CA GLU A 3079 -17.30 31.02 -10.46
C GLU A 3079 -17.43 29.80 -9.58
N LEU A 3080 -16.47 29.60 -8.68
CA LEU A 3080 -16.54 28.50 -7.72
C LEU A 3080 -17.77 28.63 -6.82
N HIS A 3081 -18.12 29.87 -6.46
CA HIS A 3081 -19.36 30.11 -5.71
C HIS A 3081 -20.57 29.89 -6.60
N TYR A 3082 -20.55 30.45 -7.81
CA TYR A 3082 -21.69 30.35 -8.72
C TYR A 3082 -22.14 28.91 -8.91
N SER A 3083 -21.20 27.97 -8.98
CA SER A 3083 -21.51 26.59 -9.30
C SER A 3083 -21.44 25.75 -8.02
N GLN A 3084 -22.60 25.25 -7.57
CA GLN A 3084 -22.56 24.25 -6.52
C GLN A 3084 -22.07 22.91 -7.04
N GLU A 3085 -22.40 22.57 -8.29
CA GLU A 3085 -22.02 21.28 -8.87
C GLU A 3085 -20.52 21.04 -8.71
N LEU A 3086 -19.72 22.11 -8.82
CA LEU A 3086 -18.30 22.00 -8.55
C LEU A 3086 -18.02 21.30 -7.23
N SER A 3087 -18.96 21.35 -6.29
CA SER A 3087 -18.78 20.67 -5.01
C SER A 3087 -19.02 19.17 -5.16
N LEU A 3088 -20.14 18.80 -5.76
CA LEU A 3088 -20.68 17.44 -5.69
C LEU A 3088 -19.75 16.42 -6.33
N LEU A 3089 -18.66 16.88 -6.94
CA LEU A 3089 -17.77 16.03 -7.71
C LEU A 3089 -16.64 15.42 -6.90
N TYR A 3090 -16.10 16.17 -5.94
CA TYR A 3090 -14.96 15.70 -5.18
C TYR A 3090 -15.21 14.35 -4.50
N LEU A 3091 -16.40 14.18 -3.93
CA LEU A 3091 -16.74 13.04 -3.08
C LEU A 3091 -16.37 11.68 -3.67
N LEU A 3092 -16.03 11.66 -4.96
CA LEU A 3092 -15.72 10.40 -5.64
C LEU A 3092 -14.48 9.75 -5.04
N GLN A 3093 -13.37 10.49 -4.98
CA GLN A 3093 -12.11 9.92 -4.50
C GLN A 3093 -11.97 10.01 -2.99
N ASP A 3094 -13.09 9.94 -2.25
CA ASP A 3094 -13.12 9.84 -0.79
C ASP A 3094 -12.23 10.89 -0.11
N ASP A 3095 -12.52 12.16 -0.38
CA ASP A 3095 -11.74 13.27 0.19
C ASP A 3095 -12.73 14.39 0.50
N VAL A 3096 -13.18 14.43 1.75
CA VAL A 3096 -14.34 15.21 2.16
C VAL A 3096 -13.95 16.65 2.48
N ASP A 3097 -12.88 17.13 1.83
CA ASP A 3097 -12.29 18.42 2.16
C ASP A 3097 -12.96 19.58 1.46
N ARG A 3098 -12.54 19.88 0.22
CA ARG A 3098 -12.97 21.12 -0.44
C ARG A 3098 -14.44 21.07 -0.86
N ALA A 3099 -15.03 19.88 -0.98
CA ALA A 3099 -16.44 19.76 -1.32
C ALA A 3099 -17.35 20.28 -0.21
N LYS A 3100 -16.84 20.37 1.02
CA LYS A 3100 -17.63 20.94 2.10
C LYS A 3100 -17.58 22.46 2.08
N TYR A 3101 -16.41 23.02 1.76
CA TYR A 3101 -16.31 24.48 1.60
C TYR A 3101 -17.18 24.95 0.45
N TYR A 3102 -17.04 24.33 -0.72
CA TYR A 3102 -17.81 24.78 -1.87
C TYR A 3102 -19.28 24.41 -1.74
N ILE A 3103 -19.61 23.36 -0.97
CA ILE A 3103 -21.03 23.08 -0.77
C ILE A 3103 -21.65 24.10 0.19
N GLN A 3104 -20.91 24.55 1.20
CA GLN A 3104 -21.43 25.62 2.04
C GLN A 3104 -21.55 26.92 1.25
N ASN A 3105 -20.54 27.25 0.42
CA ASN A 3105 -20.63 28.49 -0.35
C ASN A 3105 -21.78 28.47 -1.36
N GLY A 3106 -22.02 27.32 -2.02
CA GLY A 3106 -23.19 27.24 -2.87
C GLY A 3106 -24.49 27.33 -2.09
N ILE A 3107 -24.49 26.81 -0.86
CA ILE A 3107 -25.62 27.01 0.04
C ILE A 3107 -25.88 28.51 0.25
N GLN A 3108 -24.86 29.26 0.64
CA GLN A 3108 -25.06 30.70 0.77
C GLN A 3108 -25.31 31.40 -0.56
N SER A 3109 -25.02 30.74 -1.70
CA SER A 3109 -25.40 31.34 -2.98
C SER A 3109 -26.89 31.20 -3.23
N PHE A 3110 -27.52 30.10 -2.80
CA PHE A 3110 -28.97 30.16 -2.86
C PHE A 3110 -29.50 31.14 -1.83
N GLN A 3112 -28.35 33.71 -1.28
CA GLN A 3112 -28.28 34.90 -2.10
C GLN A 3112 -29.50 34.98 -3.03
N ASN A 3113 -29.80 33.87 -3.74
CA ASN A 3113 -30.89 33.82 -4.71
C ASN A 3113 -32.28 33.92 -4.08
N TYR A 3114 -32.35 33.89 -2.74
CA TYR A 3114 -33.61 33.86 -2.00
C TYR A 3114 -34.11 35.23 -1.59
N SER A 3115 -33.40 36.27 -1.97
CA SER A 3115 -33.76 37.65 -1.64
C SER A 3115 -34.91 38.20 -2.49
N SER A 3116 -35.07 37.72 -3.75
CA SER A 3116 -36.07 38.24 -4.69
C SER A 3116 -37.29 37.32 -4.72
N ILE A 3117 -38.43 37.82 -4.24
CA ILE A 3117 -39.58 36.94 -4.06
C ILE A 3117 -40.92 37.67 -4.16
N ASP A 3118 -40.91 38.95 -4.55
CA ASP A 3118 -42.17 39.61 -4.87
C ASP A 3118 -42.73 38.99 -6.13
N VAL A 3119 -43.86 38.28 -5.99
CA VAL A 3119 -44.48 37.57 -7.11
C VAL A 3119 -43.47 36.55 -7.62
N LEU A 3120 -43.16 35.56 -6.80
CA LEU A 3120 -42.05 34.67 -7.09
C LEU A 3120 -42.38 33.78 -8.28
N LEU A 3121 -41.39 33.52 -9.10
CA LEU A 3121 -41.54 32.46 -10.08
C LEU A 3121 -41.60 31.11 -9.38
N HIS A 3122 -42.26 30.15 -10.01
CA HIS A 3122 -42.02 28.78 -9.59
C HIS A 3122 -40.55 28.44 -9.71
N GLN A 3123 -39.97 28.66 -10.89
CA GLN A 3123 -38.52 28.50 -11.07
C GLN A 3123 -37.75 29.06 -9.87
N SER A 3124 -38.19 30.19 -9.34
CA SER A 3124 -37.65 30.63 -8.05
C SER A 3124 -37.69 29.48 -7.06
N ARG A 3125 -38.88 28.98 -6.73
CA ARG A 3125 -38.91 27.98 -5.66
C ARG A 3125 -38.59 26.57 -6.17
N LEU A 3126 -39.45 26.01 -7.02
CA LEU A 3126 -39.42 24.57 -7.34
C LEU A 3126 -38.02 24.04 -7.66
N THR A 3127 -37.26 24.77 -8.46
CA THR A 3127 -35.88 24.33 -8.70
C THR A 3127 -35.03 24.46 -7.44
N LYS A 3128 -35.39 25.35 -6.50
CA LYS A 3128 -34.72 25.41 -5.22
C LYS A 3128 -35.25 24.34 -4.25
N LEU A 3129 -36.59 24.25 -4.08
CA LEU A 3129 -37.23 23.20 -3.25
C LEU A 3129 -37.04 21.82 -3.83
N GLN A 3130 -36.18 21.80 -4.83
CA GLN A 3130 -35.67 20.57 -5.40
C GLN A 3130 -34.16 20.46 -5.24
N SER A 3131 -33.38 21.51 -5.56
CA SER A 3131 -31.94 21.40 -5.38
C SER A 3131 -31.52 21.23 -3.92
N VAL A 3132 -32.23 21.86 -2.98
CA VAL A 3132 -32.01 21.54 -1.58
C VAL A 3132 -32.38 20.09 -1.33
N GLN A 3133 -33.46 19.62 -1.98
CA GLN A 3133 -33.88 18.23 -1.86
C GLN A 3133 -32.76 17.26 -2.21
N ALA A 3134 -31.99 17.54 -3.27
CA ALA A 3134 -30.84 16.70 -3.61
C ALA A 3134 -29.72 16.86 -2.59
N LEU A 3135 -29.42 18.12 -2.24
CA LEU A 3135 -28.38 18.41 -1.27
C LEU A 3135 -28.58 17.64 0.04
N THR A 3136 -29.83 17.47 0.48
CA THR A 3136 -30.09 16.74 1.73
C THR A 3136 -29.56 15.32 1.67
N GLU A 3137 -29.87 14.61 0.59
CA GLU A 3137 -29.34 13.27 0.40
C GLU A 3137 -27.82 13.30 0.30
N ILE A 3138 -27.26 14.40 -0.24
CA ILE A 3138 -25.80 14.57 -0.28
C ILE A 3138 -25.19 14.54 1.13
N GLN A 3139 -25.49 15.57 1.94
CA GLN A 3139 -24.87 15.66 3.27
C GLN A 3139 -25.17 14.41 4.09
N GLU A 3140 -26.38 13.89 3.95
CA GLU A 3140 -26.73 12.60 4.54
C GLU A 3140 -25.69 11.54 4.18
N PHE A 3141 -25.38 11.43 2.88
CA PHE A 3141 -24.41 10.47 2.40
C PHE A 3141 -23.05 10.64 3.07
N ILE A 3142 -22.55 11.88 3.12
CA ILE A 3142 -21.30 12.14 3.83
C ILE A 3142 -21.34 11.56 5.24
N SER A 3143 -22.39 11.89 5.98
CA SER A 3143 -22.40 11.57 7.40
C SER A 3143 -22.48 10.06 7.64
N PHE A 3144 -23.45 9.37 7.03
CA PHE A 3144 -23.56 7.95 7.34
C PHE A 3144 -22.50 7.10 6.65
N ILE A 3145 -21.81 7.63 5.64
CA ILE A 3145 -20.62 6.94 5.17
C ILE A 3145 -19.51 7.04 6.20
N SER A 3146 -19.26 8.25 6.72
CA SER A 3146 -18.23 8.42 7.74
C SER A 3146 -18.50 7.54 8.95
N LYS A 3147 -19.77 7.30 9.27
CA LYS A 3147 -20.05 6.41 10.39
C LYS A 3147 -19.97 4.93 10.00
N GLN A 3148 -20.62 4.55 8.89
CA GLN A 3148 -20.71 3.13 8.55
C GLN A 3148 -19.36 2.53 8.20
N GLY A 3149 -18.43 3.35 7.73
CA GLY A 3149 -17.06 2.88 7.57
C GLY A 3149 -16.40 2.64 8.93
N ASN A 3150 -16.72 3.48 9.91
CA ASN A 3150 -16.14 3.41 11.24
C ASN A 3150 -17.08 2.75 12.25
N LEU A 3151 -18.20 2.23 11.80
CA LEU A 3151 -19.03 1.34 12.62
C LEU A 3151 -19.10 -0.02 11.88
N SER A 3152 -19.15 -1.15 12.59
CA SER A 3152 -18.97 -1.25 14.04
C SER A 3152 -17.55 -1.69 14.46
N SER A 3153 -16.94 -2.82 14.04
CA SER A 3153 -17.40 -4.08 13.39
C SER A 3153 -18.10 -4.04 12.02
N GLN A 3154 -19.01 -5.00 11.79
CA GLN A 3154 -19.74 -5.18 10.54
C GLN A 3154 -21.23 -4.96 10.76
N VAL A 3155 -21.58 -3.92 11.51
CA VAL A 3155 -22.98 -3.57 11.77
C VAL A 3155 -23.58 -2.83 10.58
N PRO A 3156 -22.80 -2.22 9.67
CA PRO A 3156 -23.43 -1.79 8.41
C PRO A 3156 -24.02 -2.94 7.62
N LEU A 3157 -23.61 -4.18 7.88
CA LEU A 3157 -24.41 -5.31 7.43
C LEU A 3157 -25.79 -5.33 8.09
N LYS A 3158 -25.96 -4.60 9.20
CA LYS A 3158 -27.22 -4.63 9.95
C LYS A 3158 -28.00 -3.32 9.99
N ARG A 3159 -27.35 -2.16 9.90
CA ARG A 3159 -28.09 -0.90 10.01
C ARG A 3159 -28.22 -0.22 8.63
N LEU A 3160 -28.20 1.11 8.63
CA LEU A 3160 -28.13 1.97 7.45
C LEU A 3160 -29.39 1.96 6.57
N LEU A 3161 -30.29 1.00 6.79
CA LEU A 3161 -31.53 0.91 6.02
C LEU A 3161 -32.27 2.23 6.10
N ASN A 3162 -31.88 3.06 7.07
CA ASN A 3162 -32.45 4.40 7.22
C ASN A 3162 -32.35 5.18 5.92
N THR A 3163 -31.17 5.22 5.30
CA THR A 3163 -30.96 6.18 4.22
C THR A 3163 -31.73 5.81 2.96
N TRP A 3164 -31.77 4.52 2.61
CA TRP A 3164 -32.64 4.10 1.52
C TRP A 3164 -34.09 4.39 1.87
N THR A 3165 -34.48 4.11 3.11
CA THR A 3165 -35.84 4.34 3.54
C THR A 3165 -36.14 5.83 3.70
N ASN A 3166 -35.12 6.69 3.66
CA ASN A 3166 -35.40 8.11 3.50
C ASN A 3166 -35.29 8.53 2.05
N ARG A 3167 -34.46 7.83 1.30
CA ARG A 3167 -34.28 8.08 -0.12
C ARG A 3167 -35.47 7.59 -0.93
N TYR A 3168 -36.18 6.60 -0.42
CA TYR A 3168 -37.21 5.93 -1.18
C TYR A 3168 -38.49 6.76 -1.32
N PRO A 3169 -39.12 7.23 -0.23
CA PRO A 3169 -40.42 7.92 -0.37
C PRO A 3169 -40.37 9.42 -0.63
N ASP A 3170 -39.30 9.92 -1.27
CA ASP A 3170 -39.24 11.32 -1.72
C ASP A 3170 -39.96 11.51 -3.06
N ALA A 3171 -40.86 12.50 -3.11
CA ALA A 3171 -41.78 12.68 -4.23
C ALA A 3171 -41.39 13.81 -5.18
N LYS A 3172 -41.94 13.72 -6.39
CA LYS A 3172 -41.80 14.71 -7.44
C LYS A 3172 -43.17 15.28 -7.79
N ASP A 3174 -44.01 17.68 -10.85
CA ASP A 3174 -44.01 17.70 -12.30
C ASP A 3174 -42.59 17.84 -12.85
N PRO A 3175 -41.69 18.57 -12.18
CA PRO A 3175 -40.35 18.73 -12.74
C PRO A 3175 -39.64 17.42 -13.07
N ASN A 3177 -36.34 17.62 -13.77
CA ASN A 3177 -35.01 17.69 -13.20
C ASN A 3177 -34.85 16.66 -12.09
N ILE A 3178 -35.92 16.42 -11.34
CA ILE A 3178 -35.86 15.60 -10.15
C ILE A 3178 -35.45 14.17 -10.43
N TRP A 3179 -36.35 13.40 -11.03
CA TRP A 3179 -36.13 11.96 -11.20
C TRP A 3179 -34.85 11.60 -11.93
N ASP A 3180 -34.13 12.57 -12.52
CA ASP A 3180 -32.75 12.23 -12.84
C ASP A 3180 -31.76 12.72 -11.80
N ASP A 3181 -31.96 13.91 -11.23
CA ASP A 3181 -30.92 14.46 -10.35
C ASP A 3181 -30.80 13.62 -9.08
N ILE A 3182 -31.90 13.00 -8.66
CA ILE A 3182 -31.80 11.97 -7.62
C ILE A 3182 -30.95 10.79 -8.08
N ILE A 3183 -31.07 10.38 -9.35
CA ILE A 3183 -30.20 9.30 -9.84
C ILE A 3183 -28.74 9.76 -9.86
N THR A 3184 -28.51 11.04 -10.19
CA THR A 3184 -27.16 11.61 -10.08
C THR A 3184 -26.60 11.40 -8.69
N ASN A 3185 -27.38 11.71 -7.66
CA ASN A 3185 -26.88 11.55 -6.29
C ASN A 3185 -26.79 10.07 -5.91
N ARG A 3186 -27.94 9.39 -5.96
CA ARG A 3186 -28.07 7.99 -5.57
C ARG A 3186 -27.05 7.07 -6.23
N CYS A 3187 -26.70 7.36 -7.48
CA CYS A 3187 -25.80 6.43 -8.17
C CYS A 3187 -24.39 6.53 -7.57
N PHE A 3188 -23.84 7.76 -7.47
CA PHE A 3188 -22.63 7.96 -6.67
C PHE A 3188 -22.77 7.34 -5.28
N PHE A 3189 -23.98 7.31 -4.76
CA PHE A 3189 -24.19 6.64 -3.48
C PHE A 3189 -23.95 5.14 -3.59
N LEU A 3190 -24.41 4.50 -4.68
CA LEU A 3190 -24.14 3.07 -4.80
C LEU A 3190 -22.65 2.81 -4.94
N SER A 3191 -21.95 3.59 -5.78
CA SER A 3191 -20.52 3.31 -5.98
C SER A 3191 -19.71 3.58 -4.71
N LYS A 3192 -19.92 4.72 -4.06
CA LYS A 3192 -19.12 5.02 -2.87
C LYS A 3192 -19.55 4.24 -1.64
N ILE A 3193 -20.86 4.05 -1.45
CA ILE A 3193 -21.32 3.21 -0.34
C ILE A 3193 -20.78 1.80 -0.50
N GLU A 3194 -20.86 1.25 -1.70
CA GLU A 3194 -20.29 -0.07 -1.94
C GLU A 3194 -18.77 -0.04 -1.72
N GLU A 3195 -18.13 1.10 -1.99
CA GLU A 3195 -16.69 1.25 -1.76
C GLU A 3195 -16.33 1.53 -0.31
N LYS A 3196 -17.30 1.84 0.56
CA LYS A 3196 -16.99 2.15 1.95
C LYS A 3196 -17.45 1.07 2.93
N LEU A 3197 -18.41 0.22 2.55
CA LEU A 3197 -18.73 -0.91 3.41
C LEU A 3197 -17.73 -2.05 3.26
N THR A 3198 -17.03 -2.15 2.13
CA THR A 3198 -16.03 -3.20 1.96
C THR A 3198 -14.81 -3.05 2.88
N PRO A 3199 -14.31 -1.82 3.15
CA PRO A 3199 -13.24 -1.79 4.16
C PRO A 3199 -13.74 -2.03 5.58
N ILE A 3227 -26.17 -12.97 2.77
CA ILE A 3227 -25.88 -11.55 2.70
C ILE A 3227 -25.95 -11.01 1.26
N SER A 3228 -25.32 -11.70 0.31
CA SER A 3228 -25.26 -11.15 -1.05
C SER A 3228 -26.60 -11.26 -1.78
N SER A 3229 -27.38 -12.31 -1.53
CA SER A 3229 -28.70 -12.39 -2.14
C SER A 3229 -29.63 -11.32 -1.57
N LEU A 3230 -29.47 -11.01 -0.29
CA LEU A 3230 -30.19 -9.89 0.32
C LEU A 3230 -29.72 -8.56 -0.26
N ILE A 3231 -28.43 -8.47 -0.62
CA ILE A 3231 -27.90 -7.29 -1.30
C ILE A 3231 -28.56 -7.12 -2.67
N ARG A 3232 -28.66 -8.20 -3.45
CA ARG A 3232 -29.26 -8.09 -4.78
C ARG A 3232 -30.75 -7.77 -4.69
N SER A 3233 -31.47 -8.43 -3.77
CA SER A 3233 -32.85 -8.05 -3.54
C SER A 3233 -32.97 -6.59 -3.13
N CYS A 3234 -31.96 -6.05 -2.46
CA CYS A 3234 -32.02 -4.66 -2.01
C CYS A 3234 -31.76 -3.67 -3.16
N LYS A 3235 -30.75 -3.93 -3.99
CA LYS A 3235 -30.49 -3.05 -5.13
C LYS A 3235 -31.58 -3.17 -6.20
N PHE A 3236 -32.11 -4.38 -6.39
CA PHE A 3236 -33.29 -4.54 -7.26
C PHE A 3236 -34.45 -3.73 -6.73
N SER A 3237 -34.77 -3.89 -5.44
CA SER A 3237 -35.82 -3.08 -4.83
C SER A 3237 -35.50 -1.59 -4.87
N LYS A 3239 -33.89 -0.29 -7.74
CA LYS A 3239 -34.20 -0.08 -9.16
C LYS A 3239 -35.69 0.12 -9.39
N LYS A 3241 -38.98 1.05 -8.08
CA LYS A 3241 -39.72 2.30 -8.01
C LYS A 3241 -39.01 3.45 -8.72
N ILE A 3243 -38.39 3.97 -11.51
CA ILE A 3243 -38.73 3.74 -12.91
C ILE A 3243 -40.13 4.29 -13.22
N ASP A 3244 -41.11 3.86 -12.43
CA ASP A 3244 -42.51 4.21 -12.68
C ASP A 3244 -42.75 5.72 -12.65
N SER A 3245 -42.01 6.45 -11.81
CA SER A 3245 -42.30 7.86 -11.61
C SER A 3245 -42.15 8.66 -12.89
N ALA A 3246 -41.15 8.34 -13.71
CA ALA A 3246 -40.96 9.04 -14.97
C ALA A 3246 -42.13 8.86 -15.90
N ARG A 3247 -42.82 7.72 -15.81
CA ARG A 3247 -43.86 7.34 -16.75
C ARG A 3247 -44.95 8.40 -16.89
N LYS A 3248 -45.68 8.66 -15.81
CA LYS A 3248 -46.86 9.51 -15.90
C LYS A 3248 -46.50 10.90 -16.39
N GLN A 3249 -45.38 11.45 -15.89
CA GLN A 3249 -44.98 12.82 -16.19
C GLN A 3249 -44.82 13.03 -17.69
N ASN A 3250 -44.64 11.95 -18.44
CA ASN A 3250 -44.62 11.99 -19.89
C ASN A 3250 -43.32 12.63 -20.38
N ASN A 3251 -42.19 12.16 -19.83
CA ASN A 3251 -40.91 12.64 -20.32
C ASN A 3251 -40.34 11.83 -21.47
N PHE A 3252 -40.76 10.56 -21.61
CA PHE A 3252 -40.51 9.76 -22.82
C PHE A 3252 -39.08 9.28 -23.05
N SER A 3253 -38.21 10.19 -23.47
CA SER A 3253 -36.97 9.76 -24.11
C SER A 3253 -35.87 9.47 -23.10
N LEU A 3254 -35.72 10.32 -22.09
CA LEU A 3254 -34.97 9.94 -20.90
C LEU A 3254 -35.49 8.60 -20.40
N ALA A 3255 -36.80 8.43 -20.40
CA ALA A 3255 -37.43 7.16 -20.10
C ALA A 3255 -37.22 6.13 -21.20
N LYS A 3257 -34.04 5.71 -22.69
CA LYS A 3257 -32.78 5.14 -22.19
C LYS A 3257 -32.98 4.36 -20.90
N LEU A 3258 -33.89 4.83 -20.05
CA LEU A 3258 -34.22 4.05 -18.85
C LEU A 3258 -34.88 2.73 -19.20
N LEU A 3259 -35.85 2.72 -20.11
CA LEU A 3259 -36.51 1.46 -20.46
C LEU A 3259 -35.52 0.48 -21.09
N LYS A 3260 -34.49 1.01 -21.74
CA LYS A 3260 -33.43 0.16 -22.26
C LYS A 3260 -32.63 -0.45 -21.12
N GLU A 3261 -32.30 0.37 -20.12
CA GLU A 3261 -31.54 -0.12 -18.98
C GLU A 3261 -32.32 -1.16 -18.18
N LEU A 3262 -33.61 -0.92 -17.92
CA LEU A 3262 -34.41 -1.85 -17.14
C LEU A 3262 -34.69 -3.14 -17.91
N HIS A 3263 -35.19 -3.01 -19.16
CA HIS A 3263 -35.30 -4.18 -20.04
C HIS A 3263 -34.04 -5.03 -19.97
N LYS A 3264 -32.89 -4.39 -20.16
CA LYS A 3264 -31.63 -5.10 -20.12
C LYS A 3264 -31.41 -5.77 -18.76
N GLU A 3265 -31.56 -4.99 -17.68
CA GLU A 3265 -30.86 -5.24 -16.43
C GLU A 3265 -31.53 -6.26 -15.53
N SER A 3266 -32.86 -6.21 -15.36
CA SER A 3266 -33.41 -6.82 -14.15
C SER A 3266 -33.47 -8.35 -14.22
N LYS A 3267 -33.69 -8.93 -15.41
CA LYS A 3267 -33.34 -10.33 -15.70
C LYS A 3267 -33.95 -11.34 -14.73
N THR A 3268 -35.27 -11.27 -14.55
CA THR A 3268 -36.04 -12.31 -13.88
C THR A 3268 -37.41 -12.34 -14.53
N ARG A 3269 -38.30 -13.23 -14.08
CA ARG A 3269 -39.57 -13.36 -14.79
C ARG A 3269 -40.49 -12.18 -14.49
N ASP A 3270 -40.51 -11.69 -13.26
CA ASP A 3270 -41.32 -10.51 -12.94
C ASP A 3270 -40.70 -9.25 -13.54
N ASP A 3271 -39.38 -9.22 -13.74
CA ASP A 3271 -38.73 -8.13 -14.47
C ASP A 3271 -39.43 -7.86 -15.79
N TRP A 3272 -39.40 -8.86 -16.70
CA TRP A 3272 -39.86 -8.65 -18.06
C TRP A 3272 -41.22 -7.96 -18.08
N LEU A 3273 -42.16 -8.49 -17.30
CA LEU A 3273 -43.49 -7.90 -17.21
C LEU A 3273 -43.44 -6.50 -16.62
N VAL A 3274 -42.58 -6.27 -15.63
CA VAL A 3274 -42.46 -4.93 -15.03
C VAL A 3274 -42.03 -3.91 -16.07
N SER A 3275 -41.01 -4.23 -16.88
CA SER A 3275 -40.60 -3.33 -17.95
C SER A 3275 -41.71 -3.16 -18.98
N TRP A 3276 -42.48 -4.22 -19.22
CA TRP A 3276 -43.51 -4.15 -20.24
C TRP A 3276 -44.62 -3.19 -19.83
N VAL A 3277 -45.04 -3.18 -18.56
CA VAL A 3277 -46.02 -2.17 -18.15
C VAL A 3277 -45.53 -0.79 -18.53
N GLN A 3278 -44.23 -0.56 -18.41
CA GLN A 3278 -43.69 0.75 -18.73
C GLN A 3278 -43.78 1.06 -20.22
N SER A 3279 -43.32 0.12 -21.05
CA SER A 3279 -43.43 0.33 -22.49
C SER A 3279 -44.89 0.49 -22.95
N TYR A 3280 -45.83 -0.12 -22.23
CA TYR A 3280 -47.24 -0.06 -22.62
C TYR A 3280 -47.86 1.27 -22.23
N CYS A 3281 -47.49 1.78 -21.06
CA CYS A 3281 -47.90 3.14 -20.72
C CYS A 3281 -47.35 4.12 -21.73
N ARG A 3282 -46.03 4.06 -22.00
CA ARG A 3282 -45.44 4.88 -23.04
C ARG A 3282 -46.19 4.72 -24.35
N LEU A 3283 -46.77 3.53 -24.55
CA LEU A 3283 -47.63 3.31 -25.69
C LEU A 3283 -48.85 4.22 -25.66
N SER A 3284 -49.57 4.27 -24.53
CA SER A 3284 -50.69 5.21 -24.47
C SER A 3284 -50.21 6.64 -24.69
N HIS A 3285 -49.06 6.97 -24.12
CA HIS A 3285 -48.56 8.35 -24.14
C HIS A 3285 -48.25 8.81 -25.55
N CYS A 3286 -47.74 7.93 -26.40
CA CYS A 3286 -47.51 8.34 -27.78
C CYS A 3286 -48.68 8.01 -28.70
N ARG A 3287 -49.64 7.20 -28.25
CA ARG A 3287 -50.89 7.09 -28.99
C ARG A 3287 -51.63 8.42 -28.95
N SER A 3288 -51.40 9.21 -27.90
CA SER A 3288 -51.85 10.60 -27.93
C SER A 3288 -51.38 11.29 -29.21
N ARG A 3289 -50.18 10.99 -29.69
CA ARG A 3289 -49.72 11.46 -30.99
C ARG A 3289 -50.19 10.52 -32.10
N SER A 3290 -50.14 11.04 -33.33
CA SER A 3290 -50.71 10.36 -34.49
C SER A 3290 -49.72 9.39 -35.15
N GLN A 3291 -50.29 8.34 -35.74
CA GLN A 3291 -49.68 7.26 -36.53
C GLN A 3291 -49.05 6.18 -35.65
N GLY A 3292 -48.86 6.42 -34.35
CA GLY A 3292 -48.41 5.35 -33.47
C GLY A 3292 -49.38 4.19 -33.40
N CYS A 3293 -50.66 4.42 -33.75
CA CYS A 3293 -51.64 3.34 -33.83
C CYS A 3293 -51.15 2.23 -34.76
N SER A 3294 -50.48 2.61 -35.84
CA SER A 3294 -49.82 1.64 -36.70
C SER A 3294 -48.52 1.16 -36.07
N GLU A 3295 -47.70 2.09 -35.55
CA GLU A 3295 -46.33 1.78 -35.15
C GLU A 3295 -46.17 1.23 -33.74
N GLN A 3296 -46.16 2.14 -32.77
CA GLN A 3296 -45.67 1.79 -31.45
C GLN A 3296 -46.60 0.81 -30.74
N VAL A 3297 -47.90 0.91 -30.99
CA VAL A 3297 -48.87 -0.04 -30.44
C VAL A 3297 -48.55 -1.44 -30.94
N LEU A 3298 -47.89 -1.54 -32.09
CA LEU A 3298 -47.38 -2.80 -32.57
C LEU A 3298 -46.10 -3.18 -31.84
N THR A 3299 -45.17 -2.21 -31.72
CA THR A 3299 -43.91 -2.48 -31.05
C THR A 3299 -44.10 -3.09 -29.66
N VAL A 3300 -45.14 -2.66 -28.95
CA VAL A 3300 -45.31 -3.16 -27.59
C VAL A 3300 -46.36 -4.26 -27.53
N LEU A 3301 -47.34 -4.25 -28.44
CA LEU A 3301 -48.29 -5.36 -28.43
C LEU A 3301 -47.64 -6.67 -28.85
N LYS A 3302 -46.50 -6.60 -29.54
CA LYS A 3302 -45.87 -7.80 -30.10
C LYS A 3302 -45.70 -8.90 -29.05
N THR A 3303 -44.94 -8.62 -28.00
CA THR A 3303 -44.60 -9.58 -26.96
C THR A 3303 -45.55 -9.56 -25.77
N VAL A 3304 -46.72 -8.91 -25.90
CA VAL A 3304 -47.65 -8.80 -24.77
C VAL A 3304 -48.41 -10.08 -24.52
N SER A 3305 -48.18 -11.13 -25.32
CA SER A 3305 -48.82 -12.41 -25.10
C SER A 3305 -47.98 -13.59 -25.56
N LEU A 3306 -46.83 -13.35 -26.17
CA LEU A 3306 -45.92 -14.40 -26.63
C LEU A 3306 -45.23 -15.03 -25.42
N LEU A 3307 -44.37 -14.26 -24.77
CA LEU A 3307 -43.69 -14.67 -23.55
C LEU A 3307 -44.61 -14.54 -22.35
N ASP A 3308 -45.86 -14.11 -22.55
CA ASP A 3308 -46.84 -13.89 -21.49
C ASP A 3308 -47.53 -15.18 -21.06
N GLU A 3309 -47.86 -16.06 -22.03
CA GLU A 3309 -48.44 -17.35 -21.66
C GLU A 3309 -47.49 -18.17 -20.78
N ASN A 3310 -46.17 -17.95 -20.92
CA ASN A 3310 -45.20 -18.71 -20.14
C ASN A 3310 -44.68 -17.99 -18.90
N ASN A 3311 -45.04 -16.73 -18.68
CA ASN A 3311 -44.47 -15.95 -17.59
C ASN A 3311 -44.99 -16.38 -16.20
N VAL A 3312 -45.45 -15.42 -15.40
CA VAL A 3312 -45.93 -15.69 -14.05
C VAL A 3312 -47.08 -16.69 -14.10
N SER A 3313 -46.76 -17.98 -14.27
CA SER A 3313 -47.78 -19.02 -14.21
C SER A 3313 -48.55 -18.93 -12.90
N SER A 3314 -49.34 -17.86 -12.75
CA SER A 3314 -49.99 -17.42 -11.51
C SER A 3314 -50.18 -18.49 -10.41
N TYR A 3315 -49.74 -18.25 -9.16
CA TYR A 3315 -49.11 -17.04 -8.60
C TYR A 3315 -50.08 -15.84 -8.57
N LEU A 3316 -49.67 -14.71 -8.01
CA LEU A 3316 -50.52 -13.54 -7.90
C LEU A 3316 -49.95 -12.35 -8.65
N SER A 3317 -50.73 -11.27 -8.69
CA SER A 3317 -50.40 -10.04 -9.40
C SER A 3317 -50.40 -10.28 -10.90
N LYS A 3318 -51.45 -9.83 -11.55
CA LYS A 3318 -51.67 -10.08 -12.96
C LYS A 3318 -52.52 -8.95 -13.49
N ASN A 3319 -53.57 -8.58 -12.78
CA ASN A 3319 -54.40 -7.43 -13.13
C ASN A 3319 -53.62 -6.21 -13.64
N ILE A 3320 -52.68 -5.72 -12.82
CA ILE A 3320 -51.89 -4.54 -13.18
C ILE A 3320 -50.99 -4.79 -14.40
N LEU A 3321 -50.76 -6.05 -14.76
CA LEU A 3321 -49.88 -6.39 -15.89
C LEU A 3321 -50.60 -6.81 -17.16
N ALA A 3322 -51.72 -7.51 -17.04
CA ALA A 3322 -52.61 -7.90 -18.13
C ALA A 3322 -53.44 -6.73 -18.62
N PHE A 3323 -53.81 -5.79 -17.75
CA PHE A 3323 -54.61 -4.68 -18.27
C PHE A 3323 -53.84 -3.94 -19.37
N ARG A 3324 -52.62 -3.45 -19.09
CA ARG A 3324 -51.91 -2.73 -20.15
C ARG A 3324 -51.88 -3.51 -21.46
N ASP A 3325 -51.93 -4.85 -21.40
CA ASP A 3325 -52.26 -5.63 -22.58
C ASP A 3325 -53.62 -5.21 -23.13
N GLN A 3326 -54.64 -5.12 -22.26
CA GLN A 3326 -55.94 -4.65 -22.73
C GLN A 3326 -55.88 -3.24 -23.30
N ASN A 3327 -54.89 -2.43 -22.89
CA ASN A 3327 -54.76 -1.10 -23.46
C ASN A 3327 -54.23 -1.18 -24.87
N ILE A 3328 -53.18 -1.98 -25.06
CA ILE A 3328 -52.66 -2.14 -26.40
C ILE A 3328 -53.70 -2.80 -27.32
N LEU A 3329 -54.74 -3.43 -26.75
CA LEU A 3329 -55.78 -3.98 -27.61
C LEU A 3329 -56.93 -3.01 -27.90
N LEU A 3330 -57.44 -2.26 -26.92
CA LEU A 3330 -58.50 -1.29 -27.26
C LEU A 3330 -57.93 -0.19 -28.15
N GLY A 3331 -56.72 0.27 -27.86
CA GLY A 3331 -56.02 1.28 -28.66
C GLY A 3331 -55.78 0.89 -30.11
N THR A 3332 -56.30 -0.25 -30.52
CA THR A 3332 -56.28 -0.66 -31.92
C THR A 3332 -57.67 -1.03 -32.42
N THR A 3333 -58.34 -1.97 -31.73
CA THR A 3333 -59.69 -2.35 -32.15
C THR A 3333 -60.55 -1.11 -32.34
N TYR A 3334 -60.39 -0.11 -31.47
CA TYR A 3334 -61.22 1.07 -31.59
C TYR A 3334 -60.67 2.08 -32.60
N ARG A 3335 -59.38 2.02 -32.90
CA ARG A 3335 -58.74 2.92 -33.85
C ARG A 3335 -58.71 2.31 -35.26
N ILE A 3336 -58.27 1.06 -35.36
CA ILE A 3336 -58.17 0.36 -36.64
C ILE A 3336 -59.58 0.05 -37.13
N ILE A 3337 -60.04 0.79 -38.14
CA ILE A 3337 -61.30 0.50 -38.82
C ILE A 3337 -60.95 -0.49 -39.91
N ALA A 3338 -60.14 -0.05 -40.85
CA ALA A 3338 -59.65 -0.91 -41.92
C ALA A 3338 -58.71 -0.07 -42.75
N ASN A 3339 -57.86 -0.75 -43.52
CA ASN A 3339 -57.08 -0.09 -44.56
C ASN A 3339 -56.07 0.88 -43.94
N ALA A 3340 -55.29 1.55 -44.78
CA ALA A 3340 -54.23 2.44 -44.33
C ALA A 3340 -53.31 1.67 -43.39
N LEU A 3341 -53.76 1.50 -42.14
CA LEU A 3341 -52.92 0.87 -41.12
C LEU A 3341 -52.46 -0.53 -41.52
N SER A 3342 -53.10 -1.16 -42.50
CA SER A 3342 -52.67 -2.45 -43.04
C SER A 3342 -51.61 -2.31 -44.12
N SER A 3343 -51.16 -1.09 -44.37
CA SER A 3343 -50.27 -0.79 -45.49
C SER A 3343 -49.04 -1.68 -45.60
N GLU A 3344 -48.52 -2.15 -44.46
CA GLU A 3344 -47.22 -2.83 -44.51
C GLU A 3344 -47.28 -4.32 -44.24
N PRO A 3345 -47.94 -5.17 -45.08
CA PRO A 3345 -48.19 -6.56 -44.65
C PRO A 3345 -46.97 -7.47 -44.46
N ALA A 3346 -46.99 -8.66 -45.07
CA ALA A 3346 -45.95 -9.67 -44.91
C ALA A 3346 -45.94 -10.23 -43.48
N CYS A 3347 -46.13 -9.35 -42.49
CA CYS A 3347 -46.20 -9.76 -41.09
C CYS A 3347 -47.39 -9.10 -40.39
N LEU A 3348 -47.82 -7.94 -40.88
CA LEU A 3348 -48.78 -7.11 -40.14
C LEU A 3348 -50.17 -7.74 -40.06
N ALA A 3349 -50.90 -7.83 -41.18
CA ALA A 3349 -52.25 -8.40 -41.12
C ALA A 3349 -52.23 -9.82 -40.54
N GLU A 3350 -51.12 -10.54 -40.76
CA GLU A 3350 -50.94 -11.86 -40.18
C GLU A 3350 -51.17 -11.83 -38.67
N ILE A 3351 -50.70 -10.75 -38.03
CA ILE A 3351 -50.83 -10.63 -36.59
C ILE A 3351 -52.30 -10.64 -36.20
N GLU A 3352 -53.13 -9.85 -36.89
CA GLU A 3352 -54.56 -9.84 -36.60
C GLU A 3352 -55.19 -11.20 -36.79
N GLU A 3353 -54.73 -11.95 -37.80
CA GLU A 3353 -55.27 -13.28 -37.99
C GLU A 3353 -54.95 -14.16 -36.77
N ASP A 3354 -53.71 -14.11 -36.31
CA ASP A 3354 -53.27 -14.97 -35.21
C ASP A 3354 -53.91 -14.57 -33.87
N LYS A 3355 -53.79 -13.30 -33.47
CA LYS A 3355 -54.39 -12.84 -32.22
C LYS A 3355 -55.88 -13.16 -32.16
N ALA A 3356 -56.58 -12.87 -33.26
CA ALA A 3356 -58.00 -13.21 -33.31
C ALA A 3356 -58.20 -14.70 -33.16
N ARG A 3357 -57.29 -15.49 -33.73
CA ARG A 3357 -57.31 -16.95 -33.71
C ARG A 3357 -57.29 -17.51 -32.29
N ARG A 3358 -56.16 -17.37 -31.58
CA ARG A 3358 -56.07 -18.03 -30.27
C ARG A 3358 -56.93 -17.34 -29.21
N ILE A 3359 -57.12 -16.03 -29.32
CA ILE A 3359 -57.84 -15.38 -28.24
C ILE A 3359 -59.34 -15.35 -28.53
N VAL A 3373 -54.99 -13.74 -47.30
CA VAL A 3373 -55.41 -13.74 -45.91
C VAL A 3373 -55.91 -12.35 -45.46
N ILE A 3374 -56.89 -11.82 -46.20
CA ILE A 3374 -57.49 -10.51 -45.92
C ILE A 3374 -58.95 -10.61 -45.55
N ALA A 3375 -59.67 -11.59 -46.12
CA ALA A 3375 -61.11 -11.65 -45.94
C ALA A 3375 -61.49 -12.17 -44.56
N GLY A 3376 -60.72 -13.11 -44.01
CA GLY A 3376 -60.89 -13.46 -42.62
C GLY A 3376 -60.66 -12.30 -41.67
N LEU A 3377 -60.18 -11.18 -42.19
CA LEU A 3377 -60.04 -9.93 -41.46
C LEU A 3377 -60.92 -8.83 -42.05
N TYR A 3378 -60.80 -8.55 -43.35
CA TYR A 3378 -61.60 -7.47 -43.93
C TYR A 3378 -63.10 -7.73 -43.76
N GLN A 3379 -63.52 -8.99 -43.89
CA GLN A 3379 -64.93 -9.33 -43.73
C GLN A 3379 -65.28 -9.73 -42.31
N ARG A 3380 -64.29 -9.96 -41.43
CA ARG A 3380 -64.52 -10.53 -40.10
C ARG A 3380 -63.79 -9.84 -38.95
N ALA A 3381 -62.74 -9.04 -39.20
CA ALA A 3381 -61.86 -8.60 -38.11
C ALA A 3381 -62.55 -7.79 -37.03
N PHE A 3382 -63.73 -7.24 -37.28
CA PHE A 3382 -64.45 -6.54 -36.21
C PHE A 3382 -65.06 -7.49 -35.19
N GLN A 3383 -65.48 -8.70 -35.62
CA GLN A 3383 -65.88 -9.71 -34.66
C GLN A 3383 -64.68 -10.45 -34.08
N HIS A 3384 -63.47 -10.10 -34.53
CA HIS A 3384 -62.22 -10.68 -34.06
C HIS A 3384 -61.50 -9.81 -33.04
N LEU A 3385 -61.28 -8.54 -33.39
CA LEU A 3385 -60.54 -7.61 -32.53
C LEU A 3385 -61.26 -7.36 -31.20
N SER A 3386 -62.53 -6.92 -31.26
CA SER A 3386 -63.26 -6.66 -30.01
C SER A 3386 -63.39 -7.91 -29.14
N GLU A 3387 -63.16 -9.10 -29.70
CA GLU A 3387 -63.19 -10.31 -28.91
C GLU A 3387 -61.82 -10.65 -28.34
N ALA A 3388 -60.76 -10.42 -29.11
CA ALA A 3388 -59.41 -10.59 -28.57
C ALA A 3388 -59.17 -9.65 -27.42
N VAL A 3389 -59.46 -8.36 -27.62
CA VAL A 3389 -59.48 -7.43 -26.50
C VAL A 3389 -60.44 -7.92 -25.42
N GLN A 3390 -61.58 -8.51 -25.82
CA GLN A 3390 -62.56 -8.91 -24.82
C GLN A 3390 -61.99 -9.95 -23.86
N ALA A 3391 -61.10 -10.81 -24.34
CA ALA A 3391 -60.46 -11.80 -23.47
C ALA A 3391 -59.18 -11.29 -22.83
N ALA A 3392 -58.58 -10.20 -23.33
CA ALA A 3392 -57.49 -9.61 -22.56
C ALA A 3392 -57.98 -8.74 -21.40
N GLU A 3393 -59.13 -8.08 -21.57
CA GLU A 3393 -59.72 -7.36 -20.44
C GLU A 3393 -60.44 -8.32 -19.51
N GLU A 3394 -61.02 -9.37 -20.08
CA GLU A 3394 -61.59 -10.41 -19.25
C GLU A 3394 -60.49 -11.06 -18.45
N GLU A 3395 -59.31 -11.22 -19.07
CA GLU A 3395 -58.10 -11.58 -18.37
C GLU A 3395 -57.40 -10.38 -17.75
N ALA A 3396 -58.13 -9.30 -17.48
CA ALA A 3396 -57.61 -8.22 -16.66
C ALA A 3396 -58.40 -8.05 -15.36
N GLN A 3397 -59.75 -8.04 -15.44
CA GLN A 3397 -60.63 -7.47 -14.41
C GLN A 3397 -61.07 -8.39 -13.26
N PRO A 3398 -61.78 -9.49 -13.53
CA PRO A 3398 -62.13 -10.38 -12.44
C PRO A 3398 -60.89 -11.00 -11.79
N PRO A 3399 -59.76 -11.15 -12.49
CA PRO A 3399 -58.53 -11.46 -11.75
C PRO A 3399 -58.16 -10.38 -10.74
N SER A 3400 -58.44 -9.10 -11.05
CA SER A 3400 -58.31 -8.09 -10.01
C SER A 3400 -59.14 -8.48 -8.81
N TRP A 3401 -60.33 -9.05 -9.05
CA TRP A 3401 -61.04 -9.46 -7.85
C TRP A 3401 -60.56 -10.79 -7.26
N SER A 3402 -59.79 -11.61 -7.98
CA SER A 3402 -59.32 -12.88 -7.41
C SER A 3402 -57.97 -12.78 -6.67
N CYS A 3403 -57.12 -11.80 -7.01
CA CYS A 3403 -55.81 -11.66 -6.37
C CYS A 3403 -55.94 -11.44 -4.86
N GLY A 3404 -56.49 -10.30 -4.45
CA GLY A 3404 -56.79 -10.01 -3.06
C GLY A 3404 -56.03 -8.86 -2.43
N PRO A 3405 -54.72 -8.73 -2.71
CA PRO A 3405 -54.03 -7.48 -2.34
C PRO A 3405 -53.89 -6.49 -3.50
N ALA A 3406 -54.36 -5.27 -3.28
CA ALA A 3406 -54.16 -4.10 -4.17
C ALA A 3406 -54.72 -4.40 -5.57
N ALA A 3407 -54.04 -3.88 -6.60
CA ALA A 3407 -54.43 -4.00 -8.01
C ALA A 3407 -55.77 -3.29 -8.24
N GLY A 3408 -55.69 -1.96 -8.16
CA GLY A 3408 -56.81 -1.04 -8.06
C GLY A 3408 -58.04 -1.37 -8.88
N VAL A 3409 -59.17 -1.65 -8.21
CA VAL A 3409 -60.36 -2.11 -8.91
C VAL A 3409 -60.75 -1.11 -10.00
N ILE A 3410 -60.55 0.16 -9.70
CA ILE A 3410 -60.79 1.24 -10.66
C ILE A 3410 -59.94 1.05 -11.91
N ASP A 3411 -58.63 0.79 -11.73
CA ASP A 3411 -57.64 0.78 -12.81
C ASP A 3411 -58.05 -0.10 -13.99
N ALA A 3412 -58.76 -1.19 -13.74
CA ALA A 3412 -59.30 -2.00 -14.84
C ALA A 3412 -60.78 -1.75 -15.10
N TYR A 3413 -61.55 -1.58 -14.02
CA TYR A 3413 -63.01 -1.47 -14.13
C TYR A 3413 -63.41 -0.32 -15.07
N THR A 3415 -61.93 1.54 -17.27
CA THR A 3415 -61.53 1.37 -18.66
C THR A 3415 -62.48 0.42 -19.37
N LEU A 3416 -62.91 -0.63 -18.67
CA LEU A 3416 -63.90 -1.53 -19.28
C LEU A 3416 -65.21 -0.80 -19.55
N ALA A 3417 -65.61 0.08 -18.64
CA ALA A 3417 -66.89 0.78 -18.83
C ALA A 3417 -66.85 1.81 -19.95
N ASP A 3418 -65.76 2.58 -20.07
CA ASP A 3418 -65.60 3.45 -21.23
C ASP A 3418 -65.66 2.64 -22.51
N PHE A 3419 -65.07 1.44 -22.49
CA PHE A 3419 -65.05 0.59 -23.68
C PHE A 3419 -66.46 0.24 -24.14
N CYS A 3420 -67.31 -0.18 -23.20
CA CYS A 3420 -68.67 -0.53 -23.62
C CYS A 3420 -69.52 0.70 -23.96
N ASP A 3421 -69.33 1.83 -23.26
CA ASP A 3421 -70.15 2.99 -23.58
C ASP A 3421 -69.87 3.51 -24.98
N GLN A 3422 -68.59 3.62 -25.35
CA GLN A 3422 -68.29 3.97 -26.75
C GLN A 3422 -68.75 2.89 -27.71
N GLN A 3423 -68.78 1.62 -27.28
CA GLN A 3423 -69.39 0.59 -28.11
C GLN A 3423 -70.86 0.93 -28.41
N LEU A 3424 -71.63 1.35 -27.39
CA LEU A 3424 -73.05 1.57 -27.66
C LEU A 3424 -73.32 2.85 -28.43
N ARG A 3425 -72.64 3.97 -28.13
CA ARG A 3425 -72.88 5.15 -28.96
C ARG A 3425 -72.51 4.87 -30.42
N LYS A 3426 -71.32 4.31 -30.65
CA LYS A 3426 -70.93 3.96 -32.00
C LYS A 3426 -71.93 3.00 -32.65
N GLU A 3427 -72.66 2.22 -31.84
CA GLU A 3427 -73.72 1.37 -32.36
C GLU A 3427 -75.09 2.03 -32.46
N GLU A 3428 -75.31 3.15 -31.77
CA GLU A 3428 -76.51 3.95 -31.96
C GLU A 3428 -76.38 4.82 -33.19
N GLU A 3429 -75.17 4.91 -33.73
CA GLU A 3429 -74.96 5.63 -34.97
C GLU A 3429 -75.53 4.85 -36.15
N ASN A 3430 -75.41 3.52 -36.13
CA ASN A 3430 -75.85 2.67 -37.21
C ASN A 3430 -76.53 1.42 -36.65
N ALA A 3431 -77.53 0.92 -37.36
CA ALA A 3431 -78.27 -0.26 -36.94
C ALA A 3431 -78.04 -1.41 -37.92
N SER A 3432 -77.73 -2.58 -37.37
CA SER A 3432 -77.48 -3.78 -38.17
C SER A 3432 -77.87 -5.00 -37.35
N VAL A 3433 -77.71 -6.17 -37.96
CA VAL A 3433 -78.10 -7.43 -37.32
C VAL A 3433 -76.99 -7.99 -36.44
N ILE A 3434 -75.75 -8.14 -36.95
CA ILE A 3434 -74.67 -8.57 -36.07
C ILE A 3434 -74.26 -7.44 -35.15
N ASP A 3435 -74.48 -6.20 -35.57
CA ASP A 3435 -74.13 -5.05 -34.74
C ASP A 3435 -75.16 -4.82 -33.63
N SER A 3436 -76.44 -5.06 -33.91
CA SER A 3436 -77.40 -4.95 -32.82
C SER A 3436 -77.42 -6.19 -31.94
N ALA A 3437 -77.06 -7.37 -32.47
CA ALA A 3437 -77.06 -8.58 -31.65
C ALA A 3437 -75.82 -8.68 -30.76
N GLU A 3438 -74.63 -8.46 -31.35
CA GLU A 3438 -73.44 -8.35 -30.52
C GLU A 3438 -73.52 -7.13 -29.62
N LEU A 3439 -74.00 -5.99 -30.16
CA LEU A 3439 -74.18 -4.80 -29.33
C LEU A 3439 -75.08 -5.08 -28.14
N GLN A 3440 -76.06 -5.98 -28.28
CA GLN A 3440 -76.87 -6.40 -27.14
C GLN A 3440 -76.24 -7.54 -26.36
N ALA A 3441 -75.08 -8.06 -26.80
CA ALA A 3441 -74.27 -8.87 -25.90
C ALA A 3441 -73.39 -8.02 -24.99
N TYR A 3442 -72.78 -6.94 -25.53
CA TYR A 3442 -71.70 -6.18 -24.90
C TYR A 3442 -71.99 -5.12 -23.81
N PRO A 3443 -73.19 -4.49 -23.72
CA PRO A 3443 -73.25 -3.23 -22.96
C PRO A 3443 -73.73 -3.34 -21.52
N ALA A 3444 -74.66 -4.26 -21.24
CA ALA A 3444 -75.29 -4.46 -19.93
C ALA A 3444 -74.35 -5.05 -18.92
N LEU A 3445 -73.07 -5.02 -19.28
CA LEU A 3445 -71.99 -5.70 -18.57
C LEU A 3445 -71.30 -4.77 -17.57
N VAL A 3446 -70.85 -3.61 -18.04
CA VAL A 3446 -70.07 -2.66 -17.26
C VAL A 3446 -70.92 -1.97 -16.19
N VAL A 3447 -72.20 -2.32 -16.10
CA VAL A 3447 -73.14 -1.50 -15.36
C VAL A 3447 -72.98 -1.58 -13.85
N GLU A 3448 -72.25 -2.56 -13.32
CA GLU A 3448 -72.03 -2.78 -11.90
C GLU A 3448 -70.68 -2.26 -11.42
N LYS A 3449 -69.63 -2.46 -12.22
CA LYS A 3449 -68.26 -2.19 -11.80
C LYS A 3449 -68.04 -0.70 -11.62
N LEU A 3451 -70.22 0.90 -10.10
CA LEU A 3451 -70.64 1.00 -8.70
C LEU A 3451 -69.53 0.53 -7.78
N LYS A 3452 -68.90 -0.60 -8.12
CA LYS A 3452 -67.80 -1.08 -7.29
C LYS A 3452 -66.72 -0.02 -7.17
N ALA A 3453 -65.99 0.24 -8.26
CA ALA A 3453 -64.81 1.08 -8.17
C ALA A 3453 -65.17 2.55 -8.01
N LEU A 3454 -66.21 2.83 -7.22
CA LEU A 3454 -66.75 4.18 -7.08
C LEU A 3454 -66.03 5.03 -6.05
N LYS A 3455 -65.02 4.52 -5.42
CA LYS A 3455 -64.22 5.42 -4.61
C LYS A 3455 -63.45 6.49 -5.48
N LEU A 3456 -63.78 6.60 -6.77
CA LEU A 3456 -63.13 7.49 -7.72
C LEU A 3456 -63.35 8.97 -7.44
N ASN A 3457 -63.35 9.72 -8.53
CA ASN A 3457 -63.76 11.12 -8.55
C ASN A 3457 -65.28 11.23 -8.63
N SER A 3458 -65.94 10.20 -9.16
CA SER A 3458 -67.35 9.86 -8.98
C SER A 3458 -68.30 10.70 -9.83
N ASN A 3459 -67.83 11.73 -10.51
CA ASN A 3459 -68.74 12.51 -11.34
C ASN A 3459 -69.10 11.74 -12.61
N GLU A 3460 -68.11 11.11 -13.24
CA GLU A 3460 -68.40 10.24 -14.36
C GLU A 3460 -69.41 9.16 -13.97
N ALA A 3461 -69.42 8.77 -12.71
CA ALA A 3461 -70.43 7.86 -12.19
C ALA A 3461 -71.83 8.47 -12.26
N ARG A 3462 -72.02 9.64 -11.63
CA ARG A 3462 -73.31 10.33 -11.69
C ARG A 3462 -73.77 10.40 -13.13
N LEU A 3463 -72.82 10.61 -14.06
CA LEU A 3463 -73.16 10.59 -15.47
C LEU A 3463 -73.54 9.18 -15.93
N LYS A 3464 -73.06 8.15 -15.26
CA LYS A 3464 -73.38 6.79 -15.69
C LYS A 3464 -74.82 6.43 -15.38
N PHE A 3465 -75.26 6.64 -14.14
CA PHE A 3465 -76.53 6.01 -13.72
C PHE A 3465 -77.72 6.31 -14.64
N PRO A 3466 -78.16 7.58 -14.81
CA PRO A 3466 -79.26 7.82 -15.76
C PRO A 3466 -78.92 7.35 -17.17
N ARG A 3467 -77.67 7.51 -17.59
CA ARG A 3467 -77.19 6.88 -18.82
C ARG A 3467 -77.55 5.41 -18.85
N LEU A 3468 -77.20 4.66 -17.79
CA LEU A 3468 -77.55 3.25 -17.71
C LEU A 3468 -79.04 3.03 -17.93
N LEU A 3469 -79.89 3.79 -17.22
CA LEU A 3469 -81.32 3.53 -17.26
C LEU A 3469 -81.92 3.89 -18.62
N GLN A 3470 -81.77 5.14 -19.03
CA GLN A 3470 -82.37 5.64 -20.25
C GLN A 3470 -81.69 5.08 -21.51
N ILE A 3471 -80.47 4.58 -21.37
CA ILE A 3471 -79.64 4.27 -22.54
C ILE A 3471 -80.20 3.07 -23.31
N ILE A 3472 -80.53 1.97 -22.60
CA ILE A 3472 -81.16 0.78 -23.20
C ILE A 3472 -82.08 0.18 -22.15
N GLU A 3473 -82.22 -1.14 -22.13
CA GLU A 3473 -83.15 -1.83 -21.24
C GLU A 3473 -82.83 -1.56 -19.77
N ARG A 3474 -83.60 -0.68 -19.12
CA ARG A 3474 -83.44 -0.43 -17.68
C ARG A 3474 -83.87 -1.66 -16.89
N TYR A 3475 -82.90 -2.34 -16.28
CA TYR A 3475 -83.14 -3.61 -15.61
C TYR A 3475 -84.21 -3.47 -14.54
N PRO A 3476 -85.10 -4.45 -14.37
CA PRO A 3476 -86.24 -4.27 -13.48
C PRO A 3476 -86.00 -4.77 -12.05
N GLU A 3477 -84.86 -5.42 -11.79
CA GLU A 3477 -84.47 -5.84 -10.45
C GLU A 3477 -82.98 -5.68 -10.23
N GLU A 3478 -82.18 -6.00 -11.26
CA GLU A 3478 -80.73 -6.04 -11.15
C GLU A 3478 -80.20 -4.73 -10.57
N THR A 3479 -80.56 -3.64 -11.27
CA THR A 3479 -80.18 -2.32 -10.84
C THR A 3479 -80.84 -1.97 -9.50
N LEU A 3480 -82.07 -2.45 -9.26
CA LEU A 3480 -82.76 -2.10 -8.02
C LEU A 3480 -81.97 -2.58 -6.82
N SER A 3481 -81.35 -3.75 -6.91
CA SER A 3481 -80.70 -4.29 -5.73
C SER A 3481 -79.26 -3.80 -5.59
N LEU A 3482 -78.43 -4.00 -6.62
CA LEU A 3482 -77.04 -3.62 -6.36
C LEU A 3482 -76.87 -2.12 -6.39
N THR A 3484 -78.80 -0.48 -4.88
CA THR A 3484 -79.08 -0.14 -3.50
C THR A 3484 -77.84 -0.27 -2.64
N LYS A 3485 -77.14 -1.41 -2.76
CA LYS A 3485 -75.93 -1.59 -1.96
C LYS A 3485 -74.83 -0.58 -2.28
N GLU A 3486 -74.83 0.01 -3.47
CA GLU A 3486 -73.79 0.95 -3.87
C GLU A 3486 -73.56 2.15 -2.93
N ILE A 3487 -74.51 3.10 -2.85
CA ILE A 3487 -74.26 4.38 -2.20
C ILE A 3487 -73.79 4.21 -0.77
N SER A 3488 -74.06 3.06 -0.19
CA SER A 3488 -73.43 2.69 1.07
C SER A 3488 -72.05 2.08 0.83
N SER A 3489 -71.91 1.21 -0.18
CA SER A 3489 -70.62 0.63 -0.54
C SER A 3489 -69.65 1.69 -1.02
N VAL A 3490 -70.18 2.76 -1.59
CA VAL A 3490 -69.39 3.88 -2.11
C VAL A 3490 -69.71 5.00 -1.13
N PRO A 3491 -69.01 6.13 -1.13
CA PRO A 3491 -69.39 7.22 -0.21
C PRO A 3491 -70.88 7.53 -0.26
N CYS A 3492 -71.51 7.57 0.91
CA CYS A 3492 -72.89 8.03 0.98
C CYS A 3492 -73.03 9.36 0.26
N TRP A 3493 -71.98 10.19 0.32
CA TRP A 3493 -71.87 11.40 -0.47
C TRP A 3493 -71.64 11.14 -1.97
N GLN A 3494 -71.47 9.90 -2.43
CA GLN A 3494 -71.67 9.71 -3.86
C GLN A 3494 -73.14 9.85 -4.20
N PHE A 3495 -73.99 9.61 -3.20
CA PHE A 3495 -75.41 9.90 -3.28
C PHE A 3495 -75.66 11.32 -3.75
N ILE A 3496 -74.75 12.23 -3.44
CA ILE A 3496 -74.99 13.65 -3.66
C ILE A 3496 -74.58 14.10 -5.05
N SER A 3497 -73.40 13.66 -5.52
CA SER A 3497 -72.71 14.36 -6.59
C SER A 3497 -73.62 14.73 -7.75
N TRP A 3498 -74.73 14.03 -7.89
CA TRP A 3498 -75.67 14.29 -8.96
C TRP A 3498 -76.93 14.98 -8.44
N ILE A 3499 -76.79 16.12 -7.78
CA ILE A 3499 -77.92 16.83 -7.16
C ILE A 3499 -79.17 16.84 -8.04
N SER A 3500 -79.12 17.59 -9.16
CA SER A 3500 -80.29 17.75 -10.02
C SER A 3500 -80.67 16.45 -10.72
N HIS A 3501 -79.69 15.60 -11.06
CA HIS A 3501 -79.99 14.30 -11.63
C HIS A 3501 -80.88 13.49 -10.70
N VAL A 3503 -82.67 14.28 -7.94
CA VAL A 3503 -83.99 14.81 -7.63
C VAL A 3503 -84.92 14.66 -8.82
N ALA A 3504 -84.51 15.18 -9.98
CA ALA A 3504 -85.31 15.01 -11.19
C ALA A 3504 -85.61 13.55 -11.47
N LEU A 3505 -84.63 12.68 -11.20
CA LEU A 3505 -84.74 11.25 -11.46
C LEU A 3505 -85.85 10.62 -10.62
N LEU A 3506 -85.85 10.91 -9.31
CA LEU A 3506 -86.87 10.49 -8.36
C LEU A 3506 -88.27 10.53 -8.97
N ASP A 3507 -88.55 11.61 -9.71
CA ASP A 3507 -89.91 11.85 -10.20
C ASP A 3507 -90.21 11.01 -11.43
N LYS A 3508 -89.64 11.40 -12.57
CA LYS A 3508 -89.95 10.81 -13.87
C LYS A 3508 -88.73 10.21 -14.54
N ASP A 3509 -87.56 10.86 -14.43
CA ASP A 3509 -86.36 10.44 -15.16
C ASP A 3509 -85.88 9.04 -14.78
N GLN A 3510 -86.35 8.50 -13.66
CA GLN A 3510 -85.95 7.18 -13.19
C GLN A 3510 -87.03 6.12 -13.32
N ALA A 3511 -88.30 6.49 -13.13
CA ALA A 3511 -89.46 5.62 -13.27
C ALA A 3511 -89.46 4.50 -12.22
N VAL A 3512 -88.29 3.92 -11.94
CA VAL A 3512 -88.17 2.85 -10.97
C VAL A 3512 -87.37 3.28 -9.74
N ALA A 3513 -87.05 4.56 -9.60
CA ALA A 3513 -86.51 5.04 -8.33
C ALA A 3513 -87.50 4.77 -7.22
N VAL A 3514 -88.76 5.17 -7.44
CA VAL A 3514 -89.89 4.96 -6.53
C VAL A 3514 -89.93 3.49 -6.11
N GLN A 3515 -89.27 2.63 -6.90
CA GLN A 3515 -89.01 1.24 -6.52
C GLN A 3515 -87.63 1.00 -5.89
N HIS A 3516 -86.60 1.76 -6.28
CA HIS A 3516 -85.23 1.51 -5.84
C HIS A 3516 -84.56 2.72 -5.21
N SER A 3517 -84.18 3.68 -6.05
CA SER A 3517 -83.45 4.84 -5.57
C SER A 3517 -84.28 5.67 -4.63
N VAL A 3518 -85.58 5.35 -4.51
CA VAL A 3518 -86.39 5.96 -3.47
C VAL A 3518 -86.00 5.39 -2.10
N GLU A 3519 -85.60 4.11 -2.04
CA GLU A 3519 -85.10 3.57 -0.77
C GLU A 3519 -83.66 4.00 -0.56
N GLU A 3520 -82.90 4.15 -1.65
CA GLU A 3520 -81.58 4.78 -1.55
C GLU A 3520 -81.70 6.18 -0.95
N ILE A 3521 -82.50 7.03 -1.60
CA ILE A 3521 -82.71 8.40 -1.16
C ILE A 3521 -83.40 8.45 0.18
N THR A 3522 -84.08 7.36 0.59
CA THR A 3522 -84.78 7.30 1.86
C THR A 3522 -83.92 6.75 3.00
N ASP A 3523 -82.75 6.19 2.70
CA ASP A 3523 -81.79 5.92 3.77
C ASP A 3523 -80.77 7.04 3.90
N ASN A 3524 -80.22 7.55 2.79
CA ASN A 3524 -79.46 8.80 2.89
C ASN A 3524 -80.34 9.93 3.40
N TYR A 3525 -81.60 9.89 3.03
CA TYR A 3525 -82.47 11.06 3.21
C TYR A 3525 -82.65 11.51 4.65
N PRO A 3526 -83.11 10.67 5.58
CA PRO A 3526 -83.41 11.21 6.91
C PRO A 3526 -82.17 11.63 7.68
N GLN A 3527 -80.99 11.11 7.33
CA GLN A 3527 -79.75 11.45 8.02
C GLN A 3527 -78.87 12.28 7.10
N ALA A 3528 -78.43 13.43 7.58
CA ALA A 3528 -77.48 14.29 6.88
C ALA A 3528 -77.98 14.78 5.51
N ILE A 3529 -79.27 14.64 5.22
CA ILE A 3529 -79.82 15.17 3.97
C ILE A 3529 -80.65 16.39 4.33
N VAL A 3530 -80.01 17.56 4.23
CA VAL A 3530 -80.70 18.84 4.19
C VAL A 3530 -80.62 19.38 2.78
N TYR A 3531 -79.57 19.01 2.06
CA TYR A 3531 -79.35 19.53 0.73
C TYR A 3531 -80.37 18.97 -0.26
N PRO A 3532 -80.67 17.66 -0.26
CA PRO A 3532 -81.72 17.19 -1.19
C PRO A 3532 -83.09 17.77 -0.91
N PHE A 3533 -83.36 18.24 0.32
CA PHE A 3533 -84.62 18.92 0.64
C PHE A 3533 -84.94 20.00 -0.39
N ILE A 3534 -83.92 20.77 -0.79
CA ILE A 3534 -84.11 21.91 -1.69
C ILE A 3534 -84.46 21.43 -3.08
N ILE A 3535 -83.66 20.53 -3.63
CA ILE A 3535 -83.84 20.18 -5.03
C ILE A 3535 -85.10 19.34 -5.26
N SER A 3536 -85.49 18.49 -4.31
CA SER A 3536 -86.71 17.71 -4.52
C SER A 3536 -87.93 18.60 -4.75
N SER A 3537 -88.01 19.71 -4.02
CA SER A 3537 -89.19 20.58 -4.08
C SER A 3537 -89.36 21.21 -5.46
N GLU A 3538 -88.25 21.47 -6.16
CA GLU A 3538 -88.34 21.91 -7.55
C GLU A 3538 -88.96 20.83 -8.44
N SER A 3539 -88.35 19.64 -8.48
CA SER A 3539 -88.70 18.67 -9.51
C SER A 3539 -90.06 18.02 -9.26
N TYR A 3540 -90.30 17.48 -8.07
CA TYR A 3540 -91.43 16.56 -7.92
C TYR A 3540 -92.75 17.24 -8.27
N SER A 3541 -93.12 18.32 -7.55
CA SER A 3541 -94.43 18.97 -7.75
C SER A 3541 -94.64 19.44 -9.18
N PHE A 3542 -93.61 19.40 -10.03
CA PHE A 3542 -93.78 19.78 -11.43
C PHE A 3542 -94.71 18.82 -12.15
N LYS A 3543 -94.33 17.55 -12.29
CA LYS A 3543 -95.15 16.61 -13.04
C LYS A 3543 -95.22 15.28 -12.31
N ASP A 3544 -96.42 14.90 -11.90
CA ASP A 3544 -96.71 13.56 -11.42
C ASP A 3544 -97.23 12.83 -12.64
N THR A 3545 -96.34 12.10 -13.31
CA THR A 3545 -96.68 11.21 -14.41
C THR A 3545 -97.54 10.03 -13.96
N SER A 3546 -97.58 8.97 -14.76
CA SER A 3546 -98.43 7.82 -14.49
C SER A 3546 -97.87 6.92 -13.37
N THR A 3547 -98.77 6.47 -12.49
CA THR A 3547 -98.37 5.73 -11.29
C THR A 3547 -99.33 4.59 -10.99
N GLY A 3548 -98.78 3.51 -10.43
CA GLY A 3548 -99.46 2.73 -9.41
C GLY A 3548 -99.43 3.45 -8.06
N HIS A 3549 -100.20 2.93 -7.10
CA HIS A 3549 -100.39 3.62 -5.82
C HIS A 3549 -99.06 3.88 -5.11
N LYS A 3550 -98.21 2.84 -5.04
CA LYS A 3550 -97.00 2.89 -4.24
C LYS A 3550 -96.04 3.98 -4.72
N ASN A 3551 -95.75 3.97 -6.03
CA ASN A 3551 -94.80 4.91 -6.61
C ASN A 3551 -95.05 6.33 -6.18
N LYS A 3552 -96.33 6.71 -6.10
CA LYS A 3552 -96.75 8.10 -5.91
C LYS A 3552 -96.88 8.47 -4.44
N GLU A 3553 -97.54 7.61 -3.65
CA GLU A 3553 -97.63 7.91 -2.22
C GLU A 3553 -96.26 8.11 -1.62
N PHE A 3554 -95.27 7.31 -2.06
CA PHE A 3554 -93.98 7.41 -1.40
C PHE A 3554 -93.39 8.81 -1.58
N VAL A 3555 -93.08 9.20 -2.82
CA VAL A 3555 -92.54 10.53 -3.08
C VAL A 3555 -93.36 11.60 -2.40
N ALA A 3556 -94.67 11.38 -2.28
CA ALA A 3556 -95.50 12.37 -1.59
C ALA A 3556 -95.03 12.53 -0.15
N ARG A 3557 -94.90 11.42 0.58
CA ARG A 3557 -94.46 11.55 1.96
C ARG A 3557 -93.00 12.02 2.04
N ILE A 3558 -92.15 11.64 1.08
CA ILE A 3558 -90.78 12.15 1.08
C ILE A 3558 -90.76 13.67 1.05
N LYS A 3559 -91.61 14.25 0.21
CA LYS A 3559 -91.76 15.70 0.25
C LYS A 3559 -92.41 16.16 1.55
N SER A 3560 -93.12 15.26 2.24
CA SER A 3560 -93.62 15.58 3.58
C SER A 3560 -92.51 15.58 4.63
N LYS A 3561 -91.34 15.01 4.33
CA LYS A 3561 -90.22 15.08 5.26
C LYS A 3561 -89.39 16.36 5.06
N LEU A 3562 -89.82 17.26 4.17
CA LEU A 3562 -89.23 18.59 4.05
C LEU A 3562 -90.25 19.69 4.30
N ASP A 3563 -91.47 19.35 4.69
CA ASP A 3563 -92.33 20.27 5.44
C ASP A 3563 -92.14 20.10 6.94
N GLN A 3564 -91.61 18.96 7.34
CA GLN A 3564 -91.31 18.66 8.73
C GLN A 3564 -89.81 18.47 8.89
N GLY A 3565 -89.22 19.09 9.91
CA GLY A 3565 -87.77 19.15 10.06
C GLY A 3565 -87.13 19.84 8.86
N GLY A 3566 -87.98 20.34 7.98
CA GLY A 3566 -87.62 21.08 6.79
C GLY A 3566 -88.67 22.15 6.54
N VAL A 3567 -89.60 22.32 7.50
CA VAL A 3567 -90.56 23.42 7.43
C VAL A 3567 -89.81 24.72 7.18
N ILE A 3568 -88.55 24.76 7.65
CA ILE A 3568 -87.67 25.90 7.38
C ILE A 3568 -87.38 26.00 5.89
N GLN A 3569 -87.14 24.87 5.19
CA GLN A 3569 -86.79 24.94 3.77
C GLN A 3569 -87.68 25.89 2.99
N ASP A 3570 -88.97 25.57 2.93
CA ASP A 3570 -89.94 26.45 2.31
C ASP A 3570 -90.17 27.73 3.11
N PHE A 3571 -89.84 27.77 4.40
CA PHE A 3571 -89.99 29.05 5.09
C PHE A 3571 -88.92 30.06 4.68
N ILE A 3572 -87.67 29.62 4.45
CA ILE A 3572 -86.64 30.48 3.84
C ILE A 3572 -86.91 30.74 2.36
N ASN A 3573 -87.44 29.76 1.63
CA ASN A 3573 -87.68 30.07 0.22
C ASN A 3573 -88.82 31.09 0.13
N ALA A 3574 -89.96 30.77 0.72
CA ALA A 3574 -91.03 31.73 0.93
C ALA A 3574 -90.51 32.96 1.65
N LEU A 3575 -89.34 32.87 2.30
CA LEU A 3575 -88.67 34.09 2.72
C LEU A 3575 -88.14 34.74 1.44
N ASP A 3576 -86.84 34.62 1.20
CA ASP A 3576 -86.11 35.13 0.04
C ASP A 3576 -86.82 35.18 -1.31
N GLN A 3577 -88.12 34.90 -1.37
CA GLN A 3577 -88.87 34.98 -2.63
C GLN A 3577 -89.18 36.45 -2.91
N LEU A 3578 -88.17 37.13 -3.45
CA LEU A 3578 -88.15 38.56 -3.69
C LEU A 3578 -87.81 38.74 -5.20
N SER A 3579 -87.58 39.94 -5.75
CA SER A 3579 -87.58 41.25 -5.10
C SER A 3579 -88.38 42.28 -5.88
N ASN A 3580 -87.65 42.97 -6.77
CA ASN A 3580 -88.24 44.04 -7.58
C ASN A 3580 -89.53 43.53 -8.22
N PRO A 3581 -90.57 44.35 -8.33
CA PRO A 3581 -91.79 43.84 -8.93
C PRO A 3581 -91.60 43.59 -10.41
N GLU A 3582 -90.80 44.41 -11.08
CA GLU A 3582 -90.78 44.44 -12.54
C GLU A 3582 -90.46 43.08 -13.15
N LEU A 3583 -89.50 42.37 -12.56
CA LEU A 3583 -89.14 41.09 -13.15
C LEU A 3583 -90.24 40.06 -12.97
N LEU A 3584 -90.94 40.08 -11.84
CA LEU A 3584 -92.03 39.14 -11.64
C LEU A 3584 -93.16 39.41 -12.61
N PHE A 3585 -93.48 40.68 -12.83
CA PHE A 3585 -94.63 40.99 -13.67
C PHE A 3585 -94.31 40.89 -15.14
N LYS A 3586 -93.22 41.52 -15.57
CA LYS A 3586 -92.79 41.40 -16.97
C LYS A 3586 -92.47 39.97 -17.33
N ASP A 3587 -91.74 39.26 -16.47
CA ASP A 3587 -91.35 37.89 -16.78
C ASP A 3587 -92.55 36.95 -16.64
N TRP A 3588 -93.40 37.16 -15.63
CA TRP A 3588 -94.62 36.40 -15.52
C TRP A 3588 -95.51 36.60 -16.74
N SER A 3589 -95.56 37.83 -17.26
CA SER A 3589 -96.44 38.16 -18.38
C SER A 3589 -95.89 37.62 -19.69
N ASN A 3590 -94.57 37.68 -19.90
CA ASN A 3590 -93.96 36.91 -20.99
C ASN A 3590 -94.34 35.43 -20.86
N ASP A 3591 -94.18 34.88 -19.65
CA ASP A 3591 -94.35 33.44 -19.44
C ASP A 3591 -95.77 32.98 -19.79
N VAL A 3592 -96.79 33.73 -19.35
CA VAL A 3592 -98.16 33.35 -19.68
C VAL A 3592 -98.48 33.72 -21.11
N ARG A 3593 -97.92 34.83 -21.55
CA ARG A 3593 -98.33 35.51 -22.76
C ARG A 3593 -97.88 34.76 -23.99
N ALA A 3594 -96.67 34.18 -23.94
CA ALA A 3594 -96.20 33.35 -25.04
C ALA A 3594 -96.82 31.97 -25.04
N GLU A 3595 -97.72 31.67 -24.10
CA GLU A 3595 -98.60 30.50 -24.22
C GLU A 3595 -100.06 30.87 -24.44
N LEU A 3596 -100.42 32.16 -24.55
CA LEU A 3596 -101.78 32.51 -25.01
C LEU A 3596 -101.93 32.66 -26.52
N ALA A 3597 -100.87 32.59 -27.31
CA ALA A 3597 -101.04 32.87 -28.74
C ALA A 3597 -101.39 31.67 -29.61
N LYS A 3598 -100.75 30.53 -29.42
CA LYS A 3598 -100.84 29.42 -30.36
C LYS A 3598 -102.14 28.62 -30.20
N THR A 3599 -102.05 27.29 -30.30
CA THR A 3599 -103.18 26.43 -30.00
C THR A 3599 -103.72 26.81 -28.62
N PRO A 3600 -104.89 26.31 -28.21
CA PRO A 3600 -105.38 26.64 -26.85
C PRO A 3600 -104.42 26.28 -25.73
N VAL A 3601 -104.61 25.11 -25.11
CA VAL A 3601 -103.77 24.64 -24.01
C VAL A 3601 -103.91 25.67 -22.88
N ASN A 3602 -104.92 26.51 -22.98
CA ASN A 3602 -105.18 27.59 -22.04
C ASN A 3602 -106.02 27.18 -20.85
N LYS A 3603 -106.33 25.89 -20.69
CA LYS A 3603 -107.23 25.46 -19.63
C LYS A 3603 -106.59 25.72 -18.26
N LYS A 3604 -106.01 24.69 -17.65
CA LYS A 3604 -105.36 24.91 -16.37
C LYS A 3604 -104.03 25.64 -16.49
N ASN A 3605 -103.43 25.70 -17.69
CA ASN A 3605 -102.25 26.56 -17.87
C ASN A 3605 -102.56 27.99 -17.49
N ILE A 3606 -103.43 28.63 -18.25
CA ILE A 3606 -103.77 30.02 -17.99
C ILE A 3606 -104.51 30.18 -16.67
N GLU A 3607 -105.28 29.17 -16.24
CA GLU A 3607 -106.00 29.34 -14.97
C GLU A 3607 -105.05 29.37 -13.78
N LYS A 3608 -104.07 28.49 -13.76
CA LYS A 3608 -103.03 28.54 -12.72
C LYS A 3608 -102.14 29.77 -12.90
N TYR A 3610 -102.66 32.52 -13.84
CA TYR A 3610 -103.23 33.72 -13.23
C TYR A 3610 -102.89 33.81 -11.74
N GLU A 3611 -102.66 32.65 -11.10
CA GLU A 3611 -102.72 32.62 -9.64
C GLU A 3611 -101.46 33.16 -8.99
N ARG A 3612 -100.29 32.77 -9.48
CA ARG A 3612 -99.02 33.33 -9.00
C ARG A 3612 -99.09 34.84 -8.85
N TYR A 3614 -101.98 36.70 -8.79
CA TYR A 3614 -102.93 36.99 -7.72
C TYR A 3614 -102.30 36.89 -6.33
N ALA A 3615 -101.39 35.94 -6.14
CA ALA A 3615 -100.56 35.93 -4.95
C ALA A 3615 -99.85 37.27 -4.77
N ALA A 3616 -99.16 37.74 -5.82
CA ALA A 3616 -98.51 39.04 -5.70
C ALA A 3616 -99.50 40.15 -5.30
N LEU A 3617 -100.76 40.03 -5.73
CA LEU A 3617 -101.66 41.19 -5.74
C LEU A 3617 -103.09 40.95 -5.29
N GLY A 3618 -103.60 39.73 -5.25
CA GLY A 3618 -104.91 39.48 -4.67
C GLY A 3618 -104.82 39.00 -3.24
N ASP A 3619 -103.64 38.55 -2.83
CA ASP A 3619 -103.38 38.08 -1.48
C ASP A 3619 -102.61 39.03 -0.54
N PRO A 3620 -101.98 40.13 -1.01
CA PRO A 3620 -101.21 40.98 -0.08
C PRO A 3620 -102.03 41.76 0.92
N LYS A 3621 -103.34 41.53 0.94
CA LYS A 3621 -104.14 41.89 2.11
C LYS A 3621 -105.25 40.86 2.30
N ALA A 3622 -105.07 39.66 1.78
CA ALA A 3622 -105.92 38.50 1.95
C ALA A 3622 -105.15 37.44 2.75
N PRO A 3623 -105.84 36.41 3.25
CA PRO A 3623 -105.15 35.42 4.11
C PRO A 3623 -103.95 34.70 3.47
N GLY A 3624 -103.83 34.67 2.14
CA GLY A 3624 -102.69 34.03 1.50
C GLY A 3624 -101.34 34.69 1.72
N LEU A 3625 -101.31 36.01 1.97
CA LEU A 3625 -100.05 36.67 2.33
C LEU A 3625 -99.98 37.18 3.76
N GLY A 3626 -101.12 37.26 4.47
CA GLY A 3626 -101.04 37.34 5.91
C GLY A 3626 -100.11 36.28 6.47
N ALA A 3627 -99.95 35.16 5.75
CA ALA A 3627 -98.94 34.16 6.02
C ALA A 3627 -97.58 34.52 5.42
N PHE A 3628 -97.55 35.13 4.22
CA PHE A 3628 -96.29 35.49 3.55
C PHE A 3628 -96.32 36.97 3.25
N ARG A 3629 -95.94 37.75 4.26
CA ARG A 3629 -95.85 39.19 4.10
C ARG A 3629 -94.47 39.54 3.57
N ARG A 3630 -94.37 40.75 3.03
CA ARG A 3630 -93.11 41.33 2.57
C ARG A 3630 -93.21 42.83 2.77
N LYS A 3631 -92.14 43.55 2.45
CA LYS A 3631 -92.27 44.99 2.46
C LYS A 3631 -92.66 45.54 1.08
N PHE A 3632 -92.36 44.81 0.00
CA PHE A 3632 -92.99 45.11 -1.29
C PHE A 3632 -94.50 45.05 -1.18
N ILE A 3633 -94.99 44.05 -0.45
CA ILE A 3633 -96.40 43.87 -0.17
C ILE A 3633 -96.90 44.90 0.84
N GLN A 3634 -96.01 45.33 1.75
CA GLN A 3634 -96.38 46.29 2.80
C GLN A 3634 -97.09 47.51 2.23
N THR A 3635 -96.51 48.12 1.21
CA THR A 3635 -97.14 49.25 0.54
C THR A 3635 -97.34 48.98 -0.93
N PHE A 3636 -96.30 48.53 -1.62
CA PHE A 3636 -96.33 48.48 -3.08
C PHE A 3636 -97.35 47.48 -3.58
N GLY A 3637 -97.30 46.27 -3.05
CA GLY A 3637 -98.35 45.32 -3.29
C GLY A 3637 -99.72 45.76 -2.80
N LYS A 3638 -99.89 47.00 -2.33
CA LYS A 3638 -101.22 47.53 -1.97
C LYS A 3638 -101.61 48.78 -2.76
N GLU A 3639 -100.88 49.89 -2.62
CA GLU A 3639 -101.04 51.03 -3.51
C GLU A 3639 -101.28 50.53 -4.92
N PHE A 3640 -100.48 49.55 -5.35
CA PHE A 3640 -100.74 48.95 -6.64
C PHE A 3640 -101.89 47.96 -6.58
N ASP A 3641 -102.32 47.53 -5.39
CA ASP A 3641 -103.41 46.56 -5.32
C ASP A 3641 -104.73 47.19 -5.70
N LYS A 3642 -104.94 48.42 -5.25
CA LYS A 3642 -106.15 49.15 -5.60
C LYS A 3642 -106.35 49.13 -7.11
N HIS A 3643 -105.43 49.71 -7.88
CA HIS A 3643 -105.61 49.75 -9.33
C HIS A 3643 -105.43 48.38 -9.99
N PHE A 3644 -104.56 47.51 -9.45
CA PHE A 3644 -104.24 46.25 -10.11
C PHE A 3644 -105.36 45.23 -10.01
N GLY A 3645 -106.19 45.32 -8.96
CA GLY A 3645 -107.31 44.39 -8.83
C GLY A 3645 -108.26 44.42 -10.02
N LYS A 3646 -108.56 45.62 -10.51
CA LYS A 3646 -109.60 45.78 -11.53
C LYS A 3646 -109.11 45.35 -12.91
N GLY A 3647 -108.01 45.94 -13.38
CA GLY A 3647 -107.42 45.45 -14.61
C GLY A 3647 -107.06 43.98 -14.56
N GLY A 3648 -106.65 43.49 -13.38
CA GLY A 3648 -106.23 42.10 -13.28
C GLY A 3648 -107.39 41.12 -13.36
N SER A 3649 -108.43 41.32 -12.55
CA SER A 3649 -109.61 40.47 -12.66
C SER A 3649 -110.36 40.69 -13.98
N LYS A 3650 -110.16 41.82 -14.64
CA LYS A 3650 -110.59 41.91 -16.03
C LYS A 3650 -109.75 40.98 -16.89
N LEU A 3651 -108.46 40.84 -16.57
CA LEU A 3651 -107.63 39.86 -17.26
C LEU A 3651 -108.13 38.43 -17.03
N LEU A 3652 -108.67 38.14 -15.84
CA LEU A 3652 -109.06 36.76 -15.50
C LEU A 3652 -109.85 36.13 -16.64
N ARG A 3653 -110.89 36.82 -17.09
CA ARG A 3653 -111.72 36.32 -18.17
C ARG A 3653 -111.36 36.95 -19.52
N LYS A 3655 -108.73 36.45 -22.22
CA LYS A 3655 -108.71 35.32 -23.15
C LYS A 3655 -108.93 35.77 -24.59
N LEU A 3656 -108.14 36.76 -25.04
CA LEU A 3656 -108.33 37.36 -26.36
C LEU A 3656 -106.95 37.70 -26.91
N SER A 3657 -106.43 36.85 -27.81
CA SER A 3657 -105.01 36.79 -28.12
C SER A 3657 -104.39 38.14 -28.45
N ASP A 3658 -105.18 39.05 -29.05
CA ASP A 3658 -104.60 40.34 -29.42
C ASP A 3658 -104.25 41.16 -28.20
N PHE A 3659 -104.99 40.98 -27.13
CA PHE A 3659 -104.68 41.65 -25.88
C PHE A 3659 -103.33 41.22 -25.32
N ASN A 3660 -102.79 40.07 -25.79
CA ASN A 3660 -101.41 39.71 -25.46
C ASN A 3660 -100.45 40.87 -25.73
N ASP A 3661 -100.66 41.60 -26.81
CA ASP A 3661 -99.87 42.81 -26.99
C ASP A 3661 -100.32 43.94 -26.07
N ILE A 3662 -101.64 44.13 -25.95
CA ILE A 3662 -102.20 45.31 -25.30
C ILE A 3662 -101.71 45.51 -23.87
N THR A 3663 -101.40 44.42 -23.15
CA THR A 3663 -100.89 44.52 -21.79
C THR A 3663 -99.67 45.42 -21.72
N ASN A 3664 -98.89 45.46 -22.80
CA ASN A 3664 -97.68 46.25 -22.83
C ASN A 3664 -97.91 47.71 -22.49
N LEU A 3666 -99.97 48.84 -19.99
CA LEU A 3666 -100.02 48.86 -18.54
C LEU A 3666 -98.70 48.43 -17.96
N LEU A 3667 -98.17 47.32 -18.48
CA LEU A 3667 -96.91 46.79 -17.99
C LEU A 3667 -95.82 47.83 -18.11
N LEU A 3668 -95.73 48.47 -19.28
CA LEU A 3668 -94.68 49.46 -19.49
C LEU A 3668 -94.77 50.58 -18.46
N LYS A 3669 -95.98 51.04 -18.17
CA LYS A 3669 -96.05 52.09 -17.16
C LYS A 3669 -95.58 51.55 -15.82
N ASN A 3671 -93.70 49.39 -15.36
CA ASN A 3671 -92.26 49.12 -15.41
C ASN A 3671 -91.45 50.35 -15.03
N LYS A 3672 -91.77 51.50 -15.63
CA LYS A 3672 -91.02 52.70 -15.28
C LYS A 3672 -91.40 53.23 -13.92
N ASP A 3673 -92.47 52.73 -13.35
CA ASP A 3673 -92.82 53.04 -11.98
C ASP A 3673 -92.22 52.06 -10.97
N SER A 3674 -91.66 50.91 -11.42
CA SER A 3674 -91.09 49.91 -10.49
C SER A 3674 -89.57 49.96 -10.38
N LYS A 3675 -88.87 50.57 -11.36
CA LYS A 3675 -87.45 50.92 -11.28
C LYS A 3675 -87.16 52.05 -10.28
N PRO A 3676 -88.02 53.05 -10.08
CA PRO A 3676 -87.72 54.12 -9.12
C PRO A 3676 -87.83 53.70 -7.66
N PRO A 3677 -88.72 52.75 -7.28
CA PRO A 3677 -88.83 52.40 -5.85
C PRO A 3677 -87.91 51.28 -5.35
N GLY A 3678 -87.41 50.44 -6.24
CA GLY A 3678 -86.51 49.37 -5.84
C GLY A 3678 -85.31 49.97 -5.14
N ASN A 3679 -85.58 50.59 -3.98
CA ASN A 3679 -84.63 51.45 -3.29
C ASN A 3679 -84.28 50.91 -1.90
N LEU A 3680 -84.20 49.58 -1.78
CA LEU A 3680 -83.70 48.97 -0.56
C LEU A 3680 -84.72 49.15 0.55
N LYS A 3681 -84.35 48.88 1.80
CA LYS A 3681 -85.14 49.14 3.00
C LYS A 3681 -86.42 48.32 3.04
N GLU A 3682 -86.53 47.32 2.18
CA GLU A 3682 -87.76 46.53 2.10
C GLU A 3682 -87.43 45.11 2.50
N CYS A 3683 -86.69 44.38 1.67
CA CYS A 3683 -86.19 43.06 2.03
C CYS A 3683 -85.12 43.11 3.12
N SER A 3684 -84.29 44.16 3.22
CA SER A 3684 -83.35 44.18 4.34
C SER A 3684 -84.05 44.21 5.69
N PRO A 3685 -85.00 45.13 5.98
CA PRO A 3685 -85.76 44.98 7.24
C PRO A 3685 -86.66 43.74 7.26
N TRP A 3686 -87.26 43.40 6.12
CA TRP A 3686 -88.18 42.26 6.11
C TRP A 3686 -87.48 40.92 6.37
N SER A 3688 -84.48 40.84 7.98
CA SER A 3688 -83.82 41.13 9.24
C SER A 3688 -84.25 40.28 10.42
N ASP A 3689 -85.19 39.37 10.20
CA ASP A 3689 -85.72 38.49 11.23
C ASP A 3689 -85.06 37.13 11.12
N PHE A 3690 -84.20 36.82 12.08
CA PHE A 3690 -83.49 35.57 12.18
C PHE A 3690 -83.75 34.95 13.55
N LYS A 3691 -83.78 33.63 13.60
CA LYS A 3691 -84.03 32.93 14.85
C LYS A 3691 -82.86 32.99 15.82
N VAL A 3692 -81.76 32.33 15.48
CA VAL A 3692 -80.63 32.15 16.40
C VAL A 3692 -81.16 31.63 17.73
N GLU A 3693 -82.02 30.61 17.66
CA GLU A 3693 -82.66 30.04 18.83
C GLU A 3693 -82.55 28.53 18.73
N PHE A 3694 -82.10 27.90 19.82
CA PHE A 3694 -82.04 26.44 19.88
C PHE A 3694 -81.13 25.89 18.78
N LEU A 3695 -79.99 26.57 18.57
CA LEU A 3695 -79.07 26.23 17.49
C LEU A 3695 -79.82 26.12 16.17
N ARG A 3696 -80.77 27.06 15.97
CA ARG A 3696 -81.74 27.13 14.88
C ARG A 3696 -82.74 25.97 14.91
N ASN A 3697 -83.01 25.44 16.11
CA ASN A 3697 -83.78 24.20 16.30
C ASN A 3697 -83.06 23.03 15.65
N GLU A 3698 -81.74 22.96 15.92
CA GLU A 3698 -80.86 21.93 15.36
C GLU A 3698 -80.92 21.90 13.83
N LEU A 3699 -80.92 23.09 13.23
CA LEU A 3699 -81.12 23.23 11.80
C LEU A 3699 -79.82 22.94 11.05
N GLU A 3700 -79.91 22.10 10.03
CA GLU A 3700 -78.78 21.75 9.17
C GLU A 3700 -78.69 22.62 7.91
N ILE A 3701 -79.34 23.79 7.87
CA ILE A 3701 -79.32 24.60 6.66
C ILE A 3701 -77.97 25.31 6.55
N PRO A 3702 -77.12 24.95 5.60
CA PRO A 3702 -75.84 25.66 5.47
C PRO A 3702 -76.03 26.87 4.57
N GLY A 3703 -74.93 27.53 4.19
CA GLY A 3703 -75.06 28.33 3.00
C GLY A 3703 -75.53 27.31 2.00
N GLN A 3704 -76.67 27.55 1.34
CA GLN A 3704 -77.19 26.53 0.45
C GLN A 3704 -76.20 26.27 -0.68
N TYR A 3705 -76.26 25.06 -1.22
CA TYR A 3705 -75.33 24.58 -2.23
C TYR A 3705 -73.93 24.43 -1.65
N ASP A 3706 -73.79 24.51 -0.32
CA ASP A 3706 -72.47 24.29 0.27
C ASP A 3706 -72.18 22.80 0.39
N GLY A 3707 -73.21 21.97 0.50
CA GLY A 3707 -73.05 20.56 0.20
C GLY A 3707 -72.36 20.51 -1.14
N ARG A 3708 -71.22 19.85 -1.24
CA ARG A 3708 -70.41 19.96 -2.44
C ARG A 3708 -70.20 18.66 -3.21
N GLY A 3709 -69.12 18.60 -3.97
CA GLY A 3709 -68.70 17.41 -4.67
C GLY A 3709 -67.50 16.82 -3.97
N LYS A 3710 -67.15 15.61 -4.41
CA LYS A 3710 -66.07 14.78 -3.87
C LYS A 3710 -66.49 14.35 -2.47
N PRO A 3711 -66.08 13.18 -2.01
CA PRO A 3711 -66.55 12.70 -0.69
C PRO A 3711 -66.06 13.55 0.47
N LEU A 3712 -66.11 12.97 1.67
CA LEU A 3712 -65.84 13.66 2.93
C LEU A 3712 -66.88 14.76 3.17
N PRO A 3713 -68.16 14.43 3.39
CA PRO A 3713 -69.14 15.45 3.77
C PRO A 3713 -69.11 15.74 5.26
N GLU A 3714 -68.80 16.98 5.63
CA GLU A 3714 -68.58 17.37 7.03
C GLU A 3714 -69.61 18.40 7.51
N TYR A 3715 -70.62 18.70 6.70
CA TYR A 3715 -71.58 19.81 6.92
C TYR A 3715 -70.91 21.06 7.48
N HIS A 3716 -69.86 21.51 6.78
CA HIS A 3716 -69.01 22.62 7.16
C HIS A 3716 -69.77 23.84 7.66
N VAL A 3717 -70.12 24.73 6.73
CA VAL A 3717 -70.63 26.07 7.03
C VAL A 3717 -71.99 26.03 7.72
N ARG A 3718 -72.40 27.18 8.27
CA ARG A 3718 -73.61 27.31 9.06
C ARG A 3718 -74.20 28.70 8.84
N ILE A 3719 -75.54 28.78 8.82
CA ILE A 3719 -76.29 29.98 8.45
C ILE A 3719 -75.98 31.18 9.35
N ALA A 3720 -76.40 31.09 10.62
CA ALA A 3720 -76.28 32.14 11.63
C ALA A 3720 -77.25 33.30 11.38
N GLY A 3721 -76.73 34.52 11.40
CA GLY A 3721 -77.54 35.72 11.26
C GLY A 3721 -76.93 36.74 10.32
N PHE A 3722 -77.77 37.43 9.53
CA PHE A 3722 -77.31 38.29 8.45
C PHE A 3722 -77.08 39.72 8.92
N ASP A 3723 -76.19 40.42 8.22
CA ASP A 3723 -76.06 41.86 8.41
C ASP A 3723 -77.24 42.58 7.78
N GLU A 3724 -77.84 43.49 8.55
CA GLU A 3724 -79.07 44.10 8.09
C GLU A 3724 -78.86 44.94 6.84
N ARG A 3725 -77.70 45.56 6.69
CA ARG A 3725 -77.44 46.36 5.50
C ARG A 3725 -77.55 45.52 4.25
N VAL A 3726 -78.19 46.08 3.21
CA VAL A 3726 -78.31 45.46 1.91
C VAL A 3726 -78.19 46.53 0.83
N THR A 3727 -77.70 46.12 -0.34
CA THR A 3727 -77.74 47.00 -1.49
C THR A 3727 -77.91 46.15 -2.75
N VAL A 3728 -78.94 46.51 -3.53
CA VAL A 3728 -79.18 45.96 -4.86
C VAL A 3728 -78.36 46.78 -5.87
N ALA A 3730 -76.66 47.75 -10.11
CA ALA A 3730 -76.90 48.02 -11.53
C ALA A 3730 -76.41 46.84 -12.34
N SER A 3731 -77.34 45.99 -12.78
CA SER A 3731 -77.02 44.86 -13.63
C SER A 3731 -78.30 44.41 -14.32
N LEU A 3732 -78.22 43.23 -14.93
CA LEU A 3732 -79.24 42.74 -15.86
C LEU A 3732 -80.62 42.65 -15.23
N ARG A 3733 -80.88 41.66 -14.40
CA ARG A 3733 -82.16 41.50 -13.71
C ARG A 3733 -82.35 42.47 -12.55
N ARG A 3734 -81.45 43.46 -12.40
CA ARG A 3734 -81.25 44.26 -11.19
C ARG A 3734 -81.10 43.39 -9.96
N PRO A 3735 -80.04 42.61 -9.91
CA PRO A 3735 -79.95 41.61 -8.85
C PRO A 3735 -79.44 42.21 -7.55
N LYS A 3736 -79.53 41.43 -6.47
CA LYS A 3736 -79.47 41.97 -5.11
C LYS A 3736 -78.26 41.43 -4.36
N ARG A 3737 -77.50 42.29 -3.69
CA ARG A 3737 -76.30 41.85 -2.95
C ARG A 3737 -76.65 41.53 -1.49
N ILE A 3738 -76.51 40.25 -1.13
CA ILE A 3738 -76.69 39.77 0.23
C ILE A 3738 -75.34 39.57 0.93
N ILE A 3739 -75.38 39.65 2.25
CA ILE A 3739 -74.24 39.31 3.12
C ILE A 3739 -74.72 38.21 4.05
N ILE A 3740 -74.49 36.96 3.67
CA ILE A 3740 -74.61 35.90 4.65
C ILE A 3740 -73.53 36.17 5.68
N ARG A 3741 -73.81 35.87 6.94
CA ARG A 3741 -72.79 35.99 7.97
C ARG A 3741 -72.67 34.61 8.57
N GLY A 3742 -71.76 33.84 7.96
CA GLY A 3742 -71.60 32.46 8.35
C GLY A 3742 -71.14 32.34 9.79
N HIS A 3743 -71.50 31.22 10.41
CA HIS A 3743 -71.15 31.05 11.80
C HIS A 3743 -69.68 30.68 11.99
N ASP A 3744 -69.03 30.17 10.94
CA ASP A 3744 -67.64 29.70 11.02
C ASP A 3744 -66.60 30.81 11.13
N GLU A 3745 -66.85 31.79 12.01
CA GLU A 3745 -65.93 32.89 12.26
C GLU A 3745 -65.66 33.66 10.96
N ARG A 3746 -66.66 33.73 10.10
CA ARG A 3746 -66.50 34.31 8.78
C ARG A 3746 -67.88 34.66 8.22
N GLU A 3747 -67.91 35.70 7.40
CA GLU A 3747 -69.07 36.09 6.60
C GLU A 3747 -68.84 35.75 5.13
N HIS A 3748 -69.94 35.83 4.35
CA HIS A 3748 -69.93 35.47 2.94
C HIS A 3748 -70.97 36.24 2.11
N PRO A 3749 -70.56 37.12 1.19
CA PRO A 3749 -71.50 37.91 0.38
C PRO A 3749 -72.00 37.14 -0.84
N PHE A 3750 -73.32 36.90 -0.90
CA PHE A 3750 -73.96 36.22 -2.02
C PHE A 3750 -74.83 37.19 -2.84
N LEU A 3751 -75.49 36.64 -3.85
CA LEU A 3751 -76.26 37.41 -4.81
C LEU A 3751 -77.67 36.82 -4.92
N VAL A 3752 -78.60 37.68 -5.32
CA VAL A 3752 -80.00 37.33 -5.44
C VAL A 3752 -80.36 37.46 -6.90
N LYS A 3753 -80.80 36.33 -7.51
CA LYS A 3753 -81.32 36.32 -8.87
C LYS A 3753 -82.72 35.71 -8.78
N GLY A 3754 -83.64 36.52 -8.25
CA GLY A 3754 -85.04 36.10 -8.13
C GLY A 3754 -85.75 35.92 -9.45
N GLY A 3755 -85.33 36.65 -10.48
CA GLY A 3755 -85.98 36.49 -11.75
C GLY A 3755 -85.14 35.65 -12.69
N GLU A 3756 -84.81 34.43 -12.27
CA GLU A 3756 -83.94 33.59 -13.07
C GLU A 3756 -83.92 32.15 -12.55
N ASP A 3757 -84.19 31.18 -13.40
CA ASP A 3757 -83.99 29.79 -13.00
C ASP A 3757 -82.53 29.42 -13.29
N LEU A 3758 -81.68 29.64 -12.30
CA LEU A 3758 -80.25 29.32 -12.36
C LEU A 3758 -79.98 27.82 -12.41
N ARG A 3759 -80.21 27.17 -13.57
CA ARG A 3759 -79.96 25.75 -13.80
C ARG A 3759 -79.03 25.50 -14.98
N GLN A 3760 -79.33 26.09 -16.12
CA GLN A 3760 -78.52 26.12 -17.33
C GLN A 3760 -77.10 26.60 -17.09
N ASP A 3761 -76.83 27.00 -15.85
CA ASP A 3761 -75.55 27.49 -15.37
C ASP A 3761 -74.96 26.64 -14.25
N GLN A 3762 -75.76 25.76 -13.66
CA GLN A 3762 -75.33 24.88 -12.59
C GLN A 3762 -74.32 23.93 -13.19
N ARG A 3763 -74.78 22.92 -13.93
CA ARG A 3763 -73.83 22.04 -14.57
C ARG A 3763 -72.78 22.78 -15.38
N VAL A 3764 -72.99 24.04 -15.71
CA VAL A 3764 -71.88 24.71 -16.38
C VAL A 3764 -70.79 25.01 -15.39
N GLU A 3765 -71.13 25.58 -14.23
CA GLU A 3765 -70.09 25.82 -13.22
C GLU A 3765 -69.47 24.50 -12.76
N GLN A 3766 -70.30 23.48 -12.50
CA GLN A 3766 -69.74 22.19 -12.09
C GLN A 3766 -68.86 21.62 -13.19
N LEU A 3767 -69.32 21.70 -14.45
CA LEU A 3767 -68.44 21.43 -15.59
C LEU A 3767 -67.19 22.33 -15.59
N PHE A 3768 -67.26 23.55 -15.06
CA PHE A 3768 -66.06 24.35 -14.88
C PHE A 3768 -65.08 23.64 -13.95
N GLN A 3769 -65.54 23.32 -12.73
CA GLN A 3769 -64.63 22.64 -11.81
C GLN A 3769 -64.26 21.27 -12.32
N VAL A 3770 -64.88 20.80 -13.38
CA VAL A 3770 -64.30 19.71 -14.12
C VAL A 3770 -63.21 20.20 -15.08
N ASN A 3772 -60.98 23.02 -14.76
CA ASN A 3772 -59.84 23.27 -13.91
C ASN A 3772 -59.67 22.20 -12.84
N GLY A 3773 -60.70 21.38 -12.60
CA GLY A 3773 -60.56 20.15 -11.83
C GLY A 3773 -60.05 18.94 -12.57
N ILE A 3774 -59.77 19.05 -13.86
CA ILE A 3774 -59.05 17.99 -14.57
C ILE A 3774 -57.60 18.41 -14.74
N LEU A 3775 -57.35 19.71 -14.90
CA LEU A 3775 -55.99 20.14 -15.23
C LEU A 3775 -54.94 19.79 -14.18
N ALA A 3776 -55.34 19.09 -13.12
CA ALA A 3776 -54.42 18.45 -12.15
C ALA A 3776 -54.08 17.00 -12.53
N GLN A 3777 -54.02 16.67 -13.82
CA GLN A 3777 -53.26 15.51 -14.29
C GLN A 3777 -52.35 15.85 -15.47
N ASP A 3778 -52.56 16.98 -16.15
CA ASP A 3778 -51.58 17.45 -17.12
C ASP A 3778 -50.43 18.09 -16.37
N SER A 3779 -49.20 17.74 -16.77
CA SER A 3779 -48.04 18.43 -16.25
C SER A 3779 -48.17 19.89 -16.62
N ALA A 3780 -48.07 20.18 -17.91
CA ALA A 3780 -47.94 21.55 -18.38
C ALA A 3780 -49.09 22.43 -17.90
N CYS A 3781 -50.15 21.86 -17.34
CA CYS A 3781 -51.21 22.62 -16.70
C CYS A 3781 -50.87 22.95 -15.26
N SER A 3782 -50.32 21.97 -14.54
CA SER A 3782 -49.75 22.26 -13.24
C SER A 3782 -48.58 23.22 -13.37
N GLN A 3783 -47.68 22.97 -14.33
CA GLN A 3783 -46.40 23.67 -14.42
C GLN A 3783 -46.57 25.18 -14.41
N ARG A 3784 -47.69 25.67 -14.92
CA ARG A 3784 -47.94 27.11 -14.99
C ARG A 3784 -49.09 27.55 -14.06
N ALA A 3785 -49.56 26.65 -13.19
CA ALA A 3785 -50.73 26.88 -12.35
C ALA A 3785 -51.95 27.25 -13.21
N LEU A 3786 -52.25 26.33 -14.13
CA LEU A 3786 -53.29 26.52 -15.15
C LEU A 3786 -54.57 25.85 -14.66
N GLN A 3787 -55.36 26.62 -13.91
CA GLN A 3787 -56.76 26.38 -13.55
C GLN A 3787 -57.51 27.68 -13.83
N LEU A 3788 -58.84 27.67 -13.84
CA LEU A 3788 -59.50 28.97 -13.81
C LEU A 3788 -60.70 28.97 -12.90
N ARG A 3789 -60.92 30.13 -12.26
CA ARG A 3789 -61.73 30.30 -11.07
C ARG A 3789 -63.06 29.57 -11.13
N THR A 3790 -63.49 29.08 -9.98
CA THR A 3790 -64.82 28.59 -9.71
C THR A 3790 -65.50 29.52 -8.70
N TYR A 3791 -66.69 29.12 -8.30
CA TYR A 3791 -67.54 29.78 -7.31
C TYR A 3791 -68.69 28.83 -7.08
N SER A 3792 -69.83 29.33 -6.65
CA SER A 3792 -70.98 28.50 -6.34
C SER A 3792 -72.20 29.10 -7.02
N VAL A 3793 -72.85 28.31 -7.88
CA VAL A 3793 -74.17 28.63 -8.40
C VAL A 3793 -75.19 27.90 -7.53
N VAL A 3794 -76.15 28.65 -7.01
CA VAL A 3794 -77.01 28.17 -5.95
C VAL A 3794 -78.42 27.99 -6.45
N PRO A 3795 -78.77 26.86 -7.03
CA PRO A 3795 -80.07 26.73 -7.70
C PRO A 3795 -81.23 26.49 -6.76
N THR A 3797 -85.25 27.58 -5.61
CA THR A 3797 -86.50 27.08 -6.19
C THR A 3797 -86.47 27.16 -7.72
N SER A 3798 -87.49 26.58 -8.36
CA SER A 3798 -87.52 26.58 -9.82
C SER A 3798 -87.41 27.99 -10.37
N ARG A 3799 -87.65 28.99 -9.54
CA ARG A 3799 -87.74 30.38 -9.95
C ARG A 3799 -86.51 31.19 -9.58
N LEU A 3800 -85.81 30.85 -8.49
CA LEU A 3800 -84.66 31.64 -8.02
C LEU A 3800 -83.47 30.81 -7.57
N GLY A 3801 -82.30 31.40 -7.81
CA GLY A 3801 -81.05 30.90 -7.31
C GLY A 3801 -80.21 32.09 -6.89
N LEU A 3802 -79.08 31.77 -6.22
CA LEU A 3802 -78.16 32.73 -5.64
C LEU A 3802 -76.79 32.42 -6.22
N ILE A 3803 -75.82 33.32 -6.06
CA ILE A 3803 -74.48 32.99 -6.56
C ILE A 3803 -73.42 33.67 -5.70
N GLU A 3804 -72.31 32.96 -5.50
CA GLU A 3804 -71.18 33.48 -4.74
C GLU A 3804 -70.58 34.70 -5.43
N TRP A 3805 -69.89 35.53 -4.64
CA TRP A 3805 -69.43 36.83 -5.12
C TRP A 3805 -68.15 37.24 -4.41
N LEU A 3806 -67.02 37.12 -5.11
CA LEU A 3806 -65.77 37.61 -4.53
C LEU A 3806 -65.73 39.13 -4.58
N GLU A 3807 -65.08 39.72 -3.58
CA GLU A 3807 -64.81 41.15 -3.59
C GLU A 3807 -63.46 41.39 -4.26
N ASN A 3808 -63.25 42.62 -4.73
CA ASN A 3808 -62.06 43.00 -5.50
C ASN A 3808 -62.03 42.26 -6.84
N THR A 3809 -63.17 41.71 -7.24
CA THR A 3809 -63.35 41.23 -8.61
C THR A 3809 -64.44 42.12 -9.21
N VAL A 3810 -64.11 42.76 -10.35
CA VAL A 3810 -64.85 43.91 -10.88
C VAL A 3810 -64.80 43.88 -12.40
N THR A 3811 -65.75 44.59 -13.02
CA THR A 3811 -65.99 44.56 -14.47
C THR A 3811 -65.07 45.58 -15.14
N LEU A 3812 -64.04 45.06 -15.84
CA LEU A 3812 -63.05 45.91 -16.49
C LEU A 3812 -63.70 47.00 -17.28
N LYS A 3813 -64.92 46.76 -17.78
CA LYS A 3813 -65.64 47.81 -18.45
C LYS A 3813 -65.78 48.91 -17.39
N ASP A 3814 -66.53 48.66 -16.31
CA ASP A 3814 -66.83 49.71 -15.35
C ASP A 3814 -65.57 50.42 -14.86
N LEU A 3815 -64.63 49.63 -14.34
CA LEU A 3815 -63.39 50.18 -13.83
C LEU A 3815 -62.64 50.93 -14.91
N LEU A 3816 -62.29 50.24 -15.99
CA LEU A 3816 -61.71 50.87 -17.16
C LEU A 3816 -62.35 52.20 -17.51
N LEU A 3817 -63.68 52.27 -17.47
CA LEU A 3817 -64.38 53.49 -17.85
C LEU A 3817 -64.13 54.60 -16.84
N ASN A 3818 -64.48 54.38 -15.56
CA ASN A 3818 -64.31 55.45 -14.57
C ASN A 3818 -62.83 55.81 -14.37
N THR A 3819 -61.94 54.81 -14.40
CA THR A 3819 -60.52 55.08 -14.16
C THR A 3819 -59.94 55.82 -15.36
N SER A 3821 -61.84 57.83 -16.74
CA SER A 3821 -62.50 59.10 -16.49
C SER A 3821 -61.59 59.99 -15.65
N GLN A 3822 -61.35 59.62 -14.39
CA GLN A 3822 -60.39 60.37 -13.58
C GLN A 3822 -59.01 60.48 -14.23
N GLU A 3823 -58.73 59.72 -15.30
CA GLU A 3823 -57.48 59.95 -16.04
C GLU A 3823 -57.65 60.77 -17.33
N GLU A 3824 -58.62 60.46 -18.17
CA GLU A 3824 -58.79 61.12 -19.47
C GLU A 3824 -60.01 62.04 -19.44
N LYS A 3825 -59.75 63.34 -19.25
CA LYS A 3825 -60.74 64.42 -19.17
C LYS A 3825 -61.63 64.25 -17.95
N ALA A 3826 -62.41 65.28 -17.60
CA ALA A 3826 -63.28 65.20 -16.44
C ALA A 3826 -64.26 64.06 -16.64
N ALA A 3827 -65.32 64.31 -17.40
CA ALA A 3827 -66.16 63.25 -17.93
C ALA A 3827 -66.44 63.39 -19.43
N TYR A 3828 -66.20 64.56 -20.03
CA TYR A 3828 -66.50 64.82 -21.43
C TYR A 3828 -66.06 63.66 -22.31
N LEU A 3829 -64.75 63.47 -22.41
CA LEU A 3829 -64.19 62.39 -23.22
C LEU A 3829 -64.78 62.48 -24.63
N SER A 3830 -64.94 61.35 -25.31
CA SER A 3830 -65.64 61.36 -26.58
C SER A 3830 -66.93 60.56 -26.60
N ASP A 3831 -67.05 59.54 -25.74
CA ASP A 3831 -68.10 58.52 -25.68
C ASP A 3831 -69.53 59.02 -25.91
N PRO A 3832 -69.90 60.28 -25.58
CA PRO A 3832 -71.25 60.74 -25.97
C PRO A 3832 -71.36 61.59 -27.24
N ARG A 3833 -70.27 62.10 -27.82
CA ARG A 3833 -70.37 62.83 -29.08
C ARG A 3833 -70.35 61.90 -30.30
N ALA A 3834 -69.15 61.52 -30.70
CA ALA A 3834 -68.89 60.95 -32.00
C ALA A 3834 -67.86 59.81 -32.09
N PRO A 3835 -67.74 58.88 -31.14
CA PRO A 3835 -67.08 57.60 -31.46
C PRO A 3835 -68.09 56.45 -31.59
N PRO A 3836 -68.60 55.83 -30.51
CA PRO A 3836 -69.50 54.69 -30.74
C PRO A 3836 -70.94 55.09 -31.05
N CYS A 3837 -71.29 56.37 -30.90
CA CYS A 3837 -72.54 56.86 -31.47
C CYS A 3837 -72.34 57.15 -32.94
N GLU A 3838 -71.28 57.89 -33.27
CA GLU A 3838 -70.99 58.18 -34.67
C GLU A 3838 -70.80 56.89 -35.47
N TYR A 3839 -70.06 55.93 -34.93
CA TYR A 3839 -69.84 54.70 -35.69
C TYR A 3839 -71.12 53.95 -35.96
N LYS A 3840 -71.99 53.81 -34.95
CA LYS A 3840 -73.25 53.10 -35.14
C LYS A 3840 -74.16 53.83 -36.13
N ASP A 3841 -74.20 55.17 -36.05
CA ASP A 3841 -74.92 55.98 -37.03
C ASP A 3841 -74.39 55.72 -38.42
N TRP A 3842 -73.08 55.55 -38.53
CA TRP A 3842 -72.47 55.26 -39.82
C TRP A 3842 -72.89 53.90 -40.33
N LEU A 3843 -72.92 52.90 -39.46
CA LEU A 3843 -73.43 51.60 -39.90
C LEU A 3843 -74.89 51.67 -40.35
N THR A 3844 -75.75 52.48 -39.68
CA THR A 3844 -77.13 52.59 -40.18
C THR A 3844 -77.17 53.25 -41.55
N LYS A 3845 -76.34 54.28 -41.76
CA LYS A 3845 -76.27 54.85 -43.09
C LYS A 3845 -75.49 53.97 -44.06
N SER A 3847 -76.57 50.46 -44.57
CA SER A 3847 -77.40 49.32 -44.99
C SER A 3847 -78.63 49.81 -45.64
N GLY A 3848 -79.78 49.88 -44.97
CA GLY A 3848 -80.97 50.32 -45.64
C GLY A 3848 -81.52 51.54 -44.94
N LYS A 3849 -81.99 51.36 -43.70
CA LYS A 3849 -82.65 52.44 -42.99
C LYS A 3849 -82.19 52.47 -41.53
N HIS A 3850 -82.91 51.74 -40.67
CA HIS A 3850 -82.66 51.74 -39.23
C HIS A 3850 -81.49 50.84 -38.86
N ASP A 3851 -81.50 50.32 -37.63
CA ASP A 3851 -80.45 49.41 -37.21
C ASP A 3851 -80.90 47.96 -37.06
N VAL A 3852 -82.19 47.70 -36.88
CA VAL A 3852 -82.65 46.35 -36.63
C VAL A 3852 -82.27 45.39 -37.75
N GLY A 3853 -81.78 45.91 -38.87
CA GLY A 3853 -81.38 45.11 -40.01
C GLY A 3853 -79.88 45.02 -40.24
N ALA A 3854 -79.40 45.55 -41.38
CA ALA A 3854 -77.99 45.64 -41.75
C ALA A 3854 -77.38 44.27 -41.98
N TYR A 3855 -78.11 43.24 -41.56
CA TYR A 3855 -77.70 41.84 -41.71
C TYR A 3855 -77.77 41.34 -43.14
N LEU A 3857 -77.43 43.30 -45.43
CA LEU A 3857 -76.32 44.08 -45.99
C LEU A 3857 -74.98 43.50 -45.57
N TYR A 3859 -71.71 44.58 -46.57
CA TYR A 3859 -70.89 44.31 -47.74
C TYR A 3859 -69.62 45.17 -47.73
N LYS A 3860 -68.87 45.08 -48.84
CA LYS A 3860 -67.60 45.77 -49.03
C LYS A 3860 -66.54 45.18 -48.12
N GLY A 3861 -65.37 44.91 -48.66
CA GLY A 3861 -64.31 44.36 -47.85
C GLY A 3861 -63.29 45.44 -47.53
N ALA A 3862 -63.27 46.50 -48.36
CA ALA A 3862 -62.34 47.61 -48.15
C ALA A 3862 -62.86 48.59 -47.10
N ASN A 3863 -64.13 48.96 -47.21
CA ASN A 3863 -64.72 49.88 -46.24
C ASN A 3863 -64.69 49.30 -44.84
N ARG A 3864 -64.80 47.97 -44.73
CA ARG A 3864 -64.61 47.30 -43.44
C ARG A 3864 -63.28 47.69 -42.80
N THR A 3865 -62.20 47.57 -43.58
CA THR A 3865 -60.90 48.00 -43.09
C THR A 3865 -60.88 49.48 -42.82
N GLU A 3866 -61.80 50.25 -43.42
CA GLU A 3866 -61.82 51.66 -43.07
C GLU A 3866 -62.48 51.87 -41.71
N THR A 3867 -63.52 51.09 -41.41
CA THR A 3867 -64.19 51.23 -40.12
C THR A 3867 -63.28 50.82 -38.97
N VAL A 3868 -62.69 49.62 -39.08
CA VAL A 3868 -61.82 49.14 -38.01
C VAL A 3868 -60.49 49.91 -37.96
N THR A 3869 -59.97 50.37 -39.10
CA THR A 3869 -58.77 51.21 -39.03
C THR A 3869 -59.06 52.49 -38.27
N SER A 3870 -60.09 53.23 -38.71
CA SER A 3870 -60.43 54.50 -38.06
C SER A 3870 -60.71 54.30 -36.57
N PHE A 3871 -61.87 53.70 -36.28
CA PHE A 3871 -62.28 53.64 -34.88
C PHE A 3871 -61.35 52.76 -34.05
N ARG A 3872 -60.95 51.60 -34.59
CA ARG A 3872 -60.01 50.76 -33.85
C ARG A 3872 -58.78 51.57 -33.43
N LYS A 3873 -58.08 52.18 -34.38
CA LYS A 3873 -56.88 52.94 -34.02
C LYS A 3873 -57.19 54.03 -32.99
N ARG A 3874 -58.08 54.98 -33.32
CA ARG A 3874 -58.28 56.08 -32.37
C ARG A 3874 -58.80 55.61 -31.02
N GLU A 3875 -60.06 55.15 -31.03
CA GLU A 3875 -60.73 54.67 -29.83
C GLU A 3875 -59.81 53.70 -29.12
N SER A 3876 -59.56 52.53 -29.71
CA SER A 3876 -58.85 51.45 -29.04
C SER A 3876 -57.51 51.90 -28.45
N LYS A 3877 -56.75 52.72 -29.18
CA LYS A 3877 -55.48 53.19 -28.62
C LYS A 3877 -55.71 53.98 -27.33
N VAL A 3878 -56.81 54.71 -27.20
CA VAL A 3878 -57.07 55.46 -25.95
C VAL A 3878 -57.00 54.56 -24.71
N PRO A 3879 -57.83 53.53 -24.59
CA PRO A 3879 -57.84 52.74 -23.35
C PRO A 3879 -56.83 51.60 -23.32
N ALA A 3880 -56.01 51.45 -24.37
CA ALA A 3880 -54.70 50.85 -24.17
C ALA A 3880 -53.97 51.60 -23.07
N ASP A 3881 -53.79 52.91 -23.27
CA ASP A 3881 -53.17 53.75 -22.25
C ASP A 3881 -53.96 53.70 -20.95
N LEU A 3882 -55.28 53.70 -21.02
CA LEU A 3882 -56.04 53.66 -19.76
C LEU A 3882 -55.97 52.31 -19.04
N LEU A 3883 -55.88 51.19 -19.75
CA LEU A 3883 -55.78 49.90 -19.06
C LEU A 3883 -54.38 49.69 -18.48
N LYS A 3884 -53.34 49.89 -19.31
CA LYS A 3884 -51.99 49.88 -18.75
C LYS A 3884 -51.90 50.86 -17.59
N ARG A 3885 -52.63 51.97 -17.68
CA ARG A 3885 -52.58 53.00 -16.65
C ARG A 3885 -53.35 52.56 -15.42
N ALA A 3886 -54.35 51.71 -15.60
CA ALA A 3886 -55.11 51.19 -14.47
C ALA A 3886 -54.27 50.15 -13.73
N PHE A 3887 -53.63 49.24 -14.48
CA PHE A 3887 -52.71 48.28 -13.88
C PHE A 3887 -51.56 48.96 -13.13
N VAL A 3888 -50.85 49.88 -13.77
CA VAL A 3888 -49.73 50.50 -13.09
C VAL A 3888 -50.21 51.47 -12.04
N ARG A 3889 -51.41 52.00 -12.20
CA ARG A 3889 -52.03 52.78 -11.14
C ARG A 3889 -52.44 51.89 -9.97
N SER A 3891 -50.90 49.07 -9.16
CA SER A 3891 -49.68 48.44 -8.68
C SER A 3891 -48.75 49.57 -8.27
N THR A 3892 -48.82 49.94 -6.99
CA THR A 3892 -47.96 50.98 -6.42
C THR A 3892 -46.54 50.72 -6.90
N SER A 3893 -46.11 49.50 -6.72
CA SER A 3893 -44.85 48.97 -7.18
C SER A 3893 -44.83 49.08 -8.69
N PRO A 3894 -43.97 49.92 -9.24
CA PRO A 3894 -43.89 50.06 -10.69
C PRO A 3894 -43.61 48.75 -11.40
N GLU A 3895 -43.11 47.76 -10.66
CA GLU A 3895 -42.81 46.43 -11.20
C GLU A 3895 -44.00 45.47 -11.12
N ALA A 3896 -44.84 45.55 -10.08
CA ALA A 3896 -45.91 44.56 -9.92
C ALA A 3896 -46.91 44.65 -11.04
N PHE A 3897 -47.07 45.83 -11.62
CA PHE A 3897 -47.84 45.98 -12.85
C PHE A 3897 -47.45 44.92 -13.89
N LEU A 3898 -46.17 44.93 -14.30
CA LEU A 3898 -45.66 43.89 -15.19
C LEU A 3898 -45.52 42.53 -14.52
N ALA A 3899 -45.58 42.45 -13.19
CA ALA A 3899 -45.68 41.14 -12.56
C ALA A 3899 -47.04 40.50 -12.79
N LEU A 3900 -48.11 41.26 -12.55
CA LEU A 3900 -49.48 40.76 -12.44
C LEU A 3900 -50.14 40.66 -13.79
N ARG A 3901 -49.66 41.44 -14.77
CA ARG A 3901 -50.06 41.21 -16.15
C ARG A 3901 -49.99 39.73 -16.51
N SER A 3902 -49.08 38.97 -15.91
CA SER A 3902 -48.98 37.56 -16.21
C SER A 3902 -50.23 36.80 -15.79
N HIS A 3903 -50.82 37.18 -14.65
CA HIS A 3903 -51.99 36.46 -14.17
C HIS A 3903 -53.28 36.97 -14.81
N PHE A 3904 -53.35 38.26 -15.14
CA PHE A 3904 -54.37 38.77 -16.08
C PHE A 3904 -54.36 38.00 -17.40
N ALA A 3905 -53.19 37.87 -18.01
CA ALA A 3905 -53.06 37.21 -19.30
C ALA A 3905 -53.45 35.75 -19.18
N SER A 3906 -52.68 35.00 -18.39
CA SER A 3906 -52.97 33.60 -18.12
C SER A 3906 -54.47 33.39 -17.94
N SER A 3907 -55.09 34.19 -17.07
CA SER A 3907 -56.54 34.14 -16.94
C SER A 3907 -57.19 34.22 -18.31
N HIS A 3908 -56.74 35.16 -19.13
CA HIS A 3908 -57.42 35.36 -20.41
C HIS A 3908 -57.30 34.14 -21.32
N ALA A 3909 -56.09 33.64 -21.57
CA ALA A 3909 -55.99 32.44 -22.40
C ALA A 3909 -56.89 31.33 -21.88
N LEU A 3910 -57.01 31.25 -20.56
CA LEU A 3910 -57.80 30.21 -19.94
C LEU A 3910 -59.29 30.39 -20.21
N ILE A 3911 -59.78 31.64 -20.12
CA ILE A 3911 -61.18 31.92 -20.43
C ILE A 3911 -61.50 31.72 -21.92
N CYS A 3912 -60.54 32.00 -22.79
CA CYS A 3912 -60.85 31.98 -24.20
C CYS A 3912 -60.94 30.54 -24.70
N ILE A 3913 -60.03 29.68 -24.28
CA ILE A 3913 -60.32 28.27 -24.51
C ILE A 3913 -61.60 27.87 -23.80
N SER A 3914 -61.85 28.41 -22.60
CA SER A 3914 -63.09 28.06 -21.88
C SER A 3914 -64.33 28.29 -22.73
N HIS A 3915 -64.28 29.27 -23.61
CA HIS A 3915 -65.42 29.58 -24.47
C HIS A 3915 -65.43 28.76 -25.76
N TRP A 3916 -64.29 28.67 -26.47
CA TRP A 3916 -64.18 27.75 -27.60
C TRP A 3916 -64.74 26.39 -27.17
N ILE A 3917 -64.64 26.08 -25.88
CA ILE A 3917 -65.37 24.93 -25.36
C ILE A 3917 -66.85 25.07 -25.67
N LEU A 3918 -67.45 26.24 -25.46
CA LEU A 3918 -68.86 26.36 -25.84
C LEU A 3918 -69.28 27.82 -25.80
N GLY A 3919 -70.28 28.12 -26.63
CA GLY A 3919 -70.69 29.46 -27.03
C GLY A 3919 -70.58 30.57 -26.02
N ILE A 3920 -70.20 31.77 -26.50
CA ILE A 3920 -69.97 32.94 -25.65
C ILE A 3920 -70.91 34.07 -26.08
N GLY A 3921 -72.14 34.05 -25.57
CA GLY A 3921 -73.15 35.01 -25.96
C GLY A 3921 -73.93 35.55 -24.77
N ASP A 3922 -74.56 36.70 -25.00
CA ASP A 3922 -74.95 37.67 -23.97
C ASP A 3922 -73.68 38.17 -23.32
N ARG A 3923 -72.55 37.66 -23.78
CA ARG A 3923 -71.29 37.79 -23.05
C ARG A 3923 -70.62 39.02 -23.60
N HIS A 3924 -71.01 40.16 -23.05
CA HIS A 3924 -70.49 41.44 -23.48
C HIS A 3924 -69.14 41.64 -22.83
N LEU A 3925 -68.47 42.74 -23.18
CA LEU A 3925 -67.32 43.08 -22.36
C LEU A 3925 -67.74 43.25 -20.91
N ASN A 3926 -69.03 43.44 -20.65
CA ASN A 3926 -69.46 43.57 -19.27
C ASN A 3926 -69.66 42.21 -18.62
N ASN A 3927 -69.43 41.12 -19.35
CA ASN A 3927 -69.76 39.79 -18.87
C ASN A 3927 -68.57 38.90 -18.55
N PHE A 3928 -67.38 39.18 -19.10
CA PHE A 3928 -66.18 38.65 -18.45
C PHE A 3928 -65.68 39.74 -17.51
N VAL A 3930 -62.86 41.05 -14.47
CA VAL A 3930 -61.49 40.89 -13.98
C VAL A 3930 -61.50 40.96 -12.46
N ALA A 3931 -60.51 40.30 -11.87
CA ALA A 3931 -60.27 40.34 -10.44
C ALA A 3931 -59.00 41.15 -10.23
N GLU A 3933 -57.46 41.44 -7.21
CA GLU A 3933 -56.63 40.63 -6.32
C GLU A 3933 -55.40 40.17 -7.10
N THR A 3934 -55.40 38.94 -7.48
CA THR A 3934 -54.34 38.49 -8.32
C THR A 3934 -54.38 39.09 -9.73
N GLY A 3935 -55.17 40.16 -9.93
CA GLY A 3935 -55.33 40.81 -11.23
C GLY A 3935 -55.53 39.84 -12.37
N GLY A 3936 -56.46 38.91 -12.19
CA GLY A 3936 -56.72 37.89 -13.18
C GLY A 3936 -58.22 37.70 -13.27
N VAL A 3937 -58.67 37.24 -14.42
CA VAL A 3937 -60.04 37.43 -14.87
C VAL A 3937 -60.82 36.15 -14.65
N ILE A 3938 -62.14 36.31 -14.62
CA ILE A 3938 -63.08 35.24 -14.29
C ILE A 3938 -64.36 35.50 -15.08
N GLY A 3939 -64.97 34.42 -15.56
CA GLY A 3939 -66.07 34.56 -16.51
C GLY A 3939 -67.38 34.05 -15.98
N ILE A 3940 -68.35 34.95 -15.87
CA ILE A 3940 -69.55 34.68 -15.09
C ILE A 3940 -70.81 34.40 -15.92
N ASP A 3941 -70.86 34.77 -17.19
CA ASP A 3941 -72.14 34.69 -17.90
C ASP A 3941 -72.34 33.34 -18.60
N PHE A 3942 -73.60 32.86 -18.62
CA PHE A 3942 -73.92 31.56 -19.19
C PHE A 3942 -75.27 31.51 -19.89
N GLY A 3943 -75.87 32.66 -20.20
CA GLY A 3943 -77.08 32.66 -20.99
C GLY A 3943 -76.95 31.77 -22.22
N HIS A 3944 -75.86 31.92 -22.97
CA HIS A 3944 -75.79 31.46 -24.35
C HIS A 3944 -74.73 30.36 -24.45
N ALA A 3945 -75.18 29.14 -24.73
CA ALA A 3945 -74.36 27.95 -24.66
C ALA A 3945 -74.33 27.27 -26.02
N PHE A 3946 -73.12 26.95 -26.48
CA PHE A 3946 -72.88 26.26 -27.74
C PHE A 3946 -73.23 27.14 -28.93
N GLY A 3947 -74.25 26.73 -29.67
CA GLY A 3947 -74.72 27.42 -30.85
C GLY A 3947 -75.47 28.71 -30.56
N SER A 3948 -76.54 28.60 -29.75
CA SER A 3948 -77.47 29.70 -29.47
C SER A 3948 -76.72 31.01 -29.24
N ALA A 3949 -75.52 30.90 -28.65
CA ALA A 3949 -74.63 32.04 -28.58
C ALA A 3949 -74.46 32.66 -29.95
N THR A 3950 -74.04 31.86 -30.91
CA THR A 3950 -73.73 32.36 -32.23
C THR A 3950 -74.87 32.18 -33.23
N GLN A 3951 -75.71 31.16 -33.02
CA GLN A 3951 -76.67 30.71 -34.01
C GLN A 3951 -77.89 31.62 -34.14
N PHE A 3952 -78.52 31.95 -33.01
CA PHE A 3952 -79.83 32.61 -33.01
C PHE A 3952 -79.89 33.79 -33.97
N LEU A 3953 -80.94 33.81 -34.79
CA LEU A 3953 -81.12 34.87 -35.79
C LEU A 3953 -81.27 36.26 -35.20
N PRO A 3954 -82.07 36.51 -34.15
CA PRO A 3954 -82.32 37.91 -33.74
C PRO A 3954 -81.07 38.70 -33.43
N VAL A 3955 -80.09 38.05 -32.80
CA VAL A 3955 -78.75 38.59 -32.66
C VAL A 3955 -77.78 37.64 -33.35
N PRO A 3956 -77.22 38.03 -34.48
CA PRO A 3956 -76.27 37.14 -35.16
C PRO A 3956 -74.82 37.39 -34.76
N GLU A 3957 -74.28 36.47 -33.96
CA GLU A 3957 -72.99 36.61 -33.31
C GLU A 3957 -72.11 35.46 -33.77
N LEU A 3958 -70.79 35.68 -33.75
CA LEU A 3958 -69.82 34.59 -33.93
C LEU A 3958 -68.40 35.10 -33.72
N PRO A 3960 -64.71 33.28 -31.29
CA PRO A 3960 -64.32 32.24 -30.31
C PRO A 3960 -64.33 32.72 -28.86
N PHE A 3961 -64.10 34.02 -28.60
CA PHE A 3961 -63.86 34.53 -27.26
C PHE A 3961 -63.66 36.04 -27.28
N ARG A 3962 -64.06 36.76 -26.24
CA ARG A 3962 -64.02 38.21 -26.36
C ARG A 3962 -62.60 38.77 -26.43
N LEU A 3963 -62.04 38.82 -27.63
CA LEU A 3963 -60.77 39.49 -27.92
C LEU A 3963 -60.96 40.96 -28.33
N THR A 3964 -61.69 41.76 -27.52
CA THR A 3964 -61.91 43.21 -27.75
C THR A 3964 -60.56 43.88 -27.94
N ARG A 3965 -60.47 45.11 -28.45
CA ARG A 3965 -59.12 45.49 -28.89
C ARG A 3965 -58.18 45.86 -27.72
N GLN A 3966 -58.58 46.82 -26.88
CA GLN A 3966 -57.70 47.36 -25.83
C GLN A 3966 -57.05 46.29 -24.96
N PHE A 3967 -57.68 45.12 -24.84
CA PHE A 3967 -57.12 44.03 -24.06
C PHE A 3967 -55.80 43.54 -24.68
N ILE A 3968 -55.79 43.26 -25.99
CA ILE A 3968 -54.55 42.82 -26.59
C ILE A 3968 -53.65 44.02 -26.84
N ASN A 3969 -54.19 45.23 -26.69
CA ASN A 3969 -53.29 46.38 -26.66
C ASN A 3969 -52.47 46.38 -25.38
N LEU A 3970 -53.05 45.91 -24.27
CA LEU A 3970 -52.38 46.00 -22.96
C LEU A 3970 -51.21 45.01 -22.82
N LEU A 3972 -48.00 43.98 -23.77
CA LEU A 3972 -47.00 44.87 -24.35
C LEU A 3972 -46.91 44.58 -25.84
N PRO A 3973 -46.22 45.39 -26.64
CA PRO A 3973 -45.98 44.99 -28.05
C PRO A 3973 -45.56 43.55 -28.25
N LYS A 3975 -47.24 39.68 -29.62
CA LYS A 3975 -46.12 38.74 -29.85
C LYS A 3975 -46.17 37.61 -28.81
N GLU A 3976 -45.88 37.91 -27.53
CA GLU A 3976 -46.06 36.94 -26.44
C GLU A 3976 -47.50 36.45 -26.31
N THR A 3977 -48.48 37.24 -26.78
CA THR A 3977 -49.81 36.75 -27.08
C THR A 3977 -49.75 35.52 -28.00
N GLY A 3978 -49.22 35.71 -29.22
CA GLY A 3978 -49.09 34.65 -30.22
C GLY A 3978 -48.37 33.40 -29.75
N LEU A 3979 -47.99 33.36 -28.45
CA LEU A 3979 -47.46 32.16 -27.78
C LEU A 3979 -48.06 31.87 -26.43
N TYR A 3981 -50.73 31.56 -26.74
CA TYR A 3981 -50.95 30.44 -27.65
C TYR A 3981 -50.55 29.10 -27.06
N SER A 3982 -49.30 28.98 -26.58
CA SER A 3982 -48.84 27.74 -25.97
C SER A 3982 -49.68 27.37 -24.75
N ILE A 3983 -50.10 28.38 -23.99
CA ILE A 3983 -51.02 28.14 -22.88
C ILE A 3983 -52.28 27.47 -23.40
N VAL A 3985 -52.66 25.82 -26.08
CA VAL A 3985 -52.39 24.50 -26.68
C VAL A 3985 -52.32 23.43 -25.59
N HIS A 3986 -51.38 23.56 -24.65
CA HIS A 3986 -51.31 22.60 -23.55
C HIS A 3986 -52.67 22.45 -22.89
N ALA A 3987 -53.35 23.57 -22.66
CA ALA A 3987 -54.76 23.56 -22.28
C ALA A 3987 -55.56 22.63 -23.18
N LEU A 3988 -55.47 22.84 -24.49
CA LEU A 3988 -56.30 22.11 -25.43
C LEU A 3988 -56.06 20.61 -25.28
N ARG A 3989 -54.83 20.16 -25.53
CA ARG A 3989 -54.51 18.73 -25.44
C ARG A 3989 -54.94 18.18 -24.09
N ALA A 3990 -54.84 19.00 -23.05
CA ALA A 3990 -55.33 18.58 -21.74
C ALA A 3990 -56.80 18.21 -21.83
N PHE A 3991 -57.63 19.10 -22.38
CA PHE A 3991 -59.01 18.72 -22.68
C PHE A 3991 -59.06 17.42 -23.49
N ARG A 3992 -58.25 17.36 -24.55
CA ARG A 3992 -58.50 16.46 -25.67
C ARG A 3992 -58.50 14.99 -25.25
N SER A 3993 -57.39 14.54 -24.67
CA SER A 3993 -57.07 13.13 -24.52
C SER A 3993 -58.23 12.24 -24.06
N ASP A 3994 -59.03 12.69 -23.07
CA ASP A 3994 -60.09 11.83 -22.56
C ASP A 3994 -61.45 12.25 -23.11
N PRO A 3995 -62.02 11.53 -24.09
CA PRO A 3995 -63.32 11.97 -24.67
C PRO A 3995 -64.49 11.69 -23.74
N GLY A 3996 -64.44 10.55 -23.04
CA GLY A 3996 -65.56 10.05 -22.28
C GLY A 3996 -66.18 11.02 -21.28
N LEU A 3997 -65.38 11.48 -20.31
CA LEU A 3997 -65.88 12.32 -19.24
C LEU A 3997 -66.60 13.54 -19.77
N LEU A 3998 -65.82 14.42 -20.42
CA LEU A 3998 -66.37 15.64 -20.97
C LEU A 3998 -67.58 15.35 -21.85
N THR A 3999 -67.47 14.33 -22.72
CA THR A 3999 -68.58 13.89 -23.54
C THR A 3999 -69.85 13.74 -22.71
N ASN A 4000 -69.87 12.77 -21.78
CA ASN A 4000 -71.00 12.56 -20.86
C ASN A 4000 -71.52 13.86 -20.25
N THR A 4001 -70.63 14.55 -19.52
CA THR A 4001 -70.95 15.80 -18.84
C THR A 4001 -71.80 16.69 -19.74
N ASP A 4003 -73.24 15.96 -22.46
CA ASP A 4003 -74.45 15.29 -22.96
C ASP A 4003 -75.62 15.53 -22.03
N VAL A 4004 -75.53 15.04 -20.79
CA VAL A 4004 -76.67 15.26 -19.93
C VAL A 4004 -76.85 16.75 -19.64
N PHE A 4005 -75.82 17.58 -19.84
CA PHE A 4005 -76.12 18.98 -19.61
C PHE A 4005 -76.93 19.61 -20.75
N VAL A 4006 -76.62 19.31 -22.02
CA VAL A 4006 -77.43 19.90 -23.09
C VAL A 4006 -78.81 19.29 -23.09
N LYS A 4007 -78.87 17.97 -23.03
CA LYS A 4007 -80.15 17.28 -23.13
C LYS A 4007 -81.02 17.56 -21.91
N GLU A 4008 -80.41 17.64 -20.73
CA GLU A 4008 -81.19 17.61 -19.50
C GLU A 4008 -82.09 18.82 -19.33
N PRO A 4009 -81.58 20.04 -19.21
CA PRO A 4009 -82.42 21.13 -18.72
C PRO A 4009 -83.36 21.54 -19.84
N SER A 4010 -84.64 21.67 -19.50
CA SER A 4010 -85.51 22.37 -20.42
C SER A 4010 -84.91 23.73 -20.72
N PHE A 4011 -84.22 24.31 -19.74
CA PHE A 4011 -83.59 25.62 -19.86
C PHE A 4011 -82.30 25.61 -20.68
N ASP A 4012 -82.26 24.79 -21.73
CA ASP A 4012 -81.13 24.75 -22.65
C ASP A 4012 -81.58 24.47 -24.07
N TRP A 4013 -82.81 23.99 -24.26
CA TRP A 4013 -83.33 23.82 -25.61
C TRP A 4013 -84.84 23.97 -25.64
N LYS A 4014 -85.54 23.31 -24.70
CA LYS A 4014 -86.98 23.45 -24.57
C LYS A 4014 -87.36 24.74 -23.86
N ASN A 4015 -86.44 25.32 -23.09
CA ASN A 4015 -86.62 26.62 -22.46
C ASN A 4015 -85.43 27.52 -22.74
N PHE A 4016 -84.49 27.11 -23.60
CA PHE A 4016 -83.56 28.10 -24.14
C PHE A 4016 -84.30 29.21 -24.85
N GLU A 4017 -85.40 28.86 -25.55
CA GLU A 4017 -86.40 29.86 -25.90
C GLU A 4017 -86.71 30.72 -24.67
N GLN A 4018 -87.18 30.08 -23.60
CA GLN A 4018 -87.53 30.81 -22.39
C GLN A 4018 -86.39 31.67 -21.89
N LYS A 4019 -85.16 31.18 -22.00
CA LYS A 4019 -84.02 31.96 -21.54
C LYS A 4019 -83.86 33.24 -22.37
N LEU A 4021 -85.65 34.67 -24.64
CA LEU A 4021 -86.81 35.54 -24.64
C LEU A 4021 -86.91 36.29 -23.32
N LYS A 4022 -86.64 35.60 -22.20
CA LYS A 4022 -86.66 36.26 -20.91
C LYS A 4022 -85.70 37.44 -20.88
N LYS A 4023 -84.55 37.29 -21.55
CA LYS A 4023 -83.60 38.39 -21.61
C LYS A 4023 -84.13 39.61 -22.36
N GLY A 4024 -84.40 39.44 -23.65
CA GLY A 4024 -84.79 40.57 -24.48
C GLY A 4024 -85.88 40.16 -25.47
N GLY A 4025 -86.70 41.15 -25.84
CA GLY A 4025 -87.86 40.85 -26.67
C GLY A 4025 -87.52 40.52 -28.11
N SER A 4026 -86.56 41.24 -28.71
CA SER A 4026 -86.31 41.10 -30.15
C SER A 4026 -86.12 39.65 -30.58
N TRP A 4027 -85.72 38.79 -29.66
CA TRP A 4027 -85.58 37.39 -29.99
C TRP A 4027 -86.94 36.74 -30.22
N ILE A 4028 -87.95 37.16 -29.45
CA ILE A 4028 -89.17 36.37 -29.25
C ILE A 4028 -89.90 36.11 -30.56
N GLN A 4029 -89.86 37.04 -31.51
CA GLN A 4029 -90.63 36.84 -32.74
C GLN A 4029 -89.91 35.95 -33.75
N GLU A 4030 -88.59 35.97 -33.78
CA GLU A 4030 -87.87 35.22 -34.82
C GLU A 4030 -87.68 33.75 -34.45
N ILE A 4031 -87.44 33.48 -33.16
CA ILE A 4031 -87.17 32.16 -32.62
C ILE A 4031 -88.24 31.17 -33.06
N ASN A 4032 -89.47 31.42 -32.63
CA ASN A 4032 -90.58 30.50 -32.88
C ASN A 4032 -90.68 30.14 -34.36
N VAL A 4033 -90.72 31.15 -35.23
CA VAL A 4033 -90.85 30.89 -36.66
C VAL A 4033 -89.59 30.23 -37.20
N ALA A 4034 -88.46 30.41 -36.52
CA ALA A 4034 -87.29 29.61 -36.83
C ALA A 4034 -87.37 28.23 -36.18
N GLU A 4035 -87.91 28.15 -34.97
CA GLU A 4035 -87.96 26.88 -34.24
C GLU A 4035 -89.35 26.26 -34.30
N LYS A 4036 -89.76 25.96 -35.52
CA LYS A 4036 -90.91 25.11 -35.76
C LYS A 4036 -90.43 23.70 -36.08
N ASN A 4037 -90.85 22.72 -35.26
CA ASN A 4037 -90.50 21.31 -35.43
C ASN A 4037 -89.00 21.06 -35.45
N TRP A 4038 -88.25 21.80 -34.62
CA TRP A 4038 -86.80 21.73 -34.68
C TRP A 4038 -86.18 21.54 -33.29
N TYR A 4039 -85.22 20.62 -33.18
CA TYR A 4039 -84.65 20.16 -31.91
C TYR A 4039 -83.13 20.41 -31.85
N PRO A 4040 -82.61 21.18 -30.87
CA PRO A 4040 -81.17 21.49 -30.84
C PRO A 4040 -80.29 20.63 -29.94
N ARG A 4041 -80.69 19.38 -29.68
CA ARG A 4041 -80.01 18.56 -28.67
C ARG A 4041 -78.80 17.79 -29.22
N GLN A 4042 -79.06 16.58 -29.71
CA GLN A 4042 -77.99 15.65 -30.08
C GLN A 4042 -77.08 16.19 -31.16
N LYS A 4043 -77.54 17.17 -31.95
CA LYS A 4043 -76.67 17.73 -32.99
C LYS A 4043 -75.74 18.80 -32.45
N ILE A 4044 -76.26 19.75 -31.67
CA ILE A 4044 -75.37 20.66 -30.97
C ILE A 4044 -74.26 19.86 -30.28
N CYS A 4045 -74.65 18.78 -29.59
CA CYS A 4045 -73.64 17.94 -28.95
C CYS A 4045 -72.70 17.34 -29.98
N TYR A 4046 -73.23 16.68 -31.02
CA TYR A 4046 -72.35 15.97 -31.94
C TYR A 4046 -71.38 16.92 -32.61
N ALA A 4047 -71.89 18.07 -33.08
CA ALA A 4047 -71.06 19.12 -33.63
C ALA A 4047 -69.94 19.50 -32.69
N LYS A 4048 -70.25 19.68 -31.42
CA LYS A 4048 -69.25 20.14 -30.47
C LYS A 4048 -68.27 19.03 -30.04
N ARG A 4049 -68.72 17.81 -29.79
CA ARG A 4049 -67.78 16.72 -29.56
C ARG A 4049 -66.82 16.62 -30.74
N LYS A 4050 -67.37 16.77 -31.94
CA LYS A 4050 -66.55 16.96 -33.12
C LYS A 4050 -65.62 18.16 -32.95
N LEU A 4051 -66.07 19.19 -32.23
CA LEU A 4051 -65.23 20.33 -31.92
C LEU A 4051 -64.06 19.93 -31.03
N ALA A 4052 -64.27 18.93 -30.17
CA ALA A 4052 -63.12 18.30 -29.53
C ALA A 4052 -62.25 17.62 -30.55
N GLY A 4053 -62.85 16.94 -31.51
CA GLY A 4053 -62.09 16.14 -32.45
C GLY A 4053 -61.05 16.89 -33.26
N ALA A 4054 -61.46 17.61 -34.31
CA ALA A 4054 -60.48 18.30 -35.14
C ALA A 4054 -61.11 19.37 -36.03
N ASN A 4055 -62.24 19.90 -35.59
CA ASN A 4055 -62.93 20.95 -36.33
C ASN A 4055 -62.07 22.20 -36.29
N PRO A 4056 -61.56 22.66 -37.40
CA PRO A 4056 -60.61 23.79 -37.36
C PRO A 4056 -61.29 25.11 -37.69
N ALA A 4057 -60.56 26.22 -37.54
CA ALA A 4057 -61.02 27.54 -37.96
C ALA A 4057 -62.41 27.90 -37.45
N VAL A 4058 -62.93 27.14 -36.48
CA VAL A 4058 -64.35 27.20 -36.10
C VAL A 4058 -65.14 26.77 -37.32
N ILE A 4059 -64.43 26.27 -38.34
CA ILE A 4059 -64.91 26.30 -39.73
C ILE A 4059 -66.19 25.49 -39.87
N THR A 4060 -66.21 24.29 -39.29
CA THR A 4060 -67.39 23.44 -39.34
C THR A 4060 -68.48 23.94 -38.40
N CYS A 4061 -68.10 24.50 -37.25
CA CYS A 4061 -69.05 25.19 -36.38
C CYS A 4061 -69.73 26.33 -37.11
N ASP A 4062 -68.93 27.21 -37.72
CA ASP A 4062 -69.45 28.27 -38.57
C ASP A 4062 -70.50 27.72 -39.51
N GLU A 4063 -70.15 26.68 -40.27
CA GLU A 4063 -71.13 26.06 -41.16
C GLU A 4063 -72.42 25.68 -40.42
N LEU A 4064 -72.28 25.04 -39.25
CA LEU A 4064 -73.47 24.52 -38.58
C LEU A 4064 -74.42 25.65 -38.18
N LEU A 4065 -73.89 26.79 -37.73
CA LEU A 4065 -74.80 27.92 -37.50
C LEU A 4065 -75.28 28.52 -38.81
N LEU A 4066 -74.52 28.33 -39.90
CA LEU A 4066 -74.86 28.94 -41.18
C LEU A 4066 -76.12 28.34 -41.78
N GLY A 4067 -76.22 27.01 -41.78
CA GLY A 4067 -77.27 26.30 -42.49
C GLY A 4067 -78.69 26.83 -42.37
N HIS A 4068 -78.97 27.61 -41.32
CA HIS A 4068 -80.29 28.20 -41.10
C HIS A 4068 -80.51 29.46 -41.92
N GLU A 4069 -80.21 30.61 -41.32
CA GLU A 4069 -80.38 31.90 -41.97
C GLU A 4069 -79.13 32.75 -41.72
N LYS A 4070 -78.46 33.17 -42.80
CA LYS A 4070 -78.86 32.81 -44.17
C LYS A 4070 -77.63 32.51 -45.02
N ALA A 4071 -77.76 31.51 -45.90
CA ALA A 4071 -76.57 30.95 -46.55
C ALA A 4071 -75.77 31.99 -47.32
N PRO A 4072 -76.30 32.66 -48.34
CA PRO A 4072 -75.47 33.65 -49.05
C PRO A 4072 -75.29 34.95 -48.28
N ALA A 4073 -76.23 35.28 -47.39
CA ALA A 4073 -76.15 36.55 -46.65
C ALA A 4073 -75.02 36.50 -45.62
N PHE A 4074 -74.98 35.45 -44.80
CA PHE A 4074 -74.07 35.35 -43.66
C PHE A 4074 -72.97 34.31 -43.82
N ARG A 4075 -73.28 33.20 -44.52
CA ARG A 4075 -72.35 32.08 -44.63
C ARG A 4075 -71.01 32.48 -45.26
N ASP A 4076 -71.07 33.00 -46.49
CA ASP A 4076 -69.88 33.51 -47.15
C ASP A 4076 -69.15 34.49 -46.24
N TYR A 4077 -69.92 35.31 -45.51
CA TYR A 4077 -69.31 36.27 -44.59
C TYR A 4077 -68.42 35.57 -43.59
N VAL A 4078 -68.92 34.51 -42.95
CA VAL A 4078 -68.03 33.81 -42.03
C VAL A 4078 -66.87 33.23 -42.81
N ALA A 4079 -67.08 32.89 -44.08
CA ALA A 4079 -65.98 32.46 -44.91
C ALA A 4079 -65.03 33.62 -45.28
N VAL A 4080 -65.32 34.87 -44.89
CA VAL A 4080 -64.40 35.96 -45.22
C VAL A 4080 -63.12 35.83 -44.40
N ALA A 4081 -63.26 35.51 -43.11
CA ALA A 4081 -62.09 35.17 -42.31
C ALA A 4081 -61.39 33.94 -42.86
N ARG A 4082 -61.99 33.32 -43.88
CA ARG A 4082 -61.48 32.14 -44.55
C ARG A 4082 -61.04 32.39 -45.99
N GLY A 4083 -61.21 33.61 -46.54
CA GLY A 4083 -61.02 33.81 -47.97
C GLY A 4083 -59.66 34.29 -48.48
N SER A 4084 -59.35 35.57 -48.31
CA SER A 4084 -58.04 36.10 -48.72
C SER A 4084 -56.91 35.32 -48.06
N LYS A 4085 -55.84 35.08 -48.83
CA LYS A 4085 -54.82 34.09 -48.43
C LYS A 4085 -54.20 34.36 -47.04
N ASP A 4086 -53.93 35.64 -46.73
CA ASP A 4086 -53.22 36.00 -45.50
C ASP A 4086 -53.87 35.37 -44.28
N HIS A 4087 -55.19 35.45 -44.23
CA HIS A 4087 -55.98 34.76 -43.24
C HIS A 4087 -56.48 33.41 -43.73
N ASN A 4088 -56.50 33.16 -45.05
CA ASN A 4088 -56.86 31.83 -45.56
C ASN A 4088 -56.00 30.75 -44.95
N ILE A 4089 -54.86 31.12 -44.36
CA ILE A 4089 -54.16 30.23 -43.44
C ILE A 4089 -55.08 29.79 -42.30
N ARG A 4090 -56.17 30.52 -42.07
CA ARG A 4090 -57.22 30.04 -41.18
C ARG A 4090 -58.05 28.95 -41.83
N ALA A 4091 -57.93 28.73 -43.13
CA ALA A 4091 -58.76 27.79 -43.86
C ALA A 4091 -58.04 26.56 -44.37
N GLN A 4092 -56.77 26.70 -44.69
CA GLN A 4092 -56.03 25.66 -45.39
C GLN A 4092 -55.47 24.63 -44.43
N GLU A 4093 -54.76 25.11 -43.42
CA GLU A 4093 -54.22 24.21 -42.42
C GLU A 4093 -55.30 23.36 -41.76
N PRO A 4094 -56.56 23.81 -41.66
CA PRO A 4094 -57.66 22.91 -41.34
C PRO A 4094 -57.63 21.54 -41.99
N GLU A 4095 -57.46 20.54 -41.14
CA GLU A 4095 -57.34 19.13 -41.47
C GLU A 4095 -57.97 18.37 -40.32
N SER A 4096 -58.76 17.35 -40.65
CA SER A 4096 -59.41 16.59 -39.59
C SER A 4096 -58.45 15.72 -38.79
N GLY A 4097 -57.15 15.75 -39.11
CA GLY A 4097 -56.21 14.76 -38.62
C GLY A 4097 -55.56 14.98 -37.27
N LEU A 4098 -56.37 15.24 -36.23
CA LEU A 4098 -55.90 15.29 -34.84
C LEU A 4098 -54.65 16.16 -34.71
N SER A 4099 -54.78 17.40 -35.17
CA SER A 4099 -53.67 18.35 -35.19
C SER A 4099 -53.51 19.01 -33.83
N GLU A 4100 -52.29 19.00 -33.30
CA GLU A 4100 -52.01 19.51 -31.97
C GLU A 4100 -52.41 20.97 -31.81
N GLU A 4101 -51.65 21.85 -32.46
CA GLU A 4101 -51.69 23.29 -32.27
C GLU A 4101 -52.50 24.02 -33.33
N THR A 4102 -52.87 23.34 -34.41
CA THR A 4102 -53.60 23.91 -35.53
C THR A 4102 -54.79 24.75 -35.06
N GLN A 4103 -55.76 24.09 -34.41
CA GLN A 4103 -56.99 24.71 -33.92
C GLN A 4103 -56.71 26.03 -33.23
N VAL A 4104 -55.55 26.11 -32.58
CA VAL A 4104 -55.14 27.35 -31.93
C VAL A 4104 -54.49 28.29 -32.93
N LYS A 4105 -53.47 27.80 -33.65
CA LYS A 4105 -52.68 28.65 -34.55
C LYS A 4105 -53.60 29.47 -35.43
N CYS A 4106 -54.69 28.87 -35.86
CA CYS A 4106 -55.68 29.65 -36.56
C CYS A 4106 -56.56 30.37 -35.56
N LEU A 4107 -57.04 29.65 -34.53
CA LEU A 4107 -58.10 30.18 -33.69
C LEU A 4107 -57.82 31.59 -33.22
N ASP A 4109 -56.04 34.35 -35.07
CA ASP A 4109 -56.46 35.20 -36.20
C ASP A 4109 -57.89 34.92 -36.65
N GLN A 4110 -58.55 33.89 -36.09
CA GLN A 4110 -59.99 33.69 -36.22
C GLN A 4110 -60.80 34.60 -35.29
N ALA A 4111 -60.13 35.55 -34.65
CA ALA A 4111 -60.80 36.50 -33.77
C ALA A 4111 -60.40 37.94 -34.07
N THR A 4112 -59.16 38.13 -34.49
CA THR A 4112 -58.70 39.45 -34.91
C THR A 4112 -58.80 39.65 -36.42
N ASP A 4113 -59.93 39.22 -37.03
CA ASP A 4113 -60.32 39.43 -38.42
C ASP A 4113 -61.32 40.60 -38.47
N PRO A 4114 -60.83 41.89 -38.56
CA PRO A 4114 -61.62 43.07 -38.14
C PRO A 4114 -63.07 43.08 -38.57
N ASN A 4115 -63.33 42.43 -39.71
CA ASN A 4115 -64.66 42.09 -40.20
C ASN A 4115 -65.54 41.62 -39.05
N ILE A 4116 -65.14 40.47 -38.48
CA ILE A 4116 -65.97 39.76 -37.51
C ILE A 4116 -66.31 40.69 -36.36
N LEU A 4117 -65.37 41.57 -36.00
CA LEU A 4117 -65.61 42.53 -34.94
C LEU A 4117 -66.65 43.57 -35.37
N GLY A 4118 -66.28 44.42 -36.31
CA GLY A 4118 -67.08 45.58 -36.67
C GLY A 4118 -68.50 45.26 -37.02
N ARG A 4119 -68.75 44.00 -37.41
CA ARG A 4119 -70.11 43.61 -37.77
C ARG A 4119 -71.03 43.41 -36.57
N THR A 4120 -70.58 42.63 -35.58
CA THR A 4120 -71.48 41.71 -34.86
C THR A 4120 -72.61 42.41 -34.10
N TRP A 4121 -72.30 43.30 -33.15
CA TRP A 4121 -73.39 43.86 -32.36
C TRP A 4121 -72.92 45.16 -31.73
N GLU A 4122 -73.86 45.83 -31.05
CA GLU A 4122 -73.61 47.09 -30.36
C GLU A 4122 -72.97 46.88 -29.00
N GLY A 4123 -73.11 45.69 -28.41
CA GLY A 4123 -72.59 45.42 -27.07
C GLY A 4123 -71.13 45.05 -26.95
N TRP A 4124 -70.58 44.39 -27.93
CA TRP A 4124 -69.23 43.88 -27.71
C TRP A 4124 -68.23 44.88 -27.79
N GLU A 4125 -68.53 46.18 -27.78
CA GLU A 4125 -67.62 47.29 -27.96
C GLU A 4125 -66.38 46.91 -28.77
N PRO A 4126 -66.48 46.25 -29.93
CA PRO A 4126 -65.25 45.90 -30.66
C PRO A 4126 -64.41 47.12 -30.98
N TRP A 4127 -64.97 48.32 -30.75
CA TRP A 4127 -64.19 49.54 -30.67
C TRP A 4127 -62.91 49.34 -29.88
N UNK B 141 4.92 64.82 26.79
CA UNK B 141 5.39 66.20 26.95
C UNK B 141 4.42 66.98 27.82
N UNK B 142 3.12 66.78 27.59
CA UNK B 142 2.11 67.38 28.46
C UNK B 142 2.14 66.75 29.84
N UNK B 143 2.59 65.51 29.96
CA UNK B 143 2.73 64.89 31.27
C UNK B 143 3.77 65.62 32.13
N UNK B 144 4.97 65.81 31.60
CA UNK B 144 5.98 66.59 32.29
C UNK B 144 5.62 68.07 32.34
N UNK B 145 4.97 68.61 31.30
CA UNK B 145 4.61 70.03 31.31
C UNK B 145 3.55 70.35 32.36
N UNK B 146 2.63 69.41 32.62
CA UNK B 146 1.72 69.57 33.74
C UNK B 146 2.37 69.21 35.07
N UNK B 147 3.24 68.19 35.11
CA UNK B 147 3.91 67.85 36.37
C UNK B 147 4.83 68.98 36.82
N UNK B 148 5.39 69.72 35.86
CA UNK B 148 6.13 70.94 36.12
C UNK B 148 5.25 72.18 36.03
N UNK B 149 3.96 72.01 35.71
CA UNK B 149 2.96 73.06 35.85
C UNK B 149 1.92 72.70 36.90
N UNK B 150 1.95 71.48 37.43
CA UNK B 150 1.05 71.03 38.50
C UNK B 150 -0.42 71.03 38.11
N UNK B 151 -1.25 70.35 38.89
CA UNK B 151 -2.69 70.33 38.67
C UNK B 151 -3.29 71.69 38.99
N UNK B 152 -4.44 71.72 39.66
CA UNK B 152 -5.10 73.00 39.93
C UNK B 152 -5.89 72.94 41.23
N UNK B 153 -5.19 72.74 42.35
CA UNK B 153 -5.80 72.67 43.68
C UNK B 153 -6.78 71.51 43.78
N UNK B 154 -7.20 71.17 45.01
CA UNK B 154 -8.11 70.06 45.22
C UNK B 154 -8.54 69.99 46.68
N UNK B 155 -8.38 68.80 47.28
CA UNK B 155 -8.69 68.52 48.68
C UNK B 155 -10.18 68.72 48.90
N UNK B 156 -10.60 69.54 49.85
CA UNK B 156 -12.01 69.84 50.08
C UNK B 156 -12.14 71.35 50.03
N UNK B 157 -11.50 72.02 50.99
CA UNK B 157 -11.73 73.45 51.18
C UNK B 157 -11.24 74.23 49.98
N UNK B 158 -9.95 74.11 49.64
CA UNK B 158 -9.35 74.86 48.53
C UNK B 158 -10.20 74.75 47.26
N UNK B 159 -10.49 73.52 46.83
CA UNK B 159 -11.24 73.34 45.60
C UNK B 159 -12.68 73.85 45.71
N UNK B 160 -13.32 73.67 46.87
CA UNK B 160 -14.72 74.04 47.00
C UNK B 160 -14.91 75.56 47.04
N UNK B 161 -14.08 76.25 47.83
CA UNK B 161 -14.18 77.70 47.93
C UNK B 161 -13.64 78.39 46.70
N UNK B 162 -12.52 77.88 46.16
CA UNK B 162 -12.01 78.39 44.90
C UNK B 162 -13.03 78.19 43.79
N UNK B 163 -13.79 77.10 43.84
CA UNK B 163 -14.82 76.85 42.83
C UNK B 163 -16.03 77.75 43.03
N UNK B 164 -16.36 78.07 44.28
CA UNK B 164 -17.41 79.08 44.50
C UNK B 164 -16.98 80.43 43.93
N UNK B 165 -15.72 80.79 44.13
CA UNK B 165 -15.19 82.01 43.55
C UNK B 165 -15.23 81.97 42.03
N UNK B 166 -14.82 80.84 41.45
CA UNK B 166 -14.75 80.76 40.00
C UNK B 166 -16.12 80.86 39.38
N UNK B 167 -17.14 80.25 40.01
CA UNK B 167 -18.50 80.42 39.52
C UNK B 167 -18.94 81.88 39.63
N UNK B 168 -18.61 82.55 40.73
CA UNK B 168 -18.96 83.96 40.88
C UNK B 168 -18.31 84.81 39.80
N UNK B 169 -16.99 84.67 39.62
CA UNK B 169 -16.25 85.53 38.72
C UNK B 169 -16.63 85.27 37.27
N UNK B 170 -16.68 83.99 36.86
CA UNK B 170 -17.04 83.67 35.49
C UNK B 170 -18.47 84.12 35.20
N UNK B 171 -19.37 83.95 36.16
CA UNK B 171 -20.75 84.41 35.99
C UNK B 171 -20.81 85.93 35.83
N UNK B 172 -19.98 86.67 36.58
CA UNK B 172 -20.03 88.14 36.51
C UNK B 172 -19.64 88.64 35.14
N UNK B 173 -18.50 88.18 34.61
CA UNK B 173 -18.02 88.60 33.30
C UNK B 173 -19.01 88.26 32.18
N UNK B 174 -8.93 90.16 77.78
CA UNK B 174 -8.68 91.53 77.34
C UNK B 174 -9.62 92.54 78.03
N UNK B 175 -10.28 92.13 79.11
CA UNK B 175 -11.13 93.03 79.88
C UNK B 175 -11.00 92.66 81.35
N UNK B 176 -11.82 93.30 82.16
CA UNK B 176 -11.82 93.08 83.60
C UNK B 176 -12.57 91.83 83.96
N UNK B 177 -12.35 90.79 83.14
CA UNK B 177 -13.10 89.53 83.15
C UNK B 177 -12.70 88.59 84.27
N UNK B 178 -12.03 89.09 85.29
CA UNK B 178 -11.66 88.29 86.46
C UNK B 178 -12.65 88.43 87.62
N UNK B 179 -13.90 88.80 87.37
CA UNK B 179 -14.87 88.98 88.45
C UNK B 179 -15.84 87.82 88.46
N UNK B 180 -16.09 87.25 89.65
CA UNK B 180 -17.05 86.15 89.69
C UNK B 180 -17.66 85.80 91.04
N UNK B 181 -16.85 85.69 92.09
CA UNK B 181 -17.33 85.06 93.31
C UNK B 181 -18.48 85.83 93.94
N UNK B 182 -19.70 85.39 93.61
CA UNK B 182 -20.92 86.11 93.94
C UNK B 182 -20.81 87.56 93.46
N UNK B 183 -20.84 87.71 92.14
CA UNK B 183 -20.68 89.01 91.50
C UNK B 183 -21.51 89.06 90.22
N UNK B 184 -21.65 90.27 89.68
CA UNK B 184 -22.36 90.47 88.42
C UNK B 184 -21.87 91.76 87.78
N UNK B 185 -21.98 91.83 86.47
CA UNK B 185 -21.48 92.96 85.68
C UNK B 185 -22.63 93.61 84.89
N UNK B 186 -22.28 94.66 84.15
CA UNK B 186 -23.25 95.47 83.40
C UNK B 186 -24.18 94.62 82.55
N UNK B 187 -23.65 93.54 81.97
CA UNK B 187 -24.47 92.60 81.18
C UNK B 187 -25.76 92.21 81.90
N UNK B 188 -25.74 92.18 83.23
CA UNK B 188 -26.90 91.72 83.99
C UNK B 188 -28.12 92.60 83.73
N UNK B 189 -27.91 93.90 83.49
CA UNK B 189 -29.05 94.74 83.15
C UNK B 189 -29.78 94.18 81.94
N UNK B 190 -29.03 93.73 80.92
CA UNK B 190 -29.68 93.11 79.77
C UNK B 190 -30.36 91.81 80.18
N UNK B 191 -29.70 91.02 81.03
CA UNK B 191 -30.37 89.87 81.61
C UNK B 191 -31.65 90.33 82.33
N UNK B 192 -31.55 91.39 83.13
CA UNK B 192 -32.69 91.85 83.89
C UNK B 192 -33.84 92.28 82.99
N UNK B 194 -34.84 90.77 80.15
CA UNK B 194 -35.57 89.73 79.41
C UNK B 194 -37.03 89.70 79.85
N CYS C 10 53.04 -84.16 -50.64
CA CYS C 10 53.14 -85.33 -49.78
C CYS C 10 53.32 -86.60 -50.62
N SER C 11 52.30 -86.97 -51.41
CA SER C 11 52.47 -88.05 -52.39
C SER C 11 53.61 -87.75 -53.34
N LEU C 12 54.00 -86.49 -53.44
CA LEU C 12 55.16 -86.12 -54.22
C LEU C 12 56.41 -86.63 -53.53
N LEU C 13 56.43 -86.54 -52.19
CA LEU C 13 57.51 -87.16 -51.40
C LEU C 13 57.58 -88.66 -51.58
N ARG C 14 56.44 -89.33 -51.47
CA ARG C 14 56.45 -90.77 -51.64
C ARG C 14 56.94 -91.17 -53.03
N LEU C 15 56.30 -90.66 -54.08
CA LEU C 15 56.74 -90.98 -55.44
C LEU C 15 58.19 -90.61 -55.66
N GLN C 16 58.61 -89.41 -55.23
CA GLN C 16 60.00 -89.01 -55.45
C GLN C 16 60.98 -89.94 -54.73
N GLU C 17 60.59 -90.49 -53.59
CA GLU C 17 61.44 -91.48 -52.95
C GLU C 17 61.28 -92.90 -53.49
N THR C 18 60.25 -93.15 -54.32
CA THR C 18 60.19 -94.43 -55.00
C THR C 18 61.11 -94.41 -56.21
N LEU C 19 60.87 -93.48 -57.12
CA LEU C 19 61.55 -93.44 -58.40
C LEU C 19 62.75 -92.49 -58.42
N SER C 20 63.10 -91.89 -57.28
CA SER C 20 64.36 -91.17 -57.13
C SER C 20 65.49 -92.08 -56.66
N ALA C 21 65.30 -92.73 -55.51
CA ALA C 21 66.23 -93.77 -55.09
C ALA C 21 66.15 -94.97 -56.02
N ALA C 22 64.97 -95.26 -56.57
CA ALA C 22 64.85 -96.24 -57.63
C ALA C 22 65.37 -95.70 -58.96
N ASP C 23 65.21 -94.39 -59.21
CA ASP C 23 65.85 -93.77 -60.37
C ASP C 23 67.36 -93.86 -60.28
N ARG C 24 67.92 -93.97 -59.07
CA ARG C 24 69.37 -94.15 -58.95
C ARG C 24 69.84 -95.49 -59.53
N CYS C 25 68.97 -96.49 -59.59
CA CYS C 25 69.37 -97.79 -60.11
C CYS C 25 68.67 -98.17 -61.41
N GLY C 26 67.77 -97.32 -61.90
CA GLY C 26 67.09 -97.58 -63.16
C GLY C 26 66.40 -96.33 -63.64
N ALA C 27 65.66 -96.48 -64.75
CA ALA C 27 64.95 -95.34 -65.31
C ALA C 27 63.91 -95.77 -66.33
N ALA C 28 63.91 -95.08 -67.48
CA ALA C 28 62.94 -95.26 -68.56
C ALA C 28 61.57 -94.72 -68.14
N LEU C 29 60.52 -95.53 -68.36
CA LEU C 29 59.17 -95.13 -68.00
C LEU C 29 59.11 -94.57 -66.58
N ALA C 30 59.66 -95.32 -65.63
CA ALA C 30 59.64 -94.99 -64.21
C ALA C 30 60.23 -93.61 -63.91
N GLY C 31 60.67 -92.91 -64.93
CA GLY C 31 61.07 -91.53 -64.76
C GLY C 31 59.96 -90.57 -65.13
N HIS C 32 59.52 -90.61 -66.40
CA HIS C 32 58.60 -89.60 -66.90
C HIS C 32 57.34 -89.54 -66.03
N GLN C 33 56.66 -90.67 -65.90
CA GLN C 33 55.53 -90.82 -64.99
C GLN C 33 55.80 -90.14 -63.66
N LEU C 34 56.88 -90.54 -63.00
CA LEU C 34 57.28 -89.96 -61.73
C LEU C 34 57.20 -88.44 -61.76
N ILE C 35 57.90 -87.84 -62.71
CA ILE C 35 58.04 -86.39 -62.76
C ILE C 35 56.69 -85.75 -63.09
N ARG C 36 55.85 -86.44 -63.86
CA ARG C 36 54.51 -85.92 -64.09
C ARG C 36 53.71 -85.88 -62.81
N GLY C 37 53.93 -86.84 -61.91
CA GLY C 37 53.27 -86.80 -60.62
C GLY C 37 53.70 -85.59 -59.81
N LEU C 38 54.90 -85.65 -59.22
CA LEU C 38 55.45 -84.57 -58.41
C LEU C 38 55.46 -83.22 -59.13
N GLY C 39 55.21 -83.24 -60.43
CA GLY C 39 54.97 -82.03 -61.17
C GLY C 39 53.53 -81.61 -61.05
N GLN C 40 52.63 -82.36 -61.70
CA GLN C 40 51.25 -81.93 -61.90
C GLN C 40 50.60 -81.51 -60.60
N GLU C 41 50.62 -82.40 -59.61
CA GLU C 41 50.09 -82.12 -58.29
C GLU C 41 50.68 -80.84 -57.72
N CYS C 42 52.01 -80.76 -57.71
CA CYS C 42 52.70 -79.53 -57.29
C CYS C 42 52.24 -78.30 -58.07
N VAL C 43 51.97 -78.46 -59.38
CA VAL C 43 51.67 -77.32 -60.25
C VAL C 43 50.54 -76.47 -59.67
N LEU C 44 49.37 -77.08 -59.46
CA LEU C 44 48.14 -76.37 -59.14
C LEU C 44 48.26 -75.46 -57.92
N SER C 45 49.42 -75.50 -57.25
CA SER C 45 49.69 -74.63 -56.12
C SER C 45 49.34 -73.19 -56.44
N SER C 46 48.30 -72.69 -55.80
CA SER C 46 47.76 -71.35 -56.05
C SER C 46 48.10 -70.47 -54.86
N SER C 47 47.34 -70.63 -53.79
CA SER C 47 47.48 -69.86 -52.57
C SER C 47 48.73 -70.30 -51.81
N PRO C 48 49.17 -69.50 -50.81
CA PRO C 48 50.30 -69.94 -49.98
C PRO C 48 49.81 -70.70 -48.75
N ALA C 49 50.43 -70.46 -47.59
CA ALA C 49 50.09 -71.14 -46.34
C ALA C 49 50.09 -72.65 -46.54
N VAL C 50 48.94 -73.21 -46.90
CA VAL C 50 48.75 -74.64 -47.08
C VAL C 50 49.59 -75.16 -48.24
N LEU C 51 49.16 -74.86 -49.47
CA LEU C 51 49.87 -75.33 -50.66
C LEU C 51 51.35 -74.98 -50.60
N ALA C 52 51.69 -73.81 -50.05
CA ALA C 52 53.09 -73.40 -49.95
C ALA C 52 53.86 -74.36 -49.05
N LEU C 53 53.39 -74.57 -47.82
CA LEU C 53 54.12 -75.43 -46.89
C LEU C 53 54.22 -76.86 -47.43
N GLN C 54 53.12 -77.38 -48.01
CA GLN C 54 53.21 -78.67 -48.69
C GLN C 54 54.34 -78.67 -49.70
N THR C 55 54.33 -77.70 -50.61
CA THR C 55 55.27 -77.68 -51.72
C THR C 55 56.70 -77.42 -51.27
N SER C 56 56.91 -76.91 -50.06
CA SER C 56 58.28 -76.60 -49.61
C SER C 56 59.14 -77.87 -49.54
N LEU C 57 58.80 -78.80 -48.64
CA LEU C 57 59.57 -80.04 -48.56
C LEU C 57 59.67 -80.72 -49.92
N VAL C 58 58.56 -80.82 -50.63
CA VAL C 58 58.48 -81.45 -51.94
C VAL C 58 59.46 -80.84 -52.92
N PHE C 59 59.25 -79.57 -53.27
CA PHE C 59 60.13 -78.88 -54.21
C PHE C 59 61.59 -78.98 -53.79
N SER C 60 61.89 -78.76 -52.51
CA SER C 60 63.28 -78.75 -52.05
C SER C 60 63.94 -80.11 -52.24
N ARG C 61 63.39 -81.14 -51.59
CA ARG C 61 63.88 -82.51 -51.79
C ARG C 61 63.86 -82.89 -53.26
N ASP C 62 62.99 -82.25 -54.04
CA ASP C 62 62.92 -82.52 -55.47
C ASP C 62 64.17 -82.00 -56.17
N PHE C 63 64.54 -80.73 -55.90
CA PHE C 63 65.77 -80.14 -56.38
C PHE C 63 66.95 -81.01 -56.00
N GLY C 64 67.24 -81.07 -54.69
CA GLY C 64 68.36 -81.88 -54.24
C GLY C 64 68.32 -83.29 -54.79
N LEU C 65 67.15 -83.91 -54.76
CA LEU C 65 66.99 -85.29 -55.21
C LEU C 65 67.44 -85.45 -56.65
N LEU C 66 66.90 -84.64 -57.57
CA LEU C 66 67.35 -84.76 -58.96
C LEU C 66 68.83 -84.46 -59.08
N VAL C 67 69.31 -83.49 -58.30
CA VAL C 67 70.71 -83.06 -58.33
C VAL C 67 71.59 -84.27 -58.03
N PHE C 68 71.65 -84.71 -56.77
CA PHE C 68 72.54 -85.83 -56.48
C PHE C 68 72.09 -87.13 -57.15
N VAL C 69 70.82 -87.23 -57.58
CA VAL C 69 70.34 -88.42 -58.27
C VAL C 69 71.10 -88.52 -59.58
N ARG C 70 70.75 -87.74 -60.62
CA ARG C 70 71.45 -88.00 -61.88
C ARG C 70 72.88 -87.48 -61.84
N LYS C 71 73.17 -86.54 -60.94
CA LYS C 71 74.53 -86.15 -60.62
C LYS C 71 75.39 -87.35 -60.25
N SER C 72 74.81 -88.34 -59.57
CA SER C 72 75.54 -89.53 -59.17
C SER C 72 75.20 -90.72 -60.05
N LEU C 73 74.71 -90.48 -61.28
CA LEU C 73 74.30 -91.57 -62.15
C LEU C 73 75.05 -91.67 -63.47
N ASN C 74 74.35 -91.38 -64.56
CA ASN C 74 74.80 -91.73 -65.90
C ASN C 74 73.97 -91.07 -66.99
N SER C 75 73.80 -91.83 -68.07
CA SER C 75 73.07 -91.41 -69.27
C SER C 75 71.85 -92.29 -69.48
N ILE C 76 72.03 -93.32 -70.28
CA ILE C 76 71.04 -94.30 -70.73
C ILE C 76 69.61 -93.76 -70.76
N GLU C 77 69.01 -93.51 -69.60
CA GLU C 77 67.68 -92.92 -69.56
C GLU C 77 67.46 -91.91 -68.45
N PHE C 78 68.42 -91.73 -67.55
CA PHE C 78 68.32 -90.73 -66.50
C PHE C 78 68.21 -89.33 -67.09
N ARG C 79 69.10 -88.99 -68.03
CA ARG C 79 69.13 -87.69 -68.71
C ARG C 79 67.75 -87.08 -69.00
N GLU C 80 66.83 -87.90 -69.51
CA GLU C 80 65.46 -87.43 -69.73
C GLU C 80 64.77 -87.14 -68.41
N CYS C 81 65.03 -87.95 -67.39
CA CYS C 81 64.42 -87.72 -66.09
C CYS C 81 64.90 -86.41 -65.47
N ARG C 82 66.22 -86.25 -65.32
CA ARG C 82 66.77 -84.98 -64.83
C ARG C 82 66.29 -83.80 -65.67
N GLU C 83 66.29 -83.95 -67.00
CA GLU C 83 65.77 -82.90 -67.87
C GLU C 83 64.37 -82.47 -67.47
N GLU C 84 63.44 -83.43 -67.50
CA GLU C 84 62.05 -83.13 -67.21
C GLU C 84 61.91 -82.51 -65.81
N ILE C 85 62.55 -83.11 -64.80
CA ILE C 85 62.42 -82.54 -63.45
C ILE C 85 62.81 -81.07 -63.49
N LEU C 86 63.94 -80.75 -64.13
CA LEU C 86 64.41 -79.37 -64.18
C LEU C 86 63.45 -78.45 -64.96
N LYS C 87 62.84 -78.96 -66.04
CA LYS C 87 61.83 -78.16 -66.75
C LYS C 87 60.67 -77.83 -65.82
N PHE C 88 60.05 -78.86 -65.24
CA PHE C 88 58.97 -78.62 -64.30
C PHE C 88 59.42 -77.69 -63.18
N LEU C 89 60.70 -77.74 -62.80
CA LEU C 89 61.18 -76.87 -61.73
C LEU C 89 61.20 -75.40 -62.15
N CYS C 90 61.77 -75.11 -63.32
CA CYS C 90 61.75 -73.71 -63.76
C CYS C 90 60.34 -73.20 -63.92
N ILE C 91 59.39 -74.06 -64.29
CA ILE C 91 58.01 -73.56 -64.24
C ILE C 91 57.45 -73.58 -62.83
N PHE C 92 58.18 -74.14 -61.85
CA PHE C 92 57.79 -74.04 -60.44
C PHE C 92 58.31 -72.77 -59.76
N LEU C 93 59.42 -72.21 -60.26
CA LEU C 93 60.04 -71.07 -59.59
C LEU C 93 59.16 -69.83 -59.72
N GLU C 94 58.84 -69.45 -60.96
CA GLU C 94 58.02 -68.27 -61.21
C GLU C 94 56.67 -68.37 -60.52
N LYS C 95 56.02 -69.53 -60.62
CA LYS C 95 54.68 -69.70 -60.06
C LYS C 95 54.70 -69.65 -58.55
N GLY C 97 56.97 -68.00 -57.22
CA GLY C 97 57.50 -66.66 -57.09
C GLY C 97 58.95 -66.61 -56.64
N GLN C 98 59.16 -66.16 -55.41
CA GLN C 98 60.51 -66.05 -54.86
C GLN C 98 60.84 -67.22 -53.93
N LYS C 99 61.10 -66.88 -52.66
CA LYS C 99 61.26 -67.80 -51.52
C LYS C 99 62.06 -69.08 -51.81
N ILE C 100 63.04 -69.00 -52.72
CA ILE C 100 63.94 -70.11 -53.03
C ILE C 100 65.30 -69.50 -53.36
N ALA C 101 66.25 -69.53 -52.41
CA ALA C 101 67.47 -68.78 -52.66
C ALA C 101 68.76 -69.63 -52.62
N PRO C 102 69.22 -70.18 -51.48
CA PRO C 102 70.39 -71.06 -51.57
C PRO C 102 70.13 -72.24 -52.48
N TYR C 103 68.93 -72.84 -52.34
CA TYR C 103 68.48 -73.84 -53.30
C TYR C 103 68.56 -73.30 -54.71
N SER C 104 68.21 -72.03 -54.92
CA SER C 104 68.23 -71.46 -56.27
C SER C 104 69.63 -71.48 -56.85
N VAL C 105 70.59 -70.91 -56.12
CA VAL C 105 71.98 -70.93 -56.59
C VAL C 105 72.40 -72.36 -56.88
N GLU C 106 71.91 -73.31 -56.06
CA GLU C 106 72.11 -74.73 -56.38
C GLU C 106 71.53 -75.10 -57.73
N ILE C 107 70.24 -74.81 -57.97
CA ILE C 107 69.59 -75.19 -59.22
C ILE C 107 70.33 -74.60 -60.41
N LYS C 108 70.79 -73.36 -60.29
CA LYS C 108 71.41 -72.69 -61.43
C LYS C 108 72.81 -73.22 -61.71
N ASN C 109 73.66 -73.30 -60.67
CA ASN C 109 74.94 -73.96 -60.88
C ASN C 109 74.74 -75.41 -61.30
N THR C 110 73.62 -76.00 -60.86
CA THR C 110 73.20 -77.29 -61.37
C THR C 110 72.94 -77.21 -62.86
N CYS C 111 72.33 -76.11 -63.32
CA CYS C 111 72.00 -75.98 -64.73
C CYS C 111 73.25 -75.83 -65.59
N THR C 112 74.23 -75.05 -65.12
CA THR C 112 75.49 -75.00 -65.86
C THR C 112 76.22 -76.33 -65.81
N SER C 113 76.08 -77.09 -64.72
CA SER C 113 76.65 -78.43 -64.68
C SER C 113 75.92 -79.38 -65.64
N VAL C 114 74.61 -79.21 -65.76
CA VAL C 114 73.80 -80.12 -66.55
C VAL C 114 74.02 -79.86 -68.03
N TYR C 115 74.14 -78.59 -68.42
CA TYR C 115 74.72 -78.30 -69.71
C TYR C 115 76.14 -78.84 -69.82
N THR C 116 76.90 -78.90 -68.70
CA THR C 116 78.30 -79.31 -68.77
C THR C 116 78.47 -80.76 -69.23
N LYS C 117 77.82 -81.72 -68.54
CA LYS C 117 77.92 -83.13 -68.97
C LYS C 117 77.68 -83.28 -70.46
N ASP C 118 76.90 -82.37 -71.05
CA ASP C 118 76.43 -82.37 -72.43
C ASP C 118 77.50 -82.00 -73.47
N ARG C 119 78.71 -81.59 -73.08
CA ARG C 119 79.71 -81.23 -74.08
C ARG C 119 80.26 -82.44 -74.82
N ALA C 120 80.32 -83.59 -74.15
CA ALA C 120 80.88 -84.78 -74.80
C ALA C 120 80.06 -85.16 -76.03
N ALA C 121 78.74 -85.24 -75.89
CA ALA C 121 77.87 -85.59 -76.99
C ALA C 121 77.43 -84.34 -77.73
N LYS C 122 77.57 -84.35 -79.04
CA LYS C 122 77.14 -83.29 -79.92
C LYS C 122 75.94 -83.77 -80.73
N CYS C 123 75.37 -82.87 -81.51
CA CYS C 123 74.19 -83.16 -82.33
C CYS C 123 73.05 -83.54 -81.37
N LYS C 124 72.18 -84.48 -81.77
CA LYS C 124 71.02 -84.87 -80.98
C LYS C 124 70.19 -83.63 -80.65
N ILE C 125 69.22 -83.75 -79.76
CA ILE C 125 68.39 -82.60 -79.38
C ILE C 125 68.15 -82.51 -77.88
N PRO C 126 68.12 -83.62 -77.11
CA PRO C 126 68.05 -83.47 -75.65
C PRO C 126 69.15 -82.57 -75.08
N ALA C 127 70.30 -82.51 -75.75
CA ALA C 127 71.31 -81.51 -75.42
C ALA C 127 70.70 -80.12 -75.40
N LEU C 128 69.76 -79.85 -76.31
CA LEU C 128 69.08 -78.57 -76.43
C LEU C 128 67.86 -78.45 -75.51
N ASP C 129 67.04 -79.51 -75.38
CA ASP C 129 65.98 -79.53 -74.38
C ASP C 129 66.55 -79.04 -73.06
N LEU C 130 67.50 -79.83 -72.59
CA LEU C 130 68.37 -79.51 -71.47
C LEU C 130 68.83 -78.06 -71.52
N LEU C 131 69.57 -77.71 -72.57
CA LEU C 131 70.26 -76.43 -72.64
C LEU C 131 69.29 -75.25 -72.43
N ILE C 132 68.28 -75.14 -73.29
CA ILE C 132 67.32 -74.04 -73.21
C ILE C 132 66.64 -74.01 -71.85
N LYS C 133 66.07 -75.14 -71.42
CA LYS C 133 65.29 -75.13 -70.17
C LYS C 133 66.16 -74.71 -68.99
N LEU C 134 67.32 -75.35 -68.82
CA LEU C 134 68.29 -74.92 -67.81
C LEU C 134 68.54 -73.42 -67.84
N LEU C 135 68.80 -72.88 -69.03
CA LEU C 135 69.05 -71.45 -69.12
C LEU C 135 67.86 -70.65 -68.61
N GLN C 136 66.64 -71.09 -68.91
CA GLN C 136 65.47 -70.36 -68.43
C GLN C 136 65.33 -70.47 -66.90
N THR C 137 65.71 -71.61 -66.31
CA THR C 137 65.85 -71.67 -64.85
C THR C 137 66.80 -70.59 -64.38
N PHE C 138 67.95 -70.50 -65.06
CA PHE C 138 69.04 -69.62 -64.70
C PHE C 138 68.64 -68.15 -64.80
N ARG C 139 67.68 -67.82 -65.68
CA ARG C 139 67.36 -66.41 -65.97
C ARG C 139 66.62 -65.74 -64.82
N SER C 140 65.51 -66.32 -64.38
CA SER C 140 64.67 -65.68 -63.38
C SER C 140 65.31 -65.60 -62.00
N SER C 141 66.44 -64.89 -61.89
CA SER C 141 67.11 -64.69 -60.60
C SER C 141 67.73 -63.31 -60.49
N ARG C 142 67.11 -62.44 -59.67
CA ARG C 142 67.56 -61.07 -59.41
C ARG C 142 67.55 -60.89 -57.88
N LEU C 143 68.51 -61.58 -57.25
CA LEU C 143 68.52 -61.75 -55.80
C LEU C 143 68.67 -60.44 -55.03
N ASP C 145 71.72 -58.01 -52.74
CA ASP C 145 72.97 -58.34 -52.03
C ASP C 145 73.00 -57.84 -50.60
N GLU C 146 73.99 -58.38 -49.86
CA GLU C 146 74.22 -58.14 -48.43
C GLU C 146 75.58 -57.58 -48.23
N PHE C 147 76.60 -58.40 -47.89
CA PHE C 147 77.96 -57.98 -47.61
C PHE C 147 78.88 -58.88 -48.43
N LYS C 148 79.19 -60.07 -47.90
CA LYS C 148 79.80 -61.09 -48.76
C LYS C 148 78.78 -61.82 -49.60
N ILE C 149 77.48 -61.64 -49.36
CA ILE C 149 76.53 -62.23 -50.27
C ILE C 149 76.70 -61.58 -51.64
N GLY C 150 77.22 -60.36 -51.66
CA GLY C 150 77.58 -59.67 -52.88
C GLY C 150 78.87 -60.17 -53.50
N GLU C 151 79.87 -60.49 -52.68
CA GLU C 151 81.12 -60.98 -53.23
C GLU C 151 80.96 -62.39 -53.78
N LEU C 152 80.16 -63.21 -53.07
CA LEU C 152 79.92 -64.59 -53.49
C LEU C 152 79.31 -64.66 -54.87
N PHE C 153 78.45 -63.71 -55.23
CA PHE C 153 77.88 -63.82 -56.56
C PHE C 153 78.68 -63.02 -57.58
N SER C 154 79.16 -61.83 -57.21
CA SER C 154 79.85 -61.01 -58.20
C SER C 154 81.05 -61.76 -58.76
N LYS C 155 81.83 -62.38 -57.88
CA LYS C 155 83.06 -63.03 -58.33
C LYS C 155 82.76 -64.24 -59.21
N PHE C 156 81.86 -65.14 -58.78
CA PHE C 156 81.69 -66.37 -59.54
C PHE C 156 80.85 -66.17 -60.81
N TYR C 157 79.94 -65.19 -60.84
CA TYR C 157 79.30 -64.86 -62.11
C TYR C 157 80.30 -64.24 -63.07
N GLY C 158 81.19 -63.37 -62.56
CA GLY C 158 82.30 -62.93 -63.38
C GLY C 158 83.14 -64.10 -63.88
N GLU C 159 83.27 -65.15 -63.08
CA GLU C 159 84.10 -66.30 -63.45
C GLU C 159 83.48 -67.08 -64.59
N LEU C 160 82.23 -67.50 -64.43
CA LEU C 160 81.58 -68.27 -65.48
C LEU C 160 81.19 -67.41 -66.67
N ALA C 161 81.29 -66.08 -66.53
CA ALA C 161 80.92 -65.13 -67.57
C ALA C 161 82.09 -64.73 -68.47
N LEU C 162 83.27 -64.51 -67.89
CA LEU C 162 84.41 -64.10 -68.72
C LEU C 162 84.75 -65.07 -69.84
N LYS C 163 84.19 -66.28 -69.86
CA LYS C 163 84.53 -67.28 -70.88
C LYS C 163 83.38 -68.27 -71.01
N LYS C 164 82.77 -68.35 -72.21
CA LYS C 164 81.88 -69.44 -72.60
C LYS C 164 81.35 -69.23 -74.02
N LYS C 165 81.47 -70.24 -74.88
CA LYS C 165 81.03 -70.16 -76.27
C LYS C 165 79.59 -70.64 -76.50
N ILE C 166 78.65 -70.23 -75.66
CA ILE C 166 77.25 -70.60 -75.81
C ILE C 166 76.64 -69.88 -77.01
N PRO C 167 75.60 -70.46 -77.68
CA PRO C 167 74.96 -69.75 -78.80
C PRO C 167 74.27 -68.43 -78.45
N ASP C 168 72.96 -68.40 -78.14
CA ASP C 168 72.30 -67.11 -77.94
C ASP C 168 71.26 -67.04 -76.82
N THR C 169 70.46 -68.08 -76.62
CA THR C 169 69.26 -67.96 -75.80
C THR C 169 69.51 -67.74 -74.31
N VAL C 170 70.59 -67.04 -73.97
CA VAL C 170 71.10 -66.99 -72.60
C VAL C 170 71.86 -65.70 -72.38
N LEU C 171 72.58 -65.26 -73.43
CA LEU C 171 73.53 -64.16 -73.33
C LEU C 171 72.95 -62.91 -72.70
N GLU C 172 71.62 -62.74 -72.70
CA GLU C 172 71.04 -61.61 -72.01
C GLU C 172 71.50 -61.60 -70.58
N LYS C 173 71.33 -62.74 -69.90
CA LYS C 173 71.68 -62.82 -68.50
C LYS C 173 73.07 -62.30 -68.25
N VAL C 174 74.02 -62.73 -69.08
CA VAL C 174 75.42 -62.37 -68.91
C VAL C 174 75.49 -60.90 -68.56
N TYR C 175 75.12 -60.05 -69.50
CA TYR C 175 75.25 -58.60 -69.33
C TYR C 175 74.24 -58.03 -68.33
N GLU C 176 73.01 -58.57 -68.29
CA GLU C 176 72.06 -58.18 -67.25
C GLU C 176 72.75 -58.20 -65.90
N LEU C 177 73.13 -59.40 -65.46
CA LEU C 177 73.91 -59.57 -64.23
C LEU C 177 75.12 -58.66 -64.21
N LEU C 178 75.97 -58.75 -65.25
CA LEU C 178 77.22 -57.99 -65.27
C LEU C 178 76.97 -56.53 -64.90
N GLY C 179 75.83 -56.01 -65.30
CA GLY C 179 75.36 -54.76 -64.74
C GLY C 179 74.86 -54.94 -63.32
N LEU C 180 74.15 -56.03 -63.00
CA LEU C 180 73.44 -56.16 -61.72
C LEU C 180 74.40 -56.21 -60.52
N LEU C 181 75.39 -57.10 -60.57
CA LEU C 181 76.46 -57.07 -59.58
C LEU C 181 77.16 -55.73 -59.60
N GLY C 182 77.38 -55.17 -60.80
CA GLY C 182 77.97 -53.85 -60.93
C GLY C 182 77.11 -52.75 -60.32
N GLU C 183 75.80 -53.00 -60.17
CA GLU C 183 74.88 -51.97 -59.70
C GLU C 183 75.14 -51.71 -58.24
N VAL C 184 75.78 -52.65 -57.59
CA VAL C 184 76.26 -52.57 -56.23
C VAL C 184 77.53 -51.72 -56.16
N HIS C 185 78.64 -52.31 -55.66
CA HIS C 185 79.83 -51.53 -55.35
C HIS C 185 81.22 -52.19 -55.48
N PRO C 186 81.40 -53.52 -55.19
CA PRO C 186 82.76 -54.10 -55.10
C PRO C 186 83.86 -53.44 -55.93
N SER C 187 84.69 -52.63 -55.26
CA SER C 187 85.70 -51.79 -55.89
C SER C 187 86.53 -52.52 -56.93
N GLU C 188 87.42 -53.41 -56.48
CA GLU C 188 88.28 -54.10 -57.44
C GLU C 188 87.48 -54.88 -58.44
N ILE C 190 84.31 -54.29 -59.58
CA ILE C 190 83.78 -53.36 -60.58
C ILE C 190 84.89 -52.91 -61.52
N ASN C 191 86.12 -52.79 -61.03
CA ASN C 191 87.25 -52.46 -61.89
C ASN C 191 87.49 -53.58 -62.92
N ASN C 192 87.80 -54.78 -62.45
CA ASN C 192 88.13 -55.90 -63.33
C ASN C 192 87.02 -56.13 -64.35
N ALA C 193 85.78 -56.20 -63.87
CA ALA C 193 84.61 -56.28 -64.74
C ALA C 193 84.63 -55.16 -65.78
N GLU C 194 84.53 -53.90 -65.32
CA GLU C 194 84.41 -52.75 -66.23
C GLU C 194 85.47 -52.76 -67.31
N ASN C 195 86.71 -53.11 -66.97
CA ASN C 195 87.75 -53.24 -67.98
C ASN C 195 87.46 -54.41 -68.93
N LEU C 196 87.03 -55.55 -68.39
CA LEU C 196 86.79 -56.74 -69.22
C LEU C 196 85.61 -56.58 -70.18
N PHE C 197 84.64 -55.69 -69.89
CA PHE C 197 83.47 -55.57 -70.75
C PHE C 197 83.83 -55.28 -72.19
N ARG C 198 84.84 -54.42 -72.41
CA ARG C 198 85.35 -54.04 -73.73
C ARG C 198 85.26 -55.20 -74.71
N ALA C 199 85.79 -56.35 -74.27
CA ALA C 199 85.74 -57.56 -75.07
C ALA C 199 84.33 -57.84 -75.56
N PHE C 200 83.41 -58.06 -74.61
CA PHE C 200 82.04 -58.41 -74.97
C PHE C 200 81.39 -57.34 -75.84
N LEU C 201 81.43 -56.09 -75.39
CA LEU C 201 80.89 -54.97 -76.16
C LEU C 201 81.32 -55.02 -77.63
N GLY C 202 82.65 -55.06 -77.86
CA GLY C 202 83.17 -55.18 -79.21
C GLY C 202 82.67 -56.40 -79.94
N GLU C 203 82.61 -57.55 -79.24
CA GLU C 203 82.09 -58.78 -79.82
C GLU C 203 80.71 -58.56 -80.40
N LEU C 204 79.83 -57.95 -79.61
CA LEU C 204 78.43 -57.83 -79.99
C LEU C 204 78.29 -56.79 -81.09
N LYS C 205 79.13 -55.75 -81.07
CA LYS C 205 79.01 -54.70 -82.08
C LYS C 205 79.54 -55.17 -83.43
N THR C 206 80.75 -55.77 -83.46
CA THR C 206 81.24 -56.35 -84.70
C THR C 206 80.31 -57.45 -85.21
N GLN C 207 79.62 -58.15 -84.29
CA GLN C 207 78.62 -59.10 -84.73
C GLN C 207 77.44 -58.40 -85.38
N THR C 209 77.70 -55.64 -87.04
CA THR C 209 78.23 -54.86 -88.14
C THR C 209 78.58 -55.71 -89.36
N SER C 210 79.31 -56.82 -89.18
CA SER C 210 79.70 -57.62 -90.35
C SER C 210 79.14 -59.03 -90.33
N ALA C 211 79.03 -59.67 -89.16
CA ALA C 211 78.56 -61.05 -89.11
C ALA C 211 77.08 -61.16 -89.48
N VAL C 212 76.24 -60.29 -88.92
CA VAL C 212 74.80 -60.31 -89.20
C VAL C 212 74.40 -59.01 -89.88
N ARG C 213 73.60 -59.13 -90.94
CA ARG C 213 73.11 -57.97 -91.68
C ARG C 213 72.26 -57.06 -90.79
N GLU C 214 71.36 -57.65 -90.02
CA GLU C 214 70.34 -56.99 -89.23
C GLU C 214 70.57 -57.31 -87.75
N PRO C 215 70.02 -56.54 -86.82
CA PRO C 215 70.27 -56.80 -85.41
C PRO C 215 69.73 -58.15 -84.96
N LYS C 216 70.43 -58.76 -84.01
CA LYS C 216 69.92 -59.91 -83.28
C LYS C 216 69.58 -59.43 -81.87
N LEU C 217 68.30 -59.55 -81.50
CA LEU C 217 67.84 -59.09 -80.20
C LEU C 217 68.40 -59.90 -79.03
N PRO C 218 68.57 -61.23 -79.14
CA PRO C 218 69.08 -61.97 -77.98
C PRO C 218 70.40 -61.45 -77.44
N VAL C 219 71.36 -61.08 -78.30
CA VAL C 219 72.70 -60.75 -77.84
C VAL C 219 72.88 -59.25 -77.64
N LEU C 220 72.20 -58.44 -78.46
CA LEU C 220 72.08 -57.03 -78.12
C LEU C 220 71.51 -56.86 -76.75
N ALA C 221 70.42 -57.58 -76.49
CA ALA C 221 69.63 -57.53 -75.28
C ALA C 221 70.51 -57.39 -74.05
N GLY C 222 71.29 -58.43 -73.82
CA GLY C 222 72.29 -58.37 -72.78
C GLY C 222 73.15 -57.16 -73.04
N CYS C 223 73.86 -57.12 -74.18
CA CYS C 223 74.91 -56.12 -74.42
C CYS C 223 74.56 -54.77 -73.83
N LEU C 224 73.35 -54.33 -74.14
CA LEU C 224 72.85 -53.03 -73.75
C LEU C 224 72.43 -53.01 -72.29
N LYS C 225 71.87 -54.12 -71.80
CA LYS C 225 71.60 -54.18 -70.37
C LYS C 225 72.88 -54.00 -69.56
N GLY C 226 73.90 -54.79 -69.89
CA GLY C 226 75.20 -54.67 -69.25
C GLY C 226 75.80 -53.30 -69.36
N LEU C 227 76.17 -52.90 -70.59
CA LEU C 227 76.89 -51.65 -70.78
C LEU C 227 76.07 -50.46 -70.31
N SER C 228 74.75 -50.58 -70.29
CA SER C 228 73.92 -49.56 -69.67
C SER C 228 74.13 -49.54 -68.16
N SER C 229 74.20 -50.71 -67.53
CA SER C 229 74.16 -50.73 -66.08
C SER C 229 75.52 -50.51 -65.43
N LEU C 230 76.62 -50.89 -66.08
CA LEU C 230 77.94 -50.77 -65.48
C LEU C 230 78.61 -49.43 -65.74
N LEU C 231 78.21 -48.72 -66.79
CA LEU C 231 78.92 -47.51 -67.17
C LEU C 231 78.56 -46.35 -66.26
N CYS C 232 77.38 -46.40 -65.63
CA CYS C 232 77.07 -45.42 -64.59
C CYS C 232 78.19 -45.39 -63.55
N ASN C 233 78.72 -46.57 -63.20
CA ASN C 233 79.86 -46.64 -62.30
C ASN C 233 81.16 -46.32 -63.02
N PHE C 234 81.32 -46.75 -64.27
CA PHE C 234 82.60 -46.52 -64.93
C PHE C 234 82.75 -45.06 -65.38
N THR C 235 81.78 -44.55 -66.15
CA THR C 235 81.80 -43.19 -66.70
C THR C 235 82.94 -43.03 -67.70
N LYS C 236 83.27 -41.78 -68.04
CA LYS C 236 84.39 -41.44 -68.91
C LYS C 236 84.27 -42.06 -70.31
N SER C 237 83.04 -42.24 -70.78
CA SER C 237 82.81 -42.65 -72.16
C SER C 237 82.62 -41.41 -73.02
N GLU C 239 82.54 -42.43 -76.94
CA GLU C 239 82.71 -42.95 -78.29
C GLU C 239 82.04 -44.30 -78.50
N GLU C 240 82.11 -45.21 -77.52
CA GLU C 240 81.53 -46.54 -77.71
C GLU C 240 80.01 -46.48 -77.63
N ASP C 241 79.49 -45.70 -76.70
CA ASP C 241 78.08 -45.44 -76.47
C ASP C 241 77.32 -45.09 -77.75
N PRO C 242 77.68 -44.02 -78.48
CA PRO C 242 76.85 -43.62 -79.64
C PRO C 242 76.69 -44.70 -80.69
N GLN C 243 77.78 -45.36 -81.06
CA GLN C 243 77.78 -46.46 -82.01
C GLN C 243 76.75 -47.50 -81.60
N THR C 244 77.03 -48.19 -80.50
CA THR C 244 76.13 -49.23 -80.01
C THR C 244 74.69 -48.74 -80.00
N SER C 245 74.44 -47.66 -79.26
CA SER C 245 73.10 -47.11 -79.07
C SER C 245 72.40 -46.78 -80.38
N ARG C 246 72.83 -45.71 -81.04
CA ARG C 246 72.33 -45.28 -82.35
C ARG C 246 71.99 -46.49 -83.20
N GLU C 247 72.91 -47.46 -83.27
CA GLU C 247 72.60 -48.71 -83.93
C GLU C 247 71.32 -49.34 -83.38
N ILE C 248 71.23 -49.55 -82.05
CA ILE C 248 70.06 -50.22 -81.49
C ILE C 248 68.78 -49.48 -81.84
N PHE C 249 68.82 -48.16 -81.85
CA PHE C 249 67.61 -47.41 -82.11
C PHE C 249 67.20 -47.49 -83.57
N ASN C 250 68.15 -47.31 -84.50
CA ASN C 250 67.85 -47.56 -85.91
C ASN C 250 67.34 -48.99 -86.11
N PHE C 251 67.79 -49.92 -85.26
CA PHE C 251 67.49 -51.34 -85.41
C PHE C 251 66.11 -51.71 -84.87
N VAL C 252 65.69 -51.08 -83.76
CA VAL C 252 64.34 -51.29 -83.21
C VAL C 252 63.29 -50.43 -83.90
N LEU C 253 63.70 -49.44 -84.70
CA LEU C 253 62.71 -48.72 -85.49
C LEU C 253 62.18 -49.58 -86.63
N LYS C 254 62.07 -50.90 -86.41
CA LYS C 254 61.51 -51.79 -87.40
C LYS C 254 60.46 -52.69 -86.75
N ALA C 255 60.92 -53.72 -86.06
CA ALA C 255 60.06 -54.70 -85.41
C ALA C 255 59.23 -55.46 -86.45
N ILE C 256 58.70 -56.61 -86.06
CA ILE C 256 57.75 -57.33 -86.91
C ILE C 256 56.57 -57.65 -86.00
N ARG C 257 56.68 -58.77 -85.28
CA ARG C 257 55.80 -59.12 -84.17
C ARG C 257 56.50 -59.85 -83.00
N PRO C 258 57.82 -60.07 -82.99
CA PRO C 258 58.39 -60.86 -81.88
C PRO C 258 58.29 -60.07 -80.58
N GLN C 259 57.96 -60.78 -79.49
CA GLN C 259 57.96 -60.15 -78.19
C GLN C 259 59.38 -59.78 -77.78
N ILE C 260 59.46 -58.96 -76.72
CA ILE C 260 60.69 -58.49 -76.04
C ILE C 260 61.40 -57.43 -76.88
N ASP C 261 60.89 -57.21 -78.10
CA ASP C 261 61.46 -56.22 -79.01
C ASP C 261 61.49 -54.83 -78.36
N LEU C 262 60.38 -54.48 -77.68
CA LEU C 262 60.24 -53.16 -77.09
C LEU C 262 61.26 -52.97 -75.97
N LYS C 263 61.52 -54.01 -75.17
CA LYS C 263 62.55 -53.93 -74.14
C LYS C 263 63.95 -53.85 -74.74
N ARG C 264 64.16 -54.50 -75.90
CA ARG C 264 65.40 -54.28 -76.64
C ARG C 264 65.59 -52.80 -76.88
N TYR C 265 64.50 -52.12 -77.22
CA TYR C 265 64.56 -50.66 -77.29
C TYR C 265 64.77 -50.03 -75.92
N ALA C 266 64.28 -50.66 -74.85
CA ALA C 266 64.24 -50.01 -73.54
C ALA C 266 65.61 -49.88 -72.91
N VAL C 267 66.37 -50.97 -72.94
CA VAL C 267 67.62 -51.00 -72.21
C VAL C 267 68.63 -49.93 -72.64
N PRO C 268 68.82 -49.64 -73.95
CA PRO C 268 69.83 -48.62 -74.28
C PRO C 268 69.40 -47.24 -73.81
N SER C 269 68.21 -46.80 -74.20
CA SER C 269 67.71 -45.49 -73.76
C SER C 269 67.83 -45.33 -72.25
N ALA C 270 67.45 -46.36 -71.50
CA ALA C 270 67.72 -46.35 -70.06
C ALA C 270 69.18 -45.98 -69.82
N GLY C 271 70.09 -46.70 -70.50
CA GLY C 271 71.50 -46.33 -70.47
C GLY C 271 71.72 -44.85 -70.76
N LEU C 272 71.15 -44.37 -71.85
CA LEU C 272 71.41 -43.01 -72.33
C LEU C 272 70.99 -41.96 -71.30
N ARG C 273 69.78 -42.10 -70.76
CA ARG C 273 69.33 -41.12 -69.78
C ARG C 273 70.19 -41.17 -68.53
N LEU C 274 70.45 -42.37 -68.00
CA LEU C 274 71.33 -42.33 -66.84
C LEU C 274 72.79 -42.04 -67.20
N PHE C 275 73.11 -41.78 -68.48
CA PHE C 275 74.45 -41.38 -68.92
C PHE C 275 74.51 -39.93 -69.39
N ALA C 276 73.43 -39.16 -69.21
CA ALA C 276 73.43 -37.76 -69.63
C ALA C 276 74.63 -37.00 -69.06
N LEU C 277 75.75 -37.03 -69.78
CA LEU C 277 76.95 -36.31 -69.35
C LEU C 277 77.90 -36.10 -70.52
N HIS C 278 78.83 -37.03 -70.71
CA HIS C 278 79.72 -36.99 -71.87
C HIS C 278 79.01 -37.62 -73.07
N ALA C 279 78.26 -38.68 -72.80
CA ALA C 279 77.48 -39.36 -73.81
C ALA C 279 76.57 -38.40 -74.56
N SER C 280 75.71 -37.72 -73.80
CA SER C 280 74.82 -36.76 -74.42
C SER C 280 75.58 -35.69 -75.20
N GLN C 281 76.86 -35.46 -74.88
CA GLN C 281 77.68 -34.60 -75.75
C GLN C 281 77.84 -35.21 -77.13
N PHE C 282 78.21 -36.50 -77.20
CA PHE C 282 78.28 -37.07 -78.55
C PHE C 282 76.92 -36.98 -79.25
N SER C 283 75.81 -36.95 -78.48
CA SER C 283 74.54 -36.71 -79.15
C SER C 283 74.44 -35.28 -79.68
N THR C 284 74.99 -34.29 -78.95
CA THR C 284 75.01 -32.93 -79.46
C THR C 284 75.72 -32.85 -80.80
N CYS C 285 76.82 -33.60 -80.97
CA CYS C 285 77.49 -33.56 -82.27
C CYS C 285 76.60 -34.06 -83.39
N LEU C 286 75.60 -34.87 -83.09
CA LEU C 286 74.62 -35.31 -84.09
C LEU C 286 73.27 -34.56 -83.95
N LEU C 287 73.30 -33.22 -83.99
CA LEU C 287 72.10 -32.39 -84.05
C LEU C 287 71.95 -31.71 -85.42
N ASP C 288 72.36 -32.38 -86.49
CA ASP C 288 72.19 -31.82 -87.83
C ASP C 288 71.90 -32.96 -88.81
N ASN C 289 72.80 -33.94 -88.90
CA ASN C 289 72.49 -35.15 -89.66
C ASN C 289 71.52 -36.03 -88.88
N TYR C 290 71.68 -36.13 -87.56
CA TYR C 290 70.85 -36.95 -86.70
C TYR C 290 69.99 -36.13 -85.74
N VAL C 291 69.86 -34.82 -85.95
CA VAL C 291 68.79 -34.11 -85.25
C VAL C 291 67.44 -34.73 -85.62
N SER C 292 67.27 -35.10 -86.90
CA SER C 292 66.06 -35.79 -87.35
C SER C 292 66.07 -37.26 -86.94
N LEU C 293 67.19 -37.95 -87.17
CA LEU C 293 67.24 -39.39 -86.93
C LEU C 293 67.03 -39.67 -85.46
N PHE C 294 67.82 -39.00 -84.62
CA PHE C 294 67.78 -39.19 -83.19
C PHE C 294 66.38 -38.96 -82.62
N GLU C 295 65.84 -37.78 -82.87
CA GLU C 295 64.56 -37.44 -82.28
C GLU C 295 63.41 -38.17 -82.93
N VAL C 296 63.64 -38.75 -84.10
CA VAL C 296 62.56 -39.50 -84.74
C VAL C 296 62.49 -40.90 -84.19
N LEU C 297 63.65 -41.54 -83.92
CA LEU C 297 63.59 -42.79 -83.17
C LEU C 297 63.00 -42.56 -81.78
N LEU C 298 63.37 -41.45 -81.13
CA LEU C 298 62.72 -41.06 -79.88
C LEU C 298 61.20 -41.07 -79.99
N LYS C 299 60.67 -40.07 -80.71
CA LYS C 299 59.22 -39.88 -80.76
C LYS C 299 58.52 -41.12 -81.30
N TRP C 300 59.09 -41.74 -82.33
CA TRP C 300 58.50 -42.95 -82.88
C TRP C 300 58.35 -44.02 -81.81
N CYS C 301 59.33 -44.13 -80.91
CA CYS C 301 59.12 -44.94 -79.73
C CYS C 301 57.91 -44.44 -78.96
N ALA C 302 57.86 -43.13 -78.69
CA ALA C 302 56.74 -42.60 -77.92
C ALA C 302 55.40 -43.03 -78.52
N HIS C 303 55.34 -43.23 -79.84
CA HIS C 303 54.09 -43.63 -80.48
C HIS C 303 53.84 -45.14 -80.42
N THR C 304 54.87 -45.97 -80.52
CA THR C 304 54.62 -47.40 -80.46
C THR C 304 54.02 -47.76 -79.10
N ASN C 305 53.12 -48.74 -79.10
CA ASN C 305 52.37 -49.10 -77.90
C ASN C 305 53.15 -50.12 -77.08
N VAL C 306 54.14 -49.63 -76.35
CA VAL C 306 55.09 -50.48 -75.64
C VAL C 306 55.00 -50.18 -74.15
N GLU C 307 55.47 -51.14 -73.35
CA GLU C 307 55.62 -50.92 -71.91
C GLU C 307 56.74 -49.95 -71.60
N LEU C 308 57.46 -49.53 -72.63
CA LEU C 308 58.58 -48.61 -72.52
C LEU C 308 58.35 -47.37 -73.39
N LYS C 309 57.13 -46.85 -73.36
CA LYS C 309 56.90 -45.48 -73.83
C LYS C 309 57.82 -44.51 -73.11
N LYS C 310 57.91 -44.64 -71.78
CA LYS C 310 58.79 -43.76 -71.02
C LYS C 310 60.25 -43.92 -71.41
N ALA C 311 60.61 -44.98 -72.14
CA ALA C 311 61.94 -45.01 -72.77
C ALA C 311 62.13 -43.81 -73.69
N ALA C 312 61.09 -43.51 -74.48
CA ALA C 312 61.15 -42.38 -75.40
C ALA C 312 61.43 -41.08 -74.67
N LEU C 313 60.59 -40.76 -73.67
CA LEU C 313 60.82 -39.57 -72.87
C LEU C 313 62.20 -39.59 -72.25
N SER C 314 62.52 -40.69 -71.56
CA SER C 314 63.77 -40.80 -70.83
C SER C 314 64.98 -40.48 -71.69
N ALA C 315 64.97 -40.90 -72.95
CA ALA C 315 66.06 -40.49 -73.81
C ALA C 315 65.92 -39.03 -74.22
N LEU C 316 64.72 -38.66 -74.66
CA LEU C 316 64.45 -37.32 -75.18
C LEU C 316 64.86 -36.25 -74.19
N GLU C 317 64.09 -36.12 -73.10
CA GLU C 317 64.41 -35.16 -72.04
C GLU C 317 65.88 -35.19 -71.66
N SER C 318 66.50 -36.37 -71.66
CA SER C 318 67.91 -36.45 -71.28
C SER C 318 68.78 -35.63 -72.24
N PHE C 319 68.79 -36.03 -73.51
CA PHE C 319 69.57 -35.28 -74.47
C PHE C 319 69.08 -33.85 -74.63
N LEU C 320 67.89 -33.54 -74.11
CA LEU C 320 67.45 -32.16 -73.93
C LEU C 320 68.20 -31.48 -72.78
N LYS C 321 68.48 -32.22 -71.71
CA LYS C 321 69.35 -31.69 -70.67
C LYS C 321 70.68 -31.32 -71.27
N GLN C 322 71.20 -32.19 -72.14
CA GLN C 322 72.40 -31.82 -72.87
C GLN C 322 72.13 -30.63 -73.79
N VAL C 323 70.95 -30.58 -74.39
CA VAL C 323 70.57 -29.46 -75.26
C VAL C 323 70.85 -28.17 -74.52
N SER C 324 70.02 -27.81 -73.53
CA SER C 324 70.22 -26.52 -72.87
C SER C 324 71.64 -26.41 -72.32
N ASN C 325 72.16 -27.53 -71.80
CA ASN C 325 73.51 -27.61 -71.26
C ASN C 325 74.56 -27.08 -72.24
N VAL C 327 74.38 -26.30 -75.45
CA VAL C 327 73.78 -25.14 -76.12
C VAL C 327 74.21 -23.84 -75.44
N ALA C 328 74.21 -23.83 -74.10
CA ALA C 328 74.59 -22.65 -73.35
C ALA C 328 76.07 -22.60 -73.03
N LYS C 329 76.69 -23.75 -72.83
CA LYS C 329 78.12 -23.86 -72.57
C LYS C 329 78.93 -23.87 -73.87
N ASN C 330 78.32 -23.33 -74.93
CA ASN C 330 78.92 -23.10 -76.23
C ASN C 330 78.86 -21.60 -76.54
N ALA C 331 78.87 -21.25 -77.82
CA ALA C 331 78.87 -19.85 -78.21
C ALA C 331 77.61 -19.45 -78.95
N GLU C 332 77.73 -18.41 -79.77
CA GLU C 332 76.64 -17.91 -80.59
C GLU C 332 76.62 -18.57 -81.96
N HIS C 334 77.15 -21.70 -82.57
CA HIS C 334 76.39 -22.91 -82.33
C HIS C 334 75.05 -22.51 -81.70
N LYS C 335 74.25 -21.78 -82.49
CA LYS C 335 72.93 -21.31 -82.06
C LYS C 335 71.83 -21.64 -83.06
N ASN C 336 72.05 -21.34 -84.34
CA ASN C 336 70.99 -21.55 -85.33
C ASN C 336 70.61 -23.03 -85.39
N LYS C 337 71.63 -23.90 -85.51
CA LYS C 337 71.40 -25.33 -85.52
C LYS C 337 70.61 -25.81 -84.30
N LEU C 338 70.70 -25.10 -83.17
CA LEU C 338 69.84 -25.34 -82.01
C LEU C 338 68.40 -24.94 -82.30
N GLN C 339 68.22 -23.65 -82.61
CA GLN C 339 66.91 -23.11 -82.92
C GLN C 339 66.17 -24.03 -83.88
N TYR C 340 66.89 -24.75 -84.73
CA TYR C 340 66.24 -25.67 -85.66
C TYR C 340 65.42 -26.70 -84.90
N PHE C 341 66.08 -27.45 -84.02
CA PHE C 341 65.37 -28.43 -83.20
C PHE C 341 64.21 -27.75 -82.48
N GLU C 343 62.45 -25.18 -83.23
CA GLU C 343 61.36 -24.73 -84.11
C GLU C 343 60.56 -25.91 -84.62
N GLN C 344 61.20 -27.09 -84.79
CA GLN C 344 60.39 -28.28 -85.02
C GLN C 344 59.46 -28.52 -83.84
N PHE C 345 59.98 -28.31 -82.62
CA PHE C 345 59.09 -28.39 -81.45
C PHE C 345 57.97 -27.37 -81.56
N TYR C 346 58.31 -26.14 -81.98
CA TYR C 346 57.31 -25.12 -82.25
C TYR C 346 56.21 -25.62 -83.18
N GLY C 347 56.56 -26.44 -84.17
CA GLY C 347 55.53 -27.00 -85.02
C GLY C 347 54.66 -27.96 -84.25
N ILE C 348 55.28 -28.73 -83.34
CA ILE C 348 54.50 -29.51 -82.39
C ILE C 348 53.70 -28.63 -81.43
N ILE C 349 53.98 -27.33 -81.37
CA ILE C 349 53.23 -26.43 -80.51
C ILE C 349 51.96 -25.94 -81.19
N ARG C 350 52.07 -25.50 -82.44
CA ARG C 350 50.88 -24.98 -83.12
C ARG C 350 49.99 -26.11 -83.64
N ASN C 351 50.55 -27.04 -84.43
CA ASN C 351 49.73 -28.01 -85.13
C ASN C 351 49.17 -29.14 -84.26
N VAL C 352 49.40 -29.15 -82.94
CA VAL C 352 48.70 -30.14 -82.11
C VAL C 352 47.21 -29.85 -82.07
N ASP C 353 46.82 -28.65 -82.48
CA ASP C 353 45.43 -28.37 -82.83
C ASP C 353 44.92 -29.38 -83.87
N SER C 354 45.80 -29.77 -84.81
CA SER C 354 45.46 -30.82 -85.76
C SER C 354 45.54 -32.22 -85.14
N ASN C 355 46.73 -32.66 -84.72
CA ASN C 355 46.93 -34.03 -84.22
C ASN C 355 47.49 -34.00 -82.80
N ASN C 356 46.78 -34.64 -81.86
CA ASN C 356 47.13 -34.70 -80.45
C ASN C 356 48.42 -35.44 -80.14
N LYS C 357 49.46 -34.66 -79.85
CA LYS C 357 50.73 -35.19 -79.40
C LYS C 357 50.58 -36.02 -78.11
N GLU C 358 49.58 -35.70 -77.27
CA GLU C 358 49.28 -36.35 -75.98
C GLU C 358 50.42 -36.23 -74.98
N LEU C 359 51.08 -37.34 -74.71
CA LEU C 359 52.30 -37.32 -73.94
C LEU C 359 53.32 -36.42 -74.62
N SER C 360 53.31 -36.38 -75.95
CA SER C 360 54.19 -35.48 -76.66
C SER C 360 53.81 -34.01 -76.42
N ILE C 361 52.56 -33.73 -76.05
CA ILE C 361 52.27 -32.35 -75.66
C ILE C 361 53.02 -32.03 -74.37
N ALA C 362 53.24 -33.02 -73.51
CA ALA C 362 54.21 -32.82 -72.45
C ALA C 362 55.56 -32.48 -73.04
N ILE C 363 56.02 -33.31 -73.98
CA ILE C 363 57.34 -33.13 -74.60
C ILE C 363 57.52 -31.71 -75.06
N ARG C 364 56.58 -31.21 -75.87
CA ARG C 364 56.74 -29.88 -76.43
C ARG C 364 56.73 -28.83 -75.34
N GLY C 365 55.85 -28.97 -74.35
CA GLY C 365 55.94 -28.12 -73.19
C GLY C 365 57.32 -28.21 -72.57
N TYR C 366 57.76 -29.44 -72.30
CA TYR C 366 59.12 -29.67 -71.82
C TYR C 366 60.14 -29.26 -72.88
N GLY C 367 59.76 -29.34 -74.16
CA GLY C 367 60.58 -28.77 -75.21
C GLY C 367 60.71 -27.29 -74.95
N LEU C 368 59.57 -26.60 -74.83
CA LEU C 368 59.53 -25.18 -74.49
C LEU C 368 60.10 -24.98 -73.09
N PHE C 369 60.80 -25.99 -72.59
CA PHE C 369 61.55 -25.99 -71.35
C PHE C 369 63.05 -25.90 -71.60
N ALA C 370 63.60 -26.80 -72.43
CA ALA C 370 65.04 -27.04 -72.48
C ALA C 370 65.80 -25.86 -73.08
N GLY C 371 65.71 -25.69 -74.39
CA GLY C 371 66.25 -24.52 -75.05
C GLY C 371 65.75 -23.17 -74.55
N PRO C 372 64.46 -23.07 -74.17
CA PRO C 372 63.99 -21.78 -73.63
C PRO C 372 64.62 -21.38 -72.33
N CYS C 373 65.24 -22.32 -71.61
CA CYS C 373 66.02 -21.92 -70.43
C CYS C 373 67.23 -21.08 -70.84
N LYS C 374 67.84 -21.40 -71.97
CA LYS C 374 69.07 -20.72 -72.38
C LYS C 374 68.96 -19.97 -73.71
N VAL C 375 68.51 -20.62 -74.79
CA VAL C 375 68.54 -19.97 -76.10
C VAL C 375 67.72 -18.68 -76.09
N ILE C 376 66.70 -18.62 -75.23
CA ILE C 376 65.87 -17.42 -75.03
C ILE C 376 66.69 -16.15 -74.99
N ASN C 377 67.83 -16.19 -74.29
CA ASN C 377 68.53 -14.96 -73.97
C ASN C 377 68.87 -14.18 -75.22
N ALA C 378 68.91 -14.84 -76.38
CA ALA C 378 69.28 -14.13 -77.59
C ALA C 378 68.16 -13.23 -78.12
N LYS C 379 66.90 -13.58 -77.87
CA LYS C 379 65.86 -13.03 -78.73
C LYS C 379 64.48 -13.16 -78.08
N ASP C 380 63.59 -12.24 -78.43
CA ASP C 380 62.24 -12.18 -77.85
C ASP C 380 61.44 -13.45 -78.11
N VAL C 381 60.60 -13.77 -77.13
CA VAL C 381 59.88 -15.03 -77.05
C VAL C 381 58.60 -14.80 -76.27
N ASP C 382 58.12 -13.56 -76.30
CA ASP C 382 56.77 -13.31 -75.83
C ASP C 382 55.76 -14.17 -76.59
N PHE C 383 56.07 -14.58 -77.83
CA PHE C 383 55.14 -15.42 -78.59
C PHE C 383 54.92 -16.76 -77.89
N TYR C 385 55.15 -19.16 -74.65
CA TYR C 385 54.77 -18.82 -73.28
C TYR C 385 53.46 -18.04 -73.20
N VAL C 386 53.27 -17.03 -74.04
CA VAL C 386 51.93 -16.49 -74.16
C VAL C 386 51.02 -17.51 -74.81
N GLU C 387 51.50 -18.17 -75.88
CA GLU C 387 50.76 -19.30 -76.44
C GLU C 387 50.76 -20.49 -75.48
N LEU C 388 51.93 -20.86 -74.92
CA LEU C 388 51.99 -21.95 -73.94
C LEU C 388 50.97 -21.72 -72.83
N ILE C 389 51.07 -20.57 -72.19
CA ILE C 389 50.15 -20.09 -71.17
C ILE C 389 48.72 -20.35 -71.63
N GLN C 390 48.36 -19.79 -72.79
CA GLN C 390 46.99 -19.95 -73.28
C GLN C 390 46.62 -21.43 -73.36
N ARG C 391 47.56 -22.27 -73.77
CA ARG C 391 47.28 -23.69 -73.91
C ARG C 391 46.97 -24.31 -72.56
N CYS C 392 47.84 -24.10 -71.59
CA CYS C 392 47.59 -24.67 -70.27
C CYS C 392 46.31 -24.11 -69.66
N LYS C 393 45.89 -22.89 -70.06
CA LYS C 393 44.63 -22.39 -69.56
C LYS C 393 43.47 -23.11 -70.23
N GLN C 394 43.68 -23.54 -71.48
CA GLN C 394 42.77 -24.43 -72.18
C GLN C 394 42.77 -25.71 -71.35
N PHE C 396 43.66 -26.76 -68.54
CA PHE C 396 43.20 -26.83 -67.15
C PHE C 396 41.76 -26.41 -66.99
N LEU C 397 41.33 -25.31 -67.66
CA LEU C 397 39.94 -24.89 -67.54
C LEU C 397 39.03 -25.93 -68.15
N THR C 398 39.54 -26.62 -69.19
CA THR C 398 38.89 -27.75 -69.82
C THR C 398 38.77 -28.94 -68.89
N GLN C 399 39.46 -28.94 -67.75
CA GLN C 399 39.25 -29.98 -66.76
C GLN C 399 37.79 -29.88 -66.28
N THR C 400 37.03 -28.92 -66.86
CA THR C 400 35.57 -28.97 -67.01
C THR C 400 35.15 -30.02 -68.05
N ASP C 401 36.12 -30.82 -68.48
CA ASP C 401 35.87 -32.13 -69.06
C ASP C 401 36.35 -33.17 -68.06
N THR C 402 35.75 -34.35 -68.12
CA THR C 402 36.12 -35.43 -67.22
C THR C 402 37.43 -36.10 -67.63
N GLY C 403 38.23 -35.43 -68.44
CA GLY C 403 39.49 -35.98 -68.90
C GLY C 403 40.41 -36.35 -67.75
N ASP C 404 40.66 -37.63 -67.58
CA ASP C 404 41.63 -38.10 -66.59
C ASP C 404 43.03 -37.65 -67.01
N ASP C 405 43.08 -36.51 -67.72
CA ASP C 405 44.28 -35.77 -68.08
C ASP C 405 45.14 -35.63 -66.84
N ARG C 406 45.74 -36.75 -66.45
CA ARG C 406 46.31 -36.93 -65.12
C ARG C 406 47.03 -35.69 -64.62
N VAL C 407 46.61 -35.21 -63.46
CA VAL C 407 47.21 -34.00 -62.92
C VAL C 407 48.65 -34.31 -62.52
N TYR C 408 49.16 -35.52 -62.88
CA TYR C 408 50.60 -35.70 -63.02
C TYR C 408 51.06 -35.21 -64.37
N GLN C 409 50.18 -35.22 -65.36
CA GLN C 409 50.52 -34.61 -66.62
C GLN C 409 50.50 -33.09 -66.49
N PRO C 411 51.85 -31.19 -64.07
CA PRO C 411 53.11 -30.58 -63.61
C PRO C 411 54.32 -31.13 -64.34
N SER C 412 54.04 -32.08 -65.24
CA SER C 412 54.80 -32.14 -66.48
C SER C 412 54.61 -30.83 -67.22
N PHE C 413 53.35 -30.52 -67.52
CA PHE C 413 53.01 -29.24 -68.12
C PHE C 413 53.40 -28.06 -67.23
N LEU C 414 53.22 -28.20 -65.92
CA LEU C 414 53.46 -27.05 -65.06
C LEU C 414 54.94 -26.86 -64.79
N GLN C 415 55.66 -27.95 -64.52
CA GLN C 415 57.12 -27.93 -64.53
C GLN C 415 57.63 -27.14 -65.72
N SER C 416 57.29 -27.62 -66.91
CA SER C 416 57.62 -26.87 -68.11
C SER C 416 57.07 -25.45 -68.03
N VAL C 417 55.90 -25.27 -67.41
CA VAL C 417 55.33 -23.94 -67.25
C VAL C 417 56.24 -23.11 -66.38
N ALA C 418 56.92 -23.74 -65.43
CA ALA C 418 57.76 -23.03 -64.50
C ALA C 418 58.97 -22.47 -65.22
N SER C 419 59.72 -23.31 -65.94
CA SER C 419 60.87 -22.72 -66.63
C SER C 419 60.44 -21.91 -67.85
N VAL C 420 59.31 -22.25 -68.43
CA VAL C 420 58.60 -21.36 -69.34
C VAL C 420 58.41 -19.98 -68.71
N LEU C 421 57.94 -19.95 -67.45
CA LEU C 421 57.75 -18.80 -66.57
C LEU C 421 59.08 -18.30 -65.99
N LEU C 422 60.21 -18.87 -66.37
CA LEU C 422 61.49 -18.45 -65.82
C LEU C 422 61.95 -17.09 -66.36
N TYR C 423 61.09 -16.41 -67.11
CA TYR C 423 61.41 -15.15 -67.75
C TYR C 423 60.12 -14.38 -67.95
N LEU C 424 60.16 -13.09 -67.62
CA LEU C 424 59.03 -12.18 -67.79
C LEU C 424 59.53 -10.74 -67.69
N ASP C 425 58.79 -9.84 -68.36
CA ASP C 425 58.95 -8.40 -68.21
C ASP C 425 57.88 -7.68 -69.05
N THR C 426 56.60 -7.91 -68.75
CA THR C 426 55.51 -7.28 -69.49
C THR C 426 54.33 -6.87 -68.60
N VAL C 427 53.48 -7.84 -68.21
CA VAL C 427 52.30 -7.63 -67.38
C VAL C 427 51.18 -6.87 -68.09
N PRO C 428 50.25 -7.56 -68.68
CA PRO C 428 49.14 -6.87 -69.34
C PRO C 428 47.83 -7.20 -68.65
N GLU C 429 47.80 -7.18 -67.31
CA GLU C 429 46.71 -7.85 -66.61
C GLU C 429 46.70 -9.23 -67.23
N VAL C 430 45.62 -9.65 -67.90
CA VAL C 430 45.62 -10.88 -68.71
C VAL C 430 46.54 -12.01 -68.24
N TYR C 431 47.83 -11.70 -68.09
CA TYR C 431 48.82 -12.67 -67.60
C TYR C 431 48.81 -12.79 -66.09
N THR C 432 48.60 -11.68 -65.36
CA THR C 432 48.48 -11.76 -63.91
C THR C 432 47.44 -12.83 -63.57
N PRO C 433 46.17 -12.64 -63.94
CA PRO C 433 45.17 -13.68 -63.65
C PRO C 433 45.52 -15.07 -64.16
N VAL C 434 46.03 -15.21 -65.39
CA VAL C 434 46.18 -16.55 -65.97
C VAL C 434 47.17 -17.37 -65.17
N LEU C 435 48.39 -16.83 -64.99
CA LEU C 435 49.36 -17.51 -64.16
C LEU C 435 48.80 -17.78 -62.79
N GLU C 436 48.08 -16.81 -62.22
CA GLU C 436 47.53 -16.97 -60.88
C GLU C 436 46.61 -18.19 -60.78
N HIS C 437 45.61 -18.27 -61.66
CA HIS C 437 44.70 -19.41 -61.62
C HIS C 437 45.45 -20.72 -61.85
N LEU C 438 46.45 -20.70 -62.73
CA LEU C 438 47.22 -21.92 -62.97
C LEU C 438 47.97 -22.31 -61.71
N VAL C 439 48.46 -21.31 -60.98
CA VAL C 439 49.08 -21.53 -59.67
C VAL C 439 48.15 -22.29 -58.76
N VAL C 440 47.01 -21.70 -58.40
CA VAL C 440 46.20 -22.39 -57.41
C VAL C 440 45.73 -23.73 -57.94
N GLN C 442 47.55 -25.90 -59.67
CA GLN C 442 48.54 -26.86 -59.21
C GLN C 442 48.43 -27.08 -57.69
N ILE C 443 48.34 -25.99 -56.93
CA ILE C 443 48.34 -26.07 -55.49
C ILE C 443 47.16 -26.86 -54.93
N ASP C 444 46.11 -27.10 -55.72
CA ASP C 444 45.03 -27.96 -55.29
C ASP C 444 45.04 -29.30 -56.00
N SER C 445 45.95 -29.49 -56.96
CA SER C 445 46.07 -30.76 -57.63
C SER C 445 46.92 -31.73 -56.85
N PHE C 446 47.33 -31.32 -55.67
CA PHE C 446 48.39 -31.94 -54.89
C PHE C 446 48.05 -33.16 -54.04
N PRO C 447 46.79 -33.45 -53.65
CA PRO C 447 46.60 -34.71 -52.93
C PRO C 447 46.66 -35.87 -53.89
N GLN C 448 46.00 -35.77 -55.03
CA GLN C 448 45.98 -36.86 -55.98
C GLN C 448 47.30 -36.87 -56.72
N TYR C 449 48.17 -37.83 -56.36
CA TYR C 449 49.46 -38.10 -57.00
C TYR C 449 49.93 -39.47 -56.54
N SER C 450 51.04 -39.93 -57.13
CA SER C 450 51.94 -40.87 -56.49
C SER C 450 52.94 -40.10 -55.64
N PRO C 451 53.64 -40.75 -54.70
CA PRO C 451 54.63 -40.02 -53.90
C PRO C 451 55.74 -39.35 -54.72
N LYS C 452 56.25 -40.05 -55.74
CA LYS C 452 57.25 -39.49 -56.64
C LYS C 452 56.73 -38.24 -57.34
N GLN C 454 54.53 -36.52 -56.61
CA GLN C 454 54.21 -35.60 -55.53
C GLN C 454 55.39 -34.71 -55.18
N LEU C 455 56.56 -35.31 -54.95
CA LEU C 455 57.77 -34.52 -54.74
C LEU C 455 58.04 -33.65 -55.96
N VAL C 456 57.80 -34.20 -57.16
CA VAL C 456 58.02 -33.43 -58.37
C VAL C 456 57.20 -32.16 -58.32
N CYS C 457 55.95 -32.27 -57.87
CA CYS C 457 55.05 -31.11 -57.90
C CYS C 457 55.41 -30.13 -56.83
N CYS C 458 55.92 -30.61 -55.71
CA CYS C 458 56.63 -29.72 -54.81
C CYS C 458 57.62 -28.87 -55.61
N ARG C 459 58.52 -29.53 -56.36
CA ARG C 459 59.50 -28.80 -57.17
C ARG C 459 58.85 -27.80 -58.10
N ALA C 460 57.68 -28.17 -58.64
CA ALA C 460 56.89 -27.22 -59.42
C ALA C 460 56.57 -25.99 -58.59
N ILE C 461 55.89 -26.17 -57.46
CA ILE C 461 55.38 -25.02 -56.72
C ILE C 461 56.52 -24.09 -56.34
N VAL C 462 57.66 -24.66 -55.93
CA VAL C 462 58.78 -23.81 -55.55
C VAL C 462 59.38 -23.10 -56.76
N LYS C 463 59.40 -23.76 -57.92
CA LYS C 463 59.92 -23.08 -59.10
C LYS C 463 59.00 -21.92 -59.52
N VAL C 464 57.71 -22.21 -59.79
CA VAL C 464 56.79 -21.17 -60.27
C VAL C 464 56.68 -20.02 -59.28
N PHE C 465 56.63 -20.35 -57.98
CA PHE C 465 56.71 -19.30 -56.95
C PHE C 465 58.01 -18.55 -57.04
N LEU C 466 59.11 -19.26 -57.28
CA LEU C 466 60.41 -18.63 -57.46
C LEU C 466 60.32 -17.50 -58.46
N ALA C 467 59.77 -17.80 -59.64
CA ALA C 467 59.64 -16.82 -60.71
C ALA C 467 58.77 -15.64 -60.30
N LEU C 468 57.59 -15.95 -59.74
CA LEU C 468 56.71 -14.87 -59.31
C LEU C 468 57.37 -14.00 -58.24
N ALA C 469 58.20 -14.61 -57.36
CA ALA C 469 58.94 -13.90 -56.32
C ALA C 469 59.99 -12.97 -56.93
N ALA C 470 60.67 -13.45 -57.96
CA ALA C 470 61.51 -12.54 -58.73
C ALA C 470 60.70 -11.36 -59.28
N LYS C 471 59.40 -11.57 -59.52
CA LYS C 471 58.57 -10.64 -60.28
C LYS C 471 57.79 -9.69 -59.37
N GLY C 472 56.49 -9.92 -59.25
CA GLY C 472 55.59 -9.00 -58.61
C GLY C 472 55.36 -9.43 -57.18
N PRO C 473 55.55 -8.53 -56.25
CA PRO C 473 55.65 -8.94 -54.85
C PRO C 473 54.32 -8.93 -54.10
N VAL C 474 53.20 -9.03 -54.84
CA VAL C 474 51.88 -8.95 -54.25
C VAL C 474 51.05 -10.19 -54.53
N LEU C 475 51.16 -10.75 -55.73
CA LEU C 475 50.30 -11.83 -56.20
C LEU C 475 50.21 -13.00 -55.22
N ARG C 476 51.36 -13.60 -54.90
CA ARG C 476 51.48 -14.72 -53.97
C ARG C 476 50.57 -14.56 -52.77
N ASN C 477 50.34 -13.31 -52.32
CA ASN C 477 49.42 -13.03 -51.22
C ASN C 477 48.07 -13.66 -51.53
N CYS C 478 47.51 -13.28 -52.68
CA CYS C 478 46.25 -13.86 -53.10
C CYS C 478 46.39 -15.34 -53.42
N ILE C 479 47.57 -15.79 -53.83
CA ILE C 479 47.75 -17.23 -54.02
C ILE C 479 47.45 -17.96 -52.73
N SER C 480 48.32 -17.75 -51.74
CA SER C 480 48.22 -18.44 -50.47
C SER C 480 46.81 -18.33 -49.89
N THR C 481 46.24 -17.13 -49.88
CA THR C 481 44.86 -16.98 -49.40
C THR C 481 43.90 -17.91 -50.15
N VAL C 482 43.73 -17.72 -51.47
CA VAL C 482 42.73 -18.50 -52.22
C VAL C 482 42.96 -20.00 -52.04
N VAL C 483 44.21 -20.44 -52.23
CA VAL C 483 44.49 -21.88 -52.20
C VAL C 483 44.26 -22.43 -50.80
N HIS C 484 44.49 -21.61 -49.79
CA HIS C 484 44.32 -22.11 -48.44
C HIS C 484 42.85 -22.21 -48.12
N GLN C 485 42.07 -21.28 -48.65
CA GLN C 485 40.63 -21.50 -48.65
C GLN C 485 40.36 -22.88 -49.18
N GLY C 486 40.88 -23.18 -50.38
CA GLY C 486 40.62 -24.44 -51.05
C GLY C 486 40.76 -25.59 -50.08
N LEU C 487 41.87 -25.53 -49.37
CA LEU C 487 42.13 -26.46 -48.28
C LEU C 487 41.01 -26.45 -47.24
N ILE C 488 40.73 -25.29 -46.68
CA ILE C 488 39.95 -25.24 -45.44
C ILE C 488 38.45 -25.45 -45.64
N ARG C 489 37.91 -25.07 -46.79
CA ARG C 489 36.53 -25.42 -47.07
C ARG C 489 36.41 -26.82 -47.66
N ILE C 490 37.35 -27.26 -48.50
CA ILE C 490 37.28 -28.63 -48.99
C ILE C 490 37.38 -29.64 -47.85
N CYS C 491 37.83 -29.20 -46.67
CA CYS C 491 37.97 -30.07 -45.50
C CYS C 491 36.81 -31.04 -45.31
N SER C 492 35.58 -30.51 -45.19
CA SER C 492 34.36 -31.30 -44.99
C SER C 492 34.45 -32.59 -45.79
N LYS C 493 34.27 -33.76 -45.18
CA LYS C 493 33.89 -34.01 -43.78
C LYS C 493 34.94 -33.64 -42.70
N PRO C 494 34.63 -33.85 -41.40
CA PRO C 494 35.70 -33.77 -40.38
C PRO C 494 36.40 -35.10 -40.24
N VAL C 495 37.73 -35.09 -40.25
CA VAL C 495 38.50 -36.33 -40.20
C VAL C 495 38.79 -36.68 -38.74
N VAL C 496 37.84 -36.40 -37.87
CA VAL C 496 37.95 -36.69 -36.44
C VAL C 496 36.70 -37.43 -36.02
N LEU C 497 36.34 -38.45 -36.79
CA LEU C 497 35.12 -39.19 -36.52
C LEU C 497 35.41 -40.54 -35.85
N SER C 503 39.23 -39.87 -27.74
CA SER C 503 38.15 -39.66 -28.69
C SER C 503 37.02 -38.86 -28.06
N GLU C 504 36.59 -39.29 -26.87
CA GLU C 504 35.48 -38.62 -26.19
C GLU C 504 35.67 -37.11 -26.08
N SER C 505 36.65 -36.64 -25.32
CA SER C 505 36.74 -35.20 -25.03
C SER C 505 36.98 -34.36 -26.30
N GLU C 506 37.88 -34.82 -27.19
CA GLU C 506 38.19 -34.04 -28.39
C GLU C 506 37.05 -34.09 -29.40
N ASP C 507 36.55 -35.28 -29.71
CA ASP C 507 35.36 -35.37 -30.55
C ASP C 507 34.21 -34.57 -29.99
N HIS C 508 34.14 -34.44 -28.66
CA HIS C 508 33.11 -33.63 -28.04
C HIS C 508 33.37 -32.14 -28.28
N ARG C 509 34.61 -31.68 -28.12
CA ARG C 509 34.89 -30.28 -28.43
C ARG C 509 34.55 -29.98 -29.89
N ALA C 510 35.00 -30.85 -30.80
CA ALA C 510 34.76 -30.66 -32.23
C ALA C 510 33.28 -30.76 -32.57
N SER C 511 32.51 -31.57 -31.83
CA SER C 511 31.06 -31.61 -32.04
C SER C 511 30.41 -30.33 -31.52
N GLY C 512 30.78 -29.92 -30.30
CA GLY C 512 30.31 -28.67 -29.77
C GLY C 512 30.56 -27.51 -30.70
N GLU C 513 31.67 -27.54 -31.43
CA GLU C 513 31.83 -26.71 -32.61
C GLU C 513 30.59 -26.86 -33.49
N VAL C 514 30.51 -27.97 -34.23
CA VAL C 514 29.62 -28.05 -35.37
C VAL C 514 28.94 -29.42 -35.49
N ARG C 515 29.62 -30.48 -35.04
CA ARG C 515 29.21 -31.85 -35.38
C ARG C 515 29.25 -32.02 -36.90
N THR C 516 28.94 -33.19 -37.41
CA THR C 516 28.94 -33.33 -38.87
C THR C 516 27.72 -32.65 -39.46
N LYS C 525 39.14 -36.58 -51.06
CA LYS C 525 40.21 -35.67 -50.63
C LYS C 525 40.13 -35.30 -49.16
N ASP C 526 41.09 -35.80 -48.39
CA ASP C 526 41.08 -35.59 -46.96
C ASP C 526 41.52 -34.18 -46.62
N TYR C 527 41.00 -33.69 -45.52
CA TYR C 527 41.51 -32.48 -44.88
C TYR C 527 43.00 -32.62 -44.55
N VAL C 528 43.35 -33.65 -43.79
CA VAL C 528 44.70 -33.80 -43.24
C VAL C 528 45.76 -33.87 -44.33
N ASP C 529 45.53 -34.68 -45.36
CA ASP C 529 46.63 -35.11 -46.23
C ASP C 529 47.33 -33.90 -46.84
N LEU C 530 46.53 -32.96 -47.33
CA LEU C 530 47.01 -31.82 -48.08
C LEU C 530 48.11 -31.08 -47.33
N PHE C 531 48.12 -31.21 -46.01
CA PHE C 531 48.99 -30.39 -45.18
C PHE C 531 50.44 -30.78 -45.34
N ARG C 532 50.73 -32.07 -45.51
CA ARG C 532 52.09 -32.46 -45.82
C ARG C 532 52.65 -31.55 -46.90
N HIS C 533 51.87 -31.37 -47.98
CA HIS C 533 52.31 -30.52 -49.09
C HIS C 533 52.66 -29.12 -48.61
N LEU C 534 51.78 -28.50 -47.82
CA LEU C 534 52.11 -27.18 -47.27
C LEU C 534 53.41 -27.27 -46.49
N LEU C 535 53.45 -28.16 -45.49
CA LEU C 535 54.61 -28.41 -44.65
C LEU C 535 55.85 -28.68 -45.49
N SER C 536 55.83 -29.80 -46.21
CA SER C 536 56.97 -30.20 -47.04
C SER C 536 57.34 -29.09 -48.02
N SER C 537 56.43 -28.16 -48.30
CA SER C 537 56.78 -27.06 -49.18
C SER C 537 57.63 -26.04 -48.46
N ASP C 538 57.22 -25.68 -47.25
CA ASP C 538 57.87 -24.58 -46.54
C ASP C 538 59.23 -24.98 -45.98
N GLN C 539 59.38 -26.24 -45.56
CA GLN C 539 60.65 -26.75 -45.04
C GLN C 539 61.29 -27.71 -46.03
N ASP C 542 65.99 -25.23 -48.91
CA ASP C 542 66.02 -23.97 -48.17
C ASP C 542 66.54 -22.83 -49.04
N SER C 543 66.85 -21.70 -48.39
CA SER C 543 67.21 -20.42 -48.98
C SER C 543 65.95 -19.84 -49.54
N ILE C 544 65.89 -18.51 -49.65
CA ILE C 544 64.73 -17.80 -50.21
C ILE C 544 63.45 -18.06 -49.40
N LEU C 545 63.20 -19.33 -49.03
CA LEU C 545 62.14 -19.74 -48.12
C LEU C 545 61.89 -18.77 -46.98
N ALA C 546 62.88 -17.92 -46.71
CA ALA C 546 62.79 -16.89 -45.68
C ALA C 546 61.54 -16.07 -45.83
N ASP C 547 61.68 -14.92 -46.49
CA ASP C 547 60.60 -13.97 -46.72
C ASP C 547 59.34 -14.70 -47.14
N GLU C 548 59.53 -15.72 -47.99
CA GLU C 548 58.43 -16.55 -48.47
C GLU C 548 57.59 -17.08 -47.31
N ALA C 549 58.19 -17.92 -46.45
CA ALA C 549 57.47 -18.50 -45.33
C ALA C 549 56.97 -17.43 -44.37
N PHE C 550 57.66 -16.29 -44.30
CA PHE C 550 57.16 -15.18 -43.49
C PHE C 550 55.80 -14.75 -44.00
N PHE C 551 55.73 -14.42 -45.28
CA PHE C 551 54.46 -14.10 -45.91
C PHE C 551 53.45 -15.21 -45.71
N SER C 552 53.82 -16.41 -46.14
CA SER C 552 52.89 -17.53 -46.21
C SER C 552 52.16 -17.72 -44.90
N VAL C 553 52.92 -17.92 -43.84
CA VAL C 553 52.33 -17.97 -42.50
C VAL C 553 51.53 -16.70 -42.24
N ASN C 554 52.16 -15.52 -42.42
CA ASN C 554 51.57 -14.25 -41.96
C ASN C 554 50.18 -14.02 -42.54
N SER C 555 50.08 -13.89 -43.86
CA SER C 555 48.79 -13.74 -44.50
C SER C 555 47.88 -14.90 -44.14
N SER C 556 48.39 -16.14 -44.18
CA SER C 556 47.62 -17.32 -43.79
C SER C 556 46.80 -16.98 -42.54
N SER C 557 47.49 -16.35 -41.60
CA SER C 557 46.88 -15.84 -40.39
C SER C 557 45.81 -14.85 -40.79
N GLU C 558 46.18 -13.66 -41.28
CA GLU C 558 45.21 -12.57 -41.42
C GLU C 558 43.92 -13.02 -42.08
N SER C 559 44.07 -13.83 -43.12
CA SER C 559 42.91 -14.36 -43.82
C SER C 559 42.02 -15.09 -42.83
N LEU C 560 42.58 -16.10 -42.15
CA LEU C 560 41.74 -16.84 -41.20
C LEU C 560 41.20 -15.93 -40.10
N ASN C 561 42.03 -15.00 -39.62
CA ASN C 561 41.63 -14.05 -38.58
C ASN C 561 40.31 -13.40 -38.93
N HIS C 562 40.20 -12.90 -40.16
CA HIS C 562 38.91 -12.37 -40.56
C HIS C 562 37.94 -13.49 -40.94
N LEU C 563 38.44 -14.72 -41.13
CA LEU C 563 37.58 -15.82 -41.52
C LEU C 563 36.61 -16.18 -40.40
N LEU C 564 37.10 -16.65 -39.26
CA LEU C 564 36.16 -16.92 -38.19
C LEU C 564 35.39 -15.67 -37.78
N TYR C 565 36.07 -14.51 -37.75
CA TYR C 565 35.42 -13.22 -37.48
C TYR C 565 34.24 -12.95 -38.42
N ASP C 566 34.15 -13.69 -39.51
CA ASP C 566 33.00 -13.65 -40.40
C ASP C 566 31.75 -14.06 -39.64
N GLU C 567 31.26 -15.25 -39.90
CA GLU C 567 29.99 -15.61 -39.31
C GLU C 567 30.12 -16.53 -38.11
N PHE C 568 31.15 -17.38 -38.07
CA PHE C 568 31.39 -18.27 -36.94
C PHE C 568 31.29 -17.58 -35.58
N VAL C 569 32.18 -16.60 -35.35
CA VAL C 569 32.23 -15.81 -34.11
C VAL C 569 30.80 -15.45 -33.71
N LYS C 570 30.05 -14.86 -34.65
CA LYS C 570 28.62 -14.68 -34.44
C LYS C 570 27.92 -16.01 -34.27
N SER C 571 28.30 -17.01 -35.07
CA SER C 571 27.48 -18.22 -35.21
C SER C 571 27.18 -18.85 -33.87
N VAL C 572 28.11 -18.79 -32.94
CA VAL C 572 27.85 -19.40 -31.64
C VAL C 572 26.71 -18.66 -30.94
N LEU C 573 26.94 -17.40 -30.53
CA LEU C 573 25.90 -16.61 -29.87
C LEU C 573 24.64 -16.44 -30.69
N LYS C 574 24.66 -16.80 -31.97
CA LYS C 574 23.43 -16.76 -32.75
C LYS C 574 22.67 -18.06 -32.56
N ILE C 575 23.19 -19.18 -33.07
CA ILE C 575 22.35 -20.38 -33.10
C ILE C 575 21.99 -20.83 -31.70
N VAL C 576 22.86 -20.57 -30.72
CA VAL C 576 22.48 -20.91 -29.36
C VAL C 576 21.21 -20.15 -28.94
N GLU C 577 20.90 -19.04 -29.61
CA GLU C 577 19.67 -18.31 -29.37
C GLU C 577 18.65 -18.44 -30.51
N LYS C 578 18.94 -19.18 -31.58
CA LYS C 578 17.99 -19.42 -32.68
C LYS C 578 17.39 -20.83 -32.62
N LEU C 579 18.25 -21.83 -32.85
CA LEU C 579 17.78 -23.22 -32.85
C LEU C 579 17.05 -23.57 -31.57
N ASP C 580 17.48 -23.01 -30.42
CA ASP C 580 16.71 -23.19 -29.21
C ASP C 580 15.29 -22.62 -29.36
N LEU C 581 15.15 -21.52 -30.12
CA LEU C 581 13.83 -20.94 -30.33
C LEU C 581 12.94 -21.89 -31.12
N THR C 582 13.46 -22.52 -32.18
CA THR C 582 12.64 -23.52 -32.86
C THR C 582 12.36 -24.72 -31.96
N LEU C 583 13.32 -25.08 -31.11
CA LEU C 583 13.08 -26.08 -30.06
C LEU C 583 12.13 -25.54 -28.98
N GLU C 584 12.17 -24.23 -28.72
CA GLU C 584 11.43 -23.64 -27.60
C GLU C 584 9.91 -23.71 -27.78
N ILE C 585 9.23 -24.18 -26.73
CA ILE C 585 7.78 -24.17 -26.60
C ILE C 585 7.46 -23.62 -25.21
N GLN C 586 6.17 -23.59 -24.86
CA GLN C 586 5.78 -22.96 -23.59
C GLN C 586 6.38 -23.70 -22.39
N THR C 587 6.48 -25.03 -22.48
CA THR C 587 7.01 -25.85 -21.39
C THR C 587 8.53 -25.95 -21.43
N VAL C 588 9.13 -26.00 -22.62
CA VAL C 588 10.57 -26.23 -22.75
C VAL C 588 11.35 -24.93 -22.51
N GLY C 589 10.74 -23.76 -22.75
CA GLY C 589 11.46 -22.52 -22.53
C GLY C 589 12.07 -22.41 -21.15
N GLU C 590 11.41 -23.00 -20.15
CA GLU C 590 11.95 -22.99 -18.79
C GLU C 590 13.20 -23.85 -18.68
N GLN C 591 13.08 -25.14 -18.98
CA GLN C 591 14.25 -26.02 -18.97
C GLN C 591 15.39 -25.39 -19.76
N GLU C 592 15.07 -24.76 -20.89
CA GLU C 592 16.09 -24.06 -21.66
C GLU C 592 16.76 -22.94 -20.87
N ASN C 593 15.98 -22.19 -20.09
CA ASN C 593 16.64 -21.21 -19.22
C ASN C 593 17.55 -21.90 -18.25
N GLY C 594 17.10 -23.03 -17.69
CA GLY C 594 17.98 -23.84 -16.87
C GLY C 594 19.29 -24.15 -17.55
N ASP C 595 19.24 -24.50 -18.84
CA ASP C 595 20.43 -24.86 -19.61
C ASP C 595 21.29 -23.65 -19.97
N GLU C 596 20.70 -22.45 -20.02
CA GLU C 596 21.47 -21.26 -20.38
C GLU C 596 22.57 -20.94 -19.38
N ALA C 597 22.49 -21.48 -18.17
CA ALA C 597 23.44 -21.17 -17.12
C ALA C 597 24.64 -22.11 -17.08
N PRO C 598 24.46 -23.45 -17.16
CA PRO C 598 25.62 -24.37 -17.21
C PRO C 598 26.64 -23.97 -18.25
N GLY C 599 26.20 -24.09 -19.49
CA GLY C 599 26.95 -23.73 -20.68
C GLY C 599 25.96 -23.63 -21.81
N VAL C 600 26.44 -23.09 -22.93
CA VAL C 600 25.59 -22.80 -24.08
C VAL C 600 24.98 -24.07 -24.67
N TRP C 601 24.03 -23.91 -25.62
CA TRP C 601 23.38 -25.07 -26.24
C TRP C 601 24.30 -25.88 -27.13
N ILE C 603 25.73 -25.47 -30.40
CA ILE C 603 25.52 -25.57 -31.84
C ILE C 603 26.16 -24.35 -32.49
N PRO C 604 26.42 -24.40 -33.81
CA PRO C 604 26.84 -23.18 -34.53
C PRO C 604 25.83 -22.75 -35.58
N THR C 605 25.71 -21.44 -35.83
CA THR C 605 24.70 -20.96 -36.76
C THR C 605 25.16 -21.09 -38.20
N SER C 606 26.34 -20.56 -38.47
CA SER C 606 26.78 -20.25 -39.80
C SER C 606 27.86 -21.26 -40.20
N ASP C 607 27.40 -22.48 -40.34
CA ASP C 607 28.19 -23.69 -40.50
C ASP C 607 29.25 -23.72 -41.60
N PRO C 608 29.22 -22.94 -42.65
CA PRO C 608 30.41 -22.91 -43.53
C PRO C 608 31.57 -22.21 -42.86
N ALA C 609 31.35 -21.03 -42.28
CA ALA C 609 32.41 -20.38 -41.52
C ALA C 609 32.89 -21.27 -40.36
N ALA C 610 31.94 -21.83 -39.62
CA ALA C 610 32.21 -22.71 -38.49
C ALA C 610 32.70 -24.08 -38.93
N ASN C 611 32.66 -24.39 -40.23
CA ASN C 611 33.22 -25.62 -40.79
C ASN C 611 34.66 -25.41 -41.23
N LEU C 612 34.97 -24.25 -41.82
CA LEU C 612 36.33 -24.07 -42.27
C LEU C 612 37.26 -23.74 -41.12
N HIS C 613 36.81 -22.93 -40.16
CA HIS C 613 37.78 -22.56 -39.14
C HIS C 613 38.25 -23.77 -38.35
N PRO C 614 37.41 -24.81 -38.05
CA PRO C 614 37.98 -26.04 -37.51
C PRO C 614 39.08 -26.46 -38.43
N ALA C 615 38.72 -26.69 -39.69
CA ALA C 615 39.72 -26.94 -40.72
C ALA C 615 40.89 -25.96 -40.65
N LYS C 616 40.63 -24.65 -40.64
CA LYS C 616 41.76 -23.73 -40.77
C LYS C 616 42.74 -23.83 -39.58
N PRO C 617 42.42 -23.31 -38.33
CA PRO C 617 43.23 -23.69 -37.16
C PRO C 617 43.66 -25.13 -36.97
N LYS C 618 42.72 -26.09 -36.88
CA LYS C 618 43.06 -27.47 -36.57
C LYS C 618 44.24 -27.89 -37.42
N ASP C 619 44.21 -27.59 -38.72
CA ASP C 619 45.41 -27.71 -39.53
C ASP C 619 46.52 -26.84 -38.98
N PHE C 620 46.21 -25.58 -38.68
CA PHE C 620 47.23 -24.57 -38.43
C PHE C 620 48.26 -25.02 -37.40
N SER C 621 47.86 -25.83 -36.41
CA SER C 621 48.86 -26.41 -35.51
C SER C 621 49.87 -27.22 -36.30
N ALA C 622 49.40 -28.28 -36.94
CA ALA C 622 50.22 -29.11 -37.80
C ALA C 622 50.80 -28.28 -38.95
N PHE C 623 50.43 -27.01 -39.08
CA PHE C 623 51.07 -26.14 -40.06
C PHE C 623 52.34 -25.53 -39.49
N ILE C 624 52.20 -24.76 -38.41
CA ILE C 624 53.34 -24.05 -37.85
C ILE C 624 54.31 -25.02 -37.19
N ASN C 625 53.95 -26.30 -37.10
CA ASN C 625 54.78 -27.21 -36.32
C ASN C 625 56.12 -27.51 -36.98
N LEU C 626 56.13 -27.92 -38.26
CA LEU C 626 57.38 -28.33 -38.90
C LEU C 626 57.93 -27.29 -39.88
N VAL C 627 57.16 -26.25 -40.21
CA VAL C 627 57.56 -25.14 -41.08
C VAL C 627 58.66 -24.34 -40.38
N GLU C 628 59.01 -23.17 -40.93
CA GLU C 628 60.16 -22.40 -40.44
C GLU C 628 59.95 -22.17 -38.95
N PHE C 629 60.67 -22.91 -38.12
CA PHE C 629 60.36 -22.96 -36.70
C PHE C 629 61.59 -22.55 -35.90
N CYS C 630 62.09 -21.39 -36.26
CA CYS C 630 63.30 -20.81 -35.72
C CYS C 630 63.05 -19.38 -35.28
N ARG C 631 64.11 -18.81 -34.72
CA ARG C 631 64.11 -17.44 -34.23
C ARG C 631 63.85 -16.44 -35.35
N GLU C 632 63.62 -16.91 -36.57
CA GLU C 632 63.44 -16.00 -37.68
C GLU C 632 61.98 -15.69 -37.94
N ILE C 633 61.13 -16.71 -38.04
CA ILE C 633 59.71 -16.47 -38.21
C ILE C 633 59.08 -16.14 -36.88
N LEU C 634 59.72 -16.53 -35.80
CA LEU C 634 59.03 -16.50 -34.53
C LEU C 634 59.47 -15.39 -33.56
N PRO C 635 59.58 -14.12 -34.00
CA PRO C 635 59.28 -13.01 -33.07
C PRO C 635 58.10 -12.16 -33.54
N GLU C 636 58.11 -11.79 -34.83
CA GLU C 636 57.00 -11.03 -35.39
C GLU C 636 55.69 -11.80 -35.33
N LYS C 637 55.73 -13.11 -35.61
CA LYS C 637 54.53 -13.93 -35.52
C LYS C 637 53.83 -13.71 -34.19
N GLN C 638 54.60 -13.79 -33.10
CA GLN C 638 54.04 -13.59 -31.78
C GLN C 638 53.54 -12.16 -31.64
N ALA C 639 54.46 -11.21 -31.76
CA ALA C 639 54.14 -9.79 -31.61
C ALA C 639 52.81 -9.44 -32.24
N GLU C 640 52.61 -9.86 -33.48
CA GLU C 640 51.38 -9.58 -34.21
C GLU C 640 50.30 -10.53 -33.72
N PHE C 641 50.46 -11.77 -34.19
CA PHE C 641 49.46 -12.83 -34.19
C PHE C 641 48.87 -13.12 -32.80
N PHE C 642 49.61 -12.85 -31.73
CA PHE C 642 49.04 -13.05 -30.40
C PHE C 642 47.76 -12.24 -30.28
N GLU C 643 47.85 -10.94 -30.55
CA GLU C 643 46.82 -9.93 -30.29
C GLU C 643 45.44 -10.27 -30.84
N PRO C 644 45.27 -10.43 -32.16
CA PRO C 644 43.90 -10.50 -32.70
C PRO C 644 43.24 -11.81 -32.38
N TRP C 645 44.05 -12.86 -32.29
CA TRP C 645 43.59 -14.17 -31.87
C TRP C 645 42.93 -14.09 -30.50
N VAL C 646 43.71 -13.68 -29.51
CA VAL C 646 43.19 -13.57 -28.16
C VAL C 646 42.00 -12.64 -28.12
N TYR C 647 42.14 -11.51 -28.80
CA TYR C 647 41.06 -10.55 -28.83
C TYR C 647 39.72 -11.16 -29.24
N SER C 648 39.57 -11.54 -30.52
CA SER C 648 38.26 -12.06 -30.93
C SER C 648 37.92 -13.39 -30.27
N PHE C 649 38.89 -14.08 -29.65
CA PHE C 649 38.51 -15.21 -28.79
C PHE C 649 37.84 -14.70 -27.51
N SER C 650 38.14 -13.48 -27.07
CA SER C 650 37.48 -12.96 -25.88
C SER C 650 35.97 -12.95 -26.11
N TYR C 651 35.55 -13.49 -27.27
CA TYR C 651 34.19 -13.91 -27.57
C TYR C 651 33.94 -15.35 -27.18
N GLU C 652 34.97 -16.01 -26.65
CA GLU C 652 34.86 -17.19 -25.82
C GLU C 652 34.37 -18.41 -26.59
N LEU C 653 35.31 -19.27 -26.97
CA LEU C 653 35.01 -20.49 -27.71
C LEU C 653 36.24 -21.38 -27.79
N ILE C 654 36.01 -22.62 -27.36
CA ILE C 654 37.03 -23.63 -27.08
C ILE C 654 38.11 -23.66 -28.14
N LEU C 655 37.84 -24.28 -29.31
CA LEU C 655 38.89 -24.48 -30.29
C LEU C 655 39.60 -23.17 -30.63
N GLN C 656 38.86 -22.07 -30.65
CA GLN C 656 39.49 -20.77 -30.89
C GLN C 656 40.59 -20.52 -29.88
N SER C 657 40.29 -20.67 -28.59
CA SER C 657 41.34 -20.43 -27.63
C SER C 657 42.42 -21.49 -27.70
N THR C 658 42.05 -22.71 -28.11
CA THR C 658 43.02 -23.79 -28.23
C THR C 658 44.05 -23.44 -29.27
N ARG C 659 43.66 -22.58 -30.19
CA ARG C 659 44.54 -22.05 -31.19
C ARG C 659 45.49 -21.00 -30.64
N LEU C 660 45.41 -20.71 -29.36
CA LEU C 660 46.29 -19.74 -28.72
C LEU C 660 47.54 -20.40 -28.13
N PRO C 661 47.44 -21.52 -27.37
CA PRO C 661 48.65 -22.03 -26.73
C PRO C 661 49.48 -22.75 -27.75
N LEU C 662 48.79 -23.43 -28.65
CA LEU C 662 49.47 -24.01 -29.79
C LEU C 662 50.39 -22.98 -30.43
N ILE C 663 49.87 -21.79 -30.72
CA ILE C 663 50.74 -20.80 -31.35
C ILE C 663 51.80 -20.32 -30.37
N SER C 664 51.39 -19.92 -29.16
CA SER C 664 52.26 -19.12 -28.30
C SER C 664 53.41 -19.93 -27.75
N GLY C 665 53.11 -21.11 -27.20
CA GLY C 665 54.18 -21.97 -26.76
C GLY C 665 54.77 -22.77 -27.87
N PHE C 666 54.07 -22.87 -29.00
CA PHE C 666 54.64 -23.61 -30.11
C PHE C 666 55.83 -22.87 -30.67
N TYR C 667 55.65 -21.58 -30.97
CA TYR C 667 56.76 -20.76 -31.41
C TYR C 667 57.99 -20.98 -30.54
N LYS C 668 58.98 -21.71 -31.08
CA LYS C 668 60.18 -22.07 -30.34
C LYS C 668 61.00 -20.82 -30.07
N LEU C 669 60.38 -19.93 -29.29
CA LEU C 669 61.04 -18.80 -28.67
C LEU C 669 60.30 -18.53 -27.37
N LEU C 670 59.68 -19.60 -26.84
CA LEU C 670 59.31 -19.70 -25.45
C LEU C 670 60.58 -19.41 -24.68
N SER C 671 61.09 -18.18 -24.82
CA SER C 671 62.42 -17.83 -24.36
C SER C 671 62.76 -16.35 -24.55
N ILE C 672 62.57 -15.80 -25.76
CA ILE C 672 62.62 -14.34 -25.87
C ILE C 672 61.48 -13.73 -25.07
N THR C 673 60.32 -14.38 -25.11
CA THR C 673 59.22 -14.01 -24.22
C THR C 673 59.61 -14.16 -22.75
N VAL C 674 60.34 -15.24 -22.41
CA VAL C 674 60.73 -15.46 -21.01
C VAL C 674 61.64 -14.33 -20.53
N ARG C 675 62.77 -14.13 -21.22
CA ARG C 675 63.68 -13.05 -20.87
C ARG C 675 62.96 -11.70 -20.84
N ASN C 676 62.14 -11.44 -21.87
CA ASN C 676 61.42 -10.17 -21.96
C ASN C 676 60.48 -9.98 -20.77
N ALA C 677 59.48 -10.86 -20.60
CA ALA C 677 58.50 -10.72 -19.52
C ALA C 677 59.21 -10.61 -18.17
N LYS C 678 60.23 -11.44 -17.97
CA LYS C 678 61.13 -11.30 -16.84
C LYS C 678 61.58 -9.86 -16.70
N LYS C 679 62.04 -9.28 -17.81
CA LYS C 679 62.52 -7.90 -17.82
C LYS C 679 61.42 -6.90 -17.49
N ILE C 680 60.16 -7.18 -17.87
CA ILE C 680 59.08 -6.23 -17.65
C ILE C 680 58.65 -6.21 -16.20
N LYS C 681 58.77 -7.34 -15.49
CA LYS C 681 58.38 -7.33 -14.09
C LYS C 681 59.25 -6.38 -13.28
N TYR C 682 60.55 -6.36 -13.58
CA TYR C 682 61.51 -5.63 -12.75
C TYR C 682 61.58 -4.15 -13.09
N LYS C 700 57.68 -2.94 -27.70
CA LYS C 700 57.71 -4.38 -27.89
C LYS C 700 57.22 -5.11 -26.63
N TYR C 701 57.23 -4.38 -25.51
CA TYR C 701 56.85 -4.95 -24.22
C TYR C 701 55.33 -5.06 -24.02
N SER C 702 54.56 -4.13 -24.62
CA SER C 702 53.13 -4.01 -24.31
C SER C 702 52.36 -5.28 -24.68
N CYS C 703 52.69 -5.91 -25.81
CA CYS C 703 52.04 -7.18 -26.14
C CYS C 703 52.19 -8.15 -24.98
N PHE C 704 53.37 -8.16 -24.36
CA PHE C 704 53.58 -9.04 -23.23
C PHE C 704 52.74 -8.59 -22.04
N ALA C 705 52.49 -7.28 -21.92
CA ALA C 705 51.50 -6.84 -20.95
C ALA C 705 50.14 -7.50 -21.19
N LEU C 706 49.77 -7.68 -22.46
CA LEU C 706 48.55 -8.44 -22.74
C LEU C 706 48.70 -9.93 -22.36
N PHE C 707 49.85 -10.55 -22.68
CA PHE C 707 50.13 -11.91 -22.23
C PHE C 707 49.71 -12.06 -20.78
N VAL C 708 50.22 -11.18 -19.93
CA VAL C 708 49.78 -11.14 -18.55
C VAL C 708 48.28 -11.01 -18.47
N LYS C 709 47.73 -10.02 -19.20
CA LYS C 709 46.35 -9.60 -19.00
C LYS C 709 45.36 -10.74 -19.10
N PHE C 710 45.63 -11.70 -19.98
CA PHE C 710 44.60 -12.68 -20.28
C PHE C 710 44.35 -13.61 -19.11
N GLY C 711 45.39 -13.91 -18.35
CA GLY C 711 45.29 -14.86 -17.28
C GLY C 711 44.01 -14.66 -16.50
N LYS C 712 43.77 -13.42 -16.06
CA LYS C 712 42.58 -13.07 -15.30
C LYS C 712 41.34 -13.62 -15.96
N GLU C 713 40.83 -12.90 -16.97
CA GLU C 713 39.54 -13.23 -17.54
C GLU C 713 39.47 -14.70 -17.94
N VAL C 714 40.58 -15.24 -18.44
CA VAL C 714 40.53 -16.59 -19.01
C VAL C 714 40.37 -17.64 -17.92
N ALA C 715 41.33 -17.73 -17.00
CA ALA C 715 41.20 -18.62 -15.85
C ALA C 715 39.81 -18.48 -15.22
N VAL C 716 39.32 -17.23 -15.12
CA VAL C 716 37.94 -17.01 -14.68
C VAL C 716 37.00 -17.83 -15.54
N LYS C 717 37.20 -17.78 -16.86
CA LYS C 717 36.33 -18.52 -17.77
C LYS C 717 36.39 -20.02 -17.50
N LYS C 719 37.12 -21.68 -14.33
CA LYS C 719 36.34 -22.03 -13.15
C LYS C 719 34.85 -21.80 -13.39
N GLN C 720 34.51 -20.57 -13.76
CA GLN C 720 33.11 -20.16 -13.87
C GLN C 720 32.38 -20.95 -14.95
N TYR C 721 32.76 -20.76 -16.21
CA TYR C 721 31.86 -21.06 -17.31
C TYR C 721 31.93 -22.49 -17.78
N LYS C 722 33.04 -23.16 -17.53
CA LYS C 722 33.46 -24.25 -18.38
C LYS C 722 32.87 -25.60 -17.98
N ASP C 723 31.99 -26.13 -18.84
CA ASP C 723 31.46 -27.48 -18.67
C ASP C 723 32.49 -28.53 -19.08
N GLU C 724 32.39 -29.69 -18.42
CA GLU C 724 33.46 -30.66 -18.27
C GLU C 724 34.30 -30.94 -19.52
N LEU C 725 33.67 -31.22 -20.65
CA LEU C 725 34.42 -31.52 -21.87
C LEU C 725 35.02 -30.26 -22.48
N LEU C 726 34.25 -29.20 -22.55
CA LEU C 726 34.77 -27.93 -23.05
C LEU C 726 35.61 -27.24 -21.99
N ALA C 727 35.30 -27.45 -20.71
CA ALA C 727 36.25 -27.11 -19.66
C ALA C 727 37.60 -27.68 -20.01
N SER C 728 37.62 -28.97 -20.38
CA SER C 728 38.87 -29.59 -20.82
C SER C 728 39.50 -28.79 -21.94
N CYS C 729 38.72 -28.53 -23.00
CA CYS C 729 39.24 -27.74 -24.11
C CYS C 729 39.97 -26.50 -23.63
N LEU C 730 39.23 -25.57 -23.02
CA LEU C 730 39.81 -24.32 -22.53
C LEU C 730 41.00 -24.56 -21.59
N THR C 731 40.98 -25.67 -20.85
CA THR C 731 41.98 -25.89 -19.81
C THR C 731 43.33 -26.37 -20.36
N PHE C 732 43.35 -27.10 -21.49
CA PHE C 732 44.64 -27.24 -22.18
C PHE C 732 45.28 -25.88 -22.28
N LEU C 733 44.44 -24.91 -22.57
CA LEU C 733 44.79 -23.58 -23.02
C LEU C 733 45.05 -22.66 -21.89
N LEU C 734 44.70 -23.08 -20.67
CA LEU C 734 45.04 -22.34 -19.47
C LEU C 734 46.15 -22.96 -18.65
N SER C 735 46.38 -24.28 -18.74
CA SER C 735 47.67 -24.79 -18.27
C SER C 735 48.79 -24.24 -19.13
N LEU C 736 48.67 -24.40 -20.44
CA LEU C 736 49.78 -24.03 -21.33
C LEU C 736 50.21 -22.57 -21.23
N PRO C 737 49.32 -21.56 -21.17
CA PRO C 737 49.85 -20.19 -21.03
C PRO C 737 50.62 -20.00 -19.75
N HIS C 738 50.06 -20.34 -18.59
CA HIS C 738 50.87 -20.35 -17.38
C HIS C 738 52.18 -21.08 -17.65
N ASN C 739 52.08 -22.31 -18.18
CA ASN C 739 53.26 -23.08 -18.56
C ASN C 739 54.29 -22.26 -19.34
N ILE C 740 53.84 -21.29 -20.13
CA ILE C 740 54.72 -20.44 -20.92
C ILE C 740 55.21 -19.23 -20.14
N ILE C 741 54.35 -18.64 -19.34
CA ILE C 741 54.68 -17.43 -18.60
C ILE C 741 55.05 -17.78 -17.16
N GLU C 742 55.57 -19.00 -16.94
CA GLU C 742 56.22 -19.44 -15.70
C GLU C 742 56.56 -18.29 -14.76
N LEU C 743 57.06 -17.21 -15.36
CA LEU C 743 57.28 -15.98 -14.63
C LEU C 743 55.98 -15.47 -14.02
N ASP C 744 54.85 -15.61 -14.74
CA ASP C 744 53.53 -15.15 -14.27
C ASP C 744 52.77 -16.19 -13.49
N VAL C 745 53.24 -17.43 -13.45
CA VAL C 745 52.54 -18.41 -12.61
C VAL C 745 52.98 -18.14 -11.19
N ARG C 746 53.33 -16.88 -10.93
CA ARG C 746 53.72 -16.35 -9.65
C ARG C 746 52.88 -16.93 -8.54
N ALA C 747 51.75 -16.31 -8.27
CA ALA C 747 50.97 -16.81 -7.15
C ALA C 747 49.86 -17.70 -7.67
N TYR C 748 48.77 -17.71 -6.92
CA TYR C 748 47.50 -18.23 -7.37
C TYR C 748 47.58 -19.74 -7.55
N VAL C 749 46.97 -20.46 -6.61
CA VAL C 749 46.91 -21.93 -6.63
C VAL C 749 45.65 -22.44 -7.34
N PRO C 750 44.63 -21.63 -7.70
CA PRO C 750 43.44 -22.25 -8.28
C PRO C 750 43.62 -22.73 -9.69
N ALA C 751 44.70 -22.30 -10.34
CA ALA C 751 44.94 -22.59 -11.73
C ALA C 751 45.23 -24.08 -11.85
N LEU C 752 46.48 -24.43 -11.55
CA LEU C 752 46.93 -25.81 -11.65
C LEU C 752 46.06 -26.76 -10.86
N GLN C 753 45.40 -26.30 -9.79
CA GLN C 753 44.71 -27.25 -8.93
C GLN C 753 43.60 -27.95 -9.69
N ALA C 755 43.64 -27.72 -12.84
CA ALA C 755 44.34 -28.19 -14.03
C ALA C 755 44.66 -29.67 -13.91
N PHE C 756 45.72 -29.99 -13.18
CA PHE C 756 46.07 -31.36 -12.82
C PHE C 756 44.83 -32.11 -12.37
N LYS C 757 44.03 -31.47 -11.51
CA LYS C 757 43.01 -32.19 -10.76
C LYS C 757 42.00 -32.87 -11.69
N LEU C 758 41.74 -32.26 -12.83
CA LEU C 758 41.08 -32.98 -13.90
C LEU C 758 42.09 -33.88 -14.60
N GLY C 759 43.28 -33.34 -14.88
CA GLY C 759 44.32 -34.12 -15.51
C GLY C 759 45.05 -35.04 -14.54
N LEU C 760 44.32 -36.00 -13.97
CA LEU C 760 44.88 -37.05 -13.13
C LEU C 760 44.19 -38.36 -13.43
N SER C 761 43.02 -38.59 -12.84
CA SER C 761 42.21 -39.77 -13.16
C SER C 761 41.06 -39.46 -14.11
N TYR C 762 40.89 -38.21 -14.52
CA TYR C 762 39.83 -37.91 -15.47
C TYR C 762 40.31 -37.94 -16.91
N THR C 763 41.48 -37.39 -17.19
CA THR C 763 41.96 -37.42 -18.57
C THR C 763 42.90 -38.56 -18.95
N PRO C 764 43.01 -39.67 -18.20
CA PRO C 764 43.95 -40.71 -18.67
C PRO C 764 43.46 -41.40 -19.93
N LEU C 765 42.14 -41.48 -20.11
CA LEU C 765 41.52 -42.04 -21.30
C LEU C 765 42.05 -41.39 -22.58
N ALA C 766 42.77 -40.28 -22.43
CA ALA C 766 43.50 -39.69 -23.54
C ALA C 766 44.62 -38.82 -22.97
N GLU C 767 45.88 -39.22 -23.22
CA GLU C 767 47.06 -38.52 -22.73
C GLU C 767 47.12 -37.04 -23.10
N VAL C 768 45.96 -36.40 -23.22
CA VAL C 768 45.88 -35.05 -23.75
C VAL C 768 45.97 -34.14 -22.55
N GLY C 769 44.97 -34.20 -21.68
CA GLY C 769 44.96 -33.36 -20.50
C GLY C 769 46.04 -33.73 -19.50
N LEU C 770 46.27 -35.03 -19.30
CA LEU C 770 47.28 -35.48 -18.34
C LEU C 770 48.63 -34.86 -18.63
N ASN C 771 49.18 -35.12 -19.82
CA ASN C 771 50.50 -34.69 -20.26
C ASN C 771 50.93 -33.30 -19.83
N ALA C 772 50.29 -32.27 -20.39
CA ALA C 772 50.70 -30.88 -20.23
C ALA C 772 50.95 -30.51 -18.77
N LEU C 773 50.50 -31.36 -17.86
CA LEU C 773 50.46 -31.03 -16.44
C LEU C 773 51.72 -31.48 -15.75
N GLU C 774 52.11 -32.74 -15.95
CA GLU C 774 53.42 -33.14 -15.48
C GLU C 774 54.41 -32.07 -15.88
N GLU C 775 54.53 -31.84 -17.19
CA GLU C 775 55.43 -30.80 -17.64
C GLU C 775 55.14 -29.49 -16.92
N TRP C 776 53.89 -29.21 -16.57
CA TRP C 776 53.67 -27.96 -15.86
C TRP C 776 54.38 -27.95 -14.51
N SER C 777 54.03 -28.90 -13.66
CA SER C 777 54.60 -28.89 -12.32
C SER C 777 56.12 -28.98 -12.38
N ILE C 778 56.68 -29.93 -13.14
CA ILE C 778 58.15 -30.04 -13.21
C ILE C 778 58.77 -28.70 -13.61
N TYR C 779 58.27 -28.11 -14.70
CA TYR C 779 58.87 -26.87 -15.21
C TYR C 779 58.84 -25.79 -14.12
N ILE C 780 57.79 -25.76 -13.30
CA ILE C 780 57.70 -24.73 -12.27
C ILE C 780 58.22 -25.20 -10.91
N ASP C 781 58.48 -26.49 -10.75
CA ASP C 781 59.00 -27.11 -9.52
C ASP C 781 60.33 -26.51 -9.10
N ARG C 782 61.03 -25.90 -10.03
CA ARG C 782 62.19 -25.11 -9.76
C ARG C 782 62.06 -23.88 -10.65
N HIS C 783 60.96 -23.13 -10.41
CA HIS C 783 60.70 -21.82 -10.99
C HIS C 783 60.14 -20.83 -9.96
N VAL C 784 61.03 -20.28 -9.13
CA VAL C 784 60.73 -19.16 -8.24
C VAL C 784 59.78 -19.61 -7.13
N GLN C 786 60.24 -21.69 -5.02
CA GLN C 786 61.00 -22.15 -3.87
C GLN C 786 60.63 -21.46 -2.55
N PRO C 787 60.45 -20.14 -2.48
CA PRO C 787 60.03 -19.54 -1.21
C PRO C 787 58.75 -20.10 -0.65
N TYR C 788 57.89 -20.69 -1.50
CA TYR C 788 56.55 -21.10 -1.09
C TYR C 788 56.29 -22.54 -1.51
N TYR C 789 56.21 -23.43 -0.51
CA TYR C 789 56.09 -24.85 -0.80
C TYR C 789 55.20 -25.54 0.23
N LYS C 790 55.51 -25.41 1.52
CA LYS C 790 54.74 -26.11 2.55
C LYS C 790 53.26 -25.77 2.47
N ASP C 791 52.92 -24.51 2.18
CA ASP C 791 51.53 -24.12 1.95
C ASP C 791 51.07 -24.39 0.54
N ILE C 792 51.99 -24.58 -0.41
CA ILE C 792 51.63 -24.66 -1.82
C ILE C 792 51.34 -26.07 -2.28
N LEU C 793 52.33 -26.95 -2.11
CA LEU C 793 52.33 -28.39 -2.39
C LEU C 793 51.45 -29.34 -1.56
N PRO C 794 50.74 -28.93 -0.44
CA PRO C 794 49.75 -29.89 0.10
C PRO C 794 48.61 -30.09 -0.87
N CYS C 795 47.94 -29.02 -1.28
CA CYS C 795 46.95 -29.10 -2.36
C CYS C 795 47.53 -29.76 -3.62
N LEU C 796 48.83 -29.59 -3.86
CA LEU C 796 49.46 -30.16 -5.05
C LEU C 796 49.51 -31.69 -4.98
N ASP C 797 50.16 -32.27 -3.94
CA ASP C 797 49.99 -33.71 -3.69
C ASP C 797 48.50 -34.06 -3.80
N GLY C 798 47.68 -33.17 -3.23
CA GLY C 798 46.24 -33.22 -3.26
C GLY C 798 45.70 -33.65 -4.59
N TYR C 799 46.14 -33.01 -5.69
CA TYR C 799 45.83 -33.61 -6.97
C TYR C 799 46.58 -34.93 -7.17
N LEU C 800 47.91 -34.94 -6.97
CA LEU C 800 48.77 -36.07 -7.33
C LEU C 800 48.18 -37.44 -7.04
N LYS C 801 47.45 -37.53 -5.93
CA LYS C 801 46.96 -38.81 -5.43
C LYS C 801 46.08 -39.51 -6.46
N THR C 802 45.27 -38.75 -7.19
CA THR C 802 44.34 -39.36 -8.12
C THR C 802 44.99 -39.68 -9.46
N SER C 803 46.29 -39.45 -9.59
CA SER C 803 47.05 -39.97 -10.73
C SER C 803 47.85 -41.21 -10.36
N ALA C 804 48.53 -41.17 -9.23
CA ALA C 804 49.25 -42.37 -8.80
C ALA C 804 48.28 -43.34 -8.12
N LEU C 805 47.81 -42.95 -6.93
CA LEU C 805 46.98 -43.77 -6.06
C LEU C 805 45.69 -44.15 -6.77
N SER C 806 45.55 -43.69 -8.02
CA SER C 806 44.61 -44.27 -8.97
C SER C 806 45.31 -45.26 -9.90
N ASP C 807 46.26 -44.80 -10.74
CA ASP C 807 46.86 -45.71 -11.72
C ASP C 807 47.42 -46.98 -11.11
N GLU C 808 47.46 -47.03 -9.79
CA GLU C 808 47.73 -48.28 -9.08
C GLU C 808 46.49 -49.14 -8.96
N THR C 809 45.33 -48.51 -8.75
CA THR C 809 44.09 -49.20 -8.45
C THR C 809 43.42 -49.76 -9.71
N ILE C 846 52.44 -42.79 -25.43
CA ILE C 846 52.41 -42.15 -24.12
C ILE C 846 51.51 -42.97 -23.18
N SER C 847 51.87 -44.25 -23.02
CA SER C 847 50.99 -45.21 -22.37
C SER C 847 50.70 -44.79 -20.92
N LEU C 848 49.52 -45.20 -20.43
CA LEU C 848 49.10 -44.86 -19.06
C LEU C 848 50.21 -45.06 -18.03
N GLU C 849 50.78 -46.28 -18.01
CA GLU C 849 51.88 -46.57 -17.11
C GLU C 849 53.07 -45.66 -17.37
N GLU C 850 53.42 -45.42 -18.64
CA GLU C 850 54.57 -44.56 -18.91
C GLU C 850 54.39 -43.18 -18.28
N ILE C 851 53.21 -42.60 -18.46
CA ILE C 851 52.86 -41.37 -17.75
C ILE C 851 53.14 -41.54 -16.26
N ARG C 852 52.64 -42.65 -15.70
CA ARG C 852 52.78 -42.90 -14.26
C ARG C 852 54.24 -42.95 -13.80
N ILE C 853 55.11 -43.61 -14.58
CA ILE C 853 56.54 -43.65 -14.24
C ILE C 853 57.09 -42.23 -14.21
N ARG C 854 56.69 -41.41 -15.17
CA ARG C 854 57.03 -40.00 -15.03
C ARG C 854 56.56 -39.43 -13.70
N VAL C 855 55.38 -39.87 -13.22
CA VAL C 855 54.84 -39.39 -11.94
C VAL C 855 55.91 -39.63 -10.88
N VAL C 856 56.18 -40.92 -10.65
CA VAL C 856 57.15 -41.31 -9.62
C VAL C 856 58.46 -40.56 -9.80
N GLN C 857 58.97 -40.50 -11.05
CA GLN C 857 60.24 -39.82 -11.29
C GLN C 857 60.20 -38.37 -10.79
N LEU C 859 57.91 -36.92 -8.33
CA LEU C 859 57.75 -36.96 -6.88
C LEU C 859 59.08 -37.29 -6.22
N GLY C 860 59.77 -38.27 -6.78
CA GLY C 860 61.11 -38.59 -6.32
C GLY C 860 62.04 -37.41 -6.48
N SER C 861 62.00 -36.74 -7.64
CA SER C 861 62.85 -35.57 -7.81
C SER C 861 62.66 -34.56 -6.69
N LEU C 862 61.56 -34.67 -5.95
CA LEU C 862 61.25 -33.76 -4.84
C LEU C 862 61.85 -34.17 -3.50
N GLY C 863 61.15 -35.03 -2.76
CA GLY C 863 61.57 -35.49 -1.44
C GLY C 863 61.20 -34.64 -0.25
N GLY C 864 61.41 -33.33 -0.33
CA GLY C 864 61.25 -32.44 0.81
C GLY C 864 59.91 -32.56 1.50
N GLN C 865 58.83 -32.25 0.77
CA GLN C 865 57.47 -32.28 1.28
C GLN C 865 56.56 -33.16 0.43
N ILE C 866 57.05 -34.32 0.01
CA ILE C 866 56.16 -35.29 -0.63
C ILE C 866 55.35 -36.07 0.39
N ASN C 867 55.64 -35.91 1.69
CA ASN C 867 55.06 -36.74 2.75
C ASN C 867 53.98 -36.02 3.55
N LYS C 868 54.41 -35.08 4.41
CA LYS C 868 53.52 -34.31 5.26
C LYS C 868 52.43 -33.55 4.48
N ASN C 869 52.56 -33.47 3.16
CA ASN C 869 51.52 -32.86 2.33
C ASN C 869 50.38 -33.83 2.02
N LEU C 870 50.64 -34.89 1.23
CA LEU C 870 49.57 -35.84 0.93
C LEU C 870 49.02 -36.53 2.17
N LEU C 871 49.75 -36.50 3.30
CA LEU C 871 49.15 -36.82 4.60
C LEU C 871 47.83 -36.08 4.80
N THR C 872 47.97 -34.84 5.30
CA THR C 872 46.85 -33.95 5.54
C THR C 872 45.93 -33.79 4.31
N VAL C 873 46.43 -34.03 3.09
CA VAL C 873 45.60 -34.12 1.90
C VAL C 873 44.55 -35.21 2.07
N THR C 874 45.02 -36.46 2.10
CA THR C 874 44.15 -37.60 2.29
C THR C 874 43.28 -37.42 3.53
N SER C 875 43.73 -36.60 4.49
CA SER C 875 42.92 -36.32 5.67
C SER C 875 41.77 -35.36 5.35
N SER C 876 42.07 -34.17 4.82
CA SER C 876 41.06 -33.14 4.56
C SER C 876 40.03 -33.56 3.50
N ASP C 877 40.47 -34.28 2.47
CA ASP C 877 39.57 -34.69 1.38
C ASP C 877 38.45 -35.62 1.82
N GLU C 878 38.45 -36.05 3.08
CA GLU C 878 37.45 -36.95 3.66
C GLU C 878 37.58 -38.34 3.05
N LYS C 881 33.61 -40.82 4.79
CA LYS C 881 32.29 -40.50 5.31
C LYS C 881 31.32 -41.67 5.29
N SER C 882 30.85 -42.09 6.48
CA SER C 882 29.86 -43.17 6.63
C SER C 882 28.54 -42.58 7.08
N TYR C 883 27.52 -42.63 6.21
CA TYR C 883 26.19 -42.10 6.53
C TYR C 883 25.38 -43.18 7.25
N VAL C 884 25.01 -44.21 6.48
CA VAL C 884 24.49 -45.50 6.93
C VAL C 884 23.29 -45.32 7.86
N ALA C 885 22.66 -44.15 7.76
CA ALA C 885 21.35 -43.85 8.33
C ALA C 885 21.21 -44.19 9.80
N TRP C 886 21.00 -43.18 10.64
CA TRP C 886 20.71 -43.35 12.06
C TRP C 886 21.53 -44.50 12.65
N ASP C 887 22.78 -44.60 12.22
CA ASP C 887 23.70 -45.60 12.74
C ASP C 887 23.15 -47.01 12.53
N ARG C 888 22.48 -47.23 11.38
CA ARG C 888 21.80 -48.51 11.11
C ARG C 888 20.90 -48.94 12.27
N GLU C 889 19.73 -48.35 12.41
CA GLU C 889 18.82 -48.76 13.48
C GLU C 889 18.41 -50.20 13.31
N LYS C 890 17.73 -50.50 12.21
CA LYS C 890 17.40 -51.88 11.93
C LYS C 890 17.79 -52.15 10.49
N ARG C 891 16.84 -51.97 9.58
CA ARG C 891 17.09 -52.14 8.16
C ARG C 891 16.61 -50.89 7.45
N LEU C 892 17.55 -50.14 6.86
CA LEU C 892 17.15 -49.05 6.01
C LEU C 892 16.25 -49.55 4.90
N SER C 893 16.46 -50.77 4.44
CA SER C 893 15.67 -51.20 3.29
C SER C 893 15.65 -52.74 3.26
N PHE C 894 14.67 -53.32 3.96
CA PHE C 894 14.51 -54.76 4.10
C PHE C 894 14.08 -55.43 2.78
N ALA C 895 13.79 -56.73 2.87
CA ALA C 895 13.00 -57.45 1.87
C ALA C 895 12.18 -58.51 2.60
N VAL C 896 11.32 -59.19 1.84
CA VAL C 896 10.58 -60.37 2.29
C VAL C 896 10.60 -61.37 1.15
N PRO C 897 11.77 -61.89 0.74
CA PRO C 897 11.81 -62.65 -0.51
C PRO C 897 11.72 -64.16 -0.40
N PHE C 898 12.78 -64.77 0.11
CA PHE C 898 12.86 -66.23 0.26
C PHE C 898 11.76 -66.81 1.15
N ARG C 899 11.27 -66.04 2.13
CA ARG C 899 10.25 -66.46 3.13
C ARG C 899 10.81 -67.42 4.15
N GLU C 900 12.09 -67.26 4.43
CA GLU C 900 12.81 -67.99 5.46
C GLU C 900 13.97 -67.08 5.83
N LYS C 902 15.71 -63.63 5.14
CA LYS C 902 15.63 -62.25 4.63
C LYS C 902 16.68 -61.34 5.25
N PRO C 903 17.73 -60.97 4.52
CA PRO C 903 18.81 -60.22 5.15
C PRO C 903 19.20 -58.97 4.40
N VAL C 904 18.36 -58.52 3.47
CA VAL C 904 18.84 -57.69 2.38
C VAL C 904 19.22 -56.30 2.87
N ILE C 905 18.44 -55.74 3.80
CA ILE C 905 18.78 -54.53 4.56
C ILE C 905 19.08 -53.35 3.64
N PHE C 906 19.99 -53.54 2.68
CA PHE C 906 20.32 -52.56 1.66
C PHE C 906 21.11 -51.40 2.26
N LEU C 907 21.00 -51.20 3.58
CA LEU C 907 21.74 -50.12 4.24
C LEU C 907 23.22 -50.19 3.94
N ASP C 908 23.76 -51.40 3.79
CA ASP C 908 25.13 -51.64 3.35
C ASP C 908 25.26 -51.56 1.84
N VAL C 909 24.15 -51.30 1.17
CA VAL C 909 24.06 -51.44 -0.27
C VAL C 909 23.92 -50.09 -1.00
N PHE C 910 23.39 -49.06 -0.34
CA PHE C 910 23.11 -47.72 -0.89
C PHE C 910 24.24 -46.96 -1.59
N LEU C 911 25.15 -46.42 -0.78
CA LEU C 911 26.32 -45.69 -1.26
C LEU C 911 27.09 -46.50 -2.30
N PRO C 912 27.07 -47.84 -2.25
CA PRO C 912 27.55 -48.60 -3.41
C PRO C 912 26.76 -48.33 -4.69
N ARG C 913 25.44 -48.45 -4.67
CA ARG C 913 24.65 -48.16 -5.86
C ARG C 913 24.90 -46.73 -6.34
N VAL C 914 25.04 -45.82 -5.38
CA VAL C 914 25.48 -44.46 -5.66
C VAL C 914 26.74 -44.47 -6.52
N THR C 915 27.79 -45.19 -6.06
CA THR C 915 29.04 -45.27 -6.81
C THR C 915 28.84 -45.91 -8.18
N GLU C 916 27.82 -46.75 -8.31
CA GLU C 916 27.56 -47.41 -9.58
C GLU C 916 27.09 -46.42 -10.62
N LEU C 917 26.22 -45.50 -10.22
CA LEU C 917 25.81 -44.45 -11.16
C LEU C 917 27.01 -43.70 -11.72
N ALA C 918 28.06 -43.56 -10.93
CA ALA C 918 29.23 -42.80 -11.36
C ALA C 918 30.23 -43.62 -12.17
N LEU C 919 30.18 -44.95 -12.10
CA LEU C 919 31.21 -45.80 -12.70
C LEU C 919 31.74 -45.34 -14.06
N THR C 920 30.88 -45.29 -15.09
CA THR C 920 31.24 -44.93 -16.47
C THR C 920 32.27 -45.86 -17.11
N ALA C 921 32.61 -46.97 -16.46
CA ALA C 921 33.62 -47.89 -16.99
C ALA C 921 32.96 -48.99 -17.80
N SER C 922 32.57 -50.08 -17.14
CA SER C 922 31.85 -51.17 -17.80
C SER C 922 30.42 -50.73 -18.02
N ASP C 923 30.27 -49.60 -18.71
CA ASP C 923 28.99 -48.99 -19.04
C ASP C 923 28.02 -49.93 -19.72
N ARG C 924 28.35 -51.22 -19.75
CA ARG C 924 27.52 -52.20 -20.44
C ARG C 924 26.70 -53.06 -19.49
N GLN C 925 27.36 -53.70 -18.53
CA GLN C 925 26.62 -54.41 -17.50
C GLN C 925 26.34 -53.48 -16.33
N THR C 926 27.35 -52.72 -15.95
CA THR C 926 27.30 -51.95 -14.73
C THR C 926 26.23 -50.88 -14.81
N LYS C 927 26.33 -50.01 -15.81
CA LYS C 927 25.39 -48.90 -15.86
C LYS C 927 23.97 -49.41 -15.79
N VAL C 928 23.65 -50.41 -16.61
CA VAL C 928 22.26 -50.81 -16.78
C VAL C 928 21.73 -51.43 -15.50
N ALA C 929 22.40 -52.46 -14.98
CA ALA C 929 21.78 -53.17 -13.88
C ALA C 929 22.13 -52.58 -12.53
N ALA C 930 23.29 -51.95 -12.43
CA ALA C 930 23.61 -51.14 -11.27
C ALA C 930 22.57 -50.05 -11.08
N CYS C 931 22.30 -49.29 -12.15
CA CYS C 931 21.39 -48.17 -12.02
C CYS C 931 19.95 -48.65 -11.90
N GLU C 932 19.51 -49.48 -12.86
CA GLU C 932 18.18 -50.06 -12.83
C GLU C 932 17.89 -50.72 -11.50
N LEU C 933 18.89 -51.42 -10.96
CA LEU C 933 18.81 -51.94 -9.61
C LEU C 933 18.49 -50.82 -8.65
N LEU C 934 19.37 -49.82 -8.59
CA LEU C 934 19.18 -48.71 -7.68
C LEU C 934 17.76 -48.17 -7.74
N HIS C 935 17.29 -47.91 -8.95
CA HIS C 935 15.88 -47.64 -9.19
C HIS C 935 15.02 -48.60 -8.39
N SER C 936 15.30 -49.89 -8.49
CA SER C 936 14.39 -50.88 -7.95
C SER C 936 14.34 -50.82 -6.43
N VAL C 938 14.80 -48.37 -4.91
CA VAL C 938 14.27 -47.06 -4.60
C VAL C 938 12.75 -47.05 -4.59
N PHE C 940 11.38 -49.58 -3.89
CA PHE C 940 11.25 -50.34 -2.65
C PHE C 940 11.18 -49.44 -1.43
N LEU C 942 10.84 -46.42 -1.13
CA LEU C 942 9.76 -45.47 -1.35
C LEU C 942 8.45 -46.02 -0.84
N GLY C 943 8.25 -47.32 -1.00
CA GLY C 943 6.96 -47.91 -0.73
C GLY C 943 6.85 -48.49 0.65
N LYS C 944 7.80 -49.33 1.06
CA LYS C 944 7.68 -49.86 2.41
C LYS C 944 7.99 -48.75 3.40
N ALA C 945 7.09 -47.77 3.49
CA ALA C 945 7.28 -46.56 4.27
C ALA C 945 5.93 -45.93 4.57
N THR C 946 4.90 -46.76 4.69
CA THR C 946 3.51 -46.32 4.82
C THR C 946 2.86 -46.70 6.14
N GLN C 947 3.33 -47.74 6.82
CA GLN C 947 2.69 -48.18 8.05
C GLN C 947 3.13 -47.25 9.18
N PRO C 949 6.08 -47.90 11.07
CA PRO C 949 7.30 -48.46 11.62
C PRO C 949 8.40 -47.42 11.71
N GLU C 950 9.63 -47.87 11.93
CA GLU C 950 10.75 -46.93 11.97
C GLU C 950 10.92 -46.24 10.61
N GLY C 951 10.71 -46.98 9.51
CA GLY C 951 10.91 -46.50 8.16
C GLY C 951 10.34 -45.12 7.88
N GLY C 952 9.16 -44.85 8.43
CA GLY C 952 8.48 -43.58 8.25
C GLY C 952 9.34 -42.44 8.78
N GLN C 953 9.64 -42.47 10.09
CA GLN C 953 10.59 -41.57 10.72
C GLN C 953 12.03 -41.83 10.28
N GLY C 954 12.15 -42.69 9.28
CA GLY C 954 13.43 -43.04 8.70
C GLY C 954 13.69 -42.29 7.40
N ALA C 955 12.64 -42.01 6.65
CA ALA C 955 12.74 -41.14 5.49
C ALA C 955 13.65 -39.92 5.66
N PRO C 956 13.73 -39.28 6.83
CA PRO C 956 14.58 -38.08 6.95
C PRO C 956 16.04 -38.33 6.60
N PRO C 957 16.69 -39.44 7.08
CA PRO C 957 18.04 -39.72 6.57
C PRO C 957 18.09 -40.66 5.37
N TYR C 959 15.85 -41.26 3.08
CA TYR C 959 15.32 -40.67 1.87
C TYR C 959 16.20 -39.54 1.40
N GLN C 960 16.55 -38.61 2.29
CA GLN C 960 17.41 -37.49 1.92
C GLN C 960 18.74 -37.97 1.33
N LEU C 961 19.45 -38.78 2.11
CA LEU C 961 20.79 -39.20 1.74
C LEU C 961 20.86 -39.86 0.39
N TYR C 962 19.90 -40.74 0.08
CA TYR C 962 19.89 -41.29 -1.27
C TYR C 962 19.39 -40.25 -2.27
N LYS C 963 18.31 -39.57 -1.90
CA LYS C 963 17.58 -38.67 -2.75
C LYS C 963 18.48 -37.70 -3.48
N ARG C 964 19.37 -37.00 -2.77
CA ARG C 964 20.31 -36.12 -3.46
C ARG C 964 20.93 -36.82 -4.67
N THR C 965 21.44 -38.04 -4.46
CA THR C 965 22.01 -38.77 -5.58
C THR C 965 20.98 -39.20 -6.61
N PHE C 966 19.69 -38.97 -6.38
CA PHE C 966 18.78 -39.35 -7.45
C PHE C 966 18.74 -38.35 -8.64
N PRO C 967 18.59 -37.03 -8.42
CA PRO C 967 18.65 -36.12 -9.58
C PRO C 967 19.94 -36.21 -10.34
N VAL C 968 21.06 -36.07 -9.64
CA VAL C 968 22.37 -36.27 -10.24
C VAL C 968 22.44 -37.60 -10.97
N LEU C 969 21.65 -38.59 -10.53
CA LEU C 969 21.50 -39.81 -11.31
C LEU C 969 20.89 -39.52 -12.66
N LEU C 970 19.79 -38.76 -12.70
CA LEU C 970 19.18 -38.52 -14.00
C LEU C 970 20.09 -37.70 -14.91
N ARG C 971 20.88 -36.78 -14.35
CA ARG C 971 21.82 -36.02 -15.17
C ARG C 971 22.97 -36.88 -15.70
N LEU C 972 23.85 -37.40 -14.84
CA LEU C 972 25.01 -38.13 -15.36
C LEU C 972 24.57 -39.44 -16.00
N ALA C 973 23.36 -39.88 -15.67
CA ALA C 973 22.67 -40.89 -16.45
C ALA C 973 22.33 -40.37 -17.83
N CYS C 974 22.12 -39.05 -17.98
CA CYS C 974 21.79 -38.51 -19.29
C CYS C 974 22.77 -38.97 -20.36
N ASP C 975 24.06 -39.00 -20.03
CA ASP C 975 25.09 -39.27 -21.02
C ASP C 975 25.06 -40.68 -21.60
N VAL C 976 24.64 -41.70 -20.83
CA VAL C 976 24.80 -43.07 -21.32
C VAL C 976 23.52 -43.87 -21.09
N ASP C 977 22.75 -43.51 -20.07
CA ASP C 977 21.59 -44.31 -19.74
C ASP C 977 20.54 -44.18 -20.84
N GLN C 978 20.43 -43.00 -21.42
CA GLN C 978 19.53 -42.73 -22.53
C GLN C 978 18.07 -43.06 -22.22
N VAL C 979 17.46 -44.08 -22.85
CA VAL C 979 16.08 -44.41 -22.48
C VAL C 979 15.98 -44.71 -20.99
N THR C 980 17.03 -45.31 -20.45
CA THR C 980 17.16 -45.70 -19.05
C THR C 980 17.08 -44.45 -18.17
N ARG C 981 18.05 -43.54 -18.31
CA ARG C 981 18.02 -42.26 -17.62
C ARG C 981 16.70 -41.55 -17.82
N GLN C 982 16.10 -41.72 -19.00
CA GLN C 982 14.86 -41.02 -19.28
C GLN C 982 13.86 -41.42 -18.23
N LEU C 983 13.52 -42.71 -18.18
CA LEU C 983 12.55 -43.15 -17.18
C LEU C 983 13.03 -42.87 -15.75
N TYR C 984 14.35 -42.79 -15.51
CA TYR C 984 14.78 -42.27 -14.20
C TYR C 984 14.28 -40.85 -13.95
N GLU C 985 14.28 -40.02 -14.98
CA GLU C 985 13.94 -38.62 -14.81
C GLU C 985 12.51 -38.48 -14.29
N PRO C 986 11.47 -38.81 -15.07
CA PRO C 986 10.14 -38.55 -14.56
C PRO C 986 9.93 -39.26 -13.24
N LEU C 987 10.36 -40.52 -13.15
CA LEU C 987 10.26 -41.29 -11.92
C LEU C 987 10.63 -40.43 -10.70
N VAL C 988 11.79 -39.78 -10.74
CA VAL C 988 12.10 -38.85 -9.65
C VAL C 988 11.07 -37.72 -9.62
N GLN C 990 8.28 -37.81 -9.97
CA GLN C 990 7.09 -38.43 -9.45
C GLN C 990 7.24 -38.72 -7.99
N LEU C 991 8.46 -38.97 -7.59
CA LEU C 991 8.77 -39.08 -6.18
C LEU C 991 8.77 -37.70 -5.54
N ILE C 992 8.88 -36.65 -6.36
CA ILE C 992 8.78 -35.29 -5.87
C ILE C 992 7.35 -34.77 -6.00
N HIS C 993 6.54 -35.34 -6.89
CA HIS C 993 5.12 -35.04 -6.82
C HIS C 993 4.49 -35.76 -5.64
N TRP C 994 5.02 -36.93 -5.29
CA TRP C 994 4.30 -37.83 -4.41
C TRP C 994 4.09 -37.22 -3.04
N PHE C 995 5.16 -36.88 -2.37
CA PHE C 995 4.99 -36.41 -1.02
C PHE C 995 4.40 -35.03 -0.96
N THR C 996 3.98 -34.44 -2.08
CA THR C 996 3.12 -33.27 -2.00
C THR C 996 1.67 -33.69 -2.09
N ASN C 997 1.36 -34.64 -2.98
CA ASN C 997 0.00 -35.13 -3.08
C ASN C 997 -0.43 -35.95 -1.86
N ASN C 998 0.27 -35.78 -0.73
CA ASN C 998 -0.05 -36.61 0.42
C ASN C 998 0.05 -35.85 1.73
N LYS C 999 1.26 -35.45 2.12
CA LYS C 999 1.51 -34.89 3.45
C LYS C 999 2.91 -34.29 3.43
N LYS C 1000 3.28 -33.67 4.55
CA LYS C 1000 4.59 -33.05 4.71
C LYS C 1000 5.76 -34.03 4.94
N PHE C 1001 6.11 -34.36 6.19
CA PHE C 1001 7.27 -35.20 6.57
C PHE C 1001 8.29 -35.54 5.47
N GLU C 1002 7.89 -36.24 4.43
CA GLU C 1002 8.72 -36.55 3.27
C GLU C 1002 8.85 -35.37 2.33
N SER C 1003 8.17 -34.27 2.61
CA SER C 1003 8.35 -33.07 1.80
C SER C 1003 9.76 -32.52 1.98
N GLN C 1004 10.30 -32.62 3.21
CA GLN C 1004 11.67 -32.21 3.51
C GLN C 1004 12.64 -32.53 2.40
N ASP C 1005 12.55 -33.74 1.86
CA ASP C 1005 13.57 -34.33 1.00
C ASP C 1005 13.98 -33.49 -0.19
N THR C 1006 13.38 -33.81 -1.33
CA THR C 1006 13.67 -33.12 -2.58
C THR C 1006 13.85 -31.63 -2.40
N VAL C 1007 12.85 -30.94 -1.87
CA VAL C 1007 12.93 -29.49 -1.74
C VAL C 1007 14.25 -29.08 -1.12
N ALA C 1008 14.71 -29.82 -0.11
CA ALA C 1008 15.97 -29.48 0.52
C ALA C 1008 17.16 -29.80 -0.39
N LEU C 1009 17.17 -31.00 -0.98
CA LEU C 1009 18.27 -31.42 -1.83
C LEU C 1009 18.32 -30.63 -3.12
N LEU C 1010 17.18 -30.64 -3.83
CA LEU C 1010 17.07 -29.89 -5.07
C LEU C 1010 17.37 -28.40 -4.87
N GLU C 1011 16.87 -27.80 -3.78
CA GLU C 1011 17.34 -26.49 -3.28
C GLU C 1011 18.84 -26.45 -3.02
N ALA C 1012 19.48 -27.60 -2.82
CA ALA C 1012 20.93 -27.66 -2.83
C ALA C 1012 21.50 -28.04 -4.19
N ILE C 1013 20.64 -28.36 -5.16
CA ILE C 1013 21.07 -28.61 -6.52
C ILE C 1013 21.29 -27.29 -7.23
N LEU C 1014 20.49 -26.28 -6.92
CA LEU C 1014 20.92 -24.95 -7.31
C LEU C 1014 22.06 -24.46 -6.45
N ASP C 1015 22.54 -25.32 -5.55
CA ASP C 1015 23.87 -25.19 -4.98
C ASP C 1015 24.89 -25.98 -5.80
N GLY C 1016 24.47 -27.02 -6.50
CA GLY C 1016 25.34 -27.67 -7.47
C GLY C 1016 25.77 -26.75 -8.60
N ILE C 1017 24.83 -25.97 -9.15
CA ILE C 1017 25.18 -25.11 -10.29
C ILE C 1017 26.21 -24.08 -9.86
N VAL C 1018 26.06 -23.57 -8.64
CA VAL C 1018 26.98 -22.57 -8.13
C VAL C 1018 28.27 -23.24 -7.65
N ASP C 1019 28.24 -24.57 -7.53
CA ASP C 1019 29.38 -25.46 -7.57
C ASP C 1019 29.84 -25.56 -9.01
N PRO C 1020 30.81 -26.40 -9.37
CA PRO C 1020 31.08 -26.63 -10.80
C PRO C 1020 29.93 -27.29 -11.54
N VAL C 1021 29.05 -28.00 -10.84
CA VAL C 1021 28.04 -28.82 -11.49
C VAL C 1021 27.18 -27.95 -12.42
N ASP C 1022 26.64 -28.57 -13.46
CA ASP C 1022 26.09 -27.75 -14.54
C ASP C 1022 24.61 -28.04 -14.84
N SER C 1023 24.29 -29.22 -15.39
CA SER C 1023 22.92 -29.47 -15.83
C SER C 1023 22.01 -29.98 -14.73
N THR C 1024 22.57 -30.49 -13.62
CA THR C 1024 21.72 -30.90 -12.51
C THR C 1024 20.82 -29.77 -12.12
N LEU C 1025 21.30 -28.54 -12.25
CA LEU C 1025 20.44 -27.41 -11.95
C LEU C 1025 19.28 -27.32 -12.92
N ARG C 1026 19.57 -27.48 -14.21
CA ARG C 1026 18.52 -27.52 -15.20
C ARG C 1026 17.44 -28.52 -14.81
N ASP C 1027 17.83 -29.79 -14.67
CA ASP C 1027 16.91 -30.85 -14.26
C ASP C 1027 16.17 -30.47 -12.98
N PHE C 1028 16.89 -29.90 -12.01
CA PHE C 1028 16.29 -29.49 -10.75
C PHE C 1028 15.17 -28.50 -10.96
N CYS C 1029 15.46 -27.42 -11.69
CA CYS C 1029 14.42 -26.45 -12.02
C CYS C 1029 13.23 -27.15 -12.64
N GLY C 1030 13.50 -28.14 -13.50
CA GLY C 1030 12.44 -28.96 -14.05
C GLY C 1030 11.70 -29.78 -13.01
N ARG C 1031 12.36 -30.10 -11.89
CA ARG C 1031 11.69 -30.78 -10.77
C ARG C 1031 10.78 -29.79 -10.05
N CYS C 1032 11.39 -28.69 -9.60
CA CYS C 1032 10.67 -27.65 -8.89
C CYS C 1032 9.41 -27.27 -9.61
N ILE C 1033 9.54 -26.87 -10.88
CA ILE C 1033 8.41 -26.36 -11.65
C ILE C 1033 7.24 -27.34 -11.60
N ARG C 1034 7.52 -28.64 -11.57
CA ARG C 1034 6.45 -29.63 -11.47
C ARG C 1034 6.02 -29.83 -10.03
N GLU C 1035 6.83 -29.38 -9.07
CA GLU C 1035 6.41 -29.49 -7.67
C GLU C 1035 5.57 -28.30 -7.23
N PHE C 1036 5.75 -27.13 -7.82
CA PHE C 1036 4.76 -26.09 -7.65
C PHE C 1036 3.52 -26.42 -8.44
N LEU C 1037 3.71 -27.11 -9.58
CA LEU C 1037 2.57 -27.63 -10.31
C LEU C 1037 1.85 -28.71 -9.51
N LYS C 1038 2.58 -29.45 -8.67
CA LYS C 1038 2.01 -30.56 -7.92
C LYS C 1038 1.50 -30.19 -6.53
N TRP C 1039 2.03 -29.15 -5.91
CA TRP C 1039 1.29 -28.52 -4.84
C TRP C 1039 0.03 -27.89 -5.41
N SER C 1040 0.20 -27.10 -6.46
CA SER C 1040 -0.92 -26.46 -7.14
C SER C 1040 -1.96 -27.50 -7.54
N ILE C 1041 -1.53 -28.75 -7.72
CA ILE C 1041 -2.47 -29.86 -7.87
C ILE C 1041 -2.97 -30.32 -6.51
N LYS C 1042 -2.09 -30.38 -5.51
CA LYS C 1042 -2.45 -30.80 -4.16
C LYS C 1042 -3.26 -29.70 -3.49
N GLN C 1043 -4.52 -29.60 -3.91
CA GLN C 1043 -5.48 -28.83 -3.14
C GLN C 1043 -5.92 -29.63 -1.93
N ILE C 1044 -6.57 -30.79 -2.17
CA ILE C 1044 -7.23 -31.65 -1.20
C ILE C 1044 -7.90 -30.72 -0.16
N THR C 1045 -8.60 -29.70 -0.69
CA THR C 1045 -9.16 -28.50 -0.07
C THR C 1045 -8.04 -27.53 0.27
N PRO C 1046 -8.11 -26.27 -0.19
CA PRO C 1046 -7.09 -25.25 0.14
C PRO C 1046 -6.83 -25.13 1.64
N GLN C 1047 -7.68 -25.78 2.43
CA GLN C 1047 -7.35 -26.02 3.82
C GLN C 1047 -5.97 -26.66 3.93
N GLN C 1048 -5.66 -27.60 3.03
CA GLN C 1048 -4.30 -28.12 2.93
C GLN C 1048 -3.32 -27.05 2.50
N GLN C 1049 -3.75 -26.15 1.61
CA GLN C 1049 -2.89 -25.04 1.19
C GLN C 1049 -2.26 -24.38 2.41
N GLU C 1050 -3.11 -23.89 3.30
CA GLU C 1050 -2.60 -23.29 4.54
C GLU C 1050 -1.88 -24.32 5.43
N LYS C 1051 -2.52 -25.47 5.64
CA LYS C 1051 -2.06 -26.43 6.65
C LYS C 1051 -0.61 -26.87 6.42
N SER C 1052 -0.28 -27.37 5.20
CA SER C 1052 1.05 -27.90 4.85
C SER C 1052 1.97 -26.79 4.34
N PRO C 1053 3.26 -26.81 4.74
CA PRO C 1053 4.17 -25.75 4.29
C PRO C 1053 5.23 -26.21 3.29
N VAL C 1054 4.87 -26.28 2.01
CA VAL C 1054 5.81 -26.69 0.96
C VAL C 1054 5.82 -25.65 -0.16
N ASN C 1055 4.69 -24.99 -0.37
CA ASN C 1055 4.57 -24.03 -1.46
C ASN C 1055 4.09 -22.68 -0.95
N THR C 1056 3.60 -21.86 -1.88
CA THR C 1056 3.09 -20.49 -1.62
C THR C 1056 4.08 -19.74 -0.72
N LYS C 1057 3.63 -19.10 0.36
CA LYS C 1057 4.50 -18.44 1.36
C LYS C 1057 5.77 -19.23 1.72
N SER C 1058 5.62 -20.51 2.07
CA SER C 1058 6.77 -21.34 2.41
C SER C 1058 7.80 -21.37 1.28
N LEU C 1059 7.35 -21.70 0.06
CA LEU C 1059 8.20 -21.64 -1.13
C LEU C 1059 8.94 -20.33 -1.21
N PHE C 1060 8.21 -19.24 -1.49
CA PHE C 1060 8.84 -17.95 -1.76
C PHE C 1060 9.76 -17.52 -0.63
N LYS C 1061 9.36 -17.81 0.61
CA LYS C 1061 10.25 -17.54 1.73
C LYS C 1061 11.60 -18.19 1.49
N ARG C 1062 11.57 -19.48 1.14
CA ARG C 1062 12.80 -20.16 0.80
C ARG C 1062 13.48 -19.54 -0.42
N LEU C 1063 12.71 -18.90 -1.31
CA LEU C 1063 13.28 -18.37 -2.54
C LEU C 1063 14.01 -17.06 -2.31
N TYR C 1064 13.32 -16.04 -1.79
CA TYR C 1064 13.99 -14.77 -1.51
C TYR C 1064 15.13 -14.98 -0.55
N SER C 1065 14.85 -15.68 0.56
CA SER C 1065 15.92 -16.03 1.47
C SER C 1065 17.03 -16.75 0.74
N LEU C 1066 16.71 -17.51 -0.31
CA LEU C 1066 17.76 -18.16 -1.08
C LEU C 1066 18.53 -17.17 -1.94
N ALA C 1067 17.83 -16.18 -2.51
CA ALA C 1067 18.45 -15.14 -3.30
C ALA C 1067 19.48 -14.40 -2.48
N LEU C 1068 19.20 -14.25 -1.19
CA LEU C 1068 20.11 -13.62 -0.25
C LEU C 1068 20.32 -14.58 0.91
N HIS C 1069 21.24 -15.52 0.74
CA HIS C 1069 21.80 -16.20 1.90
C HIS C 1069 23.27 -15.77 2.02
N PRO C 1070 24.24 -16.22 0.99
CA PRO C 1070 25.68 -16.05 1.22
C PRO C 1070 26.15 -14.71 0.67
N ASN C 1071 25.54 -13.64 1.17
CA ASN C 1071 25.71 -12.31 0.58
C ASN C 1071 25.41 -12.44 -0.90
N ALA C 1072 26.46 -12.64 -1.72
CA ALA C 1072 26.28 -12.74 -3.16
C ALA C 1072 27.47 -13.35 -3.90
N PHE C 1073 27.27 -14.54 -4.46
CA PHE C 1073 28.19 -15.19 -5.37
C PHE C 1073 27.54 -16.45 -5.93
N LYS C 1074 27.96 -17.61 -5.45
CA LYS C 1074 27.45 -18.90 -5.92
C LYS C 1074 26.22 -19.30 -5.10
N ARG C 1075 25.11 -18.63 -5.36
CA ARG C 1075 23.77 -18.93 -4.83
C ARG C 1075 22.81 -17.97 -5.50
N LEU C 1076 23.37 -16.86 -5.97
CA LEU C 1076 22.61 -15.87 -6.71
C LEU C 1076 22.09 -16.47 -8.00
N GLY C 1077 23.03 -16.98 -8.82
CA GLY C 1077 22.74 -17.59 -10.10
C GLY C 1077 21.81 -18.78 -10.01
N ALA C 1078 21.23 -19.00 -8.84
CA ALA C 1078 20.28 -20.06 -8.55
C ALA C 1078 18.85 -19.54 -8.49
N SER C 1079 18.65 -18.54 -7.64
CA SER C 1079 17.31 -18.03 -7.39
C SER C 1079 16.68 -17.58 -8.69
N LEU C 1080 17.43 -16.84 -9.50
CA LEU C 1080 16.91 -16.36 -10.75
C LEU C 1080 16.46 -17.52 -11.62
N ALA C 1081 17.27 -18.57 -11.68
CA ALA C 1081 16.88 -19.79 -12.35
C ALA C 1081 15.49 -20.17 -11.87
N PHE C 1082 15.27 -20.18 -10.55
CA PHE C 1082 13.91 -20.42 -10.06
C PHE C 1082 12.92 -19.46 -10.74
N ASN C 1083 13.14 -18.16 -10.60
CA ASN C 1083 12.14 -17.18 -11.02
C ASN C 1083 11.71 -17.41 -12.45
N ASN C 1084 12.68 -17.53 -13.36
CA ASN C 1084 12.35 -17.81 -14.74
C ASN C 1084 11.64 -19.15 -14.88
N ILE C 1085 12.07 -20.14 -14.09
CA ILE C 1085 11.50 -21.48 -14.17
C ILE C 1085 10.05 -21.49 -13.69
N TYR C 1086 9.68 -20.57 -12.81
CA TYR C 1086 8.31 -20.53 -12.32
C TYR C 1086 7.45 -19.49 -13.03
N ARG C 1087 8.07 -18.61 -13.83
CA ARG C 1087 7.37 -17.41 -14.29
C ARG C 1087 6.04 -17.70 -14.95
N GLU C 1088 6.04 -18.58 -15.97
CA GLU C 1088 4.80 -18.87 -16.70
C GLU C 1088 3.68 -19.26 -15.76
N PHE C 1089 4.02 -19.86 -14.62
CA PHE C 1089 3.02 -20.15 -13.60
C PHE C 1089 2.73 -18.91 -12.77
N ARG C 1090 3.74 -18.07 -12.51
CA ARG C 1090 3.48 -16.80 -11.83
C ARG C 1090 2.53 -15.90 -12.61
N GLU C 1091 2.53 -15.97 -13.94
CA GLU C 1091 1.66 -15.07 -14.68
C GLU C 1091 0.19 -15.37 -14.44
N GLU C 1092 -0.12 -16.59 -14.01
CA GLU C 1092 -1.50 -17.08 -13.93
C GLU C 1092 -1.62 -17.93 -12.68
N GLU C 1093 -2.29 -17.40 -11.65
CA GLU C 1093 -2.64 -18.20 -10.48
C GLU C 1093 -3.43 -17.45 -9.41
N SER C 1094 -3.99 -16.28 -9.74
CA SER C 1094 -4.95 -15.51 -8.93
C SER C 1094 -4.31 -14.56 -7.91
N LEU C 1095 -4.89 -14.48 -6.71
CA LEU C 1095 -4.43 -13.53 -5.70
C LEU C 1095 -2.98 -13.79 -5.32
N VAL C 1096 -2.54 -15.04 -5.39
CA VAL C 1096 -1.17 -15.38 -5.06
C VAL C 1096 -0.20 -14.65 -5.98
N GLU C 1097 -0.66 -14.20 -7.16
CA GLU C 1097 0.18 -13.43 -8.06
C GLU C 1097 0.45 -12.01 -7.61
N GLN C 1098 -0.15 -11.57 -6.50
CA GLN C 1098 -0.11 -10.16 -6.12
C GLN C 1098 1.04 -9.90 -5.16
N PHE C 1099 0.99 -10.51 -3.97
CA PHE C 1099 2.04 -10.31 -3.00
C PHE C 1099 3.41 -10.52 -3.62
N VAL C 1100 3.52 -11.51 -4.52
CA VAL C 1100 4.83 -11.89 -5.03
C VAL C 1100 5.35 -10.80 -5.93
N PHE C 1101 4.47 -10.18 -6.71
CA PHE C 1101 4.89 -9.05 -7.53
C PHE C 1101 5.54 -7.99 -6.65
N GLU C 1102 4.94 -7.72 -5.49
CA GLU C 1102 5.57 -6.85 -4.51
C GLU C 1102 6.89 -7.41 -4.00
N ALA C 1103 6.89 -8.66 -3.56
CA ALA C 1103 8.18 -9.18 -3.17
C ALA C 1103 9.09 -9.35 -4.38
N LEU C 1104 8.54 -9.38 -5.60
CA LEU C 1104 9.41 -9.34 -6.78
C LEU C 1104 10.28 -8.10 -6.78
N VAL C 1105 9.76 -6.98 -6.28
CA VAL C 1105 10.56 -5.76 -6.30
C VAL C 1105 11.81 -5.92 -5.48
N ILE C 1106 11.75 -6.76 -4.45
CA ILE C 1106 12.93 -6.95 -3.62
C ILE C 1106 13.93 -7.85 -4.35
N TYR C 1107 13.42 -8.73 -5.22
CA TYR C 1107 14.22 -9.75 -5.87
C TYR C 1107 15.43 -9.15 -6.55
N GLU C 1109 16.42 -5.93 -6.17
CA GLU C 1109 17.10 -5.35 -4.99
C GLU C 1109 18.06 -6.36 -4.42
N SER C 1110 17.55 -7.57 -4.26
CA SER C 1110 18.35 -8.74 -3.98
C SER C 1110 19.36 -8.90 -5.11
N LEU C 1111 18.96 -9.70 -6.10
CA LEU C 1111 19.86 -10.15 -7.16
C LEU C 1111 20.69 -9.01 -7.70
N ALA C 1112 20.05 -7.91 -8.10
CA ALA C 1112 20.75 -6.74 -8.61
C ALA C 1112 21.90 -6.38 -7.69
N LEU C 1113 21.56 -5.77 -6.54
CA LEU C 1113 22.60 -5.39 -5.60
C LEU C 1113 23.51 -6.56 -5.30
N ALA C 1114 22.91 -7.75 -5.16
CA ALA C 1114 23.70 -8.93 -4.86
C ALA C 1114 24.85 -9.06 -5.84
N HIS C 1115 24.56 -9.11 -7.14
CA HIS C 1115 25.68 -9.20 -8.07
C HIS C 1115 26.43 -7.88 -8.17
N ALA C 1116 25.73 -6.75 -7.97
CA ALA C 1116 26.27 -5.41 -8.23
C ALA C 1116 27.67 -5.17 -7.68
N ASP C 1117 27.80 -5.11 -6.35
CA ASP C 1117 29.12 -5.05 -5.74
C ASP C 1117 29.97 -6.25 -6.15
N GLU C 1118 29.38 -7.44 -6.11
CA GLU C 1118 30.05 -8.67 -6.54
C GLU C 1118 29.81 -8.92 -8.02
N LYS C 1119 29.83 -7.84 -8.79
CA LYS C 1119 30.10 -7.95 -10.22
C LYS C 1119 31.39 -8.73 -10.37
N SER C 1120 31.29 -10.05 -10.25
CA SER C 1120 32.41 -10.91 -10.51
C SER C 1120 32.23 -11.54 -11.88
N LEU C 1121 32.33 -10.68 -12.91
CA LEU C 1121 32.12 -11.07 -14.30
C LEU C 1121 30.67 -11.53 -14.50
N GLY C 1122 30.25 -11.70 -15.77
CA GLY C 1122 28.91 -12.17 -16.09
C GLY C 1122 28.41 -13.44 -15.40
N THR C 1123 27.88 -14.37 -16.19
CA THR C 1123 27.09 -15.49 -15.68
C THR C 1123 25.80 -15.01 -15.02
N ILE C 1124 25.94 -14.23 -13.95
CA ILE C 1124 24.81 -13.76 -13.16
C ILE C 1124 24.26 -12.44 -13.68
N GLN C 1125 25.13 -11.46 -13.98
CA GLN C 1125 24.69 -10.13 -14.41
C GLN C 1125 23.64 -10.18 -15.51
N GLN C 1126 23.59 -11.26 -16.29
CA GLN C 1126 22.71 -11.39 -17.44
C GLN C 1126 21.38 -12.00 -17.00
N CYS C 1127 21.47 -13.18 -16.43
CA CYS C 1127 20.28 -13.88 -15.95
C CYS C 1127 19.47 -13.04 -14.98
N CYS C 1128 20.13 -12.22 -14.17
CA CYS C 1128 19.40 -11.33 -13.25
C CYS C 1128 18.50 -10.36 -13.99
N ASP C 1129 19.07 -9.64 -14.96
CA ASP C 1129 18.22 -8.84 -15.83
C ASP C 1129 17.10 -9.68 -16.38
N ALA C 1130 17.35 -10.97 -16.66
CA ALA C 1130 16.25 -11.81 -17.12
C ALA C 1130 15.17 -11.97 -16.05
N ILE C 1131 15.54 -12.00 -14.77
CA ILE C 1131 14.52 -12.12 -13.73
C ILE C 1131 13.66 -10.87 -13.66
N ASP C 1132 14.29 -9.71 -13.82
CA ASP C 1132 13.51 -8.47 -13.77
C ASP C 1132 12.63 -8.32 -15.02
N HIS C 1133 13.18 -8.71 -16.16
CA HIS C 1133 12.43 -8.92 -17.39
C HIS C 1133 11.42 -10.05 -17.22
N LEU C 1134 11.33 -10.60 -16.01
CA LEU C 1134 10.09 -11.25 -15.62
C LEU C 1134 9.26 -10.43 -14.65
N CYS C 1135 9.87 -9.50 -13.92
CA CYS C 1135 9.06 -8.57 -13.15
C CYS C 1135 8.19 -7.68 -14.04
N ARG C 1136 8.46 -7.64 -15.35
CA ARG C 1136 7.59 -6.82 -16.21
C ARG C 1136 6.14 -7.26 -16.19
N ILE C 1137 5.85 -8.49 -15.76
CA ILE C 1137 4.49 -8.99 -15.80
C ILE C 1137 3.61 -8.18 -14.89
N ILE C 1138 4.20 -7.63 -13.82
CA ILE C 1138 3.46 -6.78 -12.90
C ILE C 1138 2.76 -5.68 -13.66
N GLU C 1139 3.41 -5.18 -14.71
CA GLU C 1139 3.06 -3.91 -15.34
C GLU C 1139 1.84 -4.12 -16.24
N LYS C 1140 0.77 -4.57 -15.60
CA LYS C 1140 -0.51 -4.89 -16.19
C LYS C 1140 -1.61 -4.44 -15.26
N LYS C 1141 -1.40 -3.26 -14.67
CA LYS C 1141 -2.30 -2.52 -13.78
C LYS C 1141 -3.36 -3.35 -13.06
N HIS C 1142 -3.22 -3.43 -11.74
CA HIS C 1142 -3.95 -4.38 -10.92
C HIS C 1142 -4.00 -3.81 -9.52
N VAL C 1143 -4.98 -4.29 -8.76
CA VAL C 1143 -5.23 -4.01 -7.35
C VAL C 1143 -5.10 -2.53 -6.97
N SER C 1144 -4.49 -1.72 -7.85
CA SER C 1144 -4.38 -0.27 -7.68
C SER C 1144 -3.48 0.16 -6.52
N LEU C 1145 -3.24 -0.71 -5.54
CA LEU C 1145 -2.22 -0.42 -4.53
C LEU C 1145 -0.80 -0.54 -5.08
N ASN C 1146 -0.60 -1.27 -6.16
CA ASN C 1146 0.70 -1.21 -6.85
C ASN C 1146 0.96 0.20 -7.33
N LYS C 1147 -0.06 0.81 -7.95
CA LYS C 1147 0.00 2.20 -8.37
C LYS C 1147 0.48 3.12 -7.25
N ALA C 1148 0.25 2.72 -6.00
CA ALA C 1148 0.61 3.54 -4.85
C ALA C 1148 1.95 3.09 -4.26
N LYS C 1149 1.95 1.96 -3.55
CA LYS C 1149 3.17 1.48 -2.92
C LYS C 1149 4.23 1.14 -3.95
N LYS C 1150 3.84 0.28 -4.91
CA LYS C 1150 4.77 -0.15 -5.93
C LYS C 1150 5.34 1.01 -6.73
N ARG C 1151 4.64 2.13 -6.76
CA ARG C 1151 5.20 3.36 -7.33
C ARG C 1151 6.10 4.09 -6.33
N ARG C 1152 5.79 4.01 -5.03
CA ARG C 1152 6.67 4.59 -4.02
C ARG C 1152 8.07 4.03 -4.13
N LEU C 1153 8.17 2.72 -4.36
CA LEU C 1153 9.49 2.08 -4.33
C LEU C 1153 10.44 2.58 -5.42
N PRO C 1154 10.11 2.47 -6.71
CA PRO C 1154 11.02 2.99 -7.74
C PRO C 1154 11.37 4.44 -7.54
N ARG C 1155 10.44 5.22 -6.99
CA ARG C 1155 10.77 6.58 -6.58
C ARG C 1155 11.93 6.53 -5.59
N GLY C 1156 11.83 5.65 -4.60
CA GLY C 1156 12.95 5.50 -3.71
C GLY C 1156 14.16 4.85 -4.32
N PHE C 1157 14.11 4.46 -5.60
CA PHE C 1157 15.25 3.70 -6.10
C PHE C 1157 16.44 4.49 -6.65
N PRO C 1158 16.29 5.72 -7.13
CA PRO C 1158 17.47 6.56 -7.31
C PRO C 1158 18.20 6.78 -5.98
N PRO C 1159 17.50 7.11 -4.89
CA PRO C 1159 18.24 7.36 -3.62
C PRO C 1159 18.87 6.12 -2.98
N SER C 1160 18.26 4.93 -3.06
CA SER C 1160 18.94 3.70 -2.64
C SER C 1160 19.38 2.89 -3.87
N ALA C 1161 20.26 3.53 -4.63
CA ALA C 1161 20.78 3.01 -5.90
C ALA C 1161 22.01 2.15 -5.66
N SER C 1162 21.93 0.88 -6.02
CA SER C 1162 22.91 -0.11 -5.62
C SER C 1162 24.01 -0.32 -6.66
N LEU C 1163 24.52 0.75 -7.29
CA LEU C 1163 25.65 0.75 -8.22
C LEU C 1163 25.36 0.25 -9.65
N CYS C 1164 24.75 -0.92 -9.83
CA CYS C 1164 24.35 -1.36 -11.16
C CYS C 1164 22.85 -1.37 -11.35
N LEU C 1165 22.07 -1.16 -10.29
CA LEU C 1165 20.66 -0.85 -10.50
C LEU C 1165 20.46 0.35 -11.41
N LEU C 1166 21.49 1.09 -11.79
CA LEU C 1166 21.32 2.25 -12.66
C LEU C 1166 20.28 1.96 -13.74
N ASP C 1167 20.62 1.07 -14.67
CA ASP C 1167 19.66 0.66 -15.69
C ASP C 1167 18.32 0.21 -15.10
N LEU C 1168 18.32 -0.26 -13.85
CA LEU C 1168 17.12 -0.81 -13.24
C LEU C 1168 16.24 0.28 -12.63
N VAL C 1169 16.80 1.08 -11.74
CA VAL C 1169 16.26 2.34 -11.26
C VAL C 1169 15.63 3.09 -12.41
N LYS C 1170 16.46 3.60 -13.33
CA LYS C 1170 15.91 4.38 -14.44
C LYS C 1170 14.81 3.62 -15.15
N TRP C 1171 15.08 2.34 -15.44
CA TRP C 1171 14.09 1.51 -16.11
C TRP C 1171 12.74 1.56 -15.41
N LEU C 1172 12.71 1.18 -14.13
CA LEU C 1172 11.47 1.23 -13.34
C LEU C 1172 10.85 2.63 -13.30
N LEU C 1173 11.64 3.69 -13.07
CA LEU C 1173 11.05 5.04 -13.04
C LEU C 1173 10.23 5.28 -14.29
N ALA C 1174 10.90 5.28 -15.45
CA ALA C 1174 10.17 5.51 -16.68
C ALA C 1174 9.02 4.53 -16.84
N HIS C 1175 9.26 3.27 -16.48
CA HIS C 1175 8.27 2.24 -16.81
C HIS C 1175 7.03 2.31 -15.96
N CYS C 1176 7.14 2.76 -14.71
CA CYS C 1176 6.03 2.82 -13.76
C CYS C 1176 5.34 4.17 -13.77
N GLY C 1177 6.11 5.26 -13.89
CA GLY C 1177 5.47 6.52 -14.23
C GLY C 1177 4.70 6.44 -15.52
N ARG C 1178 5.08 5.49 -16.41
CA ARG C 1178 4.45 5.24 -17.70
C ARG C 1178 2.96 4.97 -17.50
N PRO C 1179 2.53 3.83 -16.95
CA PRO C 1179 1.08 3.59 -16.82
C PRO C 1179 0.46 4.14 -15.55
N GLN C 1180 1.21 4.89 -14.75
CA GLN C 1180 0.68 5.51 -13.54
C GLN C 1180 1.42 6.80 -13.17
N LYS C 1213 0.95 10.13 -17.09
CA LYS C 1213 1.25 10.13 -18.52
C LYS C 1213 2.66 10.60 -18.86
N GLU C 1214 2.77 11.92 -19.07
CA GLU C 1214 4.00 12.55 -19.56
C GLU C 1214 5.21 12.11 -18.76
N GLU C 1215 5.75 10.94 -19.11
CA GLU C 1215 6.89 10.36 -18.43
C GLU C 1215 7.98 11.41 -18.28
N GLY C 1216 8.07 11.98 -17.10
CA GLY C 1216 9.06 13.01 -16.81
C GLY C 1216 8.46 14.36 -16.52
N VAL C 1217 8.03 15.11 -17.54
CA VAL C 1217 7.44 16.43 -17.29
C VAL C 1217 6.33 16.33 -16.26
N SER C 1218 5.49 15.31 -16.40
CA SER C 1218 4.34 15.05 -15.55
C SER C 1218 4.78 14.88 -14.10
N PHE C 1219 5.39 13.73 -13.81
CA PHE C 1219 5.73 13.41 -12.43
C PHE C 1219 6.72 14.40 -11.84
N LEU C 1220 7.62 14.93 -12.67
CA LEU C 1220 8.58 15.91 -12.20
C LEU C 1220 7.88 17.14 -11.60
N ILE C 1221 6.83 17.65 -12.24
CA ILE C 1221 6.17 18.84 -11.67
C ILE C 1221 5.61 18.54 -10.29
N ASN C 1222 4.79 17.49 -10.19
CA ASN C 1222 4.15 17.18 -8.92
C ASN C 1222 5.16 16.82 -7.84
N THR C 1223 6.33 16.30 -8.23
CA THR C 1223 7.41 16.11 -7.26
C THR C 1223 7.89 17.45 -6.73
N PHE C 1224 8.11 18.42 -7.61
CA PHE C 1224 8.48 19.75 -7.12
C PHE C 1224 7.38 20.33 -6.24
N GLU C 1225 6.14 19.87 -6.43
CA GLU C 1225 5.08 20.19 -5.48
C GLU C 1225 5.31 19.50 -4.15
N GLY C 1226 5.88 18.30 -4.16
CA GLY C 1226 6.22 17.62 -2.92
C GLY C 1226 7.51 18.07 -2.27
N GLY C 1227 8.61 18.03 -3.01
CA GLY C 1227 9.89 18.48 -2.50
C GLY C 1227 10.69 19.11 -3.61
N GLY C 1228 11.59 20.03 -3.23
CA GLY C 1228 12.43 20.64 -4.23
C GLY C 1228 13.76 19.93 -4.42
N CYS C 1229 14.46 19.65 -3.33
CA CYS C 1229 15.77 18.99 -3.36
C CYS C 1229 15.57 17.55 -2.90
N GLY C 1230 15.13 16.69 -3.83
CA GLY C 1230 14.84 15.32 -3.43
C GLY C 1230 15.36 14.30 -4.41
N GLN C 1231 16.58 14.53 -4.93
CA GLN C 1231 17.13 13.76 -6.04
C GLN C 1231 18.59 13.35 -5.82
N PRO C 1232 19.50 14.27 -5.50
CA PRO C 1232 20.92 13.91 -5.40
C PRO C 1232 21.23 13.12 -4.14
N SER C 1233 22.36 12.40 -4.18
CA SER C 1233 22.81 11.57 -3.06
C SER C 1233 24.33 11.72 -2.84
N GLY C 1234 24.79 11.33 -1.64
CA GLY C 1234 26.14 11.49 -1.17
C GLY C 1234 26.63 12.93 -1.09
N ILE C 1235 27.90 13.10 -0.67
CA ILE C 1235 28.54 14.43 -0.65
C ILE C 1235 30.02 14.29 -0.97
N LEU C 1236 30.38 14.39 -2.24
CA LEU C 1236 31.77 14.38 -2.68
C LEU C 1236 32.52 13.10 -2.33
N ALA C 1237 33.84 13.14 -2.55
CA ALA C 1237 34.76 12.05 -2.28
C ALA C 1237 36.18 12.48 -2.59
N GLN C 1238 36.73 13.39 -1.80
CA GLN C 1238 38.08 13.86 -2.09
C GLN C 1238 38.94 13.90 -0.82
N PRO C 1239 38.55 14.66 0.25
CA PRO C 1239 39.33 14.60 1.49
C PRO C 1239 39.07 13.39 2.38
N THR C 1240 37.79 13.02 2.59
CA THR C 1240 37.46 11.87 3.44
C THR C 1240 38.21 10.62 2.99
N LEU C 1241 38.39 10.46 1.69
CA LEU C 1241 39.19 9.37 1.17
C LEU C 1241 40.66 9.53 1.53
N LEU C 1242 41.14 10.77 1.65
CA LEU C 1242 42.50 10.97 2.14
C LEU C 1242 42.64 10.72 3.65
N TYR C 1243 41.55 10.82 4.41
CA TYR C 1243 41.59 10.46 5.82
C TYR C 1243 41.53 8.95 6.04
N LEU C 1244 40.78 8.23 5.20
CA LEU C 1244 40.68 6.78 5.33
C LEU C 1244 41.75 6.07 4.49
N ARG C 1245 41.73 6.29 3.17
CA ARG C 1245 42.74 5.84 2.20
C ARG C 1245 42.70 4.32 1.99
N GLY C 1246 42.04 3.87 0.92
CA GLY C 1246 41.80 2.45 0.68
C GLY C 1246 41.56 2.02 -0.75
N PRO C 1247 41.35 0.69 -0.97
CA PRO C 1247 41.06 0.18 -2.32
C PRO C 1247 39.58 0.05 -2.68
N PHE C 1248 38.73 -0.32 -1.73
CA PHE C 1248 37.30 -0.36 -2.03
C PHE C 1248 36.78 1.04 -2.30
N SER C 1249 37.45 2.06 -1.79
CA SER C 1249 37.25 3.40 -2.32
C SER C 1249 37.51 3.43 -3.82
N LEU C 1250 38.56 2.72 -4.27
CA LEU C 1250 38.90 2.64 -5.69
C LEU C 1250 37.92 1.79 -6.51
N GLN C 1251 37.13 0.91 -5.89
CA GLN C 1251 36.15 0.13 -6.66
C GLN C 1251 34.73 0.65 -6.56
N ALA C 1252 34.31 1.18 -5.41
CA ALA C 1252 32.99 1.80 -5.32
C ALA C 1252 33.06 3.31 -5.58
N THR C 1253 33.97 4.00 -4.90
CA THR C 1253 34.12 5.44 -5.10
C THR C 1253 34.36 5.77 -6.57
N LEU C 1254 35.50 5.32 -7.10
CA LEU C 1254 35.94 5.72 -8.43
C LEU C 1254 35.47 4.78 -9.54
N CYS C 1255 34.44 3.95 -9.30
CA CYS C 1255 33.86 3.13 -10.37
C CYS C 1255 32.36 3.28 -10.53
N TRP C 1256 31.65 3.83 -9.54
CA TRP C 1256 30.20 3.98 -9.65
C TRP C 1256 29.70 5.17 -8.85
N LEU C 1257 30.03 5.22 -7.57
CA LEU C 1257 29.57 6.27 -6.68
C LEU C 1257 29.69 7.65 -7.33
N ASP C 1258 30.73 7.81 -8.15
CA ASP C 1258 30.93 9.04 -8.91
C ASP C 1258 30.10 9.08 -10.19
N LEU C 1259 29.93 7.94 -10.86
CA LEU C 1259 29.16 7.88 -12.11
C LEU C 1259 27.67 7.75 -11.91
N LEU C 1260 27.23 7.04 -10.87
CA LEU C 1260 25.80 6.90 -10.59
C LEU C 1260 25.07 8.23 -10.69
N LEU C 1261 25.65 9.26 -10.05
CA LEU C 1261 25.07 10.60 -10.08
C LEU C 1261 25.06 11.16 -11.48
N ALA C 1262 26.20 11.09 -12.16
CA ALA C 1262 26.29 11.54 -13.54
C ALA C 1262 25.16 10.95 -14.38
N ALA C 1263 24.96 9.63 -14.30
CA ALA C 1263 23.99 8.95 -15.16
C ALA C 1263 22.57 9.36 -14.79
N LEU C 1264 22.22 9.34 -13.51
CA LEU C 1264 20.86 9.77 -13.16
C LEU C 1264 20.59 11.16 -13.70
N GLU C 1265 21.58 12.05 -13.62
CA GLU C 1265 21.43 13.34 -14.31
C GLU C 1265 21.22 13.11 -15.80
N CYS C 1266 22.00 12.25 -16.43
CA CYS C 1266 21.88 12.06 -17.88
C CYS C 1266 20.43 11.75 -18.25
N TYR C 1267 19.94 10.64 -17.74
CA TYR C 1267 18.68 10.11 -18.24
C TYR C 1267 17.52 11.00 -17.81
N ASN C 1268 17.58 11.57 -16.60
CA ASN C 1268 16.49 12.46 -16.24
C ASN C 1268 16.56 13.81 -16.97
N THR C 1269 17.75 14.20 -17.47
CA THR C 1269 17.84 15.39 -18.31
C THR C 1269 17.08 15.16 -19.60
N PHE C 1270 17.46 14.13 -20.35
CA PHE C 1270 16.78 13.86 -21.61
C PHE C 1270 15.30 13.59 -21.42
N ILE C 1271 14.89 13.25 -20.20
CA ILE C 1271 13.46 13.19 -19.92
C ILE C 1271 12.88 14.59 -20.04
N GLY C 1272 12.76 15.28 -18.92
CA GLY C 1272 12.10 16.57 -18.90
C GLY C 1272 13.05 17.74 -18.81
N GLU C 1273 12.56 18.91 -19.20
CA GLU C 1273 13.36 20.12 -19.24
C GLU C 1273 13.66 20.61 -17.83
N ARG C 1274 13.48 19.73 -16.83
CA ARG C 1274 13.64 20.14 -15.44
C ARG C 1274 15.09 20.47 -15.14
N THR C 1275 16.00 19.87 -15.88
CA THR C 1275 17.41 20.19 -15.75
C THR C 1275 17.75 21.53 -16.39
N VAL C 1276 16.71 22.28 -16.74
CA VAL C 1276 16.79 23.52 -17.49
C VAL C 1276 15.91 24.53 -16.80
N GLY C 1277 14.64 24.17 -16.60
CA GLY C 1277 13.66 25.07 -16.04
C GLY C 1277 13.51 24.96 -14.54
N ALA C 1278 13.88 23.81 -14.00
CA ALA C 1278 13.77 23.59 -12.57
C ALA C 1278 15.11 23.35 -11.88
N LEU C 1279 16.02 22.60 -12.50
CA LEU C 1279 17.30 22.32 -11.87
C LEU C 1279 18.08 23.60 -11.57
N GLN C 1280 18.02 24.56 -12.50
CA GLN C 1280 18.66 25.86 -12.28
C GLN C 1280 18.34 26.43 -10.91
N VAL C 1281 17.13 26.16 -10.39
CA VAL C 1281 16.70 26.71 -9.11
C VAL C 1281 16.57 25.59 -8.09
N LEU C 1282 17.67 25.29 -7.38
CA LEU C 1282 17.60 24.30 -6.31
C LEU C 1282 18.40 24.76 -5.09
N GLY C 1283 19.65 25.11 -5.29
CA GLY C 1283 20.46 25.69 -4.23
C GLY C 1283 21.63 26.44 -4.84
N THR C 1284 22.19 27.38 -4.07
CA THR C 1284 23.30 28.20 -4.54
C THR C 1284 24.20 28.65 -3.39
N GLU C 1285 24.50 27.74 -2.46
CA GLU C 1285 25.36 28.12 -1.34
C GLU C 1285 26.18 26.92 -0.88
N ALA C 1286 25.65 26.14 0.06
CA ALA C 1286 26.43 25.11 0.75
C ALA C 1286 26.47 23.77 0.02
N GLN C 1287 25.43 22.94 0.21
CA GLN C 1287 25.39 21.61 -0.40
C GLN C 1287 25.39 21.68 -1.93
N SER C 1288 24.65 22.63 -2.51
CA SER C 1288 24.57 22.74 -3.97
C SER C 1288 25.95 22.98 -4.58
N SER C 1289 26.60 24.07 -4.17
CA SER C 1289 27.95 24.39 -4.66
C SER C 1289 28.94 23.38 -4.11
N LEU C 1290 28.76 22.12 -4.52
CA LEU C 1290 29.49 20.96 -4.06
C LEU C 1290 28.99 19.76 -4.86
N LEU C 1291 28.04 20.01 -5.76
CA LEU C 1291 27.41 18.96 -6.56
C LEU C 1291 28.02 18.79 -7.95
N LYS C 1292 27.26 19.23 -8.95
CA LYS C 1292 27.75 19.28 -10.33
C LYS C 1292 29.11 19.98 -10.39
N ALA C 1293 29.19 21.17 -9.79
CA ALA C 1293 30.41 21.98 -9.80
C ALA C 1293 31.63 21.16 -9.39
N VAL C 1294 31.64 20.65 -8.17
CA VAL C 1294 32.79 19.85 -7.76
C VAL C 1294 32.93 18.61 -8.64
N ALA C 1295 31.83 18.09 -9.19
CA ALA C 1295 31.96 17.04 -10.19
C ALA C 1295 32.92 17.46 -11.30
N PHE C 1296 32.81 18.71 -11.77
CA PHE C 1296 33.86 19.25 -12.63
C PHE C 1296 35.23 19.16 -11.96
N PHE C 1297 35.32 19.67 -10.73
CA PHE C 1297 36.64 19.71 -10.09
C PHE C 1297 37.26 18.32 -10.03
N LEU C 1298 36.43 17.30 -10.02
CA LEU C 1298 36.80 15.92 -10.21
C LEU C 1298 36.95 15.54 -11.68
N GLU C 1299 36.62 16.44 -12.63
CA GLU C 1299 37.11 16.18 -13.98
C GLU C 1299 38.49 16.77 -14.22
N SER C 1300 38.79 17.93 -13.64
CA SER C 1300 40.17 18.39 -13.63
C SER C 1300 41.03 17.39 -12.87
N ILE C 1301 40.50 16.96 -11.72
CA ILE C 1301 41.00 15.81 -11.01
C ILE C 1301 40.85 14.54 -11.82
N ALA C 1302 40.01 14.53 -12.88
CA ALA C 1302 39.86 13.29 -13.64
C ALA C 1302 40.96 13.10 -14.66
N HIS C 1304 43.87 14.63 -14.20
CA HIS C 1304 44.89 14.47 -13.18
C HIS C 1304 45.07 13.01 -12.75
N ASP C 1305 44.06 12.45 -12.06
CA ASP C 1305 44.15 11.09 -11.53
C ASP C 1305 44.16 10.04 -12.65
N ILE C 1306 43.56 10.33 -13.80
CA ILE C 1306 43.67 9.44 -14.96
C ILE C 1306 45.13 9.22 -15.33
N ILE C 1307 45.99 10.22 -15.11
CA ILE C 1307 47.42 10.00 -15.34
C ILE C 1307 47.97 9.00 -14.32
N ALA C 1308 47.69 9.19 -13.03
CA ALA C 1308 48.25 8.32 -12.01
C ALA C 1308 47.16 7.81 -11.07
N SER C 1323 49.31 -1.38 -8.76
CA SER C 1323 50.12 -2.23 -9.63
C SER C 1323 49.22 -3.37 -10.17
N PRO C 1324 49.80 -4.40 -10.86
CA PRO C 1324 49.17 -4.90 -12.09
C PRO C 1324 47.65 -4.78 -12.17
N GLN C 1325 46.94 -5.88 -11.93
CA GLN C 1325 45.49 -5.91 -12.14
C GLN C 1325 44.77 -4.79 -11.41
N GLU C 1326 45.25 -4.39 -10.23
CA GLU C 1326 44.60 -3.32 -9.49
C GLU C 1326 44.77 -1.97 -10.18
N GLY C 1327 46.01 -1.62 -10.54
CA GLY C 1327 46.22 -0.43 -11.37
C GLY C 1327 45.38 -0.45 -12.63
N GLU C 1328 45.26 -1.61 -13.28
CA GLU C 1328 44.47 -1.69 -14.50
C GLU C 1328 43.00 -1.41 -14.22
N ARG C 1329 42.45 -1.98 -13.15
CA ARG C 1329 41.05 -1.71 -12.80
C ARG C 1329 40.84 -0.24 -12.49
N TYR C 1330 41.83 0.40 -11.85
CA TYR C 1330 41.85 1.84 -11.73
C TYR C 1330 41.69 2.51 -13.10
N ASN C 1331 42.50 2.09 -14.06
CA ASN C 1331 42.47 2.68 -15.40
C ASN C 1331 41.10 2.49 -16.06
N TYR C 1332 40.66 1.24 -16.18
CA TYR C 1332 39.38 0.91 -16.82
C TYR C 1332 38.23 1.67 -16.15
N SER C 1333 38.34 1.89 -14.84
CA SER C 1333 37.35 2.72 -14.14
C SER C 1333 37.43 4.18 -14.56
N LYS C 1334 38.65 4.71 -14.65
CA LYS C 1334 38.80 6.12 -14.99
C LYS C 1334 38.32 6.44 -16.39
N CYS C 1335 38.59 5.56 -17.35
CA CYS C 1335 37.99 5.76 -18.67
C CYS C 1335 36.47 5.58 -18.60
N THR C 1336 35.99 4.43 -18.14
CA THR C 1336 34.55 4.19 -18.10
C THR C 1336 33.81 5.30 -17.36
N VAL C 1337 34.50 6.06 -16.51
CA VAL C 1337 33.93 7.27 -15.93
C VAL C 1337 33.99 8.43 -16.92
N VAL C 1338 35.19 8.74 -17.41
CA VAL C 1338 35.37 9.98 -18.15
C VAL C 1338 34.59 9.96 -19.46
N VAL C 1339 34.38 8.78 -20.04
CA VAL C 1339 33.60 8.69 -21.28
C VAL C 1339 32.12 8.90 -21.01
N ARG C 1340 31.62 8.51 -19.83
CA ARG C 1340 30.25 8.86 -19.48
C ARG C 1340 30.18 10.34 -19.12
N ILE C 1341 31.29 10.88 -18.62
CA ILE C 1341 31.40 12.32 -18.41
C ILE C 1341 31.27 13.05 -19.73
N GLU C 1343 30.36 11.95 -22.64
CA GLU C 1343 29.06 11.62 -23.22
C GLU C 1343 27.93 12.37 -22.52
N PHE C 1344 28.13 12.81 -21.29
CA PHE C 1344 27.08 13.60 -20.66
C PHE C 1344 27.25 15.07 -20.91
N THR C 1345 28.50 15.53 -21.01
CA THR C 1345 28.79 16.84 -21.55
C THR C 1345 28.11 17.01 -22.90
N THR C 1346 28.30 16.04 -23.80
CA THR C 1346 27.66 15.94 -25.10
C THR C 1346 26.16 15.86 -25.02
N THR C 1347 25.70 14.66 -24.67
CA THR C 1347 24.29 14.37 -24.71
C THR C 1347 23.53 15.45 -23.93
N LEU C 1348 24.13 15.93 -22.85
CA LEU C 1348 23.66 17.11 -22.14
C LEU C 1348 23.47 18.27 -23.09
N LEU C 1349 24.60 18.87 -23.50
CA LEU C 1349 24.59 20.11 -24.28
C LEU C 1349 23.64 20.03 -25.47
N ASN C 1350 23.79 19.01 -26.30
CA ASN C 1350 23.04 18.93 -27.56
C ASN C 1350 21.53 18.83 -27.34
N THR C 1351 21.10 18.72 -26.08
CA THR C 1351 19.68 18.70 -25.77
C THR C 1351 19.38 19.53 -24.53
N SER C 1352 20.12 19.29 -23.44
CA SER C 1352 19.73 19.87 -22.15
C SER C 1352 19.83 21.39 -22.17
N PRO C 1353 20.97 22.02 -22.54
CA PRO C 1353 20.90 23.47 -22.71
C PRO C 1353 19.96 23.81 -23.84
N GLU C 1354 18.68 23.67 -23.53
CA GLU C 1354 17.59 24.10 -24.39
C GLU C 1354 17.48 25.62 -24.33
N GLY C 1355 16.80 26.19 -25.34
CA GLY C 1355 16.80 27.62 -25.52
C GLY C 1355 18.22 28.15 -25.69
N TRP C 1356 19.17 27.21 -25.77
CA TRP C 1356 20.60 27.46 -25.86
C TRP C 1356 21.07 28.53 -24.89
N LYS C 1357 21.02 28.19 -23.60
CA LYS C 1357 21.43 29.15 -22.57
C LYS C 1357 21.78 28.43 -21.28
N LEU C 1358 22.11 27.14 -21.35
CA LEU C 1358 22.48 26.36 -20.18
C LEU C 1358 23.92 25.88 -20.24
N LEU C 1359 24.53 25.86 -21.42
CA LEU C 1359 25.97 25.65 -21.45
C LEU C 1359 26.68 26.63 -20.55
N LYS C 1360 26.15 27.85 -20.43
CA LYS C 1360 26.84 28.88 -19.68
C LYS C 1360 26.88 28.62 -18.18
N LYS C 1361 26.15 27.60 -17.67
CA LYS C 1361 26.17 27.35 -16.23
C LYS C 1361 27.47 26.70 -15.79
N ASP C 1362 28.02 25.79 -16.60
CA ASP C 1362 29.24 25.11 -16.20
C ASP C 1362 30.43 26.02 -16.52
N LEU C 1363 30.68 26.97 -15.59
CA LEU C 1363 31.81 27.87 -15.74
C LEU C 1363 33.13 27.13 -15.85
N CYS C 1364 33.15 25.89 -15.39
CA CYS C 1364 34.19 24.90 -15.61
C CYS C 1364 34.24 24.45 -17.07
N ASN C 1365 33.59 25.22 -17.95
CA ASN C 1365 33.65 24.96 -19.39
C ASN C 1365 35.08 24.85 -19.90
N THR C 1366 36.06 25.37 -19.15
CA THR C 1366 37.44 25.26 -19.59
C THR C 1366 37.99 23.88 -19.29
N HIS C 1367 37.70 23.38 -18.08
CA HIS C 1367 38.19 22.07 -17.69
C HIS C 1367 37.79 21.03 -18.72
N LEU C 1368 36.49 20.93 -18.98
CA LEU C 1368 36.00 19.95 -19.94
C LEU C 1368 36.69 20.07 -21.28
N ARG C 1370 39.81 21.17 -21.91
CA ARG C 1370 41.17 20.67 -21.76
C ARG C 1370 41.18 19.18 -21.53
N VAL C 1371 40.03 18.54 -21.29
CA VAL C 1371 40.02 17.11 -21.01
C VAL C 1371 39.54 16.30 -22.21
N LEU C 1372 38.47 16.73 -22.87
CA LEU C 1372 38.04 15.96 -24.04
C LEU C 1372 39.03 16.16 -25.17
N VAL C 1373 39.60 17.37 -25.25
CA VAL C 1373 40.42 17.78 -26.37
C VAL C 1373 41.57 16.82 -26.59
N GLN C 1374 42.14 16.31 -25.53
CA GLN C 1374 43.28 15.42 -25.68
C GLN C 1374 42.82 14.02 -26.06
N THR C 1375 42.01 13.93 -27.10
CA THR C 1375 41.53 12.64 -27.60
C THR C 1375 42.59 11.84 -28.37
N LEU C 1376 43.84 12.33 -28.44
CA LEU C 1376 45.01 11.56 -28.85
C LEU C 1376 45.95 11.26 -27.68
N CYS C 1377 46.17 12.28 -26.85
CA CYS C 1377 46.83 12.08 -25.57
C CYS C 1377 45.89 11.40 -24.59
N GLU C 1378 44.62 11.21 -25.00
CA GLU C 1378 43.72 10.32 -24.25
C GLU C 1378 44.16 8.88 -24.47
N PRO C 1379 44.28 8.36 -25.70
CA PRO C 1379 45.02 7.11 -25.88
C PRO C 1379 46.36 7.09 -25.18
N ALA C 1380 47.05 8.24 -25.06
CA ALA C 1380 48.26 8.23 -24.25
C ALA C 1380 47.98 8.05 -22.75
N SER C 1381 46.89 8.60 -22.24
CA SER C 1381 46.59 8.63 -20.82
C SER C 1381 45.85 7.40 -20.30
N ILE C 1382 44.74 7.03 -20.92
CA ILE C 1382 44.06 5.77 -20.64
C ILE C 1382 44.85 4.65 -21.29
N GLY C 1383 44.25 3.47 -21.37
CA GLY C 1383 44.99 2.30 -21.81
C GLY C 1383 45.30 2.33 -23.29
N PHE C 1384 46.38 1.61 -23.65
CA PHE C 1384 46.68 1.19 -25.00
C PHE C 1384 45.99 -0.13 -25.30
N ASN C 1385 46.06 -1.01 -24.30
CA ASN C 1385 45.27 -2.24 -24.27
C ASN C 1385 43.82 -1.96 -24.61
N ILE C 1386 43.23 -0.90 -24.02
CA ILE C 1386 41.86 -0.52 -24.35
C ILE C 1386 41.78 0.03 -25.77
N GLY C 1387 42.86 0.65 -26.25
CA GLY C 1387 42.98 0.91 -27.67
C GLY C 1387 42.78 -0.35 -28.49
N ASP C 1388 43.02 -1.51 -27.88
CA ASP C 1388 42.73 -2.78 -28.53
C ASP C 1388 41.36 -3.35 -28.15
N VAL C 1389 40.87 -3.09 -26.93
CA VAL C 1389 39.70 -3.75 -26.36
C VAL C 1389 38.44 -3.08 -26.94
N GLN C 1390 38.64 -2.26 -27.97
CA GLN C 1390 37.56 -1.58 -28.70
C GLN C 1390 36.79 -0.59 -27.86
N VAL C 1391 37.39 -0.05 -26.80
CA VAL C 1391 36.83 1.17 -26.25
C VAL C 1391 37.44 2.39 -26.94
N ALA C 1393 36.98 1.91 -29.88
CA ALA C 1393 35.88 1.79 -30.83
C ALA C 1393 34.66 2.59 -30.40
N HIS C 1394 34.59 2.98 -29.13
CA HIS C 1394 33.55 3.89 -28.66
C HIS C 1394 34.07 5.31 -28.41
N LEU C 1395 35.38 5.49 -28.19
CA LEU C 1395 35.90 6.85 -28.09
C LEU C 1395 35.72 7.66 -29.37
N PRO C 1396 36.15 7.21 -30.56
CA PRO C 1396 36.04 8.11 -31.72
C PRO C 1396 34.63 8.60 -31.91
N ASP C 1397 33.67 7.72 -31.66
CA ASP C 1397 32.26 8.06 -31.69
C ASP C 1397 31.89 9.00 -30.54
N VAL C 1398 32.59 8.92 -29.41
CA VAL C 1398 32.25 9.81 -28.30
C VAL C 1398 32.82 11.20 -28.53
N CYS C 1399 34.02 11.28 -29.10
CA CYS C 1399 34.49 12.55 -29.64
C CYS C 1399 33.51 13.09 -30.66
N VAL C 1400 33.05 12.22 -31.57
CA VAL C 1400 31.98 12.52 -32.51
C VAL C 1400 30.86 13.21 -31.75
N ASN C 1401 30.53 12.68 -30.59
CA ASN C 1401 29.43 13.24 -29.82
C ASN C 1401 29.78 14.62 -29.27
N LEU C 1402 30.86 14.72 -28.49
CA LEU C 1402 31.13 16.00 -27.82
C LEU C 1402 31.52 17.10 -28.79
N LYS C 1404 30.20 17.04 -31.68
CA LYS C 1404 28.89 17.28 -32.28
C LYS C 1404 28.14 18.32 -31.46
N ALA C 1405 28.30 18.28 -30.14
CA ALA C 1405 27.84 19.35 -29.28
C ALA C 1405 28.72 20.58 -29.39
N LEU C 1406 29.96 20.43 -29.86
CA LEU C 1406 30.81 21.60 -30.09
C LEU C 1406 30.56 22.28 -31.43
N LYS C 1407 30.15 21.54 -32.45
CA LYS C 1407 29.80 22.17 -33.71
C LYS C 1407 28.49 22.95 -33.55
N SER C 1409 26.34 24.31 -32.31
CA SER C 1409 25.50 24.42 -31.13
C SER C 1409 26.06 25.41 -30.11
N PRO C 1410 27.33 25.31 -29.70
CA PRO C 1410 27.85 26.30 -28.76
C PRO C 1410 28.49 27.38 -29.58
N TYR C 1411 28.82 28.51 -28.96
CA TYR C 1411 29.41 29.61 -29.71
C TYR C 1411 30.66 29.16 -30.47
N LYS C 1412 30.78 29.65 -31.70
CA LYS C 1412 31.87 29.24 -32.57
C LYS C 1412 33.25 29.65 -32.04
N ASP C 1413 33.28 30.48 -31.00
CA ASP C 1413 34.55 30.84 -30.36
C ASP C 1413 34.98 29.75 -29.39
N ILE C 1414 34.00 29.12 -28.72
CA ILE C 1414 34.28 27.87 -28.03
C ILE C 1414 35.04 26.96 -28.98
N LEU C 1415 34.61 26.93 -30.23
CA LEU C 1415 35.27 26.11 -31.24
C LEU C 1415 36.71 26.57 -31.48
N GLU C 1416 36.91 27.88 -31.71
CA GLU C 1416 38.26 28.28 -32.10
C GLU C 1416 39.25 28.11 -30.96
N THR C 1417 38.84 28.48 -29.73
CA THR C 1417 39.66 28.23 -28.54
C THR C 1417 39.82 26.74 -28.26
N HIS C 1418 38.95 25.91 -28.82
CA HIS C 1418 38.92 24.48 -28.52
C HIS C 1418 39.85 23.69 -29.42
N LEU C 1419 39.68 23.81 -30.73
CA LEU C 1419 40.53 23.05 -31.65
C LEU C 1419 41.83 23.79 -31.91
N ARG C 1420 41.75 25.08 -32.18
CA ARG C 1420 42.97 25.84 -32.37
C ARG C 1420 43.82 25.69 -31.11
N GLU C 1421 44.55 24.57 -31.00
CA GLU C 1421 45.37 24.23 -29.84
C GLU C 1421 46.63 23.47 -30.24
N LYS C 1422 46.59 22.79 -31.37
CA LYS C 1422 47.79 22.17 -31.96
C LYS C 1422 47.51 21.85 -33.42
N ILE C 1423 47.30 22.90 -34.22
CA ILE C 1423 46.89 22.70 -35.61
C ILE C 1423 48.00 22.08 -36.46
N THR C 1424 49.01 22.87 -36.86
CA THR C 1424 50.01 22.32 -37.75
C THR C 1424 51.15 21.76 -36.92
N ALA C 1425 52.32 22.41 -36.98
CA ALA C 1425 53.49 22.06 -36.18
C ALA C 1425 53.70 20.55 -36.10
N GLN C 1426 53.07 19.92 -35.11
CA GLN C 1426 53.17 18.47 -34.95
C GLN C 1426 52.58 17.75 -36.16
N SER C 1427 51.44 18.23 -36.67
CA SER C 1427 50.80 17.62 -37.82
C SER C 1427 51.80 17.27 -38.94
N ILE C 1428 52.60 18.25 -39.34
CA ILE C 1428 53.61 17.99 -40.36
C ILE C 1428 54.84 17.29 -39.77
N GLU C 1429 55.19 17.57 -38.51
CA GLU C 1429 56.45 17.07 -37.98
C GLU C 1429 56.43 15.56 -37.75
N GLU C 1430 55.33 15.04 -37.20
CA GLU C 1430 55.22 13.60 -37.03
C GLU C 1430 55.13 12.92 -38.39
N LEU C 1431 54.52 13.58 -39.36
CA LEU C 1431 54.35 12.99 -40.69
C LEU C 1431 55.69 12.86 -41.40
N CYS C 1432 56.50 13.91 -41.39
CA CYS C 1432 57.90 13.74 -41.80
C CYS C 1432 58.57 12.67 -40.95
N ALA C 1433 58.22 12.62 -39.66
CA ALA C 1433 58.97 11.84 -38.70
C ALA C 1433 58.77 10.34 -38.87
N VAL C 1434 57.71 9.89 -39.55
CA VAL C 1434 57.60 8.46 -39.81
C VAL C 1434 58.76 7.99 -40.69
N ASN C 1435 59.15 8.81 -41.66
CA ASN C 1435 60.32 8.48 -42.49
C ASN C 1435 61.62 8.94 -41.86
N LEU C 1436 61.63 10.10 -41.18
CA LEU C 1436 62.81 10.54 -40.45
C LEU C 1436 63.22 9.55 -39.37
N TYR C 1437 62.28 8.75 -38.85
CA TYR C 1437 62.61 7.75 -37.84
C TYR C 1437 63.28 6.53 -38.48
N GLY C 1438 62.52 5.73 -39.22
CA GLY C 1438 63.04 4.54 -39.86
C GLY C 1438 62.95 3.31 -38.96
N PRO C 1439 63.99 3.03 -38.19
CA PRO C 1439 63.90 1.99 -37.16
C PRO C 1439 63.09 2.49 -35.97
N ASP C 1440 62.64 1.55 -35.15
CA ASP C 1440 61.62 1.81 -34.15
C ASP C 1440 60.43 2.52 -34.78
N ALA C 1441 60.05 2.04 -35.98
CA ALA C 1441 59.04 2.74 -36.77
C ALA C 1441 57.68 2.64 -36.11
N GLN C 1442 57.34 1.44 -35.63
CA GLN C 1442 56.00 1.17 -35.13
C GLN C 1442 55.70 1.94 -33.85
N VAL C 1443 56.71 2.13 -32.99
CA VAL C 1443 56.54 2.90 -31.75
C VAL C 1443 55.96 4.28 -32.05
N ASP C 1444 56.62 5.02 -32.96
CA ASP C 1444 56.06 6.31 -33.35
C ASP C 1444 54.78 6.12 -34.13
N ARG C 1445 54.71 5.06 -34.93
CA ARG C 1445 53.50 4.77 -35.69
C ARG C 1445 52.26 4.75 -34.81
N SER C 1446 52.40 4.30 -33.56
CA SER C 1446 51.29 4.43 -32.62
C SER C 1446 50.88 5.90 -32.46
N ARG C 1447 51.86 6.77 -32.25
CA ARG C 1447 51.59 8.20 -32.16
C ARG C 1447 51.02 8.74 -33.46
N LEU C 1448 51.55 8.28 -34.60
CA LEU C 1448 51.12 8.75 -35.91
C LEU C 1448 49.66 8.43 -36.15
N ALA C 1449 49.32 7.13 -36.12
CA ALA C 1449 47.94 6.69 -36.26
C ALA C 1449 47.06 7.20 -35.13
N ALA C 1450 47.64 7.65 -34.02
CA ALA C 1450 46.86 8.39 -33.04
C ALA C 1450 46.43 9.74 -33.62
N VAL C 1451 47.37 10.42 -34.27
CA VAL C 1451 47.03 11.66 -34.95
C VAL C 1451 46.04 11.40 -36.07
N VAL C 1452 46.22 10.28 -36.78
CA VAL C 1452 45.31 9.91 -37.86
C VAL C 1452 43.92 9.67 -37.32
N SER C 1453 43.82 8.87 -36.25
CA SER C 1453 42.54 8.60 -35.63
C SER C 1453 41.85 9.90 -35.26
N ALA C 1454 42.57 10.79 -34.58
CA ALA C 1454 41.96 12.03 -34.12
C ALA C 1454 41.51 12.91 -35.28
N CYS C 1455 42.28 12.97 -36.37
CA CYS C 1455 41.90 13.84 -37.47
C CYS C 1455 40.75 13.27 -38.31
N LYS C 1456 40.81 11.99 -38.70
CA LYS C 1456 39.63 11.41 -39.36
C LYS C 1456 38.39 11.57 -38.49
N GLN C 1457 38.54 11.52 -37.16
CA GLN C 1457 37.45 11.93 -36.29
C GLN C 1457 37.12 13.41 -36.52
N LEU C 1458 38.14 14.23 -36.79
CA LEU C 1458 37.88 15.65 -37.07
C LEU C 1458 37.01 15.84 -38.30
N HIS C 1459 37.00 14.88 -39.23
CA HIS C 1459 36.02 14.96 -40.31
C HIS C 1459 34.60 15.03 -39.75
N ARG C 1460 34.30 14.20 -38.75
CA ARG C 1460 33.02 14.34 -38.08
C ARG C 1460 32.88 15.70 -37.40
N ALA C 1461 33.95 16.47 -37.29
CA ALA C 1461 33.92 17.81 -36.74
C ALA C 1461 34.14 18.84 -37.85
N GLY C 1462 34.01 20.12 -37.48
CA GLY C 1462 34.23 21.24 -38.36
C GLY C 1462 35.56 21.93 -38.13
N LEU C 1463 35.68 23.15 -38.67
CA LEU C 1463 36.83 24.05 -38.53
C LEU C 1463 38.14 23.45 -39.04
N LEU C 1464 38.14 22.17 -39.44
CA LEU C 1464 39.27 21.66 -40.19
C LEU C 1464 39.52 22.48 -41.44
N HIS C 1465 38.45 23.06 -42.01
CA HIS C 1465 38.52 23.66 -43.34
C HIS C 1465 39.43 24.89 -43.41
N ASN C 1466 39.67 25.58 -42.29
CA ASN C 1466 40.63 26.67 -42.32
C ASN C 1466 42.07 26.15 -42.31
N ILE C 1467 42.29 25.02 -41.64
CA ILE C 1467 43.63 24.60 -41.29
C ILE C 1467 44.10 23.39 -42.10
N LEU C 1468 43.19 22.56 -42.58
CA LEU C 1468 43.58 21.27 -43.12
C LEU C 1468 43.35 21.16 -44.63
N PRO C 1469 42.54 22.04 -45.25
CA PRO C 1469 42.61 22.19 -46.71
C PRO C 1469 43.82 22.96 -47.22
N SER C 1470 44.47 23.79 -46.40
CA SER C 1470 45.81 24.24 -46.78
C SER C 1470 46.81 23.09 -46.62
N GLN C 1471 46.65 22.31 -45.54
CA GLN C 1471 47.33 21.02 -45.41
C GLN C 1471 46.72 19.95 -46.32
N SER C 1472 45.63 20.23 -47.03
CA SER C 1472 45.15 19.28 -48.02
C SER C 1472 45.90 19.44 -49.34
N THR C 1473 45.79 20.63 -49.94
CA THR C 1473 46.56 20.97 -51.12
C THR C 1473 48.06 20.76 -50.89
N ASP C 1474 48.58 21.19 -49.74
CA ASP C 1474 50.01 21.01 -49.47
C ASP C 1474 50.30 19.64 -48.85
N LEU C 1475 49.67 19.35 -47.71
CA LEU C 1475 50.11 18.22 -46.92
C LEU C 1475 49.48 16.90 -47.37
N HIS C 1476 48.33 16.93 -48.05
CA HIS C 1476 47.85 15.64 -48.53
C HIS C 1476 48.60 15.22 -49.80
N HIS C 1477 48.77 16.16 -50.74
CA HIS C 1477 49.73 15.96 -51.82
C HIS C 1477 51.08 15.49 -51.26
N SER C 1478 51.46 16.04 -50.10
CA SER C 1478 52.69 15.63 -49.44
C SER C 1478 52.62 14.19 -48.94
N VAL C 1479 51.45 13.75 -48.47
CA VAL C 1479 51.32 12.35 -48.08
C VAL C 1479 51.41 11.48 -49.32
N GLY C 1480 51.00 12.01 -50.47
CA GLY C 1480 51.25 11.32 -51.72
C GLY C 1480 52.74 11.19 -52.02
N THR C 1481 53.52 12.22 -51.69
CA THR C 1481 54.97 12.12 -51.80
C THR C 1481 55.55 11.11 -50.81
N GLU C 1482 54.99 11.04 -49.60
CA GLU C 1482 55.42 10.04 -48.62
C GLU C 1482 55.16 8.64 -49.12
N LEU C 1483 53.97 8.41 -49.69
CA LEU C 1483 53.71 7.20 -50.44
C LEU C 1483 54.80 6.97 -51.49
N LEU C 1484 55.07 8.02 -52.27
CA LEU C 1484 55.95 7.93 -53.43
C LEU C 1484 57.34 7.46 -53.02
N SER C 1485 57.84 7.95 -51.90
CA SER C 1485 59.15 7.52 -51.42
C SER C 1485 59.08 6.20 -50.67
N LEU C 1486 58.14 6.07 -49.72
CA LEU C 1486 58.08 4.89 -48.85
C LEU C 1486 57.95 3.61 -49.66
N VAL C 1487 57.50 3.69 -50.91
CA VAL C 1487 57.53 2.48 -51.72
C VAL C 1487 58.97 2.05 -52.04
N TYR C 1488 59.96 2.96 -51.97
CA TYR C 1488 61.32 2.65 -52.42
C TYR C 1488 62.05 1.68 -51.50
N LYS C 1489 62.12 2.02 -50.21
CA LYS C 1489 62.93 1.26 -49.27
C LYS C 1489 62.29 -0.06 -48.85
N GLY C 1490 60.96 -0.17 -48.96
CA GLY C 1490 60.25 -1.31 -48.38
C GLY C 1490 60.38 -1.38 -46.86
N ILE C 1491 60.35 -0.22 -46.21
CA ILE C 1491 60.72 -0.11 -44.79
C ILE C 1491 59.64 -0.73 -43.90
N ALA C 1492 60.07 -1.10 -42.68
CA ALA C 1492 59.14 -1.25 -41.56
C ALA C 1492 58.15 -2.38 -41.85
N PRO C 1493 57.07 -2.58 -41.04
CA PRO C 1493 56.31 -3.82 -41.23
C PRO C 1493 55.04 -3.69 -42.04
N GLY C 1494 54.33 -4.82 -42.20
CA GLY C 1494 52.99 -4.78 -42.73
C GLY C 1494 52.11 -3.86 -41.94
N ASP C 1495 52.55 -3.48 -40.72
CA ASP C 1495 51.89 -2.45 -39.94
C ASP C 1495 52.20 -1.05 -40.44
N GLU C 1496 53.43 -0.77 -40.86
CA GLU C 1496 53.67 0.50 -41.55
C GLU C 1496 53.05 0.47 -42.93
N ARG C 1497 53.08 -0.71 -43.59
CA ARG C 1497 52.26 -0.96 -44.76
C ARG C 1497 50.77 -0.84 -44.45
N GLN C 1498 50.38 -0.76 -43.17
CA GLN C 1498 49.03 -0.39 -42.78
C GLN C 1498 48.92 1.05 -42.33
N CYS C 1499 50.03 1.65 -41.93
CA CYS C 1499 50.03 3.06 -41.57
C CYS C 1499 49.79 3.93 -42.79
N LEU C 1500 50.44 3.60 -43.89
CA LEU C 1500 50.24 4.38 -45.11
C LEU C 1500 48.79 4.32 -45.60
N PRO C 1501 48.12 3.15 -45.63
CA PRO C 1501 46.67 3.16 -45.84
C PRO C 1501 45.93 4.14 -44.94
N SER C 1502 46.27 4.18 -43.66
CA SER C 1502 45.74 5.18 -42.75
C SER C 1502 46.07 6.57 -43.28
N LEU C 1503 47.37 6.90 -43.35
CA LEU C 1503 47.80 8.25 -43.72
C LEU C 1503 47.08 8.75 -44.95
N ASP C 1504 47.25 8.05 -46.05
CA ASP C 1504 46.57 8.46 -47.26
C ASP C 1504 45.06 8.31 -47.17
N LEU C 1505 44.54 7.61 -46.15
CA LEU C 1505 43.08 7.47 -46.05
C LEU C 1505 42.50 8.76 -45.52
N SER C 1506 42.82 9.06 -44.26
CA SER C 1506 42.44 10.35 -43.70
C SER C 1506 42.98 11.49 -44.53
N CYS C 1507 43.92 11.21 -45.43
CA CYS C 1507 44.47 12.22 -46.32
C CYS C 1507 43.55 12.48 -47.52
N LYS C 1508 43.34 11.46 -48.36
CA LYS C 1508 42.44 11.60 -49.50
C LYS C 1508 41.06 12.09 -49.10
N GLN C 1509 40.61 11.77 -47.88
CA GLN C 1509 39.26 12.16 -47.50
C GLN C 1509 39.13 13.66 -47.21
N LEU C 1510 39.87 14.48 -47.96
CA LEU C 1510 39.85 15.92 -47.75
C LEU C 1510 40.36 16.66 -48.98
N ALA C 1511 41.28 16.03 -49.72
CA ALA C 1511 41.93 16.63 -50.88
C ALA C 1511 41.22 16.23 -52.17
N SER C 1512 41.77 16.70 -53.29
CA SER C 1512 41.23 16.42 -54.61
C SER C 1512 41.60 15.01 -55.07
N GLY C 1513 40.81 14.51 -56.01
CA GLY C 1513 41.11 13.25 -56.67
C GLY C 1513 41.72 13.50 -58.03
N LEU C 1514 41.56 14.72 -58.56
CA LEU C 1514 42.26 15.14 -59.76
C LEU C 1514 43.74 14.81 -59.67
N LEU C 1515 44.45 15.51 -58.77
CA LEU C 1515 45.88 15.27 -58.59
C LEU C 1515 46.19 13.81 -58.29
N GLU C 1516 45.21 13.03 -57.82
CA GLU C 1516 45.43 11.60 -57.68
C GLU C 1516 45.48 10.92 -59.03
N LEU C 1517 44.36 10.96 -59.76
CA LEU C 1517 44.30 10.39 -61.10
C LEU C 1517 45.48 10.81 -61.97
N ALA C 1518 45.85 12.09 -61.89
CA ALA C 1518 47.09 12.54 -62.50
C ALA C 1518 48.27 11.75 -61.95
N PHE C 1519 48.36 11.61 -60.61
CA PHE C 1519 49.47 10.87 -60.01
C PHE C 1519 49.49 9.42 -60.46
N ALA C 1520 48.37 8.91 -60.98
CA ALA C 1520 48.33 7.58 -61.54
C ALA C 1520 49.25 7.57 -62.75
N PHE C 1521 48.82 8.16 -63.86
CA PHE C 1521 49.62 8.12 -65.08
C PHE C 1521 51.00 8.73 -64.87
N GLY C 1522 51.02 9.96 -64.36
CA GLY C 1522 52.28 10.64 -64.10
C GLY C 1522 53.22 9.78 -63.29
N GLY C 1523 52.71 9.17 -62.22
CA GLY C 1523 53.52 8.25 -61.44
C GLY C 1523 54.01 7.08 -62.27
N LEU C 1524 53.22 6.65 -63.25
CA LEU C 1524 53.61 5.51 -64.08
C LEU C 1524 54.79 5.86 -64.98
N CYS C 1525 54.78 7.04 -65.58
CA CYS C 1525 55.92 7.38 -66.45
C CYS C 1525 57.11 7.94 -65.69
N GLU C 1526 56.88 8.66 -64.60
CA GLU C 1526 57.96 9.30 -63.85
C GLU C 1526 58.57 8.33 -62.84
N GLY C 1548 71.80 -3.74 -63.21
CA GLY C 1548 71.00 -4.05 -64.38
C GLY C 1548 69.60 -4.53 -64.05
N SER C 1549 69.52 -5.62 -63.26
CA SER C 1549 68.21 -6.14 -62.86
C SER C 1549 67.41 -5.10 -62.10
N VAL C 1550 68.08 -4.26 -61.30
CA VAL C 1550 67.42 -3.33 -60.40
C VAL C 1550 66.60 -2.31 -61.18
N ILE C 1551 67.24 -1.44 -61.98
CA ILE C 1551 66.48 -0.49 -62.79
C ILE C 1551 65.51 -1.23 -63.71
N HIS C 1552 65.87 -2.43 -64.16
CA HIS C 1552 64.95 -3.22 -64.96
C HIS C 1552 63.61 -3.36 -64.24
N PHE C 1553 63.59 -4.10 -63.15
CA PHE C 1553 62.34 -4.28 -62.42
C PHE C 1553 61.77 -2.96 -61.89
N SER C 1554 62.64 -1.97 -61.65
CA SER C 1554 62.20 -0.66 -61.17
C SER C 1554 61.31 0.04 -62.20
N HIS C 1555 61.72 0.05 -63.47
CA HIS C 1555 60.92 0.73 -64.50
C HIS C 1555 59.49 0.16 -64.56
N GLY C 1556 59.35 -1.15 -64.35
CA GLY C 1556 58.02 -1.72 -64.25
C GLY C 1556 57.40 -1.52 -62.89
N GLU C 1557 58.23 -1.18 -61.89
CA GLU C 1557 57.82 -1.13 -60.50
C GLU C 1557 57.16 0.20 -60.19
N TYR C 1558 57.87 1.31 -60.40
CA TYR C 1558 57.18 2.58 -60.25
C TYR C 1558 56.11 2.76 -61.30
N PHE C 1559 56.02 1.84 -62.27
CA PHE C 1559 54.83 1.73 -63.08
C PHE C 1559 53.67 1.10 -62.31
N TYR C 1560 53.92 -0.02 -61.62
CA TYR C 1560 52.85 -0.90 -61.13
C TYR C 1560 52.62 -0.84 -59.62
N SER C 1561 53.64 -1.15 -58.81
CA SER C 1561 53.44 -1.37 -57.36
C SER C 1561 52.85 -0.16 -56.65
N LEU C 1562 53.11 1.07 -57.13
CA LEU C 1562 52.37 2.20 -56.58
C LEU C 1562 50.86 2.02 -56.72
N PHE C 1563 50.42 1.04 -57.53
CA PHE C 1563 49.02 0.61 -57.56
C PHE C 1563 48.88 -0.89 -57.29
N SER C 1564 49.95 -1.58 -56.87
CA SER C 1564 49.82 -2.91 -56.26
C SER C 1564 49.65 -2.81 -54.75
N GLU C 1565 50.51 -2.03 -54.13
CA GLU C 1565 50.55 -1.73 -52.72
C GLU C 1565 49.20 -1.20 -52.25
N THR C 1566 48.95 0.08 -52.54
CA THR C 1566 47.83 0.85 -52.03
C THR C 1566 46.51 0.57 -52.76
N ILE C 1567 46.48 -0.48 -53.58
CA ILE C 1567 45.36 -0.71 -54.49
C ILE C 1567 44.03 -0.75 -53.71
N ASN C 1568 44.01 -1.48 -52.60
CA ASN C 1568 42.75 -1.75 -51.90
C ASN C 1568 42.06 -0.44 -51.52
N THR C 1569 42.83 0.49 -50.95
CA THR C 1569 42.25 1.73 -50.49
C THR C 1569 42.05 2.74 -51.60
N GLU C 1570 42.79 2.65 -52.72
CA GLU C 1570 42.47 3.59 -53.80
C GLU C 1570 41.20 3.18 -54.56
N LEU C 1571 41.07 1.89 -54.90
CA LEU C 1571 39.80 1.36 -55.38
C LEU C 1571 38.69 1.78 -54.43
N LEU C 1572 38.83 1.38 -53.22
CA LEU C 1572 37.87 1.76 -52.20
C LEU C 1572 37.89 3.32 -51.92
N LYS C 1573 38.59 4.15 -52.71
CA LYS C 1573 38.75 5.58 -52.50
C LYS C 1573 38.06 6.45 -53.54
N ASN C 1574 38.27 6.19 -54.82
CA ASN C 1574 37.67 7.11 -55.77
C ASN C 1574 36.35 6.61 -56.35
N LEU C 1575 36.12 5.30 -56.39
CA LEU C 1575 34.75 4.83 -56.52
C LEU C 1575 33.88 5.40 -55.40
N ASP C 1576 34.49 5.72 -54.25
CA ASP C 1576 33.72 5.98 -53.03
C ASP C 1576 32.81 7.20 -53.17
N LEU C 1577 33.35 8.32 -53.65
CA LEU C 1577 32.58 9.56 -53.61
C LEU C 1577 32.25 10.11 -54.99
N ALA C 1578 33.12 9.94 -55.99
CA ALA C 1578 32.92 10.55 -57.29
C ALA C 1578 32.88 9.46 -58.36
N VAL C 1579 31.74 9.36 -59.03
CA VAL C 1579 31.57 8.53 -60.23
C VAL C 1579 32.14 9.25 -61.44
N LEU C 1580 32.62 8.46 -62.40
CA LEU C 1580 32.85 8.91 -63.76
C LEU C 1580 34.00 9.92 -63.86
N GLU C 1581 34.48 10.37 -62.70
CA GLU C 1581 35.80 10.98 -62.65
C GLU C 1581 36.85 9.98 -63.11
N LEU C 1582 36.75 8.78 -62.55
CA LEU C 1582 37.67 7.68 -62.85
C LEU C 1582 37.70 7.40 -64.33
N GLN C 1584 37.26 9.48 -67.32
CA GLN C 1584 38.21 10.40 -67.93
C GLN C 1584 39.62 10.09 -67.51
N SER C 1585 39.83 9.89 -66.21
CA SER C 1585 41.14 9.46 -65.76
C SER C 1585 41.71 8.32 -66.61
N SER C 1586 41.03 7.18 -66.57
CA SER C 1586 41.59 5.97 -67.18
C SER C 1586 41.73 6.10 -68.69
N VAL C 1587 40.70 6.62 -69.38
CA VAL C 1587 40.80 6.67 -70.84
C VAL C 1587 41.96 7.55 -71.27
N ASP C 1588 42.10 8.70 -70.61
CA ASP C 1588 43.27 9.53 -70.86
C ASP C 1588 44.58 8.80 -70.54
N ASN C 1589 44.55 7.82 -69.62
CA ASN C 1589 45.78 7.14 -69.22
C ASN C 1589 46.39 6.27 -70.33
N THR C 1590 45.65 5.24 -70.77
CA THR C 1590 46.07 4.10 -71.61
C THR C 1590 46.62 2.94 -70.77
N LYS C 1591 46.92 1.82 -71.44
CA LYS C 1591 47.33 0.52 -70.91
C LYS C 1591 46.96 0.18 -69.47
N VAL C 1593 44.92 1.26 -67.64
CA VAL C 1593 43.46 1.22 -67.67
C VAL C 1593 42.94 -0.14 -67.26
N SER C 1594 43.65 -1.19 -67.67
CA SER C 1594 43.13 -2.53 -67.52
C SER C 1594 43.11 -2.95 -66.05
N ALA C 1595 44.25 -2.87 -65.35
CA ALA C 1595 44.24 -3.20 -63.93
C ALA C 1595 43.32 -2.30 -63.15
N VAL C 1596 43.49 -0.97 -63.29
CA VAL C 1596 42.74 -0.05 -62.45
C VAL C 1596 41.25 -0.38 -62.52
N LEU C 1597 40.68 -0.32 -63.71
CA LEU C 1597 39.26 -0.60 -63.82
C LEU C 1597 38.98 -2.03 -63.36
N ASN C 1598 39.89 -2.95 -63.68
CA ASN C 1598 39.69 -4.34 -63.33
C ASN C 1598 39.67 -4.51 -61.82
N GLY C 1599 40.63 -3.87 -61.15
CA GLY C 1599 40.58 -3.81 -59.70
C GLY C 1599 39.38 -3.02 -59.22
N LEU C 1601 36.12 -2.02 -60.54
CA LEU C 1601 34.90 -2.81 -60.65
C LEU C 1601 34.91 -3.93 -59.61
N ASP C 1602 35.98 -4.73 -59.62
CA ASP C 1602 36.22 -5.81 -58.67
C ASP C 1602 35.86 -5.34 -57.27
N GLN C 1603 36.62 -4.37 -56.75
CA GLN C 1603 36.40 -3.96 -55.37
C GLN C 1603 34.98 -3.46 -55.18
N SER C 1604 34.44 -2.72 -56.16
CA SER C 1604 33.06 -2.30 -56.05
C SER C 1604 32.14 -3.50 -55.89
N PHE C 1605 32.26 -4.47 -56.82
CA PHE C 1605 31.58 -5.74 -56.70
C PHE C 1605 31.60 -6.25 -55.27
N ARG C 1606 32.81 -6.27 -54.71
CA ARG C 1606 33.01 -6.78 -53.37
C ARG C 1606 32.33 -5.90 -52.31
N GLU C 1607 32.65 -4.60 -52.31
CA GLU C 1607 32.23 -3.75 -51.19
C GLU C 1607 30.70 -3.66 -51.10
N ARG C 1608 30.05 -3.17 -52.17
CA ARG C 1608 28.64 -2.78 -52.09
C ARG C 1608 27.70 -3.99 -52.10
N ALA C 1609 27.99 -5.00 -52.92
CA ALA C 1609 27.03 -6.10 -53.13
C ALA C 1609 26.69 -6.80 -51.83
N ASP C 1630 23.98 -1.62 -54.85
CA ASP C 1630 23.28 -0.94 -55.92
C ASP C 1630 23.96 0.39 -56.17
N SER C 1631 24.64 0.89 -55.15
CA SER C 1631 25.39 2.14 -55.29
C SER C 1631 26.54 1.87 -56.23
N TRP C 1632 27.63 1.26 -55.74
CA TRP C 1632 28.80 1.01 -56.56
C TRP C 1632 28.44 0.25 -57.84
N TRP C 1633 27.26 -0.35 -57.87
CA TRP C 1633 26.71 -0.92 -59.11
C TRP C 1633 26.37 0.17 -60.13
N ALA C 1634 25.50 1.10 -59.74
CA ALA C 1634 25.19 2.25 -60.61
C ALA C 1634 26.45 3.06 -60.89
N LYS C 1635 27.37 3.13 -59.94
CA LYS C 1635 28.66 3.74 -60.20
C LYS C 1635 29.28 3.06 -61.40
N ASP C 1636 29.67 1.79 -61.22
CA ASP C 1636 30.40 1.09 -62.27
C ASP C 1636 29.68 1.06 -63.62
N SER C 1637 28.34 1.21 -63.68
CA SER C 1637 27.89 1.02 -65.07
C SER C 1637 27.66 2.32 -65.87
N PRO C 1638 26.68 3.23 -65.50
CA PRO C 1638 26.48 4.46 -66.29
C PRO C 1638 27.73 5.15 -66.82
N LEU C 1639 28.87 5.09 -66.12
CA LEU C 1639 30.12 5.52 -66.74
C LEU C 1639 30.60 4.49 -67.75
N GLU C 1640 30.52 3.22 -67.39
CA GLU C 1640 31.09 2.16 -68.21
C GLU C 1640 30.44 2.07 -69.58
N THR C 1641 29.20 2.55 -69.73
CA THR C 1641 28.67 2.65 -71.07
C THR C 1641 29.32 3.82 -71.82
N LYS C 1642 29.58 4.93 -71.10
CA LYS C 1642 30.07 6.14 -71.74
C LYS C 1642 31.51 6.02 -72.18
N ALA C 1644 32.56 2.59 -72.84
CA ALA C 1644 32.33 1.43 -73.71
C ALA C 1644 32.19 1.96 -75.13
N VAL C 1645 31.73 3.22 -75.22
CA VAL C 1645 31.81 3.96 -76.49
C VAL C 1645 33.26 4.25 -76.88
N LEU C 1646 34.10 4.66 -75.92
CA LEU C 1646 35.34 5.35 -76.26
C LEU C 1646 36.55 4.45 -76.47
N ALA C 1647 37.48 4.44 -75.52
CA ALA C 1647 38.78 3.79 -75.72
C ALA C 1647 38.70 2.26 -75.76
N LEU C 1648 37.52 1.64 -75.75
CA LEU C 1648 37.45 0.21 -75.98
C LEU C 1648 37.47 -0.07 -77.48
N LEU C 1649 36.52 0.51 -78.22
CA LEU C 1649 36.43 0.19 -79.62
C LEU C 1649 37.72 0.54 -80.35
N ALA C 1650 38.41 1.57 -79.86
CA ALA C 1650 39.75 1.92 -80.28
C ALA C 1650 40.62 0.68 -80.42
N LYS C 1651 40.88 0.02 -79.30
CA LYS C 1651 41.72 -1.17 -79.34
C LYS C 1651 41.12 -2.27 -80.22
N ILE C 1652 39.81 -2.57 -80.09
CA ILE C 1652 39.29 -3.67 -80.93
C ILE C 1652 39.65 -3.45 -82.40
N LEU C 1653 39.28 -2.30 -82.95
CA LEU C 1653 39.68 -2.02 -84.33
C LEU C 1653 41.21 -2.11 -84.50
N GLN C 1654 42.00 -1.78 -83.47
CA GLN C 1654 43.44 -2.05 -83.53
C GLN C 1654 43.71 -3.50 -83.90
N ILE C 1655 43.17 -4.44 -83.10
CA ILE C 1655 43.36 -5.86 -83.38
C ILE C 1655 42.88 -6.21 -84.78
N ASP C 1656 41.66 -5.77 -85.12
CA ASP C 1656 40.99 -6.23 -86.33
C ASP C 1656 41.74 -5.79 -87.59
N SER C 1657 42.30 -4.57 -87.59
CA SER C 1657 43.12 -4.16 -88.74
C SER C 1657 44.56 -4.66 -88.64
N SER C 1658 45.13 -4.68 -87.44
CA SER C 1658 46.49 -5.16 -87.26
C SER C 1658 46.48 -6.67 -87.01
N VAL C 1671 55.82 -7.90 -87.23
CA VAL C 1671 55.73 -8.83 -86.11
C VAL C 1671 55.10 -8.15 -84.89
N PHE C 1672 55.28 -6.83 -84.78
CA PHE C 1672 54.65 -6.08 -83.68
C PHE C 1672 53.13 -6.18 -83.72
N THR C 1673 52.55 -6.30 -84.92
CA THR C 1673 51.11 -6.29 -85.10
C THR C 1673 50.38 -7.35 -84.29
N THR C 1674 50.90 -8.58 -84.26
CA THR C 1674 50.20 -9.68 -83.58
C THR C 1674 50.19 -9.49 -82.06
N TYR C 1675 51.35 -9.21 -81.46
CA TYR C 1675 51.44 -8.93 -80.03
C TYR C 1675 50.51 -7.77 -79.63
N ILE C 1676 50.47 -6.71 -80.47
CA ILE C 1676 49.55 -5.60 -80.22
C ILE C 1676 48.11 -6.11 -80.16
N SER C 1677 47.68 -6.82 -81.22
CA SER C 1677 46.35 -7.43 -81.24
C SER C 1677 46.08 -8.28 -80.00
N LEU C 1678 46.98 -9.21 -79.68
CA LEU C 1678 46.74 -10.17 -78.60
C LEU C 1678 46.49 -9.46 -77.27
N LEU C 1679 47.45 -8.68 -76.79
CA LEU C 1679 47.22 -7.97 -75.52
C LEU C 1679 45.96 -7.11 -75.60
N ALA C 1680 45.88 -6.19 -76.58
CA ALA C 1680 44.77 -5.25 -76.63
C ALA C 1680 43.42 -5.97 -76.53
N ASP C 1681 43.19 -6.93 -77.45
CA ASP C 1681 41.88 -7.57 -77.51
C ASP C 1681 41.58 -8.31 -76.22
N THR C 1682 42.48 -9.21 -75.79
CA THR C 1682 42.15 -10.01 -74.61
C THR C 1682 41.79 -9.12 -73.43
N LYS C 1683 42.48 -7.99 -73.31
CA LYS C 1683 42.10 -7.02 -72.29
C LYS C 1683 40.65 -6.61 -72.48
N LEU C 1684 40.36 -6.04 -73.65
CA LEU C 1684 39.03 -5.48 -73.85
C LEU C 1684 37.94 -6.51 -73.59
N ASP C 1685 38.08 -7.71 -74.16
CA ASP C 1685 37.17 -8.81 -73.85
C ASP C 1685 36.91 -8.90 -72.35
N LEU C 1686 37.98 -9.10 -71.57
CA LEU C 1686 37.85 -9.23 -70.12
C LEU C 1686 37.05 -8.11 -69.48
N HIS C 1687 37.48 -6.87 -69.74
CA HIS C 1687 36.77 -5.75 -69.14
C HIS C 1687 35.29 -5.81 -69.48
N LEU C 1688 34.97 -6.03 -70.75
CA LEU C 1688 33.57 -6.22 -71.16
C LEU C 1688 32.88 -7.31 -70.35
N LYS C 1689 33.58 -8.42 -70.10
CA LYS C 1689 33.03 -9.51 -69.31
C LYS C 1689 32.59 -8.96 -67.97
N GLY C 1690 33.57 -8.63 -67.12
CA GLY C 1690 33.25 -8.11 -65.80
C GLY C 1690 32.19 -7.03 -65.84
N GLN C 1691 32.27 -6.17 -66.86
CA GLN C 1691 31.34 -5.07 -66.99
C GLN C 1691 29.92 -5.60 -67.10
N ALA C 1692 29.74 -6.69 -67.84
CA ALA C 1692 28.41 -7.27 -67.94
C ALA C 1692 28.01 -8.03 -66.69
N VAL C 1693 28.98 -8.62 -65.97
CA VAL C 1693 28.61 -9.34 -64.76
C VAL C 1693 28.10 -8.38 -63.70
N THR C 1694 28.81 -7.26 -63.50
CA THR C 1694 28.26 -6.22 -62.64
C THR C 1694 27.13 -5.43 -63.30
N LEU C 1695 26.90 -5.61 -64.61
CA LEU C 1695 25.65 -5.12 -65.23
C LEU C 1695 24.44 -5.88 -64.70
N LEU C 1696 24.54 -7.21 -64.69
CA LEU C 1696 23.43 -8.14 -64.42
C LEU C 1696 22.84 -8.16 -63.01
N PRO C 1697 23.47 -7.59 -61.93
CA PRO C 1697 22.76 -7.54 -60.65
C PRO C 1697 21.90 -6.28 -60.48
N PHE C 1698 21.49 -5.62 -61.56
CA PHE C 1698 20.60 -4.46 -61.46
C PHE C 1698 19.63 -4.38 -62.65
N PHE C 1699 19.27 -3.16 -63.05
CA PHE C 1699 18.39 -2.89 -64.19
C PHE C 1699 19.00 -3.19 -65.56
N THR C 1700 19.70 -4.32 -65.69
CA THR C 1700 20.35 -4.74 -66.94
C THR C 1700 19.40 -5.16 -68.06
N SER C 1701 19.88 -6.08 -68.92
CA SER C 1701 19.13 -6.69 -70.01
C SER C 1701 18.65 -5.63 -70.99
N LEU C 1702 17.74 -4.76 -70.54
CA LEU C 1702 17.34 -3.61 -71.34
C LEU C 1702 18.39 -2.50 -71.33
N THR C 1703 18.99 -2.22 -70.18
CA THR C 1703 20.11 -1.28 -70.15
C THR C 1703 21.32 -1.83 -70.88
N GLY C 1704 21.50 -3.15 -70.85
CA GLY C 1704 22.47 -3.81 -71.70
C GLY C 1704 22.21 -3.54 -73.16
N GLY C 1705 21.13 -4.12 -73.69
CA GLY C 1705 20.81 -4.06 -75.10
C GLY C 1705 20.10 -2.81 -75.60
N SER C 1706 20.05 -1.74 -74.82
CA SER C 1706 19.37 -0.52 -75.24
C SER C 1706 20.27 0.71 -75.26
N LEU C 1707 21.48 0.64 -74.72
CA LEU C 1707 22.36 1.80 -74.72
C LEU C 1707 23.07 1.86 -76.07
N GLU C 1708 24.38 1.61 -76.13
CA GLU C 1708 25.02 1.84 -77.41
C GLU C 1708 26.33 1.07 -77.54
N GLU C 1709 26.71 0.82 -78.80
CA GLU C 1709 27.99 0.24 -79.24
C GLU C 1709 28.47 -0.84 -78.29
N LEU C 1710 28.02 -2.07 -78.48
CA LEU C 1710 28.30 -3.12 -77.52
C LEU C 1710 28.37 -4.43 -78.29
N ARG C 1711 27.21 -4.79 -78.83
CA ARG C 1711 27.09 -5.88 -79.77
C ARG C 1711 28.30 -5.94 -80.69
N ARG C 1712 28.62 -4.81 -81.33
CA ARG C 1712 29.76 -4.70 -82.23
C ARG C 1712 31.01 -5.31 -81.60
N VAL C 1713 31.37 -4.84 -80.41
CA VAL C 1713 32.55 -5.38 -79.75
C VAL C 1713 32.41 -6.88 -79.50
N LEU C 1714 31.22 -7.33 -79.06
CA LEU C 1714 31.03 -8.77 -78.85
C LEU C 1714 31.34 -9.56 -80.10
N GLU C 1715 30.92 -9.03 -81.24
CA GLU C 1715 30.94 -9.82 -82.44
C GLU C 1715 32.29 -9.73 -83.14
N GLN C 1716 32.98 -8.60 -82.99
CA GLN C 1716 34.28 -8.47 -83.63
C GLN C 1716 35.23 -9.53 -83.14
N LEU C 1717 35.50 -9.53 -81.84
CA LEU C 1717 36.34 -10.56 -81.27
C LEU C 1717 35.68 -11.93 -81.35
N ILE C 1718 34.37 -11.97 -81.59
CA ILE C 1718 33.77 -13.21 -82.02
C ILE C 1718 34.22 -13.65 -83.43
N VAL C 1719 34.71 -12.74 -84.28
CA VAL C 1719 35.24 -13.12 -85.59
C VAL C 1719 36.73 -12.77 -85.74
N ALA C 1720 37.58 -13.29 -84.84
CA ALA C 1720 39.01 -13.09 -85.03
C ALA C 1720 39.81 -14.39 -84.85
N HIS C 1721 39.85 -14.92 -83.62
CA HIS C 1721 40.60 -16.11 -83.25
C HIS C 1721 39.63 -17.24 -82.83
N PHE C 1722 40.09 -18.12 -81.92
CA PHE C 1722 39.35 -19.33 -81.56
C PHE C 1722 39.39 -19.60 -80.05
N PRO C 1723 40.57 -19.73 -79.42
CA PRO C 1723 40.56 -20.13 -78.00
C PRO C 1723 40.50 -18.96 -77.04
N GLN C 1725 38.88 -16.68 -77.11
CA GLN C 1725 37.53 -16.20 -77.34
C GLN C 1725 36.50 -17.08 -76.66
N SER C 1726 36.81 -18.34 -76.41
CA SER C 1726 35.89 -19.22 -75.72
C SER C 1726 35.44 -18.62 -74.40
N ARG C 1727 36.26 -17.77 -73.79
CA ARG C 1727 35.88 -17.13 -72.53
C ARG C 1727 34.99 -15.91 -72.72
N GLU C 1728 35.07 -15.21 -73.86
CA GLU C 1728 34.16 -14.08 -74.08
C GLU C 1728 32.88 -14.56 -74.71
N PHE C 1729 32.56 -15.76 -74.44
CA PHE C 1729 31.49 -16.45 -75.09
C PHE C 1729 30.33 -16.72 -74.14
N PRO C 1730 30.60 -17.00 -72.85
CA PRO C 1730 29.54 -16.96 -71.85
C PRO C 1730 28.67 -15.72 -71.92
N PRO C 1731 29.22 -14.51 -72.11
CA PRO C 1731 28.37 -13.33 -71.99
C PRO C 1731 27.47 -13.10 -73.19
N GLY C 1732 26.34 -12.45 -72.93
CA GLY C 1732 25.50 -11.95 -73.99
C GLY C 1732 24.07 -12.37 -73.80
N THR C 1733 23.37 -12.48 -74.93
CA THR C 1733 22.03 -13.01 -75.23
C THR C 1733 20.90 -11.98 -75.12
N PRO C 1734 21.09 -10.71 -75.55
CA PRO C 1734 19.96 -9.79 -75.53
C PRO C 1734 18.83 -10.27 -76.41
N ARG C 1735 17.76 -9.48 -76.47
CA ARG C 1735 16.60 -9.75 -77.30
C ARG C 1735 16.39 -8.54 -78.22
N PHE C 1736 15.20 -8.47 -78.82
CA PHE C 1736 14.83 -7.41 -79.77
C PHE C 1736 15.51 -7.58 -81.11
N ASN C 1737 15.09 -6.77 -82.08
CA ASN C 1737 15.69 -6.74 -83.41
C ASN C 1737 17.09 -6.12 -83.28
N ASN C 1738 17.73 -5.78 -84.41
CA ASN C 1738 19.12 -5.30 -84.43
C ASN C 1738 20.07 -6.35 -83.87
N TYR C 1739 19.58 -7.20 -82.98
CA TYR C 1739 20.39 -8.20 -82.31
C TYR C 1739 20.14 -9.58 -82.88
N VAL C 1740 18.89 -10.02 -82.94
CA VAL C 1740 18.56 -11.35 -83.44
C VAL C 1740 19.36 -11.63 -84.69
N ASP C 1741 19.27 -10.69 -85.62
CA ASP C 1741 20.01 -10.76 -86.87
C ASP C 1741 21.50 -10.96 -86.65
N CYS C 1742 22.18 -9.94 -86.11
CA CYS C 1742 23.63 -9.98 -86.01
C CYS C 1742 24.14 -11.16 -85.18
N LYS C 1744 22.60 -14.29 -85.18
CA LYS C 1744 22.57 -15.42 -86.11
C LYS C 1744 23.69 -15.34 -87.14
N LYS C 1745 23.82 -14.15 -87.76
CA LYS C 1745 24.87 -13.90 -88.76
C LYS C 1745 26.24 -14.21 -88.18
N PHE C 1746 26.59 -13.53 -87.09
CA PHE C 1746 27.94 -13.64 -86.54
C PHE C 1746 28.05 -14.79 -85.56
N LEU C 1747 27.25 -15.83 -85.74
CA LEU C 1747 27.33 -17.03 -84.95
C LEU C 1747 27.52 -18.26 -85.84
N ASP C 1748 26.58 -18.53 -86.75
CA ASP C 1748 26.67 -19.76 -87.55
C ASP C 1748 28.05 -19.92 -88.18
N ALA C 1749 28.51 -18.86 -88.85
CA ALA C 1749 29.82 -18.81 -89.46
C ALA C 1749 30.92 -19.11 -88.46
N LEU C 1750 30.65 -18.89 -87.18
CA LEU C 1750 31.58 -19.28 -86.13
C LEU C 1750 31.57 -20.78 -85.90
N GLU C 1751 30.40 -21.31 -85.52
CA GLU C 1751 30.31 -22.70 -85.11
C GLU C 1751 30.90 -23.61 -86.15
N LEU C 1752 30.76 -23.26 -87.42
CA LEU C 1752 31.49 -24.02 -88.43
C LEU C 1752 32.98 -24.17 -88.07
N SER C 1753 33.73 -23.05 -88.02
CA SER C 1753 35.16 -23.15 -87.77
C SER C 1753 35.46 -23.47 -86.39
N GLN C 1754 34.46 -23.83 -85.68
CA GLN C 1754 34.61 -24.25 -84.30
C GLN C 1754 34.14 -25.67 -84.10
N SER C 1755 33.17 -26.10 -84.89
CA SER C 1755 32.55 -27.40 -84.74
C SER C 1755 32.54 -28.06 -86.10
N PRO C 1756 33.51 -28.93 -86.39
CA PRO C 1756 33.37 -29.80 -87.55
C PRO C 1756 32.48 -30.95 -87.13
N LEU C 1758 32.63 -33.58 -86.51
CA LEU C 1758 33.57 -34.59 -86.05
C LEU C 1758 32.84 -35.77 -85.41
N LEU C 1759 33.54 -36.87 -85.25
CA LEU C 1759 32.94 -38.10 -84.74
C LEU C 1759 32.45 -37.90 -83.30
N GLU C 1760 31.61 -38.83 -82.87
CA GLU C 1760 31.10 -38.82 -81.51
C GLU C 1760 32.25 -38.95 -80.52
N LEU C 1761 32.36 -37.96 -79.63
CA LEU C 1761 33.33 -38.03 -78.53
C LEU C 1761 32.77 -37.43 -77.25
N THR C 1763 33.71 -35.48 -73.89
CA THR C 1763 34.13 -36.02 -72.59
C THR C 1763 33.00 -36.10 -71.56
N ARG C 1787 15.29 -13.68 -57.85
CA ARG C 1787 15.11 -13.30 -56.45
C ARG C 1787 15.34 -14.49 -55.51
N ARG C 1788 14.66 -15.61 -55.79
CA ARG C 1788 14.76 -16.82 -54.98
C ARG C 1788 16.15 -17.44 -55.00
N GLY C 1789 16.55 -17.95 -56.17
CA GLY C 1789 17.84 -18.61 -56.27
C GLY C 1789 19.00 -17.72 -55.89
N SER C 1790 18.97 -16.46 -56.35
CA SER C 1790 20.06 -15.53 -56.02
C SER C 1790 20.10 -15.20 -54.52
N CYS C 1791 18.95 -15.02 -53.88
CA CYS C 1791 19.01 -14.78 -52.43
C CYS C 1791 19.50 -16.02 -51.69
N VAL C 1792 19.19 -17.22 -52.18
CA VAL C 1792 19.78 -18.43 -51.62
C VAL C 1792 21.30 -18.43 -51.79
N THR C 1793 21.79 -17.98 -52.95
CA THR C 1793 23.23 -18.05 -53.25
C THR C 1793 24.04 -16.97 -52.56
N GLN C 1794 23.40 -15.86 -52.25
CA GLN C 1794 24.07 -14.78 -51.55
C GLN C 1794 23.98 -14.98 -50.04
N VAL C 1795 22.76 -15.11 -49.51
CA VAL C 1795 22.57 -15.20 -48.07
C VAL C 1795 22.73 -16.63 -47.54
N GLY C 1796 22.77 -17.62 -48.42
CA GLY C 1796 22.91 -19.00 -48.00
C GLY C 1796 24.36 -19.39 -47.90
N LEU C 1797 25.15 -19.05 -48.92
CA LEU C 1797 26.58 -19.20 -48.81
C LEU C 1797 27.08 -18.22 -47.77
N LEU C 1798 28.16 -18.58 -47.09
CA LEU C 1798 28.64 -17.60 -46.13
C LEU C 1798 29.70 -16.76 -46.81
N GLU C 1799 30.59 -16.17 -46.02
CA GLU C 1799 31.68 -15.35 -46.52
C GLU C 1799 32.93 -16.20 -46.67
N SER C 1800 33.09 -17.12 -45.73
CA SER C 1800 34.15 -18.12 -45.74
C SER C 1800 34.32 -18.76 -47.11
N VAL C 1801 33.22 -19.14 -47.72
CA VAL C 1801 33.25 -19.60 -49.09
C VAL C 1801 33.12 -18.41 -50.03
N TYR C 1802 32.35 -17.39 -49.62
CA TYR C 1802 32.20 -16.21 -50.45
C TYR C 1802 33.54 -15.63 -50.83
N GLU C 1803 34.43 -15.38 -49.84
CA GLU C 1803 35.71 -14.78 -50.22
C GLU C 1803 36.42 -15.58 -51.30
N PHE C 1805 34.65 -16.82 -53.50
CA PHE C 1805 33.89 -16.29 -54.64
C PHE C 1805 34.41 -14.92 -55.07
N ARG C 1806 34.40 -13.94 -54.16
CA ARG C 1806 34.75 -12.57 -54.56
C ARG C 1806 36.18 -12.48 -55.12
N LYS C 1807 37.13 -13.24 -54.56
CA LYS C 1807 38.46 -13.24 -55.18
C LYS C 1807 38.54 -14.10 -56.41
N ASP C 1808 37.55 -14.95 -56.67
CA ASP C 1808 37.57 -15.75 -57.87
C ASP C 1808 36.92 -15.04 -59.04
N ASP C 1809 35.96 -14.18 -58.75
CA ASP C 1809 35.11 -13.45 -59.70
C ASP C 1809 35.78 -12.25 -60.38
N PRO C 1810 36.74 -11.53 -59.76
CA PRO C 1810 37.24 -10.34 -60.43
C PRO C 1810 38.11 -10.79 -61.60
N ARG C 1811 37.71 -10.49 -62.84
CA ARG C 1811 38.40 -11.02 -64.03
C ARG C 1811 38.92 -12.43 -63.79
N LEU C 1812 40.03 -12.80 -64.43
CA LEU C 1812 40.63 -14.13 -64.30
C LEU C 1812 39.62 -15.21 -64.66
N SER C 1813 40.02 -16.47 -64.55
CA SER C 1813 39.19 -17.56 -65.00
C SER C 1813 38.43 -18.23 -63.87
N PHE C 1814 38.77 -17.93 -62.60
CA PHE C 1814 38.05 -18.49 -61.47
C PHE C 1814 36.60 -18.00 -61.36
N THR C 1815 36.26 -16.90 -62.05
CA THR C 1815 34.89 -16.44 -62.20
C THR C 1815 33.96 -17.61 -62.43
N ARG C 1816 34.25 -18.31 -63.51
CA ARG C 1816 33.43 -19.40 -63.98
C ARG C 1816 34.06 -20.76 -63.71
N GLN C 1817 35.34 -20.80 -63.33
CA GLN C 1817 35.90 -22.06 -62.82
C GLN C 1817 35.20 -22.47 -61.54
N SER C 1818 34.86 -21.50 -60.68
CA SER C 1818 34.21 -21.81 -59.41
C SER C 1818 32.87 -22.51 -59.61
N PHE C 1819 32.09 -22.10 -60.61
CA PHE C 1819 30.75 -22.67 -60.81
C PHE C 1819 30.72 -23.88 -61.74
N VAL C 1820 31.87 -24.51 -62.03
CA VAL C 1820 31.87 -25.80 -62.72
C VAL C 1820 32.72 -26.80 -61.95
N ASP C 1821 33.95 -26.41 -61.58
CA ASP C 1821 34.85 -27.33 -60.89
C ASP C 1821 34.23 -27.85 -59.59
N ARG C 1822 33.60 -26.98 -58.81
CA ARG C 1822 33.00 -27.39 -57.54
C ARG C 1822 31.53 -27.79 -57.72
N THR C 1856 43.72 -37.95 -81.44
CA THR C 1856 42.27 -37.76 -81.43
C THR C 1856 41.78 -37.18 -80.09
N LYS C 1857 42.24 -37.78 -78.99
CA LYS C 1857 41.78 -37.50 -77.63
C LYS C 1857 41.82 -36.03 -77.17
N LEU C 1858 43.01 -35.46 -76.99
CA LEU C 1858 43.16 -34.16 -76.31
C LEU C 1858 42.39 -33.03 -77.01
N ASN C 1859 42.61 -32.85 -78.31
CA ASN C 1859 41.93 -31.75 -79.01
C ASN C 1859 40.43 -31.98 -79.05
N GLU C 1860 39.99 -33.22 -79.22
CA GLU C 1860 38.56 -33.50 -79.15
C GLU C 1860 37.99 -33.22 -77.76
N SER C 1861 38.78 -33.42 -76.70
CA SER C 1861 38.42 -32.92 -75.38
C SER C 1861 38.28 -31.40 -75.40
N THR C 1862 39.18 -30.72 -76.13
CA THR C 1862 39.10 -29.27 -76.24
C THR C 1862 37.82 -28.84 -76.97
N PHE C 1863 37.53 -29.46 -78.11
CA PHE C 1863 36.24 -29.29 -78.78
C PHE C 1863 35.12 -29.46 -77.76
N ASP C 1864 35.24 -30.48 -76.91
CA ASP C 1864 34.24 -30.73 -75.90
C ASP C 1864 34.04 -29.52 -75.01
N THR C 1865 35.12 -28.94 -74.48
CA THR C 1865 34.93 -27.73 -73.67
C THR C 1865 34.36 -26.59 -74.50
N GLN C 1866 34.60 -26.56 -75.80
CA GLN C 1866 34.04 -25.47 -76.58
C GLN C 1866 32.52 -25.58 -76.63
N ILE C 1867 32.00 -26.73 -77.05
CA ILE C 1867 30.56 -26.99 -76.96
C ILE C 1867 30.10 -26.84 -75.52
N THR C 1868 30.97 -27.11 -74.56
CA THR C 1868 30.63 -27.03 -73.15
C THR C 1868 30.20 -25.63 -72.76
N LYS C 1869 31.13 -24.67 -72.86
CA LYS C 1869 30.71 -23.28 -72.73
C LYS C 1869 29.46 -23.03 -73.59
N LYS C 1870 29.51 -23.51 -74.83
CA LYS C 1870 28.59 -23.14 -75.89
C LYS C 1870 27.15 -23.55 -75.63
N GLY C 1872 26.29 -25.06 -72.36
CA GLY C 1872 26.31 -24.76 -70.95
C GLY C 1872 25.64 -23.43 -70.66
N TYR C 1873 26.10 -22.35 -71.29
CA TYR C 1873 25.38 -21.10 -71.08
C TYR C 1873 24.07 -21.09 -71.84
N TYR C 1874 23.96 -21.93 -72.86
CA TYR C 1874 22.68 -22.06 -73.54
C TYR C 1874 21.60 -22.59 -72.62
N LYS C 1875 21.99 -23.02 -71.42
CA LYS C 1875 21.01 -23.52 -70.46
C LYS C 1875 20.04 -22.43 -69.96
N ILE C 1876 20.42 -21.16 -70.02
CA ILE C 1876 19.68 -20.22 -69.19
C ILE C 1876 19.37 -18.91 -69.92
N LEU C 1877 18.88 -18.97 -71.16
CA LEU C 1877 18.84 -17.78 -72.00
C LEU C 1877 17.85 -17.93 -73.15
N ASP C 1878 18.18 -17.41 -74.33
CA ASP C 1878 17.27 -17.24 -75.46
C ASP C 1878 17.09 -18.53 -76.27
N VAL C 1879 16.27 -18.44 -77.33
CA VAL C 1879 15.74 -19.62 -77.97
C VAL C 1879 16.37 -19.93 -79.33
N TYR C 1881 19.22 -19.77 -79.48
CA TYR C 1881 20.05 -20.58 -78.61
C TYR C 1881 19.46 -21.95 -78.35
N SER C 1882 18.15 -22.11 -78.42
CA SER C 1882 17.63 -23.48 -78.43
C SER C 1882 17.74 -24.09 -79.81
N ARG C 1883 17.80 -23.26 -80.84
CA ARG C 1883 17.62 -23.71 -82.21
C ARG C 1883 18.86 -24.45 -82.68
N LEU C 1884 19.99 -23.79 -82.58
CA LEU C 1884 21.23 -24.45 -82.94
C LEU C 1884 21.37 -25.81 -82.28
N PRO C 1885 21.31 -25.90 -80.92
CA PRO C 1885 21.51 -27.19 -80.27
C PRO C 1885 20.68 -28.29 -80.84
N LYS C 1886 19.36 -28.16 -80.70
CA LYS C 1886 18.43 -29.19 -81.15
C LYS C 1886 18.90 -29.77 -82.47
N ASP C 1887 19.00 -28.92 -83.50
CA ASP C 1887 19.51 -29.37 -84.80
C ASP C 1887 20.81 -30.14 -84.66
N ASP C 1888 21.73 -29.60 -83.87
CA ASP C 1888 23.02 -30.25 -83.78
C ASP C 1888 22.91 -31.59 -83.07
N VAL C 1889 22.16 -31.66 -81.96
CA VAL C 1889 21.84 -32.93 -81.33
C VAL C 1889 21.33 -33.88 -82.38
N HIS C 1890 20.65 -33.34 -83.38
CA HIS C 1890 20.14 -34.15 -84.46
C HIS C 1890 21.21 -34.40 -85.51
N ALA C 1891 22.44 -33.91 -85.29
CA ALA C 1891 23.52 -34.39 -86.14
C ALA C 1891 23.49 -35.91 -86.07
N LYS C 1892 23.98 -36.50 -84.97
CA LYS C 1892 23.85 -37.93 -84.79
C LYS C 1892 23.54 -38.30 -83.35
N GLU C 1893 24.43 -39.08 -82.76
CA GLU C 1893 24.47 -39.36 -81.34
C GLU C 1893 25.94 -39.42 -80.96
N SER C 1894 26.21 -39.05 -79.72
CA SER C 1894 27.55 -38.66 -79.31
C SER C 1894 27.49 -38.38 -77.82
N LYS C 1895 28.53 -38.75 -77.05
CA LYS C 1895 28.50 -38.59 -75.61
C LYS C 1895 28.20 -37.13 -75.25
N ILE C 1896 28.03 -36.28 -76.27
CA ILE C 1896 27.29 -35.05 -76.13
C ILE C 1896 25.86 -35.32 -75.69
N ASN C 1897 25.32 -36.51 -76.01
CA ASN C 1897 23.93 -36.86 -75.72
C ASN C 1897 23.55 -36.49 -74.30
N GLN C 1898 24.10 -37.18 -73.28
CA GLN C 1898 23.77 -36.84 -71.89
C GLN C 1898 23.80 -35.33 -71.68
N VAL C 1899 24.83 -34.67 -72.22
CA VAL C 1899 24.94 -33.23 -72.05
C VAL C 1899 23.68 -32.55 -72.55
N PHE C 1900 23.20 -33.00 -73.72
CA PHE C 1900 22.00 -32.45 -74.30
C PHE C 1900 20.77 -32.76 -73.46
N HIS C 1901 20.61 -34.01 -73.04
CA HIS C 1901 19.45 -34.38 -72.24
C HIS C 1901 19.39 -33.57 -70.97
N GLY C 1902 20.41 -33.65 -70.14
CA GLY C 1902 20.42 -32.87 -68.92
C GLY C 1902 20.18 -31.40 -69.15
N SER C 1903 20.89 -30.82 -70.12
CA SER C 1903 20.77 -29.39 -70.41
C SER C 1903 19.33 -29.01 -70.76
N CYS C 1904 18.73 -29.65 -71.77
CA CYS C 1904 17.34 -29.37 -72.15
C CYS C 1904 16.38 -29.59 -70.98
N ILE C 1905 16.44 -30.76 -70.33
CA ILE C 1905 15.61 -31.03 -69.14
C ILE C 1905 15.61 -29.76 -68.32
N THR C 1906 16.81 -29.35 -67.92
CA THR C 1906 16.97 -28.14 -67.11
C THR C 1906 16.39 -26.93 -67.80
N GLU C 1907 16.37 -26.92 -69.13
CA GLU C 1907 15.79 -25.79 -69.85
C GLU C 1907 14.31 -25.65 -69.51
N GLY C 1908 13.55 -26.71 -69.77
CA GLY C 1908 12.14 -26.67 -69.46
C GLY C 1908 11.87 -26.41 -67.99
N ASN C 1909 12.61 -27.08 -67.10
CA ASN C 1909 12.34 -26.90 -65.68
C ASN C 1909 12.59 -25.47 -65.27
N GLU C 1910 13.78 -24.96 -65.58
CA GLU C 1910 14.24 -23.68 -65.04
C GLU C 1910 13.44 -22.54 -65.63
N LEU C 1911 13.27 -22.53 -66.93
CA LEU C 1911 12.62 -21.41 -67.61
C LEU C 1911 11.31 -21.03 -66.91
N THR C 1912 10.33 -21.94 -66.88
CA THR C 1912 9.08 -21.77 -66.14
C THR C 1912 8.25 -20.57 -66.58
N LYS C 1913 8.92 -19.47 -66.97
CA LYS C 1913 8.24 -18.32 -67.53
C LYS C 1913 7.24 -18.83 -68.55
N THR C 1914 5.94 -18.70 -68.28
CA THR C 1914 4.91 -19.27 -69.13
C THR C 1914 5.04 -18.80 -70.57
N LEU C 1915 5.91 -17.82 -70.82
CA LEU C 1915 6.14 -17.32 -72.18
C LEU C 1915 7.34 -18.08 -72.71
N ILE C 1916 8.52 -17.87 -72.12
CA ILE C 1916 9.78 -18.49 -72.50
C ILE C 1916 9.50 -19.95 -72.77
N LYS C 1917 8.74 -20.57 -71.89
CA LYS C 1917 8.28 -21.94 -72.05
C LYS C 1917 7.70 -22.27 -73.42
N LEU C 1918 6.45 -21.85 -73.60
CA LEU C 1918 5.71 -22.12 -74.82
C LEU C 1918 6.42 -21.59 -76.04
N CYS C 1919 7.27 -20.59 -75.85
CA CYS C 1919 8.03 -20.00 -76.96
C CYS C 1919 9.06 -20.99 -77.48
N TYR C 1920 9.84 -21.59 -76.59
CA TYR C 1920 10.72 -22.66 -77.05
C TYR C 1920 9.90 -23.82 -77.56
N ASP C 1921 8.69 -24.00 -77.01
CA ASP C 1921 7.83 -25.08 -77.46
C ASP C 1921 7.36 -24.86 -78.90
N ALA C 1922 6.45 -23.91 -79.12
CA ALA C 1922 6.03 -23.55 -80.47
C ALA C 1922 7.22 -23.38 -81.39
N PHE C 1923 8.36 -23.04 -80.80
CA PHE C 1923 9.61 -22.83 -81.51
C PHE C 1923 10.07 -24.12 -82.17
N THR C 1924 10.48 -25.05 -81.32
CA THR C 1924 10.89 -26.36 -81.81
C THR C 1924 9.79 -27.14 -82.55
N GLU C 1925 8.50 -26.86 -82.29
CA GLU C 1925 7.46 -27.44 -83.15
C GLU C 1925 7.73 -26.96 -84.58
N ASN C 1926 7.61 -25.64 -84.78
CA ASN C 1926 7.89 -25.10 -86.10
C ASN C 1926 9.32 -25.40 -86.58
N ALA C 1928 10.36 -28.57 -86.28
CA ALA C 1928 10.00 -29.82 -86.93
C ALA C 1928 9.09 -29.51 -88.10
N GLY C 1929 8.88 -28.22 -88.34
CA GLY C 1929 8.07 -27.73 -89.45
C GLY C 1929 8.61 -28.16 -90.80
N GLU C 1930 7.81 -27.85 -91.81
CA GLU C 1930 8.02 -28.34 -93.17
C GLU C 1930 9.39 -27.89 -93.69
N ASN C 1931 10.18 -28.86 -94.18
CA ASN C 1931 11.51 -28.54 -94.71
C ASN C 1931 12.29 -29.71 -95.32
N GLN C 1932 13.03 -29.45 -96.40
CA GLN C 1932 13.86 -30.47 -97.02
C GLN C 1932 15.11 -30.70 -96.20
N LEU C 1933 15.13 -31.78 -95.45
CA LEU C 1933 16.30 -32.24 -94.73
C LEU C 1933 16.20 -33.74 -94.73
N LEU C 1934 17.29 -34.40 -94.37
CA LEU C 1934 17.18 -35.86 -94.30
C LEU C 1934 16.29 -36.21 -93.11
N GLU C 1935 16.41 -37.42 -92.60
CA GLU C 1935 15.43 -38.01 -91.69
C GLU C 1935 15.85 -37.99 -90.22
N ARG C 1936 17.10 -38.36 -89.92
CA ARG C 1936 17.61 -38.27 -88.55
C ARG C 1936 17.23 -36.95 -87.89
N ARG C 1937 17.58 -35.82 -88.53
CA ARG C 1937 17.27 -34.50 -88.03
C ARG C 1937 15.84 -34.41 -87.52
N ARG C 1938 14.95 -35.19 -88.12
CA ARG C 1938 13.57 -35.15 -87.68
C ARG C 1938 13.27 -36.16 -86.58
N LEU C 1939 13.70 -37.42 -86.73
CA LEU C 1939 13.45 -38.38 -85.65
C LEU C 1939 14.08 -37.89 -84.34
N TYR C 1940 15.39 -37.65 -84.37
CA TYR C 1940 16.05 -36.97 -83.26
C TYR C 1940 15.31 -35.69 -82.86
N HIS C 1941 14.69 -34.99 -83.81
CA HIS C 1941 13.95 -33.82 -83.34
C HIS C 1941 12.73 -34.20 -82.52
N CYS C 1942 12.12 -35.32 -82.79
CA CYS C 1942 11.05 -35.75 -81.94
C CYS C 1942 11.60 -36.13 -80.57
N ALA C 1943 12.76 -36.77 -80.56
CA ALA C 1943 13.39 -37.16 -79.29
C ALA C 1943 13.71 -35.95 -78.38
N ALA C 1944 14.51 -34.99 -78.88
CA ALA C 1944 14.88 -33.82 -78.04
C ALA C 1944 13.80 -32.72 -77.97
N TYR C 1945 12.73 -32.81 -78.75
CA TYR C 1945 11.60 -31.97 -78.41
C TYR C 1945 10.73 -32.61 -77.33
N ASN C 1946 10.29 -33.86 -77.55
CA ASN C 1946 9.68 -34.60 -76.46
C ASN C 1946 10.42 -34.26 -75.18
N CYS C 1947 11.71 -34.59 -75.10
CA CYS C 1947 12.43 -34.29 -73.86
C CYS C 1947 12.49 -32.79 -73.56
N ALA C 1948 12.17 -31.91 -74.53
CA ALA C 1948 11.89 -30.54 -74.10
C ALA C 1948 10.56 -30.42 -73.36
N ILE C 1949 9.64 -31.37 -73.55
CA ILE C 1949 8.27 -31.27 -73.07
C ILE C 1949 8.01 -32.21 -71.90
N SER C 1950 8.57 -33.42 -71.91
CA SER C 1950 8.17 -34.46 -70.96
C SER C 1950 8.47 -34.09 -69.52
N VAL C 1951 9.52 -33.29 -69.30
CA VAL C 1951 9.96 -32.93 -67.96
C VAL C 1951 9.89 -31.41 -67.85
N ILE C 1952 8.85 -30.83 -68.43
CA ILE C 1952 8.80 -29.39 -68.67
C ILE C 1952 7.74 -28.76 -67.77
N CYS C 1953 7.76 -27.43 -67.73
CA CYS C 1953 6.69 -26.65 -67.13
C CYS C 1953 5.34 -27.04 -67.72
N CYS C 1954 4.31 -26.98 -66.88
CA CYS C 1954 3.03 -27.65 -67.12
C CYS C 1954 2.08 -26.92 -68.07
N VAL C 1955 2.28 -25.62 -68.33
CA VAL C 1955 1.36 -24.86 -69.16
C VAL C 1955 1.49 -25.31 -70.60
N PHE C 1956 0.89 -26.46 -70.92
CA PHE C 1956 0.97 -26.99 -72.27
C PHE C 1956 0.38 -26.01 -73.27
N ASN C 1957 -0.58 -25.20 -72.82
CA ASN C 1957 -1.19 -24.05 -73.49
C ASN C 1957 -1.00 -24.00 -75.00
N GLU C 1958 0.03 -23.28 -75.47
CA GLU C 1958 0.13 -22.97 -76.89
C GLU C 1958 0.55 -24.19 -77.71
N LEU C 1959 1.55 -24.95 -77.25
CA LEU C 1959 1.77 -26.26 -77.87
C LEU C 1959 0.46 -27.03 -77.85
N LYS C 1960 -0.12 -27.20 -76.65
CA LYS C 1960 -1.39 -27.89 -76.51
C LYS C 1960 -2.50 -27.29 -77.37
N PHE C 1961 -2.39 -26.00 -77.66
CA PHE C 1961 -3.37 -25.27 -78.44
C PHE C 1961 -3.19 -25.57 -79.94
N TYR C 1962 -2.14 -25.00 -80.52
CA TYR C 1962 -1.63 -25.24 -81.86
C TYR C 1962 -1.71 -26.72 -82.27
N GLN C 1963 -1.61 -27.59 -81.29
CA GLN C 1963 -1.99 -29.00 -81.39
C GLN C 1963 -3.25 -29.23 -82.22
N GLY C 1964 -4.18 -28.29 -82.24
CA GLY C 1964 -5.27 -28.37 -83.20
C GLY C 1964 -4.76 -28.41 -84.63
N PHE C 1965 -3.82 -27.50 -84.93
CA PHE C 1965 -3.21 -27.50 -86.26
C PHE C 1965 -2.48 -28.80 -86.53
N LEU C 1966 -1.71 -29.31 -85.56
CA LEU C 1966 -0.97 -30.54 -85.83
C LEU C 1966 -1.91 -31.73 -86.03
N PHE C 1967 -3.06 -31.74 -85.36
CA PHE C 1967 -4.09 -32.71 -85.70
C PHE C 1967 -4.57 -32.49 -87.11
N SER C 1968 -4.56 -31.23 -87.57
CA SER C 1968 -4.95 -30.99 -88.96
C SER C 1968 -3.89 -31.49 -89.92
N GLU C 1969 -2.65 -31.70 -89.44
CA GLU C 1969 -1.64 -32.40 -90.25
C GLU C 1969 -1.67 -33.90 -90.07
N LYS C 1970 -2.44 -34.41 -89.10
CA LYS C 1970 -2.60 -35.85 -88.92
C LYS C 1970 -2.83 -36.66 -90.19
N PRO C 1971 -3.77 -36.30 -91.09
CA PRO C 1971 -4.00 -37.18 -92.25
C PRO C 1971 -3.34 -36.73 -93.54
N GLU C 1972 -2.92 -37.71 -94.36
CA GLU C 1972 -2.04 -37.52 -95.51
C GLU C 1972 -1.93 -38.80 -96.34
N LYS C 1973 -0.96 -38.80 -97.25
CA LYS C 1973 -0.61 -39.95 -98.07
C LYS C 1973 0.54 -39.51 -98.95
N ASN C 1974 0.91 -40.33 -99.93
CA ASN C 1974 1.64 -39.95 -101.14
C ASN C 1974 2.50 -41.08 -101.67
N LEU C 1975 1.96 -41.93 -102.53
CA LEU C 1975 2.72 -43.02 -103.08
C LEU C 1975 2.91 -42.91 -104.60
N LEU C 1976 4.03 -42.35 -105.01
CA LEU C 1976 5.07 -41.97 -104.08
C LEU C 1976 6.00 -40.92 -104.64
N ILE C 1977 6.73 -41.35 -105.67
CA ILE C 1977 7.97 -40.76 -106.12
C ILE C 1977 8.91 -40.72 -104.90
N PHE C 1978 8.77 -41.73 -104.04
CA PHE C 1978 9.50 -42.01 -102.79
C PHE C 1978 9.77 -40.78 -101.94
N GLU C 1979 9.88 -39.63 -102.60
CA GLU C 1979 10.22 -38.36 -102.01
C GLU C 1979 9.36 -38.10 -100.79
N ASN C 1980 8.08 -37.93 -101.06
CA ASN C 1980 7.11 -37.64 -100.03
C ASN C 1980 6.78 -38.85 -99.19
N LEU C 1981 7.21 -40.02 -99.65
CA LEU C 1981 7.15 -41.21 -98.80
C LEU C 1981 7.95 -40.99 -97.52
N ILE C 1982 9.24 -40.63 -97.67
CA ILE C 1982 10.07 -40.34 -96.49
C ILE C 1982 9.36 -39.35 -95.56
N ASP C 1983 9.06 -38.18 -96.10
CA ASP C 1983 8.52 -37.10 -95.30
C ASP C 1983 7.20 -37.48 -94.66
N LEU C 1984 6.46 -38.41 -95.27
CA LEU C 1984 5.20 -38.85 -94.66
C LEU C 1984 5.51 -39.68 -93.42
N LYS C 1985 6.24 -40.80 -93.60
CA LYS C 1985 6.51 -41.64 -92.43
C LYS C 1985 7.45 -41.01 -91.42
N ARG C 1986 7.88 -39.76 -91.62
CA ARG C 1986 8.54 -39.03 -90.54
C ARG C 1986 7.60 -38.05 -89.90
N ARG C 1987 6.87 -37.29 -90.72
CA ARG C 1987 5.84 -36.41 -90.20
C ARG C 1987 4.77 -37.21 -89.48
N TYR C 1988 3.81 -37.80 -90.20
CA TYR C 1988 2.60 -38.39 -89.59
C TYR C 1988 2.95 -39.15 -88.33
N ASN C 1989 4.18 -39.67 -88.31
CA ASN C 1989 4.67 -40.42 -87.17
C ASN C 1989 5.18 -39.49 -86.06
N PHE C 1990 5.65 -38.27 -86.43
CA PHE C 1990 6.00 -37.29 -85.41
C PHE C 1990 4.80 -36.76 -84.62
N PRO C 1991 3.84 -36.05 -85.21
CA PRO C 1991 2.93 -35.25 -84.38
C PRO C 1991 2.12 -36.08 -83.40
N VAL C 1992 1.49 -37.17 -83.86
CA VAL C 1992 0.85 -38.08 -82.93
C VAL C 1992 1.82 -38.45 -81.80
N GLU C 1993 3.09 -38.69 -82.12
CA GLU C 1993 4.08 -39.00 -81.10
C GLU C 1993 4.18 -37.90 -80.05
N VAL C 1994 4.42 -36.65 -80.46
CA VAL C 1994 4.49 -35.58 -79.46
C VAL C 1994 3.12 -35.41 -78.78
N GLU C 1995 2.05 -35.56 -79.55
CA GLU C 1995 0.68 -35.33 -79.09
C GLU C 1995 0.31 -36.20 -77.90
N VAL C 1996 0.57 -37.50 -77.99
CA VAL C 1996 -0.06 -38.38 -77.00
C VAL C 1996 0.62 -38.34 -75.64
N PRO C 1997 1.94 -38.18 -75.52
CA PRO C 1997 2.49 -37.71 -74.24
C PRO C 1997 2.42 -36.21 -74.07
N GLU C 1999 -0.66 -35.54 -74.26
CA GLU C 1999 -1.75 -36.09 -73.47
C GLU C 1999 -1.23 -37.07 -72.43
N ARG C 2000 0.07 -37.02 -72.13
CA ARG C 2000 0.68 -37.82 -71.09
C ARG C 2000 -0.18 -37.84 -69.85
N LYS C 2001 -0.24 -36.73 -69.11
CA LYS C 2001 -0.89 -36.75 -67.80
C LYS C 2001 -1.43 -35.37 -67.43
N LYS C 2002 -2.31 -35.38 -66.42
CA LYS C 2002 -2.69 -34.26 -65.56
C LYS C 2002 -3.74 -33.38 -66.22
N LYS C 2003 -3.33 -32.27 -66.83
CA LYS C 2003 -4.32 -31.33 -67.37
C LYS C 2003 -5.18 -32.00 -68.41
N TYR C 2004 -5.08 -33.34 -68.54
CA TYR C 2004 -6.01 -34.10 -69.37
C TYR C 2004 -7.39 -34.12 -68.72
N ILE C 2005 -7.47 -34.58 -67.46
CA ILE C 2005 -8.73 -34.49 -66.74
C ILE C 2005 -9.19 -33.03 -66.64
N GLU C 2006 -8.26 -32.09 -66.81
CA GLU C 2006 -8.57 -30.67 -66.95
C GLU C 2006 -8.84 -30.25 -68.40
N ILE C 2007 -8.62 -31.14 -69.36
CA ILE C 2007 -9.09 -30.92 -70.73
C ILE C 2007 -10.53 -31.37 -70.83
N ARG C 2008 -10.91 -32.36 -70.03
CA ARG C 2008 -12.21 -33.01 -70.03
C ARG C 2008 -12.60 -33.52 -71.41
N LYS C 2009 -11.66 -33.51 -72.35
CA LYS C 2009 -11.99 -33.89 -73.72
C LYS C 2009 -11.47 -35.30 -74.00
N GLU C 2010 -11.42 -35.67 -75.28
CA GLU C 2010 -11.00 -36.95 -75.83
C GLU C 2010 -10.73 -36.64 -77.30
N ALA C 2011 -10.74 -35.33 -77.58
CA ALA C 2011 -10.82 -34.71 -78.89
C ALA C 2011 -11.85 -35.43 -79.73
N ARG C 2012 -12.76 -36.12 -79.05
CA ARG C 2012 -13.79 -37.02 -79.55
C ARG C 2012 -13.22 -37.97 -80.62
N GLU C 2013 -12.69 -37.38 -81.68
CA GLU C 2013 -12.25 -38.11 -82.84
C GLU C 2013 -10.77 -38.39 -82.78
N ALA C 2014 -10.07 -37.90 -81.75
CA ALA C 2014 -8.63 -38.10 -81.65
C ALA C 2014 -8.30 -39.58 -81.62
N ALA C 2015 -9.18 -40.38 -81.05
CA ALA C 2015 -8.99 -41.80 -81.16
C ALA C 2015 -8.94 -42.21 -82.62
N ASN C 2016 -9.93 -41.77 -83.40
CA ASN C 2016 -10.23 -42.31 -84.72
C ASN C 2016 -9.02 -42.62 -85.60
N GLY C 2017 -8.35 -41.60 -86.15
CA GLY C 2017 -7.15 -41.88 -86.93
C GLY C 2017 -6.11 -42.65 -86.13
N ASP C 2018 -5.92 -42.26 -84.87
CA ASP C 2018 -4.94 -42.90 -84.01
C ASP C 2018 -5.20 -44.38 -83.79
N SER C 2019 -6.42 -44.85 -84.02
CA SER C 2019 -6.83 -46.24 -83.80
C SER C 2019 -7.02 -47.01 -85.10
N ASP C 2020 -7.64 -46.38 -86.09
CA ASP C 2020 -7.70 -46.90 -87.43
C ASP C 2020 -6.27 -47.19 -87.86
N GLY C 2021 -5.46 -46.14 -87.91
CA GLY C 2021 -4.17 -46.16 -88.56
C GLY C 2021 -3.20 -47.22 -88.09
N PRO C 2022 -3.16 -47.52 -86.80
CA PRO C 2022 -2.32 -48.66 -86.38
C PRO C 2022 -2.96 -49.98 -86.71
N SER C 2023 -4.23 -50.11 -86.32
CA SER C 2023 -5.01 -51.32 -86.59
C SER C 2023 -4.93 -51.71 -88.06
N TYR C 2024 -4.63 -50.75 -88.93
CA TYR C 2024 -4.75 -50.98 -90.36
C TYR C 2024 -3.35 -51.12 -90.94
N SER C 2026 -3.46 -52.85 -94.08
CA SER C 2026 -3.64 -54.17 -94.64
C SER C 2026 -2.67 -54.42 -95.78
N SER C 2027 -2.36 -53.37 -96.53
CA SER C 2027 -1.60 -53.50 -97.76
C SER C 2027 -0.30 -54.25 -97.46
N LEU C 2028 0.09 -55.14 -98.36
CA LEU C 2028 1.34 -55.86 -98.22
C LEU C 2028 2.52 -54.90 -98.04
N SER C 2029 3.71 -55.45 -97.78
CA SER C 2029 4.88 -54.67 -97.38
C SER C 2029 5.20 -53.55 -98.38
N TYR C 2030 6.23 -53.78 -99.21
CA TYR C 2030 6.67 -52.89 -100.29
C TYR C 2030 6.84 -51.42 -99.91
N LEU C 2031 7.29 -50.60 -100.86
CA LEU C 2031 7.59 -49.18 -100.69
C LEU C 2031 8.73 -48.90 -99.71
N ALA C 2032 9.48 -49.93 -99.27
CA ALA C 2032 10.45 -49.82 -98.17
C ALA C 2032 9.72 -49.21 -96.98
N ASP C 2033 8.40 -49.18 -97.11
CA ASP C 2033 7.36 -48.74 -96.20
C ASP C 2033 7.16 -49.70 -95.05
N SER C 2034 7.98 -50.74 -94.98
CA SER C 2034 7.96 -51.67 -93.88
C SER C 2034 8.76 -51.12 -92.71
N THR C 2035 10.02 -51.53 -92.61
CA THR C 2035 10.80 -51.30 -91.39
C THR C 2035 11.00 -49.83 -91.05
N LEU C 2036 10.65 -48.87 -91.92
CA LEU C 2036 10.93 -47.46 -91.59
C LEU C 2036 9.72 -46.69 -91.16
N SER C 2037 8.55 -47.23 -91.38
CA SER C 2037 7.31 -46.66 -90.91
C SER C 2037 6.61 -47.60 -89.99
N GLU C 2038 6.69 -48.89 -90.24
CA GLU C 2038 6.02 -49.83 -89.37
C GLU C 2038 6.48 -49.60 -87.94
N GLU C 2039 7.73 -49.20 -87.77
CA GLU C 2039 8.23 -48.78 -86.45
C GLU C 2039 7.35 -47.69 -85.87
N SER C 2041 4.53 -46.53 -86.89
CA SER C 2041 3.12 -46.82 -87.05
C SER C 2041 2.56 -47.30 -85.73
N GLN C 2042 3.45 -47.71 -84.83
CA GLN C 2042 3.06 -48.09 -83.48
C GLN C 2042 2.64 -46.87 -82.67
N PHE C 2043 3.32 -45.76 -82.87
CA PHE C 2043 3.19 -44.64 -81.93
C PHE C 2043 1.75 -44.14 -81.82
N ASP C 2044 1.01 -44.07 -82.95
CA ASP C 2044 -0.44 -43.81 -82.85
C ASP C 2044 -1.05 -44.64 -81.73
N PHE C 2045 -0.78 -45.94 -81.76
CA PHE C 2045 -1.41 -46.85 -80.81
C PHE C 2045 -0.71 -46.79 -79.45
N SER C 2046 0.51 -47.29 -79.36
CA SER C 2046 1.18 -47.43 -78.08
C SER C 2046 1.16 -46.12 -77.30
N THR C 2047 1.58 -45.04 -77.94
CA THR C 2047 1.56 -43.78 -77.24
C THR C 2047 0.14 -43.19 -77.18
N GLY C 2048 -0.68 -43.40 -78.23
CA GLY C 2048 -2.08 -42.95 -78.18
C GLY C 2048 -2.82 -43.46 -76.96
N VAL C 2049 -2.50 -44.68 -76.55
CA VAL C 2049 -2.96 -45.25 -75.29
C VAL C 2049 -2.79 -44.24 -74.18
N GLN C 2050 -1.67 -43.52 -74.18
CA GLN C 2050 -1.39 -42.54 -73.12
C GLN C 2050 -2.42 -41.41 -73.09
N SER C 2051 -3.36 -41.41 -74.05
CA SER C 2051 -4.55 -40.58 -73.95
C SER C 2051 -5.82 -41.42 -73.98
N TYR C 2052 -5.71 -42.74 -74.03
CA TYR C 2052 -6.86 -43.55 -73.66
C TYR C 2052 -6.93 -43.72 -72.16
N SER C 2053 -5.77 -43.99 -71.55
CA SER C 2053 -5.66 -44.13 -70.12
C SER C 2053 -6.34 -42.99 -69.39
N TYR C 2054 -6.17 -41.77 -69.89
CA TYR C 2054 -6.83 -40.63 -69.29
C TYR C 2054 -8.30 -40.52 -69.64
N SER C 2055 -8.87 -41.61 -70.12
CA SER C 2055 -10.31 -41.75 -70.28
C SER C 2055 -10.78 -43.14 -69.91
N SER C 2056 -10.08 -43.82 -69.01
CA SER C 2056 -10.21 -45.28 -68.84
C SER C 2056 -11.16 -45.61 -67.71
N GLN C 2057 -12.18 -46.40 -68.03
CA GLN C 2057 -13.26 -46.68 -67.10
C GLN C 2057 -13.94 -48.01 -67.46
N ASP C 2058 -13.15 -48.96 -67.98
CA ASP C 2058 -13.27 -50.43 -68.03
C ASP C 2058 -13.48 -50.96 -69.46
N PRO C 2059 -14.68 -50.88 -70.09
CA PRO C 2059 -14.89 -51.66 -71.34
C PRO C 2059 -14.17 -51.07 -72.55
N ARG C 2060 -14.41 -49.79 -72.79
CA ARG C 2060 -13.67 -49.06 -73.82
C ARG C 2060 -12.16 -49.21 -73.74
N PRO C 2061 -11.48 -49.19 -72.56
CA PRO C 2061 -10.05 -49.54 -72.56
C PRO C 2061 -9.81 -50.83 -73.29
N ALA C 2062 -10.59 -51.85 -72.93
CA ALA C 2062 -10.51 -53.14 -73.57
C ALA C 2062 -10.58 -53.01 -75.10
N THR C 2063 -11.66 -52.40 -75.61
CA THR C 2063 -11.82 -52.40 -77.08
C THR C 2063 -10.88 -51.44 -77.82
N GLY C 2064 -10.31 -50.43 -77.14
CA GLY C 2064 -9.16 -49.76 -77.73
C GLY C 2064 -7.97 -50.68 -77.80
N ARG C 2065 -7.88 -51.61 -76.85
CA ARG C 2065 -6.87 -52.66 -76.82
C ARG C 2065 -7.31 -53.95 -77.52
N PHE C 2066 -8.56 -54.01 -78.00
CA PHE C 2066 -9.01 -55.07 -78.90
C PHE C 2066 -9.03 -54.42 -80.31
N ARG C 2067 -8.98 -55.20 -81.39
CA ARG C 2067 -9.15 -56.65 -81.36
C ARG C 2067 -7.94 -57.49 -81.72
N ARG C 2068 -7.11 -57.05 -82.67
CA ARG C 2068 -5.84 -57.71 -82.94
C ARG C 2068 -5.09 -57.08 -84.11
N ARG C 2069 -5.52 -57.40 -85.33
CA ARG C 2069 -4.99 -56.89 -86.60
C ARG C 2069 -3.51 -56.44 -86.61
N GLU C 2070 -2.73 -56.79 -85.57
CA GLU C 2070 -1.31 -56.43 -85.47
C GLU C 2070 -0.67 -56.92 -84.14
N GLN C 2071 0.64 -57.24 -84.09
CA GLN C 2071 1.62 -57.36 -85.19
C GLN C 2071 1.96 -56.09 -85.96
N ARG C 2072 1.80 -54.92 -85.34
CA ARG C 2072 2.33 -53.70 -85.96
C ARG C 2072 3.83 -53.83 -86.04
N ASP C 2073 4.45 -53.45 -84.92
CA ASP C 2073 5.86 -53.38 -84.57
C ASP C 2073 6.49 -54.74 -84.27
N PRO C 2074 5.73 -55.78 -83.91
CA PRO C 2074 6.37 -57.08 -83.73
C PRO C 2074 7.01 -57.56 -85.03
N THR C 2075 6.31 -58.41 -85.81
CA THR C 2075 6.71 -58.91 -87.14
C THR C 2075 7.98 -58.27 -87.67
N VAL C 2076 7.91 -56.95 -87.91
CA VAL C 2076 9.03 -56.07 -88.21
C VAL C 2076 10.24 -56.43 -87.36
N HIS C 2077 10.08 -56.28 -86.04
CA HIS C 2077 11.20 -56.40 -85.10
C HIS C 2077 11.36 -57.79 -84.52
N ASP C 2078 10.39 -58.69 -84.72
CA ASP C 2078 10.55 -60.09 -84.31
C ASP C 2078 11.65 -60.79 -85.07
N ASP C 2079 11.98 -60.29 -86.26
CA ASP C 2079 13.08 -60.79 -87.05
C ASP C 2079 14.42 -60.22 -86.58
N VAL C 2080 14.45 -59.54 -85.43
CA VAL C 2080 15.63 -58.94 -84.82
C VAL C 2080 15.48 -59.04 -83.30
N LEU C 2081 15.81 -57.96 -82.58
CA LEU C 2081 15.69 -57.80 -81.12
C LEU C 2081 16.52 -58.76 -80.26
N GLU C 2082 16.59 -58.47 -78.95
CA GLU C 2082 17.48 -59.15 -78.03
C GLU C 2082 16.82 -59.51 -76.69
N LEU C 2083 17.03 -58.74 -75.62
CA LEU C 2083 16.42 -59.03 -74.32
C LEU C 2083 15.21 -58.14 -74.05
N GLU C 2084 14.71 -58.17 -72.80
CA GLU C 2084 13.48 -57.46 -72.43
C GLU C 2084 13.51 -55.98 -72.79
N ASP C 2086 15.81 -54.32 -74.74
CA ASP C 2086 16.00 -54.30 -76.18
C ASP C 2086 14.68 -54.62 -76.88
N GLU C 2087 13.96 -55.62 -76.36
CA GLU C 2087 12.60 -55.91 -76.75
C GLU C 2087 11.65 -54.76 -76.44
N LEU C 2088 12.05 -53.85 -75.57
CA LEU C 2088 11.13 -52.82 -75.09
C LEU C 2088 11.16 -51.61 -76.01
N ASN C 2089 12.34 -51.04 -76.18
CA ASN C 2089 12.57 -49.75 -76.82
C ASN C 2089 12.16 -49.74 -78.29
N ARG C 2090 12.96 -50.39 -79.15
CA ARG C 2090 12.63 -50.47 -80.57
C ARG C 2090 11.20 -50.93 -80.79
N HIS C 2091 10.75 -51.90 -79.99
CA HIS C 2091 9.37 -52.36 -79.98
C HIS C 2091 8.41 -51.30 -79.45
N GLU C 2092 8.85 -50.48 -78.48
CA GLU C 2092 8.03 -49.47 -77.83
C GLU C 2092 6.68 -50.06 -77.44
N CYS C 2093 6.74 -51.23 -76.84
CA CYS C 2093 5.48 -51.72 -76.29
C CYS C 2093 5.60 -52.16 -74.84
N ALA C 2095 7.64 -50.59 -72.71
CA ALA C 2095 7.62 -49.30 -72.02
C ALA C 2095 6.22 -48.69 -71.99
N PRO C 2096 5.34 -48.98 -72.97
CA PRO C 2096 3.92 -48.64 -72.80
C PRO C 2096 3.08 -49.58 -71.94
N LEU C 2097 2.92 -50.84 -72.38
CA LEU C 2097 2.13 -51.88 -71.73
C LEU C 2097 2.53 -52.07 -70.28
N THR C 2098 3.62 -51.43 -69.89
CA THR C 2098 3.91 -51.25 -68.49
C THR C 2098 2.82 -50.39 -67.89
N ALA C 2099 2.91 -49.07 -68.09
CA ALA C 2099 1.90 -48.16 -67.56
C ALA C 2099 0.50 -48.61 -67.91
N LEU C 2100 0.31 -49.19 -69.09
CA LEU C 2100 -1.00 -49.72 -69.48
C LEU C 2100 -1.47 -50.77 -68.48
N VAL C 2101 -0.70 -51.85 -68.33
CA VAL C 2101 -1.11 -52.81 -67.32
C VAL C 2101 -1.23 -52.16 -65.96
N LYS C 2102 -0.53 -51.03 -65.76
CA LYS C 2102 -0.59 -50.31 -64.49
C LYS C 2102 -1.98 -49.74 -64.23
N HIS C 2103 -2.36 -48.68 -64.95
CA HIS C 2103 -3.67 -48.09 -64.73
C HIS C 2103 -4.72 -49.17 -64.86
N HIS C 2105 -4.75 -52.40 -64.27
CA HIS C 2105 -5.02 -53.17 -63.05
C HIS C 2105 -5.57 -52.27 -61.95
N ARG C 2106 -5.11 -51.02 -61.88
CA ARG C 2106 -5.71 -50.00 -61.03
C ARG C 2106 -7.21 -49.82 -61.29
N SER C 2107 -7.73 -50.33 -62.41
CA SER C 2107 -9.16 -50.35 -62.67
C SER C 2107 -9.72 -51.75 -62.90
N LEU C 2108 -8.91 -52.79 -62.70
CA LEU C 2108 -9.40 -54.17 -62.71
C LEU C 2108 -9.71 -54.68 -61.30
N GLY C 2109 -9.03 -54.15 -60.29
CA GLY C 2109 -9.19 -54.61 -58.92
C GLY C 2109 -10.28 -53.95 -58.11
N PRO C 2110 -10.42 -52.63 -58.21
CA PRO C 2110 -11.50 -51.94 -57.48
C PRO C 2110 -12.87 -52.46 -57.88
N PRO C 2111 -13.15 -52.73 -59.16
CA PRO C 2111 -14.41 -53.46 -59.45
C PRO C 2111 -14.46 -54.81 -58.75
N GLN C 2112 -13.43 -55.65 -58.93
CA GLN C 2112 -13.41 -56.96 -58.26
C GLN C 2112 -12.06 -57.66 -58.38
N GLY C 2113 -12.07 -58.97 -58.13
CA GLY C 2113 -10.92 -59.82 -58.39
C GLY C 2113 -11.41 -61.24 -58.53
N GLU C 2114 -10.73 -62.01 -59.36
CA GLU C 2114 -11.23 -63.33 -59.69
C GLU C 2114 -10.26 -64.42 -59.26
N GLU C 2115 -10.70 -65.67 -59.43
CA GLU C 2115 -9.86 -66.86 -59.23
C GLU C 2115 -10.03 -67.89 -60.34
N ASP C 2116 -10.70 -67.56 -61.43
CA ASP C 2116 -10.95 -68.50 -62.53
C ASP C 2116 -10.18 -68.09 -63.77
N SER C 2117 -9.90 -69.08 -64.64
CA SER C 2117 -8.99 -68.84 -65.75
C SER C 2117 -9.73 -68.19 -66.94
N VAL C 2118 -10.77 -68.85 -67.45
CA VAL C 2118 -11.54 -68.31 -68.58
C VAL C 2118 -12.41 -67.09 -68.23
N PRO C 2119 -13.15 -67.06 -67.11
CA PRO C 2119 -14.04 -65.91 -66.86
C PRO C 2119 -13.35 -64.55 -66.73
N ARG C 2120 -12.02 -64.47 -66.71
CA ARG C 2120 -11.37 -63.19 -66.89
C ARG C 2120 -10.93 -62.96 -68.32
N ASP C 2121 -10.66 -64.03 -69.06
CA ASP C 2121 -10.19 -63.95 -70.45
C ASP C 2121 -11.15 -63.20 -71.36
N LEU C 2122 -12.28 -63.83 -71.71
CA LEU C 2122 -13.27 -63.24 -72.62
C LEU C 2122 -13.61 -61.77 -72.32
N PRO C 2123 -13.90 -61.36 -71.08
CA PRO C 2123 -14.22 -59.94 -70.86
C PRO C 2123 -13.08 -59.01 -71.22
N SER C 2124 -11.88 -59.28 -70.71
CA SER C 2124 -10.80 -58.32 -70.69
C SER C 2124 -9.75 -58.65 -71.73
N TRP C 2125 -8.75 -57.78 -71.80
CA TRP C 2125 -7.63 -58.00 -72.70
C TRP C 2125 -7.06 -59.39 -72.56
N LYS C 2127 -8.31 -61.94 -73.06
CA LYS C 2127 -8.71 -62.79 -74.18
C LYS C 2127 -7.58 -62.97 -75.19
N PHE C 2128 -6.55 -62.14 -75.13
CA PHE C 2128 -5.37 -62.25 -75.97
C PHE C 2128 -4.41 -63.32 -75.46
N LEU C 2129 -4.66 -63.82 -74.27
CA LEU C 2129 -3.77 -64.78 -73.63
C LEU C 2129 -4.06 -66.20 -74.06
N HIS C 2130 -4.22 -66.40 -75.35
CA HIS C 2130 -4.29 -67.76 -75.84
C HIS C 2130 -3.04 -68.14 -76.61
N GLY C 2131 -2.04 -67.26 -76.66
CA GLY C 2131 -0.91 -67.55 -77.50
C GLY C 2131 -1.43 -67.66 -78.93
N LYS C 2132 -0.56 -68.20 -79.78
CA LYS C 2132 -0.85 -68.50 -81.19
C LYS C 2132 0.37 -69.10 -81.87
N LEU C 2133 0.29 -69.29 -83.17
CA LEU C 2133 1.47 -69.62 -83.97
C LEU C 2133 1.95 -68.35 -84.64
N GLY C 2134 2.96 -67.74 -84.05
CA GLY C 2134 3.66 -66.64 -84.67
C GLY C 2134 5.04 -66.56 -84.06
N ASN C 2135 5.78 -65.53 -84.42
CA ASN C 2135 6.98 -65.18 -83.65
C ASN C 2135 6.73 -64.10 -82.60
N PRO C 2136 5.59 -63.29 -82.65
CA PRO C 2136 5.47 -62.23 -81.65
C PRO C 2136 4.91 -62.73 -80.34
N ILE C 2137 5.22 -63.97 -79.96
CA ILE C 2137 4.74 -64.42 -78.67
C ILE C 2137 5.63 -63.83 -77.60
N VAL C 2138 6.94 -63.92 -77.83
CA VAL C 2138 7.98 -63.30 -77.00
C VAL C 2138 7.61 -61.87 -76.59
N PRO C 2139 7.14 -60.97 -77.48
CA PRO C 2139 6.61 -59.70 -76.95
C PRO C 2139 5.46 -59.94 -75.98
N LEU C 2140 4.40 -60.68 -76.39
CA LEU C 2140 3.41 -61.12 -75.41
C LEU C 2140 4.04 -61.82 -74.23
N ASN C 2141 5.15 -62.54 -74.44
CA ASN C 2141 5.78 -63.21 -73.32
C ASN C 2141 6.28 -62.19 -72.31
N ILE C 2142 6.85 -61.11 -72.81
CA ILE C 2142 7.43 -60.09 -71.95
C ILE C 2142 6.35 -59.27 -71.26
N ARG C 2143 5.31 -58.87 -72.02
CA ARG C 2143 4.18 -58.19 -71.42
C ARG C 2143 3.60 -59.02 -70.28
N LEU C 2144 3.48 -60.34 -70.49
CA LEU C 2144 3.09 -61.21 -69.40
C LEU C 2144 4.19 -61.35 -68.33
N PHE C 2145 5.48 -61.29 -68.71
CA PHE C 2145 6.55 -61.28 -67.69
C PHE C 2145 6.26 -60.25 -66.64
N LEU C 2146 5.94 -59.05 -67.07
CA LEU C 2146 5.76 -58.00 -66.10
C LEU C 2146 4.32 -57.87 -65.66
N ALA C 2147 3.41 -58.58 -66.32
CA ALA C 2147 2.06 -58.76 -65.81
C ALA C 2147 2.15 -59.55 -64.52
N LYS C 2148 2.62 -60.82 -64.63
CA LYS C 2148 2.68 -61.77 -63.52
C LYS C 2148 3.43 -61.24 -62.30
N LEU C 2149 4.27 -60.20 -62.46
CA LEU C 2149 4.84 -59.51 -61.30
C LEU C 2149 3.81 -59.33 -60.20
N VAL C 2150 2.60 -58.87 -60.56
CA VAL C 2150 1.52 -58.61 -59.61
C VAL C 2150 0.20 -59.15 -60.15
N ILE C 2151 0.23 -59.99 -61.19
CA ILE C 2151 -1.04 -60.42 -61.75
C ILE C 2151 -1.43 -61.85 -61.33
N ASN C 2152 -1.01 -62.88 -62.09
CA ASN C 2152 -1.42 -64.25 -61.75
C ASN C 2152 -2.98 -64.33 -61.87
N THR C 2153 -3.66 -65.42 -61.52
CA THR C 2153 -3.14 -66.61 -60.85
C THR C 2153 -3.38 -67.86 -61.67
N GLU C 2154 -4.45 -68.56 -61.31
CA GLU C 2154 -4.92 -69.70 -62.10
C GLU C 2154 -5.34 -69.22 -63.48
N GLU C 2155 -5.47 -67.90 -63.62
CA GLU C 2155 -5.70 -67.12 -64.82
C GLU C 2155 -5.04 -67.66 -66.08
N VAL C 2156 -3.96 -66.97 -66.50
CA VAL C 2156 -3.29 -67.12 -67.78
C VAL C 2156 -2.76 -68.53 -67.93
N PHE C 2157 -3.54 -69.53 -67.54
CA PHE C 2157 -2.82 -70.72 -67.10
C PHE C 2157 -2.26 -71.56 -68.24
N ARG C 2158 -3.14 -72.23 -69.00
CA ARG C 2158 -2.68 -73.11 -70.07
C ARG C 2158 -1.55 -72.42 -70.83
N PRO C 2159 -1.65 -71.11 -71.09
CA PRO C 2159 -0.49 -70.39 -71.64
C PRO C 2159 0.81 -70.60 -70.90
N TYR C 2160 0.86 -70.65 -69.56
CA TYR C 2160 2.13 -70.96 -68.92
C TYR C 2160 2.76 -72.20 -69.56
N ALA C 2161 1.93 -73.23 -69.73
CA ALA C 2161 2.41 -74.47 -70.34
C ALA C 2161 2.70 -74.28 -71.81
N LYS C 2162 1.92 -73.45 -72.49
CA LYS C 2162 2.25 -73.08 -73.86
C LYS C 2162 3.62 -72.39 -73.93
N HIS C 2163 3.98 -71.61 -72.92
CA HIS C 2163 5.31 -71.05 -72.76
C HIS C 2163 6.31 -72.13 -72.46
N TRP C 2164 5.84 -73.34 -72.19
CA TRP C 2164 6.68 -74.54 -72.27
C TRP C 2164 6.71 -75.14 -73.67
N LEU C 2165 5.66 -74.90 -74.48
CA LEU C 2165 5.60 -75.38 -75.85
C LEU C 2165 6.41 -74.52 -76.81
N SER C 2166 6.42 -73.21 -76.57
CA SER C 2166 7.07 -72.13 -77.32
C SER C 2166 8.59 -72.06 -77.17
N PRO C 2167 9.16 -72.30 -75.99
CA PRO C 2167 10.61 -72.11 -75.84
C PRO C 2167 11.43 -73.12 -76.60
N LEU C 2168 10.83 -74.23 -76.99
CA LEU C 2168 11.52 -75.25 -77.75
C LEU C 2168 11.98 -74.69 -79.10
N LEU C 2169 11.12 -74.80 -80.11
CA LEU C 2169 11.37 -74.19 -81.41
C LEU C 2169 11.73 -72.72 -81.27
N GLN C 2170 10.92 -71.97 -80.53
CA GLN C 2170 11.05 -70.51 -80.48
C GLN C 2170 12.36 -70.08 -79.82
N LEU C 2171 12.62 -70.54 -78.59
CA LEU C 2171 13.91 -70.28 -77.96
C LEU C 2171 15.05 -70.67 -78.88
N ALA C 2172 14.93 -71.81 -79.57
CA ALA C 2172 15.95 -72.18 -80.54
C ALA C 2172 16.06 -71.16 -81.69
N ALA C 2173 14.99 -70.41 -81.97
CA ALA C 2173 15.05 -69.50 -83.11
C ALA C 2173 15.89 -68.26 -82.84
N SER C 2174 15.97 -67.82 -81.58
CA SER C 2174 16.83 -66.70 -81.19
C SER C 2174 18.28 -67.12 -80.91
N GLU C 2175 18.86 -67.93 -81.81
CA GLU C 2175 20.22 -68.49 -81.74
C GLU C 2175 20.31 -69.60 -80.71
N ASN C 2176 20.03 -69.27 -79.46
CA ASN C 2176 20.06 -70.17 -78.31
C ASN C 2176 19.24 -69.48 -77.25
N ASN C 2177 19.80 -68.39 -76.70
CA ASN C 2177 19.16 -67.41 -75.82
C ASN C 2177 20.16 -66.37 -75.35
N GLY C 2178 21.41 -66.77 -75.21
CA GLY C 2178 22.32 -66.02 -74.37
C GLY C 2178 22.09 -66.43 -72.92
N GLY C 2179 23.11 -66.30 -72.07
CA GLY C 2179 22.95 -66.58 -70.66
C GLY C 2179 21.69 -65.97 -70.10
N GLU C 2180 21.61 -64.64 -70.10
CA GLU C 2180 20.40 -63.90 -69.69
C GLU C 2180 19.14 -64.23 -70.49
N GLY C 2181 19.27 -64.76 -71.70
CA GLY C 2181 18.09 -65.17 -72.47
C GLY C 2181 17.26 -66.31 -71.88
N ILE C 2182 17.84 -67.51 -71.74
CA ILE C 2182 17.11 -68.57 -71.04
C ILE C 2182 16.59 -68.01 -69.73
N HIS C 2183 17.50 -67.37 -68.97
CA HIS C 2183 17.20 -66.93 -67.61
C HIS C 2183 15.88 -66.16 -67.60
N TYR C 2184 15.83 -65.07 -68.34
CA TYR C 2184 14.65 -64.25 -68.30
C TYR C 2184 13.42 -65.05 -68.71
N VAL C 2186 12.57 -68.67 -69.63
CA VAL C 2186 12.20 -69.86 -68.87
C VAL C 2186 12.17 -69.55 -67.37
N VAL C 2187 13.18 -68.85 -66.87
CA VAL C 2187 13.22 -68.53 -65.45
C VAL C 2187 11.95 -67.83 -65.00
N GLU C 2188 11.39 -66.93 -65.81
CA GLU C 2188 10.19 -66.29 -65.30
C GLU C 2188 9.02 -67.25 -65.38
N ILE C 2189 8.91 -68.02 -66.47
CA ILE C 2189 7.82 -68.98 -66.56
C ILE C 2189 7.82 -69.91 -65.33
N VAL C 2190 9.00 -70.43 -64.98
CA VAL C 2190 9.13 -71.22 -63.76
C VAL C 2190 8.84 -70.35 -62.54
N ALA C 2191 9.24 -69.08 -62.60
CA ALA C 2191 9.13 -68.21 -61.43
C ALA C 2191 7.68 -68.10 -61.02
N THR C 2192 6.85 -67.63 -61.94
CA THR C 2192 5.42 -67.62 -61.69
C THR C 2192 4.91 -69.01 -61.35
N ILE C 2193 5.52 -70.10 -61.88
CA ILE C 2193 4.88 -71.36 -61.53
C ILE C 2193 5.14 -71.75 -60.09
N LEU C 2194 6.34 -71.51 -59.58
CA LEU C 2194 6.55 -71.79 -58.17
C LEU C 2194 5.69 -70.91 -57.29
N SER C 2195 5.27 -69.76 -57.81
CA SER C 2195 4.54 -68.78 -57.02
C SER C 2195 3.21 -69.30 -56.48
N TRP C 2196 2.76 -70.48 -56.90
CA TRP C 2196 1.46 -70.98 -56.50
C TRP C 2196 1.49 -72.45 -56.10
N THR C 2197 0.46 -72.83 -55.36
CA THR C 2197 0.13 -74.22 -55.09
C THR C 2197 -1.12 -74.66 -55.85
N GLY C 2198 -2.26 -74.08 -55.50
CA GLY C 2198 -3.57 -74.63 -55.82
C GLY C 2198 -3.81 -75.00 -57.26
N LEU C 2199 -3.03 -74.46 -58.18
CA LEU C 2199 -3.36 -74.49 -59.59
C LEU C 2199 -2.40 -75.25 -60.49
N ALA C 2200 -1.13 -75.43 -60.10
CA ALA C 2200 -0.30 -76.32 -60.92
C ALA C 2200 -0.67 -77.78 -60.78
N THR C 2201 -1.66 -78.11 -59.93
CA THR C 2201 -2.20 -79.46 -59.80
C THR C 2201 -3.40 -79.61 -60.73
N PRO C 2202 -4.24 -78.58 -60.90
CA PRO C 2202 -5.07 -78.50 -62.10
C PRO C 2202 -4.29 -78.29 -63.39
N THR C 2203 -2.96 -78.13 -63.31
CA THR C 2203 -2.12 -78.45 -64.46
C THR C 2203 -1.21 -79.62 -64.19
N GLY C 2204 -1.27 -80.22 -63.00
CA GLY C 2204 -0.49 -81.40 -62.69
C GLY C 2204 -1.27 -82.67 -62.95
N VAL C 2205 -2.59 -82.56 -63.01
CA VAL C 2205 -3.46 -83.71 -63.26
C VAL C 2205 -3.91 -83.79 -64.74
N PRO C 2206 -4.34 -82.69 -65.42
CA PRO C 2206 -4.77 -82.83 -66.83
C PRO C 2206 -3.70 -82.57 -67.89
N LYS C 2207 -3.03 -81.41 -67.80
CA LYS C 2207 -2.23 -80.92 -68.92
C LYS C 2207 -0.75 -81.28 -68.83
N ASP C 2208 -0.19 -81.40 -67.61
CA ASP C 2208 1.24 -81.65 -67.42
C ASP C 2208 1.72 -82.80 -68.27
N GLU C 2209 0.91 -83.85 -68.34
CA GLU C 2209 1.23 -85.17 -68.88
C GLU C 2209 2.24 -85.05 -70.01
N VAL C 2210 1.99 -84.10 -70.90
CA VAL C 2210 2.84 -83.81 -72.05
C VAL C 2210 3.75 -82.64 -71.75
N LEU C 2211 3.14 -81.46 -71.64
CA LEU C 2211 3.82 -80.18 -71.51
C LEU C 2211 5.01 -80.27 -70.56
N ALA C 2212 4.74 -80.64 -69.32
CA ALA C 2212 5.80 -80.77 -68.34
C ALA C 2212 6.84 -81.78 -68.81
N ASN C 2213 6.48 -83.07 -68.88
CA ASN C 2213 7.44 -84.13 -69.16
C ASN C 2213 8.43 -83.71 -70.23
N ARG C 2214 7.89 -83.37 -71.41
CA ARG C 2214 8.73 -82.89 -72.49
C ARG C 2214 9.60 -81.73 -72.03
N LEU C 2215 8.99 -80.82 -71.26
CA LEU C 2215 9.76 -79.70 -70.74
C LEU C 2215 10.97 -80.16 -69.94
N LEU C 2216 10.77 -81.01 -68.94
CA LEU C 2216 11.87 -81.36 -68.04
C LEU C 2216 12.95 -82.11 -68.79
N ASN C 2217 12.58 -83.16 -69.51
CA ASN C 2217 13.47 -83.79 -70.45
C ASN C 2217 14.41 -82.76 -71.10
N PHE C 2218 13.79 -81.83 -71.82
CA PHE C 2218 14.56 -80.75 -72.46
C PHE C 2218 15.43 -80.01 -71.46
N LEU C 2219 14.81 -79.48 -70.40
CA LEU C 2219 15.46 -78.57 -69.48
C LEU C 2219 16.74 -79.15 -68.96
N LYS C 2221 18.51 -81.69 -70.46
CA LYS C 2221 19.49 -81.85 -71.53
C LYS C 2221 20.28 -80.58 -71.74
N HIS C 2222 19.59 -79.45 -71.80
CA HIS C 2222 20.30 -78.19 -71.95
C HIS C 2222 21.12 -77.86 -70.72
N VAL C 2223 20.49 -77.73 -69.55
CA VAL C 2223 21.15 -77.14 -68.37
C VAL C 2223 22.54 -77.72 -68.22
N PHE C 2224 22.69 -78.96 -68.68
CA PHE C 2224 24.03 -79.53 -68.69
C PHE C 2224 24.98 -78.76 -69.59
N HIS C 2225 24.48 -78.26 -70.73
CA HIS C 2225 25.36 -77.66 -71.73
C HIS C 2225 25.99 -76.37 -71.20
N PRO C 2226 25.22 -75.30 -70.92
CA PRO C 2226 25.86 -74.03 -70.55
C PRO C 2226 26.71 -74.09 -69.31
N LYS C 2227 26.38 -74.99 -68.37
CA LYS C 2227 27.20 -75.10 -67.17
C LYS C 2227 28.61 -75.56 -67.53
N ARG C 2228 28.70 -76.52 -68.43
CA ARG C 2228 29.99 -76.90 -69.01
C ARG C 2228 30.39 -75.93 -70.10
N ALA C 2229 30.03 -74.65 -69.90
CA ALA C 2229 30.35 -73.55 -70.79
C ALA C 2229 30.48 -72.27 -69.99
N VAL C 2230 29.49 -72.00 -69.11
CA VAL C 2230 29.43 -70.72 -68.38
C VAL C 2230 29.73 -70.98 -66.91
N PHE C 2231 28.69 -71.06 -66.07
CA PHE C 2231 28.90 -71.22 -64.64
C PHE C 2231 28.09 -72.39 -64.10
N ARG C 2232 28.38 -72.78 -62.86
CA ARG C 2232 27.77 -73.97 -62.28
C ARG C 2232 26.29 -73.76 -62.00
N HIS C 2233 25.97 -72.66 -61.29
CA HIS C 2233 24.64 -72.44 -60.72
C HIS C 2233 23.52 -72.70 -61.72
N ASN C 2234 23.84 -72.70 -63.02
CA ASN C 2234 22.85 -73.04 -64.04
C ASN C 2234 22.04 -74.28 -63.65
N LEU C 2235 22.73 -75.37 -63.27
CA LEU C 2235 22.00 -76.58 -62.87
C LEU C 2235 20.93 -76.24 -61.85
N GLU C 2236 21.32 -75.50 -60.80
CA GLU C 2236 20.36 -75.15 -59.76
C GLU C 2236 19.31 -74.22 -60.30
N ILE C 2237 19.71 -73.28 -61.14
CA ILE C 2237 18.80 -72.36 -61.80
C ILE C 2237 17.73 -73.19 -62.51
N ILE C 2238 18.03 -74.47 -62.78
CA ILE C 2238 17.01 -75.39 -63.21
C ILE C 2238 16.74 -76.51 -62.19
N LYS C 2239 17.73 -76.93 -61.39
CA LYS C 2239 17.47 -78.01 -60.43
C LYS C 2239 16.28 -77.72 -59.55
N THR C 2240 16.34 -76.59 -58.81
CA THR C 2240 15.35 -76.30 -57.79
C THR C 2240 13.94 -76.47 -58.35
N LEU C 2241 13.72 -75.97 -59.56
CA LEU C 2241 12.41 -76.02 -60.20
C LEU C 2241 12.02 -77.45 -60.56
N VAL C 2242 12.98 -78.24 -61.06
CA VAL C 2242 12.80 -79.68 -61.18
C VAL C 2242 12.06 -80.13 -59.93
N GLU C 2243 12.61 -79.77 -58.78
CA GLU C 2243 12.08 -80.23 -57.51
C GLU C 2243 10.65 -79.74 -57.26
N CYS C 2244 10.38 -78.46 -57.54
CA CYS C 2244 9.01 -77.98 -57.30
C CYS C 2244 8.01 -78.75 -58.15
N TRP C 2245 8.41 -79.17 -59.34
CA TRP C 2245 7.52 -79.81 -60.30
C TRP C 2245 7.43 -81.31 -60.09
N LYS C 2246 8.41 -81.91 -59.41
CA LYS C 2246 8.54 -83.37 -59.30
C LYS C 2246 7.25 -84.05 -58.85
N ASP C 2247 6.34 -83.32 -58.19
CA ASP C 2247 5.17 -83.94 -57.59
C ASP C 2247 4.19 -84.41 -58.66
N CYS C 2248 4.73 -85.07 -59.69
CA CYS C 2248 4.02 -85.60 -60.85
C CYS C 2248 5.06 -85.97 -61.90
N LEU C 2249 5.15 -85.15 -62.95
CA LEU C 2249 6.05 -85.40 -64.08
C LEU C 2249 5.67 -86.69 -64.81
N SER C 2250 6.57 -87.18 -65.67
CA SER C 2250 6.33 -88.44 -66.38
C SER C 2250 7.57 -89.32 -66.40
N ILE C 2251 8.22 -89.45 -65.23
CA ILE C 2251 9.31 -90.40 -64.99
C ILE C 2251 10.38 -90.31 -66.06
N PRO C 2252 11.16 -89.23 -66.13
CA PRO C 2252 12.08 -89.08 -67.26
C PRO C 2252 13.50 -89.53 -66.95
N TYR C 2253 13.64 -90.41 -65.97
CA TYR C 2253 14.96 -90.77 -65.44
C TYR C 2253 15.72 -91.75 -66.32
N ARG C 2254 15.03 -92.48 -67.19
CA ARG C 2254 15.73 -93.40 -68.09
C ARG C 2254 16.80 -92.66 -68.90
N LEU C 2255 16.41 -91.57 -69.56
CA LEU C 2255 17.37 -90.78 -70.32
C LEU C 2255 18.29 -90.00 -69.40
N ILE C 2256 17.88 -89.81 -68.16
CA ILE C 2256 18.77 -89.21 -67.18
C ILE C 2256 19.97 -90.12 -66.96
N PHE C 2257 19.72 -91.42 -66.95
CA PHE C 2257 20.84 -92.33 -66.86
C PHE C 2257 21.52 -92.50 -68.20
N GLU C 2258 20.80 -92.33 -69.30
CA GLU C 2258 21.48 -92.22 -70.57
C GLU C 2258 22.59 -91.17 -70.48
N LYS C 2259 22.26 -90.00 -69.92
CA LYS C 2259 23.26 -88.94 -69.73
C LYS C 2259 24.31 -89.32 -68.71
N PHE C 2260 23.94 -90.07 -67.68
CA PHE C 2260 24.98 -90.50 -66.74
C PHE C 2260 25.99 -91.43 -67.40
N SER C 2261 25.52 -92.57 -67.91
CA SER C 2261 26.35 -93.68 -68.38
C SER C 2261 27.29 -93.21 -69.48
N GLY C 2262 28.06 -92.18 -69.20
CA GLY C 2262 28.79 -91.48 -70.22
C GLY C 2262 29.94 -92.29 -70.77
N LYS C 2263 30.79 -91.58 -71.51
CA LYS C 2263 31.97 -92.16 -72.13
C LYS C 2263 32.95 -92.66 -71.08
N ASP C 2264 34.21 -92.54 -71.38
CA ASP C 2264 35.23 -93.07 -70.50
C ASP C 2264 36.08 -91.86 -70.09
N PRO C 2265 37.21 -92.01 -69.31
CA PRO C 2265 37.84 -90.83 -68.68
C PRO C 2265 38.42 -89.89 -69.72
N ASN C 2266 39.16 -88.86 -69.29
CA ASN C 2266 39.71 -87.85 -70.19
C ASN C 2266 38.58 -87.03 -70.80
N SER C 2267 37.49 -86.89 -70.03
CA SER C 2267 36.29 -86.13 -70.37
C SER C 2267 35.39 -85.97 -69.15
N LYS C 2268 35.14 -84.71 -68.75
CA LYS C 2268 34.35 -84.46 -67.55
C LYS C 2268 32.84 -84.56 -67.82
N ASP C 2269 32.43 -85.44 -68.74
CA ASP C 2269 31.02 -85.50 -69.15
C ASP C 2269 30.17 -86.26 -68.13
N ASN C 2270 30.78 -87.27 -67.51
CA ASN C 2270 30.13 -88.02 -66.45
C ASN C 2270 29.52 -87.10 -65.41
N SER C 2271 30.37 -86.27 -64.77
CA SER C 2271 29.97 -85.28 -63.77
C SER C 2271 28.71 -84.52 -64.19
N VAL C 2272 28.81 -83.87 -65.35
CA VAL C 2272 27.72 -83.15 -65.97
C VAL C 2272 26.44 -83.96 -65.85
N GLY C 2273 26.55 -85.26 -66.10
CA GLY C 2273 25.37 -86.10 -65.98
C GLY C 2273 24.96 -86.38 -64.54
N ILE C 2274 25.94 -86.59 -63.65
CA ILE C 2274 25.65 -87.19 -62.35
C ILE C 2274 25.10 -86.18 -61.35
N GLN C 2275 25.69 -84.97 -61.29
CA GLN C 2275 25.23 -84.01 -60.28
C GLN C 2275 23.72 -83.85 -60.37
N LEU C 2276 23.22 -83.85 -61.62
CA LEU C 2276 21.82 -84.12 -61.92
C LEU C 2276 21.28 -85.32 -61.13
N LEU C 2277 21.99 -86.44 -61.14
CA LEU C 2277 21.48 -87.63 -60.47
C LEU C 2277 21.28 -87.32 -58.99
N GLY C 2278 22.14 -86.47 -58.45
CA GLY C 2278 21.91 -85.98 -57.10
C GLY C 2278 20.64 -85.15 -57.01
N ILE C 2279 20.39 -84.35 -58.06
CA ILE C 2279 19.15 -83.60 -58.11
C ILE C 2279 17.98 -84.55 -57.91
N VAL C 2280 17.87 -85.51 -58.80
CA VAL C 2280 17.03 -86.68 -58.63
C VAL C 2280 16.98 -87.06 -57.16
N ALA C 2282 17.41 -85.96 -54.47
CA ALA C 2282 16.81 -85.08 -53.48
C ALA C 2282 15.51 -85.64 -52.88
N ASN C 2283 14.68 -86.28 -53.68
CA ASN C 2283 13.31 -86.58 -53.26
C ASN C 2283 12.85 -87.92 -53.84
N ASP C 2284 11.56 -88.22 -53.63
CA ASP C 2284 10.70 -89.03 -54.51
C ASP C 2284 11.24 -90.44 -54.79
N LEU C 2285 11.51 -91.20 -53.73
CA LEU C 2285 12.02 -92.57 -53.86
C LEU C 2285 13.16 -92.67 -54.87
N PRO C 2286 14.35 -92.18 -54.53
CA PRO C 2286 15.36 -91.75 -55.52
C PRO C 2286 14.82 -91.61 -56.93
N PRO C 2287 13.86 -90.72 -57.15
CA PRO C 2287 13.04 -90.80 -58.37
C PRO C 2287 12.97 -92.18 -58.98
N TYR C 2288 12.35 -93.11 -58.24
CA TYR C 2288 12.24 -94.50 -58.63
C TYR C 2288 13.63 -95.15 -58.77
N ASP C 2289 14.62 -94.62 -58.01
CA ASP C 2289 16.04 -94.98 -58.02
C ASP C 2289 16.59 -94.79 -59.42
N PRO C 2290 17.28 -93.66 -59.73
CA PRO C 2290 17.44 -93.20 -61.12
C PRO C 2290 16.93 -94.17 -62.18
N GLN C 2291 15.62 -94.47 -62.09
CA GLN C 2291 14.93 -95.47 -62.92
C GLN C 2291 15.74 -96.74 -63.03
N CYS C 2292 16.65 -96.96 -62.07
CA CYS C 2292 17.76 -97.91 -62.24
C CYS C 2292 17.32 -99.26 -62.78
N GLY C 2293 16.03 -99.53 -62.79
CA GLY C 2293 15.52 -100.73 -63.42
C GLY C 2293 14.33 -100.43 -64.30
N ILE C 2294 14.47 -99.47 -65.21
CA ILE C 2294 13.44 -99.23 -66.20
C ILE C 2294 13.99 -99.25 -67.62
N GLN C 2295 14.99 -98.43 -67.93
CA GLN C 2295 15.47 -98.47 -69.31
C GLN C 2295 16.29 -99.74 -69.57
N SER C 2296 17.55 -99.79 -69.13
CA SER C 2296 18.25 -101.06 -69.24
C SER C 2296 18.14 -101.78 -67.91
N SER C 2297 19.02 -102.74 -67.68
CA SER C 2297 18.89 -103.63 -66.54
C SER C 2297 20.02 -103.51 -65.52
N GLU C 2298 21.22 -103.11 -65.93
CA GLU C 2298 22.38 -102.97 -65.05
C GLU C 2298 22.99 -101.60 -65.31
N TYR C 2299 22.13 -100.61 -65.49
CA TYR C 2299 22.63 -99.25 -65.58
C TYR C 2299 23.25 -98.85 -64.27
N PHE C 2300 22.50 -99.05 -63.20
CA PHE C 2300 22.98 -98.96 -61.84
C PHE C 2300 24.42 -99.47 -61.67
N GLN C 2301 24.62 -100.74 -62.05
CA GLN C 2301 25.95 -101.34 -62.14
C GLN C 2301 26.89 -100.49 -62.97
N ALA C 2302 26.39 -99.83 -64.02
CA ALA C 2302 27.24 -98.93 -64.79
C ALA C 2302 27.55 -97.65 -64.01
N LEU C 2303 26.69 -97.25 -63.06
CA LEU C 2303 27.00 -96.10 -62.21
C LEU C 2303 28.20 -96.42 -61.33
N VAL C 2304 28.09 -97.50 -60.56
CA VAL C 2304 29.26 -98.02 -59.84
C VAL C 2304 30.46 -98.13 -60.78
N ASN C 2305 30.20 -98.62 -62.00
CA ASN C 2305 31.20 -98.76 -63.06
C ASN C 2305 31.83 -97.43 -63.44
N ASN C 2306 31.17 -96.32 -63.12
CA ASN C 2306 31.82 -95.03 -63.30
C ASN C 2306 32.50 -94.51 -62.04
N SER C 2308 34.24 -96.57 -59.56
CA SER C 2308 35.50 -97.31 -59.41
C SER C 2308 36.54 -96.82 -60.39
N PHE C 2309 36.07 -96.53 -61.59
CA PHE C 2309 36.92 -96.18 -62.73
C PHE C 2309 37.67 -94.88 -62.51
N VAL C 2310 37.03 -93.91 -61.89
CA VAL C 2310 37.67 -92.62 -61.61
C VAL C 2310 37.48 -92.29 -60.14
N ARG C 2311 38.50 -91.72 -59.54
CA ARG C 2311 38.38 -91.25 -58.17
C ARG C 2311 37.64 -89.92 -58.08
N TYR C 2312 37.05 -89.46 -59.19
CA TYR C 2312 36.76 -88.03 -59.30
C TYR C 2312 35.67 -87.55 -58.35
N LYS C 2313 35.83 -86.29 -57.98
CA LYS C 2313 35.06 -85.48 -57.04
C LYS C 2313 33.56 -85.42 -57.33
N GLU C 2314 33.12 -85.98 -58.46
CA GLU C 2314 31.69 -86.04 -58.69
C GLU C 2314 31.13 -87.45 -58.62
N VAL C 2315 31.81 -88.40 -59.29
CA VAL C 2315 31.33 -89.78 -59.31
C VAL C 2315 31.30 -90.33 -57.90
N TYR C 2316 32.24 -89.89 -57.04
CA TYR C 2316 32.31 -90.51 -55.72
C TYR C 2316 31.04 -90.25 -54.92
N ALA C 2317 30.73 -88.98 -54.67
CA ALA C 2317 29.63 -88.65 -53.78
C ALA C 2317 28.32 -89.03 -54.43
N ALA C 2318 28.26 -88.93 -55.75
CA ALA C 2318 27.11 -89.51 -56.44
C ALA C 2318 26.89 -90.88 -55.85
N ALA C 2319 27.93 -91.72 -55.88
CA ALA C 2319 27.82 -93.01 -55.20
C ALA C 2319 27.39 -92.83 -53.75
N ALA C 2320 27.92 -91.81 -53.08
CA ALA C 2320 27.72 -91.70 -51.64
C ALA C 2320 26.24 -91.60 -51.32
N GLU C 2321 25.65 -90.44 -51.59
CA GLU C 2321 24.23 -90.28 -51.35
C GLU C 2321 23.43 -91.39 -52.02
N VAL C 2322 23.77 -91.74 -53.26
CA VAL C 2322 23.04 -92.78 -53.98
C VAL C 2322 22.84 -93.98 -53.07
N LEU C 2323 23.93 -94.54 -52.58
CA LEU C 2323 23.82 -95.56 -51.57
C LEU C 2323 23.14 -95.05 -50.32
N GLY C 2324 23.17 -93.74 -50.08
CA GLY C 2324 22.51 -93.16 -48.94
C GLY C 2324 21.06 -93.56 -48.90
N LEU C 2325 20.26 -92.90 -49.73
CA LEU C 2325 18.83 -93.19 -49.79
C LEU C 2325 18.56 -94.62 -50.27
N ILE C 2326 19.52 -95.25 -50.94
CA ILE C 2326 19.34 -96.66 -51.26
C ILE C 2326 19.31 -97.49 -49.98
N LEU C 2327 20.14 -97.12 -49.01
CA LEU C 2327 20.22 -97.84 -47.75
C LEU C 2327 19.11 -97.42 -46.79
N ARG C 2328 18.78 -96.13 -46.72
CA ARG C 2328 17.68 -95.71 -45.85
C ARG C 2328 16.34 -96.21 -46.39
N TYR C 2329 16.14 -96.13 -47.70
CA TYR C 2329 14.94 -96.75 -48.24
C TYR C 2329 15.01 -98.25 -48.13
N VAL C 2330 16.21 -98.81 -48.27
CA VAL C 2330 16.31 -100.26 -48.18
C VAL C 2330 16.17 -100.76 -46.76
N GLU C 2332 13.69 -98.98 -45.06
CA GLU C 2332 12.24 -98.81 -45.10
C GLU C 2332 11.60 -99.50 -46.32
N ARG C 2333 12.40 -100.10 -47.20
CA ARG C 2333 11.94 -100.83 -48.39
C ARG C 2333 12.82 -102.07 -48.58
N LYS C 2334 12.56 -102.80 -49.66
CA LYS C 2334 13.15 -104.11 -49.89
C LYS C 2334 14.66 -104.11 -50.07
N ASN C 2335 15.31 -105.03 -49.34
CA ASN C 2335 16.77 -105.03 -49.19
C ASN C 2335 17.50 -105.54 -50.44
N ILE C 2336 16.96 -106.57 -51.11
CA ILE C 2336 17.66 -107.18 -52.25
C ILE C 2336 17.99 -106.13 -53.30
N LEU C 2337 17.19 -105.06 -53.38
CA LEU C 2337 17.53 -103.98 -54.31
C LEU C 2337 18.89 -103.38 -53.97
N GLU C 2338 19.19 -103.19 -52.67
CA GLU C 2338 20.48 -102.63 -52.24
C GLU C 2338 21.62 -103.63 -52.28
N GLU C 2339 21.36 -104.90 -51.92
CA GLU C 2339 22.45 -105.83 -51.67
C GLU C 2339 23.48 -105.83 -52.80
N SER C 2340 23.03 -106.01 -54.04
CA SER C 2340 23.93 -106.06 -55.19
C SER C 2340 24.77 -104.78 -55.26
N LEU C 2341 24.15 -103.64 -55.00
CA LEU C 2341 24.88 -102.39 -54.97
C LEU C 2341 26.00 -102.44 -53.97
N CYS C 2342 25.67 -102.87 -52.77
CA CYS C 2342 26.66 -102.95 -51.72
C CYS C 2342 27.85 -103.83 -52.14
N GLU C 2343 27.58 -104.92 -52.87
CA GLU C 2343 28.71 -105.69 -53.41
C GLU C 2343 29.51 -104.87 -54.41
N LEU C 2344 28.84 -104.09 -55.26
CA LEU C 2344 29.58 -103.28 -56.22
C LEU C 2344 30.50 -102.29 -55.50
N VAL C 2345 29.99 -101.67 -54.44
CA VAL C 2345 30.83 -100.79 -53.64
C VAL C 2345 32.04 -101.55 -53.16
N ALA C 2346 31.82 -102.75 -52.62
CA ALA C 2346 32.92 -103.56 -52.10
C ALA C 2346 34.00 -103.82 -53.15
N LYS C 2347 33.59 -104.30 -54.33
CA LYS C 2347 34.55 -104.55 -55.40
C LYS C 2347 35.34 -103.29 -55.72
N GLN C 2348 34.66 -102.15 -55.79
CA GLN C 2348 35.40 -100.91 -56.02
C GLN C 2348 36.44 -100.69 -54.94
N LEU C 2349 36.00 -100.67 -53.68
CA LEU C 2349 36.88 -100.40 -52.57
C LEU C 2349 38.16 -101.23 -52.66
N LYS C 2350 38.00 -102.54 -52.87
CA LYS C 2350 39.18 -103.40 -53.06
C LYS C 2350 40.04 -102.89 -54.21
N GLN C 2351 39.40 -102.63 -55.36
CA GLN C 2351 40.10 -102.18 -56.56
C GLN C 2351 40.91 -100.92 -56.28
N HIS C 2352 40.38 -100.04 -55.43
CA HIS C 2352 41.08 -98.81 -55.11
C HIS C 2352 42.27 -99.04 -54.19
N GLN C 2353 42.10 -99.81 -53.11
CA GLN C 2353 43.23 -100.03 -52.22
C GLN C 2353 44.39 -100.70 -52.95
N ASN C 2354 44.10 -101.70 -53.79
CA ASN C 2354 45.18 -102.32 -54.54
C ASN C 2354 45.78 -101.35 -55.55
N THR C 2355 44.97 -100.85 -56.50
CA THR C 2355 45.54 -100.16 -57.67
C THR C 2355 46.39 -98.96 -57.27
N GLU C 2357 47.64 -97.09 -53.17
CA GLU C 2357 47.42 -97.01 -51.73
C GLU C 2357 46.51 -95.87 -51.32
N ASP C 2358 47.07 -94.66 -51.26
CA ASP C 2358 46.51 -93.58 -50.46
C ASP C 2358 45.25 -92.89 -51.00
N LYS C 2359 45.40 -92.13 -52.09
CA LYS C 2359 44.31 -91.29 -52.58
C LYS C 2359 43.06 -92.11 -52.88
N PHE C 2360 43.24 -93.35 -53.32
CA PHE C 2360 42.09 -94.17 -53.66
C PHE C 2360 41.24 -94.43 -52.42
N ILE C 2361 41.89 -94.75 -51.30
CA ILE C 2361 41.14 -94.95 -50.07
C ILE C 2361 40.52 -93.63 -49.61
N VAL C 2362 41.18 -92.49 -49.86
CA VAL C 2362 40.54 -91.24 -49.46
C VAL C 2362 39.22 -91.07 -50.20
N CYS C 2363 39.17 -91.49 -51.45
CA CYS C 2363 37.87 -91.49 -52.10
C CYS C 2363 36.92 -92.45 -51.40
N LEU C 2364 37.43 -93.64 -51.05
CA LEU C 2364 36.59 -94.68 -50.47
C LEU C 2364 35.88 -94.20 -49.21
N ASN C 2365 36.60 -93.46 -48.38
CA ASN C 2365 35.99 -92.97 -47.16
C ASN C 2365 35.20 -91.68 -47.39
N LYS C 2366 35.67 -90.82 -48.31
CA LYS C 2366 34.89 -89.64 -48.64
C LYS C 2366 33.47 -90.03 -49.05
N VAL C 2367 33.33 -91.07 -49.87
CA VAL C 2367 32.00 -91.61 -50.14
C VAL C 2367 31.44 -92.24 -48.87
N THR C 2368 32.27 -92.99 -48.13
CA THR C 2368 31.76 -93.87 -47.07
C THR C 2368 31.06 -93.09 -45.97
N LYS C 2369 31.55 -91.88 -45.65
CA LYS C 2369 31.06 -91.16 -44.48
C LYS C 2369 29.54 -91.06 -44.45
N SER C 2370 28.90 -90.98 -45.62
CA SER C 2370 27.49 -90.64 -45.68
C SER C 2370 26.57 -91.79 -45.27
N PHE C 2371 27.03 -93.05 -45.27
CA PHE C 2371 25.96 -94.05 -45.31
C PHE C 2371 26.15 -95.30 -44.44
N PRO C 2372 27.16 -96.15 -44.67
CA PRO C 2372 26.91 -97.49 -44.15
C PRO C 2372 27.42 -97.81 -42.75
N PRO C 2373 28.28 -96.94 -42.19
CA PRO C 2373 29.48 -97.45 -41.54
C PRO C 2373 29.61 -98.99 -41.50
N LEU C 2374 29.87 -99.58 -42.66
CA LEU C 2374 30.03 -101.03 -42.77
C LEU C 2374 31.39 -101.39 -42.15
N ALA C 2375 31.34 -101.99 -40.95
CA ALA C 2375 32.52 -102.09 -40.10
C ALA C 2375 33.70 -102.75 -40.81
N ASP C 2376 33.52 -103.98 -41.28
CA ASP C 2376 34.65 -104.74 -41.79
C ASP C 2376 35.29 -104.06 -43.02
N ARG C 2377 34.48 -103.81 -44.06
CA ARG C 2377 35.06 -103.58 -45.40
C ARG C 2377 35.91 -102.33 -45.47
N PHE C 2378 35.42 -101.19 -45.01
CA PHE C 2378 36.40 -100.11 -45.03
C PHE C 2378 37.23 -100.12 -43.76
N ASN C 2380 38.65 -102.33 -41.67
CA ASN C 2380 39.90 -103.08 -41.64
C ASN C 2380 40.98 -102.37 -42.43
N ALA C 2381 40.67 -101.99 -43.67
CA ALA C 2381 41.64 -101.28 -44.49
C ALA C 2381 42.21 -100.07 -43.76
N VAL C 2382 41.34 -99.12 -43.41
CA VAL C 2382 41.81 -97.89 -42.80
C VAL C 2382 42.51 -98.14 -41.46
N PHE C 2383 42.15 -99.24 -40.78
CA PHE C 2383 42.76 -99.65 -39.52
C PHE C 2383 44.28 -99.48 -39.59
N PHE C 2384 44.90 -100.03 -40.64
CA PHE C 2384 46.34 -99.98 -40.81
C PHE C 2384 46.80 -98.93 -41.81
N LEU C 2385 46.04 -98.70 -42.89
CA LEU C 2385 46.47 -97.74 -43.88
C LEU C 2385 46.46 -96.32 -43.32
N LEU C 2386 45.35 -95.93 -42.68
CA LEU C 2386 45.21 -94.55 -42.21
C LEU C 2386 46.23 -94.10 -41.17
N PRO C 2387 46.87 -95.01 -40.44
CA PRO C 2387 48.06 -94.60 -39.68
C PRO C 2387 49.23 -94.14 -40.54
N LYS C 2388 49.53 -94.87 -41.61
CA LYS C 2388 50.70 -94.53 -42.44
C LYS C 2388 50.58 -93.12 -43.00
N PHE C 2389 49.49 -92.85 -43.72
CA PHE C 2389 49.23 -91.48 -44.16
C PHE C 2389 48.93 -90.57 -42.99
N HIS C 2390 48.46 -91.13 -41.87
CA HIS C 2390 48.33 -90.34 -40.65
C HIS C 2390 49.66 -89.72 -40.25
N GLY C 2391 50.77 -90.35 -40.62
CA GLY C 2391 52.08 -89.76 -40.48
C GLY C 2391 52.26 -88.37 -41.10
N VAL C 2392 51.26 -87.87 -41.80
CA VAL C 2392 51.37 -86.64 -42.57
C VAL C 2392 50.75 -85.45 -41.82
N LEU C 2393 49.57 -85.63 -41.24
CA LEU C 2393 48.72 -84.64 -40.56
C LEU C 2393 47.92 -83.82 -41.57
N LYS C 2394 48.21 -83.94 -42.86
CA LYS C 2394 47.45 -83.30 -43.92
C LYS C 2394 46.65 -84.37 -44.65
N THR C 2395 45.62 -83.92 -45.36
CA THR C 2395 44.96 -84.74 -46.37
C THR C 2395 44.37 -86.03 -45.81
N LEU C 2396 45.04 -87.15 -46.05
CA LEU C 2396 44.46 -88.47 -45.75
C LEU C 2396 44.28 -88.66 -44.25
N CYS C 2397 45.26 -88.26 -43.46
CA CYS C 2397 45.08 -88.27 -42.02
C CYS C 2397 43.88 -87.42 -41.69
N LEU C 2398 44.09 -86.11 -41.82
CA LEU C 2398 43.16 -85.03 -41.52
C LEU C 2398 41.72 -85.43 -41.81
N GLU C 2399 41.46 -85.94 -43.00
CA GLU C 2399 40.10 -86.26 -43.43
C GLU C 2399 39.73 -87.70 -43.12
N VAL C 2400 40.51 -88.62 -43.67
CA VAL C 2400 40.08 -90.01 -43.74
C VAL C 2400 40.08 -90.64 -42.35
N VAL C 2401 41.05 -90.28 -41.51
CA VAL C 2401 40.99 -90.73 -40.11
C VAL C 2401 39.64 -90.36 -39.51
N LEU C 2402 39.23 -89.09 -39.67
CA LEU C 2402 37.96 -88.66 -39.09
C LEU C 2402 36.80 -89.47 -39.65
N CYS C 2403 36.67 -89.52 -40.98
CA CYS C 2403 35.49 -90.14 -41.57
C CYS C 2403 35.39 -91.58 -41.08
N ARG C 2404 36.53 -92.22 -41.02
CA ARG C 2404 36.60 -93.53 -40.45
C ARG C 2404 36.04 -93.53 -39.04
N VAL C 2405 36.80 -92.90 -38.15
CA VAL C 2405 36.60 -93.02 -36.71
C VAL C 2405 35.17 -92.67 -36.35
N GLU C 2406 34.61 -91.66 -37.03
CA GLU C 2406 33.22 -91.32 -36.80
C GLU C 2406 32.34 -92.49 -37.18
N GLY C 2407 32.52 -93.00 -38.42
CA GLY C 2407 31.72 -94.12 -38.89
C GLY C 2407 31.77 -95.30 -37.96
N THR C 2409 31.14 -96.04 -34.89
CA THR C 2409 30.06 -96.37 -33.95
C THR C 2409 30.73 -97.21 -32.87
N GLU C 2410 30.31 -98.46 -32.67
CA GLU C 2410 30.79 -99.28 -31.55
C GLU C 2410 32.10 -100.03 -31.84
N LEU C 2411 32.41 -100.38 -33.10
CA LEU C 2411 33.67 -101.06 -33.39
C LEU C 2411 34.86 -100.08 -33.40
N TYR C 2412 36.07 -100.65 -33.24
CA TYR C 2412 37.40 -100.02 -33.26
C TYR C 2412 37.75 -99.36 -31.93
N PHE C 2413 36.96 -99.60 -30.88
CA PHE C 2413 37.30 -99.09 -29.55
C PHE C 2413 38.67 -99.57 -29.07
N GLN C 2414 39.06 -100.78 -29.48
CA GLN C 2414 40.28 -101.40 -28.98
C GLN C 2414 41.53 -100.64 -29.35
N LEU C 2415 41.94 -100.65 -30.61
CA LEU C 2415 43.16 -99.90 -30.97
C LEU C 2415 42.98 -98.42 -30.72
N LYS C 2416 41.75 -97.96 -30.59
CA LYS C 2416 41.54 -96.61 -30.11
C LYS C 2416 42.22 -96.42 -28.76
N SER C 2417 42.04 -97.39 -27.85
CA SER C 2417 42.41 -97.14 -26.47
C SER C 2417 43.90 -96.83 -26.29
N LYS C 2418 44.75 -97.18 -27.25
CA LYS C 2418 46.18 -96.87 -27.15
C LYS C 2418 46.71 -96.06 -28.33
N ASP C 2419 46.42 -96.48 -29.56
CA ASP C 2419 46.87 -95.74 -30.73
C ASP C 2419 46.21 -94.36 -30.76
N PHE C 2420 44.99 -94.28 -30.22
CA PHE C 2420 44.25 -93.03 -30.21
C PHE C 2420 44.89 -91.98 -29.30
N VAL C 2421 45.43 -92.37 -28.14
CA VAL C 2421 46.18 -91.39 -27.35
C VAL C 2421 47.57 -91.21 -27.94
N GLN C 2422 48.08 -92.22 -28.68
CA GLN C 2422 49.27 -92.00 -29.50
C GLN C 2422 49.09 -90.77 -30.37
N VAL C 2423 47.94 -90.67 -31.03
CA VAL C 2423 47.60 -89.44 -31.73
C VAL C 2423 46.94 -88.50 -30.72
N ARG C 2425 46.74 -86.22 -29.00
CA ARG C 2425 47.72 -85.19 -28.69
C ARG C 2425 48.36 -84.66 -29.96
N HIS C 2426 48.65 -85.57 -30.89
CA HIS C 2426 49.17 -85.25 -32.22
C HIS C 2426 48.37 -84.12 -32.86
N ARG C 2427 47.10 -83.99 -32.51
CA ARG C 2427 46.22 -82.92 -32.99
C ARG C 2427 46.43 -81.66 -32.15
N ASP C 2428 47.40 -80.85 -32.57
CA ASP C 2428 47.42 -79.45 -32.14
C ASP C 2428 46.17 -78.73 -32.61
N ASP C 2429 45.70 -79.08 -33.80
CA ASP C 2429 44.43 -78.60 -34.34
C ASP C 2429 43.29 -79.31 -33.62
N GLU C 2430 42.64 -78.58 -32.71
CA GLU C 2430 41.43 -79.08 -32.06
C GLU C 2430 40.28 -79.20 -33.05
N ARG C 2431 40.20 -78.25 -33.98
CA ARG C 2431 39.30 -78.38 -35.11
C ARG C 2431 39.46 -79.73 -35.78
N GLN C 2432 40.71 -80.13 -36.03
CA GLN C 2432 40.98 -81.44 -36.57
C GLN C 2432 40.59 -82.57 -35.63
N LYS C 2433 40.49 -82.30 -34.32
CA LYS C 2433 40.38 -83.32 -33.29
C LYS C 2433 38.96 -83.51 -32.72
N VAL C 2434 38.01 -82.68 -33.14
CA VAL C 2434 36.66 -82.82 -32.60
C VAL C 2434 36.16 -84.24 -32.82
N CYS C 2435 36.51 -84.81 -33.98
CA CYS C 2435 36.29 -86.23 -34.23
C CYS C 2435 36.84 -87.10 -33.12
N LEU C 2436 37.84 -86.62 -32.37
CA LEU C 2436 38.37 -87.38 -31.26
C LEU C 2436 37.57 -87.13 -29.99
N ASP C 2437 36.94 -85.96 -29.88
CA ASP C 2437 35.93 -85.81 -28.83
C ASP C 2437 34.74 -86.73 -29.06
N ILE C 2438 34.18 -86.70 -30.26
CA ILE C 2438 33.04 -87.55 -30.60
C ILE C 2438 33.47 -89.02 -30.61
N ILE C 2439 34.68 -89.29 -31.10
CA ILE C 2439 35.23 -90.63 -31.08
C ILE C 2439 35.19 -91.09 -29.65
N TYR C 2440 35.32 -90.13 -28.73
CA TYR C 2440 35.26 -90.41 -27.31
C TYR C 2440 33.80 -90.56 -26.90
N LYS C 2441 32.96 -91.11 -27.76
CA LYS C 2441 31.68 -91.59 -27.28
C LYS C 2441 31.81 -92.93 -26.56
N PRO C 2444 30.91 -95.92 -22.32
CA PRO C 2444 30.73 -97.29 -21.82
C PRO C 2444 31.98 -98.18 -21.93
N LYS C 2445 32.57 -98.26 -23.12
CA LYS C 2445 33.72 -99.13 -23.31
C LYS C 2445 34.98 -98.54 -22.66
N LEU C 2446 36.06 -99.31 -22.74
CA LEU C 2446 37.35 -99.00 -22.12
C LEU C 2446 37.22 -98.78 -20.61
N LYS C 2447 36.25 -99.43 -19.97
CA LYS C 2447 35.98 -99.31 -18.54
C LYS C 2447 37.25 -99.39 -17.68
N PRO C 2448 38.27 -100.23 -18.02
CA PRO C 2448 39.49 -100.22 -17.22
C PRO C 2448 40.23 -98.89 -17.17
N VAL C 2449 41.43 -98.95 -16.59
CA VAL C 2449 42.26 -97.77 -16.35
C VAL C 2449 42.42 -96.97 -17.63
N GLU C 2450 42.40 -97.64 -18.77
CA GLU C 2450 42.59 -96.98 -20.05
C GLU C 2450 41.62 -95.82 -20.24
N LEU C 2451 40.31 -96.06 -20.02
CA LEU C 2451 39.36 -94.96 -20.03
C LEU C 2451 39.86 -93.79 -19.21
N ARG C 2452 40.36 -94.07 -18.00
CA ARG C 2452 40.90 -93.03 -17.13
C ARG C 2452 42.02 -92.26 -17.82
N GLU C 2453 43.08 -92.97 -18.23
CA GLU C 2453 44.20 -92.28 -18.88
C GLU C 2453 43.74 -91.46 -20.06
N LEU C 2454 42.84 -92.01 -20.87
CA LEU C 2454 42.33 -91.30 -22.02
C LEU C 2454 41.53 -90.08 -21.60
N LEU C 2455 40.80 -90.19 -20.49
CA LEU C 2455 40.11 -89.04 -19.90
C LEU C 2455 41.09 -87.92 -19.59
N ASN C 2456 42.32 -88.27 -19.21
CA ASN C 2456 43.22 -87.23 -18.71
C ASN C 2456 43.66 -86.23 -19.77
N PRO C 2457 44.28 -86.62 -20.90
CA PRO C 2457 44.71 -85.60 -21.85
C PRO C 2457 43.56 -84.85 -22.47
N VAL C 2458 42.32 -85.36 -22.36
CA VAL C 2458 41.15 -84.59 -22.78
C VAL C 2458 41.06 -83.31 -21.97
N VAL C 2459 40.93 -83.47 -20.66
CA VAL C 2459 40.98 -82.35 -19.74
C VAL C 2459 42.22 -81.53 -19.98
N GLU C 2460 43.31 -82.18 -20.36
CA GLU C 2460 44.59 -81.49 -20.48
C GLU C 2460 44.67 -80.60 -21.71
N PHE C 2461 44.06 -81.02 -22.81
CA PHE C 2461 44.15 -80.24 -24.02
C PHE C 2461 43.11 -79.13 -24.07
N VAL C 2462 41.99 -79.26 -23.37
CA VAL C 2462 41.07 -78.12 -23.47
C VAL C 2462 41.61 -76.85 -22.76
N SER C 2463 42.61 -76.98 -21.90
CA SER C 2463 43.28 -75.79 -21.38
C SER C 2463 44.32 -75.25 -22.36
N HIS C 2464 44.07 -75.43 -23.67
CA HIS C 2464 44.96 -75.03 -24.77
C HIS C 2464 44.25 -74.21 -25.85
N PRO C 2465 43.05 -74.63 -26.35
CA PRO C 2465 42.57 -74.07 -27.62
C PRO C 2465 41.53 -72.98 -27.52
N SER C 2466 40.71 -72.92 -28.57
CA SER C 2466 39.55 -72.03 -28.63
C SER C 2466 38.39 -72.63 -27.86
N THR C 2467 37.16 -72.25 -28.22
CA THR C 2467 35.96 -72.65 -27.48
C THR C 2467 35.09 -73.66 -28.24
N THR C 2468 35.45 -74.04 -29.45
CA THR C 2468 34.61 -74.95 -30.22
C THR C 2468 34.45 -76.29 -29.54
N CYS C 2469 35.57 -76.95 -29.21
CA CYS C 2469 35.61 -78.32 -28.66
C CYS C 2469 35.22 -78.41 -27.18
N ARG C 2470 35.23 -77.28 -26.44
CA ARG C 2470 34.75 -77.33 -25.07
C ARG C 2470 33.37 -77.97 -25.03
N GLU C 2471 32.58 -77.73 -26.07
CA GLU C 2471 31.24 -78.29 -26.14
C GLU C 2471 31.23 -79.80 -25.92
N GLN C 2472 32.02 -80.53 -26.69
CA GLN C 2472 31.98 -81.97 -26.46
C GLN C 2472 32.79 -82.38 -25.24
N TYR C 2474 32.99 -80.74 -22.14
CA TYR C 2474 31.92 -80.59 -21.15
C TYR C 2474 30.86 -81.66 -21.31
N ASN C 2475 30.29 -81.76 -22.52
CA ASN C 2475 29.16 -82.65 -22.77
C ASN C 2475 29.46 -84.10 -22.36
N ILE C 2476 30.65 -84.58 -22.72
CA ILE C 2476 31.02 -85.98 -22.39
C ILE C 2476 31.14 -86.14 -20.89
N LEU C 2477 31.75 -85.14 -20.24
CA LEU C 2477 31.90 -85.16 -18.81
C LEU C 2477 30.55 -85.19 -18.10
N TRP C 2479 27.34 -86.22 -19.41
CA TRP C 2479 26.51 -87.43 -19.53
C TRP C 2479 27.16 -88.62 -18.83
N ILE C 2480 28.45 -88.85 -19.03
CA ILE C 2480 28.98 -90.08 -18.44
C ILE C 2480 29.42 -89.85 -16.99
N HIS C 2481 29.88 -88.66 -16.65
CA HIS C 2481 30.17 -88.37 -15.25
C HIS C 2481 28.89 -88.26 -14.45
N ASP C 2482 27.95 -87.44 -14.93
CA ASP C 2482 26.66 -87.33 -14.29
C ASP C 2482 25.95 -88.68 -14.26
N ASN C 2483 26.32 -89.60 -15.16
CA ASN C 2483 25.84 -90.98 -15.11
C ASN C 2483 26.56 -91.78 -14.05
N TYR C 2484 27.84 -91.48 -13.81
CA TYR C 2484 28.59 -92.02 -12.69
C TYR C 2484 28.38 -91.22 -11.41
N ARG C 2485 27.82 -90.00 -11.53
CA ARG C 2485 27.59 -89.11 -10.39
C ARG C 2485 26.49 -89.68 -9.51
N ASP C 2486 26.87 -90.21 -8.34
CA ASP C 2486 25.93 -90.66 -7.33
C ASP C 2486 26.03 -89.81 -6.07
N PRO C 2487 24.96 -89.73 -5.28
CA PRO C 2487 25.02 -89.00 -3.99
C PRO C 2487 25.74 -89.77 -2.88
N GLU C 2488 27.08 -89.61 -2.81
CA GLU C 2488 27.98 -90.21 -1.81
C GLU C 2488 28.05 -91.74 -1.84
N SER C 2489 27.38 -92.40 -2.80
CA SER C 2489 27.38 -93.86 -2.82
C SER C 2489 28.76 -94.42 -3.16
N GLU C 2490 29.53 -93.72 -3.99
CA GLU C 2490 30.86 -94.14 -4.43
C GLU C 2490 30.75 -95.37 -5.32
N THR C 2491 31.89 -95.96 -5.65
CA THR C 2491 31.98 -97.16 -6.46
C THR C 2491 33.22 -97.97 -6.09
N ASP C 2492 34.40 -97.37 -6.18
CA ASP C 2492 35.63 -98.13 -6.05
C ASP C 2492 36.78 -97.20 -5.72
N ASN C 2493 37.95 -97.79 -5.49
CA ASN C 2493 39.13 -97.06 -5.04
C ASN C 2493 39.97 -96.45 -6.16
N ASP C 2494 39.84 -96.94 -7.39
CA ASP C 2494 40.57 -96.37 -8.53
C ASP C 2494 39.71 -95.44 -9.37
N SER C 2495 38.40 -95.68 -9.42
CA SER C 2495 37.46 -94.83 -10.16
C SER C 2495 37.08 -93.56 -9.41
N GLN C 2496 37.20 -93.56 -8.08
CA GLN C 2496 36.88 -92.35 -7.32
C GLN C 2496 37.79 -91.20 -7.72
N GLU C 2497 39.06 -91.49 -8.01
CA GLU C 2497 39.96 -90.44 -8.46
C GLU C 2497 39.54 -89.89 -9.82
N ILE C 2498 38.95 -90.73 -10.67
CA ILE C 2498 38.24 -90.26 -11.86
C ILE C 2498 37.27 -89.17 -11.44
N PHE C 2499 36.25 -89.55 -10.64
CA PHE C 2499 35.22 -88.58 -10.23
C PHE C 2499 35.85 -87.28 -9.75
N LYS C 2500 36.96 -87.39 -9.00
CA LYS C 2500 37.64 -86.17 -8.54
C LYS C 2500 38.16 -85.33 -9.70
N LEU C 2501 38.90 -85.96 -10.64
CA LEU C 2501 39.38 -85.23 -11.80
C LEU C 2501 38.26 -84.52 -12.53
N ALA C 2502 37.21 -85.26 -12.89
CA ALA C 2502 36.10 -84.66 -13.63
C ALA C 2502 35.51 -83.49 -12.85
N LYS C 2503 35.46 -83.58 -11.51
CA LYS C 2503 34.99 -82.45 -10.71
C LYS C 2503 35.86 -81.21 -10.93
N ASP C 2504 37.19 -81.38 -10.93
CA ASP C 2504 38.08 -80.26 -11.23
C ASP C 2504 37.79 -79.67 -12.62
N VAL C 2505 37.51 -80.54 -13.59
CA VAL C 2505 37.28 -80.13 -14.99
C VAL C 2505 36.04 -79.25 -15.08
N LEU C 2506 34.87 -79.87 -14.85
CA LEU C 2506 33.58 -79.17 -14.89
C LEU C 2506 33.68 -77.86 -14.12
N ILE C 2507 34.44 -77.88 -13.03
CA ILE C 2507 34.65 -76.64 -12.29
C ILE C 2507 35.48 -75.61 -13.09
N GLN C 2508 36.44 -76.05 -13.93
CA GLN C 2508 37.02 -75.04 -14.83
C GLN C 2508 36.00 -74.55 -15.83
N GLY C 2509 34.97 -75.34 -16.11
CA GLY C 2509 33.97 -74.89 -17.04
C GLY C 2509 32.95 -73.94 -16.45
N LEU C 2510 32.81 -73.96 -15.13
CA LEU C 2510 31.78 -73.12 -14.51
C LEU C 2510 31.99 -71.64 -14.84
N ILE C 2511 33.20 -71.19 -15.09
CA ILE C 2511 33.42 -69.92 -15.78
C ILE C 2511 34.18 -70.21 -17.06
N ASP C 2512 33.59 -69.81 -18.18
CA ASP C 2512 34.21 -69.97 -19.48
C ASP C 2512 35.31 -68.94 -19.65
N GLU C 2513 36.14 -69.18 -20.67
CA GLU C 2513 37.15 -68.20 -21.03
C GLU C 2513 36.52 -66.97 -21.69
N ASN C 2514 35.43 -67.16 -22.47
CA ASN C 2514 34.66 -66.08 -23.09
C ASN C 2514 33.17 -66.40 -23.26
N PRO C 2515 32.79 -67.37 -24.12
CA PRO C 2515 31.40 -67.40 -24.62
C PRO C 2515 30.35 -67.70 -23.56
N GLY C 2516 29.62 -66.65 -23.17
CA GLY C 2516 28.66 -66.74 -22.08
C GLY C 2516 27.69 -67.92 -22.16
N LEU C 2517 27.42 -68.41 -23.38
CA LEU C 2517 26.44 -69.48 -23.53
C LEU C 2517 26.92 -70.77 -22.89
N GLN C 2518 28.22 -71.03 -22.96
CA GLN C 2518 28.83 -72.12 -22.21
C GLN C 2518 28.55 -71.97 -20.73
N LEU C 2519 28.81 -70.77 -20.22
CA LEU C 2519 28.62 -70.48 -18.81
C LEU C 2519 27.22 -70.82 -18.38
N ILE C 2520 26.22 -70.27 -19.06
CA ILE C 2520 24.83 -70.45 -18.65
C ILE C 2520 24.42 -71.93 -18.71
N ILE C 2521 24.58 -72.58 -19.87
CA ILE C 2521 24.08 -73.95 -19.96
C ILE C 2521 24.74 -74.85 -18.91
N ARG C 2522 26.03 -74.64 -18.62
CA ARG C 2522 26.65 -75.39 -17.53
C ARG C 2522 26.00 -75.05 -16.19
N ASN C 2523 25.86 -73.75 -15.90
CA ASN C 2523 25.32 -73.30 -14.62
C ASN C 2523 24.00 -74.00 -14.32
N PHE C 2524 23.05 -73.85 -15.24
CA PHE C 2524 21.74 -74.43 -15.03
C PHE C 2524 21.76 -75.95 -15.13
N TRP C 2525 22.78 -76.56 -15.75
CA TRP C 2525 22.88 -78.01 -15.65
C TRP C 2525 23.27 -78.46 -14.25
N SER C 2526 24.12 -77.70 -13.56
CA SER C 2526 24.34 -78.00 -12.14
C SER C 2526 23.13 -77.65 -11.29
N HIS C 2527 22.35 -76.66 -11.71
CA HIS C 2527 21.45 -76.02 -10.78
C HIS C 2527 20.12 -76.74 -10.61
N GLU C 2528 19.55 -77.29 -11.69
CA GLU C 2528 18.15 -77.70 -11.63
C GLU C 2528 17.94 -78.89 -10.69
N THR C 2529 18.78 -79.91 -10.79
CA THR C 2529 18.59 -81.12 -10.01
C THR C 2529 19.74 -81.45 -9.08
N ARG C 2530 20.98 -81.22 -9.52
CA ARG C 2530 22.14 -81.56 -8.70
C ARG C 2530 22.14 -80.79 -7.38
N LEU C 2531 21.93 -79.48 -7.45
CA LEU C 2531 21.72 -78.72 -6.21
C LEU C 2531 20.39 -79.16 -5.61
N PRO C 2532 20.33 -79.42 -4.31
CA PRO C 2532 19.13 -80.05 -3.75
C PRO C 2532 17.92 -79.13 -3.77
N SER C 2533 16.74 -79.75 -3.82
CA SER C 2533 15.49 -79.02 -3.81
C SER C 2533 15.30 -78.23 -2.53
N ASN C 2534 15.86 -78.72 -1.42
CA ASN C 2534 15.79 -77.96 -0.19
C ASN C 2534 16.69 -76.73 -0.32
N THR C 2535 16.26 -75.64 0.30
CA THR C 2535 17.06 -74.44 0.27
C THR C 2535 18.36 -74.60 1.08
N LEU C 2536 18.28 -75.00 2.35
CA LEU C 2536 19.49 -75.03 3.17
C LEU C 2536 20.49 -76.09 2.71
N ASP C 2537 20.01 -77.25 2.25
CA ASP C 2537 20.94 -78.28 1.77
C ASP C 2537 21.74 -77.79 0.56
N ARG C 2538 21.10 -77.03 -0.34
CA ARG C 2538 21.88 -76.34 -1.37
C ARG C 2538 22.83 -75.34 -0.72
N LEU C 2539 22.38 -74.66 0.35
CA LEU C 2539 23.25 -73.80 1.15
C LEU C 2539 24.47 -74.55 1.67
N LEU C 2540 24.39 -75.86 1.84
CA LEU C 2540 25.60 -76.58 2.24
C LEU C 2540 26.40 -77.07 1.04
N ALA C 2541 25.73 -77.68 0.05
CA ALA C 2541 26.39 -78.06 -1.19
C ALA C 2541 27.12 -76.89 -1.82
N LEU C 2542 26.72 -75.68 -1.45
CA LEU C 2542 27.37 -74.49 -1.97
C LEU C 2542 28.87 -74.66 -1.75
N ASN C 2543 29.32 -74.61 -0.49
CA ASN C 2543 30.76 -74.60 -0.23
C ASN C 2543 31.45 -75.84 -0.80
N SER C 2544 30.68 -76.88 -1.09
CA SER C 2544 31.22 -77.98 -1.88
C SER C 2544 31.55 -77.50 -3.29
N LEU C 2545 30.72 -76.61 -3.85
CA LEU C 2545 30.98 -76.20 -5.23
C LEU C 2545 31.92 -75.00 -5.36
N TYR C 2546 32.09 -74.16 -4.32
CA TYR C 2546 32.83 -72.91 -4.55
C TYR C 2546 34.32 -73.13 -4.66
N SER C 2547 34.91 -73.64 -3.58
CA SER C 2547 36.36 -73.73 -3.50
C SER C 2547 36.98 -74.48 -4.68
N PRO C 2548 36.36 -75.53 -5.26
CA PRO C 2548 37.01 -76.24 -6.37
C PRO C 2548 37.55 -75.34 -7.47
N LYS C 2549 36.89 -74.21 -7.75
CA LYS C 2549 37.31 -73.35 -8.84
C LYS C 2549 38.72 -72.84 -8.62
N ILE C 2550 39.08 -72.58 -7.37
CA ILE C 2550 40.36 -71.99 -7.03
C ILE C 2550 40.49 -70.71 -7.86
N GLU C 2551 39.35 -70.08 -8.13
CA GLU C 2551 39.29 -69.02 -9.14
C GLU C 2551 38.21 -68.00 -8.79
N VAL C 2552 38.64 -66.75 -8.73
CA VAL C 2552 37.92 -65.54 -8.36
C VAL C 2552 36.55 -65.47 -9.03
N HIS C 2553 35.63 -64.66 -8.48
CA HIS C 2553 34.28 -64.47 -8.98
C HIS C 2553 33.42 -65.72 -8.82
N PHE C 2554 33.98 -66.77 -8.22
CA PHE C 2554 33.21 -67.95 -7.84
C PHE C 2554 31.92 -67.53 -7.14
N LEU C 2555 32.05 -66.83 -6.02
CA LEU C 2555 30.92 -66.34 -5.24
C LEU C 2555 29.90 -65.57 -6.08
N SER C 2556 30.35 -64.85 -7.11
CA SER C 2556 29.38 -64.32 -8.06
C SER C 2556 28.54 -65.45 -8.62
N LEU C 2557 29.22 -66.53 -9.01
CA LEU C 2557 28.47 -67.69 -9.46
C LEU C 2557 27.57 -68.23 -8.37
N ALA C 2558 28.06 -68.23 -7.12
CA ALA C 2558 27.22 -68.51 -5.95
C ALA C 2558 25.89 -67.85 -6.09
N THR C 2559 25.94 -66.52 -6.04
CA THR C 2559 24.75 -65.69 -6.07
C THR C 2559 23.85 -66.14 -7.20
N ASN C 2560 24.39 -66.16 -8.41
CA ASN C 2560 23.59 -66.61 -9.55
C ASN C 2560 22.97 -67.99 -9.28
N PHE C 2561 23.60 -68.83 -8.46
CA PHE C 2561 23.01 -70.14 -8.19
C PHE C 2561 21.92 -70.05 -7.14
N LEU C 2562 22.17 -69.25 -6.10
CA LEU C 2562 21.34 -69.27 -4.92
C LEU C 2562 20.16 -68.33 -5.05
N LEU C 2563 20.40 -67.08 -5.43
CA LEU C 2563 19.30 -66.18 -5.75
C LEU C 2563 18.35 -66.84 -6.74
N GLU C 2564 18.92 -67.45 -7.77
CA GLU C 2564 18.10 -68.13 -8.78
C GLU C 2564 17.27 -69.25 -8.16
N THR C 2566 16.44 -70.01 -5.14
CA THR C 2566 15.52 -69.58 -4.08
C THR C 2566 14.44 -68.65 -4.58
N SER C 2567 14.60 -68.06 -5.77
CA SER C 2567 13.66 -67.09 -6.26
C SER C 2567 12.94 -67.54 -7.52
N SER C 2569 10.37 -69.94 -8.35
CA SER C 2569 8.92 -69.99 -8.30
C SER C 2569 8.28 -69.57 -6.99
N PRO C 2570 8.96 -68.84 -6.10
CA PRO C 2570 8.18 -68.13 -5.07
C PRO C 2570 8.25 -66.62 -5.16
N ASP C 2571 9.31 -66.09 -5.76
CA ASP C 2571 9.59 -64.65 -5.70
C ASP C 2571 8.86 -63.89 -6.80
N TYR C 2572 8.65 -64.53 -7.93
CA TYR C 2572 7.92 -63.98 -9.06
C TYR C 2572 6.57 -63.39 -8.61
N PRO C 2573 5.65 -64.18 -8.01
CA PRO C 2573 4.34 -63.61 -7.70
C PRO C 2573 4.15 -63.18 -6.24
N ASN C 2574 5.10 -63.53 -5.38
CA ASN C 2574 5.06 -63.14 -3.97
C ASN C 2574 6.22 -62.24 -3.62
N PRO C 2575 6.57 -61.23 -4.43
CA PRO C 2575 7.81 -60.50 -4.15
C PRO C 2575 7.74 -59.82 -2.80
N UNK C 2669 14.09 -63.12 -13.75
CA UNK C 2669 13.88 -62.24 -14.88
C UNK C 2669 15.13 -62.10 -15.76
N UNK C 2670 16.28 -61.80 -15.16
CA UNK C 2670 17.53 -61.85 -15.91
C UNK C 2670 18.14 -63.24 -15.98
N UNK C 2671 17.70 -64.19 -15.15
CA UNK C 2671 18.05 -65.58 -15.42
C UNK C 2671 17.11 -66.19 -16.44
N UNK C 2672 15.93 -65.59 -16.63
CA UNK C 2672 14.95 -65.96 -17.65
C UNK C 2672 15.25 -65.33 -19.01
N UNK C 2673 15.62 -64.05 -19.03
CA UNK C 2673 16.31 -63.49 -20.19
C UNK C 2673 17.72 -64.04 -20.35
N UNK C 2674 18.29 -64.64 -19.29
CA UNK C 2674 19.54 -65.38 -19.44
C UNK C 2674 19.31 -66.67 -20.22
N UNK C 2675 18.37 -67.51 -19.74
CA UNK C 2675 18.04 -68.74 -20.46
C UNK C 2675 17.43 -68.44 -21.82
N UNK C 2676 16.70 -67.33 -21.94
CA UNK C 2676 16.28 -66.82 -23.23
C UNK C 2676 17.47 -66.34 -24.07
N UNK C 2677 18.57 -65.99 -23.41
CA UNK C 2677 19.83 -65.74 -24.09
C UNK C 2677 20.65 -67.02 -24.24
N UNK C 2678 20.12 -68.14 -23.76
CA UNK C 2678 20.63 -69.47 -24.08
C UNK C 2678 19.83 -70.08 -25.22
N UNK C 2679 18.62 -69.60 -25.42
CA UNK C 2679 17.88 -69.79 -26.66
C UNK C 2679 18.21 -68.72 -27.69
N UNK C 2680 18.92 -67.66 -27.28
CA UNK C 2680 19.44 -66.69 -28.24
C UNK C 2680 20.65 -67.23 -28.98
N UNK C 2681 21.63 -67.74 -28.24
CA UNK C 2681 22.83 -68.29 -28.87
C UNK C 2681 22.57 -69.64 -29.53
N UNK C 2682 21.44 -70.28 -29.22
CA UNK C 2682 21.00 -71.51 -29.85
C UNK C 2682 20.27 -71.32 -31.18
N UNK C 2683 20.08 -70.08 -31.65
CA UNK C 2683 19.40 -69.87 -32.91
C UNK C 2683 20.19 -68.86 -33.74
N UNK C 2684 19.51 -67.97 -34.48
CA UNK C 2684 20.20 -66.95 -35.24
C UNK C 2684 21.04 -66.07 -34.29
N UNK C 2685 22.07 -65.44 -34.87
CA UNK C 2685 23.03 -64.50 -34.26
C UNK C 2685 24.30 -65.20 -33.79
N UNK C 2686 25.45 -64.83 -34.37
CA UNK C 2686 26.71 -65.42 -33.99
C UNK C 2686 27.67 -64.22 -33.50
N UNK C 2687 28.47 -63.69 -34.38
CA UNK C 2687 29.47 -62.70 -33.98
C UNK C 2687 29.28 -61.42 -34.77
N UNK C 2688 30.27 -60.52 -34.64
CA UNK C 2688 30.29 -59.20 -35.25
C UNK C 2688 29.27 -58.27 -34.61
N UNK C 2689 29.19 -57.03 -35.10
CA UNK C 2689 28.30 -56.01 -34.55
C UNK C 2689 26.82 -56.38 -34.59
N UNK C 2690 26.44 -57.47 -35.26
CA UNK C 2690 25.09 -57.99 -35.11
C UNK C 2690 24.89 -58.54 -33.69
N UNK C 2691 25.81 -59.39 -33.23
CA UNK C 2691 25.83 -59.80 -31.84
C UNK C 2691 26.06 -58.64 -30.89
N UNK C 2692 26.62 -57.52 -31.40
CA UNK C 2692 26.67 -56.29 -30.62
C UNK C 2692 25.34 -55.55 -30.65
N UNK C 2693 24.48 -55.84 -31.62
CA UNK C 2693 23.09 -55.41 -31.55
C UNK C 2693 22.27 -56.30 -30.63
N UNK C 2694 22.75 -57.52 -30.38
CA UNK C 2694 22.16 -58.34 -29.34
C UNK C 2694 22.72 -58.04 -27.97
N UNK C 2695 23.91 -57.44 -27.89
CA UNK C 2695 24.40 -56.92 -26.62
C UNK C 2695 23.88 -55.51 -26.34
N UNK C 2696 23.54 -54.74 -27.38
CA UNK C 2696 22.85 -53.47 -27.17
C UNK C 2696 21.39 -53.70 -26.84
N UNK C 2697 20.74 -54.68 -27.49
CA UNK C 2697 19.40 -55.06 -27.09
C UNK C 2697 19.40 -55.81 -25.75
N UNK C 2698 20.52 -56.44 -25.40
CA UNK C 2698 20.67 -57.01 -24.06
C UNK C 2698 20.81 -55.92 -23.00
N UNK C 2699 21.56 -54.86 -23.30
CA UNK C 2699 21.49 -53.66 -22.47
C UNK C 2699 20.04 -53.20 -22.35
N UNK C 2700 19.34 -53.14 -23.49
CA UNK C 2700 17.95 -52.68 -23.51
C UNK C 2700 17.05 -53.51 -22.61
N UNK C 2701 17.19 -54.84 -22.64
CA UNK C 2701 16.28 -55.68 -21.85
C UNK C 2701 16.71 -55.77 -20.39
N UNK C 2702 18.01 -55.89 -20.13
CA UNK C 2702 18.48 -55.85 -18.75
C UNK C 2702 18.05 -54.55 -18.08
N UNK C 2703 18.02 -53.46 -18.84
CA UNK C 2703 17.35 -52.27 -18.36
C UNK C 2703 15.84 -52.47 -18.30
N UNK C 2704 15.27 -53.27 -19.21
CA UNK C 2704 13.83 -53.47 -19.24
C UNK C 2704 13.31 -54.23 -18.04
N UNK C 2705 14.19 -54.79 -17.20
CA UNK C 2705 13.70 -55.43 -16.00
C UNK C 2705 12.95 -54.41 -15.15
N UNK C 2706 13.63 -53.51 -14.45
CA UNK C 2706 12.90 -52.53 -13.66
C UNK C 2706 12.53 -51.29 -14.46
N UNK C 2707 12.99 -51.19 -15.70
CA UNK C 2707 12.61 -50.10 -16.59
C UNK C 2707 11.31 -50.38 -17.33
N UNK C 2708 11.11 -51.60 -17.83
CA UNK C 2708 9.86 -51.90 -18.54
C UNK C 2708 8.66 -51.51 -17.70
N UNK C 2709 8.74 -51.82 -16.40
CA UNK C 2709 7.69 -51.43 -15.46
C UNK C 2709 7.47 -49.91 -15.46
N UNK C 2710 8.53 -49.14 -15.17
CA UNK C 2710 8.38 -47.69 -15.03
C UNK C 2710 7.94 -47.03 -16.33
N UNK C 2711 8.40 -47.54 -17.47
CA UNK C 2711 7.94 -47.02 -18.74
C UNK C 2711 6.47 -47.34 -18.95
N UNK C 2712 6.01 -48.49 -18.42
CA UNK C 2712 4.57 -48.70 -18.32
C UNK C 2712 3.94 -47.66 -17.40
N UNK C 2713 4.65 -47.27 -16.34
CA UNK C 2713 4.17 -46.21 -15.47
C UNK C 2713 3.86 -44.95 -16.26
N UNK C 2714 4.80 -44.50 -17.09
CA UNK C 2714 4.54 -43.37 -17.97
C UNK C 2714 3.33 -43.62 -18.87
N UNK C 2715 3.59 -44.23 -20.03
CA UNK C 2715 2.52 -44.50 -21.02
C UNK C 2715 1.92 -45.89 -20.79
N UNK C 2716 2.64 -46.93 -21.19
CA UNK C 2716 2.11 -48.29 -21.13
C UNK C 2716 3.29 -49.27 -21.25
N UNK C 2717 2.96 -50.56 -21.17
CA UNK C 2717 3.96 -51.60 -20.98
C UNK C 2717 5.01 -51.59 -22.09
N UNK C 2718 4.59 -51.34 -23.32
CA UNK C 2718 5.49 -51.41 -24.46
C UNK C 2718 6.40 -50.18 -24.55
N UNK C 2719 6.25 -49.21 -23.66
CA UNK C 2719 7.01 -47.97 -23.73
C UNK C 2719 8.45 -48.19 -23.27
N UNK C 2720 9.37 -47.49 -23.92
CA UNK C 2720 10.81 -47.56 -23.68
C UNK C 2720 11.39 -48.90 -24.09
N UNK C 2721 10.52 -49.84 -24.47
CA UNK C 2721 10.94 -51.21 -24.76
C UNK C 2721 12.00 -51.25 -25.85
N UNK C 2722 11.81 -50.48 -26.93
CA UNK C 2722 12.79 -50.48 -28.01
C UNK C 2722 14.10 -49.87 -27.54
N UNK C 2723 14.03 -48.72 -26.85
CA UNK C 2723 15.16 -48.17 -26.11
C UNK C 2723 16.33 -47.80 -27.01
N UNK C 2724 17.33 -48.68 -27.08
CA UNK C 2724 18.46 -48.48 -27.97
C UNK C 2724 18.11 -48.80 -29.43
N UNK C 2725 17.17 -49.72 -29.65
CA UNK C 2725 16.75 -50.09 -31.00
C UNK C 2725 15.74 -49.12 -31.64
N UNK C 2726 15.10 -48.26 -30.85
CA UNK C 2726 14.13 -47.32 -31.41
C UNK C 2726 14.79 -46.31 -32.36
N UNK C 2727 16.02 -45.89 -32.06
CA UNK C 2727 16.73 -45.05 -33.02
C UNK C 2727 17.00 -45.80 -34.32
N UNK C 2728 17.32 -47.10 -34.20
CA UNK C 2728 17.50 -47.94 -35.37
C UNK C 2728 16.23 -48.05 -36.20
N UNK C 2729 15.07 -47.95 -35.56
CA UNK C 2729 13.82 -47.96 -36.30
C UNK C 2729 13.43 -46.58 -36.84
N UNK C 2730 13.85 -45.50 -36.18
CA UNK C 2730 13.45 -44.15 -36.60
C UNK C 2730 14.30 -43.60 -37.73
N UNK C 2731 15.61 -43.90 -37.75
CA UNK C 2731 16.47 -43.37 -38.81
C UNK C 2731 16.03 -43.87 -40.18
N UNK C 2732 15.78 -45.17 -40.30
CA UNK C 2732 15.33 -45.75 -41.57
C UNK C 2732 13.83 -45.54 -41.77
N SER C 2774 -2.18 -41.62 -17.22
CA SER C 2774 -1.84 -42.84 -16.51
C SER C 2774 -0.38 -42.80 -16.09
N TYR C 2775 0.15 -41.58 -15.95
CA TYR C 2775 1.53 -41.34 -15.54
C TYR C 2775 1.79 -41.66 -14.07
N ARG C 2776 1.27 -40.82 -13.19
CA ARG C 2776 1.44 -41.01 -11.75
C ARG C 2776 0.78 -42.30 -11.27
N HIS C 2777 -0.47 -42.50 -11.67
CA HIS C 2777 -1.14 -43.78 -11.48
C HIS C 2777 -0.31 -44.93 -12.03
N GLY C 2778 0.61 -44.64 -12.95
CA GLY C 2778 1.57 -45.62 -13.38
C GLY C 2778 2.74 -45.80 -12.42
N ASP C 2779 3.25 -44.70 -11.83
CA ASP C 2779 4.41 -44.84 -10.93
C ASP C 2779 4.03 -45.55 -9.63
N LEU C 2780 2.88 -45.23 -9.07
CA LEU C 2780 2.58 -45.72 -7.71
C LEU C 2780 2.46 -47.25 -7.59
N PRO C 2781 1.90 -48.04 -8.56
CA PRO C 2781 1.81 -49.50 -8.36
C PRO C 2781 3.11 -50.24 -8.64
N ASP C 2782 3.97 -49.70 -9.51
CA ASP C 2782 5.33 -50.22 -9.59
C ASP C 2782 6.00 -50.10 -8.23
N ILE C 2783 5.75 -48.99 -7.56
CA ILE C 2783 6.20 -48.67 -6.22
C ILE C 2783 5.38 -49.48 -5.21
N GLN C 2784 4.51 -50.35 -5.70
CA GLN C 2784 3.69 -51.19 -4.85
C GLN C 2784 4.14 -52.65 -4.92
N ILE C 2785 4.11 -53.26 -6.10
CA ILE C 2785 4.54 -54.65 -6.26
C ILE C 2785 4.50 -55.04 -7.75
N LYS C 2786 4.24 -54.05 -8.62
CA LYS C 2786 3.98 -54.29 -10.04
C LYS C 2786 5.01 -55.22 -10.67
N HIS C 2787 6.29 -54.98 -10.41
CA HIS C 2787 7.31 -55.91 -10.84
C HIS C 2787 8.52 -55.76 -9.91
N SER C 2788 8.32 -56.22 -8.67
CA SER C 2788 9.39 -56.33 -7.71
C SER C 2788 10.23 -57.59 -7.91
N SER C 2789 9.69 -58.61 -8.57
CA SER C 2789 10.53 -59.74 -8.94
C SER C 2789 11.49 -59.38 -10.05
N LEU C 2790 11.07 -58.49 -10.95
CA LEU C 2790 11.98 -57.89 -11.90
C LEU C 2790 13.07 -57.09 -11.19
N ILE C 2791 12.94 -56.86 -9.87
CA ILE C 2791 13.97 -56.20 -9.08
C ILE C 2791 15.06 -57.18 -8.67
N THR C 2792 14.70 -58.43 -8.42
CA THR C 2792 15.64 -59.44 -7.98
C THR C 2792 16.82 -59.54 -8.92
N PRO C 2793 16.62 -59.89 -10.20
CA PRO C 2793 17.80 -60.18 -11.02
C PRO C 2793 18.70 -58.99 -11.15
N LEU C 2794 18.13 -57.79 -11.26
CA LEU C 2794 18.92 -56.57 -11.36
C LEU C 2794 19.95 -56.51 -10.26
N GLN C 2795 19.64 -57.07 -9.10
CA GLN C 2795 20.63 -57.31 -8.07
C GLN C 2795 21.72 -58.19 -8.65
N ALA C 2796 21.43 -59.50 -8.70
CA ALA C 2796 22.41 -60.51 -9.08
C ALA C 2796 23.24 -60.09 -10.27
N VAL C 2797 22.58 -59.67 -11.34
CA VAL C 2797 23.31 -59.36 -12.56
C VAL C 2797 24.29 -58.22 -12.32
N ALA C 2798 23.77 -57.10 -11.82
CA ALA C 2798 24.64 -55.96 -11.54
C ALA C 2798 25.82 -56.36 -10.68
N GLN C 2799 25.69 -57.44 -9.91
CA GLN C 2799 26.78 -57.86 -9.07
C GLN C 2799 27.74 -58.81 -9.77
N ARG C 2800 27.20 -59.75 -10.55
CA ARG C 2800 28.01 -60.67 -11.35
C ARG C 2800 29.10 -59.87 -12.05
N ASP C 2801 28.70 -58.73 -12.54
CA ASP C 2801 29.54 -57.77 -13.24
C ASP C 2801 30.70 -57.36 -12.33
N PRO C 2802 30.58 -56.34 -11.39
CA PRO C 2802 31.63 -56.24 -10.36
C PRO C 2802 31.22 -56.80 -9.01
N ILE C 2803 32.03 -57.71 -8.47
CA ILE C 2803 31.69 -58.47 -7.29
C ILE C 2803 31.37 -57.60 -6.10
N ILE C 2804 31.70 -56.32 -6.17
CA ILE C 2804 31.70 -55.40 -5.05
C ILE C 2804 30.54 -55.65 -4.10
N ALA C 2805 29.42 -56.10 -4.64
CA ALA C 2805 28.33 -56.49 -3.76
C ALA C 2805 28.71 -57.73 -2.99
N LYS C 2806 29.62 -57.58 -2.03
CA LYS C 2806 29.74 -58.59 -1.00
C LYS C 2806 28.43 -58.74 -0.25
N GLN C 2807 27.55 -57.74 -0.35
CA GLN C 2807 26.31 -57.75 0.39
C GLN C 2807 25.52 -59.03 0.18
N LEU C 2808 25.67 -59.66 -0.98
CA LEU C 2808 25.04 -60.95 -1.25
C LEU C 2808 25.61 -62.05 -0.37
N PHE C 2809 26.92 -62.05 -0.21
CA PHE C 2809 27.60 -63.08 0.55
C PHE C 2809 27.26 -62.92 2.02
N SER C 2810 27.34 -61.68 2.51
CA SER C 2810 26.94 -61.42 3.88
C SER C 2810 25.47 -61.75 4.08
N SER C 2811 24.61 -61.22 3.18
CA SER C 2811 23.21 -61.65 3.17
C SER C 2811 23.11 -63.15 3.21
N LEU C 2812 23.95 -63.84 2.43
CA LEU C 2812 23.83 -65.28 2.32
C LEU C 2812 24.10 -65.96 3.66
N PHE C 2813 25.19 -65.58 4.35
CA PHE C 2813 25.45 -66.29 5.60
C PHE C 2813 24.40 -65.98 6.64
N SER C 2814 23.89 -64.76 6.65
CA SER C 2814 22.74 -64.49 7.50
C SER C 2814 21.55 -65.29 7.01
N GLY C 2815 21.42 -65.41 5.69
CA GLY C 2815 20.45 -66.31 5.10
C GLY C 2815 20.92 -67.75 4.98
N ILE C 2816 21.74 -68.19 5.93
CA ILE C 2816 21.96 -69.62 6.16
C ILE C 2816 21.95 -69.87 7.66
N LEU C 2817 22.56 -68.95 8.41
CA LEU C 2817 22.61 -69.11 9.85
C LEU C 2817 21.26 -68.76 10.47
N LYS C 2818 20.62 -67.69 9.99
CA LYS C 2818 19.34 -67.31 10.57
C LYS C 2818 18.33 -68.44 10.45
N GLU C 2819 18.21 -69.03 9.28
CA GLU C 2819 17.28 -70.15 9.20
C GLU C 2819 17.85 -71.42 9.77
N ASP C 2821 18.83 -71.42 12.59
CA ASP C 2821 18.60 -71.27 14.01
C ASP C 2821 17.16 -71.64 14.35
N LYS C 2822 16.24 -71.47 13.40
CA LYS C 2822 14.82 -71.73 13.62
C LYS C 2822 14.31 -73.03 13.00
N PHE C 2823 15.00 -73.59 12.02
CA PHE C 2823 14.49 -74.74 11.26
C PHE C 2823 14.49 -76.03 12.09
N LYS C 2824 14.67 -77.19 11.45
CA LYS C 2824 14.55 -78.48 12.12
C LYS C 2824 15.69 -78.75 13.09
N THR C 2825 16.10 -80.01 13.23
CA THR C 2825 17.19 -80.35 14.14
C THR C 2825 18.41 -79.47 13.83
N LEU C 2826 19.19 -79.18 14.87
CA LEU C 2826 20.19 -78.12 14.77
C LEU C 2826 21.52 -78.42 15.46
N SER C 2827 21.57 -79.22 16.52
CA SER C 2827 22.86 -79.52 17.13
C SER C 2827 23.80 -80.12 16.09
N GLU C 2828 23.43 -81.31 15.59
CA GLU C 2828 24.21 -82.02 14.59
C GLU C 2828 24.57 -81.09 13.43
N LYS C 2829 23.56 -80.43 12.87
CA LYS C 2829 23.76 -79.54 11.75
C LYS C 2829 24.79 -78.46 12.09
N ASN C 2830 24.68 -77.89 13.29
CA ASN C 2830 25.60 -76.85 13.73
C ASN C 2830 27.03 -77.34 13.65
N ASN C 2831 27.24 -78.60 14.05
CA ASN C 2831 28.59 -79.18 13.91
C ASN C 2831 28.95 -79.38 12.45
N ILE C 2832 27.96 -79.68 11.60
CA ILE C 2832 28.27 -79.94 10.20
C ILE C 2832 28.80 -78.67 9.56
N THR C 2833 28.03 -77.59 9.66
CA THR C 2833 28.51 -76.30 9.16
C THR C 2833 29.86 -75.93 9.78
N GLN C 2834 30.09 -76.34 11.03
CA GLN C 2834 31.44 -76.15 11.55
C GLN C 2834 32.46 -76.95 10.76
N LYS C 2835 32.06 -78.02 10.07
CA LYS C 2835 33.03 -78.71 9.23
C LYS C 2835 33.49 -77.85 8.06
N LEU C 2836 32.62 -76.98 7.56
CA LEU C 2836 32.90 -76.25 6.33
C LEU C 2836 34.09 -75.32 6.48
N LEU C 2837 34.40 -74.94 7.71
CA LEU C 2837 35.47 -74.00 7.93
C LEU C 2837 36.81 -74.58 7.49
N GLN C 2838 36.90 -75.92 7.55
CA GLN C 2838 38.03 -76.62 6.93
C GLN C 2838 38.11 -76.30 5.45
N ASP C 2839 36.96 -76.30 4.77
CA ASP C 2839 36.94 -76.01 3.34
C ASP C 2839 37.36 -74.57 3.07
N PHE C 2840 36.79 -73.62 3.82
CA PHE C 2840 37.23 -72.23 3.76
C PHE C 2840 38.75 -72.16 3.76
N ASN C 2841 39.36 -72.87 4.69
CA ASN C 2841 40.79 -72.74 4.91
C ASN C 2841 41.60 -73.51 3.87
N ARG C 2842 41.07 -74.62 3.35
CA ARG C 2842 41.66 -75.29 2.20
C ARG C 2842 41.83 -74.32 1.05
N PHE C 2843 40.74 -73.62 0.76
CA PHE C 2843 40.77 -72.51 -0.17
C PHE C 2843 41.89 -71.53 0.20
N LEU C 2844 41.99 -71.17 1.49
CA LEU C 2844 43.04 -70.26 1.94
C LEU C 2844 44.45 -70.78 1.68
N ASN C 2845 44.64 -72.10 1.60
CA ASN C 2845 45.95 -72.60 1.17
C ASN C 2845 46.08 -72.78 -0.34
N THR C 2846 44.97 -72.87 -1.07
CA THR C 2846 45.02 -73.08 -2.53
C THR C 2846 45.16 -71.78 -3.31
N THR C 2847 44.11 -70.97 -3.35
CA THR C 2847 44.21 -69.72 -4.07
C THR C 2847 45.29 -68.87 -3.43
N PHE C 2848 46.19 -68.32 -4.24
CA PHE C 2848 47.21 -67.43 -3.71
C PHE C 2848 46.91 -65.99 -4.11
N SER C 2849 46.53 -65.17 -3.11
CA SER C 2849 46.36 -63.72 -3.23
C SER C 2849 45.20 -63.22 -4.10
N PHE C 2850 43.99 -63.11 -3.51
CA PHE C 2850 42.80 -62.82 -4.31
C PHE C 2850 41.79 -62.08 -3.45
N PHE C 2851 41.39 -60.89 -3.93
CA PHE C 2851 40.51 -60.00 -3.17
C PHE C 2851 39.16 -60.60 -2.79
N PRO C 2852 38.47 -61.37 -3.62
CA PRO C 2852 37.17 -61.93 -3.21
C PRO C 2852 37.32 -62.99 -2.13
N PRO C 2853 38.37 -63.82 -2.14
CA PRO C 2853 38.72 -64.55 -0.92
C PRO C 2853 38.75 -63.68 0.34
N PHE C 2854 39.36 -62.50 0.28
CA PHE C 2854 39.36 -61.61 1.44
C PHE C 2854 37.93 -61.32 1.88
N VAL C 2855 37.08 -61.07 0.89
CA VAL C 2855 35.66 -60.96 1.13
C VAL C 2855 35.11 -62.22 1.78
N SER C 2856 35.69 -63.38 1.44
CA SER C 2856 35.30 -64.61 2.11
C SER C 2856 35.69 -64.58 3.59
N CYS C 2857 36.82 -63.95 3.89
CA CYS C 2857 37.23 -63.83 5.28
C CYS C 2857 36.26 -62.97 6.05
N ILE C 2858 35.81 -61.88 5.41
CA ILE C 2858 34.76 -61.07 6.02
C ILE C 2858 33.55 -61.93 6.33
N GLN C 2859 33.13 -62.75 5.36
CA GLN C 2859 32.04 -63.68 5.61
C GLN C 2859 32.34 -64.68 6.71
N ASP C 2860 33.60 -64.94 7.00
CA ASP C 2860 33.97 -65.99 7.94
C ASP C 2860 34.05 -65.49 9.37
N ILE C 2861 34.76 -64.40 9.61
CA ILE C 2861 34.74 -63.80 10.93
C ILE C 2861 33.37 -63.22 11.24
N SER C 2862 32.62 -62.80 10.20
CA SER C 2862 31.29 -62.23 10.42
C SER C 2862 30.33 -63.26 10.99
N CYS C 2863 30.31 -64.45 10.42
CA CYS C 2863 29.44 -65.51 10.91
C CYS C 2863 29.88 -65.95 12.30
N GLN C 2864 28.90 -66.18 13.18
CA GLN C 2864 29.17 -66.46 14.58
C GLN C 2864 29.75 -67.86 14.81
N HIS C 2865 31.01 -68.06 14.45
CA HIS C 2865 31.63 -69.37 14.41
C HIS C 2865 32.90 -69.37 15.22
N ALA C 2866 33.17 -70.52 15.83
CA ALA C 2866 34.42 -70.68 16.58
C ALA C 2866 35.56 -71.07 15.65
N ALA C 2867 35.53 -72.30 15.11
CA ALA C 2867 36.66 -72.82 14.35
C ALA C 2867 36.97 -72.01 13.10
N LEU C 2868 36.03 -71.19 12.63
CA LEU C 2868 36.38 -70.13 11.69
C LEU C 2868 37.40 -69.19 12.28
N LEU C 2869 37.11 -68.68 13.47
CA LEU C 2869 38.04 -67.81 14.16
C LEU C 2869 39.32 -68.55 14.54
N SER C 2870 39.22 -69.86 14.82
CA SER C 2870 40.36 -70.65 15.25
C SER C 2870 41.27 -70.98 14.09
N LEU C 2871 40.83 -71.95 13.30
CA LEU C 2871 41.60 -72.68 12.30
C LEU C 2871 42.15 -71.73 11.26
N ASP C 2872 42.17 -70.45 11.58
CA ASP C 2872 42.51 -69.44 10.62
C ASP C 2872 44.01 -69.16 10.65
N PRO C 2873 44.73 -69.40 9.55
CA PRO C 2873 45.99 -68.68 9.32
C PRO C 2873 45.72 -67.60 8.28
N ALA C 2874 44.57 -66.93 8.37
CA ALA C 2874 44.23 -65.90 7.40
C ALA C 2874 45.30 -64.82 7.36
N ALA C 2875 45.69 -64.29 8.52
CA ALA C 2875 46.64 -63.18 8.54
C ALA C 2875 47.89 -63.53 7.76
N VAL C 2876 48.22 -64.81 7.71
CA VAL C 2876 49.24 -65.29 6.79
C VAL C 2876 48.91 -64.89 5.35
N SER C 2877 47.70 -65.22 4.89
CA SER C 2877 47.35 -65.08 3.46
C SER C 2877 46.46 -63.88 3.17
N ALA C 2878 45.16 -64.05 3.40
CA ALA C 2878 44.17 -63.00 3.30
C ALA C 2878 44.52 -61.84 4.21
N GLY C 2879 45.80 -61.51 4.21
CA GLY C 2879 46.39 -60.53 5.07
C GLY C 2879 47.64 -60.07 4.39
N CYS C 2880 48.06 -60.89 3.42
CA CYS C 2880 49.14 -60.45 2.56
C CYS C 2880 48.69 -59.37 1.60
N LEU C 2881 47.37 -59.36 1.20
CA LEU C 2881 46.86 -58.32 0.29
C LEU C 2881 45.63 -57.57 0.76
N ALA C 2882 44.64 -58.25 1.35
CA ALA C 2882 43.47 -57.55 1.90
C ALA C 2882 43.89 -56.39 2.78
N SER C 2883 44.82 -56.63 3.71
CA SER C 2883 45.25 -55.73 4.81
C SER C 2883 44.07 -55.53 5.77
N LEU C 2884 43.76 -54.30 6.19
CA LEU C 2884 42.72 -54.05 7.21
C LEU C 2884 41.61 -55.09 7.40
N GLN C 2885 41.28 -55.85 6.36
CA GLN C 2885 40.18 -56.80 6.46
C GLN C 2885 40.57 -58.10 7.17
N GLN C 2886 41.85 -58.40 7.29
CA GLN C 2886 42.36 -59.48 8.12
C GLN C 2886 42.42 -59.06 9.59
N PRO C 2887 42.89 -57.85 9.94
CA PRO C 2887 42.79 -57.42 11.35
C PRO C 2887 41.37 -57.31 11.83
N VAL C 2888 40.38 -57.43 10.94
CA VAL C 2888 39.02 -57.47 11.45
C VAL C 2888 38.80 -58.81 12.14
N GLY C 2889 39.56 -59.85 11.75
CA GLY C 2889 39.41 -61.15 12.38
C GLY C 2889 39.73 -61.13 13.86
N ILE C 2890 40.88 -60.56 14.23
CA ILE C 2890 41.35 -60.66 15.60
C ILE C 2890 40.28 -60.20 16.58
N ARG C 2891 39.73 -59.01 16.34
CA ARG C 2891 38.73 -58.45 17.24
C ARG C 2891 37.60 -59.45 17.48
N LEU C 2892 37.05 -60.05 16.43
CA LEU C 2892 36.04 -61.08 16.61
C LEU C 2892 36.61 -62.23 17.43
N LEU C 2893 37.79 -62.72 17.01
CA LEU C 2893 38.38 -63.91 17.58
C LEU C 2893 38.49 -63.81 19.09
N GLU C 2894 38.96 -62.68 19.58
CA GLU C 2894 39.32 -62.54 20.97
C GLU C 2894 38.11 -62.81 21.85
N GLU C 2895 36.92 -62.40 21.39
CA GLU C 2895 35.76 -62.51 22.25
C GLU C 2895 35.45 -63.97 22.53
N ALA C 2896 35.67 -64.83 21.54
CA ALA C 2896 35.28 -66.23 21.66
C ALA C 2896 36.42 -67.22 21.47
N LEU C 2897 37.35 -66.97 20.54
CA LEU C 2897 38.46 -67.90 20.37
C LEU C 2897 39.49 -67.74 21.49
N LEU C 2898 39.88 -66.50 21.78
CA LEU C 2898 40.60 -66.23 23.02
C LEU C 2898 39.55 -66.32 24.12
N ARG C 2899 39.20 -67.56 24.46
CA ARG C 2899 38.23 -67.88 25.48
C ARG C 2899 38.86 -67.87 26.86
N LEU C 2900 40.19 -67.94 26.92
CA LEU C 2900 40.94 -67.93 28.16
C LEU C 2900 41.47 -66.55 28.51
N LEU C 2901 41.31 -65.55 27.63
CA LEU C 2901 41.75 -64.17 27.85
C LEU C 2901 40.77 -63.36 28.70
N PRO C 2902 39.44 -63.49 28.52
CA PRO C 2902 38.52 -62.87 29.48
C PRO C 2902 38.19 -63.77 30.67
N ALA C 2903 38.76 -64.98 30.73
CA ALA C 2903 38.62 -65.87 31.88
C ALA C 2903 39.86 -65.94 32.76
N GLU C 2904 40.97 -65.34 32.34
CA GLU C 2904 42.20 -65.20 33.14
C GLU C 2904 42.62 -66.52 33.80
N LEU C 2905 43.07 -67.45 32.97
CA LEU C 2905 43.50 -68.75 33.46
C LEU C 2905 44.85 -69.05 32.79
N PRO C 2906 45.53 -70.22 33.07
CA PRO C 2906 46.93 -70.37 32.64
C PRO C 2906 47.23 -70.04 31.18
N ALA C 2907 48.52 -69.83 30.89
CA ALA C 2907 48.98 -69.54 29.54
C ALA C 2907 49.12 -70.80 28.71
N LYS C 2908 48.93 -71.98 29.31
CA LYS C 2908 48.96 -73.22 28.57
C LYS C 2908 47.65 -73.46 27.83
N ARG C 2909 46.55 -72.96 28.37
CA ARG C 2909 45.26 -73.13 27.72
C ARG C 2909 44.96 -71.98 26.76
N VAL C 2910 45.40 -70.76 27.09
CA VAL C 2910 45.16 -69.57 26.28
C VAL C 2910 45.67 -69.88 24.87
N ARG C 2911 45.08 -69.23 23.88
CA ARG C 2911 45.36 -69.59 22.50
C ARG C 2911 46.83 -69.36 22.15
N GLY C 2912 47.53 -70.43 21.81
CA GLY C 2912 48.93 -70.32 21.45
C GLY C 2912 49.14 -69.45 20.23
N LYS C 2913 48.60 -69.84 19.07
CA LYS C 2913 48.82 -69.04 17.88
C LYS C 2913 47.98 -67.76 17.85
N ALA C 2914 46.64 -67.88 17.81
CA ALA C 2914 45.75 -66.80 17.36
C ALA C 2914 45.89 -65.46 18.07
N ARG C 2915 46.75 -65.36 19.07
CA ARG C 2915 47.21 -64.04 19.49
C ARG C 2915 48.38 -63.57 18.65
N LEU C 2916 49.14 -64.49 18.04
CA LEU C 2916 50.36 -64.16 17.33
C LEU C 2916 50.14 -63.67 15.90
N PRO C 2917 49.31 -64.32 15.07
CA PRO C 2917 49.04 -63.77 13.73
C PRO C 2917 48.46 -62.37 13.79
N PRO C 2918 47.54 -62.06 14.73
CA PRO C 2918 47.16 -60.65 14.90
C PRO C 2918 48.34 -59.74 15.16
N ASP C 2919 49.38 -60.26 15.82
CA ASP C 2919 50.58 -59.46 15.99
C ASP C 2919 51.32 -59.29 14.67
N VAL C 2920 51.63 -60.39 13.97
CA VAL C 2920 52.35 -60.23 12.71
C VAL C 2920 51.54 -59.39 11.74
N LEU C 2921 50.20 -59.48 11.83
CA LEU C 2921 49.38 -58.73 10.88
C LEU C 2921 49.44 -57.24 11.19
N ARG C 2922 49.24 -56.85 12.45
CA ARG C 2922 49.40 -55.42 12.70
C ARG C 2922 50.83 -54.99 12.52
N TRP C 2923 51.76 -55.95 12.43
CA TRP C 2923 53.16 -55.60 12.22
C TRP C 2923 53.37 -55.26 10.76
N VAL C 2924 52.98 -56.13 9.83
CA VAL C 2924 53.12 -55.74 8.42
C VAL C 2924 52.40 -54.42 8.17
N GLU C 2925 51.30 -54.17 8.87
CA GLU C 2925 50.59 -52.88 8.81
C GLU C 2925 51.23 -51.86 9.72
N LEU C 2926 52.54 -51.66 9.57
CA LEU C 2926 53.26 -50.66 10.34
C LEU C 2926 52.64 -49.29 10.23
N ALA C 2927 51.79 -48.89 11.17
CA ALA C 2927 51.40 -47.49 11.09
C ALA C 2927 52.52 -46.69 11.72
N LYS C 2928 52.22 -46.11 12.88
CA LYS C 2928 53.20 -45.38 13.69
C LYS C 2928 52.81 -45.56 15.17
N LEU C 2929 51.62 -46.14 15.38
CA LEU C 2929 51.05 -46.45 16.70
C LEU C 2929 50.52 -47.88 16.72
N TYR C 2930 50.15 -48.43 15.55
CA TYR C 2930 49.58 -49.78 15.45
C TYR C 2930 50.58 -50.85 15.89
N ARG C 2931 51.65 -51.06 15.13
CA ARG C 2931 52.71 -51.98 15.57
C ARG C 2931 53.20 -51.65 16.96
N SER C 2932 53.72 -50.42 17.13
CA SER C 2932 54.37 -49.95 18.35
C SER C 2932 53.63 -50.43 19.59
N ILE C 2933 52.31 -50.60 19.46
CA ILE C 2933 51.46 -51.09 20.52
C ILE C 2933 51.36 -52.61 20.44
N GLY C 2934 50.91 -53.12 19.28
CA GLY C 2934 50.63 -54.55 19.13
C GLY C 2934 51.77 -55.44 19.60
N GLU C 2935 53.01 -54.99 19.36
CA GLU C 2935 54.20 -55.76 19.71
C GLU C 2935 54.15 -56.16 21.18
N TYR C 2936 54.36 -55.21 22.09
CA TYR C 2936 54.31 -55.56 23.50
C TYR C 2936 52.91 -55.92 23.96
N ASP C 2937 51.90 -55.76 23.11
CA ASP C 2937 50.62 -56.34 23.48
C ASP C 2937 50.77 -57.84 23.59
N VAL C 2938 50.92 -58.51 22.44
CA VAL C 2938 50.95 -59.97 22.46
C VAL C 2938 52.23 -60.46 23.15
N LEU C 2939 53.33 -59.73 22.99
CA LEU C 2939 54.54 -60.04 23.74
C LEU C 2939 54.25 -60.06 25.24
N ARG C 2940 53.50 -59.07 25.73
CA ARG C 2940 53.12 -59.08 27.13
C ARG C 2940 52.20 -60.25 27.47
N GLY C 2941 51.39 -60.70 26.52
CA GLY C 2941 50.46 -61.78 26.76
C GLY C 2941 51.10 -63.13 27.01
N ILE C 2942 52.41 -63.15 27.28
CA ILE C 2942 53.13 -64.38 27.59
C ILE C 2942 53.68 -64.27 29.01
N PHE C 2943 54.80 -64.95 29.28
CA PHE C 2943 55.40 -64.98 30.61
C PHE C 2943 56.86 -64.55 30.51
N THR C 2944 57.74 -65.41 30.00
CA THR C 2944 59.17 -65.07 29.89
C THR C 2944 59.40 -63.91 28.94
N SER C 2945 58.42 -63.04 28.87
CA SER C 2945 58.50 -61.77 28.18
C SER C 2945 58.44 -60.62 29.15
N GLU C 2946 57.67 -60.77 30.23
CA GLU C 2946 57.61 -59.77 31.30
C GLU C 2946 59.00 -59.26 31.67
N ILE C 2947 59.98 -60.16 31.72
CA ILE C 2947 61.36 -59.75 32.00
C ILE C 2947 62.01 -59.25 30.72
N GLY C 2948 61.76 -59.93 29.60
CA GLY C 2948 62.13 -59.39 28.31
C GLY C 2948 61.62 -57.97 28.11
N THR C 2949 60.44 -57.68 28.64
CA THR C 2949 59.89 -56.33 28.56
C THR C 2949 60.59 -55.39 29.52
N LYS C 2950 60.66 -55.77 30.80
CA LYS C 2950 61.40 -54.98 31.77
C LYS C 2950 62.80 -54.61 31.26
N GLN C 2951 63.36 -55.42 30.38
CA GLN C 2951 64.61 -55.07 29.71
C GLN C 2951 64.41 -54.24 28.44
N ILE C 2952 63.39 -54.52 27.62
CA ILE C 2952 63.36 -54.05 26.25
C ILE C 2952 62.24 -53.05 25.99
N THR C 2953 61.04 -53.29 26.51
CA THR C 2953 60.06 -52.20 26.54
C THR C 2953 60.58 -51.05 27.38
N GLN C 2954 61.29 -51.38 28.46
CA GLN C 2954 62.08 -50.41 29.21
C GLN C 2954 63.45 -50.15 28.56
N SER C 2955 63.63 -50.55 27.30
CA SER C 2955 64.70 -50.04 26.46
C SER C 2955 64.21 -49.05 25.41
N ALA C 2956 63.00 -49.25 24.86
CA ALA C 2956 62.43 -48.27 23.95
C ALA C 2956 62.54 -46.87 24.52
N LEU C 2957 62.47 -46.77 25.85
CA LEU C 2957 62.59 -45.49 26.54
C LEU C 2957 63.90 -44.79 26.22
N LEU C 2958 65.03 -45.39 26.62
CA LEU C 2958 66.34 -44.76 26.43
C LEU C 2958 66.57 -44.40 24.96
N ALA C 2959 65.90 -45.11 24.05
CA ALA C 2959 65.95 -44.84 22.61
C ALA C 2959 67.38 -44.85 22.08
N GLU C 2960 68.28 -45.56 22.77
CA GLU C 2960 69.69 -45.68 22.43
C GLU C 2960 69.97 -47.15 22.24
N ALA C 2961 70.59 -47.51 21.12
CA ALA C 2961 70.62 -48.89 20.72
C ALA C 2961 72.04 -49.29 20.33
N ARG C 2962 72.92 -49.23 21.31
CA ARG C 2962 74.29 -49.72 21.20
C ARG C 2962 74.76 -50.37 22.48
N SER C 2963 74.20 -49.99 23.63
CA SER C 2963 74.47 -50.68 24.88
C SER C 2963 73.16 -51.31 25.31
N ASP C 2964 72.26 -50.47 25.81
CA ASP C 2964 71.08 -50.94 26.51
C ASP C 2964 70.30 -51.98 25.71
N TYR C 2965 70.05 -51.73 24.42
CA TYR C 2965 69.38 -52.76 23.64
C TYR C 2965 70.31 -53.93 23.35
N SER C 2966 71.58 -53.64 23.04
CA SER C 2966 72.49 -54.71 22.64
C SER C 2966 72.77 -55.66 23.80
N GLU C 2967 72.94 -55.12 25.01
CA GLU C 2967 72.99 -55.98 26.17
C GLU C 2967 71.61 -56.59 26.44
N ALA C 2968 70.55 -55.82 26.21
CA ALA C 2968 69.19 -56.28 26.48
C ALA C 2968 68.79 -57.48 25.65
N ALA C 2969 69.44 -57.71 24.51
CA ALA C 2969 69.09 -58.79 23.59
C ALA C 2969 70.16 -59.85 23.42
N LYS C 2970 71.44 -59.45 23.29
CA LYS C 2970 72.47 -60.36 22.79
C LYS C 2970 72.74 -61.51 23.74
N GLN C 2971 72.67 -61.26 25.05
CA GLN C 2971 72.93 -62.31 26.03
C GLN C 2971 71.99 -63.51 25.85
N TYR C 2972 70.86 -63.31 25.16
CA TYR C 2972 69.87 -64.36 24.94
C TYR C 2972 70.42 -65.46 24.03
N ASP C 2973 71.27 -65.10 23.08
CA ASP C 2973 71.94 -66.10 22.25
C ASP C 2973 73.29 -66.48 22.83
N GLU C 2974 73.95 -65.55 23.54
CA GLU C 2974 75.27 -65.87 24.03
C GLU C 2974 75.22 -66.90 25.15
N ALA C 2975 74.25 -66.78 26.07
CA ALA C 2975 74.20 -67.69 27.21
C ALA C 2975 73.65 -69.07 26.85
N LEU C 2976 73.05 -69.25 25.67
CA LEU C 2976 72.38 -70.48 25.26
C LEU C 2976 71.21 -70.80 26.19
N ASN C 2977 71.18 -70.14 27.35
CA ASN C 2977 70.05 -70.14 28.28
C ASN C 2977 69.50 -71.53 28.51
N LYS C 2978 70.38 -72.49 28.83
CA LYS C 2978 69.90 -73.83 29.12
C LYS C 2978 68.98 -73.82 30.34
N GLN C 2979 69.13 -72.80 31.19
CA GLN C 2979 68.33 -72.62 32.39
C GLN C 2979 67.05 -71.85 32.13
N ASP C 2980 67.03 -70.97 31.12
CA ASP C 2980 65.83 -70.26 30.73
C ASP C 2980 65.14 -70.81 29.49
N TRP C 2981 65.73 -71.78 28.78
CA TRP C 2981 65.02 -72.42 27.69
C TRP C 2981 64.01 -73.47 28.15
N VAL C 2982 64.08 -73.94 29.40
CA VAL C 2982 63.08 -74.91 29.85
C VAL C 2982 61.73 -74.23 30.04
N ASP C 2983 61.72 -73.02 30.60
CA ASP C 2983 60.49 -72.26 30.72
C ASP C 2983 60.16 -71.46 29.45
N GLY C 2984 61.17 -70.93 28.75
CA GLY C 2984 60.91 -70.15 27.55
C GLY C 2984 60.93 -70.99 26.30
N GLU C 2985 60.67 -72.29 26.47
CA GLU C 2985 60.54 -73.30 25.41
C GLU C 2985 59.21 -73.21 24.70
N PRO C 2986 58.09 -72.86 25.37
CA PRO C 2986 56.83 -72.73 24.60
C PRO C 2986 56.84 -71.59 23.61
N THR C 2987 57.48 -70.47 23.93
CA THR C 2987 57.61 -69.40 22.94
C THR C 2987 58.29 -69.92 21.68
N GLU C 2988 59.35 -70.72 21.83
CA GLU C 2988 60.13 -71.20 20.69
C GLU C 2988 60.52 -69.98 19.88
N ALA C 2989 60.34 -70.07 18.57
CA ALA C 2989 60.61 -68.97 17.66
C ALA C 2989 60.09 -67.65 18.22
N GLU C 2990 58.97 -67.69 18.95
CA GLU C 2990 58.40 -66.50 19.56
C GLU C 2990 59.44 -65.79 20.40
N LYS C 2991 59.93 -66.41 21.48
CA LYS C 2991 61.02 -65.76 22.17
C LYS C 2991 62.23 -65.60 21.24
N ASP C 2992 62.46 -66.56 20.34
CA ASP C 2992 63.65 -66.48 19.47
C ASP C 2992 63.49 -65.35 18.48
N PHE C 2993 62.72 -65.61 17.41
CA PHE C 2993 62.65 -64.66 16.30
C PHE C 2993 62.37 -63.24 16.79
N TRP C 2994 61.50 -63.10 17.79
CA TRP C 2994 61.20 -61.78 18.32
C TRP C 2994 62.45 -61.06 18.77
N GLU C 2995 63.15 -61.65 19.72
CA GLU C 2995 64.44 -61.10 20.12
C GLU C 2995 65.31 -60.87 18.89
N LEU C 2996 65.34 -61.86 17.99
CA LEU C 2996 66.02 -61.72 16.70
C LEU C 2996 65.63 -60.40 16.03
N ALA C 2997 64.33 -60.22 15.74
CA ALA C 2997 63.88 -58.97 15.14
C ALA C 2997 64.38 -57.78 15.93
N SER C 2998 64.37 -57.91 17.26
CA SER C 2998 64.82 -56.83 18.12
C SER C 2998 66.26 -56.45 17.77
N LEU C 2999 67.16 -57.45 17.71
CA LEU C 2999 68.54 -57.16 17.38
C LEU C 2999 68.67 -56.42 16.06
N ASP C 3000 67.72 -56.63 15.16
CA ASP C 3000 67.70 -55.79 13.97
C ASP C 3000 67.26 -54.39 14.34
N CYS C 3001 66.01 -54.25 14.76
CA CYS C 3001 65.33 -52.95 14.75
C CYS C 3001 65.96 -51.92 15.69
N TYR C 3002 66.86 -52.33 16.57
CA TYR C 3002 67.60 -51.34 17.35
C TYR C 3002 68.77 -50.77 16.55
N ASN C 3003 69.60 -51.64 15.99
CA ASN C 3003 70.72 -51.24 15.14
C ASN C 3003 70.35 -51.21 13.67
N HIS C 3004 69.11 -51.63 13.34
CA HIS C 3004 68.65 -51.66 11.96
C HIS C 3004 68.87 -50.30 11.33
N LEU C 3005 68.89 -49.26 12.15
CA LEU C 3005 69.23 -47.94 11.69
C LEU C 3005 70.71 -47.87 11.36
N ALA C 3006 71.55 -48.50 12.21
CA ALA C 3006 72.99 -48.50 12.00
C ALA C 3006 73.39 -49.39 10.84
N GLU C 3007 72.66 -50.49 10.63
CA GLU C 3007 73.13 -51.56 9.76
C GLU C 3007 74.49 -51.93 10.33
N TRP C 3008 75.55 -51.94 9.54
CA TRP C 3008 76.88 -52.17 10.08
C TRP C 3008 77.01 -53.59 10.62
N LYS C 3009 78.19 -53.90 11.16
CA LYS C 3009 78.60 -55.21 11.66
C LYS C 3009 77.45 -55.95 12.31
N SER C 3010 76.63 -55.17 13.02
CA SER C 3010 75.38 -55.66 13.57
C SER C 3010 74.55 -56.45 12.56
N LEU C 3011 74.49 -56.00 11.30
CA LEU C 3011 73.63 -56.69 10.33
C LEU C 3011 74.24 -58.01 9.89
N GLU C 3012 75.53 -58.00 9.52
CA GLU C 3012 76.18 -59.25 9.14
C GLU C 3012 76.07 -60.26 10.28
N TYR C 3013 76.26 -59.79 11.52
CA TYR C 3013 76.03 -60.64 12.68
C TYR C 3013 74.56 -61.06 12.78
N CYS C 3014 73.65 -60.27 12.21
CA CYS C 3014 72.25 -60.69 12.21
C CYS C 3014 72.07 -61.90 11.31
N SER C 3015 72.71 -61.88 10.14
CA SER C 3015 72.83 -63.12 9.39
C SER C 3015 73.38 -64.23 10.27
N THR C 3016 74.61 -64.06 10.77
CA THR C 3016 75.31 -65.06 11.57
C THR C 3016 74.39 -65.69 12.62
N ALA C 3017 73.52 -64.88 13.22
CA ALA C 3017 72.55 -65.40 14.18
C ALA C 3017 71.52 -66.28 13.49
N SER C 3018 70.85 -65.74 12.47
CA SER C 3018 69.79 -66.51 11.85
C SER C 3018 70.25 -67.28 10.61
N ILE C 3019 71.46 -67.04 10.12
CA ILE C 3019 71.92 -67.63 8.85
C ILE C 3019 72.22 -69.12 9.04
N ASP C 3020 72.70 -69.77 7.97
CA ASP C 3020 73.15 -71.15 7.98
C ASP C 3020 74.63 -71.26 7.60
N SER C 3021 75.45 -70.29 8.01
CA SER C 3021 76.89 -70.33 7.81
C SER C 3021 77.40 -71.74 8.12
N GLU C 3022 77.08 -72.23 9.31
CA GLU C 3022 77.31 -73.61 9.66
C GLU C 3022 76.22 -74.48 9.01
N ASN C 3023 76.60 -75.24 7.97
CA ASN C 3023 75.75 -76.08 7.11
C ASN C 3023 74.72 -75.29 6.29
N PRO C 3024 75.11 -74.79 5.11
CA PRO C 3024 74.13 -74.13 4.23
C PRO C 3024 73.54 -75.00 3.12
N PRO C 3025 73.76 -76.37 3.07
CA PRO C 3025 73.00 -77.14 2.07
C PRO C 3025 71.79 -77.85 2.65
N ASP C 3026 71.80 -78.02 3.99
CA ASP C 3026 70.71 -78.72 4.66
C ASP C 3026 69.42 -77.91 4.62
N LEU C 3027 69.51 -76.61 4.92
CA LEU C 3027 68.32 -75.75 4.93
C LEU C 3027 67.62 -75.76 3.58
N ASN C 3028 68.35 -75.45 2.50
CA ASN C 3028 67.75 -75.51 1.17
C ASN C 3028 67.30 -76.93 0.82
N LYS C 3029 67.98 -77.95 1.36
CA LYS C 3029 67.53 -79.33 1.16
C LYS C 3029 66.24 -79.65 1.93
N ILE C 3030 65.80 -78.82 2.87
CA ILE C 3030 64.55 -79.05 3.60
C ILE C 3030 63.40 -78.25 2.99
N TRP C 3031 63.61 -76.95 2.77
CA TRP C 3031 62.61 -76.08 2.18
C TRP C 3031 63.12 -75.49 0.88
N SER C 3032 62.18 -75.11 0.01
CA SER C 3032 62.59 -74.37 -1.18
C SER C 3032 62.62 -72.88 -0.89
N GLU C 3033 61.62 -72.39 -0.14
CA GLU C 3033 61.41 -71.00 0.28
C GLU C 3033 60.38 -71.00 1.42
N PRO C 3034 60.77 -70.80 2.68
CA PRO C 3034 59.76 -70.76 3.74
C PRO C 3034 59.31 -69.34 4.06
N PHE C 3035 58.06 -69.22 4.51
CA PHE C 3035 57.55 -67.89 4.79
C PHE C 3035 58.11 -67.32 6.09
N TYR C 3036 59.37 -67.66 6.39
CA TYR C 3036 60.10 -67.17 7.55
C TYR C 3036 61.56 -66.97 7.19
N GLN C 3037 62.24 -68.06 6.81
CA GLN C 3037 63.65 -67.95 6.50
C GLN C 3037 63.88 -67.16 5.22
N GLU C 3038 62.94 -67.24 4.27
CA GLU C 3038 63.06 -66.38 3.09
C GLU C 3038 63.05 -64.91 3.49
N THR C 3039 62.69 -64.59 4.73
CA THR C 3039 62.71 -63.22 5.23
C THR C 3039 64.12 -62.74 5.60
N TYR C 3040 65.06 -63.63 5.87
CA TYR C 3040 66.37 -63.11 6.24
C TYR C 3040 67.15 -62.59 5.04
N LEU C 3041 66.67 -62.89 3.85
CA LEU C 3041 67.41 -62.60 2.63
C LEU C 3041 67.80 -61.14 2.45
N PRO C 3042 66.90 -60.15 2.60
CA PRO C 3042 67.34 -58.76 2.40
C PRO C 3042 68.18 -58.23 3.54
N TYR C 3043 67.91 -58.69 4.74
CA TYR C 3043 68.61 -58.22 5.94
C TYR C 3043 70.11 -58.31 5.71
N ILE C 3045 71.68 -58.79 3.02
CA ILE C 3045 72.22 -58.07 1.87
C ILE C 3045 72.14 -56.57 2.07
N ARG C 3046 71.29 -56.09 2.97
CA ARG C 3046 71.43 -54.72 3.40
C ARG C 3046 72.75 -54.50 4.12
N SER C 3047 73.31 -55.58 4.70
CA SER C 3047 74.66 -55.48 5.25
C SER C 3047 75.65 -55.08 4.18
N LYS C 3048 75.34 -55.39 2.91
CA LYS C 3048 76.19 -54.93 1.83
C LYS C 3048 76.47 -53.43 1.96
N LEU C 3049 75.42 -52.64 2.20
CA LEU C 3049 75.57 -51.20 2.30
C LEU C 3049 76.78 -50.80 3.14
N LYS C 3050 76.98 -51.47 4.27
CA LYS C 3050 78.12 -51.12 5.12
C LYS C 3050 79.42 -51.76 4.61
N LEU C 3051 79.38 -53.04 4.23
CA LEU C 3051 80.59 -53.74 3.83
C LEU C 3051 80.89 -53.56 2.35
N LEU C 3052 79.86 -53.38 1.50
CA LEU C 3052 80.09 -52.95 0.13
C LEU C 3052 80.75 -51.59 0.07
N LEU C 3053 80.46 -50.74 1.05
CA LEU C 3053 81.24 -49.52 1.22
C LEU C 3053 82.70 -49.82 1.59
N GLN C 3054 82.94 -50.84 2.42
CA GLN C 3054 84.30 -51.12 2.91
C GLN C 3054 85.26 -51.33 1.74
N GLY C 3055 84.96 -52.31 0.90
CA GLY C 3055 85.83 -52.63 -0.20
C GLY C 3055 85.01 -52.91 -1.44
N GLU C 3056 85.67 -52.77 -2.59
CA GLU C 3056 84.97 -52.95 -3.86
C GLU C 3056 84.56 -54.41 -4.05
N ALA C 3057 85.39 -55.35 -3.58
CA ALA C 3057 85.07 -56.77 -3.57
C ALA C 3057 85.23 -57.33 -2.16
N ASP C 3058 84.12 -57.83 -1.60
CA ASP C 3058 84.12 -58.32 -0.22
C ASP C 3058 83.46 -59.68 -0.15
N GLN C 3059 83.72 -60.37 0.96
CA GLN C 3059 83.22 -61.73 1.15
C GLN C 3059 81.71 -61.79 1.06
N SER C 3060 81.02 -60.94 1.84
CA SER C 3060 79.57 -60.97 1.94
C SER C 3060 78.90 -60.86 0.58
N LEU C 3061 79.12 -59.75 -0.14
CA LEU C 3061 78.52 -59.58 -1.46
C LEU C 3061 78.82 -60.76 -2.38
N LEU C 3062 80.09 -61.10 -2.55
CA LEU C 3062 80.48 -62.15 -3.49
C LEU C 3062 79.71 -63.44 -3.21
N THR C 3063 79.94 -64.02 -2.02
CA THR C 3063 79.20 -65.20 -1.57
C THR C 3063 77.70 -65.04 -1.84
N PHE C 3064 77.14 -63.89 -1.48
CA PHE C 3064 75.72 -63.64 -1.71
C PHE C 3064 75.38 -63.76 -3.17
N ILE C 3065 75.62 -62.69 -3.95
CA ILE C 3065 75.09 -62.59 -5.30
C ILE C 3065 75.37 -63.87 -6.07
N ASP C 3066 76.54 -64.45 -5.83
CA ASP C 3066 76.89 -65.71 -6.48
C ASP C 3066 75.93 -66.82 -6.07
N LYS C 3067 75.84 -67.11 -4.76
CA LYS C 3067 75.01 -68.20 -4.27
C LYS C 3067 73.52 -67.95 -4.55
N ALA C 3068 73.08 -66.69 -4.46
CA ALA C 3068 71.75 -66.32 -4.91
C ALA C 3068 71.55 -66.68 -6.38
N HIS C 3070 73.14 -69.24 -7.63
CA HIS C 3070 73.04 -70.69 -7.55
C HIS C 3070 71.59 -71.13 -7.36
N GLY C 3071 70.87 -70.44 -6.48
CA GLY C 3071 69.43 -70.68 -6.39
C GLY C 3071 68.64 -70.05 -7.52
N GLU C 3072 69.27 -69.19 -8.31
CA GLU C 3072 68.65 -68.64 -9.51
C GLU C 3072 68.50 -69.71 -10.59
N LEU C 3073 69.53 -70.56 -10.78
CA LEU C 3073 69.51 -71.57 -11.85
C LEU C 3073 68.17 -72.30 -11.90
N GLN C 3074 67.55 -72.50 -10.74
CA GLN C 3074 66.28 -73.21 -10.61
C GLN C 3074 65.39 -72.27 -9.79
N LYS C 3075 64.51 -71.55 -10.48
CA LYS C 3075 63.61 -70.55 -9.89
C LYS C 3075 64.33 -69.23 -9.62
N ALA C 3076 64.89 -68.66 -10.69
CA ALA C 3076 65.51 -67.33 -10.72
C ALA C 3076 64.55 -66.18 -10.48
N ILE C 3077 63.67 -66.00 -11.48
CA ILE C 3077 62.99 -64.73 -11.72
C ILE C 3077 62.12 -64.30 -10.54
N LEU C 3078 61.56 -65.26 -9.79
CA LEU C 3078 60.67 -64.88 -8.70
C LEU C 3078 61.41 -64.14 -7.59
N GLU C 3079 62.59 -64.63 -7.20
CA GLU C 3079 63.31 -63.98 -6.12
C GLU C 3079 64.14 -62.81 -6.63
N LEU C 3080 64.68 -62.94 -7.85
CA LEU C 3080 65.38 -61.80 -8.43
C LEU C 3080 64.45 -60.60 -8.61
N HIS C 3081 63.19 -60.83 -9.00
CA HIS C 3081 62.21 -59.76 -9.16
C HIS C 3081 61.66 -59.27 -7.83
N TYR C 3082 61.28 -60.19 -6.93
CA TYR C 3082 60.72 -59.80 -5.64
C TYR C 3082 61.56 -58.72 -4.98
N SER C 3083 62.87 -58.80 -5.14
CA SER C 3083 63.82 -57.96 -4.45
C SER C 3083 64.29 -56.85 -5.37
N GLN C 3084 63.93 -55.62 -5.04
CA GLN C 3084 64.44 -54.43 -5.71
C GLN C 3084 65.90 -54.19 -5.36
N GLU C 3085 66.30 -54.48 -4.13
CA GLU C 3085 67.68 -54.29 -3.71
C GLU C 3085 68.63 -54.98 -4.68
N LEU C 3086 68.22 -56.17 -5.16
CA LEU C 3086 69.00 -56.94 -6.13
C LEU C 3086 69.49 -56.11 -7.30
N SER C 3087 68.80 -55.04 -7.62
CA SER C 3087 69.23 -54.20 -8.72
C SER C 3087 70.43 -53.37 -8.29
N LEU C 3088 70.31 -52.77 -7.12
CA LEU C 3088 71.13 -51.64 -6.70
C LEU C 3088 72.60 -51.99 -6.55
N LEU C 3089 72.98 -53.27 -6.57
CA LEU C 3089 74.34 -53.70 -6.22
C LEU C 3089 75.26 -53.75 -7.43
N TYR C 3090 74.70 -54.09 -8.60
CA TYR C 3090 75.50 -54.16 -9.81
C TYR C 3090 76.30 -52.87 -9.95
N LEU C 3091 75.68 -51.75 -9.59
CA LEU C 3091 76.23 -50.42 -9.74
C LEU C 3091 77.64 -50.27 -9.16
N LEU C 3092 78.10 -51.20 -8.31
CA LEU C 3092 79.43 -51.10 -7.73
C LEU C 3092 80.52 -51.36 -8.77
N GLN C 3093 80.44 -52.50 -9.45
CA GLN C 3093 81.47 -52.86 -10.42
C GLN C 3093 81.16 -52.37 -11.84
N ASP C 3094 80.60 -51.16 -11.92
CA ASP C 3094 80.42 -50.39 -13.15
C ASP C 3094 79.70 -51.16 -14.25
N ASP C 3095 78.45 -51.56 -13.96
CA ASP C 3095 77.65 -52.31 -14.92
C ASP C 3095 76.19 -51.90 -14.79
N VAL C 3096 75.70 -51.12 -15.74
CA VAL C 3096 74.41 -50.43 -15.63
C VAL C 3096 73.33 -51.13 -16.43
N ASP C 3097 73.48 -52.41 -16.72
CA ASP C 3097 72.61 -53.10 -17.66
C ASP C 3097 71.29 -53.55 -17.01
N ARG C 3098 71.30 -54.72 -16.37
CA ARG C 3098 70.08 -55.33 -15.84
C ARG C 3098 69.53 -54.58 -14.64
N ALA C 3099 70.29 -53.66 -14.07
CA ALA C 3099 69.77 -52.84 -12.99
C ALA C 3099 68.63 -51.95 -13.46
N LYS C 3100 68.50 -51.74 -14.77
CA LYS C 3100 67.33 -51.06 -15.31
C LYS C 3100 66.15 -52.01 -15.48
N TYR C 3101 66.41 -53.27 -15.85
CA TYR C 3101 65.32 -54.23 -15.93
C TYR C 3101 64.75 -54.48 -14.54
N TYR C 3102 65.62 -54.79 -13.58
CA TYR C 3102 65.21 -55.05 -12.21
C TYR C 3102 64.83 -53.76 -11.48
N ILE C 3103 65.37 -52.62 -11.89
CA ILE C 3103 65.00 -51.36 -11.26
C ILE C 3103 63.63 -50.90 -11.77
N GLN C 3104 63.33 -51.13 -13.05
CA GLN C 3104 61.97 -50.93 -13.53
C GLN C 3104 61.02 -51.91 -12.87
N ASN C 3105 61.45 -53.16 -12.74
CA ASN C 3105 60.60 -54.18 -12.12
C ASN C 3105 60.34 -53.85 -10.66
N GLY C 3106 61.33 -53.28 -9.97
CA GLY C 3106 61.09 -52.77 -8.63
C GLY C 3106 60.18 -51.56 -8.61
N ILE C 3107 60.24 -50.74 -9.67
CA ILE C 3107 59.26 -49.68 -9.85
C ILE C 3107 57.86 -50.26 -9.90
N GLN C 3108 57.65 -51.25 -10.78
CA GLN C 3108 56.37 -51.95 -10.85
C GLN C 3108 56.07 -52.70 -9.56
N SER C 3109 57.10 -52.93 -8.73
CA SER C 3109 56.93 -53.56 -7.42
C SER C 3109 56.37 -52.60 -6.40
N PHE C 3110 56.78 -51.33 -6.42
CA PHE C 3110 56.08 -50.40 -5.55
C PHE C 3110 54.67 -50.17 -6.05
N GLN C 3112 52.94 -52.06 -7.48
CA GLN C 3112 52.30 -53.26 -6.94
C GLN C 3112 51.86 -53.08 -5.50
N ASN C 3113 52.77 -52.66 -4.63
CA ASN C 3113 52.43 -52.55 -3.21
C ASN C 3113 51.46 -51.40 -2.93
N TYR C 3114 51.14 -50.59 -3.94
CA TYR C 3114 50.35 -49.37 -3.77
C TYR C 3114 48.84 -49.55 -3.89
N SER C 3115 48.34 -50.77 -4.07
CA SER C 3115 46.90 -50.90 -4.29
C SER C 3115 46.10 -50.56 -3.04
N SER C 3116 46.69 -50.73 -1.86
CA SER C 3116 45.99 -50.59 -0.59
C SER C 3116 46.27 -49.22 0.03
N ILE C 3117 45.20 -48.43 0.22
CA ILE C 3117 45.30 -47.05 0.70
C ILE C 3117 44.11 -46.67 1.55
N ASP C 3118 43.27 -47.65 1.86
CA ASP C 3118 42.19 -47.41 2.80
C ASP C 3118 42.80 -47.22 4.19
N VAL C 3119 42.76 -45.99 4.71
CA VAL C 3119 43.37 -45.69 6.01
C VAL C 3119 44.84 -46.08 5.92
N LEU C 3120 45.58 -45.32 5.13
CA LEU C 3120 46.88 -45.76 4.65
C LEU C 3120 47.89 -45.82 5.78
N LEU C 3121 48.77 -46.81 5.72
CA LEU C 3121 49.91 -46.81 6.62
C LEU C 3121 50.86 -45.68 6.30
N HIS C 3122 51.38 -45.08 7.36
CA HIS C 3122 52.51 -44.19 7.19
C HIS C 3122 53.68 -44.95 6.58
N GLN C 3123 54.11 -46.05 7.21
CA GLN C 3123 55.13 -46.94 6.63
C GLN C 3123 54.96 -47.15 5.13
N SER C 3124 53.72 -47.45 4.73
CA SER C 3124 53.40 -47.45 3.31
C SER C 3124 53.93 -46.20 2.66
N ARG C 3125 53.48 -45.05 3.14
CA ARG C 3125 53.87 -43.86 2.40
C ARG C 3125 55.34 -43.55 2.68
N LEU C 3126 55.68 -43.11 3.88
CA LEU C 3126 57.04 -42.62 4.14
C LEU C 3126 58.12 -43.58 3.64
N THR C 3127 57.96 -44.88 3.87
CA THR C 3127 58.99 -45.79 3.36
C THR C 3127 58.94 -45.95 1.85
N LYS C 3128 57.76 -45.83 1.23
CA LYS C 3128 57.81 -45.84 -0.23
C LYS C 3128 58.23 -44.47 -0.73
N LEU C 3129 57.62 -43.42 -0.21
CA LEU C 3129 57.95 -42.02 -0.46
C LEU C 3129 59.36 -41.74 0.03
N GLN C 3130 60.12 -42.78 0.37
CA GLN C 3130 61.53 -42.64 0.64
C GLN C 3130 62.36 -43.49 -0.31
N SER C 3131 62.09 -44.80 -0.40
CA SER C 3131 62.89 -45.62 -1.29
C SER C 3131 62.72 -45.14 -2.74
N VAL C 3132 61.57 -44.54 -3.05
CA VAL C 3132 61.41 -43.85 -4.33
C VAL C 3132 62.33 -42.64 -4.42
N GLN C 3133 62.42 -41.84 -3.35
CA GLN C 3133 63.30 -40.67 -3.36
C GLN C 3133 64.71 -41.10 -3.75
N ALA C 3134 65.13 -42.23 -3.17
CA ALA C 3134 66.43 -42.79 -3.52
C ALA C 3134 66.45 -43.27 -4.97
N LEU C 3135 65.41 -44.00 -5.38
CA LEU C 3135 65.37 -44.53 -6.75
C LEU C 3135 65.55 -43.42 -7.78
N THR C 3136 64.90 -42.26 -7.55
CA THR C 3136 65.10 -41.12 -8.45
C THR C 3136 66.55 -40.67 -8.40
N GLU C 3137 67.16 -40.65 -7.20
CA GLU C 3137 68.60 -40.39 -7.18
C GLU C 3137 69.38 -41.42 -8.00
N ILE C 3138 68.92 -42.68 -8.01
CA ILE C 3138 69.56 -43.78 -8.73
C ILE C 3138 69.58 -43.50 -10.24
N GLN C 3139 68.41 -43.57 -10.88
CA GLN C 3139 68.35 -43.41 -12.33
C GLN C 3139 68.88 -42.04 -12.74
N GLU C 3140 68.61 -41.02 -11.91
CA GLU C 3140 69.23 -39.70 -12.08
C GLU C 3140 70.73 -39.84 -12.29
N PHE C 3141 71.38 -40.56 -11.37
CA PHE C 3141 72.81 -40.81 -11.49
C PHE C 3141 73.17 -41.53 -12.79
N ILE C 3142 72.38 -42.56 -13.15
CA ILE C 3142 72.63 -43.28 -14.41
C ILE C 3142 72.77 -42.29 -15.55
N SER C 3143 71.76 -41.43 -15.72
CA SER C 3143 71.71 -40.58 -16.90
C SER C 3143 72.84 -39.56 -16.90
N PHE C 3144 73.05 -38.85 -15.78
CA PHE C 3144 74.12 -37.85 -15.92
C PHE C 3144 75.51 -38.47 -15.92
N ILE C 3145 75.65 -39.74 -15.52
CA ILE C 3145 76.92 -40.44 -15.75
C ILE C 3145 77.12 -40.65 -17.26
N SER C 3146 76.10 -41.20 -17.94
CA SER C 3146 76.20 -41.46 -19.37
C SER C 3146 76.42 -40.19 -20.19
N LYS C 3147 75.88 -39.06 -19.73
CA LYS C 3147 76.06 -37.82 -20.48
C LYS C 3147 77.40 -37.14 -20.18
N GLN C 3148 77.72 -36.98 -18.88
CA GLN C 3148 78.93 -36.22 -18.53
C GLN C 3148 80.21 -36.96 -18.90
N GLY C 3149 80.15 -38.29 -19.06
CA GLY C 3149 81.34 -39.00 -19.55
C GLY C 3149 81.71 -38.61 -20.97
N ASN C 3150 80.71 -38.38 -21.84
CA ASN C 3150 80.93 -38.04 -23.25
C ASN C 3150 80.80 -36.55 -23.54
N LEU C 3151 80.64 -35.72 -22.52
CA LEU C 3151 80.70 -34.29 -22.72
C LEU C 3151 81.95 -33.78 -22.02
N SER C 3152 82.55 -32.71 -22.54
CA SER C 3152 82.10 -32.11 -23.81
C SER C 3152 82.90 -32.58 -25.04
N SER C 3153 84.24 -32.60 -25.11
CA SER C 3153 85.31 -31.97 -24.28
C SER C 3153 85.38 -32.41 -22.80
N GLN C 3154 85.79 -31.50 -21.92
CA GLN C 3154 86.03 -31.77 -20.51
C GLN C 3154 85.05 -30.97 -19.65
N VAL C 3155 83.78 -30.95 -20.03
CA VAL C 3155 82.79 -30.13 -19.34
C VAL C 3155 82.11 -30.73 -18.10
N PRO C 3156 82.08 -32.04 -17.85
CA PRO C 3156 81.58 -32.48 -16.54
C PRO C 3156 82.43 -31.93 -15.43
N LEU C 3157 83.66 -31.55 -15.75
CA LEU C 3157 84.50 -30.75 -14.88
C LEU C 3157 83.87 -29.40 -14.56
N LYS C 3158 82.88 -28.97 -15.34
CA LYS C 3158 82.27 -27.67 -15.16
C LYS C 3158 80.84 -27.72 -14.65
N ARG C 3159 80.10 -28.80 -14.93
CA ARG C 3159 78.68 -28.85 -14.56
C ARG C 3159 78.38 -29.78 -13.41
N LEU C 3160 77.23 -30.43 -13.54
CA LEU C 3160 76.76 -31.46 -12.65
C LEU C 3160 76.34 -30.84 -11.34
N LEU C 3161 76.63 -29.54 -11.20
CA LEU C 3161 76.37 -28.83 -9.95
C LEU C 3161 74.92 -28.94 -9.52
N ASN C 3162 74.00 -29.12 -10.48
CA ASN C 3162 72.59 -29.31 -10.15
C ASN C 3162 72.39 -30.53 -9.27
N THR C 3163 73.04 -31.63 -9.63
CA THR C 3163 72.70 -32.92 -9.05
C THR C 3163 73.16 -33.05 -7.60
N TRP C 3164 74.24 -32.38 -7.19
CA TRP C 3164 74.48 -32.26 -5.75
C TRP C 3164 73.46 -31.33 -5.11
N THR C 3165 73.14 -30.23 -5.80
CA THR C 3165 72.26 -29.15 -5.33
C THR C 3165 70.80 -29.54 -5.28
N ASN C 3166 70.42 -30.70 -5.85
CA ASN C 3166 69.16 -31.34 -5.53
C ASN C 3166 69.32 -32.45 -4.49
N ARG C 3167 70.51 -33.07 -4.45
CA ARG C 3167 70.83 -34.13 -3.51
C ARG C 3167 71.05 -33.58 -2.12
N TYR C 3168 71.45 -32.33 -2.05
CA TYR C 3168 71.83 -31.61 -0.85
C TYR C 3168 70.56 -31.25 -0.09
N PRO C 3169 69.55 -30.53 -0.73
CA PRO C 3169 68.39 -30.07 0.05
C PRO C 3169 67.30 -31.13 0.12
N ASP C 3170 67.72 -32.41 0.11
CA ASP C 3170 66.81 -33.50 0.44
C ASP C 3170 66.66 -33.53 1.95
N ALA C 3171 65.43 -33.40 2.41
CA ALA C 3171 65.18 -33.24 3.83
C ALA C 3171 64.66 -34.54 4.41
N LYS C 3172 64.84 -34.64 5.72
CA LYS C 3172 64.34 -35.73 6.53
C LYS C 3172 63.29 -35.12 7.43
N ASP C 3174 61.89 -37.35 9.87
CA ASP C 3174 62.11 -38.14 11.07
C ASP C 3174 62.76 -39.50 10.79
N PRO C 3175 62.32 -40.26 9.78
CA PRO C 3175 62.98 -41.54 9.50
C PRO C 3175 64.47 -41.39 9.23
N ASN C 3177 66.71 -44.28 8.80
CA ASN C 3177 67.13 -45.22 7.76
C ASN C 3177 67.37 -44.42 6.49
N ILE C 3178 66.64 -43.30 6.33
CA ILE C 3178 66.79 -42.37 5.22
C ILE C 3178 68.21 -41.86 5.18
N TRP C 3179 68.61 -41.07 6.18
CA TRP C 3179 69.95 -40.50 6.17
C TRP C 3179 70.99 -41.62 6.09
N ASP C 3180 70.59 -42.88 6.19
CA ASP C 3180 71.55 -43.88 5.72
C ASP C 3180 71.42 -44.22 4.24
N ASP C 3181 70.22 -44.44 3.75
CA ASP C 3181 70.09 -44.93 2.38
C ASP C 3181 70.37 -43.83 1.37
N ILE C 3182 70.16 -42.57 1.76
CA ILE C 3182 70.67 -41.46 0.97
C ILE C 3182 72.19 -41.54 0.87
N ILE C 3183 72.86 -41.93 1.97
CA ILE C 3183 74.31 -42.13 1.92
C ILE C 3183 74.66 -43.32 1.03
N THR C 3184 73.86 -44.38 1.08
CA THR C 3184 74.05 -45.54 0.19
C THR C 3184 74.09 -45.07 -1.26
N ASN C 3185 73.15 -44.22 -1.64
CA ASN C 3185 73.11 -43.77 -3.03
C ASN C 3185 74.25 -42.80 -3.31
N ARG C 3186 74.28 -41.68 -2.57
CA ARG C 3186 75.26 -40.61 -2.77
C ARG C 3186 76.70 -41.09 -2.79
N CYS C 3187 77.03 -42.10 -1.99
CA CYS C 3187 78.40 -42.57 -1.91
C CYS C 3187 78.83 -43.31 -3.17
N PHE C 3188 78.12 -44.39 -3.50
CA PHE C 3188 78.37 -45.10 -4.75
C PHE C 3188 78.37 -44.11 -5.90
N PHE C 3189 77.56 -43.06 -5.77
CA PHE C 3189 77.60 -41.96 -6.71
C PHE C 3189 78.94 -41.23 -6.66
N LEU C 3190 79.51 -41.05 -5.46
CA LEU C 3190 80.78 -40.35 -5.37
C LEU C 3190 81.88 -41.12 -6.11
N SER C 3191 82.02 -42.41 -5.83
CA SER C 3191 83.11 -43.17 -6.44
C SER C 3191 82.91 -43.31 -7.94
N LYS C 3192 81.67 -43.56 -8.37
CA LYS C 3192 81.42 -43.73 -9.80
C LYS C 3192 81.58 -42.42 -10.56
N ILE C 3193 81.16 -41.30 -9.96
CA ILE C 3193 81.40 -40.00 -10.59
C ILE C 3193 82.89 -39.78 -10.75
N GLU C 3194 83.68 -40.14 -9.73
CA GLU C 3194 85.13 -40.07 -9.90
C GLU C 3194 85.63 -40.97 -11.02
N GLU C 3195 84.98 -42.11 -11.25
CA GLU C 3195 85.46 -43.00 -12.31
C GLU C 3195 84.96 -42.64 -13.71
N LYS C 3196 83.92 -41.81 -13.85
CA LYS C 3196 83.36 -41.47 -15.15
C LYS C 3196 83.62 -40.03 -15.58
N LEU C 3197 83.89 -39.12 -14.65
CA LEU C 3197 84.28 -37.77 -15.00
C LEU C 3197 85.76 -37.65 -15.38
N THR C 3198 86.60 -38.58 -14.93
CA THR C 3198 88.02 -38.61 -15.31
C THR C 3198 88.19 -38.94 -16.80
N PRO C 3199 87.35 -39.79 -17.42
CA PRO C 3199 87.47 -39.85 -18.89
C PRO C 3199 86.96 -38.58 -19.57
N ILE C 3227 91.96 -29.05 -11.16
CA ILE C 3227 91.04 -30.02 -11.73
C ILE C 3227 90.48 -30.88 -10.59
N SER C 3228 91.42 -31.44 -9.84
CA SER C 3228 91.12 -32.30 -8.71
C SER C 3228 90.68 -31.51 -7.48
N SER C 3229 91.10 -30.25 -7.36
CA SER C 3229 90.70 -29.44 -6.21
C SER C 3229 89.19 -29.22 -6.19
N LEU C 3230 88.59 -29.10 -7.37
CA LEU C 3230 87.14 -29.06 -7.47
C LEU C 3230 86.54 -30.42 -7.13
N ILE C 3231 87.27 -31.51 -7.44
CA ILE C 3231 86.86 -32.86 -7.08
C ILE C 3231 86.75 -33.02 -5.56
N ARG C 3232 87.82 -32.68 -4.85
CA ARG C 3232 87.84 -32.84 -3.40
C ARG C 3232 86.96 -31.81 -2.69
N SER C 3233 86.99 -30.55 -3.15
CA SER C 3233 86.06 -29.55 -2.63
C SER C 3233 84.63 -30.05 -2.79
N CYS C 3234 84.41 -30.89 -3.80
CA CYS C 3234 83.12 -31.49 -4.02
C CYS C 3234 82.83 -32.64 -3.06
N LYS C 3235 83.82 -33.51 -2.77
CA LYS C 3235 83.57 -34.63 -1.87
C LYS C 3235 83.35 -34.18 -0.43
N PHE C 3236 84.19 -33.24 0.03
CA PHE C 3236 84.01 -32.60 1.33
C PHE C 3236 82.71 -31.82 1.37
N SER C 3237 82.44 -31.04 0.32
CA SER C 3237 81.21 -30.26 0.23
C SER C 3237 79.99 -31.16 0.39
N LYS C 3239 80.10 -34.04 1.83
CA LYS C 3239 80.13 -34.69 3.12
C LYS C 3239 79.50 -33.86 4.24
N LYS C 3241 76.66 -31.06 5.70
CA LYS C 3241 75.23 -31.26 5.99
C LYS C 3241 74.82 -32.68 6.39
N ILE C 3243 75.25 -34.91 8.00
CA ILE C 3243 75.87 -35.20 9.29
C ILE C 3243 75.05 -34.45 10.32
N ASP C 3244 74.88 -33.15 10.08
CA ASP C 3244 74.05 -32.34 10.95
C ASP C 3244 72.64 -32.89 10.94
N SER C 3245 72.19 -33.35 9.77
CA SER C 3245 70.81 -33.80 9.64
C SER C 3245 70.54 -34.97 10.58
N ALA C 3246 71.53 -35.85 10.75
CA ALA C 3246 71.37 -36.95 11.69
C ALA C 3246 71.21 -36.45 13.12
N ARG C 3247 71.86 -35.33 13.44
CA ARG C 3247 71.91 -34.85 14.82
C ARG C 3247 70.51 -34.66 15.40
N LYS C 3248 69.74 -33.76 14.79
CA LYS C 3248 68.52 -33.24 15.41
C LYS C 3248 67.54 -34.34 15.77
N GLN C 3249 67.37 -35.33 14.90
CA GLN C 3249 66.40 -36.40 15.14
C GLN C 3249 66.65 -37.10 16.46
N ASN C 3250 67.87 -37.03 16.97
CA ASN C 3250 68.23 -37.51 18.29
C ASN C 3250 68.25 -39.04 18.35
N ASN C 3251 68.94 -39.65 17.40
CA ASN C 3251 69.23 -41.07 17.48
C ASN C 3251 70.56 -41.35 18.19
N PHE C 3252 71.45 -40.35 18.25
CA PHE C 3252 72.67 -40.34 19.06
C PHE C 3252 73.83 -41.13 18.49
N SER C 3253 73.71 -42.46 18.53
CA SER C 3253 74.89 -43.28 18.38
C SER C 3253 75.27 -43.52 16.94
N LEU C 3254 74.30 -43.74 16.04
CA LEU C 3254 74.62 -43.60 14.62
C LEU C 3254 75.28 -42.27 14.35
N ALA C 3255 74.79 -41.21 14.99
CA ALA C 3255 75.43 -39.91 14.92
C ALA C 3255 76.74 -39.86 15.70
N LYS C 3257 79.04 -42.74 15.74
CA LYS C 3257 79.84 -43.37 14.69
C LYS C 3257 80.11 -42.41 13.55
N LEU C 3258 79.09 -41.64 13.20
CA LEU C 3258 79.27 -40.61 12.19
C LEU C 3258 80.22 -39.53 12.70
N LEU C 3259 80.04 -39.08 13.94
CA LEU C 3259 80.94 -38.05 14.46
C LEU C 3259 82.38 -38.57 14.49
N LYS C 3260 82.54 -39.89 14.59
CA LYS C 3260 83.86 -40.49 14.44
C LYS C 3260 84.35 -40.37 13.00
N GLU C 3261 83.47 -40.66 12.04
CA GLU C 3261 83.89 -40.61 10.64
C GLU C 3261 84.26 -39.19 10.20
N LEU C 3262 83.39 -38.21 10.49
CA LEU C 3262 83.65 -36.82 10.11
C LEU C 3262 84.80 -36.25 10.93
N HIS C 3263 84.76 -36.47 12.24
CA HIS C 3263 85.89 -36.16 13.11
C HIS C 3263 87.19 -36.59 12.42
N LYS C 3264 87.24 -37.85 12.00
CA LYS C 3264 88.42 -38.41 11.35
C LYS C 3264 88.76 -37.69 10.06
N GLU C 3265 87.80 -37.61 9.14
CA GLU C 3265 88.13 -37.43 7.73
C GLU C 3265 88.49 -36.00 7.39
N SER C 3266 87.84 -35.03 8.02
CA SER C 3266 87.76 -33.73 7.39
C SER C 3266 89.09 -32.96 7.47
N LYS C 3267 89.84 -33.12 8.56
CA LYS C 3267 91.28 -32.83 8.60
C LYS C 3267 91.64 -31.42 8.12
N THR C 3268 90.96 -30.42 8.67
CA THR C 3268 91.33 -29.01 8.50
C THR C 3268 90.84 -28.24 9.70
N ARG C 3269 91.04 -26.92 9.66
CA ARG C 3269 90.69 -26.08 10.79
C ARG C 3269 89.17 -25.89 10.89
N ASP C 3270 88.49 -25.73 9.76
CA ASP C 3270 87.03 -25.61 9.76
C ASP C 3270 86.38 -26.95 10.07
N ASP C 3271 87.03 -28.03 9.66
CA ASP C 3271 86.70 -29.41 10.00
C ASP C 3271 86.48 -29.59 11.49
N TRP C 3272 87.56 -29.40 12.23
CA TRP C 3272 87.57 -29.75 13.64
C TRP C 3272 86.38 -29.10 14.34
N LEU C 3273 86.17 -27.81 14.07
CA LEU C 3273 85.01 -27.11 14.63
C LEU C 3273 83.71 -27.74 14.17
N VAL C 3274 83.64 -28.19 12.92
CA VAL C 3274 82.42 -28.85 12.43
C VAL C 3274 82.10 -30.09 13.28
N SER C 3275 83.11 -30.93 13.57
CA SER C 3275 82.89 -32.10 14.42
C SER C 3275 82.54 -31.72 15.86
N TRP C 3276 83.18 -30.67 16.37
CA TRP C 3276 83.04 -30.37 17.78
C TRP C 3276 81.66 -29.80 18.09
N VAL C 3277 81.20 -28.85 17.27
CA VAL C 3277 79.85 -28.30 17.47
C VAL C 3277 78.82 -29.44 17.50
N GLN C 3278 79.01 -30.46 16.67
CA GLN C 3278 78.08 -31.59 16.65
C GLN C 3278 78.17 -32.37 17.95
N SER C 3279 79.40 -32.61 18.44
CA SER C 3279 79.55 -33.24 19.74
C SER C 3279 78.85 -32.44 20.83
N TYR C 3280 78.70 -31.13 20.64
CA TYR C 3280 78.08 -30.28 21.65
C TYR C 3280 76.57 -30.35 21.59
N CYS C 3281 75.99 -30.32 20.39
CA CYS C 3281 74.55 -30.52 20.31
C CYS C 3281 74.17 -31.90 20.83
N ARG C 3282 74.73 -32.96 20.22
CA ARG C 3282 74.48 -34.30 20.72
C ARG C 3282 74.80 -34.40 22.20
N LEU C 3283 75.72 -33.55 22.66
CA LEU C 3283 75.96 -33.42 24.09
C LEU C 3283 74.70 -32.95 24.80
N SER C 3284 74.06 -31.88 24.29
CA SER C 3284 72.80 -31.43 24.89
C SER C 3284 71.75 -32.52 24.87
N HIS C 3285 71.67 -33.22 23.75
CA HIS C 3285 70.70 -34.29 23.55
C HIS C 3285 70.94 -35.42 24.53
N CYS C 3286 72.18 -35.59 24.96
CA CYS C 3286 72.50 -36.55 26.00
C CYS C 3286 72.45 -35.91 27.40
N ARG C 3287 72.42 -34.57 27.48
CA ARG C 3287 72.20 -33.87 28.74
C ARG C 3287 70.76 -34.00 29.24
N SER C 3288 69.80 -34.21 28.34
CA SER C 3288 68.44 -34.52 28.82
C SER C 3288 68.43 -35.65 29.85
N ARG C 3289 69.28 -36.67 29.67
CA ARG C 3289 69.45 -37.76 30.62
C ARG C 3289 70.41 -37.36 31.74
N SER C 3290 70.41 -38.17 32.80
CA SER C 3290 71.18 -37.89 34.01
C SER C 3290 72.60 -38.44 33.90
N GLN C 3291 73.53 -37.76 34.59
CA GLN C 3291 74.96 -38.06 34.71
C GLN C 3291 75.84 -37.58 33.56
N GLY C 3292 75.26 -37.26 32.39
CA GLY C 3292 76.03 -36.66 31.31
C GLY C 3292 76.61 -35.29 31.64
N CYS C 3293 76.04 -34.64 32.66
CA CYS C 3293 76.61 -33.41 33.19
C CYS C 3293 78.05 -33.60 33.62
N SER C 3294 78.33 -34.72 34.28
CA SER C 3294 79.68 -35.07 34.70
C SER C 3294 80.52 -35.61 33.54
N GLU C 3295 79.97 -36.58 32.81
CA GLU C 3295 80.74 -37.27 31.79
C GLU C 3295 80.72 -36.41 30.54
N GLN C 3296 79.59 -36.45 29.83
CA GLN C 3296 79.57 -35.95 28.47
C GLN C 3296 79.84 -34.44 28.42
N VAL C 3297 79.34 -33.68 29.41
CA VAL C 3297 79.67 -32.26 29.46
C VAL C 3297 81.17 -32.05 29.61
N LEU C 3298 81.86 -33.03 30.20
CA LEU C 3298 83.31 -32.95 30.29
C LEU C 3298 83.98 -33.44 29.01
N THR C 3299 83.53 -34.58 28.48
CA THR C 3299 84.07 -35.10 27.24
C THR C 3299 84.09 -34.04 26.16
N VAL C 3300 83.11 -33.13 26.18
CA VAL C 3300 83.03 -32.11 25.13
C VAL C 3300 83.59 -30.77 25.61
N LEU C 3301 83.44 -30.44 26.90
CA LEU C 3301 84.02 -29.18 27.32
C LEU C 3301 85.53 -29.20 27.19
N LYS C 3302 86.13 -30.39 27.15
CA LYS C 3302 87.58 -30.51 27.17
C LYS C 3302 88.22 -29.62 26.11
N THR C 3303 87.94 -29.92 24.83
CA THR C 3303 88.55 -29.21 23.72
C THR C 3303 87.70 -28.04 23.21
N VAL C 3304 86.73 -27.57 24.00
CA VAL C 3304 85.82 -26.52 23.55
C VAL C 3304 86.52 -25.16 23.58
N SER C 3305 87.77 -25.15 24.02
CA SER C 3305 88.57 -23.93 24.05
C SER C 3305 90.06 -24.20 23.90
N LEU C 3306 90.48 -25.45 23.76
CA LEU C 3306 91.88 -25.84 23.64
C LEU C 3306 92.50 -25.43 22.31
N LEU C 3307 92.11 -26.13 21.24
CA LEU C 3307 92.56 -25.84 19.88
C LEU C 3307 91.75 -24.73 19.22
N ASP C 3308 90.80 -24.14 19.94
CA ASP C 3308 89.93 -23.12 19.37
C ASP C 3308 90.61 -21.77 19.29
N GLU C 3309 91.38 -21.41 20.32
CA GLU C 3309 92.13 -20.16 20.28
C GLU C 3309 93.09 -20.14 19.10
N ASN C 3310 93.53 -21.31 18.66
CA ASN C 3310 94.41 -21.48 17.52
C ASN C 3310 93.68 -21.79 16.22
N ASN C 3311 92.38 -22.03 16.27
CA ASN C 3311 91.66 -22.42 15.06
C ASN C 3311 91.28 -21.21 14.23
N VAL C 3312 90.00 -20.99 13.96
CA VAL C 3312 89.61 -19.83 13.16
C VAL C 3312 89.99 -18.58 13.96
N SER C 3313 91.28 -18.25 13.93
CA SER C 3313 91.79 -17.00 14.49
C SER C 3313 90.90 -15.88 14.00
N SER C 3314 89.86 -15.57 14.76
CA SER C 3314 88.76 -14.73 14.30
C SER C 3314 89.22 -13.37 13.79
N TYR C 3315 88.80 -12.91 12.60
CA TYR C 3315 87.84 -13.52 11.62
C TYR C 3315 86.41 -13.53 12.19
N LEU C 3316 85.46 -14.02 11.40
CA LEU C 3316 84.04 -13.99 11.73
C LEU C 3316 83.52 -15.41 11.92
N SER C 3317 82.24 -15.49 12.27
CA SER C 3317 81.57 -16.73 12.62
C SER C 3317 82.13 -17.19 13.95
N LYS C 3318 81.39 -16.89 15.00
CA LYS C 3318 81.85 -17.06 16.36
C LYS C 3318 80.65 -17.26 17.24
N ASN C 3319 79.69 -16.34 17.16
CA ASN C 3319 78.41 -16.47 17.82
C ASN C 3319 77.95 -17.92 17.71
N ILE C 3320 78.12 -18.50 16.52
CA ILE C 3320 77.68 -19.86 16.25
C ILE C 3320 78.35 -20.90 17.13
N LEU C 3321 79.59 -20.68 17.55
CA LEU C 3321 80.27 -21.65 18.39
C LEU C 3321 80.43 -21.20 19.85
N ALA C 3322 80.57 -19.89 20.06
CA ALA C 3322 80.64 -19.32 21.38
C ALA C 3322 79.30 -19.44 22.08
N PHE C 3323 78.19 -19.36 21.34
CA PHE C 3323 76.91 -19.63 21.97
C PHE C 3323 76.90 -21.07 22.48
N ARG C 3324 77.10 -22.06 21.61
CA ARG C 3324 77.12 -23.44 22.09
C ARG C 3324 78.09 -23.64 23.26
N ASP C 3325 79.17 -22.86 23.33
CA ASP C 3325 79.95 -22.81 24.56
C ASP C 3325 79.10 -22.31 25.73
N GLN C 3326 78.38 -21.20 25.54
CA GLN C 3326 77.54 -20.67 26.60
C GLN C 3326 76.49 -21.69 27.03
N ASN C 3327 76.12 -22.61 26.13
CA ASN C 3327 75.19 -23.68 26.47
C ASN C 3327 75.87 -24.73 27.36
N ILE C 3328 77.06 -25.19 26.96
CA ILE C 3328 77.78 -26.13 27.81
C ILE C 3328 78.08 -25.53 29.18
N LEU C 3329 77.99 -24.20 29.32
CA LEU C 3329 78.19 -23.59 30.62
C LEU C 3329 76.90 -23.44 31.43
N LEU C 3330 75.81 -23.00 30.79
CA LEU C 3330 74.53 -22.83 31.50
C LEU C 3330 73.98 -24.17 31.97
N GLY C 3331 74.10 -25.21 31.12
CA GLY C 3331 73.69 -26.56 31.45
C GLY C 3331 74.42 -27.13 32.65
N THR C 3332 75.20 -26.28 33.30
CA THR C 3332 75.89 -26.63 34.54
C THR C 3332 75.55 -25.65 35.65
N THR C 3333 75.83 -24.35 35.45
CA THR C 3333 75.54 -23.38 36.51
C THR C 3333 74.09 -23.48 36.99
N TYR C 3334 73.15 -23.66 36.06
CA TYR C 3334 71.76 -23.71 36.50
C TYR C 3334 71.38 -25.09 37.01
N ARG C 3335 72.10 -26.13 36.59
CA ARG C 3335 71.81 -27.50 36.96
C ARG C 3335 72.63 -27.98 38.16
N ILE C 3336 73.95 -27.81 38.11
CA ILE C 3336 74.80 -28.29 39.18
C ILE C 3336 74.50 -27.46 40.42
N ILE C 3337 73.80 -28.06 41.38
CA ILE C 3337 73.43 -27.32 42.59
C ILE C 3337 74.58 -27.40 43.59
N ALA C 3338 74.87 -28.60 44.08
CA ALA C 3338 75.98 -28.83 45.00
C ALA C 3338 76.05 -30.33 45.33
N ASN C 3339 77.22 -30.74 45.81
CA ASN C 3339 77.41 -32.05 46.42
C ASN C 3339 77.23 -33.17 45.41
N ALA C 3340 77.40 -34.41 45.84
CA ALA C 3340 77.31 -35.58 44.99
C ALA C 3340 78.04 -35.38 43.66
N LEU C 3341 77.49 -34.53 42.77
CA LEU C 3341 78.01 -34.41 41.41
C LEU C 3341 79.51 -34.17 41.35
N SER C 3342 80.13 -33.76 42.45
CA SER C 3342 81.57 -33.72 42.55
C SER C 3342 82.17 -35.05 42.97
N SER C 3343 81.34 -36.10 43.15
CA SER C 3343 81.80 -37.36 43.73
C SER C 3343 83.06 -37.89 43.06
N GLU C 3344 83.29 -37.55 41.80
CA GLU C 3344 84.50 -37.97 41.10
C GLU C 3344 85.41 -36.76 40.95
N PRO C 3345 85.96 -36.22 42.03
CA PRO C 3345 86.67 -34.95 41.95
C PRO C 3345 87.98 -35.07 41.20
N ALA C 3346 89.08 -34.60 41.81
CA ALA C 3346 90.41 -34.69 41.23
C ALA C 3346 90.53 -33.92 39.93
N CYS C 3347 89.51 -34.01 39.06
CA CYS C 3347 89.54 -33.35 37.77
C CYS C 3347 88.28 -32.51 37.65
N LEU C 3348 87.19 -32.99 38.24
CA LEU C 3348 85.90 -32.34 38.07
C LEU C 3348 85.88 -31.01 38.80
N ALA C 3349 85.88 -31.05 40.13
CA ALA C 3349 85.73 -29.83 40.93
C ALA C 3349 86.78 -28.78 40.59
N GLU C 3350 88.01 -29.19 40.27
CA GLU C 3350 89.05 -28.24 39.90
C GLU C 3350 88.62 -27.38 38.70
N ILE C 3351 87.88 -27.97 37.76
CA ILE C 3351 87.51 -27.27 36.53
C ILE C 3351 86.67 -26.02 36.80
N GLU C 3352 85.66 -26.12 37.69
CA GLU C 3352 84.85 -24.94 37.98
C GLU C 3352 85.73 -23.79 38.44
N GLU C 3353 86.75 -24.11 39.23
CA GLU C 3353 87.69 -23.09 39.67
C GLU C 3353 88.48 -22.53 38.49
N ASP C 3354 88.86 -23.39 37.53
CA ASP C 3354 89.68 -22.90 36.42
C ASP C 3354 88.89 -21.93 35.53
N LYS C 3355 87.76 -22.39 34.97
CA LYS C 3355 86.94 -21.52 34.15
C LYS C 3355 86.57 -20.27 34.93
N ALA C 3356 86.23 -20.45 36.21
CA ALA C 3356 85.90 -19.32 37.08
C ALA C 3356 87.08 -18.36 37.21
N ARG C 3357 88.30 -18.88 37.31
CA ARG C 3357 89.49 -18.04 37.44
C ARG C 3357 89.64 -17.13 36.25
N ARG C 3358 89.91 -17.71 35.06
CA ARG C 3358 90.25 -16.80 33.96
C ARG C 3358 89.03 -16.02 33.48
N ILE C 3359 87.84 -16.60 33.56
CA ILE C 3359 86.67 -15.89 33.09
C ILE C 3359 85.95 -15.19 34.24
N VAL C 3373 90.15 -27.83 48.82
CA VAL C 3373 89.78 -26.79 47.87
C VAL C 3373 88.29 -26.88 47.52
N ILE C 3374 87.45 -26.88 48.54
CA ILE C 3374 86.02 -26.95 48.36
C ILE C 3374 85.31 -25.64 48.70
N ALA C 3375 85.90 -24.80 49.56
CA ALA C 3375 85.22 -23.58 49.97
C ALA C 3375 85.23 -22.53 48.86
N GLY C 3376 86.27 -22.50 48.03
CA GLY C 3376 86.23 -21.66 46.84
C GLY C 3376 85.15 -22.02 45.83
N LEU C 3377 84.47 -23.15 46.00
CA LEU C 3377 83.32 -23.52 45.17
C LEU C 3377 82.04 -23.71 45.96
N TYR C 3378 82.05 -24.53 47.02
CA TYR C 3378 80.85 -24.74 47.82
C TYR C 3378 80.32 -23.42 48.37
N GLN C 3379 81.23 -22.51 48.73
CA GLN C 3379 80.84 -21.19 49.21
C GLN C 3379 80.83 -20.13 48.11
N ARG C 3380 81.42 -20.41 46.94
CA ARG C 3380 81.58 -19.36 45.93
C ARG C 3380 81.24 -19.78 44.50
N ALA C 3381 81.15 -21.08 44.16
CA ALA C 3381 80.96 -21.46 42.76
C ALA C 3381 79.66 -20.91 42.17
N PHE C 3382 78.74 -20.47 43.02
CA PHE C 3382 77.51 -19.86 42.52
C PHE C 3382 77.76 -18.44 41.98
N GLN C 3383 78.68 -17.70 42.61
CA GLN C 3383 79.13 -16.40 42.11
C GLN C 3383 80.26 -16.52 41.08
N HIS C 3384 80.73 -17.74 40.82
CA HIS C 3384 81.74 -18.00 39.80
C HIS C 3384 81.14 -18.53 38.50
N LEU C 3385 80.36 -19.61 38.61
CA LEU C 3385 79.72 -20.20 37.44
C LEU C 3385 78.76 -19.22 36.78
N SER C 3386 77.87 -18.61 37.57
CA SER C 3386 76.91 -17.62 37.05
C SER C 3386 77.57 -16.43 36.38
N GLU C 3387 78.87 -16.22 36.60
CA GLU C 3387 79.62 -15.19 35.90
C GLU C 3387 80.31 -15.74 34.66
N ALA C 3388 80.84 -16.97 34.75
CA ALA C 3388 81.46 -17.61 33.59
C ALA C 3388 80.46 -17.74 32.45
N VAL C 3389 79.28 -18.25 32.76
CA VAL C 3389 78.21 -18.24 31.77
C VAL C 3389 78.01 -16.83 31.19
N GLN C 3390 78.00 -15.82 32.05
CA GLN C 3390 77.69 -14.47 31.58
C GLN C 3390 78.75 -13.91 30.62
N ALA C 3391 80.02 -14.32 30.75
CA ALA C 3391 81.01 -13.83 29.79
C ALA C 3391 81.20 -14.73 28.58
N ALA C 3392 80.86 -16.02 28.69
CA ALA C 3392 80.82 -16.86 27.51
C ALA C 3392 79.56 -16.57 26.70
N GLU C 3393 78.54 -16.03 27.38
CA GLU C 3393 77.35 -15.49 26.75
C GLU C 3393 77.59 -14.08 26.24
N GLU C 3394 78.39 -13.30 26.99
CA GLU C 3394 78.74 -11.95 26.57
C GLU C 3394 79.57 -11.97 25.29
N GLU C 3395 80.46 -12.95 25.15
CA GLU C 3395 81.12 -13.15 23.87
C GLU C 3395 80.22 -13.88 22.87
N ALA C 3396 78.90 -13.85 23.09
CA ALA C 3396 77.96 -14.30 22.09
C ALA C 3396 77.04 -13.20 21.58
N GLN C 3397 76.45 -12.36 22.46
CA GLN C 3397 75.38 -11.59 21.81
C GLN C 3397 75.86 -10.32 21.06
N PRO C 3398 76.56 -9.36 21.66
CA PRO C 3398 77.06 -8.25 20.85
C PRO C 3398 78.05 -8.68 19.79
N PRO C 3399 78.78 -9.81 19.93
CA PRO C 3399 79.50 -10.30 18.75
C PRO C 3399 78.59 -10.64 17.59
N SER C 3400 77.39 -11.18 17.85
CA SER C 3400 76.40 -11.30 16.79
C SER C 3400 76.05 -9.93 16.22
N TRP C 3401 75.97 -8.91 17.07
CA TRP C 3401 75.65 -7.59 16.54
C TRP C 3401 76.80 -6.95 15.77
N SER C 3402 78.03 -7.36 16.02
CA SER C 3402 79.18 -6.86 15.28
C SER C 3402 79.43 -7.69 14.03
N CYS C 3403 78.93 -8.93 14.03
CA CYS C 3403 79.05 -9.85 12.92
C CYS C 3403 78.39 -9.26 11.69
N GLY C 3404 77.07 -9.45 11.55
CA GLY C 3404 76.34 -8.85 10.47
C GLY C 3404 75.80 -9.83 9.43
N PRO C 3405 76.57 -10.89 9.09
CA PRO C 3405 76.01 -11.93 8.22
C PRO C 3405 75.37 -13.15 8.88
N ALA C 3406 74.11 -13.41 8.51
CA ALA C 3406 73.42 -14.69 8.81
C ALA C 3406 73.45 -14.96 10.32
N ALA C 3407 73.63 -16.22 10.74
CA ALA C 3407 73.75 -16.63 12.14
C ALA C 3407 72.49 -16.41 12.96
N GLY C 3408 71.47 -17.25 12.76
CA GLY C 3408 70.13 -17.03 13.28
C GLY C 3408 70.09 -16.42 14.66
N VAL C 3409 69.62 -15.18 14.74
CA VAL C 3409 69.65 -14.41 15.98
C VAL C 3409 68.83 -15.08 17.07
N ILE C 3410 67.72 -15.73 16.69
CA ILE C 3410 66.94 -16.49 17.66
C ILE C 3410 67.82 -17.55 18.33
N ASP C 3411 68.60 -18.28 17.50
CA ASP C 3411 69.38 -19.44 17.96
C ASP C 3411 70.20 -19.14 19.21
N ALA C 3412 70.75 -17.92 19.29
CA ALA C 3412 71.58 -17.50 20.41
C ALA C 3412 70.82 -16.65 21.42
N TYR C 3413 69.96 -15.75 20.93
CA TYR C 3413 69.25 -14.84 21.81
C TYR C 3413 68.37 -15.58 22.81
N THR C 3415 68.11 -18.56 24.18
CA THR C 3415 68.72 -19.28 25.28
C THR C 3415 69.24 -18.30 26.33
N LEU C 3416 69.77 -17.15 25.89
CA LEU C 3416 70.24 -16.11 26.80
C LEU C 3416 69.10 -15.54 27.63
N ALA C 3417 67.96 -15.32 27.00
CA ALA C 3417 66.82 -14.77 27.73
C ALA C 3417 66.21 -15.80 28.67
N ASP C 3418 66.15 -17.07 28.23
CA ASP C 3418 65.80 -18.14 29.14
C ASP C 3418 66.72 -18.13 30.35
N PHE C 3419 68.01 -17.89 30.13
CA PHE C 3419 68.96 -17.89 31.22
C PHE C 3419 68.67 -16.78 32.23
N CYS C 3420 68.39 -15.57 31.74
CA CYS C 3420 68.11 -14.48 32.66
C CYS C 3420 66.77 -14.67 33.37
N ASP C 3421 65.78 -15.23 32.66
CA ASP C 3421 64.44 -15.36 33.25
C ASP C 3421 64.42 -16.41 34.36
N GLN C 3422 64.98 -17.60 34.09
CA GLN C 3422 65.10 -18.58 35.16
C GLN C 3422 66.04 -18.06 36.24
N GLN C 3423 66.99 -17.20 35.84
CA GLN C 3423 67.80 -16.47 36.81
C GLN C 3423 66.92 -15.69 37.78
N LEU C 3424 65.91 -14.97 37.26
CA LEU C 3424 65.15 -14.14 38.19
C LEU C 3424 64.16 -14.95 39.01
N ARG C 3425 63.43 -15.92 38.42
CA ARG C 3425 62.57 -16.72 39.29
C ARG C 3425 63.39 -17.42 40.37
N LYS C 3426 64.50 -18.04 39.96
CA LYS C 3426 65.39 -18.69 40.90
C LYS C 3426 65.88 -17.69 41.95
N GLU C 3427 65.92 -16.41 41.62
CA GLU C 3427 66.28 -15.38 42.59
C GLU C 3427 65.09 -14.83 43.37
N GLU C 3428 63.87 -15.01 42.89
CA GLU C 3428 62.65 -14.68 43.59
C GLU C 3428 62.29 -15.76 44.61
N GLU C 3429 62.98 -16.91 44.52
CA GLU C 3429 62.85 -17.95 45.54
C GLU C 3429 63.62 -17.62 46.82
N ASN C 3430 64.83 -17.05 46.69
CA ASN C 3430 65.65 -16.68 47.85
C ASN C 3430 66.30 -15.32 47.62
N ALA C 3431 66.44 -14.53 48.69
CA ALA C 3431 66.96 -13.16 48.60
C ALA C 3431 68.28 -13.03 49.35
N SER C 3432 69.26 -12.41 48.69
CA SER C 3432 70.58 -12.20 49.27
C SER C 3432 71.18 -10.92 48.67
N VAL C 3433 72.42 -10.62 49.08
CA VAL C 3433 73.10 -9.38 48.65
C VAL C 3433 73.82 -9.55 47.31
N ILE C 3434 74.65 -10.61 47.16
CA ILE C 3434 75.22 -10.88 45.85
C ILE C 3434 74.16 -11.44 44.93
N ASP C 3435 73.10 -12.03 45.49
CA ASP C 3435 72.00 -12.55 44.70
C ASP C 3435 71.10 -11.44 44.18
N SER C 3436 70.85 -10.40 44.98
CA SER C 3436 70.10 -9.26 44.49
C SER C 3436 70.96 -8.28 43.71
N ALA C 3437 72.27 -8.24 43.96
CA ALA C 3437 73.14 -7.32 43.23
C ALA C 3437 73.46 -7.86 41.84
N GLU C 3438 73.86 -9.14 41.75
CA GLU C 3438 73.96 -9.76 40.45
C GLU C 3438 72.58 -9.88 39.81
N LEU C 3439 71.57 -10.28 40.60
CA LEU C 3439 70.22 -10.42 40.06
C LEU C 3439 69.71 -9.14 39.41
N GLN C 3440 69.99 -7.99 40.01
CA GLN C 3440 69.61 -6.73 39.40
C GLN C 3440 70.67 -6.19 38.45
N ALA C 3441 71.79 -6.91 38.28
CA ALA C 3441 72.66 -6.67 37.14
C ALA C 3441 72.14 -7.38 35.89
N TYR C 3442 71.65 -8.63 36.03
CA TYR C 3442 71.31 -9.50 34.91
C TYR C 3442 69.98 -9.23 34.20
N PRO C 3443 68.97 -8.54 34.81
CA PRO C 3443 67.61 -8.66 34.25
C PRO C 3443 67.29 -7.68 33.12
N ALA C 3444 67.66 -6.41 33.26
CA ALA C 3444 67.31 -5.39 32.28
C ALA C 3444 68.02 -5.53 31.02
N LEU C 3445 68.64 -6.70 30.81
CA LEU C 3445 69.57 -6.91 29.70
C LEU C 3445 68.93 -7.59 28.50
N VAL C 3446 68.36 -8.78 28.68
CA VAL C 3446 67.87 -9.55 27.54
C VAL C 3446 66.60 -8.93 26.96
N VAL C 3447 66.13 -7.85 27.57
CA VAL C 3447 64.79 -7.34 27.28
C VAL C 3447 64.68 -6.73 25.90
N GLU C 3448 65.80 -6.56 25.19
CA GLU C 3448 65.82 -6.05 23.82
C GLU C 3448 65.89 -7.14 22.77
N LYS C 3449 66.70 -8.15 23.02
CA LYS C 3449 67.03 -9.16 22.04
C LYS C 3449 65.82 -9.99 21.62
N LEU C 3451 62.88 -8.82 21.44
CA LEU C 3451 62.20 -7.95 20.49
C LEU C 3451 62.84 -8.04 19.11
N LYS C 3452 64.18 -8.06 19.08
CA LYS C 3452 64.93 -8.19 17.85
C LYS C 3452 64.48 -9.43 17.10
N ALA C 3453 64.80 -10.60 17.66
CA ALA C 3453 64.57 -11.89 17.02
C ALA C 3453 63.11 -12.33 17.07
N LEU C 3454 62.17 -11.41 16.83
CA LEU C 3454 60.75 -11.72 16.99
C LEU C 3454 60.11 -12.35 15.76
N LYS C 3455 60.87 -12.62 14.72
CA LYS C 3455 60.31 -13.46 13.67
C LYS C 3455 60.02 -14.93 14.15
N LEU C 3456 60.07 -15.23 15.46
CA LEU C 3456 59.87 -16.58 15.99
C LEU C 3456 58.45 -17.10 15.85
N ASN C 3457 58.09 -17.91 16.86
CA ASN C 3457 56.74 -18.37 17.10
C ASN C 3457 55.91 -17.34 17.83
N SER C 3458 56.55 -16.41 18.53
CA SER C 3458 56.00 -15.13 18.97
C SER C 3458 55.13 -15.25 20.22
N ASN C 3459 54.76 -16.47 20.64
CA ASN C 3459 53.98 -16.62 21.85
C ASN C 3459 54.85 -16.46 23.10
N GLU C 3460 56.02 -17.09 23.12
CA GLU C 3460 56.94 -16.88 24.23
C GLU C 3460 57.25 -15.40 24.42
N ALA C 3461 57.24 -14.63 23.32
CA ALA C 3461 57.35 -13.18 23.41
C ALA C 3461 56.16 -12.56 24.15
N ARG C 3462 54.94 -12.83 23.67
CA ARG C 3462 53.75 -12.32 24.35
C ARG C 3462 53.81 -12.59 25.84
N LEU C 3463 54.37 -13.76 26.21
CA LEU C 3463 54.63 -14.04 27.62
C LEU C 3463 55.74 -13.16 28.16
N LYS C 3464 56.65 -12.72 27.30
CA LYS C 3464 57.80 -11.96 27.79
C LYS C 3464 57.38 -10.60 28.28
N PHE C 3465 56.62 -9.85 27.48
CA PHE C 3465 56.40 -8.44 27.83
C PHE C 3465 55.84 -8.21 29.24
N PRO C 3466 54.65 -8.72 29.58
CA PRO C 3466 54.14 -8.47 30.95
C PRO C 3466 55.10 -8.95 32.02
N ARG C 3467 55.74 -10.11 31.82
CA ARG C 3467 56.80 -10.56 32.69
C ARG C 3467 57.81 -9.46 32.94
N LEU C 3468 58.39 -8.93 31.86
CA LEU C 3468 59.41 -7.89 31.96
C LEU C 3468 58.90 -6.71 32.78
N LEU C 3469 57.69 -6.22 32.49
CA LEU C 3469 57.22 -5.01 33.14
C LEU C 3469 56.94 -5.23 34.62
N GLN C 3470 56.02 -6.14 34.93
CA GLN C 3470 55.57 -6.34 36.31
C GLN C 3470 56.70 -6.90 37.17
N ILE C 3471 57.69 -7.49 36.53
CA ILE C 3471 58.70 -8.32 37.19
C ILE C 3471 59.61 -7.47 38.07
N ILE C 3472 60.09 -6.32 37.58
CA ILE C 3472 60.90 -5.36 38.34
C ILE C 3472 60.44 -3.97 37.89
N GLU C 3473 61.38 -3.03 37.81
CA GLU C 3473 61.12 -1.69 37.29
C GLU C 3473 60.69 -1.72 35.83
N ARG C 3474 59.43 -1.42 35.53
CA ARG C 3474 59.05 -1.27 34.14
C ARG C 3474 59.82 -0.07 33.59
N TYR C 3475 60.78 -0.31 32.70
CA TYR C 3475 61.71 0.73 32.29
C TYR C 3475 60.94 1.97 31.85
N PRO C 3476 61.42 3.17 32.18
CA PRO C 3476 60.60 4.36 31.98
C PRO C 3476 60.82 5.04 30.64
N GLU C 3477 61.83 4.61 29.89
CA GLU C 3477 62.11 5.13 28.56
C GLU C 3477 62.63 3.99 27.69
N GLU C 3478 63.41 3.10 28.32
CA GLU C 3478 63.98 1.97 27.58
C GLU C 3478 62.87 1.15 26.92
N THR C 3479 61.93 0.66 27.73
CA THR C 3479 60.83 -0.14 27.20
C THR C 3479 59.91 0.69 26.31
N LEU C 3480 59.61 1.93 26.71
CA LEU C 3480 58.72 2.75 25.91
C LEU C 3480 59.31 3.06 24.54
N SER C 3481 60.64 3.17 24.46
CA SER C 3481 61.34 3.62 23.26
C SER C 3481 61.59 2.48 22.29
N LEU C 3482 62.29 1.41 22.72
CA LEU C 3482 62.53 0.38 21.71
C LEU C 3482 61.29 -0.47 21.52
N THR C 3484 58.51 0.49 21.15
CA THR C 3484 57.67 1.00 20.07
C THR C 3484 58.15 0.47 18.72
N LYS C 3485 59.46 0.53 18.49
CA LYS C 3485 60.03 0.03 17.25
C LYS C 3485 59.75 -1.45 17.05
N GLU C 3486 59.38 -2.17 18.11
CA GLU C 3486 59.08 -3.61 17.97
C GLU C 3486 58.04 -3.96 16.88
N ILE C 3487 56.74 -3.76 17.16
CA ILE C 3487 55.67 -4.36 16.37
C ILE C 3487 55.69 -3.90 14.91
N SER C 3488 56.34 -2.77 14.63
CA SER C 3488 56.63 -2.42 13.24
C SER C 3488 57.87 -3.15 12.74
N SER C 3489 58.90 -3.26 13.59
CA SER C 3489 60.14 -3.97 13.24
C SER C 3489 59.90 -5.46 13.03
N VAL C 3490 58.88 -6.01 13.66
CA VAL C 3490 58.59 -7.44 13.64
C VAL C 3490 57.34 -7.61 12.78
N PRO C 3491 56.93 -8.84 12.42
CA PRO C 3491 55.66 -9.00 11.72
C PRO C 3491 54.57 -8.18 12.42
N CYS C 3492 53.86 -7.37 11.64
CA CYS C 3492 52.80 -6.56 12.21
C CYS C 3492 51.84 -7.39 13.05
N TRP C 3493 51.57 -8.64 12.64
CA TRP C 3493 50.77 -9.54 13.45
C TRP C 3493 51.46 -9.99 14.72
N GLN C 3494 52.71 -9.59 14.99
CA GLN C 3494 53.17 -9.85 16.35
C GLN C 3494 52.40 -8.98 17.35
N PHE C 3495 51.86 -7.83 16.93
CA PHE C 3495 50.98 -7.07 17.81
C PHE C 3495 49.85 -7.90 18.43
N ILE C 3496 49.33 -8.90 17.72
CA ILE C 3496 48.07 -9.52 18.13
C ILE C 3496 48.26 -10.60 19.18
N SER C 3497 49.25 -11.46 18.99
CA SER C 3497 49.23 -12.81 19.52
C SER C 3497 48.75 -12.89 20.95
N TRP C 3498 48.84 -11.80 21.69
CA TRP C 3498 48.46 -11.73 23.10
C TRP C 3498 47.15 -10.93 23.26
N ILE C 3499 46.06 -11.47 22.74
CA ILE C 3499 44.78 -10.74 22.77
C ILE C 3499 44.37 -10.16 24.13
N SER C 3500 43.84 -11.01 25.02
CA SER C 3500 43.32 -10.50 26.30
C SER C 3500 44.45 -9.92 27.16
N HIS C 3501 45.67 -10.44 26.99
CA HIS C 3501 46.84 -9.83 27.63
C HIS C 3501 46.97 -8.36 27.26
N VAL C 3503 44.96 -6.18 25.76
CA VAL C 3503 43.86 -5.29 26.12
C VAL C 3503 43.87 -5.02 27.62
N ALA C 3504 43.87 -6.08 28.43
CA ALA C 3504 43.97 -5.92 29.87
C ALA C 3504 45.13 -5.01 30.24
N LEU C 3505 46.23 -5.14 29.50
CA LEU C 3505 47.41 -4.31 29.74
C LEU C 3505 47.10 -2.84 29.45
N LEU C 3506 46.57 -2.56 28.25
CA LEU C 3506 46.12 -1.23 27.84
C LEU C 3506 45.38 -0.59 28.99
N ASP C 3507 44.53 -1.36 29.66
CA ASP C 3507 43.70 -0.75 30.69
C ASP C 3507 44.55 -0.48 31.93
N LYS C 3508 44.90 -1.54 32.65
CA LYS C 3508 45.55 -1.38 33.94
C LYS C 3508 46.91 -2.07 34.01
N ASP C 3509 47.03 -3.29 33.50
CA ASP C 3509 48.23 -4.10 33.66
C ASP C 3509 49.48 -3.51 33.01
N GLN C 3510 49.34 -2.49 32.17
CA GLN C 3510 50.53 -1.89 31.55
C GLN C 3510 50.92 -0.56 32.18
N ALA C 3511 49.95 0.28 32.59
CA ALA C 3511 50.21 1.50 33.36
C ALA C 3511 51.08 2.52 32.63
N VAL C 3512 52.12 2.06 31.94
CA VAL C 3512 53.03 2.93 31.21
C VAL C 3512 52.88 2.76 29.71
N ALA C 3513 51.88 1.98 29.28
CA ALA C 3513 51.51 1.91 27.87
C ALA C 3513 51.02 3.25 27.34
N VAL C 3514 50.08 3.89 28.05
CA VAL C 3514 49.50 5.18 27.68
C VAL C 3514 50.59 6.19 27.33
N GLN C 3515 51.83 5.90 27.73
CA GLN C 3515 53.01 6.62 27.26
C GLN C 3515 53.61 5.98 26.00
N HIS C 3516 53.54 4.65 25.86
CA HIS C 3516 54.14 3.98 24.70
C HIS C 3516 53.19 3.08 23.91
N SER C 3517 52.84 1.90 24.47
CA SER C 3517 52.15 0.86 23.72
C SER C 3517 50.79 1.34 23.25
N VAL C 3518 50.38 2.50 23.76
CA VAL C 3518 49.20 3.19 23.29
C VAL C 3518 49.42 3.70 21.87
N GLU C 3519 50.65 4.09 21.53
CA GLU C 3519 50.94 4.52 20.17
C GLU C 3519 51.14 3.35 19.21
N GLU C 3520 51.73 2.25 19.67
CA GLU C 3520 51.71 1.03 18.87
C GLU C 3520 50.27 0.57 18.61
N ILE C 3521 49.50 0.41 19.69
CA ILE C 3521 48.12 -0.08 19.56
C ILE C 3521 47.30 0.89 18.72
N THR C 3522 47.72 2.14 18.63
CA THR C 3522 47.06 3.14 17.82
C THR C 3522 47.65 3.25 16.41
N ASP C 3523 48.77 2.57 16.15
CA ASP C 3523 49.24 2.45 14.76
C ASP C 3523 48.76 1.18 14.10
N ASN C 3524 48.86 0.05 14.81
CA ASN C 3524 48.19 -1.15 14.37
C ASN C 3524 46.68 -0.93 14.34
N TYR C 3525 46.19 -0.12 15.27
CA TYR C 3525 44.76 0.00 15.53
C TYR C 3525 43.94 0.47 14.34
N PRO C 3526 44.23 1.62 13.71
CA PRO C 3526 43.32 2.11 12.67
C PRO C 3526 43.32 1.29 11.39
N GLN C 3527 44.38 0.53 11.13
CA GLN C 3527 44.45 -0.27 9.91
C GLN C 3527 44.36 -1.75 10.26
N ALA C 3528 43.35 -2.41 9.71
CA ALA C 3528 43.07 -3.84 9.84
C ALA C 3528 42.88 -4.29 11.28
N ILE C 3529 42.78 -3.38 12.24
CA ILE C 3529 42.60 -3.78 13.63
C ILE C 3529 41.16 -3.54 14.01
N VAL C 3530 40.41 -4.63 13.91
CA VAL C 3530 39.10 -4.76 14.51
C VAL C 3530 39.15 -5.69 15.72
N TYR C 3531 40.11 -6.60 15.77
CA TYR C 3531 40.13 -7.62 16.81
C TYR C 3531 40.36 -7.03 18.20
N PRO C 3532 41.30 -6.10 18.41
CA PRO C 3532 41.38 -5.43 19.72
C PRO C 3532 40.13 -4.61 20.10
N PHE C 3533 39.30 -4.20 19.13
CA PHE C 3533 38.08 -3.47 19.46
C PHE C 3533 37.28 -4.20 20.53
N ILE C 3534 37.10 -5.50 20.34
CA ILE C 3534 36.13 -6.27 21.13
C ILE C 3534 36.59 -6.41 22.56
N ILE C 3535 37.81 -6.88 22.74
CA ILE C 3535 38.34 -7.12 24.07
C ILE C 3535 38.58 -5.81 24.79
N SER C 3536 38.88 -4.73 24.04
CA SER C 3536 39.10 -3.44 24.68
C SER C 3536 37.87 -3.02 25.48
N SER C 3537 36.67 -3.26 24.94
CA SER C 3537 35.47 -2.89 25.66
C SER C 3537 35.34 -3.73 26.91
N GLU C 3538 35.82 -4.97 26.86
CA GLU C 3538 35.85 -5.83 28.04
C GLU C 3538 36.73 -5.23 29.13
N SER C 3539 38.02 -5.03 28.84
CA SER C 3539 38.96 -4.67 29.90
C SER C 3539 38.79 -3.21 30.32
N TYR C 3540 38.81 -2.29 29.37
CA TYR C 3540 38.93 -0.87 29.68
C TYR C 3540 37.79 -0.41 30.58
N SER C 3541 36.56 -0.53 30.08
CA SER C 3541 35.39 -0.05 30.80
C SER C 3541 35.25 -0.67 32.19
N PHE C 3542 36.04 -1.69 32.52
CA PHE C 3542 35.93 -2.34 33.82
C PHE C 3542 36.40 -1.40 34.94
N LYS C 3543 37.68 -1.01 34.93
CA LYS C 3543 38.26 -0.19 35.99
C LYS C 3543 39.22 0.86 35.46
N ASP C 3544 38.97 2.13 35.82
CA ASP C 3544 39.92 3.21 35.59
C ASP C 3544 40.79 3.41 36.82
N THR C 3545 42.05 3.00 36.73
CA THR C 3545 43.05 3.30 37.74
C THR C 3545 43.28 4.81 37.84
N SER C 3546 44.22 5.24 38.70
CA SER C 3546 44.48 6.67 38.87
C SER C 3546 45.29 7.19 37.68
N THR C 3547 44.97 8.39 37.21
CA THR C 3547 45.52 8.89 35.97
C THR C 3547 45.98 10.33 36.07
N GLY C 3548 47.03 10.64 35.31
CA GLY C 3548 47.17 11.94 34.71
C GLY C 3548 46.21 12.10 33.53
N HIS C 3549 46.06 13.35 33.08
CA HIS C 3549 45.04 13.67 32.10
C HIS C 3549 45.24 12.90 30.78
N LYS C 3550 46.47 12.91 30.26
CA LYS C 3550 46.72 12.31 28.94
C LYS C 3550 46.42 10.81 28.96
N ASN C 3551 46.98 10.11 29.95
CA ASN C 3551 46.81 8.66 30.08
C ASN C 3551 45.36 8.27 29.93
N LYS C 3552 44.46 9.11 30.46
CA LYS C 3552 43.06 8.79 30.62
C LYS C 3552 42.23 9.17 29.40
N GLU C 3553 42.42 10.38 28.86
CA GLU C 3553 41.71 10.76 27.65
C GLU C 3553 42.01 9.80 26.49
N PHE C 3554 43.26 9.34 26.41
CA PHE C 3554 43.69 8.58 25.25
C PHE C 3554 42.82 7.35 25.00
N VAL C 3555 42.89 6.39 25.92
CA VAL C 3555 42.10 5.16 25.81
C VAL C 3555 40.63 5.46 25.56
N ALA C 3556 40.15 6.60 26.06
CA ALA C 3556 38.77 6.98 25.81
C ALA C 3556 38.50 7.16 24.32
N ARG C 3557 39.33 7.96 23.65
CA ARG C 3557 39.10 8.09 22.20
C ARG C 3557 39.38 6.80 21.45
N ILE C 3558 40.34 6.00 21.93
CA ILE C 3558 40.53 4.69 21.32
C ILE C 3558 39.23 3.90 21.35
N LYS C 3559 38.52 3.93 22.48
CA LYS C 3559 37.20 3.31 22.54
C LYS C 3559 36.17 4.09 21.72
N SER C 3560 36.44 5.36 21.41
CA SER C 3560 35.56 6.08 20.49
C SER C 3560 35.73 5.64 19.04
N LYS C 3561 36.85 5.01 18.70
CA LYS C 3561 37.02 4.48 17.35
C LYS C 3561 36.44 3.08 17.19
N LEU C 3562 35.75 2.57 18.22
CA LEU C 3562 34.93 1.37 18.07
C LEU C 3562 33.46 1.67 18.39
N ASP C 3563 33.12 2.94 18.62
CA ASP C 3563 31.77 3.42 18.36
C ASP C 3563 31.66 4.02 16.97
N GLN C 3564 32.78 4.38 16.37
CA GLN C 3564 32.88 4.83 14.99
C GLN C 3564 33.65 3.75 14.24
N GLY C 3565 33.12 3.32 13.09
CA GLY C 3565 33.67 2.14 12.46
C GLY C 3565 33.53 0.96 13.39
N GLY C 3566 32.80 1.16 14.48
CA GLY C 3566 32.50 0.11 15.43
C GLY C 3566 31.15 0.25 16.11
N VAL C 3567 30.34 1.24 15.73
CA VAL C 3567 28.97 1.27 16.24
C VAL C 3567 28.32 -0.08 15.99
N ILE C 3568 28.79 -0.76 14.95
CA ILE C 3568 28.36 -2.12 14.70
C ILE C 3568 28.82 -3.02 15.84
N GLN C 3569 30.08 -2.89 16.26
CA GLN C 3569 30.62 -3.77 17.29
C GLN C 3569 29.65 -3.93 18.46
N ASP C 3570 29.22 -2.81 19.05
CA ASP C 3570 28.19 -2.88 20.07
C ASP C 3570 26.83 -3.33 19.51
N PHE C 3571 26.58 -3.14 18.20
CA PHE C 3571 25.33 -3.64 17.64
C PHE C 3571 25.34 -5.16 17.47
N ILE C 3572 26.49 -5.72 17.06
CA ILE C 3572 26.74 -7.15 17.03
C ILE C 3572 26.71 -7.66 18.46
N ASN C 3573 27.10 -6.79 19.40
CA ASN C 3573 27.16 -7.11 20.82
C ASN C 3573 25.81 -7.37 21.44
N ALA C 3574 24.94 -6.35 21.50
CA ALA C 3574 23.57 -6.64 21.91
C ALA C 3574 22.87 -7.57 20.93
N LEU C 3575 23.39 -7.66 19.70
CA LEU C 3575 22.87 -8.55 18.66
C LEU C 3575 23.10 -10.01 18.97
N ASP C 3576 24.08 -10.34 19.80
CA ASP C 3576 24.19 -11.67 20.34
C ASP C 3576 24.05 -11.66 21.86
N GLN C 3577 23.61 -10.55 22.43
CA GLN C 3577 23.31 -10.52 23.86
C GLN C 3577 22.00 -11.27 23.99
N LEU C 3578 22.14 -12.59 23.89
CA LEU C 3578 21.04 -13.49 23.85
C LEU C 3578 21.35 -14.50 24.98
N SER C 3579 20.56 -15.53 25.19
CA SER C 3579 19.36 -15.85 24.44
C SER C 3579 18.24 -16.09 25.38
N ASN C 3580 18.04 -17.34 25.73
CA ASN C 3580 16.92 -17.72 26.55
C ASN C 3580 16.87 -16.85 27.79
N PRO C 3581 15.67 -16.51 28.27
CA PRO C 3581 15.60 -15.63 29.44
C PRO C 3581 16.19 -16.30 30.66
N GLU C 3582 16.05 -17.62 30.75
CA GLU C 3582 16.43 -18.37 31.92
C GLU C 3582 17.91 -18.24 32.25
N LEU C 3583 18.77 -18.16 31.24
CA LEU C 3583 20.18 -17.92 31.54
C LEU C 3583 20.39 -16.53 32.09
N LEU C 3584 19.64 -15.56 31.58
CA LEU C 3584 19.80 -14.18 32.01
C LEU C 3584 19.27 -13.97 33.43
N PHE C 3585 18.09 -14.51 33.71
CA PHE C 3585 17.43 -14.35 35.01
C PHE C 3585 18.02 -15.29 36.05
N LYS C 3586 18.13 -16.57 35.70
CA LYS C 3586 18.74 -17.54 36.60
C LYS C 3586 20.19 -17.18 36.88
N ASP C 3587 20.96 -16.81 35.84
CA ASP C 3587 22.38 -16.50 36.06
C ASP C 3587 22.54 -15.21 36.85
N TRP C 3588 21.76 -14.20 36.50
CA TRP C 3588 21.77 -12.98 37.29
C TRP C 3588 21.37 -13.24 38.73
N SER C 3589 20.37 -14.10 38.94
CA SER C 3589 19.81 -14.26 40.27
C SER C 3589 20.73 -15.06 41.20
N ASN C 3590 21.37 -16.11 40.69
CA ASN C 3590 22.47 -16.70 41.45
C ASN C 3590 23.53 -15.66 41.79
N ASP C 3591 24.00 -14.94 40.76
CA ASP C 3591 25.17 -14.08 40.93
C ASP C 3591 24.94 -13.01 42.00
N VAL C 3592 23.76 -12.39 41.99
CA VAL C 3592 23.44 -11.40 43.01
C VAL C 3592 23.08 -12.04 44.34
N ARG C 3593 22.41 -13.18 44.24
CA ARG C 3593 21.68 -13.73 45.36
C ARG C 3593 22.62 -14.36 46.37
N ALA C 3594 23.66 -15.04 45.90
CA ALA C 3594 24.62 -15.67 46.79
C ALA C 3594 25.64 -14.69 47.37
N GLU C 3595 25.53 -13.40 47.04
CA GLU C 3595 26.18 -12.33 47.82
C GLU C 3595 25.16 -11.53 48.59
N LEU C 3596 23.89 -11.88 48.47
CA LEU C 3596 22.89 -11.31 49.36
C LEU C 3596 22.80 -12.08 50.68
N ALA C 3597 23.53 -13.19 50.81
CA ALA C 3597 23.53 -14.03 51.99
C ALA C 3597 24.58 -13.58 53.00
N LYS C 3598 25.78 -13.18 52.52
CA LYS C 3598 26.95 -12.89 53.34
C LYS C 3598 26.93 -11.50 53.95
N THR C 3599 28.10 -10.85 54.04
CA THR C 3599 28.30 -9.47 54.51
C THR C 3599 27.42 -8.49 53.75
N PRO C 3600 27.35 -7.21 54.18
CA PRO C 3600 26.63 -6.21 53.39
C PRO C 3600 27.24 -6.05 52.00
N VAL C 3601 28.00 -4.96 51.78
CA VAL C 3601 28.68 -4.71 50.50
C VAL C 3601 27.61 -4.59 49.42
N ASN C 3602 26.35 -4.62 49.83
CA ASN C 3602 25.18 -4.65 48.96
C ASN C 3602 24.86 -3.30 48.35
N LYS C 3603 25.75 -2.34 48.52
CA LYS C 3603 25.57 -0.95 48.14
C LYS C 3603 25.35 -0.81 46.63
N LYS C 3604 26.41 -0.38 45.93
CA LYS C 3604 26.39 -0.29 44.48
C LYS C 3604 26.44 -1.67 43.87
N ASN C 3605 26.83 -2.67 44.65
CA ASN C 3605 26.76 -4.04 44.21
C ASN C 3605 25.31 -4.40 43.91
N ILE C 3606 24.44 -4.49 44.93
CA ILE C 3606 23.03 -4.81 44.66
C ILE C 3606 22.36 -3.72 43.82
N GLU C 3607 22.84 -2.47 43.92
CA GLU C 3607 22.22 -1.38 43.16
C GLU C 3607 22.51 -1.51 41.68
N LYS C 3608 23.76 -1.83 41.34
CA LYS C 3608 24.14 -2.15 39.97
C LYS C 3608 23.45 -3.43 39.49
N TYR C 3610 20.70 -4.58 40.28
CA TYR C 3610 19.30 -4.33 39.93
C TYR C 3610 19.16 -3.80 38.51
N GLU C 3611 20.20 -3.15 37.98
CA GLU C 3611 19.98 -2.33 36.78
C GLU C 3611 19.97 -3.18 35.51
N ARG C 3612 20.95 -4.08 35.33
CA ARG C 3612 20.88 -5.02 34.20
C ARG C 3612 19.53 -5.68 34.12
N TYR C 3614 16.81 -4.34 35.19
CA TYR C 3614 15.92 -3.31 34.65
C TYR C 3614 16.03 -3.23 33.13
N ALA C 3615 17.23 -3.41 32.58
CA ALA C 3615 17.38 -3.58 31.14
C ALA C 3615 16.49 -4.70 30.62
N ALA C 3616 16.56 -5.88 31.25
CA ALA C 3616 15.69 -6.97 30.82
C ALA C 3616 14.22 -6.59 30.92
N LEU C 3617 13.85 -5.79 31.91
CA LEU C 3617 12.45 -5.69 32.32
C LEU C 3617 11.96 -4.28 32.69
N GLY C 3618 12.82 -3.30 32.95
CA GLY C 3618 12.35 -1.94 33.16
C GLY C 3618 12.43 -1.03 31.95
N ASP C 3619 13.24 -1.41 30.97
CA ASP C 3619 13.39 -0.70 29.70
C ASP C 3619 12.71 -1.32 28.48
N PRO C 3620 12.07 -2.50 28.55
CA PRO C 3620 11.58 -3.13 27.31
C PRO C 3620 10.47 -2.38 26.62
N LYS C 3621 10.12 -1.21 27.12
CA LYS C 3621 9.28 -0.26 26.39
C LYS C 3621 9.71 1.17 26.71
N ALA C 3622 10.97 1.33 27.08
CA ALA C 3622 11.63 2.62 27.30
C ALA C 3622 12.73 2.86 26.27
N PRO C 3623 13.20 4.11 26.15
CA PRO C 3623 14.32 4.38 25.22
C PRO C 3623 15.58 3.59 25.55
N GLY C 3624 15.72 3.10 26.79
CA GLY C 3624 16.87 2.27 27.13
C GLY C 3624 16.91 0.99 26.33
N LEU C 3625 15.76 0.54 25.85
CA LEU C 3625 15.68 -0.51 24.83
C LEU C 3625 15.13 0.02 23.51
N GLY C 3626 14.54 1.22 23.49
CA GLY C 3626 14.36 1.93 22.23
C GLY C 3626 15.61 2.01 21.39
N ALA C 3627 16.78 2.02 22.03
CA ALA C 3627 18.03 1.89 21.30
C ALA C 3627 18.37 0.44 20.97
N PHE C 3628 18.06 -0.48 21.87
CA PHE C 3628 18.42 -1.89 21.72
C PHE C 3628 17.19 -2.77 21.97
N ARG C 3629 16.40 -3.00 20.93
CA ARG C 3629 15.24 -3.86 21.03
C ARG C 3629 15.64 -5.31 20.81
N ARG C 3630 14.73 -6.20 21.19
CA ARG C 3630 14.85 -7.62 20.90
C ARG C 3630 13.44 -8.13 20.62
N LYS C 3631 13.35 -9.37 20.15
CA LYS C 3631 12.02 -9.95 20.05
C LYS C 3631 11.62 -10.63 21.34
N PHE C 3632 12.61 -11.06 22.14
CA PHE C 3632 12.35 -11.36 23.54
C PHE C 3632 11.78 -10.13 24.23
N ILE C 3633 12.31 -8.96 23.89
CA ILE C 3633 11.75 -7.71 24.38
C ILE C 3633 10.48 -7.34 23.60
N GLN C 3634 10.47 -7.63 22.29
CA GLN C 3634 9.32 -7.27 21.45
C GLN C 3634 8.03 -7.84 22.04
N THR C 3635 8.05 -9.10 22.48
CA THR C 3635 6.89 -9.68 23.14
C THR C 3635 7.18 -10.20 24.54
N PHE C 3636 8.19 -11.04 24.73
CA PHE C 3636 8.35 -11.68 26.03
C PHE C 3636 8.81 -10.71 27.11
N GLY C 3637 9.84 -9.92 26.83
CA GLY C 3637 10.25 -8.87 27.74
C GLY C 3637 9.13 -7.88 27.99
N LYS C 3638 7.93 -8.18 27.49
CA LYS C 3638 6.74 -7.39 27.76
C LYS C 3638 5.68 -8.19 28.51
N GLU C 3639 5.16 -9.27 27.91
CA GLU C 3639 4.30 -10.23 28.61
C GLU C 3639 4.77 -10.51 30.03
N PHE C 3640 6.06 -10.78 30.18
CA PHE C 3640 6.64 -10.94 31.51
C PHE C 3640 6.98 -9.61 32.17
N ASP C 3641 7.03 -8.51 31.42
CA ASP C 3641 7.37 -7.23 32.03
C ASP C 3641 6.23 -6.71 32.89
N LYS C 3642 4.99 -6.92 32.44
CA LYS C 3642 3.83 -6.52 33.25
C LYS C 3642 3.93 -7.09 34.66
N HIS C 3643 3.91 -8.42 34.74
CA HIS C 3643 3.86 -9.13 36.02
C HIS C 3643 5.16 -8.99 36.80
N PHE C 3644 6.29 -8.93 36.09
CA PHE C 3644 7.58 -8.85 36.76
C PHE C 3644 7.86 -7.44 37.28
N GLY C 3645 7.24 -6.44 36.67
CA GLY C 3645 7.41 -5.07 37.13
C GLY C 3645 7.04 -4.90 38.60
N LYS C 3646 5.95 -5.54 39.04
CA LYS C 3646 5.45 -5.37 40.39
C LYS C 3646 6.26 -6.17 41.41
N GLY C 3647 6.32 -7.49 41.23
CA GLY C 3647 7.14 -8.30 42.13
C GLY C 3647 8.59 -7.85 42.16
N GLY C 3648 9.10 -7.38 41.01
CA GLY C 3648 10.46 -6.91 40.82
C GLY C 3648 10.75 -5.54 41.41
N SER C 3649 9.89 -4.55 41.12
CA SER C 3649 10.06 -3.27 41.80
C SER C 3649 9.78 -3.37 43.28
N LYS C 3650 9.04 -4.40 43.71
CA LYS C 3650 9.07 -4.81 45.12
C LYS C 3650 10.41 -5.42 45.51
N LEU C 3651 11.04 -6.13 44.57
CA LEU C 3651 12.40 -6.62 44.81
C LEU C 3651 13.36 -5.47 45.05
N LEU C 3652 13.12 -4.31 44.42
CA LEU C 3652 14.01 -3.16 44.57
C LEU C 3652 14.29 -2.87 46.03
N ARG C 3653 13.24 -2.68 46.83
CA ARG C 3653 13.39 -2.39 48.25
C ARG C 3653 13.12 -3.62 49.12
N LYS C 3655 15.54 -6.43 50.25
CA LYS C 3655 16.64 -6.40 51.21
C LYS C 3655 16.35 -7.30 52.42
N LEU C 3656 16.03 -8.57 52.14
CA LEU C 3656 15.65 -9.54 53.17
C LEU C 3656 16.20 -10.91 52.75
N SER C 3657 17.32 -11.32 53.37
CA SER C 3657 18.14 -12.40 52.85
C SER C 3657 17.39 -13.72 52.65
N ASP C 3658 16.37 -14.01 53.47
CA ASP C 3658 15.69 -15.29 53.28
C ASP C 3658 14.85 -15.28 52.02
N PHE C 3659 14.43 -14.09 51.57
CA PHE C 3659 13.79 -13.95 50.28
C PHE C 3659 14.71 -14.33 49.13
N ASN C 3660 16.02 -14.31 49.38
CA ASN C 3660 16.98 -14.90 48.44
C ASN C 3660 16.55 -16.31 48.09
N ASP C 3661 16.01 -17.02 49.07
CA ASP C 3661 15.42 -18.33 48.83
C ASP C 3661 14.10 -18.16 48.07
N ILE C 3662 13.26 -17.24 48.52
CA ILE C 3662 11.91 -17.08 48.01
C ILE C 3662 11.87 -16.77 46.52
N THR C 3663 12.86 -16.04 46.00
CA THR C 3663 12.86 -15.77 44.58
C THR C 3663 12.82 -17.07 43.77
N ASN C 3664 13.43 -18.15 44.29
CA ASN C 3664 13.47 -19.43 43.60
C ASN C 3664 12.09 -19.94 43.25
N LEU C 3666 9.02 -17.89 42.28
CA LEU C 3666 8.77 -17.17 41.04
C LEU C 3666 9.80 -17.56 39.99
N LEU C 3667 11.08 -17.60 40.39
CA LEU C 3667 12.14 -17.95 39.45
C LEU C 3667 11.88 -19.30 38.82
N LEU C 3668 11.56 -20.30 39.64
CA LEU C 3668 11.27 -21.62 39.08
C LEU C 3668 10.10 -21.54 38.11
N LYS C 3669 9.05 -20.80 38.48
CA LYS C 3669 7.91 -20.68 37.58
C LYS C 3669 8.32 -19.96 36.31
N ASN C 3671 11.10 -19.92 35.14
CA ASN C 3671 11.92 -20.85 34.37
C ASN C 3671 11.05 -21.76 33.52
N LYS C 3672 9.93 -22.24 34.09
CA LYS C 3672 9.07 -23.19 33.39
C LYS C 3672 8.31 -22.55 32.23
N ASP C 3673 8.15 -21.24 32.25
CA ASP C 3673 7.64 -20.50 31.11
C ASP C 3673 8.74 -19.90 30.24
N SER C 3674 10.00 -19.96 30.68
CA SER C 3674 11.11 -19.37 29.93
C SER C 3674 11.88 -20.38 29.08
N LYS C 3675 11.85 -21.66 29.44
CA LYS C 3675 12.32 -22.73 28.57
C LYS C 3675 11.43 -22.97 27.34
N PRO C 3676 10.10 -22.84 27.43
CA PRO C 3676 9.24 -23.18 26.27
C PRO C 3676 9.27 -22.19 25.11
N PRO C 3677 9.52 -20.88 25.31
CA PRO C 3677 9.41 -19.97 24.15
C PRO C 3677 10.64 -19.93 23.26
N GLY C 3678 11.81 -20.34 23.76
CA GLY C 3678 13.02 -20.35 22.95
C GLY C 3678 12.89 -21.15 21.66
N ASN C 3679 11.92 -20.77 20.83
CA ASN C 3679 11.49 -21.53 19.67
C ASN C 3679 11.87 -20.80 18.40
N LEU C 3680 13.01 -20.12 18.43
CA LEU C 3680 13.55 -19.35 17.30
C LEU C 3680 12.67 -18.13 17.18
N LYS C 3681 12.77 -17.37 16.07
CA LYS C 3681 11.87 -16.25 15.77
C LYS C 3681 12.03 -15.08 16.74
N GLU C 3682 13.09 -15.07 17.55
CA GLU C 3682 13.33 -14.00 18.52
C GLU C 3682 14.64 -13.28 18.21
N CYS C 3683 15.77 -13.96 18.38
CA CYS C 3683 17.03 -13.37 17.95
C CYS C 3683 17.08 -13.15 16.44
N SER C 3684 16.39 -13.98 15.65
CA SER C 3684 16.29 -13.68 14.22
C SER C 3684 15.66 -12.31 13.98
N PRO C 3685 14.52 -11.94 14.60
CA PRO C 3685 14.10 -10.53 14.52
C PRO C 3685 15.11 -9.55 15.11
N TRP C 3686 15.89 -9.95 16.12
CA TRP C 3686 16.89 -9.01 16.63
C TRP C 3686 17.85 -8.68 15.51
N SER C 3688 18.33 -9.77 12.36
CA SER C 3688 17.88 -9.63 10.96
C SER C 3688 18.20 -8.27 10.34
N ASP C 3689 18.70 -7.35 11.15
CA ASP C 3689 18.99 -5.97 10.78
C ASP C 3689 20.46 -5.95 10.43
N PHE C 3690 20.77 -5.89 9.14
CA PHE C 3690 22.15 -5.81 8.68
C PHE C 3690 22.30 -4.63 7.75
N LYS C 3691 23.45 -3.99 7.82
CA LYS C 3691 23.70 -2.83 6.98
C LYS C 3691 23.94 -3.27 5.54
N VAL C 3692 24.99 -4.06 5.32
CA VAL C 3692 25.40 -4.49 3.98
C VAL C 3692 25.48 -3.22 3.12
N GLU C 3693 25.96 -2.15 3.74
CA GLU C 3693 25.89 -0.79 3.20
C GLU C 3693 27.23 -0.10 3.37
N PHE C 3694 27.73 0.49 2.29
CA PHE C 3694 28.98 1.24 2.35
C PHE C 3694 30.10 0.32 2.85
N LEU C 3695 30.08 -0.93 2.37
CA LEU C 3695 30.97 -2.00 2.81
C LEU C 3695 30.98 -2.08 4.34
N ARG C 3696 29.79 -1.88 4.94
CA ARG C 3696 29.61 -1.73 6.39
C ARG C 3696 30.28 -0.46 6.94
N ASN C 3697 30.40 0.59 6.12
CA ASN C 3697 31.13 1.83 6.44
C ASN C 3697 32.64 1.61 6.56
N GLU C 3698 33.23 0.96 5.55
CA GLU C 3698 34.64 0.59 5.57
C GLU C 3698 34.96 -0.25 6.81
N LEU C 3699 34.06 -1.17 7.15
CA LEU C 3699 34.15 -1.84 8.42
C LEU C 3699 35.23 -2.91 8.34
N GLU C 3700 36.08 -2.96 9.36
CA GLU C 3700 37.15 -3.93 9.40
C GLU C 3700 36.73 -5.23 10.08
N ILE C 3701 35.45 -5.41 10.37
CA ILE C 3701 35.02 -6.53 11.23
C ILE C 3701 35.00 -7.85 10.49
N PRO C 3702 35.82 -8.80 10.90
CA PRO C 3702 35.77 -10.14 10.31
C PRO C 3702 34.76 -10.96 11.09
N GLY C 3703 34.70 -12.26 10.82
CA GLY C 3703 34.13 -13.16 11.80
C GLY C 3703 34.93 -12.96 13.07
N GLN C 3704 34.26 -12.79 14.20
CA GLN C 3704 34.99 -12.49 15.43
C GLN C 3704 36.04 -13.56 15.75
N TYR C 3705 37.11 -13.12 16.40
CA TYR C 3705 38.23 -13.96 16.80
C TYR C 3705 38.99 -14.56 15.61
N ASP C 3706 38.74 -14.11 14.38
CA ASP C 3706 39.52 -14.69 13.30
C ASP C 3706 40.94 -14.16 13.26
N GLY C 3707 41.18 -12.99 13.84
CA GLY C 3707 42.55 -12.71 14.20
C GLY C 3707 43.15 -13.86 15.00
N ARG C 3708 44.29 -14.40 14.56
CA ARG C 3708 44.87 -15.56 15.21
C ARG C 3708 46.22 -15.13 15.74
N GLY C 3709 47.17 -16.04 15.88
CA GLY C 3709 48.53 -15.72 16.24
C GLY C 3709 49.44 -15.88 15.03
N LYS C 3710 50.73 -15.51 15.24
CA LYS C 3710 51.80 -15.65 14.25
C LYS C 3710 51.61 -14.67 13.08
N PRO C 3711 52.70 -14.24 12.41
CA PRO C 3711 52.59 -13.26 11.30
C PRO C 3711 51.58 -13.51 10.19
N LEU C 3712 51.75 -12.74 9.08
CA LEU C 3712 50.87 -12.60 7.92
C LEU C 3712 49.51 -11.97 8.25
N PRO C 3713 49.45 -10.69 8.61
CA PRO C 3713 48.17 -10.01 8.87
C PRO C 3713 47.50 -9.52 7.59
N GLU C 3714 46.35 -10.14 7.25
CA GLU C 3714 45.65 -9.76 6.02
C GLU C 3714 44.19 -9.37 6.20
N TYR C 3715 43.69 -9.23 7.44
CA TYR C 3715 42.27 -8.95 7.72
C TYR C 3715 41.34 -9.70 6.77
N HIS C 3716 41.58 -11.00 6.66
CA HIS C 3716 40.98 -11.83 5.62
C HIS C 3716 39.46 -11.82 5.64
N VAL C 3717 38.82 -12.61 6.51
CA VAL C 3717 37.37 -12.80 6.40
C VAL C 3717 36.65 -11.48 6.68
N ARG C 3718 35.39 -11.41 6.25
CA ARG C 3718 34.58 -10.20 6.33
C ARG C 3718 33.15 -10.60 6.62
N ILE C 3719 32.48 -9.79 7.45
CA ILE C 3719 31.22 -10.16 8.11
C ILE C 3719 30.11 -10.58 7.13
N ALA C 3720 29.64 -9.64 6.31
CA ALA C 3720 28.54 -9.81 5.36
C ALA C 3720 27.19 -9.87 6.07
N GLY C 3721 26.38 -10.88 5.77
CA GLY C 3721 25.04 -11.00 6.31
C GLY C 3721 24.70 -12.41 6.74
N PHE C 3722 23.97 -12.56 7.85
CA PHE C 3722 23.74 -13.86 8.47
C PHE C 3722 22.50 -14.53 7.89
N ASP C 3723 22.47 -15.86 7.95
CA ASP C 3723 21.24 -16.55 7.60
C ASP C 3723 20.25 -16.39 8.74
N GLU C 3724 19.04 -15.94 8.41
CA GLU C 3724 18.09 -15.50 9.41
C GLU C 3724 17.63 -16.66 10.30
N ARG C 3725 17.56 -17.86 9.76
CA ARG C 3725 17.25 -19.01 10.59
C ARG C 3725 18.29 -19.14 11.68
N VAL C 3726 17.83 -19.55 12.85
CA VAL C 3726 18.70 -19.80 13.99
C VAL C 3726 18.18 -21.09 14.62
N THR C 3727 19.04 -21.80 15.33
CA THR C 3727 18.55 -22.99 16.03
C THR C 3727 19.14 -23.02 17.43
N VAL C 3728 18.28 -23.04 18.43
CA VAL C 3728 18.68 -23.16 19.82
C VAL C 3728 18.89 -24.63 20.11
N ALA C 3730 20.16 -28.11 22.58
CA ALA C 3730 20.10 -28.67 23.94
C ALA C 3730 21.52 -28.91 24.43
N SER C 3731 21.98 -28.02 25.29
CA SER C 3731 23.28 -28.16 25.93
C SER C 3731 23.27 -27.35 27.22
N LEU C 3732 24.45 -27.17 27.79
CA LEU C 3732 24.60 -26.63 29.14
C LEU C 3732 23.89 -25.30 29.29
N ARG C 3733 24.42 -24.26 28.63
CA ARG C 3733 23.76 -22.94 28.60
C ARG C 3733 22.49 -22.91 27.71
N ARG C 3734 21.93 -24.05 27.19
CA ARG C 3734 21.01 -24.04 26.03
C ARG C 3734 21.53 -23.06 25.00
N PRO C 3735 22.74 -23.18 24.50
CA PRO C 3735 23.25 -22.10 23.68
C PRO C 3735 22.67 -22.11 22.29
N LYS C 3736 23.00 -21.09 21.52
CA LYS C 3736 22.26 -20.86 20.30
C LYS C 3736 23.18 -21.02 19.11
N ARG C 3737 22.70 -21.73 18.11
CA ARG C 3737 23.45 -21.92 16.88
C ARG C 3737 23.12 -20.80 15.91
N ILE C 3738 24.10 -19.93 15.72
CA ILE C 3738 24.10 -18.85 14.74
C ILE C 3738 24.90 -19.35 13.55
N ILE C 3739 24.63 -18.79 12.37
CA ILE C 3739 25.39 -19.10 11.17
C ILE C 3739 25.90 -17.79 10.62
N ILE C 3740 27.17 -17.46 10.89
CA ILE C 3740 27.76 -16.37 10.15
C ILE C 3740 27.76 -16.79 8.68
N ARG C 3741 27.57 -15.82 7.80
CA ARG C 3741 27.68 -16.07 6.37
C ARG C 3741 28.73 -15.07 5.88
N GLY C 3742 29.99 -15.47 5.95
CA GLY C 3742 31.07 -14.56 5.62
C GLY C 3742 31.07 -14.12 4.17
N HIS C 3743 31.63 -12.94 3.94
CA HIS C 3743 31.62 -12.40 2.59
C HIS C 3743 32.63 -13.11 1.70
N ASP C 3744 33.61 -13.79 2.29
CA ASP C 3744 34.66 -14.43 1.49
C ASP C 3744 34.17 -15.67 0.77
N GLU C 3745 32.97 -15.59 0.20
CA GLU C 3745 32.39 -16.69 -0.58
C GLU C 3745 32.20 -17.96 0.26
N ARG C 3746 31.65 -17.77 1.47
CA ARG C 3746 31.52 -18.89 2.40
C ARG C 3746 30.61 -18.52 3.58
N GLU C 3747 30.06 -19.54 4.24
CA GLU C 3747 29.42 -19.44 5.56
C GLU C 3747 30.31 -20.09 6.64
N HIS C 3748 29.96 -19.84 7.93
CA HIS C 3748 30.68 -20.33 9.12
C HIS C 3748 29.75 -20.49 10.33
N PRO C 3749 29.45 -21.70 10.78
CA PRO C 3749 28.44 -21.89 11.84
C PRO C 3749 29.02 -21.72 13.24
N PHE C 3750 28.56 -20.69 13.95
CA PHE C 3750 29.03 -20.40 15.30
C PHE C 3750 27.96 -20.68 16.35
N LEU C 3751 28.32 -20.37 17.59
CA LEU C 3751 27.52 -20.63 18.78
C LEU C 3751 27.38 -19.36 19.58
N VAL C 3752 26.34 -19.28 20.39
CA VAL C 3752 26.05 -18.12 21.23
C VAL C 3752 26.05 -18.61 22.67
N LYS C 3753 26.96 -18.05 23.47
CA LYS C 3753 27.06 -18.30 24.90
C LYS C 3753 26.92 -16.91 25.52
N GLY C 3754 25.68 -16.41 25.54
CA GLY C 3754 25.43 -15.11 26.14
C GLY C 3754 25.58 -15.06 27.65
N GLY C 3755 25.27 -16.16 28.35
CA GLY C 3755 25.41 -16.22 29.80
C GLY C 3755 26.57 -17.06 30.29
N GLU C 3756 27.78 -16.71 29.88
CA GLU C 3756 28.99 -17.48 30.19
C GLU C 3756 30.17 -16.62 29.80
N ASP C 3757 31.09 -16.35 30.73
CA ASP C 3757 32.26 -15.52 30.47
C ASP C 3757 33.38 -16.34 29.83
N LEU C 3758 33.35 -16.40 28.50
CA LEU C 3758 34.34 -17.17 27.76
C LEU C 3758 35.75 -16.60 27.86
N ARG C 3759 36.38 -16.73 29.03
CA ARG C 3759 37.77 -16.42 29.24
C ARG C 3759 38.52 -17.60 29.82
N GLN C 3760 38.00 -18.21 30.89
CA GLN C 3760 38.58 -19.42 31.48
C GLN C 3760 38.65 -20.57 30.48
N ASP C 3761 38.28 -20.31 29.22
CA ASP C 3761 38.52 -21.23 28.12
C ASP C 3761 39.33 -20.62 26.98
N GLN C 3762 39.46 -19.29 26.94
CA GLN C 3762 40.22 -18.66 25.87
C GLN C 3762 41.67 -19.10 25.98
N ARG C 3763 42.41 -18.57 26.96
CA ARG C 3763 43.80 -18.99 27.10
C ARG C 3763 43.96 -20.50 27.21
N VAL C 3764 42.94 -21.24 27.63
CA VAL C 3764 43.17 -22.67 27.78
C VAL C 3764 43.26 -23.32 26.41
N GLU C 3765 42.29 -23.05 25.54
CA GLU C 3765 42.41 -23.51 24.16
C GLU C 3765 43.66 -22.95 23.49
N GLN C 3766 44.00 -21.70 23.75
CA GLN C 3766 45.20 -21.13 23.12
C GLN C 3766 46.44 -21.93 23.50
N LEU C 3767 46.56 -22.25 24.79
CA LEU C 3767 47.54 -23.22 25.29
C LEU C 3767 47.42 -24.58 24.60
N PHE C 3768 46.20 -24.98 24.20
CA PHE C 3768 46.07 -26.22 23.43
C PHE C 3768 46.89 -26.11 22.16
N GLN C 3769 46.60 -25.09 21.34
CA GLN C 3769 47.41 -24.97 20.14
C GLN C 3769 48.85 -24.61 20.46
N VAL C 3770 49.15 -24.31 21.72
CA VAL C 3770 50.56 -24.23 22.11
C VAL C 3770 51.15 -25.62 22.25
N ASN C 3772 50.10 -28.75 20.99
CA ASN C 3772 50.28 -29.44 19.71
C ASN C 3772 50.72 -28.49 18.59
N GLY C 3773 50.73 -27.19 18.85
CA GLY C 3773 51.53 -26.32 18.03
C GLY C 3773 53.00 -26.38 18.42
N ILE C 3774 53.29 -27.18 19.44
CA ILE C 3774 54.64 -27.50 19.88
C ILE C 3774 55.10 -28.85 19.35
N LEU C 3775 54.21 -29.86 19.40
CA LEU C 3775 54.66 -31.18 18.98
C LEU C 3775 55.04 -31.26 17.44
N ALA C 3776 54.97 -30.10 16.77
CA ALA C 3776 55.55 -29.84 15.45
C ALA C 3776 57.01 -29.44 15.56
N GLN C 3777 57.69 -29.97 16.56
CA GLN C 3777 59.13 -30.08 16.60
C GLN C 3777 59.58 -31.48 17.01
N ASP C 3778 58.72 -32.26 17.67
CA ASP C 3778 59.03 -33.62 18.05
C ASP C 3778 58.94 -34.57 16.89
N SER C 3779 59.92 -35.46 16.82
CA SER C 3779 59.83 -36.58 15.88
C SER C 3779 58.61 -37.45 16.16
N ALA C 3780 58.58 -38.09 17.31
CA ALA C 3780 57.57 -39.11 17.58
C ALA C 3780 56.13 -38.60 17.49
N CYS C 3781 55.93 -37.29 17.56
CA CYS C 3781 54.58 -36.75 17.39
C CYS C 3781 54.24 -36.50 15.92
N SER C 3782 55.18 -35.91 15.16
CA SER C 3782 54.98 -35.75 13.73
C SER C 3782 54.81 -37.13 13.05
N GLN C 3783 55.69 -38.10 13.37
CA GLN C 3783 55.64 -39.42 12.73
C GLN C 3783 54.29 -40.08 12.94
N ARG C 3784 53.67 -39.81 14.07
CA ARG C 3784 52.37 -40.37 14.38
C ARG C 3784 51.30 -39.33 14.21
N ALA C 3785 51.67 -38.17 13.67
CA ALA C 3785 50.78 -37.03 13.46
C ALA C 3785 50.01 -36.69 14.73
N LEU C 3786 50.76 -36.44 15.78
CA LEU C 3786 50.16 -36.25 17.09
C LEU C 3786 49.97 -34.76 17.32
N GLN C 3787 48.79 -34.29 16.91
CA GLN C 3787 48.18 -33.06 17.36
C GLN C 3787 46.78 -33.46 17.76
N LEU C 3788 46.10 -32.59 18.50
CA LEU C 3788 44.67 -32.75 18.73
C LEU C 3788 43.96 -31.42 18.63
N ARG C 3789 42.79 -31.46 17.99
CA ARG C 3789 42.08 -30.32 17.42
C ARG C 3789 42.00 -29.09 18.30
N THR C 3790 42.04 -27.92 17.67
CA THR C 3790 41.81 -26.61 18.24
C THR C 3790 40.46 -26.13 17.73
N TYR C 3791 40.13 -24.87 18.03
CA TYR C 3791 38.94 -24.22 17.48
C TYR C 3791 38.96 -22.74 17.85
N SER C 3792 37.79 -22.14 17.98
CA SER C 3792 37.68 -20.71 18.27
C SER C 3792 36.75 -20.50 19.46
N VAL C 3793 37.31 -19.94 20.52
CA VAL C 3793 36.56 -19.36 21.63
C VAL C 3793 36.57 -17.85 21.42
N VAL C 3794 35.38 -17.24 21.46
CA VAL C 3794 35.17 -15.87 21.00
C VAL C 3794 34.93 -14.96 22.21
N PRO C 3795 35.88 -14.44 22.67
CA PRO C 3795 35.88 -13.65 23.90
C PRO C 3795 35.28 -12.29 23.61
N THR C 3797 32.23 -9.62 25.07
CA THR C 3797 32.25 -8.86 26.31
C THR C 3797 32.49 -9.79 27.52
N SER C 3798 32.63 -9.18 28.69
CA SER C 3798 32.79 -9.94 29.92
C SER C 3798 31.63 -10.90 30.17
N ARG C 3799 30.46 -10.69 29.55
CA ARG C 3799 29.29 -11.51 29.83
C ARG C 3799 29.00 -12.56 28.77
N LEU C 3800 29.34 -12.32 27.51
CA LEU C 3800 28.96 -13.22 26.43
C LEU C 3800 30.14 -13.45 25.49
N GLY C 3801 30.18 -14.65 24.92
CA GLY C 3801 31.15 -14.98 23.92
C GLY C 3801 30.49 -15.93 22.94
N LEU C 3802 31.26 -16.31 21.92
CA LEU C 3802 30.84 -17.25 20.89
C LEU C 3802 31.83 -18.43 20.85
N ILE C 3803 31.50 -19.49 20.12
CA ILE C 3803 32.44 -20.59 19.94
C ILE C 3803 32.15 -21.30 18.62
N GLU C 3804 33.22 -21.71 17.94
CA GLU C 3804 33.09 -22.48 16.70
C GLU C 3804 32.38 -23.79 16.95
N TRP C 3805 31.99 -24.43 15.85
CA TRP C 3805 31.21 -25.66 15.93
C TRP C 3805 31.51 -26.47 14.69
N LEU C 3806 32.33 -27.52 14.82
CA LEU C 3806 32.47 -28.42 13.69
C LEU C 3806 31.17 -29.19 13.54
N GLU C 3807 30.80 -29.46 12.30
CA GLU C 3807 29.61 -30.25 11.99
C GLU C 3807 30.04 -31.70 11.87
N ASN C 3808 29.07 -32.60 12.01
CA ASN C 3808 29.32 -34.04 12.08
C ASN C 3808 30.14 -34.39 13.32
N THR C 3809 30.21 -33.47 14.27
CA THR C 3809 30.75 -33.74 15.60
C THR C 3809 29.62 -33.64 16.62
N VAL C 3810 29.58 -34.62 17.51
CA VAL C 3810 28.41 -34.94 18.30
C VAL C 3810 28.90 -35.43 19.66
N THR C 3811 28.00 -35.42 20.63
CA THR C 3811 28.35 -35.79 22.00
C THR C 3811 28.19 -37.30 22.16
N LEU C 3812 29.33 -37.99 22.35
CA LEU C 3812 29.35 -39.46 22.45
C LEU C 3812 28.28 -40.00 23.37
N LYS C 3813 27.96 -39.26 24.43
CA LYS C 3813 26.93 -39.70 25.34
C LYS C 3813 25.65 -39.91 24.58
N ASP C 3814 25.11 -38.82 24.02
CA ASP C 3814 23.82 -38.80 23.35
C ASP C 3814 23.72 -39.88 22.28
N LEU C 3815 24.72 -39.95 21.39
CA LEU C 3815 24.74 -40.96 20.32
C LEU C 3815 24.68 -42.36 20.89
N LEU C 3816 25.67 -42.70 21.72
CA LEU C 3816 25.70 -43.92 22.49
C LEU C 3816 24.33 -44.24 23.09
N LEU C 3817 23.65 -43.22 23.58
CA LEU C 3817 22.35 -43.37 24.23
C LEU C 3817 21.25 -43.77 23.25
N ASN C 3818 21.01 -42.97 22.21
CA ASN C 3818 19.95 -43.32 21.26
C ASN C 3818 20.26 -44.66 20.58
N THR C 3819 21.53 -44.90 20.26
CA THR C 3819 21.90 -46.15 19.61
C THR C 3819 21.78 -47.30 20.60
N SER C 3821 19.63 -47.39 22.77
CA SER C 3821 18.19 -47.62 22.86
C SER C 3821 17.74 -48.54 21.76
N GLN C 3822 17.74 -48.04 20.51
CA GLN C 3822 17.32 -48.87 19.38
C GLN C 3822 18.07 -50.20 19.29
N GLU C 3823 19.14 -50.34 20.08
CA GLU C 3823 19.84 -51.62 20.28
C GLU C 3823 19.40 -52.31 21.58
N GLU C 3824 19.33 -51.57 22.70
CA GLU C 3824 18.90 -52.12 24.00
C GLU C 3824 17.54 -51.55 24.36
N LYS C 3825 16.50 -52.34 24.07
CA LYS C 3825 15.11 -52.06 24.41
C LYS C 3825 14.59 -50.79 23.72
N ALA C 3826 13.27 -50.60 23.71
CA ALA C 3826 12.66 -49.44 23.06
C ALA C 3826 13.17 -48.15 23.67
N ALA C 3827 12.55 -47.72 24.76
CA ALA C 3827 13.09 -46.69 25.64
C ALA C 3827 13.13 -47.15 27.08
N TYR C 3828 12.41 -48.22 27.44
CA TYR C 3828 12.36 -48.77 28.79
C TYR C 3828 13.77 -48.90 29.33
N LEU C 3829 14.51 -49.86 28.80
CA LEU C 3829 15.88 -50.12 29.23
C LEU C 3829 15.85 -50.25 30.75
N SER C 3830 16.93 -49.88 31.43
CA SER C 3830 16.90 -49.78 32.88
C SER C 3830 17.10 -48.35 33.37
N ASP C 3831 17.71 -47.47 32.57
CA ASP C 3831 18.07 -46.09 32.92
C ASP C 3831 17.01 -45.29 33.68
N PRO C 3832 15.70 -45.58 33.58
CA PRO C 3832 14.78 -44.95 34.54
C PRO C 3832 14.40 -45.83 35.73
N ARG C 3833 14.69 -47.13 35.67
CA ARG C 3833 14.39 -48.00 36.81
C ARG C 3833 15.46 -48.08 37.89
N ALA C 3834 16.47 -48.92 37.69
CA ALA C 3834 17.28 -49.30 38.84
C ALA C 3834 18.79 -49.53 38.66
N PRO C 3835 19.50 -48.81 37.78
CA PRO C 3835 20.97 -48.75 37.95
C PRO C 3835 21.43 -47.35 38.36
N PRO C 3836 21.56 -46.36 37.48
CA PRO C 3836 22.14 -45.11 37.97
C PRO C 3836 21.16 -44.25 38.75
N CYS C 3837 19.88 -44.63 38.82
CA CYS C 3837 18.98 -44.07 39.80
C CYS C 3837 19.10 -44.79 41.14
N GLU C 3838 18.93 -46.12 41.11
CA GLU C 3838 18.96 -46.92 42.34
C GLU C 3838 20.28 -46.75 43.07
N TYR C 3839 21.39 -46.74 42.33
CA TYR C 3839 22.71 -46.57 42.93
C TYR C 3839 22.80 -45.26 43.70
N LYS C 3840 22.29 -44.17 43.12
CA LYS C 3840 22.35 -42.89 43.81
C LYS C 3840 21.49 -42.91 45.07
N ASP C 3841 20.30 -43.54 45.00
CA ASP C 3841 19.52 -43.70 46.24
C ASP C 3841 20.28 -44.48 47.29
N TRP C 3842 21.04 -45.51 46.89
CA TRP C 3842 21.77 -46.29 47.88
C TRP C 3842 22.92 -45.49 48.50
N LEU C 3843 23.66 -44.73 47.67
CA LEU C 3843 24.68 -43.84 48.24
C LEU C 3843 24.06 -42.83 49.20
N THR C 3844 22.85 -42.35 48.91
CA THR C 3844 22.15 -41.54 49.92
C THR C 3844 21.81 -42.37 51.14
N LYS C 3845 21.44 -43.63 50.93
CA LYS C 3845 21.12 -44.63 51.94
C LYS C 3845 22.36 -45.23 52.62
N SER C 3847 24.84 -42.58 53.59
CA SER C 3847 25.34 -41.36 54.22
C SER C 3847 24.53 -41.00 55.45
N GLY C 3848 23.65 -40.02 55.32
CA GLY C 3848 22.81 -39.57 56.41
C GLY C 3848 21.35 -39.56 56.01
N LYS C 3849 21.03 -38.68 55.07
CA LYS C 3849 19.65 -38.44 54.65
C LYS C 3849 19.56 -38.29 53.14
N HIS C 3850 19.77 -37.06 52.67
CA HIS C 3850 19.66 -36.68 51.27
C HIS C 3850 20.91 -37.04 50.47
N ASP C 3851 21.12 -36.32 49.35
CA ASP C 3851 22.30 -36.48 48.52
C ASP C 3851 23.22 -35.26 48.55
N VAL C 3852 22.71 -34.09 48.94
CA VAL C 3852 23.52 -32.87 49.00
C VAL C 3852 24.68 -33.00 49.98
N GLY C 3853 24.72 -34.07 50.77
CA GLY C 3853 25.79 -34.28 51.73
C GLY C 3853 26.72 -35.39 51.28
N ALA C 3854 26.79 -36.49 52.05
CA ALA C 3854 27.55 -37.68 51.70
C ALA C 3854 29.06 -37.47 51.65
N TYR C 3855 29.54 -36.22 51.66
CA TYR C 3855 30.99 -36.02 51.78
C TYR C 3855 31.47 -36.33 53.19
N LEU C 3857 30.45 -38.71 54.62
CA LEU C 3857 30.50 -40.15 54.54
C LEU C 3857 31.52 -40.56 53.48
N TYR C 3859 32.70 -43.36 53.60
CA TYR C 3859 33.53 -44.39 54.21
C TYR C 3859 33.32 -45.72 53.49
N LYS C 3860 33.87 -46.76 54.09
CA LYS C 3860 33.77 -48.15 53.64
C LYS C 3860 34.60 -48.36 52.38
N GLY C 3861 35.54 -49.28 52.43
CA GLY C 3861 36.42 -49.56 51.32
C GLY C 3861 35.95 -50.82 50.62
N ALA C 3862 35.19 -51.64 51.33
CA ALA C 3862 34.61 -52.83 50.72
C ALA C 3862 33.36 -52.48 49.93
N ASN C 3863 32.48 -51.67 50.51
CA ASN C 3863 31.23 -51.30 49.84
C ASN C 3863 31.45 -50.50 48.57
N ARG C 3864 32.42 -49.58 48.54
CA ARG C 3864 32.69 -48.89 47.29
C ARG C 3864 33.00 -49.88 46.18
N THR C 3865 33.86 -50.86 46.48
CA THR C 3865 34.14 -51.94 45.55
C THR C 3865 32.91 -52.77 45.24
N GLU C 3866 31.94 -52.81 46.15
CA GLU C 3866 30.71 -53.54 45.87
C GLU C 3866 29.77 -52.74 44.95
N THR C 3867 29.77 -51.43 45.11
CA THR C 3867 28.97 -50.54 44.28
C THR C 3867 29.48 -50.53 42.85
N VAL C 3868 30.79 -50.31 42.67
CA VAL C 3868 31.34 -50.32 41.32
C VAL C 3868 31.40 -51.75 40.76
N THR C 3869 31.57 -52.78 41.59
CA THR C 3869 31.45 -54.12 41.02
C THR C 3869 30.05 -54.33 40.46
N SER C 3870 29.03 -54.14 41.28
CA SER C 3870 27.66 -54.33 40.81
C SER C 3870 27.34 -53.43 39.61
N PHE C 3871 27.23 -52.13 39.89
CA PHE C 3871 26.76 -51.18 38.90
C PHE C 3871 27.72 -51.07 37.72
N ARG C 3872 29.03 -51.02 38.00
CA ARG C 3872 30.03 -51.05 36.93
C ARG C 3872 29.83 -52.27 36.03
N LYS C 3873 29.87 -53.48 36.61
CA LYS C 3873 29.76 -54.69 35.80
C LYS C 3873 28.52 -54.63 34.93
N ARG C 3874 27.33 -54.54 35.53
CA ARG C 3874 26.10 -54.58 34.74
C ARG C 3874 25.98 -53.43 33.75
N GLU C 3875 25.80 -52.22 34.29
CA GLU C 3875 25.66 -51.02 33.47
C GLU C 3875 26.77 -50.98 32.45
N SER C 3876 28.01 -50.82 32.91
CA SER C 3876 29.15 -50.64 32.00
C SER C 3876 29.22 -51.69 30.91
N LYS C 3877 29.03 -52.96 31.28
CA LYS C 3877 29.11 -54.02 30.26
C LYS C 3877 28.07 -53.80 29.16
N VAL C 3878 26.89 -53.29 29.48
CA VAL C 3878 25.91 -53.06 28.41
C VAL C 3878 26.45 -52.16 27.28
N PRO C 3879 26.84 -50.91 27.53
CA PRO C 3879 27.28 -50.04 26.43
C PRO C 3879 28.76 -50.16 26.09
N ALA C 3880 29.49 -51.05 26.77
CA ALA C 3880 30.68 -51.62 26.18
C ALA C 3880 30.34 -52.25 24.83
N ASP C 3881 29.46 -53.25 24.89
CA ASP C 3881 28.97 -53.91 23.69
C ASP C 3881 28.24 -52.92 22.79
N LEU C 3882 27.51 -51.96 23.38
CA LEU C 3882 26.85 -50.96 22.54
C LEU C 3882 27.82 -50.04 21.85
N LEU C 3883 28.97 -49.76 22.45
CA LEU C 3883 29.96 -48.89 21.83
C LEU C 3883 30.66 -49.64 20.69
N LYS C 3884 31.11 -50.87 20.98
CA LYS C 3884 31.59 -51.76 19.93
C LYS C 3884 30.56 -51.91 18.81
N ARG C 3885 29.27 -51.89 19.15
CA ARG C 3885 28.20 -52.08 18.16
C ARG C 3885 27.90 -50.80 17.39
N ALA C 3886 28.02 -49.65 18.05
CA ALA C 3886 27.70 -48.39 17.42
C ALA C 3886 28.78 -47.98 16.44
N PHE C 3887 30.04 -48.04 16.88
CA PHE C 3887 31.15 -47.74 16.00
C PHE C 3887 31.01 -48.53 14.69
N VAL C 3888 30.69 -49.81 14.77
CA VAL C 3888 30.53 -50.58 13.54
C VAL C 3888 29.25 -50.23 12.82
N ARG C 3889 28.25 -49.75 13.55
CA ARG C 3889 27.07 -49.31 12.84
C ARG C 3889 27.36 -48.04 12.04
N SER C 3891 29.74 -47.84 10.27
CA SER C 3891 30.75 -48.48 9.42
C SER C 3891 30.22 -49.70 8.67
N THR C 3892 29.71 -49.46 7.47
CA THR C 3892 29.24 -50.55 6.61
C THR C 3892 30.29 -51.63 6.43
N SER C 3893 31.44 -51.26 5.87
CA SER C 3893 32.55 -52.19 5.70
C SER C 3893 33.09 -52.58 7.06
N PRO C 3894 33.04 -53.84 7.45
CA PRO C 3894 33.56 -54.25 8.77
C PRO C 3894 34.99 -53.81 9.04
N GLU C 3895 35.70 -53.32 8.02
CA GLU C 3895 37.11 -52.95 8.15
C GLU C 3895 37.34 -51.52 8.67
N ALA C 3896 36.54 -50.57 8.24
CA ALA C 3896 36.80 -49.19 8.63
C ALA C 3896 36.54 -48.97 10.11
N PHE C 3897 35.61 -49.74 10.68
CA PHE C 3897 35.28 -49.67 12.09
C PHE C 3897 36.54 -49.64 12.97
N LEU C 3898 37.31 -50.73 12.89
CA LEU C 3898 38.64 -50.87 13.48
C LEU C 3898 39.68 -50.00 12.80
N ALA C 3899 39.37 -49.43 11.63
CA ALA C 3899 40.23 -48.38 11.08
C ALA C 3899 40.16 -47.11 11.93
N LEU C 3900 38.96 -46.69 12.30
CA LEU C 3900 38.71 -45.41 12.95
C LEU C 3900 38.87 -45.44 14.47
N ARG C 3901 38.65 -46.61 15.09
CA ARG C 3901 39.01 -46.75 16.50
C ARG C 3901 40.41 -46.22 16.79
N SER C 3902 41.31 -46.31 15.80
CA SER C 3902 42.68 -45.81 15.96
C SER C 3902 42.73 -44.30 16.17
N HIS C 3903 41.87 -43.55 15.45
CA HIS C 3903 41.91 -42.10 15.64
C HIS C 3903 41.07 -41.68 16.84
N PHE C 3904 40.02 -42.47 17.16
CA PHE C 3904 39.39 -42.36 18.48
C PHE C 3904 40.46 -42.44 19.57
N ALA C 3905 41.36 -43.43 19.46
CA ALA C 3905 42.41 -43.69 20.44
C ALA C 3905 43.40 -42.55 20.53
N SER C 3906 44.13 -42.30 19.44
CA SER C 3906 45.05 -41.17 19.40
C SER C 3906 44.42 -39.93 20.02
N SER C 3907 43.26 -39.54 19.48
CA SER C 3907 42.53 -38.38 20.00
C SER C 3907 42.31 -38.44 21.51
N HIS C 3908 41.78 -39.56 22.04
CA HIS C 3908 41.43 -39.59 23.47
C HIS C 3908 42.67 -39.50 24.34
N ALA C 3909 43.67 -40.34 24.09
CA ALA C 3909 44.89 -40.23 24.87
C ALA C 3909 45.39 -38.79 24.87
N LEU C 3910 45.22 -38.12 23.73
CA LEU C 3910 45.66 -36.74 23.62
C LEU C 3910 44.83 -35.83 24.52
N ILE C 3911 43.52 -36.08 24.61
CA ILE C 3911 42.68 -35.29 25.53
C ILE C 3911 43.10 -35.56 26.98
N CYS C 3912 43.61 -36.78 27.25
CA CYS C 3912 43.90 -37.20 28.62
C CYS C 3912 45.20 -36.57 29.13
N ILE C 3913 46.25 -36.59 28.31
CA ILE C 3913 47.41 -35.78 28.62
C ILE C 3913 47.01 -34.32 28.68
N SER C 3914 46.09 -33.92 27.82
CA SER C 3914 45.60 -32.53 27.85
C SER C 3914 45.04 -32.18 29.21
N HIS C 3915 44.40 -33.14 29.89
CA HIS C 3915 43.81 -32.83 31.19
C HIS C 3915 44.83 -32.96 32.32
N TRP C 3916 45.58 -34.06 32.39
CA TRP C 3916 46.69 -34.08 33.34
C TRP C 3916 47.51 -32.81 33.23
N ILE C 3917 47.58 -32.24 32.02
CA ILE C 3917 48.13 -30.90 31.86
C ILE C 3917 47.40 -29.94 32.79
N LEU C 3918 46.07 -29.99 32.84
CA LEU C 3918 45.43 -29.04 33.74
C LEU C 3918 43.97 -29.45 33.94
N GLY C 3919 43.43 -29.05 35.09
CA GLY C 3919 42.20 -29.55 35.68
C GLY C 3919 41.09 -29.98 34.76
N ILE C 3920 40.45 -31.09 35.14
CA ILE C 3920 39.36 -31.70 34.40
C ILE C 3920 38.16 -31.72 35.33
N GLY C 3921 37.46 -30.57 35.41
CA GLY C 3921 36.33 -30.45 36.32
C GLY C 3921 35.18 -29.75 35.63
N ASP C 3922 33.99 -29.97 36.18
CA ASP C 3922 32.73 -29.85 35.45
C ASP C 3922 32.73 -30.78 34.24
N ARG C 3923 33.77 -31.59 34.08
CA ARG C 3923 34.05 -32.30 32.84
C ARG C 3923 33.36 -33.66 32.93
N HIS C 3924 32.08 -33.66 32.56
CA HIS C 3924 31.26 -34.85 32.58
C HIS C 3924 31.55 -35.67 31.33
N LEU C 3925 30.91 -36.83 31.24
CA LEU C 3925 30.92 -37.57 29.98
C LEU C 3925 30.42 -36.73 28.82
N ASN C 3926 29.67 -35.66 29.09
CA ASN C 3926 29.05 -34.82 28.07
C ASN C 3926 29.91 -33.65 27.60
N ASN C 3927 31.09 -33.43 28.17
CA ASN C 3927 31.87 -32.23 27.88
C ASN C 3927 33.09 -32.51 27.03
N PHE C 3928 33.57 -33.75 27.00
CA PHE C 3928 34.38 -34.16 25.88
C PHE C 3928 33.43 -34.80 24.88
N VAL C 3930 32.81 -36.14 20.56
CA VAL C 3930 33.41 -36.91 19.49
C VAL C 3930 33.06 -36.28 18.15
N ALA C 3931 33.93 -36.54 17.17
CA ALA C 3931 33.73 -36.15 15.80
C ALA C 3931 33.48 -37.42 14.99
N GLU C 3933 33.27 -37.37 11.46
CA GLU C 3933 34.12 -37.34 10.30
C GLU C 3933 35.31 -38.22 10.61
N THR C 3934 36.32 -37.60 11.17
CA THR C 3934 37.51 -38.32 11.57
C THR C 3934 37.28 -39.16 12.76
N GLY C 3935 36.02 -39.28 13.19
CA GLY C 3935 35.67 -40.03 14.38
C GLY C 3935 36.66 -39.77 15.49
N GLY C 3936 36.93 -38.50 15.77
CA GLY C 3936 37.99 -38.16 16.70
C GLY C 3936 37.54 -37.09 17.68
N VAL C 3937 38.16 -37.13 18.85
CA VAL C 3937 37.58 -36.58 20.04
C VAL C 3937 38.21 -35.25 20.37
N ILE C 3938 37.49 -34.45 21.14
CA ILE C 3938 37.86 -33.07 21.43
C ILE C 3938 37.23 -32.67 22.74
N GLY C 3939 37.86 -31.72 23.42
CA GLY C 3939 37.44 -31.37 24.75
C GLY C 3939 36.97 -29.93 24.87
N ILE C 3940 35.73 -29.72 25.29
CA ILE C 3940 35.15 -28.38 25.23
C ILE C 3940 35.15 -27.69 26.57
N ASP C 3941 35.31 -28.43 27.68
CA ASP C 3941 35.16 -27.77 28.97
C ASP C 3941 36.45 -27.15 29.44
N PHE C 3942 36.30 -25.99 30.04
CA PHE C 3942 37.43 -25.27 30.60
C PHE C 3942 36.94 -24.50 31.82
N GLY C 3943 35.72 -24.78 32.29
CA GLY C 3943 35.26 -24.22 33.54
C GLY C 3943 36.30 -24.33 34.64
N HIS C 3944 36.89 -25.53 34.78
CA HIS C 3944 37.63 -25.93 35.98
C HIS C 3944 39.08 -26.20 35.62
N ALA C 3945 39.99 -25.39 36.16
CA ALA C 3945 41.39 -25.44 35.77
C ALA C 3945 42.26 -25.76 36.98
N PHE C 3946 43.13 -26.75 36.81
CA PHE C 3946 44.14 -27.17 37.79
C PHE C 3946 43.60 -27.79 39.06
N GLY C 3947 43.89 -27.11 40.17
CA GLY C 3947 43.55 -27.58 41.49
C GLY C 3947 42.06 -27.55 41.68
N SER C 3948 41.45 -26.36 41.52
CA SER C 3948 40.03 -26.16 41.76
C SER C 3948 39.20 -27.29 41.21
N ALA C 3949 39.65 -27.89 40.09
CA ALA C 3949 39.01 -29.09 39.56
C ALA C 3949 38.85 -30.15 40.65
N THR C 3950 39.96 -30.53 41.25
CA THR C 3950 39.96 -31.58 42.26
C THR C 3950 39.94 -31.02 43.68
N GLN C 3951 40.42 -29.79 43.83
CA GLN C 3951 40.64 -29.18 45.14
C GLN C 3951 39.34 -28.76 45.80
N PHE C 3952 38.49 -28.03 45.06
CA PHE C 3952 37.34 -27.37 45.67
C PHE C 3952 36.52 -28.30 46.53
N LEU C 3953 36.24 -27.84 47.75
CA LEU C 3953 35.41 -28.61 48.66
C LEU C 3953 34.02 -28.87 48.10
N PRO C 3954 33.32 -27.90 47.48
CA PRO C 3954 31.97 -28.20 47.02
C PRO C 3954 31.92 -29.35 46.04
N VAL C 3955 32.92 -29.45 45.17
CA VAL C 3955 33.04 -30.65 44.35
C VAL C 3955 34.41 -31.28 44.60
N PRO C 3956 34.46 -32.37 45.37
CA PRO C 3956 35.74 -33.04 45.62
C PRO C 3956 35.97 -34.15 44.63
N GLU C 3957 36.87 -33.89 43.71
CA GLU C 3957 37.07 -34.71 42.53
C GLU C 3957 38.52 -35.11 42.54
N LEU C 3958 38.85 -36.14 41.77
CA LEU C 3958 40.25 -36.49 41.53
C LEU C 3958 40.44 -37.57 40.47
N PRO C 3960 43.02 -38.25 36.62
CA PRO C 3960 43.90 -37.74 35.55
C PRO C 3960 43.13 -37.37 34.31
N PHE C 3961 42.03 -38.09 34.06
CA PHE C 3961 41.23 -37.98 32.85
C PHE C 3961 40.10 -39.00 32.87
N ARG C 3962 38.98 -38.68 32.23
CA ARG C 3962 37.81 -39.54 32.28
C ARG C 3962 38.05 -40.86 31.54
N LEU C 3963 38.61 -41.85 32.22
CA LEU C 3963 38.68 -43.20 31.66
C LEU C 3963 37.46 -44.01 32.09
N THR C 3964 36.27 -43.44 31.88
CA THR C 3964 35.03 -44.14 32.20
C THR C 3964 34.99 -45.49 31.50
N ARG C 3965 34.13 -46.39 31.99
CA ARG C 3965 34.31 -47.80 31.70
C ARG C 3965 34.00 -48.15 30.24
N GLN C 3966 32.77 -47.86 29.77
CA GLN C 3966 32.43 -48.21 28.39
C GLN C 3966 33.49 -47.70 27.44
N PHE C 3967 34.16 -46.63 27.84
CA PHE C 3967 35.20 -46.06 27.00
C PHE C 3967 36.37 -47.02 26.84
N ILE C 3968 36.90 -47.54 27.94
CA ILE C 3968 38.01 -48.47 27.75
C ILE C 3968 37.52 -49.83 27.28
N ASN C 3969 36.21 -50.07 27.35
CA ASN C 3969 35.66 -51.32 26.88
C ASN C 3969 35.62 -51.41 25.36
N LEU C 3970 35.32 -50.29 24.70
CA LEU C 3970 35.14 -50.34 23.26
C LEU C 3970 36.44 -50.54 22.50
N LEU C 3972 39.36 -53.04 21.89
CA LEU C 3972 39.33 -54.49 21.85
C LEU C 3972 39.83 -55.03 23.19
N PRO C 3973 39.70 -56.32 23.49
CA PRO C 3973 40.34 -56.85 24.70
C PRO C 3973 41.82 -56.49 24.79
N LYS C 3975 44.74 -54.25 27.49
CA LYS C 3975 46.07 -54.78 27.12
C LYS C 3975 46.81 -53.76 26.23
N GLU C 3976 46.34 -53.64 24.97
CA GLU C 3976 46.72 -52.55 24.08
C GLU C 3976 46.34 -51.19 24.65
N THR C 3977 45.39 -51.15 25.58
CA THR C 3977 45.23 -49.98 26.42
C THR C 3977 46.58 -49.57 27.00
N GLY C 3978 47.17 -50.46 27.78
CA GLY C 3978 48.45 -50.22 28.41
C GLY C 3978 49.58 -49.96 27.44
N LEU C 3979 49.27 -49.78 26.14
CA LEU C 3979 50.25 -49.35 25.13
C LEU C 3979 49.78 -48.26 24.17
N TYR C 3981 49.08 -46.22 25.83
CA TYR C 3981 50.17 -45.79 26.68
C TYR C 3981 51.35 -45.21 25.90
N SER C 3982 51.87 -45.94 24.91
CA SER C 3982 53.03 -45.44 24.17
C SER C 3982 52.73 -44.08 23.60
N ILE C 3983 51.50 -43.90 23.14
CA ILE C 3983 51.04 -42.62 22.63
C ILE C 3983 51.16 -41.57 23.72
N VAL C 3985 53.02 -41.50 26.07
CA VAL C 3985 54.43 -41.33 26.44
C VAL C 3985 55.14 -40.38 25.48
N HIS C 3986 55.18 -40.74 24.19
CA HIS C 3986 55.77 -39.84 23.20
C HIS C 3986 55.21 -38.44 23.38
N ALA C 3987 53.90 -38.37 23.61
CA ALA C 3987 53.29 -37.15 24.11
C ALA C 3987 54.09 -36.58 25.26
N LEU C 3988 54.23 -37.35 26.34
CA LEU C 3988 54.77 -36.82 27.59
C LEU C 3988 56.18 -36.26 27.41
N ARG C 3989 57.13 -37.12 27.04
CA ARG C 3989 58.48 -36.65 26.83
C ARG C 3989 58.53 -35.45 25.89
N ALA C 3990 57.65 -35.44 24.89
CA ALA C 3990 57.58 -34.26 24.03
C ALA C 3990 57.29 -33.01 24.86
N PHE C 3991 56.24 -33.06 25.68
CA PHE C 3991 55.99 -31.97 26.62
C PHE C 3991 57.26 -31.63 27.39
N ARG C 3992 57.94 -32.68 27.89
CA ARG C 3992 58.96 -32.51 28.93
C ARG C 3992 60.10 -31.61 28.47
N SER C 3993 60.66 -31.92 27.30
CA SER C 3993 61.94 -31.38 26.85
C SER C 3993 62.09 -29.87 27.08
N ASP C 3994 61.08 -29.09 26.65
CA ASP C 3994 61.14 -27.64 26.79
C ASP C 3994 60.18 -27.13 27.86
N PRO C 3995 60.65 -26.84 29.08
CA PRO C 3995 59.74 -26.35 30.11
C PRO C 3995 59.36 -24.89 29.97
N GLY C 3996 60.32 -24.05 29.55
CA GLY C 3996 60.19 -22.60 29.59
C GLY C 3996 58.90 -22.04 29.00
N LEU C 3997 58.65 -22.35 27.73
CA LEU C 3997 57.45 -21.87 27.06
C LEU C 3997 56.21 -22.23 27.86
N LEU C 3998 56.00 -23.53 28.05
CA LEU C 3998 54.84 -24.06 28.76
C LEU C 3998 54.64 -23.36 30.09
N THR C 3999 55.71 -23.32 30.90
CA THR C 3999 55.70 -22.64 32.19
C THR C 3999 55.18 -21.22 32.05
N ASN C 4000 55.90 -20.38 31.31
CA ASN C 4000 55.48 -19.01 31.07
C ASN C 4000 53.97 -18.91 30.80
N THR C 4001 53.52 -19.62 29.75
CA THR C 4001 52.11 -19.67 29.41
C THR C 4001 51.24 -19.87 30.64
N ASP C 4003 51.89 -19.58 33.71
CA ASP C 4003 52.08 -18.59 34.74
C ASP C 4003 51.13 -17.41 34.53
N VAL C 4004 51.30 -16.72 33.41
CA VAL C 4004 50.45 -15.55 33.17
C VAL C 4004 49.00 -15.96 32.95
N PHE C 4005 48.77 -17.21 32.58
CA PHE C 4005 47.41 -17.72 32.44
C PHE C 4005 46.74 -17.91 33.80
N VAL C 4006 47.47 -18.40 34.80
CA VAL C 4006 46.86 -18.51 36.13
C VAL C 4006 46.69 -17.15 36.77
N LYS C 4007 47.72 -16.31 36.71
CA LYS C 4007 47.67 -15.02 37.40
C LYS C 4007 46.68 -14.05 36.75
N GLU C 4008 46.59 -14.05 35.40
CA GLU C 4008 45.95 -12.93 34.72
C GLU C 4008 44.44 -12.81 34.97
N PRO C 4009 43.61 -13.79 34.59
CA PRO C 4009 42.17 -13.54 34.56
C PRO C 4009 41.59 -13.60 35.96
N SER C 4010 40.80 -12.59 36.32
CA SER C 4010 39.99 -12.70 37.54
C SER C 4010 39.07 -13.93 37.49
N PHE C 4011 38.55 -14.28 36.32
CA PHE C 4011 37.67 -15.45 36.18
C PHE C 4011 38.47 -16.74 36.20
N ASP C 4012 39.54 -16.77 37.00
CA ASP C 4012 40.42 -17.92 37.15
C ASP C 4012 40.89 -18.12 38.59
N TRP C 4013 40.77 -17.12 39.46
CA TRP C 4013 41.09 -17.26 40.88
C TRP C 4013 40.23 -16.30 41.70
N LYS C 4014 40.18 -15.02 41.28
CA LYS C 4014 39.37 -13.98 41.93
C LYS C 4014 37.90 -14.00 41.49
N ASN C 4015 37.59 -14.58 40.33
CA ASN C 4015 36.22 -14.79 39.90
C ASN C 4015 35.99 -16.22 39.48
N PHE C 4016 36.97 -17.11 39.69
CA PHE C 4016 36.66 -18.53 39.68
C PHE C 4016 35.60 -18.83 40.72
N GLU C 4017 35.59 -18.08 41.82
CA GLU C 4017 34.38 -17.94 42.62
C GLU C 4017 33.20 -17.63 41.72
N GLN C 4018 33.26 -16.49 41.03
CA GLN C 4018 32.14 -16.03 40.21
C GLN C 4018 31.74 -17.07 39.16
N LYS C 4019 32.73 -17.72 38.54
CA LYS C 4019 32.46 -18.77 37.56
C LYS C 4019 31.84 -20.00 38.21
N LEU C 4021 30.55 -20.49 40.86
CA LEU C 4021 29.24 -20.21 41.44
C LEU C 4021 28.19 -20.05 40.35
N LYS C 4022 28.55 -19.43 39.22
CA LYS C 4022 27.60 -19.37 38.11
C LYS C 4022 27.13 -20.76 37.71
N LYS C 4023 28.03 -21.75 37.75
CA LYS C 4023 27.64 -23.12 37.40
C LYS C 4023 26.59 -23.65 38.39
N GLY C 4024 26.95 -23.73 39.67
CA GLY C 4024 26.05 -24.28 40.67
C GLY C 4024 26.07 -23.49 41.97
N GLY C 4025 24.89 -23.46 42.62
CA GLY C 4025 24.72 -22.65 43.81
C GLY C 4025 25.37 -23.25 45.02
N SER C 4026 25.27 -24.58 45.18
CA SER C 4026 25.80 -25.27 46.35
C SER C 4026 27.29 -24.99 46.56
N TRP C 4027 28.01 -24.63 45.49
CA TRP C 4027 29.43 -24.35 45.62
C TRP C 4027 29.70 -23.12 46.49
N ILE C 4028 28.98 -22.03 46.25
CA ILE C 4028 29.41 -20.73 46.76
C ILE C 4028 29.39 -20.70 48.29
N GLN C 4029 28.54 -21.52 48.90
CA GLN C 4029 28.41 -21.44 50.35
C GLN C 4029 29.63 -22.05 51.06
N GLU C 4030 30.29 -23.06 50.46
CA GLU C 4030 31.51 -23.53 51.10
C GLU C 4030 32.74 -22.79 50.57
N ILE C 4031 32.72 -22.40 49.28
CA ILE C 4031 33.87 -21.76 48.64
C ILE C 4031 34.46 -20.67 49.51
N ASN C 4032 33.66 -19.64 49.79
CA ASN C 4032 34.15 -18.49 50.56
C ASN C 4032 34.85 -18.95 51.84
N VAL C 4033 34.22 -19.87 52.59
CA VAL C 4033 34.77 -20.27 53.88
C VAL C 4033 36.10 -21.02 53.73
N ALA C 4034 36.35 -21.64 52.58
CA ALA C 4034 37.68 -22.16 52.29
C ALA C 4034 38.62 -21.08 51.75
N GLU C 4035 38.10 -20.13 50.96
CA GLU C 4035 38.92 -19.09 50.34
C GLU C 4035 38.79 -17.76 51.07
N LYS C 4036 39.05 -17.74 52.36
CA LYS C 4036 39.22 -16.47 53.07
C LYS C 4036 40.71 -16.21 53.27
N ASN C 4037 41.18 -15.09 52.73
CA ASN C 4037 42.58 -14.68 52.84
C ASN C 4037 43.51 -15.75 52.28
N TRP C 4038 43.06 -16.41 51.20
CA TRP C 4038 43.75 -17.55 50.58
C TRP C 4038 43.91 -17.30 49.08
N TYR C 4039 45.12 -17.53 48.58
CA TYR C 4039 45.49 -17.22 47.19
C TYR C 4039 46.00 -18.46 46.48
N PRO C 4040 45.35 -18.92 45.40
CA PRO C 4040 45.79 -20.16 44.74
C PRO C 4040 46.65 -19.92 43.50
N ARG C 4041 47.37 -18.81 43.43
CA ARG C 4041 48.03 -18.47 42.16
C ARG C 4041 49.33 -19.24 42.00
N GLN C 4042 50.40 -18.66 42.53
CA GLN C 4042 51.74 -19.19 42.34
C GLN C 4042 51.85 -20.61 42.85
N LYS C 4043 50.94 -21.05 43.71
CA LYS C 4043 51.00 -22.39 44.27
C LYS C 4043 50.37 -23.42 43.31
N ILE C 4044 49.17 -23.14 42.79
CA ILE C 4044 48.64 -23.96 41.69
C ILE C 4044 49.67 -24.08 40.59
N CYS C 4045 50.21 -22.94 40.17
CA CYS C 4045 51.20 -22.96 39.11
C CYS C 4045 52.40 -23.80 39.48
N TYR C 4046 53.02 -23.53 40.64
CA TYR C 4046 54.28 -24.19 41.02
C TYR C 4046 54.09 -25.69 41.25
N ALA C 4047 53.05 -26.05 41.99
CA ALA C 4047 52.70 -27.47 42.15
C ALA C 4047 52.64 -28.14 40.79
N LYS C 4048 51.97 -27.50 39.85
CA LYS C 4048 51.75 -28.11 38.55
C LYS C 4048 52.99 -28.09 37.66
N ARG C 4049 53.77 -27.01 37.70
CA ARG C 4049 55.05 -27.03 37.03
C ARG C 4049 55.90 -28.18 37.55
N LYS C 4050 55.82 -28.41 38.87
CA LYS C 4050 56.38 -29.64 39.41
C LYS C 4050 55.75 -30.85 38.73
N LEU C 4051 54.47 -30.73 38.35
CA LEU C 4051 53.81 -31.80 37.59
C LEU C 4051 54.45 -31.97 36.22
N ALA C 4052 54.91 -30.89 35.60
CA ALA C 4052 55.78 -31.01 34.44
C ALA C 4052 57.09 -31.70 34.81
N GLY C 4053 57.65 -31.35 35.98
CA GLY C 4053 58.94 -31.82 36.44
C GLY C 4053 58.99 -33.33 36.56
N ALA C 4054 58.38 -33.89 37.61
CA ALA C 4054 58.37 -35.35 37.73
C ALA C 4054 57.34 -35.87 38.74
N ASN C 4055 56.28 -35.10 39.00
CA ASN C 4055 55.31 -35.54 40.01
C ASN C 4055 54.68 -36.86 39.58
N PRO C 4056 54.74 -37.89 40.40
CA PRO C 4056 54.20 -39.18 39.98
C PRO C 4056 52.81 -39.38 40.54
N ALA C 4057 52.10 -40.41 40.07
CA ALA C 4057 50.86 -40.88 40.68
C ALA C 4057 49.82 -39.80 40.96
N VAL C 4058 50.00 -38.61 40.39
CA VAL C 4058 49.24 -37.43 40.78
C VAL C 4058 49.43 -37.25 42.29
N ILE C 4059 50.44 -37.95 42.80
CA ILE C 4059 50.52 -38.23 44.24
C ILE C 4059 50.66 -36.95 45.03
N THR C 4060 51.56 -36.06 44.57
CA THR C 4060 51.74 -34.76 45.21
C THR C 4060 50.63 -33.80 44.82
N CYS C 4061 50.09 -33.92 43.62
CA CYS C 4061 48.87 -33.20 43.29
C CYS C 4061 47.78 -33.55 44.29
N ASP C 4062 47.53 -34.85 44.49
CA ASP C 4062 46.64 -35.28 45.56
C ASP C 4062 46.99 -34.67 46.91
N GLU C 4063 48.24 -34.81 47.37
CA GLU C 4063 48.62 -34.25 48.67
C GLU C 4063 48.22 -32.78 48.78
N LEU C 4064 48.52 -32.00 47.74
CA LEU C 4064 48.22 -30.57 47.76
C LEU C 4064 46.71 -30.33 47.81
N LEU C 4065 45.92 -31.13 47.10
CA LEU C 4065 44.48 -31.01 47.27
C LEU C 4065 44.01 -31.51 48.63
N LEU C 4066 44.80 -32.38 49.25
CA LEU C 4066 44.45 -33.01 50.53
C LEU C 4066 44.50 -31.99 51.67
N GLY C 4067 45.60 -31.25 51.78
CA GLY C 4067 45.81 -30.38 52.93
C GLY C 4067 44.66 -29.47 53.35
N HIS C 4068 43.73 -29.18 52.44
CA HIS C 4068 42.59 -28.30 52.72
C HIS C 4068 41.47 -29.02 53.47
N GLU C 4069 40.50 -29.60 52.76
CA GLU C 4069 39.41 -30.32 53.41
C GLU C 4069 39.13 -31.65 52.73
N LYS C 4070 39.33 -32.77 53.45
CA LYS C 4070 39.85 -32.82 54.82
C LYS C 4070 40.81 -34.00 54.98
N ALA C 4071 41.86 -33.82 55.78
CA ALA C 4071 42.98 -34.76 55.79
C ALA C 4071 42.60 -36.20 56.16
N PRO C 4072 42.04 -36.49 57.37
CA PRO C 4072 41.72 -37.90 57.67
C PRO C 4072 40.48 -38.43 56.95
N ALA C 4073 39.54 -37.54 56.60
CA ALA C 4073 38.32 -37.97 55.92
C ALA C 4073 38.60 -38.40 54.49
N PHE C 4074 39.27 -37.56 53.70
CA PHE C 4074 39.47 -37.79 52.28
C PHE C 4074 40.89 -38.19 51.92
N ARG C 4075 41.88 -37.70 52.68
CA ARG C 4075 43.28 -37.95 52.37
C ARG C 4075 43.57 -39.44 52.27
N ASP C 4076 43.24 -40.19 53.33
CA ASP C 4076 43.38 -41.65 53.29
C ASP C 4076 42.72 -42.24 52.05
N TYR C 4077 41.56 -41.69 51.68
CA TYR C 4077 40.87 -42.17 50.50
C TYR C 4077 41.75 -42.02 49.25
N VAL C 4078 42.39 -40.87 49.07
CA VAL C 4078 43.27 -40.77 47.91
C VAL C 4078 44.46 -41.71 48.06
N ALA C 4079 44.92 -41.94 49.29
CA ALA C 4079 46.00 -42.89 49.53
C ALA C 4079 45.58 -44.34 49.32
N VAL C 4080 44.28 -44.62 49.10
CA VAL C 4080 43.86 -46.00 48.85
C VAL C 4080 44.23 -46.43 47.43
N ALA C 4081 44.03 -45.55 46.45
CA ALA C 4081 44.51 -45.82 45.10
C ALA C 4081 46.03 -45.94 45.05
N ARG C 4082 46.69 -45.65 46.19
CA ARG C 4082 48.12 -45.74 46.39
C ARG C 4082 48.49 -46.85 47.39
N GLY C 4083 47.50 -47.50 47.99
CA GLY C 4083 47.73 -48.36 49.14
C GLY C 4083 47.95 -49.84 48.87
N SER C 4084 46.88 -50.55 48.49
CA SER C 4084 46.97 -51.98 48.22
C SER C 4084 48.15 -52.27 47.30
N LYS C 4085 48.92 -53.32 47.62
CA LYS C 4085 50.23 -53.50 47.00
C LYS C 4085 50.09 -53.53 45.47
N ASP C 4086 49.05 -54.21 44.97
CA ASP C 4086 48.76 -54.23 43.54
C ASP C 4086 48.54 -52.81 43.00
N HIS C 4087 47.86 -51.96 43.78
CA HIS C 4087 47.80 -50.56 43.39
C HIS C 4087 48.96 -49.76 43.96
N ASN C 4088 49.60 -50.24 45.04
CA ASN C 4088 50.81 -49.63 45.59
C ASN C 4088 51.95 -49.59 44.57
N ILE C 4089 51.83 -50.34 43.47
CA ILE C 4089 52.65 -50.08 42.28
C ILE C 4089 52.46 -48.64 41.77
N ARG C 4090 51.36 -47.97 42.15
CA ARG C 4090 51.23 -46.54 41.93
C ARG C 4090 52.02 -45.72 42.95
N ALA C 4091 52.50 -46.35 44.04
CA ALA C 4091 53.11 -45.69 45.21
C ALA C 4091 54.60 -45.89 45.38
N GLN C 4092 55.13 -47.03 44.97
CA GLN C 4092 56.50 -47.42 45.23
C GLN C 4092 57.40 -46.85 44.15
N GLU C 4093 57.00 -47.07 42.89
CA GLU C 4093 57.72 -46.52 41.76
C GLU C 4093 57.79 -45.00 41.75
N PRO C 4094 56.84 -44.23 42.37
CA PRO C 4094 57.04 -42.79 42.53
C PRO C 4094 58.44 -42.34 42.90
N GLU C 4095 59.08 -41.66 41.95
CA GLU C 4095 60.46 -41.21 42.04
C GLU C 4095 60.53 -39.90 41.27
N SER C 4096 61.19 -38.90 41.86
CA SER C 4096 61.36 -37.60 41.25
C SER C 4096 62.42 -37.58 40.14
N GLY C 4097 63.09 -38.70 39.88
CA GLY C 4097 64.31 -38.70 39.10
C GLY C 4097 64.16 -38.73 37.59
N LEU C 4098 63.39 -37.79 37.05
CA LEU C 4098 63.19 -37.62 35.60
C LEU C 4098 62.84 -38.97 34.98
N SER C 4099 61.82 -39.61 35.55
CA SER C 4099 61.40 -40.93 35.11
C SER C 4099 60.45 -40.74 33.92
N GLU C 4100 60.79 -41.36 32.78
CA GLU C 4100 60.00 -41.15 31.57
C GLU C 4100 58.56 -41.65 31.71
N GLU C 4101 58.39 -42.97 31.81
CA GLU C 4101 57.10 -43.63 31.74
C GLU C 4101 56.48 -43.90 33.10
N THR C 4102 57.18 -43.62 34.20
CA THR C 4102 56.63 -43.78 35.54
C THR C 4102 55.24 -43.15 35.61
N GLN C 4103 55.20 -41.82 35.47
CA GLN C 4103 53.97 -41.04 35.55
C GLN C 4103 52.87 -41.65 34.69
N VAL C 4104 53.23 -42.24 33.56
CA VAL C 4104 52.24 -42.83 32.68
C VAL C 4104 51.87 -44.22 33.17
N LYS C 4105 52.88 -45.09 33.35
CA LYS C 4105 52.67 -46.48 33.74
C LYS C 4105 51.70 -46.56 34.91
N CYS C 4106 51.80 -45.61 35.83
CA CYS C 4106 50.86 -45.52 36.93
C CYS C 4106 49.58 -44.81 36.52
N LEU C 4107 49.71 -43.67 35.84
CA LEU C 4107 48.62 -42.71 35.72
C LEU C 4107 47.29 -43.36 35.32
N ASP C 4109 46.15 -46.92 36.00
CA ASP C 4109 45.65 -47.56 37.22
C ASP C 4109 45.40 -46.57 38.34
N GLN C 4110 45.84 -45.32 38.19
CA GLN C 4110 45.30 -44.25 39.02
C GLN C 4110 43.95 -43.76 38.54
N ALA C 4111 43.32 -44.43 37.57
CA ALA C 4111 41.98 -44.03 37.15
C ALA C 4111 41.04 -45.23 37.16
N THR C 4112 41.56 -46.41 36.87
CA THR C 4112 40.78 -47.65 36.99
C THR C 4112 40.98 -48.32 38.35
N ASP C 4113 41.01 -47.51 39.41
CA ASP C 4113 41.06 -47.99 40.78
C ASP C 4113 39.63 -47.92 41.32
N PRO C 4114 38.82 -48.96 41.12
CA PRO C 4114 37.35 -48.80 41.22
C PRO C 4114 36.88 -48.03 42.42
N ASN C 4115 37.66 -48.05 43.51
CA ASN C 4115 37.45 -47.11 44.60
C ASN C 4115 37.16 -45.72 44.02
N ILE C 4116 38.15 -45.18 43.29
CA ILE C 4116 38.10 -43.79 42.86
C ILE C 4116 36.83 -43.51 42.08
N LEU C 4117 36.42 -44.47 41.25
CA LEU C 4117 35.25 -44.34 40.41
C LEU C 4117 34.02 -44.27 41.29
N GLY C 4118 33.70 -45.36 41.98
CA GLY C 4118 32.48 -45.42 42.76
C GLY C 4118 32.35 -44.28 43.73
N ARG C 4119 33.49 -43.69 44.09
CA ARG C 4119 33.47 -42.55 45.00
C ARG C 4119 32.88 -41.33 44.31
N THR C 4120 33.35 -41.02 43.12
CA THR C 4120 33.40 -39.63 42.69
C THR C 4120 32.05 -38.95 42.67
N TRP C 4121 31.28 -39.13 41.60
CA TRP C 4121 30.07 -38.32 41.47
C TRP C 4121 29.10 -38.96 40.49
N GLU C 4122 27.93 -38.34 40.40
CA GLU C 4122 26.83 -38.84 39.59
C GLU C 4122 26.94 -38.45 38.11
N GLY C 4123 27.66 -37.36 37.82
CA GLY C 4123 27.74 -36.88 36.46
C GLY C 4123 28.71 -37.66 35.61
N TRP C 4124 29.74 -38.22 36.23
CA TRP C 4124 30.76 -38.93 35.47
C TRP C 4124 30.32 -40.26 34.94
N GLU C 4125 29.05 -40.63 35.13
CA GLU C 4125 28.53 -41.94 34.82
C GLU C 4125 29.65 -42.98 34.94
N PRO C 4126 30.43 -42.98 36.03
CA PRO C 4126 31.56 -43.91 36.06
C PRO C 4126 31.09 -45.34 35.96
N TRP C 4127 29.78 -45.56 36.14
CA TRP C 4127 29.11 -46.83 35.87
C TRP C 4127 29.66 -47.47 34.63
N UNK D 141 35.02 -83.17 -44.90
CA UNK D 141 34.21 -84.05 -45.75
C UNK D 141 32.92 -83.36 -46.18
N UNK D 142 32.31 -82.60 -45.27
CA UNK D 142 31.13 -81.81 -45.63
C UNK D 142 31.47 -80.72 -46.65
N UNK D 143 32.71 -80.23 -46.65
CA UNK D 143 33.15 -79.30 -47.69
C UNK D 143 33.17 -80.00 -49.05
N UNK D 144 33.79 -81.16 -49.13
CA UNK D 144 33.79 -81.94 -50.37
C UNK D 144 32.40 -82.44 -50.73
N UNK D 145 31.59 -82.84 -49.73
CA UNK D 145 30.23 -83.29 -50.04
C UNK D 145 29.37 -82.16 -50.57
N UNK D 146 29.67 -80.93 -50.14
CA UNK D 146 29.01 -79.77 -50.72
C UNK D 146 29.56 -79.47 -52.11
N UNK D 147 30.86 -79.67 -52.34
CA UNK D 147 31.43 -79.45 -53.67
C UNK D 147 30.90 -80.47 -54.68
N UNK D 148 30.55 -81.67 -54.20
CA UNK D 148 29.94 -82.73 -54.98
C UNK D 148 28.41 -82.78 -54.87
N UNK D 149 27.78 -81.82 -54.21
CA UNK D 149 26.32 -81.72 -54.23
C UNK D 149 25.83 -80.58 -55.10
N UNK D 150 26.75 -79.88 -55.77
CA UNK D 150 26.51 -78.72 -56.61
C UNK D 150 26.04 -77.56 -55.75
N UNK D 151 26.21 -76.33 -56.24
CA UNK D 151 25.82 -75.15 -55.47
C UNK D 151 24.32 -75.06 -55.24
N UNK D 152 23.80 -73.87 -54.92
CA UNK D 152 22.38 -73.73 -54.63
C UNK D 152 21.91 -72.31 -54.95
N UNK D 153 21.99 -71.96 -56.24
CA UNK D 153 21.63 -70.65 -56.77
C UNK D 153 22.49 -69.53 -56.19
N UNK D 154 22.50 -68.39 -56.88
CA UNK D 154 23.29 -67.21 -56.54
C UNK D 154 23.17 -66.22 -57.70
N UNK D 155 24.29 -65.60 -58.09
CA UNK D 155 24.31 -64.70 -59.24
C UNK D 155 23.33 -63.55 -59.01
N UNK D 156 22.04 -63.76 -59.35
CA UNK D 156 21.04 -62.73 -59.07
C UNK D 156 19.56 -63.10 -59.30
N UNK D 157 19.16 -63.22 -60.57
CA UNK D 157 17.75 -63.17 -60.97
C UNK D 157 16.91 -64.39 -60.60
N UNK D 158 17.26 -65.54 -61.16
CA UNK D 158 16.45 -66.75 -61.00
C UNK D 158 16.10 -66.99 -59.54
N UNK D 159 17.10 -66.91 -58.66
CA UNK D 159 16.86 -67.11 -57.24
C UNK D 159 15.93 -66.04 -56.66
N UNK D 160 15.97 -64.82 -57.21
CA UNK D 160 15.11 -63.77 -56.65
C UNK D 160 13.66 -64.07 -56.95
N UNK D 161 13.38 -64.53 -58.18
CA UNK D 161 12.00 -64.84 -58.51
C UNK D 161 11.54 -66.13 -57.83
N UNK D 162 12.41 -67.14 -57.79
CA UNK D 162 12.08 -68.38 -57.10
C UNK D 162 11.86 -68.16 -55.60
N UNK D 163 12.64 -67.26 -54.98
CA UNK D 163 12.51 -66.97 -53.56
C UNK D 163 11.29 -66.12 -53.24
N UNK D 164 10.90 -65.21 -54.14
CA UNK D 164 9.62 -64.53 -53.96
C UNK D 164 8.48 -65.55 -54.04
N UNK D 165 8.57 -66.49 -54.99
CA UNK D 165 7.59 -67.56 -55.06
C UNK D 165 7.58 -68.37 -53.78
N UNK D 166 8.77 -68.64 -53.22
CA UNK D 166 8.85 -69.42 -51.98
C UNK D 166 8.23 -68.66 -50.81
N UNK D 167 8.40 -67.33 -50.78
CA UNK D 167 7.73 -66.54 -49.75
C UNK D 167 6.22 -66.65 -49.88
N UNK D 168 5.73 -66.62 -51.12
CA UNK D 168 4.29 -66.79 -51.34
C UNK D 168 3.82 -68.13 -50.79
N UNK D 169 4.51 -69.21 -51.19
CA UNK D 169 4.06 -70.56 -50.81
C UNK D 169 4.15 -70.78 -49.30
N UNK D 170 5.27 -70.37 -48.70
CA UNK D 170 5.45 -70.58 -47.25
C UNK D 170 4.45 -69.76 -46.44
N UNK D 171 4.20 -68.50 -46.83
CA UNK D 171 3.21 -67.70 -46.11
C UNK D 171 1.81 -68.32 -46.21
N UNK D 172 1.46 -68.86 -47.39
CA UNK D 172 0.13 -69.45 -47.56
C UNK D 172 -0.06 -70.67 -46.66
N UNK D 173 0.90 -71.60 -46.67
CA UNK D 173 0.80 -72.85 -45.91
C UNK D 173 0.64 -72.61 -44.41
N UNK D 174 -7.22 -65.09 -84.35
CA UNK D 174 -8.00 -65.50 -83.18
C UNK D 174 -9.45 -65.03 -83.29
N UNK D 175 -9.77 -64.50 -84.47
CA UNK D 175 -11.10 -64.09 -84.89
C UNK D 175 -10.98 -63.56 -86.32
N UNK D 176 -12.03 -62.96 -86.87
CA UNK D 176 -11.99 -62.46 -88.25
C UNK D 176 -11.49 -61.02 -88.35
N UNK D 177 -10.57 -60.58 -87.48
CA UNK D 177 -10.08 -59.21 -87.53
C UNK D 177 -9.01 -59.06 -88.60
N UNK D 178 -9.05 -59.91 -89.64
CA UNK D 178 -8.11 -59.81 -90.75
C UNK D 178 -8.56 -58.81 -91.80
N UNK D 179 -9.40 -57.86 -91.43
CA UNK D 179 -9.98 -56.87 -92.31
C UNK D 179 -9.37 -55.51 -92.05
N UNK D 180 -9.25 -54.71 -93.11
CA UNK D 180 -8.77 -53.34 -92.98
C UNK D 180 -9.25 -52.48 -94.13
N UNK D 181 -9.31 -53.03 -95.35
CA UNK D 181 -9.63 -52.26 -96.54
C UNK D 181 -11.08 -51.73 -96.45
N UNK D 182 -11.23 -50.50 -96.00
CA UNK D 182 -12.52 -49.81 -95.82
C UNK D 182 -13.51 -50.64 -95.00
N UNK D 183 -13.20 -50.78 -93.70
CA UNK D 183 -14.03 -51.60 -92.83
C UNK D 183 -14.00 -51.06 -91.41
N UNK D 184 -14.90 -51.62 -90.59
CA UNK D 184 -14.99 -51.34 -89.17
C UNK D 184 -15.72 -52.50 -88.52
N UNK D 185 -15.49 -52.67 -87.23
CA UNK D 185 -16.09 -53.77 -86.46
C UNK D 185 -16.96 -53.17 -85.37
N UNK D 186 -17.60 -54.04 -84.57
CA UNK D 186 -18.49 -53.55 -83.50
C UNK D 186 -17.78 -52.47 -82.71
N UNK D 187 -16.44 -52.54 -82.67
CA UNK D 187 -15.63 -51.49 -82.08
C UNK D 187 -16.02 -50.10 -82.55
N UNK D 188 -16.46 -49.98 -83.80
CA UNK D 188 -16.79 -48.65 -84.30
C UNK D 188 -17.95 -48.04 -83.54
N UNK D 189 -18.92 -48.87 -83.12
CA UNK D 189 -20.04 -48.36 -82.33
C UNK D 189 -19.54 -47.74 -81.04
N UNK D 190 -18.56 -48.39 -80.40
CA UNK D 190 -17.96 -47.85 -79.19
C UNK D 190 -17.19 -46.57 -79.49
N UNK D 191 -16.51 -46.53 -80.65
CA UNK D 191 -15.95 -45.29 -81.13
C UNK D 191 -17.02 -44.20 -81.17
N UNK D 192 -18.23 -44.58 -81.62
CA UNK D 192 -19.37 -43.66 -81.68
C UNK D 192 -19.82 -43.22 -80.29
N UNK D 194 -17.85 -42.93 -77.71
CA UNK D 194 -16.81 -42.05 -77.15
C UNK D 194 -17.39 -40.71 -76.68
#